data_8B9B
#
_entry.id   8B9B
#
_cell.length_a   1.00
_cell.length_b   1.00
_cell.length_c   1.00
_cell.angle_alpha   90.00
_cell.angle_beta   90.00
_cell.angle_gamma   90.00
#
_symmetry.space_group_name_H-M   'P 1'
#
loop_
_entity.id
_entity.type
_entity.pdbx_description
1 polymer 'DNA replication licensing factor MCM2'
2 polymer 'DNA replication licensing factor MCM3'
3 polymer 'DNA replication licensing factor MCM4'
4 polymer 'Minichromosome maintenance protein 5'
5 polymer 'DNA replication licensing factor MCM6'
6 polymer 'DNA replication licensing factor MCM7'
7 polymer 'DNA primase large subunit'
8 polymer 'DNA polymerase alpha subunit B'
9 polymer 'DNA replication complex GINS protein PSF1'
10 polymer 'DNA replication complex GINS protein PSF2'
11 polymer 'DNA replication complex GINS protein PSF3'
12 polymer 'DNA replication complex GINS protein SLD5'
13 polymer 'Cell division control protein 45'
14 polymer 'DNA polymerase alpha catalytic subunit A'
15 polymer 'Mediator of replication checkpoint protein 1'
16 polymer 'Leading strand DNA'
17 polymer 'Lagging strand DNA'
18 polymer 'DNA primase small subunit'
19 polymer 'Topoisomerase 1-associated factor 1'
20 polymer 'Chromosome segregation in meiosis protein 3'
21 polymer 'DNA polymerase alpha-binding protein'
22 non-polymer 'PHOSPHOAMINOPHOSPHONIC ACID-ADENYLATE ESTER'
23 non-polymer 'MAGNESIUM ION'
24 non-polymer 'ZINC ION'
#
loop_
_entity_poly.entity_id
_entity_poly.type
_entity_poly.pdbx_seq_one_letter_code
_entity_poly.pdbx_strand_id
1 'polypeptide(L)'
;MSDNRRRRREEDDSDSENELPPSSPQQHFRGGMNPVSSPIGSPDMINPEGDDNEVDDVPDIDEVEEQMNEVDLMDDNMYE
DYAADHNRDRYDPDQVDDREQQELSLSERRRIDAQLNERDRLLRNVAYIDDEDEEQEGAAQLDEMGLPVQRRRRRRQYED
LENSDDDLLSDMDIDPLREELTLESLSNVKANSYSEWITQPNVSRTIARELKSFLLEYTDETGRSVYGARIRTLGEMNSE
SLEVNYRHLAESKAILALFLAKCPEEMLKIFDLVAMEATELHYPDYARIHSEIHVRISDFPTIYSLRELRESNLSSLVRV
TGVVTRRTGVFPQLKYVKFNCLKCGSILGPFFQDSNEEIRISFCTNCKSKGPFRVNGEKTVYRNYQRVTLQEAPGTVPPG
RLPRHREVILLADLVDVSKPGEEVEVTGIYKNNYDGNLNAKNGFPVFATIIEANSIKRREGNTANEGEEGLDVFSWTEEE
EREFRKISRDRGIIDKIISSMAPSIYGHRDIKTAVACSLFGGVPKNVNGKHSIRGDINVLLLGDPGTAKSQILKYVEKTA
HRAVFATGQGASAVGLTASVRKDPITKEWTLEGGALVLADKGVCLIDEFDKMNDQDRTSIHEAMEQQSISISKAGIVTTL
QARCSIIAAANPNGGRYNSTLPLAQNVSLTEPILSRFDILCVVRDLVDEEADERLATFVVDSHVRSHPENDEDREGEELK
NNGESAIEQGEDEINEQLNARQRRLQRQRKKEEEISPIPQELLMKYIHYARTKIYPKLHQMDMDKVSRVYADLRRESIST
GSFPITVRHLESILRIAESFAKMRLSEFVSSYDLDRAIKVVVDSFVDAQKVSVRRQLRRSFAIYTLGH
;
2
2 'polypeptide(L)'
;MKRRWKKNFIAVSAANRFKKISSSGALENLYFQGEAPVMEGSTGFDGDATTFFAPDAVFGDRVRRFQEFLDTFTSYRDSV
RSIQVYNSNNAANYNDDQDDADERDLLGDDDGDDLEKEKKAASSTSLNILPHRIIISLDDLREFDRSFWSGILVEPAYFI
PPAEKALTDLADSMDDVPHPNASAVSSRHPWKLSFKGSFGAHALSPRTLTAQHLNKLVSVEGIVTKTSLVRPKLIRSVHY
AAKTGRFHYRDYTDATTTLTTRIPTPAIYPTEDTEGNKLTTEYGYSTFIDHQRITVQEMPEMAPAGQLPRSIDVILDDDL
VDKTKPGDRVNVVGVFKSLGAGGMNQSNSNTLIGFKTLILGNTVYPLHARSTGVAARQMLTDFDIRNINKLSKKKDIFDI
LSQSLAPSIYGHDHIKKAILLMLMGGVEKNLENGSHLRGDINILMVGDPSTAKSQLLRFVLNTASLAIATTGRGSSGVGL
TAAVTTDRETGERRLEAGAMVLADRGVVCIDEFDKMTDVDRVAIHEVMEQQTVTIAKAGIHTTLNARCSVIAAANPVFGQ
YDVNRDPHQNIALPDSLLSRFDLLFVVTDDINEIRDRSISEHVLRTHRYLPPGYLEGEPVRERLNLSLAVGEDADINPEE
HSNSGAGVENEGEDDEDHVFEKFNPLLQAGAKLAKNKGNYNGTEIPKLVTIPFLRKYVQYAKERVIPQLTQEAINVIVKN
YTDLRNDDNTKKSPITARTLETLIRLATAHAKVRLSKTVNKVDAKVAANLLRFALLGEDIGNDIDEEESEYEEALSKRSP
QKSPKKRQRVRQPASNSGSPIKSTPRRSTASSVNATPSSARRILRFQDDEQNAGEDDNDIMSPLPADEEAELQRRLQLGL
RVSPRRREHLHAPEEGSSGPLTEVGTPRLPNVSSAGQDDEQQQSVISFDNVEPGTISTGRLSLISGIIARLMQTEIFEEE
SYPVASLFERINEELPEEEKFSAQEYLAGLKIMSDRNNLMVADDKVWRV
;
3
3 'polypeptide(L)'
;MSQQSSSPTKEDNNSSSPVVPNPDSVPPQLSSPALFYSSSSSQGDIYGRNNSQNLSQGEGNIRAAIGSSPLNFPSSSQRQ
NSDVFQSQGRQGRIRSSASASGRSRYHSDLRSDRALPTSSSSLGRNGQNRVHMRRNDIHTSDLSSPRRIVDFDTRSGVNT
LDTSSSSAPPSEASEPLRIIWGTNVSIQECTTNFRNFLMSFKYKFRKILDEREEFINNTTDEELYYIKQLNEMRELGTSN
LNLDARNLLAYKQTEDLYHQLLNYPQEVISIMDQTIKDCMVSLIVDNNLDYDLDEIETKFYKVRPYNVGSCKGMRELNPN
DIDKLINLKGLVLRSTPVIPDMKVAFFKCNVCDHTMAVEIDRGVIQEPARCERIDCNEPNSMSLIHNRCSFADKQVIKLQ
ETPDFVPDGQTPHSISLCVYDELVDSCRAGDRIEVTGTFRSIPIRANSRQRVLKSLYKTYVDVVHVKKVSDKRLDVDTST
IEQELMQNKVDHNEVEEVRQITDQDLAKIREVAAREDLYSLLARSIAPSIYELEDVKKGILLQLFGGTNKTFTKGGRYRG
DINILLCGDPSTSKSQILQYVHKITPRGVYTSGKGSSAVGLTAYITRDVDTKQLVLESGALVLSDGGVCCIDEFDKMSDS
TRSVLHEVMEQQTISIAKAGIITTLNARSSILASANPIGSRYNPNLPVTENIDLPPPLLSRFDLVYLVLDKVDEKNDREL
AKHLTNLYLEDKPEHISQDDVLPVEFLTMYISYAKEHIHPIITEAAKTELVRAYVGMRKMGDDSRSDEKRITATTRQLES
MIRLAEAHAKMKLKNVVELEDVQEAVRLIRSAIKDYATDPKTGKIDMNLVQTGKSVIQRKLQEDLSREIMNVLKDQASDS
MSFNELIKQINEHSQDRVESSDIQEALSRLQQEDKVIVLGEGVRRSVRLNNRV
;
4
4 'polypeptide(L)'
;MSFDRPEIYSAPVLQGESPNDDDNTEIIKSFKNFILEFRLDSQFIYRDQLRNNILVKNYSLTVNMEHLIGYNEDIYKKLS
DEPSDIIPLFETAITQVAKRISILSRAQSANNNDKDPENTSMDTDSLLLNSLPTFQLILNSNANQIPLRDLDSEHVSKIV
RLSGIIISTSVLSSRATYLSIMCRNCRHTTSITINNFNSITGNTVSLPRSCLSTIESESSMANESNIGDESTKKNCGPDP
YIIIHESSKFIDQQFLKLQEIPELVPVGEMPRNLTMTCDRYLTNKVIPGTRVTIVGIYSIYNSKNGAGSGRSGGGNGGSG
VAIRTPYIKILGIQSDVETSSIWNSVTMFTEEEEEEFLQLSRNPKLYEILTNSIAPSIFGNEDIKKAIVCLLMGGSKKIL
PDGMRLRGDINVLLLGDPGTAKSQLLKFVEKVSPIAVYTSGKGSSAAGLTASVQRDPMTREFYLEGGAMVLADGGVVCID
EFDKMRDEDRVAIHEAMEQQTISIAKAGITTVLNSRTSVLAAANPIYGRYDDLKSPGDNIDFQTTILSRFDMIFIVKDDH
NEERDISIANHVINIHTGNANAMQNQQEENGSEISIEKMKRYITYCRLKCAPRLSPQAAEKLSSNFVTIRKQLLINELES
TERSSIPITIRQLEAIIRITESLAKLELSPIAQERHVDEAIRLFQASTMDAASQDPIGGLNQASGTSLSEIRRFEQELKR
RLPIGWSTSYQTLRREFVDTHRFSQLALDKALYALEKHETIQLRHQGQNIYRSGV
;
5
5 'polypeptide(L)'
;MSSPFPADTPSSNRPSNSSPPPSSIGAGFGSSSGLDSQIGSRLHFPSSSQPHVSNSQTGPFVNDSTQFSSQRLQTDGSAT
NDMEGNEPARSFKSRALNHVKKVDDVTGEKVREAFEQFLEDFSVQSTDTGEVEKVYRAQIEFMKIYDLNTIYIDYQHLSM
RENGALAMAISEQYYRFLPFLQKGLRRVVRKYAPELLNTSDSLKRSEGDEGQADEDEQQDDDMNGSSLPRDSGSSAAPGN
GTSAMATRSITTSTSPEQTERVFQISFFNLPTVHRIRDIRSEKIGSLLSISGTVTRTSEVRPELYKASFTCDMCRAIVDN
VEQSFKYTEPTFCPNPSCENRAFWTLNVTRSRFLDWQKVRIQENANEIPTGSMPRTLDVILRGDSVERAKPGDRCKFTGV
EIVVPDVTQLGLPGVKPSSTLDTRGISKTTEGLNSGVTGLRSLGVRDLTYKISFLACHVISIGSNIGASSPDANSNNRET
ELQMAANLQANNVYQDNERDQEVFLNSLSSDEINELKEMVKDEHIYDKLVRSIAPAVFGHEAVKKGILLQMLGGVHKSTV
EGIKLRGDINICVVGDPSTSKSQFLKYVVGFAPRSVYTSGKASSAAGLTAAVVRDEEGGDYTIEAGALMLADNGICCIDE
FDKMDISDQVAIHEAMEQQTISIAKAGIHATLNARTSILAAANPVGGRYNRKLSLRGNLNMTAPIMSRFDLFFVILDDCN
EKIDTELASHIVDLHMKRDEAIEPPFSAEQLRRYIKYARTFKPILTKEARSYLVEKYKELRKDDAQGFSRSSYRITVRQL
ESMIRLSEAIARANCVDEITPSFIAEAYDLLRQSIIRVDVDDVEMDEEFDNIESQSHAASGNNDDNDDGTGSGVITSEPP
ADIEEGQSEATARPGTSEKKKTTVTYDKYVSMMNMIVRKIAEVDREGAEELTAVDIVDWYLLQKENDLGSLAEYWEERRL
AFKVIKRLVKDRILMEIHGTRHNLRDLENEENENNKTVYVIHPNCEVLDQLEPQDSS
;
6
6 'polypeptide(L)'
;MSAALPSIQLPVDYNNLFNEITDFLVTFKQDTLSSDATRNENEDENLDAENIEQHLLEKGPKYMAMLQKVANRELNSVII
DLDDILQYQNEKFLQGTQADDLVSAIQQNANHFTELFCRAIDNNMPLPTKEIDYKDDVLDVILNQRRLRNERMLSDRTNE
IRSENLMDTTMDPPSSMNDALREVVEDETELFPPNLTRRYFLYFKPLSQNCARRYRKKAISSKPLSVRQIKGDFLGQLIT
VRGIITRVSDVKPAVEVIAYTCDQCGYEVFQEVNSRTFTPLSECTSEECSQNQTKGQLFMSTRASKFSAFQECKIQELSQ
QVPVGHIPRSLNIHVNGTLVRSLSPGDIVDVTGIFLPAPYTGFKALKAGLLTETYLEAQFVRQHKKKFASFSLTSDVEER
VMELITSGDVYNRLAKSIAPEIYGNLDVKKALLLLLVGGVDKRVGDGMKIRGDINVCLMGDPGVAKSQLLKAICKISPRG
VYTTGKGSSGVGLTAAVMKDPVTDEMILEGGALVLADNGICCIDEFDKMDESDRTAIHEVMEQQTISISKAGINTTLNAR
TSILAAANPLYGRYNPRLSPLDNINLPAALLSRFDILFLMLDIPSRDDDEKLAEHVTYVHMHNKQPDLDFTPVEPSKMRE
YIAYAKTKRPVMSEAVNDYVVQAYIRLRQDSKREMDSKFSFGQATPRTLLGIIRLSQALAKLRLADMVDIDDVEEALRLV
RVSKESLYQETNKSKEDESPTTKIFTIIKKMLQETGKNTLSYENIVKTVRLRGFTMLQLSNCIQEYSYLNVWHLINEGNT
LKFVDDGTMDTDQEDSLVSTPKLAPQTTASANVSAQDSDIDLQDA
;
7
7 'polypeptide(L)'
;MFRQSKRRIASRKNFSSYDDIVKSELDVGNTNAANQIILSSSSSEEEKKLYARLYESKLSFYDLPPQGEITLEQFEIWAI
DRLKILLEIESCLSRNKSIKEIETIIKPQFQKLLPFNTESLEDRKKDYYSHFILRLCFCRSKELREKFVRAETFLFKIRF
NMLTSTDQTKFVQSLDLPLLQFISNEEKAELSHQLYQTVSASLQFQLNLNEEHQRKQYFQQEKFIKLPFENVIELVGNRL
VFLKDGYAYLPQFQQLNLLSNEFASKLNQELIKTYQYLPRLNEDDRLLPILNHLSSGYTIADFNQQKANQFSENVDDEIN
AQSVWSEEISSNYPLCIKNLMEGLKKNHHLRYYGRQQLSLFLKGIGLSADEALKFWSEAFTRNGNMTMEKFNKEYRYSFR
HNYGLEGNRINYKPWDCHTILSKPRPGRGDYHGCPFRDWSHERLSAELRSMKLTQAQIISVLDSCQKGEYTIACTKVFEM
THNSASADLEIGEQTHIAHPNLYFERSRQLQKKQQKLEKEKLFNNGNH
;
A
8 'polypeptide(L)'
;MSGSIDVITHFGPDADKPEIITALENLTKLHALSVEDLYIKWEQFSNQRRQTHTDLTSKNIDEFKQFLQLQMEKRANQIS
SSSKVNTSTKKPVIKKSLNSSPLFGLSIPKTPTLKKRKLHGPFSLSDSKQTYNVGSEAETNEKGNSSLKLEFTPGMAEDA
VGDSAPLSHAKSSDAKTPGSSTFQTPTTNTPTTSRQNVPAGEILDSLNPENIEISSGNPNVGLLSTEEPSYNQVKVEPFY
DAKKYKFRTMRQNLQEASDVLDDQIESFTKIIQNHYKLSPNDFADPTIQSQSEIYAVGRIVPDSPTYDKFLNPESLSLET
SRMGGVGRRVRLDLSQVNELSFFLGQIVAFKGKNANGDYFTVNSILPLPYPNSPVSTSQELQEFQANLEGSSLKVIVTCG
PYFANDNFSLELLQEFIDSINNEVKPHVLIMFGPFIDITHPLIASGKLPNFPQFKTQPKTLDELFLKLFTPILKTISPHI
QTVLIPSTKDAISNHAAYPQASLIRKALQLPKRNFKCMANPSSFQINEIYFGCSNVDTFKDLKEVIKGGTTSSRYRLDRV
SEHILQQRRYYPIFPGSIRTRIKPKDVSTKKETNDMESKEEKVYEHISGADLDVSYLGLTEFVGGFSPDIMIIPSELQHF
ARVVQNVVVINPGRFIRATGNRGSYAQITVQCPDLEDGKLTLVEGEEPVYLHNVWKRARVDLIAS
;
B
9 'polypeptide(L)'
;MYGDLGNKLVLEAKRTKQLYARSNQDVNLPMYHEDIIRNILKEVSNLRKNTEYLKEQQQLGMLDDKVAKCQYFVTLLCME
RNKRCLLAYQRLRTDILDSMAWNNNGLDLMSSITFSQQDTNNLSHQEQEYLKEYCDLITDLKSGDLVDIDLSGSLVPPSD
VFIDVRVLKDAGEIQTEYGVFNLIKDSQFFVRQSDVERLIQQGYLQKI
;
C
10 'polypeptide(L)'
;MSLPAHLQQTFSPEEIQFIVENEPIKIFPRITTRQKIRGDDRGTGNHTRWQLITTDDKALNNMVAMRSTEVVLWIALLLK
QQSKCSIVAPQWLTTKELDRKIQYEKTHPDRFSELPWNWLVLARILFNKAKDDFHDPIHELRGKIQDLREIRQIKVLKGL
KYLNESHLQLDNLSLLEINELRPFITEIMDKLREIHTASLTAGTENDEEEFNI
;
D
11 'polypeptide(L)'
;MGSSHHHHHHSSGLVPRGSHMASMGYYDIDDVLADGTEFPCKFQYDIPGLGYLENNPGRPITKNTKLSLPLWLARILAIV
GGDEALVDEEPVPFVELLPPDMFSTKVMNAIKTDPVALDLHSINSHFFSLAIKWIMLFSEKELANVVSELLLQRAQELNH
HASSLSIDLNADSTGKNSANTNIATSTFLLKLEEMEKEIYKKSHESYKDTKRWMFKK
;
E
12 'polypeptide(L)'
;MDINIDDILAELDKETTAVDSTKITQGSSSTTHRDANTIVGSSLDLNDKTQIYVSPQQDFSDLMKSWKNERCSPELLPYP
HQLMKRLLNRISMQSQLIENISMGFLDMQNASNANPPMPNESKLPLLCMETELERLKFVIRSYIRCRLSKIDKFSLYLRQ
LNEDENSLISLTDLLSKDEIKYHDTHSLIWLKLVNDSILKYMPEELQAINDTEGSVNMIDEPDWNKFVFIHVNGPPDGKW
NEDPLLQENEFGKPCYTVTIPDLKEEVELTIGSIYVMRYEVIRDLLRDDKVALI
;
F
13 'polypeptide(L)'
;MYYGISQFSEAYNKILRNSSSHSSCQLVIFVSCLNIDALCATKMLSLLFKKQLVQSQIVPIFGYSELRRHYSQLDDNINS
LLLVGFGGVIDLEAFLEIDPQEYVIDTDEKSGEQSFRRDIYVLDAHRPWNLDNIFGSQIIQCFDDGTVDDTLGEQKEAYY
KLLELDEESGDDELSGDENDNNGGDDEATDADEVTDEDYKDDDGDYKDDDETISNKRGNSSIGPNDLSKRKQRKKQIHEY
EGVLEEYYSQGTTVVNSISAQIYSLLSAIGETNLSNLWLNILGTTSLDIAYAQVYNRLYPLLQDEVKRLTPSSRNSVKTP
DTLTLNIQPDYYLFLLRHSSLYDSFYYSNYVNAKLSLWNENGKKRLHKMFARMGIPLSTAQETWLYMDHSIKRELGIIFD
KNLDRYGLQDIIRDGFVRTLGYRGSISASEFVEALTALLEVGNSTDKDSVKINNDNNDDTDGEEEEDNSAQKLTNLRKRW
VSNFWLSWDALDDRKVELLNRGIQLAQDLQRAIFNTGVAILEKKLIKHLRIYRLCVLQDGPDLDLYRNPLTLLRLGNWLI
ECCAESEDKQLLPMVLASIDENTDTYLVAGLTPRYPRGLDTIHTKKPILNNFSMAFQQITAETDAKVRIDNFESSIIEIR
REDLSPFLEKLTLSGLL
;
G
14 'polypeptide(L)'
;MSSKSEKLEKLRKLQAARNGTSIDDYEGDESDGDRIYDEIDEKEYRARKRQELLHDDFVVDDDGVGYVDRGVEEDWREVD
NSSSDEDTGNLASKDSKRKKNIKREKDHQITDMLRTQHSKSTLLAHAKKSQKKSIPIDNFDDILGEFESGEVEKPNILLP
SKLRENLNSSPTSEFKSSIKRVNGNDESSHDAGISKKVKIDPDSSTDKYLEIESSPLKLQSRKLRYANDVQDLLDDVENS
PVVATKRQNVLQDTLLANPPSAQSLADEEDDEDSDEDIILKRRTMRSVTTTRRVNIDSRSNPSTSPFVTAPGTPIGIKGL
TPSKSLQSNTDVATLAVNVKKEDVVDPETDTFQMFWLDYCEVNNTLILFGKVKLKDDNCVSAMVQINGLCRELFFLPREG
KTPTDIHEEIIPLLMDKYGLDNIRAKPQKMKYSFELPDIPSESDYLKVLLPYQTPKSSRDTIPSDLSSDTFYHVFGGNSN
IFESFVIQNRIMGPCWLDIKGADFNSIRNASHCAVEVSVDKPQNITPTTTKTMPNLRCLSLSIQTLMNPKENKQEIVSIT
LSAYRNISLDSPIPENIKPDDLCTLVRPPQSTSFPLGLAALAKQKLPGRVRLFNNEKAMLSCFCAMLKVEDPDVIIGHRL
QNVYLDVLAHRMHDLNIPTFSSIGRRLRRTWPEKFGRGNSNMNHFFISDICSGRLICDIANEMGQSLTPKCQSWDLSEMY
QVTCEKEHKPLDIDYQNPQYQNDVNSMTMALQENITNCMISAEVSYRIQLLTLTKQLTNLAGNAWAQTLGGTRAGRNEYI
LLHEFSRNGFIVPDKEGNRSRAQKQRQNEENADAPVNSKKAKYQGGLVFEPEKGLHKNYVLVMDFNSLYPSIIQEFNICF
TTVDRNKEDIDELPSVPPSEVDQGVLPRLLANLVDRRREVKKVMKTETDPHKRVQCDIRQQALKLTANSMYGCLGYVNSR
FYAKPLAMLVTNKGREILMNTRQLAESMNLLVVYGDTDSVMIDTGCDNYADAIKIGLGFKRLVNERYRLLEIDIDNVFKK
LLLHAKKKYAALTVNLDKNGNGTTVLEVKGLDMKRREFCPLSRDVSIHVLNTILSDKDPEEALQEVYDYLEDIRIKVETN
NIRIDKYKINMKLSKDPKAYPGGKNMPAVQVALRMRKAGRVVKAGSVITFVITKQDEIDNAADTPALSVAERAHALNEVM
IKSNNLIPDPQYYLEKQIFAPVERLLERIDSFNVVRLSEALGLDSKKYFRREGGNNNGEDINNLQPLETTITDVERFKDT
VTLELSCPSCDKRFPFGGIVSSNYYRVSYNGLQCKHCEQLFTPLQLTSQIEHSIRAHISLYYAGWLQCDDSTCGIVTRQV
SVFGKRCLNDGCTGVMRYKYSDKQLYNQLLYFDSLFDCEKNKKQELKPIYLPDDLDYPKEQLTESSIKALTEQNRELMET
GRSVVQKYLNDCGRRYVDMTSIFDFMLN
;
J
15 'polypeptide(L)'
;MDDALHALSSLTAKKRTTTYKKVAVPILDENDNTNGNGPNDIDNPPELTGNGFLFANATLNRVKNRLEGKKAPEQNHNNG
KDRSENSLPTQLISNLYDGGEELEKSEVKDNSYSEKNVSSSFTQTQRIPVSIQQDKVFNVPIHSVNDGKPTQLIKEDGLV
NETSQALKTPLTTGRPGATQRIDSSGATSQTQPIKSIEPQSQIITTSSNHSNALSPKIPIIPTELIGTSPLFQSIQNRGP
DTQMDVPPQTAHDEDKTQAIGIPQATHQEQKTQIDTVAQTLQDEVPHTLKIREIQSELASEDSKREKARNVEYKKPQKPI
PTKKFFSKESFLADFDDSSSNEDDDIKLENAHPKPVQNDDELHENKSVELNLTDETRINEKRVPLLSSYANNLKREIDSS
KCITLDLDSDSDEYGDDDMDSIKLSKDESVLPISQLSKATILNLKARLSKQNQKLSQRPNKSKDPKVDHNVLLNTLRKAS
RKQILDHQKEVIETKGLKLEDMAKEKEIVENLLEQEILRNKRIRQKEKRREKLEENDFQLNAHDSGSDSGSESSGFALSG
NEIADYESSGSENDNRRESDSEKEDDEIILKQKKSHHVKHIINESDSDTEVEAKPKEKADESLPKRIAINLGHYGDNIGE
DTDKFQETNVLDTQNIEEVMAERNTIENEVKDDVYVNEEADEAIRRQLIDKEKLQLKQKEKEHEAKIKELKKRGVTNFFE
MEAEESEDEWHGIGGADGEGSDDYDSDLEKMIDDYSKNNFNPHEIREMLAAENKEMDIKMINKILYDIKNGGFRNKRAKN
SLELELSDDDEDDVLQQYRLKRRELMRKRRLEIGDDAKLVKNPKSSAFFESMVEDIIEYKNPFGAEEEYNLDITSTATDL
DTQDNSINVGDNTGNNEQKPVDQKNKKVIISEDFVQKSLSFLKSNNYEDFETDKELSRIQHGNDEAIEDLYTLKQNSSIK
SFTNSQTDSTTSKTVNTIIDLEKRPEDEDEVENGDTSLVGVFKHPSIIKSFASRTDINDKFKEGNKTVKILKSYKTVGSS
KASITYMGKTRKLIAPKRKTEGSHRYHHDHHNKKMKMKTKTKSNKLFESGQDSFDNDYKDDDGDYKDDD
;
P
16 'polydeoxyribonucleotide'
;(DT)(DA)(DG)(DA)(DG)(DT)(DA)(DG)(DG)(DA)(DA)(DG)(DT)(DG)(DA)(DG)(DG)(DT)(DA)(DA)
(DG)(DT)(DG)(DA)(DT)(DT)(DA)(DG)(DA)(DG)(DA)(DA)(DT)(DT)(DG)(DG)(DA)(DG)(DA)(DG)
(DT)(DG)(DT)(DG)(DT)(DT)(DT)(DT)(DT)(DT)(DT)(DT)(DT)(DT)(DT)(DT)(DT)(DT)(DT)(DT)
(DT)(DT)(DT)(DT)(DT)(DT)(DT)(DT)(DT)(DT)(DT)(DT)(DT)(DT)(DT)(DT)(DT)(DT)(DT)(DT)
(DT)(DT)(DT)(DT)
;
Q
17 'polydeoxyribonucleotide'
;(DT)(DT)(DT)(DT)(DT)(DT)(DT)(DT)(DT)(DT)(DT)(DT)(DT)(DT)(DT)(DT)(DT)(DT)(DT)(DT)
(DT)(DT)(DT)(DT)(DT)(DT)(DT)(DT)(DT)(DT)(DT)(DT)(DT)(DT)(DT)(DT)(DT)(DT)(DT)(DT)
(DT)(DT)(DT)(DT)(DT)(DT)(DT)(DT)(DT)(DT)(DT)(DT)(DT)(DT)(DT)(DT)(DT)(DT)(DT)(DT)
(DA)(DC)(DA)(DC)(DA)(DC)(DT)(DC)(DT)(DC)(DC)(DA)(DA)(DT)(DT)(DC)(DT)(DC)(DT)(DA)
(DA)(DT)(DC)(DA)(DC)(DT)(DT)(DA)(DC)(DC)(DA)(DT)(DC)(DA)(DC)(DT)(DT)(DC)(DC)(DT)
(DA)(DC)(DT)(DC)(DT)(DA)
;
R
18 'polypeptide(L)'
;MKRRWKKNFIAVSAANRFKKISSSGALENLYFQGEMTNSVKTNGPSSSDMEYYYKSLYPFKHIFNWLNHSPKPSRDMINR
EFAMAFRSGAYKRYNSFNSVQDFKAQIEKANPDRFEIGAIYNKPPRERDTLLKSELKALEKELVFDIDMDDYDAFRTCCS
GAQVCSKCWKFISLAMKITNTALREDFGYKDFIWVFSGRRGAHCWVSDKRARALTDVQRRNVLDYVNVIRDRNTDKRLAL
KRPYHPHLARSLEQLKPFFVSIMLEEQNPWEDDQHAIQTLLPALYDKQLIDSLKKYWLDNPRRSSKEKWNDIDQIATSLF
KGPKQDSHIIKLRECKEDLVLMTLYPKLDVEVTKQTIHLLKAPFCIHPATGNVCVPIDESFAPEKAPKLIDLQTEMEKNN
DVSLTALQPFINQFQAYVSSLLKNELGSVKREREDDDEPASLDF
;
S
19 'polypeptide(L)'
;MSADLQQGTTNAADFSLTVLRARIALLATAIGGPDYTSQIDPPPYKLGDDCLACLKDLKRWFKLVDDQQKRWDVAMAVAE
YRILTDDLLPILIDWENKCSLAAKLAKNNPDHEEFRNKAYYDKIALNCLQLLVLMTWPLIVTEQSSSNQITLYGELKKHQ
LVYKKTILSMESGKVLRAAIRLALDVIKIDRLSRTPRDNMVLKLVLNFFRNVIAIEPGEFTINTKKSMPKKGITSIDTLP
PNVSMDDISLNTVISSFHKNKVFGFLLTLTSSLSKEFDQDFINIPLLEIMFYFTKDVNQELLFPRQFETGTHSKVVNKNE
SSSANNIVTSAGFELSKLLQKEHQMRKNVIKHTSARHSRFGGLLSIQTPDKTRLTVSGSQALVDEKIALQKLDDSKKWNK
RIIKKHQSVAAEGLPNSLLNSQTGKAIFFTESNGKHFKEFINNFIDSGFNILLHSVTNYFTTEQDRMVTLEQVEYLLFFA
WFVKYQLLRSKIDNSADIKQVSEALKEVTFILVSSLLRSAYDLKNWTVTHAGMIAFNELLNLVSRTKAAQEEDSTDIEFI
VSRLFSDERIQLLSNLPKIGSKYSLQFMKSCIELTHSVLKVLEQYSDDKTLVIEGKSRRQKKFNISEGDITKLIEEENVD
RDEALDILTSSLRSIEVNFQKVQANYMTEPVIETYINFLERFRELEDDSIKKVFSFFHRVFVQAKEQALLFRFDLIILLR
EMLSPDGLDRMSRSRKYVSQFSDYFLARLKKRLKKSPAWFVGLLFPPLHNSEVGFYQRYGEYNVLNNESMYAAPASQFKP
IPDEEALPPSILLDMKYGVLVSTLLDDGKTELLDQLLKHITHTLDIFKSWLTVNVNAGKETVNPPNEYFTLTGVLNNDPI
FKDKDYRALLLLIGYSIPRKINEPCFLPGTVEVSDLTVSCELVKKYLSTPFETPNGLPSSSYLLRVRSEKDSFSHNEQDG
WEGDDDYDYNDPYIVPDDQILSKSDAAYFKDLDNNASDKLKGTKFSKGIARSKKKDKRKRRKGEAKTNLPMFGDQDDERP
QTVRERHGVFSKEFISDSEDDEDLMNPIFFENETYMRWLLDKNNGQLTEDRYIQFAKFAAERMNNGGVVTGDYTSLFGGS
IPSIESIRATESSSFAPDKSLISLASHVASEMSIFDVNNNNNNQLSDDDVNSESRNSLGSSQPSNSQNMFQSEVYSRKES
TKRSLEASAADESDEDEEAIRLFGKKSRVVLSQGDSDD
;
X
20 'polypeptide(L)'
;GEMDQDFDSLLLGFNDSDSVQKDPTVPNGLDGSVVDPTIADPTAITARKRRPQVKLTAEKLLSDKGLPYVLKNAHKRIRI
SSKKNSYDNLSNIIQFYQLWAHELFPKAKFKDFMKICQTVGKTDPVLREYRVSLFRDEMGMSFDVGTRETGQDLERQSPM
VEEHVTSAEERPIVADSFAQDKRNVNNVDYDNDEDDDIYHLSYRNRRGRVLDERGNNETVLNNVVPPKEDLDALLKTFRV
QGPVGLEENEKKLLLGWLDAHRKMEKGSMTEEDVQLIQSLEEWEMNDIEGQHTHYDLLPGGDEFGVDQDELDAMKEMGF
;
Y
21 'polypeptide(L)'
;MKRRWKKNFIAVSAANRFKKISSSGALENLYFQGEMVSVIDKLVFDFGGKTLVSLAPDNNTLCVANKNGLTKILKTNNPE
EEPETLDSSKLVSSIKCYSNSHFLMTTMQGDALRYNIDSSQEELLARFALPLRDCCVIHSGKMAVFGGDDLELILLELDD
ETHKKHAIKIDEQVSQISYNSQMNILAVSMINGKVQIFSLTSTIPNKVHELNDYIVANSYDDTHRDKILSNMMDDIDKDN
DNDLSETADPDENNVADPEFCAANRICTRVAWHPKGLHFALPCADDTVKIFSIKGYSLQKTLSTNLSSTKAHFIDLQFDP
LRGTYIAAVDLNNKLTVWNWETSEIHYTREFKRKITNIAWKIQADSKTLDLVLGTWSGSIAIVQNLAESVVSNIPDQSVA
ESSTKHGLFVDSESDLENLEGNDDINKSDKLFSDITQEANAEDVFTQTHDGPSGLSEKRKYNFEDEEDFIDDDDGAGYIS
GKKPHNEHSYSRVHKTHSFPISLANTGKFRYMPFSPAGTPFGFTDRRYLTMNEVGYVSTVKNSEQYSITVSFFDVGRFRE
YHFEDLFGYDLCFLNEKGTLFGQSKTGQIQYRPHDSIHSNWTKIIPLQAGERITSVAATPVRVIVGTSLGYFRSFNQFGV
PFAVEKTSPIVALTAQNYRVFSVHYSQFHGLSYSLSELGTSSKRYYKRECPLPMSLPNINSDMKKDANLDYYNFNPMGIK
SLFFSSYGDPCIFGSDNTLLLLSKWRSPEESKWLPILDSNMEIWKMSGGKETTDIHVWPLALAYDTLNCILVKGKHIWPE
FPLPLPSEMEIRMPVFVKSKLLEENKAILNKKNEIGADTEAEEGEEDKEIQIPVSMAAEEEYLRSKVLSELLTDTLENDG
EMYGNENEVLAALNGAYDKALLRLFASACSDQNVEKALSLAHELKQDRALTAAVKISERAELPSLVKKINNIREARYEQQ
LK
;
H,L,K
#
loop_
_chem_comp.id
_chem_comp.type
_chem_comp.name
_chem_comp.formula
ANP non-polymer 'PHOSPHOAMINOPHOSPHONIC ACID-ADENYLATE ESTER' 'C10 H17 N6 O12 P3'
DA DNA linking 2'-DEOXYADENOSINE-5'-MONOPHOSPHATE 'C10 H14 N5 O6 P'
DC DNA linking 2'-DEOXYCYTIDINE-5'-MONOPHOSPHATE 'C9 H14 N3 O7 P'
DG DNA linking 2'-DEOXYGUANOSINE-5'-MONOPHOSPHATE 'C10 H14 N5 O7 P'
DT DNA linking THYMIDINE-5'-MONOPHOSPHATE 'C10 H15 N2 O8 P'
MG non-polymer 'MAGNESIUM ION' 'Mg 2'
ZN non-polymer 'ZINC ION' 'Zn 2'
#
# COMPACT_ATOMS: atom_id res chain seq x y z
N LEU A 177 36.60 49.02 -10.40
CA LEU A 177 35.14 48.94 -10.73
C LEU A 177 34.82 49.51 -12.13
N ARG A 178 34.84 50.84 -12.31
CA ARG A 178 34.36 51.45 -13.55
C ARG A 178 35.38 51.36 -14.71
N GLU A 179 36.64 51.70 -14.43
CA GLU A 179 37.73 51.68 -15.42
C GLU A 179 38.08 50.27 -15.92
N GLU A 180 38.48 50.18 -17.20
CA GLU A 180 38.85 48.92 -17.87
C GLU A 180 40.30 48.96 -18.36
N LEU A 181 40.91 47.78 -18.47
CA LEU A 181 42.28 47.64 -18.97
C LEU A 181 42.31 47.67 -20.50
N THR A 182 43.48 48.02 -21.06
CA THR A 182 43.73 47.82 -22.49
C THR A 182 44.20 46.39 -22.71
N LEU A 183 44.14 45.94 -23.97
CA LEU A 183 44.66 44.60 -24.28
C LEU A 183 46.16 44.52 -24.00
N GLU A 184 46.89 45.61 -24.26
CA GLU A 184 48.32 45.67 -23.96
C GLU A 184 48.59 45.65 -22.46
N SER A 185 47.65 46.13 -21.64
CA SER A 185 47.81 46.06 -20.19
C SER A 185 47.76 44.63 -19.68
N LEU A 186 47.05 43.74 -20.39
CA LEU A 186 47.00 42.33 -20.00
C LEU A 186 48.27 41.56 -20.35
N SER A 187 49.21 42.16 -21.11
CA SER A 187 50.44 41.47 -21.47
C SER A 187 51.29 41.12 -20.25
N ASN A 188 51.15 41.86 -19.15
CA ASN A 188 51.89 41.61 -17.91
C ASN A 188 50.96 40.93 -16.92
N VAL A 189 51.24 39.67 -16.59
CA VAL A 189 50.51 39.07 -15.46
C VAL A 189 51.08 39.67 -14.19
N LYS A 190 50.23 40.35 -13.43
CA LYS A 190 50.64 41.15 -12.29
C LYS A 190 50.47 40.44 -10.95
N ALA A 191 49.59 39.45 -10.86
CA ALA A 191 49.42 38.64 -9.65
C ALA A 191 50.38 37.45 -9.66
N ASN A 192 50.45 36.74 -8.52
CA ASN A 192 51.37 35.62 -8.33
C ASN A 192 51.01 34.38 -9.15
N SER A 193 49.81 34.28 -9.73
CA SER A 193 49.45 33.13 -10.56
C SER A 193 48.38 33.53 -11.57
N TYR A 194 48.24 32.71 -12.62
CA TYR A 194 47.29 33.00 -13.69
C TYR A 194 45.86 33.07 -13.17
N SER A 195 45.43 32.02 -12.45
CA SER A 195 44.05 31.92 -11.98
C SER A 195 43.67 33.10 -11.09
N GLU A 196 44.58 33.51 -10.21
CA GLU A 196 44.35 34.65 -9.34
C GLU A 196 44.41 35.99 -10.08
N TRP A 197 44.83 35.99 -11.35
CA TRP A 197 44.80 37.17 -12.21
C TRP A 197 43.54 37.22 -13.07
N ILE A 198 43.13 36.07 -13.64
CA ILE A 198 41.89 36.01 -14.42
C ILE A 198 40.69 36.34 -13.55
N THR A 199 40.67 35.86 -12.30
CA THR A 199 39.47 36.01 -11.47
C THR A 199 39.26 37.43 -10.91
N GLN A 200 40.13 38.40 -11.21
CA GLN A 200 39.94 39.75 -10.69
C GLN A 200 38.86 40.49 -11.49
N PRO A 201 38.05 41.36 -10.86
CA PRO A 201 36.90 41.94 -11.60
C PRO A 201 37.27 42.79 -12.80
N ASN A 202 38.25 43.69 -12.69
CA ASN A 202 38.61 44.52 -13.84
C ASN A 202 39.22 43.68 -14.97
N VAL A 203 40.10 42.73 -14.63
CA VAL A 203 40.67 41.82 -15.65
C VAL A 203 39.56 41.01 -16.32
N SER A 204 38.67 40.45 -15.51
CA SER A 204 37.59 39.62 -16.04
C SER A 204 36.67 40.42 -16.96
N ARG A 205 36.30 41.64 -16.57
CA ARG A 205 35.48 42.49 -17.43
C ARG A 205 36.19 42.79 -18.75
N THR A 206 37.50 43.04 -18.68
CA THR A 206 38.27 43.30 -19.91
C THR A 206 38.23 42.09 -20.83
N ILE A 207 38.45 40.89 -20.27
CA ILE A 207 38.43 39.67 -21.08
C ILE A 207 37.06 39.47 -21.71
N ALA A 208 35.99 39.71 -20.94
CA ALA A 208 34.64 39.55 -21.47
C ALA A 208 34.39 40.48 -22.65
N ARG A 209 34.76 41.76 -22.51
CA ARG A 209 34.60 42.72 -23.60
C ARG A 209 35.40 42.28 -24.84
N GLU A 210 36.63 41.81 -24.63
CA GLU A 210 37.45 41.41 -25.78
C GLU A 210 36.91 40.17 -26.48
N LEU A 211 36.45 39.18 -25.72
CA LEU A 211 35.89 37.98 -26.36
C LEU A 211 34.63 38.31 -27.16
N LYS A 212 33.74 39.14 -26.59
CA LYS A 212 32.56 39.56 -27.34
C LYS A 212 32.96 40.32 -28.60
N SER A 213 33.99 41.16 -28.51
CA SER A 213 34.46 41.89 -29.68
C SER A 213 35.09 40.98 -30.73
N PHE A 214 35.62 39.82 -30.34
CA PHE A 214 36.14 38.86 -31.31
C PHE A 214 34.99 38.13 -32.00
N LEU A 215 34.01 37.69 -31.22
CA LEU A 215 32.92 36.87 -31.74
C LEU A 215 32.02 37.63 -32.71
N LEU A 216 31.84 38.94 -32.50
CA LEU A 216 31.01 39.78 -33.38
C LEU A 216 31.73 40.25 -34.63
N GLU A 217 33.03 39.95 -34.79
CA GLU A 217 33.86 40.65 -35.78
C GLU A 217 34.74 39.76 -36.64
N TYR A 218 35.06 38.53 -36.25
CA TYR A 218 35.96 37.70 -37.04
C TYR A 218 35.32 37.34 -38.38
N THR A 219 36.16 37.19 -39.42
CA THR A 219 35.73 37.06 -40.80
C THR A 219 36.50 35.96 -41.53
N ASP A 220 35.86 35.45 -42.58
CA ASP A 220 36.57 34.78 -43.67
C ASP A 220 37.31 35.83 -44.50
N GLU A 221 38.20 35.37 -45.39
CA GLU A 221 38.78 36.25 -46.40
C GLU A 221 37.69 36.92 -47.25
N THR A 222 36.56 36.26 -47.44
CA THR A 222 35.43 36.77 -48.20
C THR A 222 34.51 37.67 -47.36
N GLY A 223 34.97 38.18 -46.22
CA GLY A 223 34.06 38.76 -45.24
C GLY A 223 33.32 37.63 -44.56
N ARG A 224 32.00 37.62 -44.68
CA ARG A 224 31.18 36.41 -44.46
C ARG A 224 31.40 35.84 -43.06
N SER A 225 31.06 36.63 -42.04
CA SER A 225 31.43 36.34 -40.66
C SER A 225 30.91 34.99 -40.20
N VAL A 226 31.85 34.08 -39.87
CA VAL A 226 31.50 32.68 -39.65
C VAL A 226 30.65 32.52 -38.40
N TYR A 227 30.97 33.26 -37.33
CA TYR A 227 30.28 33.03 -36.07
C TYR A 227 28.88 33.62 -36.07
N GLY A 228 28.68 34.74 -36.79
CA GLY A 228 27.33 35.19 -37.06
C GLY A 228 26.52 34.19 -37.87
N ALA A 229 27.20 33.38 -38.67
CA ALA A 229 26.54 32.33 -39.45
C ALA A 229 26.33 31.05 -38.65
N ARG A 230 27.11 30.84 -37.59
CA ARG A 230 26.96 29.65 -36.75
C ARG A 230 25.88 29.86 -35.69
N ILE A 231 25.85 31.04 -35.08
CA ILE A 231 24.80 31.38 -34.12
C ILE A 231 23.44 31.29 -34.80
N ARG A 232 23.37 31.71 -36.07
CA ARG A 232 22.13 31.63 -36.84
C ARG A 232 21.61 30.19 -36.90
N THR A 233 22.50 29.23 -37.18
CA THR A 233 22.09 27.83 -37.27
C THR A 233 21.92 27.16 -35.92
N LEU A 234 22.48 27.74 -34.84
CA LEU A 234 22.23 27.22 -33.50
C LEU A 234 20.73 27.20 -33.20
N GLY A 235 20.04 28.31 -33.47
CA GLY A 235 18.60 28.35 -33.29
C GLY A 235 17.82 27.54 -34.30
N GLU A 236 18.32 27.45 -35.55
CA GLU A 236 17.62 26.67 -36.59
C GLU A 236 17.48 25.21 -36.21
N MET A 237 18.36 24.68 -35.35
CA MET A 237 18.32 23.30 -34.88
C MET A 237 17.93 23.22 -33.40
N ASN A 238 17.55 24.34 -32.78
CA ASN A 238 17.11 24.36 -31.39
C ASN A 238 18.18 23.80 -30.45
N SER A 239 19.44 24.11 -30.75
CA SER A 239 20.61 23.47 -30.14
C SER A 239 21.10 24.21 -28.90
N GLU A 240 22.18 23.65 -28.30
CA GLU A 240 22.67 24.03 -26.97
C GLU A 240 24.19 24.25 -26.92
N SER A 241 24.94 23.85 -27.96
CA SER A 241 26.41 23.92 -28.00
C SER A 241 26.88 24.79 -29.17
N LEU A 242 27.60 25.86 -28.86
CA LEU A 242 28.28 26.67 -29.89
C LEU A 242 29.71 26.14 -30.04
N GLU A 243 30.20 26.06 -31.29
CA GLU A 243 31.51 25.50 -31.57
C GLU A 243 32.49 26.57 -32.06
N VAL A 244 33.65 26.65 -31.42
CA VAL A 244 34.68 27.66 -31.69
C VAL A 244 35.98 26.94 -32.07
N ASN A 245 36.59 27.37 -33.17
CA ASN A 245 37.87 26.83 -33.61
C ASN A 245 39.00 27.56 -32.90
N TYR A 246 39.97 26.79 -32.39
CA TYR A 246 41.07 27.37 -31.62
C TYR A 246 41.99 28.21 -32.52
N ARG A 247 42.18 27.79 -33.77
CA ARG A 247 43.08 28.53 -34.66
C ARG A 247 42.58 29.95 -34.90
N HIS A 248 41.26 30.12 -35.00
CA HIS A 248 40.70 31.46 -35.15
C HIS A 248 41.00 32.31 -33.92
N LEU A 249 40.86 31.74 -32.72
CA LEU A 249 41.12 32.47 -31.50
C LEU A 249 42.61 32.76 -31.31
N ALA A 250 43.48 31.93 -31.91
CA ALA A 250 44.92 32.17 -31.89
C ALA A 250 45.37 33.14 -33.00
N GLU A 251 44.55 33.35 -34.03
CA GLU A 251 44.95 34.21 -35.14
C GLU A 251 44.84 35.69 -34.79
N SER A 252 44.01 36.04 -33.81
CA SER A 252 43.98 37.40 -33.29
C SER A 252 43.60 37.34 -31.81
N LYS A 253 44.12 38.29 -31.03
CA LYS A 253 43.98 38.30 -29.57
C LYS A 253 44.62 37.03 -28.97
N ALA A 254 45.91 36.85 -29.31
CA ALA A 254 46.64 35.62 -29.00
C ALA A 254 46.71 35.32 -27.50
N ILE A 255 46.79 36.38 -26.67
CA ILE A 255 46.93 36.20 -25.24
C ILE A 255 45.75 35.45 -24.66
N LEU A 256 44.55 35.65 -25.23
CA LEU A 256 43.38 34.92 -24.75
C LEU A 256 43.52 33.43 -25.04
N ALA A 257 44.12 33.07 -26.18
CA ALA A 257 44.39 31.66 -26.46
C ALA A 257 45.36 31.08 -25.43
N LEU A 258 46.41 31.84 -25.09
CA LEU A 258 47.36 31.37 -24.07
C LEU A 258 46.65 31.16 -22.73
N PHE A 259 45.85 32.13 -22.30
CA PHE A 259 45.13 31.99 -21.03
C PHE A 259 44.17 30.80 -21.08
N LEU A 260 43.51 30.57 -22.22
CA LEU A 260 42.61 29.43 -22.34
C LEU A 260 43.36 28.12 -22.18
N ALA A 261 44.54 28.01 -22.79
CA ALA A 261 45.33 26.80 -22.65
C ALA A 261 45.78 26.60 -21.19
N LYS A 262 46.04 27.70 -20.48
CA LYS A 262 46.56 27.57 -19.12
C LYS A 262 45.46 27.39 -18.06
N CYS A 263 44.31 28.06 -18.23
CA CYS A 263 43.23 28.06 -17.23
C CYS A 263 41.89 27.86 -17.92
N PRO A 264 41.63 26.67 -18.47
CA PRO A 264 40.35 26.45 -19.16
C PRO A 264 39.12 26.59 -18.27
N GLU A 265 39.19 26.15 -17.01
CA GLU A 265 38.00 26.08 -16.18
C GLU A 265 37.43 27.46 -15.85
N GLU A 266 38.28 28.50 -15.85
CA GLU A 266 37.84 29.88 -15.65
C GLU A 266 37.41 30.52 -16.97
N MET A 267 38.30 30.39 -17.97
CA MET A 267 38.11 31.02 -19.27
C MET A 267 36.80 30.58 -19.91
N LEU A 268 36.45 29.31 -19.78
CA LEU A 268 35.22 28.82 -20.42
C LEU A 268 33.97 29.35 -19.72
N LYS A 269 34.02 29.60 -18.41
CA LYS A 269 32.90 30.26 -17.75
C LYS A 269 32.65 31.64 -18.35
N ILE A 270 33.72 32.45 -18.48
CA ILE A 270 33.55 33.77 -19.09
C ILE A 270 33.05 33.63 -20.54
N PHE A 271 33.64 32.71 -21.30
CA PHE A 271 33.29 32.57 -22.72
C PHE A 271 31.83 32.13 -22.91
N ASP A 272 31.34 31.21 -22.06
CA ASP A 272 29.93 30.81 -22.11
C ASP A 272 29.01 32.00 -21.86
N LEU A 273 29.34 32.81 -20.85
CA LEU A 273 28.50 33.97 -20.56
C LEU A 273 28.56 35.03 -21.67
N VAL A 274 29.60 35.03 -22.50
CA VAL A 274 29.62 35.92 -23.67
C VAL A 274 28.78 35.33 -24.81
N ALA A 275 28.87 34.01 -24.99
CA ALA A 275 28.15 33.36 -26.08
C ALA A 275 26.64 33.54 -25.93
N MET A 276 26.13 33.55 -24.69
CA MET A 276 24.69 33.79 -24.54
C MET A 276 24.30 35.21 -25.02
N GLU A 277 25.14 36.21 -24.75
CA GLU A 277 24.85 37.56 -25.26
C GLU A 277 24.81 37.57 -26.78
N ALA A 278 25.80 36.91 -27.40
CA ALA A 278 25.87 36.89 -28.85
C ALA A 278 24.67 36.16 -29.46
N THR A 279 24.20 35.06 -28.84
CA THR A 279 23.04 34.36 -29.42
C THR A 279 21.77 35.17 -29.23
N GLU A 280 21.59 35.80 -28.06
CA GLU A 280 20.39 36.60 -27.86
C GLU A 280 20.36 37.81 -28.79
N LEU A 281 21.52 38.24 -29.29
CA LEU A 281 21.50 39.31 -30.28
C LEU A 281 20.80 38.89 -31.58
N HIS A 282 20.86 37.59 -31.94
CA HIS A 282 20.12 37.07 -33.09
C HIS A 282 18.68 36.73 -32.72
N TYR A 283 18.50 36.06 -31.59
CA TYR A 283 17.23 35.46 -31.18
C TYR A 283 16.88 35.92 -29.77
N PRO A 284 16.26 37.10 -29.61
CA PRO A 284 15.80 37.50 -28.27
C PRO A 284 14.80 36.50 -27.70
N ASP A 285 14.83 36.35 -26.38
CA ASP A 285 14.06 35.35 -25.63
C ASP A 285 14.47 33.92 -25.99
N TYR A 286 15.71 33.69 -26.44
CA TYR A 286 16.20 32.31 -26.57
C TYR A 286 16.37 31.64 -25.22
N ALA A 287 16.44 32.42 -24.13
CA ALA A 287 16.52 31.87 -22.78
C ALA A 287 15.34 30.95 -22.45
N ARG A 288 14.20 31.15 -23.11
CA ARG A 288 13.03 30.29 -22.92
C ARG A 288 13.18 28.94 -23.63
N ILE A 289 14.09 28.84 -24.59
CA ILE A 289 14.38 27.60 -25.30
C ILE A 289 15.39 26.75 -24.55
N HIS A 290 16.51 27.37 -24.16
CA HIS A 290 17.55 26.76 -23.33
C HIS A 290 18.12 27.85 -22.44
N SER A 291 18.38 27.51 -21.17
CA SER A 291 18.82 28.51 -20.20
C SER A 291 20.32 28.83 -20.25
N GLU A 292 21.14 28.01 -20.89
CA GLU A 292 22.59 28.14 -20.78
C GLU A 292 23.24 27.47 -21.99
N ILE A 293 24.33 28.06 -22.51
CA ILE A 293 25.01 27.59 -23.71
C ILE A 293 26.45 27.22 -23.36
N HIS A 294 26.95 26.17 -24.01
CA HIS A 294 28.29 25.62 -23.80
C HIS A 294 29.15 25.85 -25.04
N VAL A 295 30.35 26.41 -24.85
CA VAL A 295 31.31 26.58 -25.93
C VAL A 295 32.14 25.31 -26.06
N ARG A 296 32.24 24.77 -27.28
CA ARG A 296 33.05 23.60 -27.61
C ARG A 296 34.29 24.04 -28.36
N ILE A 297 35.48 23.64 -27.87
CA ILE A 297 36.75 24.00 -28.53
C ILE A 297 37.13 22.90 -29.50
N SER A 298 37.69 23.30 -30.64
CA SER A 298 38.08 22.42 -31.73
C SER A 298 39.48 22.78 -32.23
N ASP A 299 40.19 21.77 -32.74
CA ASP A 299 41.50 21.94 -33.40
C ASP A 299 42.58 22.46 -32.44
N PHE A 300 42.61 21.93 -31.22
CA PHE A 300 43.67 22.28 -30.29
C PHE A 300 45.01 21.74 -30.80
N PRO A 301 46.07 22.56 -30.90
CA PRO A 301 47.19 22.22 -31.79
C PRO A 301 48.25 21.29 -31.23
N THR A 302 48.02 20.56 -30.14
CA THR A 302 49.00 19.58 -29.65
C THR A 302 48.26 18.38 -29.07
N ILE A 303 48.89 17.21 -29.20
CA ILE A 303 48.25 15.92 -28.99
C ILE A 303 49.15 15.05 -28.13
N TYR A 304 48.54 14.26 -27.23
CA TYR A 304 49.20 13.22 -26.47
C TYR A 304 48.46 11.90 -26.66
N SER A 305 49.22 10.80 -26.57
CA SER A 305 48.62 9.51 -26.24
C SER A 305 48.50 9.42 -24.73
N LEU A 306 48.05 8.27 -24.23
CA LEU A 306 47.96 8.05 -22.79
C LEU A 306 49.28 7.67 -22.15
N ARG A 307 50.40 7.77 -22.87
CA ARG A 307 51.73 7.60 -22.29
C ARG A 307 52.26 8.89 -21.69
N GLU A 308 52.13 9.99 -22.43
CA GLU A 308 52.90 11.20 -22.16
C GLU A 308 52.31 12.07 -21.05
N LEU A 309 51.16 11.70 -20.48
CA LEU A 309 50.55 12.52 -19.45
C LEU A 309 51.34 12.42 -18.15
N ARG A 310 51.60 13.57 -17.52
CA ARG A 310 52.38 13.69 -16.30
C ARG A 310 51.67 14.68 -15.37
N GLU A 311 52.24 14.85 -14.17
CA GLU A 311 51.60 15.72 -13.17
C GLU A 311 51.58 17.17 -13.61
N SER A 312 52.51 17.58 -14.49
CA SER A 312 52.53 18.96 -14.96
C SER A 312 51.29 19.30 -15.78
N ASN A 313 50.61 18.30 -16.35
CA ASN A 313 49.42 18.53 -17.15
C ASN A 313 48.17 18.82 -16.33
N LEU A 314 48.23 18.71 -15.01
CA LEU A 314 47.03 18.80 -14.18
C LEU A 314 46.36 20.16 -14.30
N SER A 315 45.05 20.14 -14.55
CA SER A 315 44.19 21.30 -14.76
C SER A 315 44.46 22.03 -16.08
N SER A 316 45.31 21.49 -16.95
CA SER A 316 45.52 22.02 -18.28
C SER A 316 44.59 21.34 -19.29
N LEU A 317 44.32 22.02 -20.39
CA LEU A 317 43.56 21.44 -21.48
C LEU A 317 44.44 20.48 -22.28
N VAL A 318 43.87 19.33 -22.67
CA VAL A 318 44.61 18.28 -23.37
C VAL A 318 43.76 17.72 -24.50
N ARG A 319 44.42 17.10 -25.47
CA ARG A 319 43.78 16.46 -26.62
C ARG A 319 44.34 15.06 -26.78
N VAL A 320 43.45 14.07 -26.86
CA VAL A 320 43.79 12.66 -26.66
C VAL A 320 43.00 11.81 -27.66
N THR A 321 43.53 10.61 -27.97
CA THR A 321 42.96 9.70 -28.95
C THR A 321 43.02 8.26 -28.44
N GLY A 322 42.04 7.45 -28.83
CA GLY A 322 42.01 6.07 -28.42
C GLY A 322 40.72 5.38 -28.85
N VAL A 323 40.52 4.17 -28.32
CA VAL A 323 39.36 3.32 -28.60
C VAL A 323 38.49 3.27 -27.35
N VAL A 324 37.17 3.40 -27.50
CA VAL A 324 36.27 3.37 -26.34
C VAL A 324 35.97 1.92 -25.99
N THR A 325 36.46 1.49 -24.82
CA THR A 325 36.46 0.09 -24.38
C THR A 325 35.16 -0.30 -23.69
N ARG A 326 34.53 0.61 -22.94
CA ARG A 326 33.36 0.31 -22.14
C ARG A 326 32.56 1.60 -21.91
N ARG A 327 31.22 1.46 -21.81
CA ARG A 327 30.32 2.60 -21.68
C ARG A 327 29.22 2.29 -20.66
N THR A 328 28.95 3.22 -19.73
CA THR A 328 27.85 3.04 -18.78
C THR A 328 26.53 3.50 -19.39
N GLY A 329 25.44 3.15 -18.72
CA GLY A 329 24.15 3.76 -19.01
C GLY A 329 24.13 5.24 -18.64
N VAL A 330 23.11 5.96 -19.14
CA VAL A 330 22.94 7.39 -18.85
C VAL A 330 22.08 7.53 -17.58
N PHE A 331 22.46 8.47 -16.72
CA PHE A 331 21.77 8.74 -15.47
C PHE A 331 21.61 10.25 -15.29
N PRO A 332 20.62 10.70 -14.51
CA PRO A 332 20.59 12.12 -14.11
C PRO A 332 21.48 12.36 -12.89
N GLN A 333 21.95 13.59 -12.76
CA GLN A 333 22.82 14.00 -11.67
C GLN A 333 22.39 15.37 -11.16
N LEU A 334 22.47 15.57 -9.84
CA LEU A 334 22.07 16.83 -9.21
C LEU A 334 23.04 17.95 -9.59
N LYS A 335 22.52 19.05 -10.14
CA LYS A 335 23.39 20.11 -10.68
C LYS A 335 23.94 21.02 -9.60
N TYR A 336 23.12 21.41 -8.60
CA TYR A 336 23.49 22.42 -7.61
C TYR A 336 23.32 21.89 -6.18
N VAL A 337 24.27 22.25 -5.31
CA VAL A 337 24.27 21.83 -3.90
C VAL A 337 24.76 22.95 -2.98
N LYS A 379 13.85 23.65 -4.16
CA LYS A 379 14.34 23.97 -5.50
C LYS A 379 15.52 23.08 -5.88
N THR A 380 15.45 22.49 -7.09
CA THR A 380 16.46 21.55 -7.55
C THR A 380 16.50 21.52 -9.08
N VAL A 381 17.67 21.14 -9.64
CA VAL A 381 17.88 21.05 -11.08
C VAL A 381 18.84 19.88 -11.34
N TYR A 382 18.70 19.23 -12.51
CA TYR A 382 19.48 18.04 -12.87
C TYR A 382 20.14 18.19 -14.24
N ARG A 383 21.08 17.29 -14.54
CA ARG A 383 21.75 17.20 -15.83
C ARG A 383 22.07 15.73 -16.11
N ASN A 384 22.32 15.40 -17.38
CA ASN A 384 22.64 14.03 -17.75
C ASN A 384 24.11 13.73 -17.48
N TYR A 385 24.42 12.45 -17.23
CA TYR A 385 25.77 12.01 -16.85
C TYR A 385 26.03 10.61 -17.42
N GLN A 386 27.30 10.36 -17.76
CA GLN A 386 27.73 9.08 -18.32
C GLN A 386 29.25 8.99 -18.27
N ARG A 387 29.80 7.79 -17.99
CA ARG A 387 31.25 7.56 -17.99
C ARG A 387 31.66 6.59 -19.09
N VAL A 388 32.84 6.83 -19.66
CA VAL A 388 33.39 6.08 -20.78
C VAL A 388 34.84 5.72 -20.45
N THR A 389 35.23 4.48 -20.76
CA THR A 389 36.62 4.05 -20.63
C THR A 389 37.29 4.12 -21.99
N LEU A 390 38.46 4.76 -22.04
CA LEU A 390 39.21 5.01 -23.25
C LEU A 390 40.55 4.29 -23.17
N GLN A 391 40.94 3.62 -24.25
CA GLN A 391 42.14 2.79 -24.32
C GLN A 391 42.98 3.19 -25.53
N GLU A 392 44.30 3.02 -25.41
CA GLU A 392 45.21 3.33 -26.52
C GLU A 392 44.88 2.48 -27.74
N ALA A 393 44.92 3.11 -28.91
CA ALA A 393 44.69 2.38 -30.15
C ALA A 393 45.83 1.38 -30.36
N PRO A 394 45.57 0.14 -30.83
CA PRO A 394 46.67 -0.83 -30.97
C PRO A 394 47.80 -0.40 -31.91
N GLY A 395 47.53 0.44 -32.90
CA GLY A 395 48.61 0.88 -33.78
C GLY A 395 49.60 1.82 -33.11
N THR A 396 49.17 2.52 -32.05
CA THR A 396 50.02 3.47 -31.36
C THR A 396 50.89 2.81 -30.30
N VAL A 397 50.48 1.67 -29.77
CA VAL A 397 51.17 1.06 -28.62
C VAL A 397 52.56 0.58 -29.05
N PRO A 398 53.64 0.84 -28.31
CA PRO A 398 54.96 0.35 -28.74
C PRO A 398 55.04 -1.17 -28.67
N PRO A 399 56.00 -1.79 -29.36
CA PRO A 399 56.12 -3.26 -29.30
C PRO A 399 56.48 -3.77 -27.92
N GLY A 400 55.92 -4.93 -27.57
CA GLY A 400 56.21 -5.58 -26.31
C GLY A 400 55.70 -4.90 -25.04
N ARG A 401 54.73 -3.97 -25.16
CA ARG A 401 54.12 -3.29 -24.03
C ARG A 401 52.60 -3.47 -24.06
N LEU A 402 51.98 -3.48 -22.86
CA LEU A 402 50.52 -3.54 -22.74
C LEU A 402 49.91 -2.16 -22.97
N PRO A 403 48.65 -2.06 -23.43
CA PRO A 403 48.03 -0.73 -23.58
C PRO A 403 47.63 -0.11 -22.26
N ARG A 404 47.58 1.22 -22.24
CA ARG A 404 47.14 2.01 -21.10
C ARG A 404 45.66 2.39 -21.23
N HIS A 405 45.07 2.80 -20.09
CA HIS A 405 43.65 3.15 -20.00
C HIS A 405 43.47 4.47 -19.28
N ARG A 406 42.35 5.14 -19.58
CA ARG A 406 41.85 6.29 -18.84
C ARG A 406 40.34 6.27 -18.93
N GLU A 407 39.70 7.05 -18.06
CA GLU A 407 38.25 7.14 -17.97
C GLU A 407 37.80 8.58 -18.12
N VAL A 408 36.73 8.78 -18.90
CA VAL A 408 36.25 10.10 -19.32
C VAL A 408 34.83 10.29 -18.82
N ILE A 409 34.53 11.51 -18.36
CA ILE A 409 33.19 11.88 -17.87
C ILE A 409 32.50 12.72 -18.95
N LEU A 410 31.29 12.29 -19.35
CA LEU A 410 30.47 12.98 -20.34
C LEU A 410 29.26 13.58 -19.64
N LEU A 411 28.98 14.87 -19.91
CA LEU A 411 27.87 15.61 -19.30
C LEU A 411 26.86 16.02 -20.38
N ALA A 412 25.94 16.94 -20.01
CA ALA A 412 24.60 17.10 -20.59
C ALA A 412 24.44 16.83 -22.09
N ASP A 413 25.14 17.58 -22.95
CA ASP A 413 24.93 17.46 -24.39
C ASP A 413 25.73 16.31 -25.02
N LEU A 414 26.71 15.75 -24.33
CA LEU A 414 27.66 14.81 -24.91
C LEU A 414 27.33 13.33 -24.67
N VAL A 415 26.31 13.02 -23.85
CA VAL A 415 26.00 11.61 -23.56
C VAL A 415 25.52 10.89 -24.82
N ASP A 416 25.91 9.61 -24.93
CA ASP A 416 25.65 8.72 -26.07
C ASP A 416 26.16 9.28 -27.42
N VAL A 417 27.19 10.14 -27.39
CA VAL A 417 27.85 10.58 -28.62
C VAL A 417 28.70 9.46 -29.25
N SER A 418 29.10 8.43 -28.49
CA SER A 418 29.96 7.37 -29.03
C SER A 418 29.53 6.00 -28.50
N LYS A 419 29.93 4.95 -29.24
CA LYS A 419 29.53 3.56 -29.05
C LYS A 419 30.76 2.68 -28.79
N PRO A 420 30.65 1.58 -28.02
CA PRO A 420 31.82 0.73 -27.76
C PRO A 420 32.48 0.21 -29.03
N GLY A 421 33.82 0.19 -29.01
CA GLY A 421 34.62 -0.25 -30.13
C GLY A 421 34.97 0.84 -31.14
N GLU A 422 34.37 2.02 -31.05
CA GLU A 422 34.74 3.12 -31.93
C GLU A 422 36.13 3.65 -31.56
N GLU A 423 36.80 4.23 -32.56
CA GLU A 423 38.06 4.95 -32.36
C GLU A 423 37.75 6.45 -32.35
N VAL A 424 38.15 7.13 -31.27
CA VAL A 424 37.58 8.41 -30.87
C VAL A 424 38.70 9.37 -30.48
N GLU A 425 38.44 10.67 -30.61
CA GLU A 425 39.36 11.76 -30.28
C GLU A 425 38.67 12.74 -29.35
N VAL A 426 39.36 13.13 -28.27
CA VAL A 426 38.76 13.81 -27.13
C VAL A 426 39.60 15.03 -26.76
N THR A 427 38.91 16.15 -26.46
CA THR A 427 39.51 17.35 -25.87
C THR A 427 38.84 17.61 -24.52
N GLY A 428 39.64 17.93 -23.51
CA GLY A 428 39.06 18.20 -22.20
C GLY A 428 40.11 18.58 -21.18
N ILE A 429 39.63 18.82 -19.95
CA ILE A 429 40.49 19.13 -18.81
C ILE A 429 40.98 17.84 -18.18
N TYR A 430 42.24 17.83 -17.74
CA TYR A 430 42.84 16.72 -17.02
C TYR A 430 42.84 17.07 -15.54
N LYS A 431 42.23 16.22 -14.72
CA LYS A 431 41.81 16.56 -13.37
C LYS A 431 42.07 15.39 -12.43
N ASN A 432 42.19 15.70 -11.13
CA ASN A 432 42.54 14.70 -10.12
C ASN A 432 41.80 14.94 -8.82
N ASN A 433 41.77 13.90 -7.97
CA ASN A 433 41.10 13.96 -6.68
C ASN A 433 41.68 12.91 -5.75
N TYR A 434 41.45 13.12 -4.45
CA TYR A 434 41.83 12.15 -3.42
C TYR A 434 40.95 10.89 -3.50
N ASP A 435 41.54 9.75 -3.16
CA ASP A 435 40.82 8.48 -3.08
C ASP A 435 41.42 7.66 -1.94
N GLY A 436 40.58 7.30 -0.97
CA GLY A 436 41.07 6.60 0.21
C GLY A 436 41.63 5.22 -0.11
N ASN A 437 40.97 4.48 -1.01
CA ASN A 437 41.37 3.11 -1.28
C ASN A 437 42.74 3.04 -1.94
N LEU A 438 43.02 3.96 -2.86
CA LEU A 438 44.33 4.01 -3.50
C LEU A 438 45.43 4.23 -2.47
N ASN A 439 45.20 5.20 -1.58
CA ASN A 439 46.16 5.50 -0.52
C ASN A 439 46.35 4.29 0.39
N ALA A 440 45.26 3.61 0.75
CA ALA A 440 45.34 2.47 1.64
C ALA A 440 46.10 1.31 1.01
N LYS A 441 45.84 1.02 -0.27
CA LYS A 441 46.49 -0.13 -0.91
C LYS A 441 47.96 0.14 -1.24
N ASN A 442 48.27 1.35 -1.72
CA ASN A 442 49.64 1.65 -2.13
C ASN A 442 50.54 2.09 -0.96
N GLY A 443 49.95 2.64 0.11
CA GLY A 443 50.75 3.09 1.23
C GLY A 443 51.53 4.38 1.01
N PHE A 444 51.14 5.18 0.01
CA PHE A 444 51.76 6.46 -0.30
C PHE A 444 50.66 7.46 -0.63
N PRO A 445 50.89 8.79 -0.42
CA PRO A 445 49.82 9.76 -0.69
C PRO A 445 49.62 9.99 -2.17
N VAL A 446 48.86 9.09 -2.79
CA VAL A 446 48.74 8.95 -4.24
C VAL A 446 47.32 9.32 -4.65
N PHE A 447 47.20 10.29 -5.55
CA PHE A 447 45.93 10.80 -6.03
C PHE A 447 45.52 10.14 -7.35
N ALA A 448 44.20 10.10 -7.60
CA ALA A 448 43.61 9.50 -8.79
C ALA A 448 43.21 10.59 -9.79
N THR A 449 43.22 10.25 -11.08
CA THR A 449 43.04 11.22 -12.16
C THR A 449 42.01 10.77 -13.18
N ILE A 450 41.39 11.77 -13.84
CA ILE A 450 40.23 11.58 -14.70
C ILE A 450 40.32 12.68 -15.78
N ILE A 451 39.63 12.47 -16.91
CA ILE A 451 39.51 13.48 -17.97
C ILE A 451 38.05 13.92 -18.05
N GLU A 452 37.83 15.24 -18.04
CA GLU A 452 36.49 15.82 -18.15
C GLU A 452 36.36 16.40 -19.57
N ALA A 453 35.61 15.71 -20.42
CA ALA A 453 35.54 16.07 -21.83
C ALA A 453 34.84 17.41 -22.05
N ASN A 454 35.40 18.20 -22.97
CA ASN A 454 34.81 19.44 -23.46
C ASN A 454 34.25 19.29 -24.88
N SER A 455 34.84 18.42 -25.70
CA SER A 455 34.30 18.09 -27.02
C SER A 455 34.83 16.71 -27.41
N ILE A 456 34.11 16.04 -28.31
CA ILE A 456 34.44 14.67 -28.74
C ILE A 456 34.28 14.58 -30.27
N LYS A 457 35.15 13.78 -30.90
CA LYS A 457 35.28 13.68 -32.35
C LYS A 457 35.61 12.24 -32.73
N ARG A 458 35.33 11.88 -33.98
CA ARG A 458 35.67 10.57 -34.55
C ARG A 458 36.60 10.69 -35.75
N SER A 475 27.21 11.68 -47.05
CA SER A 475 26.41 12.46 -47.98
C SER A 475 27.17 12.72 -49.29
N TRP A 476 26.51 13.38 -50.24
CA TRP A 476 27.07 13.60 -51.56
C TRP A 476 26.39 14.80 -52.19
N THR A 477 27.02 15.37 -53.22
CA THR A 477 26.48 16.51 -53.95
C THR A 477 25.85 16.05 -55.27
N GLU A 478 25.23 17.02 -55.97
CA GLU A 478 24.68 16.75 -57.29
C GLU A 478 25.75 16.30 -58.27
N GLU A 479 26.98 16.79 -58.11
CA GLU A 479 28.06 16.41 -59.01
C GLU A 479 28.33 14.91 -58.93
N GLU A 480 28.32 14.36 -57.72
CA GLU A 480 28.48 12.92 -57.56
C GLU A 480 27.33 12.15 -58.21
N GLU A 481 26.10 12.64 -58.04
CA GLU A 481 24.94 11.97 -58.65
C GLU A 481 25.05 11.97 -60.17
N ARG A 482 25.43 13.11 -60.74
CA ARG A 482 25.58 13.19 -62.20
C ARG A 482 26.70 12.30 -62.68
N GLU A 483 27.80 12.22 -61.92
CA GLU A 483 28.91 11.33 -62.30
C GLU A 483 28.50 9.87 -62.24
N PHE A 484 27.77 9.47 -61.18
CA PHE A 484 27.24 8.12 -61.08
C PHE A 484 26.36 7.79 -62.28
N ARG A 485 25.45 8.69 -62.62
CA ARG A 485 24.54 8.45 -63.73
C ARG A 485 25.29 8.40 -65.06
N LYS A 486 26.36 9.20 -65.18
CA LYS A 486 27.18 9.16 -66.39
C LYS A 486 27.82 7.80 -66.57
N ILE A 487 28.45 7.27 -65.50
CA ILE A 487 29.10 5.97 -65.65
C ILE A 487 28.07 4.86 -65.82
N SER A 488 26.90 4.99 -65.19
CA SER A 488 25.88 3.96 -65.32
C SER A 488 25.27 3.95 -66.73
N ARG A 489 25.25 5.10 -67.40
CA ARG A 489 24.73 5.14 -68.77
C ARG A 489 25.65 4.43 -69.76
N ASP A 490 26.92 4.20 -69.41
CA ASP A 490 27.85 3.53 -70.31
C ASP A 490 27.62 2.03 -70.33
N ARG A 491 27.88 1.42 -71.48
CA ARG A 491 27.76 -0.02 -71.63
C ARG A 491 28.80 -0.75 -70.79
N GLY A 492 28.44 -1.96 -70.35
CA GLY A 492 29.37 -2.82 -69.66
C GLY A 492 29.73 -2.40 -68.26
N ILE A 493 28.92 -1.53 -67.63
CA ILE A 493 29.23 -1.05 -66.28
C ILE A 493 29.22 -2.19 -65.28
N ILE A 494 28.35 -3.19 -65.48
CA ILE A 494 28.31 -4.37 -64.60
C ILE A 494 29.66 -5.07 -64.60
N ASP A 495 30.19 -5.32 -65.80
CA ASP A 495 31.47 -6.00 -65.93
C ASP A 495 32.59 -5.19 -65.32
N LYS A 496 32.54 -3.86 -65.48
CA LYS A 496 33.57 -3.01 -64.89
C LYS A 496 33.52 -3.02 -63.36
N ILE A 497 32.31 -3.02 -62.80
CA ILE A 497 32.19 -3.11 -61.34
C ILE A 497 32.77 -4.44 -60.85
N ILE A 498 32.46 -5.53 -61.54
CA ILE A 498 33.00 -6.83 -61.15
C ILE A 498 34.52 -6.85 -61.28
N SER A 499 35.04 -6.24 -62.36
CA SER A 499 36.48 -6.17 -62.57
C SER A 499 37.16 -5.40 -61.46
N SER A 500 36.54 -4.31 -61.02
CA SER A 500 37.09 -3.52 -59.91
C SER A 500 37.06 -4.28 -58.59
N MET A 501 36.27 -5.34 -58.49
CA MET A 501 36.15 -6.07 -57.24
C MET A 501 37.45 -6.83 -56.92
N ALA A 502 37.93 -6.62 -55.71
CA ALA A 502 39.08 -7.22 -55.06
C ALA A 502 40.31 -7.14 -55.97
N PRO A 503 40.87 -5.93 -56.17
CA PRO A 503 41.93 -5.78 -57.19
C PRO A 503 43.17 -6.64 -56.97
N SER A 504 43.57 -6.87 -55.72
CA SER A 504 44.83 -7.54 -55.46
C SER A 504 44.81 -9.04 -55.77
N ILE A 505 43.64 -9.62 -56.00
CA ILE A 505 43.48 -11.06 -56.18
C ILE A 505 43.29 -11.34 -57.66
N TYR A 506 44.10 -12.25 -58.20
CA TYR A 506 44.02 -12.63 -59.61
C TYR A 506 42.96 -13.70 -59.84
N GLY A 507 42.30 -13.63 -60.99
CA GLY A 507 41.34 -14.63 -61.40
C GLY A 507 40.11 -14.68 -60.51
N HIS A 508 39.44 -15.83 -60.55
CA HIS A 508 38.26 -16.11 -59.71
C HIS A 508 37.15 -15.08 -59.95
N ARG A 509 36.78 -14.91 -61.23
CA ARG A 509 35.80 -13.89 -61.60
C ARG A 509 34.42 -14.21 -61.03
N ASP A 510 34.04 -15.49 -61.00
CA ASP A 510 32.72 -15.86 -60.48
C ASP A 510 32.57 -15.50 -59.01
N ILE A 511 33.63 -15.69 -58.21
CA ILE A 511 33.59 -15.30 -56.80
C ILE A 511 33.38 -13.80 -56.66
N LYS A 512 34.10 -13.02 -57.48
CA LYS A 512 33.94 -11.57 -57.46
C LYS A 512 32.52 -11.17 -57.85
N THR A 513 31.95 -11.85 -58.85
CA THR A 513 30.58 -11.60 -59.26
C THR A 513 29.61 -11.82 -58.11
N ALA A 514 29.74 -12.97 -57.44
CA ALA A 514 28.84 -13.31 -56.34
C ALA A 514 28.97 -12.31 -55.19
N VAL A 515 30.21 -11.92 -54.87
CA VAL A 515 30.43 -10.98 -53.78
C VAL A 515 29.82 -9.62 -54.10
N ALA A 516 29.97 -9.15 -55.35
CA ALA A 516 29.36 -7.89 -55.75
C ALA A 516 27.85 -7.97 -55.65
N CYS A 517 27.27 -9.07 -56.10
CA CYS A 517 25.81 -9.26 -56.01
C CYS A 517 25.34 -9.23 -54.56
N SER A 518 26.09 -9.87 -53.66
CA SER A 518 25.69 -9.85 -52.25
C SER A 518 25.79 -8.45 -51.66
N LEU A 519 26.84 -7.70 -52.01
CA LEU A 519 27.00 -6.35 -51.47
C LEU A 519 25.89 -5.40 -51.97
N PHE A 520 25.44 -5.57 -53.21
CA PHE A 520 24.32 -4.74 -53.68
C PHE A 520 22.97 -5.26 -53.19
N GLY A 521 22.72 -6.56 -53.31
CA GLY A 521 21.50 -7.17 -52.77
C GLY A 521 20.24 -6.82 -53.55
N GLY A 522 19.14 -7.47 -53.15
CA GLY A 522 17.82 -7.25 -53.73
C GLY A 522 16.97 -6.30 -52.90
N VAL A 523 15.65 -6.49 -53.01
CA VAL A 523 14.65 -5.70 -52.29
C VAL A 523 13.83 -6.65 -51.42
N PRO A 524 13.57 -6.33 -50.14
CA PRO A 524 12.67 -7.20 -49.35
C PRO A 524 11.19 -6.92 -49.65
N LYS A 525 10.38 -7.99 -49.59
CA LYS A 525 8.93 -7.89 -49.85
C LYS A 525 8.18 -8.73 -48.82
N ASN A 526 6.91 -8.40 -48.61
CA ASN A 526 6.06 -9.19 -47.71
C ASN A 526 4.60 -9.09 -48.11
N VAL A 527 3.86 -10.17 -47.84
CA VAL A 527 2.43 -10.31 -48.15
C VAL A 527 1.82 -10.89 -46.88
N ASN A 528 1.05 -10.06 -46.15
CA ASN A 528 0.43 -10.49 -44.89
C ASN A 528 -0.47 -11.71 -45.06
N GLY A 529 -0.95 -11.95 -46.28
CA GLY A 529 -1.45 -13.25 -46.68
C GLY A 529 -0.35 -14.28 -46.86
N LYS A 530 0.24 -14.73 -45.74
CA LYS A 530 0.97 -15.98 -45.59
C LYS A 530 2.44 -16.03 -46.08
N HIS A 531 3.05 -14.94 -46.58
CA HIS A 531 4.43 -15.03 -47.14
C HIS A 531 5.28 -13.78 -46.91
N SER A 532 6.61 -13.99 -46.91
CA SER A 532 7.61 -12.92 -46.85
C SER A 532 8.89 -13.35 -47.59
N ILE A 533 9.61 -12.37 -48.17
CA ILE A 533 10.80 -12.61 -48.99
C ILE A 533 11.90 -11.62 -48.57
N ARG A 534 13.09 -12.13 -48.22
CA ARG A 534 14.22 -11.29 -47.84
C ARG A 534 14.91 -10.65 -49.05
N GLY A 535 15.54 -9.50 -48.82
CA GLY A 535 16.34 -8.82 -49.83
C GLY A 535 17.81 -9.22 -49.82
N ASP A 536 18.29 -9.68 -48.66
CA ASP A 536 19.67 -10.12 -48.49
C ASP A 536 19.99 -11.35 -49.35
N ILE A 537 21.25 -11.44 -49.77
CA ILE A 537 21.76 -12.56 -50.58
C ILE A 537 22.90 -13.21 -49.81
N ASN A 538 22.81 -14.53 -49.62
CA ASN A 538 23.77 -15.32 -48.85
C ASN A 538 24.61 -16.20 -49.78
N VAL A 539 25.92 -16.25 -49.51
CA VAL A 539 26.91 -16.90 -50.38
C VAL A 539 27.82 -17.78 -49.53
N LEU A 540 28.13 -18.98 -50.03
CA LEU A 540 29.07 -19.91 -49.40
C LEU A 540 30.11 -20.35 -50.42
N LEU A 541 31.38 -20.40 -50.01
CA LEU A 541 32.51 -20.70 -50.89
C LEU A 541 33.33 -21.85 -50.31
N LEU A 542 33.42 -22.94 -51.04
CA LEU A 542 34.26 -24.07 -50.65
C LEU A 542 35.66 -23.88 -51.20
N GLY A 543 36.63 -23.74 -50.31
CA GLY A 543 37.98 -23.38 -50.66
C GLY A 543 39.02 -24.46 -50.44
N ASP A 544 39.75 -24.80 -51.50
CA ASP A 544 41.01 -25.53 -51.36
C ASP A 544 41.97 -24.69 -50.51
N PRO A 545 42.97 -25.30 -49.87
CA PRO A 545 43.90 -24.50 -49.05
C PRO A 545 44.65 -23.45 -49.86
N GLY A 546 44.58 -22.21 -49.41
CA GLY A 546 45.33 -21.11 -50.01
C GLY A 546 44.74 -20.48 -51.26
N THR A 547 43.48 -20.76 -51.61
CA THR A 547 42.87 -20.17 -52.82
C THR A 547 42.14 -18.85 -52.52
N ALA A 548 42.84 -17.93 -51.87
CA ALA A 548 42.48 -16.51 -51.77
C ALA A 548 41.23 -16.19 -50.95
N LYS A 549 40.69 -17.14 -50.18
CA LYS A 549 39.39 -16.90 -49.54
C LYS A 549 39.50 -15.83 -48.44
N SER A 550 40.51 -15.94 -47.57
CA SER A 550 40.60 -15.03 -46.44
C SER A 550 40.93 -13.60 -46.90
N GLN A 551 41.67 -13.46 -47.99
CA GLN A 551 41.99 -12.14 -48.52
C GLN A 551 40.74 -11.44 -49.03
N ILE A 552 39.87 -12.14 -49.76
CA ILE A 552 38.67 -11.48 -50.25
C ILE A 552 37.73 -11.14 -49.10
N LEU A 553 37.72 -11.97 -48.04
CA LEU A 553 36.91 -11.56 -46.88
C LEU A 553 37.47 -10.29 -46.24
N LYS A 554 38.80 -10.18 -46.11
CA LYS A 554 39.38 -8.94 -45.60
C LYS A 554 39.08 -7.75 -46.51
N TYR A 555 39.13 -7.97 -47.83
CA TYR A 555 38.79 -6.93 -48.79
C TYR A 555 37.35 -6.47 -48.60
N VAL A 556 36.41 -7.42 -48.47
CA VAL A 556 35.00 -7.06 -48.26
C VAL A 556 34.85 -6.29 -46.96
N GLU A 557 35.59 -6.69 -45.92
CA GLU A 557 35.51 -6.01 -44.62
C GLU A 557 35.90 -4.54 -44.75
N LYS A 558 36.93 -4.23 -45.54
CA LYS A 558 37.29 -2.82 -45.75
C LYS A 558 36.35 -2.11 -46.73
N THR A 559 35.80 -2.85 -47.71
CA THR A 559 34.91 -2.26 -48.73
C THR A 559 33.54 -1.90 -48.16
N ALA A 560 32.92 -2.83 -47.43
CA ALA A 560 31.52 -2.72 -47.03
C ALA A 560 31.29 -1.62 -45.99
N HIS A 561 30.05 -1.11 -45.95
CA HIS A 561 29.70 0.00 -45.05
C HIS A 561 29.72 -0.42 -43.58
N ARG A 562 29.04 -1.52 -43.24
CA ARG A 562 29.02 -2.10 -41.88
C ARG A 562 29.13 -3.62 -41.96
N ALA A 563 29.90 -4.23 -41.06
CA ALA A 563 30.08 -5.68 -41.14
C ALA A 563 30.65 -6.30 -39.86
N VAL A 564 30.47 -7.64 -39.75
CA VAL A 564 30.97 -8.48 -38.66
C VAL A 564 31.86 -9.57 -39.28
N PHE A 565 33.00 -9.86 -38.65
CA PHE A 565 33.96 -10.85 -39.13
C PHE A 565 34.26 -11.88 -38.04
N ALA A 566 34.19 -13.17 -38.40
CA ALA A 566 34.47 -14.26 -37.45
C ALA A 566 35.07 -15.49 -38.14
N ALA A 595 26.87 -12.73 -32.45
CA ALA A 595 27.34 -11.40 -32.85
C ALA A 595 26.46 -10.75 -33.94
N LEU A 596 25.41 -11.44 -34.40
CA LEU A 596 24.63 -10.99 -35.55
C LEU A 596 23.90 -9.64 -35.31
N VAL A 597 23.75 -9.21 -34.05
CA VAL A 597 23.15 -7.91 -33.77
C VAL A 597 23.99 -6.80 -34.41
N LEU A 598 25.31 -6.92 -34.32
CA LEU A 598 26.21 -5.92 -34.92
C LEU A 598 26.16 -5.95 -36.44
N ALA A 599 25.64 -7.01 -37.05
CA ALA A 599 25.53 -7.13 -38.50
C ALA A 599 24.19 -6.60 -39.05
N ASP A 600 23.37 -5.96 -38.22
CA ASP A 600 22.04 -5.49 -38.62
C ASP A 600 22.09 -4.54 -39.83
N LYS A 601 21.36 -4.93 -40.89
CA LYS A 601 21.35 -4.26 -42.21
C LYS A 601 22.75 -4.18 -42.83
N GLY A 602 23.66 -5.08 -42.44
CA GLY A 602 25.02 -5.17 -42.99
C GLY A 602 25.37 -6.54 -43.52
N VAL A 603 26.67 -6.79 -43.77
CA VAL A 603 27.19 -8.06 -44.28
C VAL A 603 27.91 -8.78 -43.14
N CYS A 604 27.73 -10.09 -43.05
CA CYS A 604 28.38 -10.92 -42.05
C CYS A 604 29.37 -11.87 -42.74
N LEU A 605 30.59 -11.94 -42.21
CA LEU A 605 31.71 -12.68 -42.82
C LEU A 605 32.16 -13.83 -41.91
N ILE A 606 32.24 -15.03 -42.48
CA ILE A 606 32.71 -16.24 -41.78
C ILE A 606 33.80 -16.88 -42.63
N ASP A 607 34.99 -17.07 -42.05
CA ASP A 607 36.12 -17.62 -42.79
C ASP A 607 36.46 -19.08 -42.45
N GLU A 608 36.03 -19.59 -41.29
CA GLU A 608 36.23 -21.00 -40.95
C GLU A 608 35.09 -21.44 -40.04
N PHE A 609 34.94 -22.76 -39.93
CA PHE A 609 34.01 -23.38 -38.97
C PHE A 609 34.74 -24.42 -38.12
N ASP A 614 28.88 -26.99 -31.97
CA ASP A 614 27.55 -27.25 -32.53
C ASP A 614 26.61 -26.07 -32.29
N GLN A 615 26.79 -25.37 -31.16
CA GLN A 615 25.91 -24.24 -30.84
C GLN A 615 26.07 -23.10 -31.83
N ASP A 616 27.28 -22.89 -32.36
CA ASP A 616 27.48 -21.88 -33.40
C ASP A 616 26.64 -22.19 -34.63
N ARG A 617 26.74 -23.43 -35.11
CA ARG A 617 25.93 -23.86 -36.24
C ARG A 617 24.45 -23.77 -35.91
N THR A 618 24.06 -24.10 -34.68
CA THR A 618 22.66 -24.01 -34.27
C THR A 618 22.15 -22.58 -34.35
N SER A 619 22.95 -21.63 -33.88
CA SER A 619 22.60 -20.22 -33.98
C SER A 619 22.44 -19.81 -35.44
N ILE A 620 23.34 -20.27 -36.31
CA ILE A 620 23.20 -19.96 -37.74
C ILE A 620 21.96 -20.63 -38.34
N HIS A 621 21.57 -21.82 -37.84
CA HIS A 621 20.35 -22.47 -38.32
C HIS A 621 19.14 -21.59 -38.03
N GLU A 622 19.05 -21.09 -36.80
CA GLU A 622 17.96 -20.18 -36.45
C GLU A 622 18.04 -18.89 -37.28
N ALA A 623 19.25 -18.38 -37.47
CA ALA A 623 19.45 -17.11 -38.19
C ALA A 623 19.06 -17.22 -39.66
N MET A 624 19.31 -18.36 -40.30
CA MET A 624 18.93 -18.51 -41.71
C MET A 624 17.43 -18.75 -41.84
N GLU A 625 16.82 -19.44 -40.87
CA GLU A 625 15.36 -19.60 -40.92
C GLU A 625 14.64 -18.27 -40.69
N GLN A 626 15.08 -17.47 -39.71
CA GLN A 626 14.42 -16.22 -39.36
C GLN A 626 15.09 -15.03 -40.06
N GLN A 627 14.52 -13.83 -39.86
CA GLN A 627 15.20 -12.56 -40.06
C GLN A 627 15.38 -11.78 -38.77
N SER A 628 14.73 -12.22 -37.68
CA SER A 628 14.84 -11.63 -36.34
C SER A 628 15.01 -12.76 -35.33
N ILE A 629 15.77 -12.49 -34.27
CA ILE A 629 16.12 -13.50 -33.26
C ILE A 629 15.33 -13.20 -31.99
N SER A 630 14.87 -14.27 -31.31
CA SER A 630 14.13 -14.16 -30.05
C SER A 630 14.74 -15.12 -29.04
N ILE A 631 14.73 -14.71 -27.76
CA ILE A 631 15.36 -15.49 -26.70
C ILE A 631 14.64 -15.23 -25.38
N SER A 632 14.66 -16.25 -24.50
CA SER A 632 14.09 -16.15 -23.16
C SER A 632 15.05 -16.77 -22.16
N LYS A 633 15.07 -16.22 -20.94
CA LYS A 633 16.01 -16.64 -19.91
C LYS A 633 15.47 -16.25 -18.54
N ALA A 634 15.30 -17.24 -17.65
CA ALA A 634 14.81 -17.01 -16.29
C ALA A 634 13.47 -16.29 -16.27
N GLY A 635 12.61 -16.58 -17.25
CA GLY A 635 11.32 -15.95 -17.37
C GLY A 635 11.32 -14.63 -18.12
N ILE A 636 12.49 -14.04 -18.38
CA ILE A 636 12.60 -12.83 -19.21
C ILE A 636 12.42 -13.25 -20.66
N VAL A 637 11.84 -12.37 -21.49
CA VAL A 637 11.66 -12.61 -22.93
C VAL A 637 12.05 -11.35 -23.70
N THR A 638 12.79 -11.50 -24.79
CA THR A 638 13.23 -10.34 -25.58
C THR A 638 13.53 -10.74 -27.03
N THR A 639 13.56 -9.74 -27.93
CA THR A 639 13.82 -9.95 -29.36
C THR A 639 14.91 -9.01 -29.88
N LEU A 640 15.58 -9.46 -30.95
CA LEU A 640 16.70 -8.78 -31.60
C LEU A 640 16.58 -8.98 -33.11
N GLN A 641 17.24 -8.12 -33.91
CA GLN A 641 17.19 -8.20 -35.37
C GLN A 641 18.52 -8.68 -35.96
N ALA A 642 18.42 -9.56 -36.97
CA ALA A 642 19.59 -10.01 -37.73
C ALA A 642 19.71 -9.27 -39.07
N ARG A 643 18.70 -9.40 -39.94
CA ARG A 643 18.51 -8.60 -41.18
C ARG A 643 19.81 -8.34 -41.96
N CYS A 644 20.54 -9.42 -42.28
CA CYS A 644 21.89 -9.28 -42.82
C CYS A 644 22.19 -10.34 -43.89
N SER A 645 23.17 -10.03 -44.73
CA SER A 645 23.68 -10.93 -45.77
C SER A 645 24.87 -11.70 -45.23
N ILE A 646 24.89 -13.02 -45.45
CA ILE A 646 25.92 -13.90 -44.89
C ILE A 646 26.84 -14.36 -46.02
N ILE A 647 28.14 -14.10 -45.85
CA ILE A 647 29.19 -14.63 -46.72
C ILE A 647 30.05 -15.54 -45.85
N ALA A 648 30.13 -16.81 -46.24
CA ALA A 648 30.85 -17.84 -45.50
C ALA A 648 31.83 -18.58 -46.41
N ALA A 649 32.88 -19.14 -45.81
CA ALA A 649 33.82 -20.00 -46.52
C ALA A 649 34.22 -21.16 -45.63
N ALA A 650 34.63 -22.26 -46.25
CA ALA A 650 34.89 -23.51 -45.52
C ALA A 650 35.92 -24.37 -46.25
N ASN A 651 36.56 -25.27 -45.49
CA ASN A 651 37.52 -26.23 -46.01
C ASN A 651 36.83 -27.58 -46.25
N PRO A 652 36.94 -28.20 -47.45
CA PRO A 652 36.05 -29.33 -47.77
C PRO A 652 36.43 -30.67 -47.15
N ASN A 653 36.05 -30.86 -45.87
CA ASN A 653 36.17 -32.13 -45.14
C ASN A 653 37.58 -32.72 -45.22
N GLY A 654 38.55 -31.92 -44.78
CA GLY A 654 39.95 -32.31 -44.77
C GLY A 654 40.79 -31.57 -45.79
N GLY A 655 41.81 -32.24 -46.33
CA GLY A 655 42.82 -31.57 -47.14
C GLY A 655 42.42 -31.18 -48.55
N ARG A 656 41.46 -31.89 -49.16
CA ARG A 656 41.17 -31.68 -50.57
C ARG A 656 39.74 -32.09 -50.93
N TYR A 657 39.12 -31.29 -51.81
CA TYR A 657 37.80 -31.57 -52.36
C TYR A 657 37.85 -32.78 -53.31
N ASN A 658 36.74 -33.51 -53.39
CA ASN A 658 36.57 -34.65 -54.29
C ASN A 658 35.43 -34.33 -55.26
N SER A 659 35.80 -34.12 -56.53
CA SER A 659 34.84 -33.74 -57.57
C SER A 659 33.94 -34.91 -58.00
N THR A 660 34.34 -36.16 -57.76
CA THR A 660 33.51 -37.29 -58.17
C THR A 660 32.23 -37.41 -57.35
N LEU A 661 32.13 -36.68 -56.19
CA LEU A 661 31.04 -36.81 -55.22
C LEU A 661 30.17 -35.55 -55.17
N PRO A 662 28.90 -35.65 -54.72
CA PRO A 662 28.10 -34.45 -54.51
C PRO A 662 28.62 -33.63 -53.34
N LEU A 663 28.02 -32.44 -53.18
CA LEU A 663 28.52 -31.45 -52.24
C LEU A 663 28.43 -31.92 -50.80
N ALA A 664 27.38 -32.67 -50.46
CA ALA A 664 27.16 -33.09 -49.08
C ALA A 664 28.32 -33.92 -48.55
N GLN A 665 28.93 -34.75 -49.41
CA GLN A 665 30.07 -35.56 -49.00
C GLN A 665 31.27 -34.69 -48.62
N ASN A 666 31.35 -33.47 -49.13
CA ASN A 666 32.51 -32.60 -48.94
C ASN A 666 32.32 -31.54 -47.86
N VAL A 667 31.20 -31.57 -47.11
CA VAL A 667 30.89 -30.55 -46.11
C VAL A 667 30.39 -31.21 -44.83
N SER A 668 30.35 -30.40 -43.77
CA SER A 668 29.86 -30.79 -42.44
C SER A 668 28.58 -30.04 -42.09
N LEU A 669 27.66 -29.95 -43.05
CA LEU A 669 26.49 -29.10 -42.99
C LEU A 669 25.21 -29.91 -43.15
N THR A 670 24.13 -29.42 -42.54
CA THR A 670 22.81 -30.00 -42.77
C THR A 670 22.27 -29.58 -44.13
N GLU A 671 21.37 -30.40 -44.67
CA GLU A 671 20.78 -30.16 -45.99
C GLU A 671 20.08 -28.81 -46.13
N PRO A 672 19.27 -28.33 -45.17
CA PRO A 672 18.63 -27.01 -45.35
C PRO A 672 19.59 -25.86 -45.48
N ILE A 673 20.83 -25.98 -44.98
CA ILE A 673 21.82 -24.93 -45.20
C ILE A 673 22.11 -24.79 -46.68
N LEU A 674 22.35 -25.91 -47.36
CA LEU A 674 22.59 -25.88 -48.80
C LEU A 674 21.34 -25.45 -49.55
N SER A 675 20.16 -25.68 -48.98
CA SER A 675 18.95 -25.17 -49.62
C SER A 675 18.85 -23.64 -49.51
N ARG A 676 19.16 -23.09 -48.33
CA ARG A 676 18.84 -21.69 -48.05
C ARG A 676 19.94 -20.71 -48.45
N PHE A 677 21.15 -21.17 -48.72
CA PHE A 677 22.16 -20.30 -49.34
C PHE A 677 21.77 -19.99 -50.77
N ASP A 678 21.81 -18.71 -51.14
CA ASP A 678 21.39 -18.32 -52.48
C ASP A 678 22.35 -18.83 -53.55
N ILE A 679 23.66 -18.76 -53.27
CA ILE A 679 24.70 -19.12 -54.23
C ILE A 679 25.71 -20.01 -53.53
N LEU A 680 26.11 -21.09 -54.20
CA LEU A 680 27.15 -22.00 -53.76
C LEU A 680 28.22 -22.08 -54.84
N CYS A 681 29.49 -22.14 -54.42
CA CYS A 681 30.59 -22.23 -55.37
C CYS A 681 31.77 -22.95 -54.75
N VAL A 682 32.55 -23.60 -55.60
CA VAL A 682 33.73 -24.39 -55.23
C VAL A 682 34.92 -23.83 -55.99
N VAL A 683 36.03 -23.62 -55.28
CA VAL A 683 37.27 -23.08 -55.86
C VAL A 683 38.39 -24.06 -55.59
N ARG A 684 39.17 -24.38 -56.62
CA ARG A 684 40.18 -25.43 -56.58
C ARG A 684 41.50 -24.95 -57.19
N ASP A 685 42.59 -25.51 -56.66
CA ASP A 685 43.95 -25.20 -57.13
C ASP A 685 44.28 -26.11 -58.31
N LEU A 686 43.79 -25.71 -59.49
CA LEU A 686 43.97 -26.47 -60.71
C LEU A 686 45.39 -26.30 -61.26
N VAL A 687 45.80 -27.26 -62.09
CA VAL A 687 47.17 -27.33 -62.61
C VAL A 687 47.18 -26.85 -64.06
N ASP A 688 47.98 -25.81 -64.32
CA ASP A 688 48.20 -25.29 -65.68
C ASP A 688 49.46 -24.45 -65.64
N GLU A 689 50.39 -24.73 -66.56
CA GLU A 689 51.65 -23.97 -66.61
C GLU A 689 51.39 -22.49 -66.86
N GLU A 690 50.48 -22.17 -67.80
CA GLU A 690 50.24 -20.78 -68.15
C GLU A 690 49.57 -20.02 -67.01
N ALA A 691 48.58 -20.64 -66.37
CA ALA A 691 47.93 -20.01 -65.22
C ALA A 691 48.92 -19.80 -64.08
N ASP A 692 49.79 -20.79 -63.85
CA ASP A 692 50.82 -20.65 -62.83
C ASP A 692 51.76 -19.50 -63.14
N GLU A 693 52.18 -19.37 -64.41
CA GLU A 693 53.06 -18.27 -64.79
C GLU A 693 52.37 -16.93 -64.62
N ARG A 694 51.10 -16.84 -65.02
CA ARG A 694 50.34 -15.61 -64.86
C ARG A 694 50.23 -15.22 -63.39
N LEU A 695 49.90 -16.20 -62.54
CA LEU A 695 49.82 -15.96 -61.09
C LEU A 695 51.15 -15.49 -60.53
N ALA A 696 52.23 -16.19 -60.88
CA ALA A 696 53.55 -15.85 -60.34
C ALA A 696 54.01 -14.47 -60.79
N THR A 697 53.81 -14.14 -62.07
CA THR A 697 54.17 -12.81 -62.56
C THR A 697 53.37 -11.73 -61.85
N PHE A 698 52.04 -11.92 -61.70
CA PHE A 698 51.22 -10.94 -61.00
C PHE A 698 51.67 -10.81 -59.55
N VAL A 699 51.99 -11.92 -58.90
CA VAL A 699 52.34 -11.90 -57.48
C VAL A 699 53.64 -11.13 -57.27
N VAL A 700 54.70 -11.44 -58.04
CA VAL A 700 55.96 -10.72 -57.84
C VAL A 700 55.80 -9.25 -58.23
N ASP A 701 55.00 -8.98 -59.26
CA ASP A 701 54.73 -7.60 -59.66
C ASP A 701 54.05 -6.81 -58.54
N SER A 702 53.03 -7.41 -57.91
CA SER A 702 52.36 -6.76 -56.77
C SER A 702 53.33 -6.60 -55.61
N HIS A 703 54.22 -7.57 -55.40
CA HIS A 703 55.17 -7.49 -54.30
C HIS A 703 56.12 -6.30 -54.49
N VAL A 704 56.66 -6.13 -55.70
CA VAL A 704 57.53 -4.99 -55.99
C VAL A 704 56.75 -3.68 -55.86
N ARG A 705 55.53 -3.63 -56.42
CA ARG A 705 54.71 -2.42 -56.40
C ARG A 705 54.37 -1.96 -54.99
N SER A 706 54.40 -2.85 -53.99
CA SER A 706 54.10 -2.51 -52.60
C SER A 706 55.32 -2.06 -51.78
N HIS A 707 56.53 -2.11 -52.35
CA HIS A 707 57.75 -1.97 -51.56
C HIS A 707 57.85 -0.59 -50.89
N PRO A 708 58.26 -0.50 -49.60
CA PRO A 708 58.36 0.83 -48.95
C PRO A 708 59.25 1.84 -49.65
N GLU A 709 60.30 1.38 -50.33
CA GLU A 709 61.13 2.23 -51.18
C GLU A 709 60.46 2.39 -52.55
N LEU A 745 53.25 12.45 -55.49
CA LEU A 745 51.84 12.17 -55.78
C LEU A 745 51.67 11.38 -57.08
N GLN A 746 52.50 11.68 -58.08
CA GLN A 746 52.33 11.07 -59.40
C GLN A 746 52.52 9.56 -59.36
N ARG A 747 53.45 9.08 -58.53
CA ARG A 747 53.66 7.64 -58.37
C ARG A 747 52.38 6.96 -57.90
N GLN A 748 51.71 7.57 -56.91
CA GLN A 748 50.48 7.00 -56.38
C GLN A 748 49.39 6.95 -57.45
N ARG A 749 49.27 8.03 -58.24
CA ARG A 749 48.22 8.07 -59.26
C ARG A 749 48.41 6.98 -60.30
N LYS A 750 49.65 6.82 -60.79
CA LYS A 750 49.93 5.76 -61.75
C LYS A 750 49.66 4.38 -61.16
N LYS A 751 50.11 4.16 -59.93
CA LYS A 751 49.90 2.90 -59.23
C LYS A 751 48.40 2.59 -59.09
N GLU A 752 47.63 3.58 -58.66
CA GLU A 752 46.19 3.42 -58.48
C GLU A 752 45.50 3.08 -59.79
N GLU A 753 45.78 3.85 -60.85
CA GLU A 753 45.03 3.65 -62.09
C GLU A 753 45.43 2.34 -62.78
N GLU A 754 46.66 1.89 -62.59
CA GLU A 754 47.01 0.55 -63.06
C GLU A 754 46.33 -0.53 -62.22
N ILE A 755 46.03 -0.24 -60.96
CA ILE A 755 45.48 -1.28 -60.07
C ILE A 755 44.05 -1.65 -60.48
N SER A 756 43.22 -0.66 -60.81
CA SER A 756 41.78 -0.87 -60.99
C SER A 756 41.21 -0.02 -62.12
N PRO A 757 40.12 -0.46 -62.78
CA PRO A 757 39.48 0.43 -63.78
C PRO A 757 38.56 1.49 -63.19
N ILE A 758 38.16 1.38 -61.92
CA ILE A 758 37.32 2.36 -61.25
C ILE A 758 38.10 2.81 -60.00
N PRO A 759 38.16 4.11 -59.68
CA PRO A 759 38.69 4.50 -58.36
C PRO A 759 37.78 3.98 -57.26
N GLN A 760 38.35 3.25 -56.31
CA GLN A 760 37.53 2.55 -55.32
C GLN A 760 36.81 3.50 -54.35
N GLU A 761 37.29 4.74 -54.18
CA GLU A 761 36.53 5.71 -53.40
C GLU A 761 35.18 5.98 -54.05
N LEU A 762 35.20 6.23 -55.37
CA LEU A 762 33.95 6.41 -56.11
C LEU A 762 33.10 5.15 -56.05
N LEU A 763 33.72 3.97 -56.11
CA LEU A 763 32.92 2.74 -56.06
C LEU A 763 32.23 2.57 -54.71
N MET A 764 32.92 2.87 -53.61
CA MET A 764 32.27 2.76 -52.30
C MET A 764 31.12 3.76 -52.17
N LYS A 765 31.34 5.02 -52.60
CA LYS A 765 30.26 6.00 -52.60
C LYS A 765 29.10 5.54 -53.50
N TYR A 766 29.43 4.94 -54.64
CA TYR A 766 28.43 4.43 -55.57
C TYR A 766 27.60 3.31 -54.95
N ILE A 767 28.27 2.39 -54.24
CA ILE A 767 27.55 1.28 -53.57
C ILE A 767 26.60 1.85 -52.53
N HIS A 768 27.08 2.79 -51.70
CA HIS A 768 26.23 3.38 -50.67
C HIS A 768 25.03 4.12 -51.29
N TYR A 769 25.29 4.88 -52.36
CA TYR A 769 24.22 5.60 -53.07
C TYR A 769 23.18 4.62 -53.63
N ALA A 770 23.64 3.57 -54.30
CA ALA A 770 22.73 2.59 -54.90
C ALA A 770 21.90 1.90 -53.83
N ARG A 771 22.54 1.51 -52.71
CA ARG A 771 21.83 0.83 -51.63
C ARG A 771 20.77 1.74 -51.01
N THR A 772 21.08 3.04 -50.84
CA THR A 772 20.14 3.94 -50.19
C THR A 772 19.03 4.47 -51.11
N LYS A 773 19.26 4.52 -52.44
CA LYS A 773 18.35 5.20 -53.36
C LYS A 773 17.56 4.29 -54.30
N ILE A 774 18.09 3.13 -54.71
CA ILE A 774 17.55 2.37 -55.83
C ILE A 774 16.78 1.16 -55.31
N TYR A 775 15.57 0.95 -55.85
CA TYR A 775 14.65 -0.10 -55.39
C TYR A 775 13.95 -0.73 -56.62
N PRO A 776 14.62 -1.64 -57.33
CA PRO A 776 14.10 -2.12 -58.64
C PRO A 776 12.85 -2.99 -58.53
N LYS A 777 12.21 -3.21 -59.70
CA LYS A 777 11.03 -4.08 -59.82
C LYS A 777 11.08 -4.92 -61.10
N LEU A 778 10.30 -6.01 -61.11
CA LEU A 778 10.18 -6.91 -62.27
C LEU A 778 9.30 -6.31 -63.37
N HIS A 779 9.45 -6.84 -64.59
CA HIS A 779 8.58 -6.53 -65.73
C HIS A 779 7.77 -7.79 -66.09
N GLN A 780 6.45 -7.63 -66.22
CA GLN A 780 5.53 -8.77 -66.26
C GLN A 780 5.52 -9.54 -67.59
N MET A 781 6.23 -9.07 -68.63
CA MET A 781 6.18 -9.72 -69.93
C MET A 781 6.91 -11.08 -69.94
N ASP A 782 8.23 -11.07 -69.65
CA ASP A 782 9.04 -12.29 -69.78
C ASP A 782 8.82 -13.31 -68.66
N MET A 783 7.99 -13.03 -67.66
CA MET A 783 7.83 -13.97 -66.54
C MET A 783 7.19 -15.29 -66.97
N ASP A 784 6.42 -15.30 -68.07
CA ASP A 784 5.91 -16.57 -68.60
C ASP A 784 7.07 -17.47 -69.00
N LYS A 785 8.09 -16.90 -69.65
CA LYS A 785 9.27 -17.65 -70.04
C LYS A 785 10.00 -18.20 -68.83
N VAL A 786 10.09 -17.39 -67.76
CA VAL A 786 10.74 -17.84 -66.53
C VAL A 786 10.00 -19.04 -65.95
N SER A 787 8.67 -19.00 -65.95
CA SER A 787 7.89 -20.13 -65.43
C SER A 787 8.13 -21.39 -66.27
N ARG A 788 8.15 -21.22 -67.60
CA ARG A 788 8.42 -22.35 -68.50
C ARG A 788 9.82 -22.93 -68.25
N VAL A 789 10.81 -22.06 -68.09
CA VAL A 789 12.18 -22.51 -67.80
C VAL A 789 12.24 -23.23 -66.46
N TYR A 790 11.53 -22.73 -65.45
CA TYR A 790 11.47 -23.40 -64.15
C TYR A 790 10.90 -24.80 -64.28
N ALA A 791 9.78 -24.92 -64.99
CA ALA A 791 9.16 -26.23 -65.19
C ALA A 791 10.09 -27.15 -65.99
N ASP A 792 10.76 -26.63 -67.01
CA ASP A 792 11.67 -27.42 -67.82
C ASP A 792 12.84 -27.94 -66.97
N LEU A 793 13.41 -27.06 -66.14
CA LEU A 793 14.51 -27.47 -65.27
C LEU A 793 14.07 -28.55 -64.31
N ARG A 794 12.87 -28.41 -63.74
CA ARG A 794 12.35 -29.44 -62.84
C ARG A 794 12.16 -30.78 -63.57
N ARG A 795 11.57 -30.73 -64.77
CA ARG A 795 11.36 -31.95 -65.55
C ARG A 795 12.69 -32.64 -65.86
N GLU A 796 13.68 -31.86 -66.29
CA GLU A 796 14.98 -32.44 -66.61
C GLU A 796 15.67 -32.99 -65.37
N SER A 797 15.54 -32.30 -64.24
CA SER A 797 16.13 -32.79 -63.00
C SER A 797 15.54 -34.14 -62.60
N ILE A 798 14.23 -34.27 -62.69
CA ILE A 798 13.58 -35.54 -62.36
C ILE A 798 13.97 -36.61 -63.38
N SER A 799 14.06 -36.23 -64.65
CA SER A 799 14.32 -37.21 -65.71
C SER A 799 15.67 -37.89 -65.54
N THR A 800 16.71 -37.15 -65.15
CA THR A 800 18.01 -37.77 -64.88
C THR A 800 18.13 -38.34 -63.47
N GLY A 801 17.09 -38.26 -62.64
CA GLY A 801 17.18 -38.72 -61.26
C GLY A 801 17.96 -37.82 -60.33
N SER A 802 18.10 -36.53 -60.66
CA SER A 802 18.76 -35.57 -59.80
C SER A 802 17.87 -35.20 -58.61
N PHE A 803 18.49 -34.65 -57.57
CA PHE A 803 17.71 -33.94 -56.57
C PHE A 803 16.99 -32.77 -57.25
N PRO A 804 15.71 -32.50 -56.94
CA PRO A 804 14.95 -31.51 -57.73
C PRO A 804 15.30 -30.06 -57.43
N ILE A 805 15.10 -29.21 -58.45
CA ILE A 805 15.08 -27.76 -58.27
C ILE A 805 13.79 -27.36 -57.56
N THR A 806 13.82 -26.24 -56.84
CA THR A 806 12.77 -25.88 -55.88
C THR A 806 12.42 -24.40 -56.00
N VAL A 807 11.37 -24.02 -55.25
CA VAL A 807 10.90 -22.62 -55.23
C VAL A 807 11.97 -21.69 -54.67
N ARG A 808 12.82 -22.20 -53.77
CA ARG A 808 13.89 -21.39 -53.21
C ARG A 808 14.81 -20.88 -54.33
N HIS A 809 15.11 -21.75 -55.30
CA HIS A 809 15.96 -21.35 -56.42
C HIS A 809 15.28 -20.29 -57.28
N LEU A 810 13.97 -20.42 -57.53
CA LEU A 810 13.25 -19.43 -58.31
C LEU A 810 13.26 -18.06 -57.61
N GLU A 811 13.00 -18.06 -56.30
CA GLU A 811 13.08 -16.84 -55.51
C GLU A 811 14.47 -16.22 -55.60
N SER A 812 15.50 -17.06 -55.49
CA SER A 812 16.88 -16.57 -55.58
C SER A 812 17.15 -15.96 -56.95
N ILE A 813 16.60 -16.56 -58.01
CA ILE A 813 16.78 -16.02 -59.36
C ILE A 813 16.20 -14.61 -59.45
N LEU A 814 14.97 -14.44 -58.96
CA LEU A 814 14.35 -13.11 -59.00
C LEU A 814 15.13 -12.09 -58.17
N ARG A 815 15.58 -12.50 -56.98
CA ARG A 815 16.34 -11.62 -56.10
C ARG A 815 17.68 -11.20 -56.73
N ILE A 816 18.38 -12.15 -57.38
CA ILE A 816 19.64 -11.83 -58.02
C ILE A 816 19.41 -10.91 -59.22
N ALA A 817 18.30 -11.11 -59.94
CA ALA A 817 17.99 -10.20 -61.05
C ALA A 817 17.75 -8.78 -60.54
N GLU A 818 17.06 -8.63 -59.40
CA GLU A 818 16.92 -7.31 -58.78
C GLU A 818 18.28 -6.71 -58.44
N SER A 819 19.19 -7.52 -57.89
CA SER A 819 20.52 -7.01 -57.54
C SER A 819 21.26 -6.54 -58.78
N PHE A 820 21.16 -7.30 -59.88
CA PHE A 820 21.81 -6.89 -61.12
C PHE A 820 21.23 -5.58 -61.64
N ALA A 821 19.92 -5.40 -61.53
CA ALA A 821 19.32 -4.12 -61.91
C ALA A 821 19.85 -3.00 -61.02
N LYS A 822 19.98 -3.26 -59.71
CA LYS A 822 20.47 -2.23 -58.80
C LYS A 822 21.90 -1.83 -59.11
N MET A 823 22.71 -2.77 -59.64
CA MET A 823 24.12 -2.49 -59.86
C MET A 823 24.34 -1.36 -60.87
N ARG A 824 23.47 -1.26 -61.88
CA ARG A 824 23.54 -0.17 -62.86
C ARG A 824 22.57 0.96 -62.55
N LEU A 825 22.02 1.02 -61.33
CA LEU A 825 21.07 2.06 -60.92
C LEU A 825 19.77 2.00 -61.73
N SER A 826 19.42 0.82 -62.23
CA SER A 826 18.17 0.65 -62.98
C SER A 826 17.04 0.27 -62.03
N GLU A 827 15.94 1.02 -62.08
CA GLU A 827 14.74 0.67 -61.33
C GLU A 827 13.93 -0.45 -61.98
N PHE A 828 14.29 -0.89 -63.19
CA PHE A 828 13.65 -2.03 -63.84
C PHE A 828 14.62 -3.20 -63.97
N VAL A 829 14.13 -4.40 -63.65
CA VAL A 829 14.80 -5.62 -64.07
C VAL A 829 14.53 -5.80 -65.57
N SER A 830 15.47 -6.45 -66.27
CA SER A 830 15.38 -6.67 -67.71
C SER A 830 15.67 -8.13 -68.03
N SER A 831 15.49 -8.48 -69.31
CA SER A 831 15.69 -9.87 -69.74
C SER A 831 17.12 -10.33 -69.51
N TYR A 832 18.10 -9.46 -69.78
CA TYR A 832 19.50 -9.86 -69.57
C TYR A 832 19.81 -10.06 -68.09
N ASP A 833 19.17 -9.30 -67.21
CA ASP A 833 19.32 -9.55 -65.78
C ASP A 833 18.81 -10.94 -65.41
N LEU A 834 17.64 -11.31 -65.91
CA LEU A 834 17.10 -12.64 -65.64
C LEU A 834 18.01 -13.72 -66.23
N ASP A 835 18.55 -13.48 -67.43
CA ASP A 835 19.46 -14.43 -68.05
C ASP A 835 20.70 -14.65 -67.20
N ARG A 836 21.32 -13.55 -66.73
CA ARG A 836 22.53 -13.67 -65.92
C ARG A 836 22.24 -14.36 -64.58
N ALA A 837 21.12 -14.00 -63.95
CA ALA A 837 20.73 -14.64 -62.70
C ALA A 837 20.47 -16.13 -62.91
N ILE A 838 19.79 -16.47 -64.01
CA ILE A 838 19.52 -17.87 -64.35
C ILE A 838 20.82 -18.63 -64.53
N LYS A 839 21.77 -18.04 -65.26
CA LYS A 839 23.06 -18.70 -65.47
C LYS A 839 23.76 -18.94 -64.14
N VAL A 840 23.80 -17.93 -63.28
CA VAL A 840 24.48 -18.05 -61.99
C VAL A 840 23.87 -19.18 -61.17
N VAL A 841 22.54 -19.17 -61.02
CA VAL A 841 21.89 -20.16 -60.17
C VAL A 841 21.98 -21.55 -60.78
N VAL A 842 21.79 -21.67 -62.10
CA VAL A 842 21.85 -22.98 -62.75
C VAL A 842 23.26 -23.57 -62.64
N ASP A 843 24.28 -22.76 -62.88
CA ASP A 843 25.65 -23.25 -62.76
C ASP A 843 25.96 -23.65 -61.32
N SER A 844 25.50 -22.85 -60.35
CA SER A 844 25.69 -23.21 -58.95
C SER A 844 25.00 -24.52 -58.62
N PHE A 845 23.78 -24.71 -59.11
CA PHE A 845 23.03 -25.94 -58.89
C PHE A 845 23.73 -27.14 -59.52
N VAL A 846 24.28 -26.95 -60.72
CA VAL A 846 25.01 -28.01 -61.41
C VAL A 846 26.26 -28.42 -60.64
N ASP A 847 27.00 -27.43 -60.11
CA ASP A 847 28.25 -27.73 -59.40
C ASP A 847 28.06 -28.62 -58.17
N ALA A 848 26.85 -28.64 -57.58
CA ALA A 848 26.59 -29.45 -56.39
C ALA A 848 26.45 -30.94 -56.68
N GLN A 849 26.27 -31.34 -57.94
CA GLN A 849 25.87 -32.71 -58.30
C GLN A 849 27.05 -33.66 -58.52
N LYS A 850 26.73 -34.96 -58.56
CA LYS A 850 27.69 -36.02 -58.89
C LYS A 850 28.07 -35.95 -60.38
N VAL A 851 29.21 -36.59 -60.75
CA VAL A 851 29.81 -36.35 -62.07
C VAL A 851 28.91 -36.81 -63.23
N SER A 852 28.33 -38.03 -63.15
CA SER A 852 27.48 -38.49 -64.26
C SER A 852 26.27 -37.56 -64.43
N VAL A 853 25.63 -37.21 -63.31
CA VAL A 853 24.51 -36.26 -63.33
C VAL A 853 24.97 -34.92 -63.88
N ARG A 854 26.19 -34.50 -63.53
CA ARG A 854 26.73 -33.23 -64.01
C ARG A 854 26.83 -33.21 -65.53
N ARG A 855 27.29 -34.31 -66.14
CA ARG A 855 27.39 -34.37 -67.59
C ARG A 855 26.02 -34.31 -68.25
N GLN A 856 25.04 -35.09 -67.76
CA GLN A 856 23.69 -35.02 -68.34
C GLN A 856 23.10 -33.62 -68.22
N LEU A 857 23.25 -33.00 -67.04
CA LEU A 857 22.73 -31.64 -66.82
C LEU A 857 23.35 -30.64 -67.78
N ARG A 858 24.68 -30.60 -67.88
CA ARG A 858 25.31 -29.61 -68.77
C ARG A 858 24.99 -29.87 -70.23
N ARG A 859 24.86 -31.14 -70.64
CA ARG A 859 24.48 -31.43 -72.02
C ARG A 859 23.08 -30.89 -72.33
N SER A 860 22.13 -31.09 -71.41
CA SER A 860 20.78 -30.55 -71.63
C SER A 860 20.71 -29.04 -71.38
N PHE A 861 21.33 -28.56 -70.30
CA PHE A 861 21.22 -27.16 -69.87
C PHE A 861 22.05 -26.18 -70.71
N ALA A 862 22.74 -26.62 -71.77
CA ALA A 862 23.57 -25.77 -72.63
C ALA A 862 22.83 -24.51 -73.10
N ILE A 863 21.53 -24.62 -73.31
CA ILE A 863 20.70 -23.48 -73.73
C ILE A 863 20.36 -22.53 -72.59
N TYR A 864 20.87 -22.78 -71.37
CA TYR A 864 20.78 -21.86 -70.25
C TYR A 864 22.14 -21.48 -69.70
N THR A 865 23.06 -22.45 -69.55
CA THR A 865 24.36 -22.16 -68.95
C THR A 865 25.25 -21.35 -69.88
N LEU A 866 25.10 -21.57 -71.20
CA LEU A 866 25.88 -20.86 -72.22
C LEU A 866 24.97 -20.05 -73.14
N GLY A 867 23.95 -20.68 -73.74
CA GLY A 867 22.96 -19.97 -74.52
C GLY A 867 21.77 -19.52 -73.68
N HIS A 868 20.87 -18.79 -74.33
CA HIS A 868 19.63 -18.34 -73.70
C HIS A 868 18.51 -18.27 -74.73
N ASP B 56 -8.85 -4.58 28.68
CA ASP B 56 -8.37 -5.73 29.52
C ASP B 56 -9.50 -6.66 30.01
N ALA B 57 -10.58 -6.09 30.53
CA ALA B 57 -11.69 -6.89 31.08
C ALA B 57 -12.28 -7.88 30.07
N VAL B 58 -12.27 -7.55 28.77
CA VAL B 58 -12.85 -8.42 27.73
C VAL B 58 -12.17 -9.79 27.69
N PHE B 59 -10.88 -9.88 28.05
CA PHE B 59 -10.18 -11.17 28.04
C PHE B 59 -10.86 -12.17 28.97
N GLY B 60 -11.28 -11.72 30.15
CA GLY B 60 -11.95 -12.61 31.08
C GLY B 60 -13.25 -13.18 30.55
N ASP B 61 -14.07 -12.32 29.92
CA ASP B 61 -15.35 -12.78 29.39
C ASP B 61 -15.16 -13.79 28.26
N ARG B 62 -14.14 -13.59 27.43
CA ARG B 62 -13.89 -14.56 26.37
C ARG B 62 -13.45 -15.92 26.93
N VAL B 63 -12.67 -15.90 28.02
CA VAL B 63 -12.32 -17.14 28.71
C VAL B 63 -13.58 -17.83 29.23
N ARG B 64 -14.48 -17.06 29.85
CA ARG B 64 -15.73 -17.64 30.36
C ARG B 64 -16.56 -18.27 29.24
N ARG B 65 -16.72 -17.54 28.13
CA ARG B 65 -17.55 -18.03 27.04
C ARG B 65 -16.98 -19.32 26.44
N PHE B 66 -15.66 -19.40 26.28
CA PHE B 66 -15.09 -20.66 25.79
C PHE B 66 -15.22 -21.79 26.83
N GLN B 67 -15.21 -21.45 28.13
CA GLN B 67 -15.46 -22.47 29.14
C GLN B 67 -16.87 -23.06 28.99
N GLU B 68 -17.86 -22.20 28.69
CA GLU B 68 -19.21 -22.71 28.45
C GLU B 68 -19.24 -23.64 27.26
N PHE B 69 -18.50 -23.30 26.20
CA PHE B 69 -18.44 -24.18 25.03
C PHE B 69 -17.88 -25.54 25.41
N LEU B 70 -16.76 -25.55 26.13
CA LEU B 70 -16.12 -26.81 26.52
C LEU B 70 -17.01 -27.64 27.44
N ASP B 71 -17.80 -27.01 28.30
CA ASP B 71 -18.75 -27.76 29.11
C ASP B 71 -19.92 -28.31 28.28
N THR B 72 -20.34 -27.57 27.26
CA THR B 72 -21.51 -27.98 26.45
C THR B 72 -21.20 -29.15 25.53
N PHE B 73 -20.13 -29.05 24.75
CA PHE B 73 -19.73 -30.12 23.81
C PHE B 73 -18.76 -31.04 24.54
N THR B 74 -19.28 -32.14 25.09
CA THR B 74 -18.51 -32.95 26.02
C THR B 74 -17.46 -33.86 25.37
N SER B 75 -17.47 -34.07 24.04
CA SER B 75 -16.48 -34.98 23.46
C SER B 75 -15.05 -34.46 23.58
N TYR B 76 -14.85 -33.17 23.86
CA TYR B 76 -13.52 -32.63 24.08
C TYR B 76 -13.01 -32.91 25.50
N ARG B 77 -13.90 -33.03 26.50
CA ARG B 77 -13.45 -33.42 27.84
C ARG B 77 -12.87 -34.82 27.84
N ASP B 78 -13.53 -35.75 27.15
CA ASP B 78 -13.03 -37.11 27.04
C ASP B 78 -11.63 -37.13 26.41
N SER B 79 -11.40 -36.26 25.43
CA SER B 79 -10.08 -36.19 24.79
C SER B 79 -9.00 -35.73 25.79
N VAL B 80 -9.29 -34.65 26.54
CA VAL B 80 -8.35 -34.17 27.58
C VAL B 80 -8.03 -35.30 28.55
N ARG B 81 -9.09 -35.94 29.05
CA ARG B 81 -8.93 -36.92 30.13
C ARG B 81 -8.20 -38.16 29.64
N SER B 82 -8.51 -38.61 28.43
CA SER B 82 -7.86 -39.81 27.90
C SER B 82 -6.38 -39.59 27.68
N ILE B 83 -5.99 -38.41 27.14
CA ILE B 83 -4.57 -38.13 26.99
C ILE B 83 -3.89 -38.10 28.37
N GLN B 84 -4.54 -37.48 29.37
CA GLN B 84 -3.93 -37.39 30.69
C GLN B 84 -3.75 -38.76 31.34
N VAL B 85 -4.76 -39.63 31.30
CA VAL B 85 -4.63 -40.92 31.96
C VAL B 85 -3.63 -41.80 31.23
N TYR B 86 -3.59 -41.73 29.89
CA TYR B 86 -2.58 -42.49 29.15
C TYR B 86 -1.18 -42.07 29.56
N ASN B 87 -0.92 -40.75 29.57
CA ASN B 87 0.42 -40.28 29.94
C ASN B 87 0.75 -40.64 31.38
N SER B 88 -0.24 -40.56 32.27
CA SER B 88 0.00 -40.88 33.68
C SER B 88 0.28 -42.37 33.89
N ASN B 89 -0.23 -43.24 33.01
CA ASN B 89 0.02 -44.67 33.18
C ASN B 89 1.46 -45.03 32.86
N ASN B 90 1.91 -44.76 31.63
CA ASN B 90 3.24 -45.16 31.20
C ASN B 90 4.35 -44.40 31.94
N ALA B 91 4.03 -43.28 32.60
CA ALA B 91 5.03 -42.57 33.38
C ALA B 91 5.54 -43.39 34.56
N ALA B 92 4.75 -44.36 35.03
CA ALA B 92 5.14 -45.21 36.16
C ALA B 92 5.97 -46.42 35.75
N ASN B 93 6.13 -46.69 34.45
CA ASN B 93 6.86 -47.86 33.98
C ASN B 93 8.34 -47.74 34.33
N ASN B 128 6.69 -41.96 22.89
CA ASN B 128 5.72 -42.67 23.73
C ASN B 128 4.62 -41.73 24.23
N ILE B 129 5.04 -40.69 24.97
CA ILE B 129 4.10 -39.77 25.58
C ILE B 129 3.38 -38.96 24.52
N LEU B 130 2.05 -38.75 24.73
CA LEU B 130 1.22 -38.05 23.76
C LEU B 130 1.29 -36.53 23.96
N PRO B 131 1.19 -35.74 22.88
CA PRO B 131 1.30 -34.28 23.03
C PRO B 131 0.06 -33.67 23.68
N HIS B 132 0.27 -32.54 24.35
CA HIS B 132 -0.81 -31.77 24.97
C HIS B 132 -1.51 -30.88 23.91
N ARG B 133 -2.19 -31.53 22.95
CA ARG B 133 -2.84 -30.84 21.84
C ARG B 133 -4.21 -31.45 21.53
N ILE B 134 -5.17 -30.59 21.17
CA ILE B 134 -6.55 -30.99 20.87
C ILE B 134 -7.02 -30.32 19.58
N ILE B 135 -7.78 -31.05 18.77
CA ILE B 135 -8.31 -30.58 17.49
C ILE B 135 -9.82 -30.37 17.68
N ILE B 136 -10.32 -29.15 17.40
CA ILE B 136 -11.74 -28.83 17.55
C ILE B 136 -12.39 -28.69 16.18
N SER B 137 -13.63 -29.14 16.07
CA SER B 137 -14.42 -28.94 14.87
C SER B 137 -14.92 -27.50 14.83
N LEU B 138 -14.55 -26.76 13.80
CA LEU B 138 -14.96 -25.36 13.70
C LEU B 138 -16.47 -25.20 13.49
N ASP B 139 -17.16 -26.28 13.09
CA ASP B 139 -18.61 -26.27 12.92
C ASP B 139 -19.36 -26.24 14.25
N ASP B 140 -18.87 -27.00 15.24
CA ASP B 140 -19.48 -26.99 16.57
C ASP B 140 -19.48 -25.59 17.14
N LEU B 141 -18.36 -24.90 16.98
CA LEU B 141 -18.23 -23.55 17.51
C LEU B 141 -19.18 -22.61 16.78
N ARG B 142 -19.38 -22.81 15.48
CA ARG B 142 -20.38 -21.99 14.78
C ARG B 142 -21.78 -22.20 15.36
N GLU B 143 -22.19 -23.46 15.52
CA GLU B 143 -23.53 -23.71 16.05
C GLU B 143 -23.68 -23.30 17.51
N PHE B 144 -22.58 -23.23 18.27
CA PHE B 144 -22.64 -22.81 19.67
C PHE B 144 -22.76 -21.30 19.80
N ASP B 145 -21.86 -20.55 19.15
CA ASP B 145 -21.88 -19.08 19.26
C ASP B 145 -21.24 -18.48 18.01
N ARG B 146 -22.07 -17.85 17.17
CA ARG B 146 -21.57 -17.23 15.94
C ARG B 146 -20.60 -16.09 16.24
N SER B 147 -20.84 -15.33 17.31
CA SER B 147 -19.98 -14.19 17.63
C SER B 147 -18.57 -14.64 18.01
N PHE B 148 -18.43 -15.83 18.60
CA PHE B 148 -17.12 -16.36 18.93
C PHE B 148 -16.48 -17.01 17.70
N TRP B 149 -17.30 -17.65 16.86
CA TRP B 149 -16.81 -18.30 15.65
C TRP B 149 -16.16 -17.28 14.70
N SER B 150 -16.90 -16.21 14.36
CA SER B 150 -16.33 -15.20 13.47
C SER B 150 -15.14 -14.50 14.12
N GLY B 151 -15.15 -14.38 15.45
CA GLY B 151 -14.01 -13.80 16.14
C GLY B 151 -12.74 -14.62 15.99
N ILE B 152 -12.86 -15.94 16.17
CA ILE B 152 -11.70 -16.83 15.95
C ILE B 152 -11.23 -16.70 14.51
N LEU B 153 -12.17 -16.64 13.58
CA LEU B 153 -11.84 -16.75 12.17
C LEU B 153 -11.41 -15.43 11.51
N VAL B 154 -11.65 -14.27 12.13
CA VAL B 154 -11.32 -12.96 11.54
C VAL B 154 -10.37 -12.15 12.43
N GLU B 155 -10.38 -12.41 13.76
CA GLU B 155 -9.50 -11.70 14.69
C GLU B 155 -8.75 -12.68 15.60
N PRO B 156 -8.01 -13.63 15.01
CA PRO B 156 -7.41 -14.73 15.82
C PRO B 156 -6.48 -14.26 16.92
N ALA B 157 -5.77 -13.14 16.73
CA ALA B 157 -4.87 -12.64 17.77
C ALA B 157 -5.60 -12.26 19.06
N TYR B 158 -6.90 -11.96 18.98
CA TYR B 158 -7.70 -11.57 20.15
C TYR B 158 -8.60 -12.68 20.69
N PHE B 159 -8.79 -13.79 19.94
CA PHE B 159 -9.67 -14.87 20.37
C PHE B 159 -8.96 -16.20 20.62
N ILE B 160 -7.92 -16.55 19.87
CA ILE B 160 -7.23 -17.82 20.10
C ILE B 160 -6.55 -17.85 21.48
N PRO B 161 -5.86 -16.81 21.95
CA PRO B 161 -5.18 -16.92 23.28
C PRO B 161 -6.14 -17.17 24.44
N PRO B 162 -7.25 -16.43 24.62
CA PRO B 162 -8.13 -16.77 25.75
C PRO B 162 -8.77 -18.14 25.66
N ALA B 163 -9.12 -18.59 24.45
CA ALA B 163 -9.70 -19.92 24.28
C ALA B 163 -8.70 -21.00 24.73
N GLU B 164 -7.45 -20.85 24.31
CA GLU B 164 -6.38 -21.79 24.68
C GLU B 164 -6.13 -21.78 26.19
N LYS B 165 -6.23 -20.59 26.81
CA LYS B 165 -6.09 -20.48 28.26
C LYS B 165 -7.18 -21.29 28.96
N ALA B 166 -8.43 -21.15 28.50
CA ALA B 166 -9.54 -21.89 29.10
C ALA B 166 -9.35 -23.40 28.99
N LEU B 167 -8.81 -23.87 27.84
CA LEU B 167 -8.53 -25.30 27.71
C LEU B 167 -7.54 -25.76 28.78
N THR B 168 -6.51 -24.95 29.03
CA THR B 168 -5.53 -25.33 30.05
C THR B 168 -6.16 -25.40 31.43
N ASP B 169 -7.06 -24.47 31.76
CA ASP B 169 -7.73 -24.53 33.07
C ASP B 169 -8.55 -25.80 33.22
N LEU B 170 -9.24 -26.20 32.15
CA LEU B 170 -10.01 -27.45 32.20
C LEU B 170 -9.09 -28.64 32.49
N ALA B 171 -8.00 -28.76 31.73
CA ALA B 171 -7.09 -29.89 31.94
C ALA B 171 -6.40 -29.83 33.31
N ASP B 172 -6.17 -28.64 33.84
CA ASP B 172 -5.49 -28.48 35.12
C ASP B 172 -6.41 -28.82 36.30
N SER B 173 -7.71 -28.47 36.20
CA SER B 173 -8.64 -28.78 37.28
C SER B 173 -8.94 -30.27 37.38
N MET B 174 -8.89 -31.00 36.27
CA MET B 174 -9.01 -32.44 36.33
C MET B 174 -7.84 -33.04 37.10
N ASP B 175 -8.08 -34.18 37.73
CA ASP B 175 -7.12 -34.76 38.67
C ASP B 175 -5.82 -35.15 37.98
N ASP B 176 -4.71 -35.05 38.72
CA ASP B 176 -3.37 -35.20 38.18
C ASP B 176 -2.46 -35.79 39.26
N VAL B 177 -1.33 -36.34 38.83
CA VAL B 177 -0.45 -37.10 39.73
C VAL B 177 0.17 -36.15 40.77
N PRO B 178 0.17 -36.48 42.09
CA PRO B 178 0.85 -35.60 43.05
C PRO B 178 2.38 -35.60 42.99
N HIS B 179 2.98 -34.84 43.92
CA HIS B 179 4.42 -34.56 44.11
C HIS B 179 5.19 -34.43 42.81
N PRO B 180 4.93 -33.39 42.02
CA PRO B 180 5.70 -33.18 40.79
C PRO B 180 7.15 -32.80 41.08
N ASN B 181 8.02 -33.12 40.12
CA ASN B 181 9.44 -32.84 40.24
C ASN B 181 9.72 -31.36 40.01
N ALA B 182 11.00 -30.98 40.15
CA ALA B 182 11.41 -29.58 40.01
C ALA B 182 11.10 -29.05 38.61
N SER B 183 11.37 -29.84 37.58
CA SER B 183 11.13 -29.40 36.22
C SER B 183 9.64 -29.33 35.91
N ALA B 184 8.85 -30.24 36.48
CA ALA B 184 7.41 -30.25 36.22
C ALA B 184 6.70 -29.08 36.88
N VAL B 185 7.22 -28.57 37.99
CA VAL B 185 6.53 -27.55 38.78
C VAL B 185 6.39 -26.25 38.00
N SER B 186 7.38 -25.90 37.18
CA SER B 186 7.40 -24.64 36.43
C SER B 186 7.79 -24.88 34.97
N SER B 187 7.06 -25.78 34.31
CA SER B 187 7.36 -26.16 32.93
C SER B 187 7.09 -25.06 31.91
N ARG B 188 6.13 -24.16 32.20
CA ARG B 188 5.62 -23.16 31.24
C ARG B 188 5.07 -23.83 29.97
N HIS B 189 4.22 -24.84 30.17
CA HIS B 189 3.71 -25.70 29.09
C HIS B 189 2.18 -25.83 29.12
N PRO B 190 1.45 -24.86 28.55
CA PRO B 190 -0.02 -25.00 28.42
C PRO B 190 -0.42 -25.92 27.27
N TRP B 191 -1.71 -26.29 27.25
CA TRP B 191 -2.27 -27.06 26.15
C TRP B 191 -2.46 -26.16 24.92
N LYS B 192 -2.63 -26.79 23.74
CA LYS B 192 -2.74 -26.05 22.48
C LYS B 192 -3.83 -26.59 21.56
N LEU B 193 -4.41 -25.68 20.74
CA LEU B 193 -5.54 -25.95 19.87
C LEU B 193 -5.14 -26.20 18.41
N SER B 194 -6.07 -26.82 17.67
CA SER B 194 -5.97 -27.11 16.24
C SER B 194 -7.39 -27.19 15.69
N PHE B 195 -7.55 -27.01 14.36
CA PHE B 195 -8.89 -26.83 13.77
C PHE B 195 -9.13 -27.72 12.54
N LYS B 196 -10.42 -28.02 12.29
CA LYS B 196 -10.84 -28.79 11.12
C LYS B 196 -12.25 -28.38 10.67
N GLY B 197 -12.49 -28.52 9.36
CA GLY B 197 -13.80 -28.25 8.75
C GLY B 197 -14.06 -26.84 8.24
N SER B 198 -14.67 -26.76 7.04
CA SER B 198 -15.46 -25.61 6.54
C SER B 198 -14.81 -24.23 6.72
N PHE B 199 -13.63 -24.02 6.10
CA PHE B 199 -13.01 -22.68 6.11
C PHE B 199 -13.66 -21.69 5.13
N GLY B 200 -14.45 -22.16 4.16
CA GLY B 200 -15.15 -21.23 3.27
C GLY B 200 -14.20 -20.42 2.39
N ALA B 201 -14.36 -19.10 2.40
CA ALA B 201 -13.57 -18.22 1.54
C ALA B 201 -12.07 -18.23 1.87
N HIS B 202 -11.70 -18.58 3.11
CA HIS B 202 -10.31 -18.55 3.55
C HIS B 202 -9.51 -19.82 3.18
N ALA B 203 -10.05 -20.72 2.35
CA ALA B 203 -9.28 -21.85 1.82
C ALA B 203 -8.59 -21.39 0.54
N LEU B 204 -7.25 -21.34 0.56
CA LEU B 204 -6.45 -20.65 -0.45
C LEU B 204 -5.30 -21.51 -0.99
N SER B 205 -4.46 -20.90 -1.83
CA SER B 205 -3.27 -21.49 -2.43
C SER B 205 -2.21 -20.40 -2.48
N PRO B 206 -0.91 -20.76 -2.55
CA PRO B 206 0.14 -19.72 -2.50
C PRO B 206 0.05 -18.65 -3.58
N ARG B 207 -0.52 -18.94 -4.74
CA ARG B 207 -0.63 -17.93 -5.79
C ARG B 207 -1.60 -16.82 -5.40
N THR B 208 -2.70 -17.18 -4.71
CA THR B 208 -3.80 -16.26 -4.46
C THR B 208 -3.78 -15.63 -3.07
N LEU B 209 -2.81 -15.95 -2.22
CA LEU B 209 -2.72 -15.30 -0.92
C LEU B 209 -2.30 -13.85 -1.10
N THR B 210 -3.08 -12.92 -0.54
CA THR B 210 -3.09 -11.52 -0.94
C THR B 210 -3.11 -10.65 0.32
N ALA B 211 -2.68 -9.39 0.17
CA ALA B 211 -2.52 -8.49 1.31
C ALA B 211 -3.83 -8.26 2.06
N GLN B 212 -4.98 -8.49 1.43
CA GLN B 212 -6.26 -8.39 2.13
C GLN B 212 -6.39 -9.41 3.25
N HIS B 213 -5.70 -10.54 3.16
CA HIS B 213 -5.86 -11.64 4.11
C HIS B 213 -4.94 -11.55 5.32
N LEU B 214 -4.15 -10.49 5.47
CA LEU B 214 -3.25 -10.40 6.60
C LEU B 214 -4.00 -10.35 7.93
N ASN B 215 -3.45 -11.05 8.92
CA ASN B 215 -3.98 -11.23 10.28
C ASN B 215 -5.24 -12.11 10.33
N LYS B 216 -5.68 -12.71 9.21
CA LYS B 216 -6.76 -13.69 9.21
C LYS B 216 -6.21 -15.11 9.38
N LEU B 217 -7.10 -16.03 9.75
CA LEU B 217 -6.81 -17.45 9.90
C LEU B 217 -7.10 -18.14 8.57
N VAL B 218 -6.08 -18.74 7.93
CA VAL B 218 -6.20 -19.25 6.56
C VAL B 218 -5.72 -20.70 6.46
N SER B 219 -6.13 -21.35 5.36
CA SER B 219 -5.72 -22.71 5.00
C SER B 219 -5.15 -22.68 3.59
N VAL B 220 -3.94 -23.25 3.42
CA VAL B 220 -3.22 -23.25 2.14
C VAL B 220 -2.84 -24.67 1.76
N GLU B 221 -2.58 -24.87 0.47
CA GLU B 221 -2.25 -26.18 -0.09
C GLU B 221 -1.11 -26.05 -1.08
N GLY B 222 -0.20 -27.03 -1.06
CA GLY B 222 0.93 -27.00 -1.98
C GLY B 222 1.92 -28.11 -1.69
N ILE B 223 3.15 -27.92 -2.17
CA ILE B 223 4.23 -28.90 -2.08
C ILE B 223 5.35 -28.31 -1.23
N VAL B 224 5.87 -29.11 -0.30
CA VAL B 224 7.05 -28.72 0.47
C VAL B 224 8.29 -28.78 -0.43
N THR B 225 9.09 -27.71 -0.40
CA THR B 225 10.30 -27.59 -1.22
C THR B 225 11.59 -27.47 -0.41
N LYS B 226 11.54 -26.90 0.80
CA LYS B 226 12.72 -26.76 1.65
C LYS B 226 12.33 -26.88 3.11
N THR B 227 13.27 -27.36 3.92
CA THR B 227 13.10 -27.48 5.37
C THR B 227 14.40 -27.11 6.06
N SER B 228 14.31 -26.29 7.11
CA SER B 228 15.48 -25.93 7.89
C SER B 228 15.85 -27.03 8.88
N LEU B 229 17.05 -26.92 9.44
CA LEU B 229 17.43 -27.75 10.57
C LEU B 229 16.61 -27.38 11.81
N VAL B 230 16.41 -28.36 12.68
CA VAL B 230 15.74 -28.12 13.96
C VAL B 230 16.71 -27.40 14.89
N ARG B 231 16.20 -26.40 15.62
CA ARG B 231 16.97 -25.61 16.58
C ARG B 231 16.20 -25.46 17.88
N PRO B 232 16.86 -25.45 19.05
CA PRO B 232 16.16 -25.11 20.29
C PRO B 232 16.05 -23.60 20.47
N LYS B 233 15.03 -23.18 21.21
CA LYS B 233 14.74 -21.77 21.46
C LYS B 233 14.42 -21.54 22.94
N LEU B 234 15.03 -20.53 23.53
CA LEU B 234 14.83 -20.19 24.94
C LEU B 234 13.53 -19.40 25.12
N ILE B 235 12.73 -19.76 26.14
CA ILE B 235 11.54 -19.00 26.49
C ILE B 235 11.47 -18.65 27.98
N ARG B 236 12.13 -19.44 28.83
CA ARG B 236 12.17 -19.17 30.27
C ARG B 236 13.47 -19.71 30.85
N SER B 237 14.00 -19.02 31.85
CA SER B 237 15.19 -19.44 32.57
C SER B 237 14.98 -19.29 34.08
N VAL B 238 15.62 -20.16 34.85
CA VAL B 238 15.48 -20.25 36.29
C VAL B 238 16.86 -20.03 36.92
N HIS B 239 16.90 -19.31 38.04
CA HIS B 239 18.15 -19.00 38.72
C HIS B 239 18.01 -19.21 40.22
N TYR B 240 19.10 -19.70 40.84
CA TYR B 240 19.20 -19.91 42.27
C TYR B 240 20.13 -18.87 42.87
N ALA B 241 19.62 -18.15 43.87
CA ALA B 241 20.40 -17.13 44.56
C ALA B 241 21.18 -17.78 45.70
N ALA B 242 22.50 -17.56 45.72
CA ALA B 242 23.38 -18.38 46.55
C ALA B 242 23.17 -18.11 48.04
N LYS B 243 23.01 -16.85 48.42
CA LYS B 243 22.97 -16.50 49.84
C LYS B 243 21.58 -16.70 50.43
N THR B 244 20.55 -16.18 49.76
CA THR B 244 19.20 -16.17 50.31
C THR B 244 18.48 -17.51 50.19
N GLY B 245 18.92 -18.38 49.28
CA GLY B 245 18.23 -19.64 49.06
C GLY B 245 16.93 -19.52 48.28
N ARG B 246 16.72 -18.43 47.56
CA ARG B 246 15.50 -18.18 46.80
C ARG B 246 15.73 -18.47 45.32
N PHE B 247 14.77 -19.17 44.71
CA PHE B 247 14.79 -19.44 43.28
C PHE B 247 14.06 -18.32 42.53
N HIS B 248 14.73 -17.72 41.56
CA HIS B 248 14.17 -16.67 40.70
C HIS B 248 14.03 -17.20 39.27
N TYR B 249 13.26 -16.46 38.46
CA TYR B 249 13.02 -16.84 37.07
C TYR B 249 12.64 -15.61 36.26
N ARG B 250 12.69 -15.76 34.92
CA ARG B 250 12.21 -14.71 34.01
C ARG B 250 11.87 -15.34 32.67
N ASP B 251 11.08 -14.60 31.88
CA ASP B 251 10.54 -15.05 30.61
C ASP B 251 11.05 -14.20 29.46
N TYR B 252 11.03 -14.79 28.24
CA TYR B 252 11.53 -14.16 27.03
C TYR B 252 10.49 -14.26 25.92
N THR B 253 10.54 -13.34 24.96
CA THR B 253 9.61 -13.31 23.83
C THR B 253 10.33 -12.86 22.56
N ASP B 254 9.78 -13.30 21.42
CA ASP B 254 10.26 -12.93 20.09
C ASP B 254 9.04 -12.94 19.17
N ALA B 255 9.17 -12.24 18.03
CA ALA B 255 7.99 -11.89 17.23
C ALA B 255 7.24 -13.11 16.70
N THR B 256 7.91 -14.24 16.52
CA THR B 256 7.27 -15.46 16.04
C THR B 256 6.73 -16.36 17.16
N THR B 257 6.93 -16.00 18.44
CA THR B 257 6.51 -16.86 19.55
C THR B 257 5.08 -16.58 20.04
N THR B 258 4.49 -15.44 19.70
CA THR B 258 3.20 -15.03 20.23
C THR B 258 2.33 -14.40 19.14
N LEU B 259 1.02 -14.63 19.24
CA LEU B 259 0.09 -14.00 18.30
C LEU B 259 -0.02 -12.49 18.54
N THR B 260 -0.09 -12.08 19.81
CA THR B 260 -0.06 -10.65 20.14
C THR B 260 1.39 -10.16 20.22
N THR B 261 1.56 -8.83 20.18
CA THR B 261 2.84 -8.17 19.97
C THR B 261 3.37 -7.54 21.27
N ARG B 262 4.66 -7.74 21.57
CA ARG B 262 5.26 -7.26 22.82
C ARG B 262 6.67 -6.72 22.57
N ILE B 263 7.20 -6.00 23.55
CA ILE B 263 8.53 -5.41 23.46
C ILE B 263 9.55 -6.54 23.38
N PRO B 264 10.49 -6.56 22.41
CA PRO B 264 11.42 -7.69 22.32
C PRO B 264 12.40 -7.73 23.48
N THR B 265 12.95 -8.95 23.73
CA THR B 265 13.80 -9.25 24.89
C THR B 265 15.24 -9.53 24.46
N PRO B 266 16.27 -9.14 25.23
CA PRO B 266 17.64 -9.16 24.70
C PRO B 266 18.36 -10.49 24.71
N ALA B 267 17.76 -11.58 25.18
CA ALA B 267 18.39 -12.91 25.24
C ALA B 267 19.60 -12.97 26.18
N ILE B 268 19.72 -12.01 27.11
CA ILE B 268 20.80 -12.00 28.10
C ILE B 268 20.37 -12.80 29.33
N TYR B 269 21.34 -13.46 29.98
CA TYR B 269 21.11 -14.14 31.26
C TYR B 269 21.49 -13.19 32.41
N PRO B 270 20.63 -12.97 33.42
CA PRO B 270 21.05 -12.10 34.53
C PRO B 270 22.08 -12.77 35.42
N THR B 271 23.14 -12.04 35.74
CA THR B 271 24.22 -12.56 36.58
C THR B 271 24.08 -12.19 38.05
N GLU B 272 23.33 -11.14 38.38
CA GLU B 272 23.32 -10.58 39.73
C GLU B 272 21.91 -10.16 40.14
N ASP B 273 21.61 -10.37 41.41
CA ASP B 273 20.30 -10.11 41.98
C ASP B 273 20.06 -8.60 42.14
N THR B 274 18.78 -8.24 42.27
CA THR B 274 18.40 -6.88 42.67
C THR B 274 19.11 -6.46 43.95
N GLU B 275 19.26 -7.39 44.90
CA GLU B 275 19.90 -7.13 46.17
C GLU B 275 21.40 -7.43 46.16
N GLY B 276 22.01 -7.56 44.98
CA GLY B 276 23.45 -7.71 44.86
C GLY B 276 23.98 -9.12 44.98
N ASN B 277 23.13 -10.10 45.29
CA ASN B 277 23.58 -11.47 45.37
C ASN B 277 23.95 -12.02 44.00
N LYS B 278 25.07 -12.73 43.92
CA LYS B 278 25.46 -13.40 42.69
C LYS B 278 24.51 -14.57 42.41
N LEU B 279 24.11 -14.71 41.15
CA LEU B 279 23.16 -15.73 40.72
C LEU B 279 23.86 -16.86 39.99
N THR B 280 23.15 -17.99 39.91
CA THR B 280 23.57 -19.17 39.17
C THR B 280 22.40 -19.60 38.29
N THR B 281 22.70 -20.17 37.12
CA THR B 281 21.66 -20.59 36.17
C THR B 281 21.40 -22.08 36.32
N GLU B 282 20.12 -22.44 36.41
CA GLU B 282 19.68 -23.83 36.60
C GLU B 282 19.14 -24.37 35.28
N TYR B 283 20.05 -24.91 34.47
CA TYR B 283 19.63 -25.72 33.33
C TYR B 283 18.92 -26.97 33.83
N GLY B 284 17.97 -27.47 33.04
CA GLY B 284 17.11 -28.56 33.44
C GLY B 284 15.82 -28.10 34.11
N TYR B 285 15.86 -26.95 34.80
CA TYR B 285 14.65 -26.30 35.30
C TYR B 285 14.16 -25.24 34.31
N SER B 286 15.08 -24.63 33.57
CA SER B 286 14.71 -23.74 32.46
C SER B 286 13.97 -24.54 31.38
N THR B 287 13.32 -23.79 30.46
CA THR B 287 12.49 -24.38 29.41
C THR B 287 12.96 -23.89 28.05
N PHE B 288 13.17 -24.84 27.14
CA PHE B 288 13.52 -24.58 25.75
C PHE B 288 12.52 -25.33 24.86
N ILE B 289 12.24 -24.81 23.66
CA ILE B 289 11.31 -25.44 22.72
C ILE B 289 11.96 -25.56 21.35
N ASP B 290 11.42 -26.47 20.53
CA ASP B 290 11.95 -26.72 19.19
C ASP B 290 11.33 -25.77 18.16
N HIS B 291 12.12 -25.46 17.13
CA HIS B 291 11.75 -24.52 16.07
C HIS B 291 12.21 -25.01 14.71
N GLN B 292 11.38 -24.83 13.67
CA GLN B 292 11.73 -25.24 12.32
C GLN B 292 10.94 -24.41 11.31
N ARG B 293 11.62 -23.92 10.27
CA ARG B 293 11.01 -23.17 9.18
C ARG B 293 10.96 -24.06 7.93
N ILE B 294 9.87 -23.95 7.16
CA ILE B 294 9.72 -24.67 5.90
C ILE B 294 9.19 -23.71 4.84
N THR B 295 9.16 -24.18 3.59
CA THR B 295 8.67 -23.43 2.44
C THR B 295 7.69 -24.30 1.66
N VAL B 296 6.59 -23.70 1.22
CA VAL B 296 5.53 -24.39 0.49
C VAL B 296 5.25 -23.62 -0.80
N GLN B 297 5.12 -24.35 -1.90
CA GLN B 297 4.98 -23.83 -3.25
C GLN B 297 3.70 -24.38 -3.88
N GLU B 298 3.12 -23.58 -4.79
CA GLU B 298 1.94 -24.03 -5.53
C GLU B 298 2.27 -25.27 -6.36
N MET B 299 1.27 -26.13 -6.53
CA MET B 299 1.50 -27.38 -7.24
C MET B 299 1.79 -27.11 -8.71
N PRO B 300 2.73 -27.83 -9.36
CA PRO B 300 3.01 -27.56 -10.78
C PRO B 300 1.83 -27.74 -11.71
N GLU B 301 0.85 -28.56 -11.33
CA GLU B 301 -0.33 -28.76 -12.17
C GLU B 301 -1.13 -27.48 -12.37
N MET B 302 -0.96 -26.48 -11.50
CA MET B 302 -1.73 -25.24 -11.53
C MET B 302 -0.94 -24.06 -12.09
N ALA B 303 0.31 -24.26 -12.52
CA ALA B 303 1.14 -23.13 -12.93
C ALA B 303 0.66 -22.57 -14.28
N PRO B 304 0.41 -21.26 -14.40
CA PRO B 304 -0.03 -20.73 -15.70
C PRO B 304 1.09 -20.36 -16.64
N ALA B 305 0.91 -20.71 -17.92
CA ALA B 305 1.64 -20.12 -19.06
C ALA B 305 3.15 -20.26 -18.94
N GLY B 306 3.63 -21.28 -18.24
CA GLY B 306 5.06 -21.41 -18.01
C GLY B 306 5.66 -20.33 -17.16
N GLN B 307 4.83 -19.63 -16.38
CA GLN B 307 5.25 -18.52 -15.54
C GLN B 307 5.97 -19.04 -14.30
N LEU B 308 6.71 -18.14 -13.63
CA LEU B 308 7.43 -18.51 -12.42
C LEU B 308 6.45 -18.93 -11.32
N PRO B 309 6.70 -20.01 -10.58
CA PRO B 309 5.80 -20.38 -9.47
C PRO B 309 6.10 -19.58 -8.21
N ARG B 310 5.09 -19.52 -7.33
CA ARG B 310 5.11 -18.69 -6.13
C ARG B 310 4.97 -19.55 -4.88
N SER B 311 5.48 -19.04 -3.75
CA SER B 311 5.67 -19.85 -2.54
C SER B 311 5.65 -18.98 -1.30
N ILE B 312 5.46 -19.64 -0.14
CA ILE B 312 5.35 -19.01 1.18
C ILE B 312 6.21 -19.79 2.17
N ASP B 313 6.71 -19.08 3.19
CA ASP B 313 7.42 -19.70 4.32
C ASP B 313 6.48 -19.91 5.50
N VAL B 314 6.62 -21.05 6.18
CA VAL B 314 5.79 -21.45 7.31
C VAL B 314 6.68 -21.71 8.52
N ILE B 315 6.19 -21.36 9.72
CA ILE B 315 6.91 -21.55 10.98
C ILE B 315 6.23 -22.66 11.79
N LEU B 316 7.03 -23.64 12.23
CA LEU B 316 6.56 -24.77 13.05
C LEU B 316 7.33 -24.82 14.38
N ASP B 317 6.70 -25.42 15.40
CA ASP B 317 7.34 -25.50 16.72
C ASP B 317 6.68 -26.60 17.57
N ASP B 318 7.33 -26.92 18.70
CA ASP B 318 6.93 -27.97 19.64
C ASP B 318 6.66 -29.30 18.92
N ASP B 319 5.39 -29.75 18.85
CA ASP B 319 5.05 -31.06 18.33
C ASP B 319 5.11 -31.13 16.80
N LEU B 320 4.92 -30.00 16.10
CA LEU B 320 4.80 -30.01 14.65
C LEU B 320 6.13 -30.22 13.91
N VAL B 321 7.26 -30.24 14.62
CA VAL B 321 8.58 -30.31 13.98
C VAL B 321 8.80 -31.68 13.32
N ASP B 322 9.44 -31.66 12.14
CA ASP B 322 9.90 -32.82 11.37
C ASP B 322 8.77 -33.77 10.91
N LYS B 323 7.51 -33.35 10.93
CA LYS B 323 6.45 -34.21 10.37
C LYS B 323 6.36 -34.15 8.83
N THR B 324 7.25 -33.41 8.15
CA THR B 324 7.26 -33.35 6.68
C THR B 324 8.70 -33.41 6.15
N LYS B 325 8.81 -33.70 4.85
CA LYS B 325 10.05 -33.75 4.12
C LYS B 325 9.82 -33.18 2.72
N PRO B 326 10.87 -32.78 1.99
CA PRO B 326 10.67 -32.21 0.66
C PRO B 326 9.96 -33.16 -0.30
N GLY B 327 9.13 -32.58 -1.16
CA GLY B 327 8.31 -33.33 -2.10
C GLY B 327 6.95 -33.73 -1.56
N ASP B 328 6.69 -33.55 -0.27
CA ASP B 328 5.38 -33.86 0.29
C ASP B 328 4.33 -32.87 -0.22
N ARG B 329 3.16 -33.41 -0.60
CA ARG B 329 1.97 -32.59 -0.79
C ARG B 329 1.25 -32.45 0.54
N VAL B 330 0.90 -31.23 0.92
CA VAL B 330 0.50 -30.92 2.29
C VAL B 330 -0.51 -29.78 2.29
N ASN B 331 -1.37 -29.77 3.32
CA ASN B 331 -2.34 -28.71 3.58
C ASN B 331 -2.07 -28.16 4.99
N VAL B 332 -1.83 -26.85 5.07
CA VAL B 332 -1.40 -26.18 6.30
C VAL B 332 -2.48 -25.19 6.73
N VAL B 333 -2.72 -25.13 8.05
CA VAL B 333 -3.66 -24.20 8.68
C VAL B 333 -2.85 -23.30 9.60
N GLY B 334 -3.12 -21.99 9.56
CA GLY B 334 -2.44 -21.07 10.46
C GLY B 334 -2.82 -19.63 10.21
N VAL B 335 -2.22 -18.75 11.03
CA VAL B 335 -2.45 -17.31 10.96
C VAL B 335 -1.45 -16.69 10.02
N PHE B 336 -1.93 -15.83 9.13
CA PHE B 336 -1.11 -15.13 8.13
C PHE B 336 -0.75 -13.75 8.70
N LYS B 337 0.56 -13.47 8.84
CA LYS B 337 1.04 -12.31 9.58
C LYS B 337 2.25 -11.67 8.90
N SER B 338 2.55 -10.42 9.29
CA SER B 338 3.67 -9.63 8.80
C SER B 338 4.71 -9.39 9.90
N LEU B 339 5.91 -8.94 9.50
CA LEU B 339 7.05 -8.78 10.43
C LEU B 339 7.92 -7.59 10.08
N GLY B 340 8.70 -7.14 11.08
CA GLY B 340 9.83 -6.24 10.87
C GLY B 340 9.46 -4.79 10.64
N ALA B 341 10.49 -3.99 10.33
CA ALA B 341 10.37 -2.55 10.17
C ALA B 341 10.11 -2.10 8.73
N GLY B 342 10.27 -2.99 7.75
CA GLY B 342 9.95 -2.70 6.36
C GLY B 342 10.70 -1.53 5.75
N GLY B 343 11.89 -1.24 6.27
CA GLY B 343 12.69 -0.14 5.77
C GLY B 343 12.30 1.23 6.28
N MET B 344 11.24 1.35 7.08
CA MET B 344 10.89 2.66 7.65
C MET B 344 11.83 3.04 8.78
N ASN B 345 12.41 2.05 9.48
CA ASN B 345 13.66 2.30 10.18
C ASN B 345 14.71 2.59 9.12
N GLN B 346 15.46 3.68 9.32
CA GLN B 346 16.10 4.42 8.23
C GLN B 346 16.98 3.55 7.35
N SER B 347 16.72 3.62 6.03
CA SER B 347 17.34 2.73 5.06
C SER B 347 17.53 3.47 3.74
N ASN B 348 18.41 2.92 2.91
CA ASN B 348 18.73 3.48 1.60
C ASN B 348 17.66 3.22 0.54
N SER B 349 16.64 2.42 0.85
CA SER B 349 15.74 1.90 -0.18
C SER B 349 14.72 2.93 -0.69
N ASN B 350 14.60 4.09 -0.03
CA ASN B 350 13.45 4.98 -0.22
C ASN B 350 12.12 4.24 -0.03
N THR B 351 12.12 3.25 0.88
CA THR B 351 10.97 2.47 1.33
C THR B 351 10.18 1.82 0.19
N LEU B 352 10.79 1.60 -0.98
CA LEU B 352 10.09 0.88 -2.04
C LEU B 352 9.90 -0.60 -1.68
N ILE B 353 10.82 -1.17 -0.90
CA ILE B 353 10.72 -2.57 -0.50
C ILE B 353 9.57 -2.77 0.48
N GLY B 354 8.92 -3.94 0.40
CA GLY B 354 7.78 -4.24 1.24
C GLY B 354 8.14 -4.91 2.56
N PHE B 355 7.10 -5.08 3.39
CA PHE B 355 7.23 -5.81 4.65
C PHE B 355 7.32 -7.33 4.40
N LYS B 356 7.92 -8.02 5.37
CA LYS B 356 8.02 -9.48 5.32
C LYS B 356 6.75 -10.11 5.89
N THR B 357 6.46 -11.35 5.47
CA THR B 357 5.24 -12.05 5.86
C THR B 357 5.48 -13.54 6.04
N LEU B 358 4.60 -14.20 6.80
CA LEU B 358 4.73 -15.60 7.17
C LEU B 358 3.36 -16.19 7.47
N ILE B 359 3.32 -17.52 7.59
CA ILE B 359 2.21 -18.27 8.17
C ILE B 359 2.74 -18.99 9.39
N LEU B 360 2.06 -18.82 10.53
CA LEU B 360 2.43 -19.51 11.77
C LEU B 360 1.64 -20.81 11.84
N GLY B 361 2.35 -21.93 11.69
CA GLY B 361 1.72 -23.24 11.62
C GLY B 361 0.94 -23.60 12.86
N ASN B 362 -0.38 -23.72 12.71
CA ASN B 362 -1.27 -24.16 13.77
C ASN B 362 -1.63 -25.63 13.67
N THR B 363 -1.82 -26.15 12.44
CA THR B 363 -2.13 -27.54 12.19
C THR B 363 -1.62 -27.91 10.80
N VAL B 364 -1.23 -29.18 10.62
CA VAL B 364 -0.73 -29.69 9.34
C VAL B 364 -1.40 -31.03 9.03
N TYR B 365 -1.87 -31.19 7.78
CA TYR B 365 -2.49 -32.43 7.29
C TYR B 365 -1.84 -32.88 5.99
N PRO B 366 -1.60 -34.17 5.77
CA PRO B 366 -1.05 -34.62 4.48
C PRO B 366 -2.13 -34.72 3.41
N LEU B 367 -1.69 -35.03 2.19
CA LEU B 367 -2.57 -35.28 1.05
C LEU B 367 -2.13 -36.56 0.36
N HIS B 368 -3.12 -37.33 -0.12
CA HIS B 368 -2.88 -38.69 -0.57
C HIS B 368 -2.29 -38.78 -1.97
N ALA B 369 -2.40 -37.73 -2.78
CA ALA B 369 -1.83 -37.70 -4.14
C ALA B 369 -2.35 -38.86 -5.00
N ALA B 376 1.74 -45.46 0.05
CA ALA B 376 0.29 -45.39 0.27
C ALA B 376 -0.14 -46.29 1.44
N ARG B 377 -1.27 -45.93 2.07
CA ARG B 377 -1.77 -46.64 3.25
C ARG B 377 -3.30 -46.54 3.31
N GLN B 378 -3.93 -47.55 3.92
CA GLN B 378 -5.34 -47.48 4.30
C GLN B 378 -5.48 -48.01 5.73
N MET B 379 -6.56 -47.60 6.42
CA MET B 379 -6.84 -48.04 7.78
C MET B 379 -8.14 -48.83 7.81
N LEU B 380 -8.08 -50.04 8.37
CA LEU B 380 -9.20 -50.98 8.36
C LEU B 380 -10.28 -50.59 9.36
N THR B 381 -11.55 -50.75 8.97
CA THR B 381 -12.66 -50.73 9.92
C THR B 381 -12.97 -52.15 10.38
N ASP B 382 -13.72 -52.25 11.49
CA ASP B 382 -14.11 -53.54 12.07
C ASP B 382 -14.73 -54.50 11.04
N PHE B 383 -15.61 -53.98 10.19
CA PHE B 383 -16.25 -54.78 9.14
C PHE B 383 -15.23 -55.40 8.20
N ASP B 384 -14.12 -54.69 7.95
CA ASP B 384 -13.07 -55.24 7.07
C ASP B 384 -12.43 -56.48 7.70
N ILE B 385 -12.14 -56.43 9.00
CA ILE B 385 -11.54 -57.58 9.68
C ILE B 385 -12.48 -58.77 9.58
N ARG B 386 -13.78 -58.54 9.80
CA ARG B 386 -14.76 -59.62 9.71
C ARG B 386 -14.77 -60.24 8.30
N ASN B 387 -14.89 -59.39 7.28
CA ASN B 387 -14.96 -59.90 5.90
C ASN B 387 -13.69 -60.64 5.51
N ILE B 388 -12.53 -60.10 5.87
CA ILE B 388 -11.25 -60.74 5.54
C ILE B 388 -11.18 -62.11 6.18
N ASN B 389 -11.55 -62.21 7.46
CA ASN B 389 -11.46 -63.50 8.14
C ASN B 389 -12.45 -64.51 7.57
N LYS B 390 -13.67 -64.06 7.25
CA LYS B 390 -14.67 -64.97 6.69
C LYS B 390 -14.27 -65.47 5.30
N LEU B 391 -13.77 -64.58 4.44
CA LEU B 391 -13.38 -64.98 3.08
C LEU B 391 -12.25 -66.01 3.09
N SER B 392 -11.35 -65.93 4.07
CA SER B 392 -10.19 -66.81 4.11
C SER B 392 -10.52 -68.29 4.26
N LYS B 393 -11.76 -68.65 4.64
CA LYS B 393 -12.15 -70.04 4.82
C LYS B 393 -12.79 -70.67 3.59
N LYS B 394 -12.82 -69.97 2.45
CA LYS B 394 -13.22 -70.61 1.19
C LYS B 394 -12.20 -71.67 0.78
N LYS B 395 -12.65 -72.65 -0.01
CA LYS B 395 -11.81 -73.78 -0.39
C LYS B 395 -10.63 -73.40 -1.27
N ASP B 396 -10.76 -72.33 -2.06
CA ASP B 396 -9.80 -72.02 -3.13
C ASP B 396 -9.54 -70.51 -3.21
N ILE B 397 -9.23 -69.89 -2.06
CA ILE B 397 -9.03 -68.43 -1.99
C ILE B 397 -7.93 -67.98 -2.94
N PHE B 398 -6.90 -68.80 -3.11
CA PHE B 398 -5.77 -68.47 -3.98
C PHE B 398 -6.23 -68.26 -5.43
N ASP B 399 -7.15 -69.11 -5.92
CA ASP B 399 -7.66 -68.95 -7.27
C ASP B 399 -8.48 -67.67 -7.42
N ILE B 400 -9.36 -67.40 -6.44
CA ILE B 400 -10.21 -66.22 -6.48
C ILE B 400 -9.35 -64.95 -6.51
N LEU B 401 -8.40 -64.86 -5.59
CA LEU B 401 -7.54 -63.68 -5.50
C LEU B 401 -6.66 -63.55 -6.74
N SER B 402 -6.03 -64.64 -7.19
CA SER B 402 -5.11 -64.54 -8.33
C SER B 402 -5.86 -64.14 -9.60
N GLN B 403 -7.03 -64.74 -9.86
CA GLN B 403 -7.78 -64.35 -11.05
C GLN B 403 -8.33 -62.93 -10.95
N SER B 404 -8.47 -62.37 -9.75
CA SER B 404 -8.89 -60.97 -9.64
C SER B 404 -7.76 -59.96 -9.87
N LEU B 405 -6.50 -60.41 -10.06
CA LEU B 405 -5.43 -59.53 -10.51
C LEU B 405 -5.50 -59.39 -12.02
N ALA B 406 -5.46 -58.14 -12.51
CA ALA B 406 -5.52 -57.77 -13.92
C ALA B 406 -6.52 -58.61 -14.74
N PRO B 407 -7.82 -58.57 -14.39
CA PRO B 407 -8.81 -59.34 -15.16
C PRO B 407 -8.90 -58.92 -16.63
N SER B 408 -8.50 -57.69 -16.97
CA SER B 408 -8.48 -57.24 -18.36
C SER B 408 -7.41 -57.92 -19.21
N ILE B 409 -6.55 -58.77 -18.65
CA ILE B 409 -5.53 -59.52 -19.39
C ILE B 409 -5.94 -60.99 -19.41
N TYR B 410 -6.10 -61.54 -20.60
CA TYR B 410 -6.49 -62.93 -20.78
C TYR B 410 -5.28 -63.85 -20.62
N GLY B 411 -5.47 -64.96 -19.91
CA GLY B 411 -4.45 -65.98 -19.80
C GLY B 411 -3.36 -65.68 -18.78
N HIS B 412 -2.29 -66.48 -18.86
CA HIS B 412 -1.11 -66.37 -17.98
C HIS B 412 -1.48 -66.54 -16.50
N ASP B 413 -2.20 -67.63 -16.19
CA ASP B 413 -2.63 -67.89 -14.81
C ASP B 413 -1.46 -67.97 -13.85
N HIS B 414 -0.41 -68.69 -14.25
CA HIS B 414 0.70 -68.97 -13.35
C HIS B 414 1.49 -67.70 -13.02
N ILE B 415 1.64 -66.78 -13.99
CA ILE B 415 2.35 -65.54 -13.71
C ILE B 415 1.55 -64.70 -12.72
N LYS B 416 0.22 -64.69 -12.85
CA LYS B 416 -0.61 -63.97 -11.89
C LYS B 416 -0.45 -64.55 -10.48
N LYS B 417 -0.45 -65.88 -10.38
CA LYS B 417 -0.25 -66.51 -9.07
C LYS B 417 1.12 -66.17 -8.49
N ALA B 418 2.17 -66.17 -9.33
CA ALA B 418 3.49 -65.80 -8.88
C ALA B 418 3.54 -64.35 -8.38
N ILE B 419 2.86 -63.43 -9.08
CA ILE B 419 2.84 -62.03 -8.65
C ILE B 419 2.13 -61.90 -7.30
N LEU B 420 1.04 -62.65 -7.09
CA LEU B 420 0.35 -62.59 -5.80
C LEU B 420 1.27 -63.06 -4.67
N LEU B 421 1.98 -64.17 -4.89
CA LEU B 421 2.91 -64.64 -3.87
C LEU B 421 4.06 -63.66 -3.64
N MET B 422 4.50 -62.95 -4.69
CA MET B 422 5.50 -61.91 -4.51
C MET B 422 4.97 -60.79 -3.62
N LEU B 423 3.73 -60.34 -3.87
CA LEU B 423 3.17 -59.26 -3.07
C LEU B 423 3.01 -59.65 -1.61
N MET B 424 2.82 -60.93 -1.32
CA MET B 424 2.75 -61.39 0.08
C MET B 424 4.14 -61.52 0.70
N GLY B 425 5.06 -62.14 -0.02
CA GLY B 425 6.44 -62.32 0.44
C GLY B 425 6.64 -63.36 1.51
N GLY B 426 7.91 -63.73 1.75
CA GLY B 426 8.30 -64.66 2.78
C GLY B 426 8.42 -64.01 4.14
N VAL B 427 9.32 -64.55 4.97
CA VAL B 427 9.61 -64.01 6.30
C VAL B 427 11.11 -63.79 6.42
N GLU B 428 11.50 -62.56 6.76
CA GLU B 428 12.89 -62.14 6.91
C GLU B 428 13.43 -62.59 8.27
N LYS B 429 14.60 -63.26 8.26
CA LYS B 429 15.23 -63.84 9.47
C LYS B 429 16.49 -63.07 9.83
N ASN B 430 16.65 -62.75 11.12
CA ASN B 430 17.91 -62.27 11.69
C ASN B 430 18.32 -63.19 12.83
N LEU B 431 19.44 -63.88 12.66
CA LEU B 431 19.91 -64.84 13.66
C LEU B 431 20.66 -64.11 14.78
N GLU B 432 20.85 -64.83 15.90
CA GLU B 432 21.36 -64.17 17.11
C GLU B 432 22.81 -63.69 16.95
N ASN B 433 23.58 -64.32 16.06
CA ASN B 433 24.97 -63.87 15.82
C ASN B 433 25.07 -62.72 14.81
N GLY B 434 23.94 -62.06 14.47
CA GLY B 434 23.92 -60.98 13.51
C GLY B 434 23.78 -61.39 12.05
N SER B 435 23.75 -62.69 11.76
CA SER B 435 23.62 -63.19 10.39
C SER B 435 22.20 -63.04 9.86
N HIS B 436 22.06 -62.75 8.55
CA HIS B 436 20.82 -62.35 7.89
C HIS B 436 20.43 -63.36 6.81
N LEU B 437 19.14 -63.72 6.73
CA LEU B 437 18.63 -64.61 5.68
C LEU B 437 17.46 -63.93 4.94
N ARG B 438 17.57 -63.89 3.62
CA ARG B 438 16.67 -63.13 2.74
C ARG B 438 15.24 -63.65 2.78
N GLY B 439 14.27 -62.74 2.57
CA GLY B 439 12.84 -63.03 2.57
C GLY B 439 12.04 -62.69 1.32
N ASP B 440 12.54 -61.77 0.48
CA ASP B 440 11.76 -61.18 -0.62
C ASP B 440 12.03 -61.88 -1.95
N ILE B 441 10.98 -62.02 -2.77
CA ILE B 441 10.97 -62.86 -3.97
C ILE B 441 11.16 -61.99 -5.21
N ASN B 442 12.05 -62.41 -6.12
CA ASN B 442 12.35 -61.72 -7.38
C ASN B 442 11.85 -62.55 -8.57
N ILE B 443 11.27 -61.90 -9.58
CA ILE B 443 10.65 -62.57 -10.72
C ILE B 443 11.13 -61.93 -12.02
N LEU B 444 11.42 -62.77 -13.02
CA LEU B 444 11.82 -62.33 -14.36
C LEU B 444 10.95 -63.04 -15.38
N MET B 445 10.58 -62.33 -16.45
CA MET B 445 9.80 -62.90 -17.55
C MET B 445 10.35 -62.40 -18.87
N VAL B 446 10.59 -63.33 -19.81
CA VAL B 446 11.18 -63.03 -21.11
C VAL B 446 10.29 -63.64 -22.18
N GLY B 447 10.08 -62.93 -23.28
CA GLY B 447 9.19 -63.46 -24.30
C GLY B 447 9.08 -62.63 -25.55
N ASP B 448 8.24 -63.14 -26.47
CA ASP B 448 8.04 -62.55 -27.80
C ASP B 448 7.47 -61.13 -27.74
N PRO B 449 7.46 -60.40 -28.86
CA PRO B 449 6.77 -59.10 -28.90
C PRO B 449 5.26 -59.24 -28.74
N SER B 450 4.67 -58.15 -28.26
CA SER B 450 3.23 -57.94 -28.00
C SER B 450 2.56 -58.87 -26.98
N THR B 451 3.28 -59.82 -26.35
CA THR B 451 2.59 -60.75 -25.44
C THR B 451 2.40 -60.19 -24.02
N ALA B 452 1.83 -58.98 -23.92
CA ALA B 452 1.37 -58.38 -22.66
C ALA B 452 2.44 -58.31 -21.55
N LYS B 453 3.75 -58.39 -21.86
CA LYS B 453 4.76 -58.32 -20.79
C LYS B 453 4.75 -56.97 -20.11
N SER B 454 4.83 -55.89 -20.90
CA SER B 454 4.85 -54.56 -20.32
C SER B 454 3.49 -54.21 -19.70
N GLN B 455 2.41 -54.63 -20.35
CA GLN B 455 1.06 -54.37 -19.84
C GLN B 455 0.84 -55.04 -18.49
N LEU B 456 1.31 -56.29 -18.34
CA LEU B 456 1.15 -56.98 -17.05
C LEU B 456 2.07 -56.38 -16.00
N LEU B 457 3.31 -56.03 -16.40
CA LEU B 457 4.25 -55.40 -15.48
C LEU B 457 3.70 -54.07 -14.95
N ARG B 458 2.94 -53.35 -15.78
CA ARG B 458 2.34 -52.08 -15.39
C ARG B 458 1.30 -52.21 -14.26
N PHE B 459 0.69 -53.38 -14.11
CA PHE B 459 -0.38 -53.55 -13.10
C PHE B 459 0.16 -53.48 -11.68
N VAL B 460 1.33 -54.07 -11.43
CA VAL B 460 1.93 -54.12 -10.10
C VAL B 460 2.15 -52.70 -9.57
N LEU B 461 2.54 -51.79 -10.46
CA LEU B 461 2.81 -50.40 -10.10
C LEU B 461 1.59 -49.68 -9.55
N ASN B 462 0.37 -50.19 -9.79
CA ASN B 462 -0.88 -49.57 -9.37
C ASN B 462 -1.66 -50.43 -8.36
N THR B 463 -1.03 -51.44 -7.74
CA THR B 463 -1.63 -52.16 -6.62
C THR B 463 -0.68 -52.39 -5.44
N ALA B 464 0.63 -52.21 -5.62
CA ALA B 464 1.57 -52.26 -4.50
C ALA B 464 1.55 -50.94 -3.72
N SER B 465 1.80 -51.06 -2.41
CA SER B 465 1.73 -49.88 -1.53
C SER B 465 2.90 -48.93 -1.74
N LEU B 466 4.09 -49.45 -2.11
CA LEU B 466 5.23 -48.62 -2.49
C LEU B 466 5.88 -49.25 -3.71
N ALA B 467 5.94 -48.50 -4.82
CA ALA B 467 6.51 -49.02 -6.06
C ALA B 467 7.18 -47.93 -6.88
N ILE B 468 8.35 -48.26 -7.43
CA ILE B 468 9.14 -47.39 -8.31
C ILE B 468 9.30 -48.11 -9.64
N ALA B 469 9.17 -47.37 -10.74
CA ALA B 469 9.23 -47.92 -12.10
C ALA B 469 10.33 -47.24 -12.89
N THR B 470 11.02 -48.01 -13.73
CA THR B 470 12.11 -47.50 -14.54
C THR B 470 12.26 -48.38 -15.79
N THR B 471 12.80 -47.79 -16.86
CA THR B 471 13.18 -48.55 -18.04
C THR B 471 14.67 -48.86 -17.97
N GLY B 472 15.06 -50.01 -18.54
CA GLY B 472 16.39 -50.54 -18.33
C GLY B 472 17.50 -49.69 -18.92
N ARG B 473 17.22 -48.98 -20.02
CA ARG B 473 18.22 -48.16 -20.70
C ARG B 473 18.20 -46.69 -20.24
N GLY B 474 17.13 -46.25 -19.59
CA GLY B 474 17.02 -44.93 -19.01
C GLY B 474 17.62 -44.79 -17.63
N SER B 475 18.41 -45.77 -17.19
CA SER B 475 18.98 -45.77 -15.85
C SER B 475 20.42 -46.29 -15.85
N SER B 476 21.28 -45.63 -15.07
CA SER B 476 22.69 -45.98 -14.90
C SER B 476 22.87 -46.76 -13.60
N GLY B 477 24.02 -47.45 -13.49
CA GLY B 477 24.29 -48.21 -12.27
C GLY B 477 24.27 -47.36 -11.01
N VAL B 478 24.91 -46.19 -11.05
CA VAL B 478 24.91 -45.31 -9.88
C VAL B 478 23.53 -44.71 -9.65
N GLY B 479 22.84 -44.30 -10.72
CA GLY B 479 21.51 -43.75 -10.55
C GLY B 479 20.52 -44.78 -10.03
N LEU B 480 20.71 -46.04 -10.41
CA LEU B 480 19.88 -47.12 -9.94
C LEU B 480 20.20 -47.56 -8.52
N THR B 481 21.42 -47.29 -8.01
CA THR B 481 21.78 -47.64 -6.63
C THR B 481 22.09 -46.43 -5.75
N ALA B 482 23.12 -45.62 -6.06
CA ALA B 482 23.51 -44.45 -5.25
C ALA B 482 24.62 -43.68 -5.96
N ALA B 483 24.72 -42.38 -5.65
CA ALA B 483 25.69 -41.47 -6.30
C ALA B 483 26.19 -40.42 -5.30
N VAL B 484 27.38 -39.81 -5.62
CA VAL B 484 28.05 -38.82 -4.77
C VAL B 484 27.67 -37.40 -5.21
N THR B 485 27.62 -36.45 -4.26
CA THR B 485 27.27 -35.06 -4.59
C THR B 485 27.81 -34.13 -3.51
N THR B 486 27.80 -32.82 -3.81
CA THR B 486 28.25 -31.78 -2.87
C THR B 486 27.69 -30.40 -3.24
N ARG B 493 31.24 -34.41 2.13
CA ARG B 493 30.53 -34.73 0.89
C ARG B 493 29.26 -35.51 1.22
N ARG B 494 28.23 -35.34 0.38
CA ARG B 494 26.93 -35.96 0.59
C ARG B 494 26.74 -37.12 -0.39
N LEU B 495 26.06 -38.18 0.08
CA LEU B 495 25.76 -39.35 -0.74
C LEU B 495 24.26 -39.40 -0.99
N GLU B 496 23.88 -39.55 -2.26
CA GLU B 496 22.49 -39.43 -2.71
C GLU B 496 21.98 -40.79 -3.20
N ALA B 497 20.75 -41.13 -2.78
CA ALA B 497 20.17 -42.45 -3.04
C ALA B 497 19.67 -42.61 -4.48
N GLY B 498 19.74 -43.85 -4.97
CA GLY B 498 19.15 -44.25 -6.24
C GLY B 498 17.81 -44.96 -6.05
N ALA B 499 17.24 -45.40 -7.18
CA ALA B 499 15.89 -45.97 -7.19
C ALA B 499 15.76 -47.20 -6.28
N MET B 500 16.74 -48.11 -6.29
CA MET B 500 16.60 -49.31 -5.44
C MET B 500 16.72 -48.98 -3.96
N VAL B 501 17.38 -47.87 -3.60
CA VAL B 501 17.45 -47.46 -2.21
C VAL B 501 16.16 -46.76 -1.79
N LEU B 502 15.49 -46.07 -2.73
CA LEU B 502 14.26 -45.35 -2.39
C LEU B 502 13.12 -46.31 -2.08
N ALA B 503 12.90 -47.30 -2.94
CA ALA B 503 11.93 -48.37 -2.64
C ALA B 503 12.63 -49.34 -1.71
N ASP B 504 12.57 -49.07 -0.39
CA ASP B 504 13.22 -49.98 0.56
C ASP B 504 12.38 -51.22 0.84
N ARG B 505 11.24 -51.06 1.52
CA ARG B 505 10.30 -52.16 1.75
C ARG B 505 9.13 -52.05 0.78
N GLY B 506 9.47 -52.26 -0.50
CA GLY B 506 8.54 -52.15 -1.62
C GLY B 506 8.98 -52.98 -2.81
N VAL B 507 8.49 -52.66 -4.01
CA VAL B 507 8.78 -53.40 -5.23
C VAL B 507 9.30 -52.44 -6.30
N VAL B 508 10.27 -52.88 -7.09
CA VAL B 508 10.84 -52.08 -8.19
C VAL B 508 10.59 -52.80 -9.51
N CYS B 509 10.05 -52.07 -10.49
CA CYS B 509 9.66 -52.60 -11.80
C CYS B 509 10.65 -52.11 -12.86
N ILE B 510 11.28 -53.03 -13.58
CA ILE B 510 12.28 -52.70 -14.62
C ILE B 510 11.80 -53.25 -15.96
N ASP B 511 11.48 -52.35 -16.89
CA ASP B 511 11.07 -52.70 -18.24
C ASP B 511 12.24 -52.50 -19.21
N GLU B 512 12.21 -53.25 -20.33
CA GLU B 512 13.33 -53.29 -21.31
C GLU B 512 14.66 -53.63 -20.63
N PHE B 513 14.64 -54.68 -19.79
CA PHE B 513 15.82 -55.11 -19.05
C PHE B 513 16.97 -55.53 -19.98
N ASP B 514 16.66 -56.04 -21.17
CA ASP B 514 17.70 -56.50 -22.10
C ASP B 514 18.56 -55.36 -22.65
N LYS B 515 18.09 -54.11 -22.58
CA LYS B 515 18.84 -52.98 -23.12
C LYS B 515 19.85 -52.41 -22.12
N MET B 516 19.82 -52.84 -20.87
CA MET B 516 20.75 -52.35 -19.86
C MET B 516 22.17 -52.84 -20.16
N THR B 517 23.15 -51.94 -20.07
CA THR B 517 24.52 -52.33 -20.39
C THR B 517 25.09 -53.23 -19.31
N ASP B 518 26.16 -53.95 -19.66
CA ASP B 518 26.82 -54.85 -18.71
C ASP B 518 27.37 -54.06 -17.52
N VAL B 519 27.89 -52.86 -17.76
CA VAL B 519 28.46 -52.04 -16.70
C VAL B 519 27.37 -51.62 -15.71
N ASP B 520 26.12 -51.48 -16.17
CA ASP B 520 25.03 -51.12 -15.26
C ASP B 520 24.49 -52.33 -14.51
N ARG B 521 24.39 -53.49 -15.17
CA ARG B 521 23.79 -54.67 -14.52
C ARG B 521 24.57 -55.10 -13.28
N VAL B 522 25.91 -55.07 -13.34
CA VAL B 522 26.68 -55.64 -12.23
C VAL B 522 26.56 -54.85 -10.93
N ALA B 523 26.05 -53.61 -10.97
CA ALA B 523 25.80 -52.87 -9.74
C ALA B 523 24.67 -53.51 -8.91
N ILE B 524 23.81 -54.32 -9.55
CA ILE B 524 22.63 -54.89 -8.92
C ILE B 524 22.91 -56.19 -8.14
N HIS B 525 24.07 -56.84 -8.35
CA HIS B 525 24.32 -58.16 -7.77
C HIS B 525 24.27 -58.16 -6.24
N GLU B 526 24.70 -57.08 -5.58
CA GLU B 526 24.61 -57.02 -4.11
C GLU B 526 23.16 -56.86 -3.67
N VAL B 527 22.44 -55.95 -4.32
CA VAL B 527 21.14 -55.49 -3.82
C VAL B 527 20.12 -56.62 -3.81
N MET B 528 20.23 -57.56 -4.75
CA MET B 528 19.27 -58.66 -4.81
C MET B 528 19.57 -59.81 -3.84
N GLU B 529 20.69 -59.79 -3.10
CA GLU B 529 20.94 -60.79 -2.07
C GLU B 529 21.29 -60.22 -0.71
N GLN B 530 22.29 -59.33 -0.63
CA GLN B 530 22.63 -58.73 0.66
C GLN B 530 21.66 -57.61 1.04
N GLN B 531 20.87 -57.11 0.08
CA GLN B 531 19.87 -56.08 0.33
C GLN B 531 20.49 -54.81 0.94
N THR B 532 21.70 -54.47 0.50
CA THR B 532 22.40 -53.26 0.92
C THR B 532 23.14 -52.66 -0.28
N VAL B 533 23.51 -51.39 -0.12
CA VAL B 533 24.32 -50.64 -1.07
C VAL B 533 25.51 -50.07 -0.29
N THR B 534 26.72 -50.24 -0.82
CA THR B 534 27.93 -49.71 -0.16
C THR B 534 28.82 -48.98 -1.15
N ILE B 535 29.31 -47.82 -0.74
CA ILE B 535 30.08 -46.90 -1.58
C ILE B 535 31.45 -46.68 -0.92
N ALA B 536 32.52 -46.65 -1.74
CA ALA B 536 33.88 -46.37 -1.27
C ALA B 536 34.56 -45.48 -2.32
N LYS B 537 34.36 -44.16 -2.19
CA LYS B 537 34.79 -43.18 -3.18
C LYS B 537 35.43 -42.02 -2.45
N ALA B 538 36.02 -41.08 -3.20
CA ALA B 538 36.86 -40.03 -2.62
C ALA B 538 36.13 -39.25 -1.52
N GLY B 539 36.54 -39.47 -0.28
CA GLY B 539 35.96 -38.83 0.90
C GLY B 539 34.72 -39.47 1.50
N ILE B 540 34.27 -40.64 1.02
CA ILE B 540 33.05 -41.28 1.51
C ILE B 540 33.28 -42.77 1.73
N HIS B 541 32.74 -43.29 2.84
CA HIS B 541 32.47 -44.72 3.00
C HIS B 541 31.23 -44.92 3.86
N THR B 542 30.18 -45.54 3.31
CA THR B 542 28.90 -45.74 4.01
C THR B 542 28.16 -46.95 3.43
N THR B 543 27.31 -47.57 4.27
CA THR B 543 26.37 -48.62 3.85
C THR B 543 24.93 -48.12 3.97
N LEU B 544 24.09 -48.51 2.99
CA LEU B 544 22.67 -48.13 2.93
C LEU B 544 21.81 -49.38 2.76
N ASN B 545 20.55 -49.28 3.18
CA ASN B 545 19.61 -50.41 3.14
C ASN B 545 18.75 -50.35 1.87
N ALA B 546 18.54 -51.54 1.26
CA ALA B 546 17.67 -51.66 0.06
C ALA B 546 17.08 -53.07 0.06
N ARG B 547 15.89 -53.21 0.62
CA ARG B 547 15.28 -54.52 0.92
C ARG B 547 14.20 -54.97 -0.08
N CYS B 548 14.09 -54.31 -1.24
CA CYS B 548 12.94 -54.50 -2.12
C CYS B 548 12.98 -55.81 -2.92
N SER B 549 11.83 -56.10 -3.54
CA SER B 549 11.65 -57.19 -4.49
C SER B 549 11.69 -56.63 -5.91
N VAL B 550 12.35 -57.36 -6.82
CA VAL B 550 12.57 -56.92 -8.20
C VAL B 550 11.68 -57.73 -9.13
N ILE B 551 10.97 -57.06 -10.03
CA ILE B 551 10.23 -57.71 -11.11
C ILE B 551 10.58 -57.01 -12.42
N ALA B 552 10.90 -57.80 -13.46
CA ALA B 552 11.43 -57.22 -14.70
C ALA B 552 11.03 -58.04 -15.92
N ALA B 553 11.10 -57.38 -17.09
CA ALA B 553 10.72 -57.95 -18.38
C ALA B 553 11.80 -57.73 -19.43
N ALA B 554 11.96 -58.70 -20.34
CA ALA B 554 13.02 -58.65 -21.35
C ALA B 554 12.58 -59.32 -22.65
N ASN B 555 13.34 -59.04 -23.73
CA ASN B 555 13.19 -59.63 -25.06
C ASN B 555 14.28 -60.68 -25.32
N PRO B 556 13.99 -61.84 -25.93
CA PRO B 556 15.08 -62.81 -26.21
C PRO B 556 16.04 -62.30 -27.27
N VAL B 557 17.20 -62.97 -27.35
CA VAL B 557 18.33 -62.47 -28.14
C VAL B 557 17.96 -62.33 -29.62
N PHE B 558 17.32 -63.36 -30.18
CA PHE B 558 17.01 -63.38 -31.61
C PHE B 558 15.71 -62.65 -31.96
N GLY B 559 15.16 -61.83 -31.07
CA GLY B 559 13.92 -61.10 -31.34
C GLY B 559 12.64 -61.90 -31.15
N GLN B 560 12.69 -63.23 -31.29
CA GLN B 560 11.64 -64.14 -30.89
C GLN B 560 12.33 -65.37 -30.30
N TYR B 561 11.64 -66.08 -29.41
CA TYR B 561 12.27 -67.23 -28.77
C TYR B 561 12.46 -68.37 -29.77
N ASP B 562 13.67 -68.93 -29.84
CA ASP B 562 14.03 -70.00 -30.78
C ASP B 562 14.18 -71.30 -29.99
N VAL B 563 13.18 -72.18 -30.14
CA VAL B 563 13.20 -73.47 -29.45
C VAL B 563 14.30 -74.39 -29.98
N ASN B 564 14.79 -74.15 -31.20
CA ASN B 564 15.83 -74.98 -31.79
C ASN B 564 17.24 -74.56 -31.39
N ARG B 565 17.39 -73.69 -30.39
CA ARG B 565 18.68 -73.33 -29.82
C ARG B 565 18.58 -73.35 -28.30
N ASP B 566 19.74 -73.39 -27.65
CA ASP B 566 19.78 -73.57 -26.21
C ASP B 566 19.16 -72.38 -25.49
N PRO B 567 18.65 -72.56 -24.26
CA PRO B 567 18.14 -71.40 -23.52
C PRO B 567 19.22 -70.36 -23.23
N HIS B 568 20.46 -70.79 -23.01
CA HIS B 568 21.55 -69.84 -22.80
C HIS B 568 21.82 -69.01 -24.05
N GLN B 569 21.63 -69.60 -25.23
CA GLN B 569 21.81 -68.86 -26.47
C GLN B 569 20.67 -67.85 -26.66
N ASN B 570 19.46 -68.21 -26.22
CA ASN B 570 18.31 -67.31 -26.33
C ASN B 570 18.31 -66.23 -25.26
N ILE B 571 18.94 -66.48 -24.11
CA ILE B 571 18.90 -65.58 -22.95
C ILE B 571 20.35 -65.23 -22.61
N ALA B 572 20.80 -64.07 -23.11
CA ALA B 572 22.18 -63.62 -22.93
C ALA B 572 22.33 -62.87 -21.60
N LEU B 573 22.36 -63.64 -20.52
CA LEU B 573 22.67 -63.12 -19.18
C LEU B 573 23.55 -64.14 -18.45
N PRO B 574 24.45 -63.69 -17.56
CA PRO B 574 25.34 -64.64 -16.88
C PRO B 574 24.59 -65.50 -15.86
N ASP B 575 25.14 -66.70 -15.60
CA ASP B 575 24.49 -67.64 -14.68
C ASP B 575 24.37 -67.07 -13.27
N SER B 576 25.35 -66.27 -12.82
CA SER B 576 25.30 -65.69 -11.49
C SER B 576 24.15 -64.70 -11.31
N LEU B 577 23.65 -64.12 -12.41
CA LEU B 577 22.52 -63.20 -12.32
C LEU B 577 21.18 -63.92 -12.39
N LEU B 578 21.04 -64.89 -13.30
CA LEU B 578 19.79 -65.64 -13.39
C LEU B 578 19.49 -66.40 -12.11
N SER B 579 20.54 -66.83 -11.41
CA SER B 579 20.39 -67.52 -10.13
C SER B 579 19.66 -66.67 -9.10
N ARG B 580 19.76 -65.34 -9.18
CA ARG B 580 19.16 -64.45 -8.18
C ARG B 580 17.66 -64.22 -8.39
N PHE B 581 17.09 -64.58 -9.55
CA PHE B 581 15.65 -64.51 -9.77
C PHE B 581 15.00 -65.82 -9.31
N ASP B 582 13.97 -65.71 -8.45
CA ASP B 582 13.32 -66.91 -7.93
C ASP B 582 12.57 -67.68 -9.01
N LEU B 583 11.80 -66.97 -9.84
CA LEU B 583 11.01 -67.57 -10.91
C LEU B 583 11.34 -66.90 -12.23
N LEU B 584 11.67 -67.72 -13.23
CA LEU B 584 11.99 -67.27 -14.58
C LEU B 584 10.96 -67.85 -15.53
N PHE B 585 10.18 -66.99 -16.19
CA PHE B 585 9.08 -67.39 -17.05
C PHE B 585 9.41 -67.09 -18.51
N VAL B 586 9.18 -68.07 -19.39
CA VAL B 586 9.31 -67.90 -20.83
C VAL B 586 7.90 -67.92 -21.41
N VAL B 587 7.59 -66.95 -22.28
CA VAL B 587 6.24 -66.78 -22.85
C VAL B 587 6.35 -66.43 -24.33
N THR B 588 5.44 -66.97 -25.15
CA THR B 588 5.52 -66.86 -26.61
C THR B 588 4.13 -66.69 -27.24
N ASP B 589 4.12 -66.17 -28.47
CA ASP B 589 2.88 -65.96 -29.26
C ASP B 589 2.72 -67.08 -30.29
N ASP B 590 2.25 -68.24 -29.82
CA ASP B 590 2.04 -69.39 -30.70
C ASP B 590 0.70 -69.25 -31.44
N ILE B 591 0.75 -69.27 -32.78
CA ILE B 591 -0.46 -69.03 -33.60
C ILE B 591 -1.35 -70.28 -33.56
N ASN B 592 -2.61 -70.10 -33.18
CA ASN B 592 -3.61 -71.16 -33.17
C ASN B 592 -5.00 -70.53 -33.33
N GLU B 593 -5.89 -71.22 -34.06
CA GLU B 593 -7.21 -70.68 -34.39
C GLU B 593 -8.01 -70.32 -33.13
N ILE B 594 -8.29 -71.30 -32.26
CA ILE B 594 -9.21 -71.05 -31.15
C ILE B 594 -8.58 -70.08 -30.15
N ARG B 595 -7.26 -70.15 -29.96
CA ARG B 595 -6.58 -69.19 -29.10
C ARG B 595 -6.73 -67.77 -29.63
N ASP B 596 -6.49 -67.57 -30.93
CA ASP B 596 -6.64 -66.25 -31.54
C ASP B 596 -8.07 -65.75 -31.39
N ARG B 597 -9.04 -66.63 -31.64
CA ARG B 597 -10.45 -66.22 -31.54
C ARG B 597 -10.79 -65.78 -30.13
N SER B 598 -10.36 -66.56 -29.13
CA SER B 598 -10.68 -66.26 -27.74
C SER B 598 -10.07 -64.92 -27.33
N ILE B 599 -8.79 -64.69 -27.66
CA ILE B 599 -8.14 -63.45 -27.25
C ILE B 599 -8.80 -62.25 -27.93
N SER B 600 -9.06 -62.37 -29.25
CA SER B 600 -9.60 -61.23 -29.98
C SER B 600 -11.01 -60.87 -29.48
N GLU B 601 -11.85 -61.88 -29.24
CA GLU B 601 -13.16 -61.62 -28.66
C GLU B 601 -13.03 -60.96 -27.29
N HIS B 602 -12.03 -61.38 -26.51
CA HIS B 602 -11.84 -60.80 -25.18
C HIS B 602 -11.47 -59.32 -25.26
N VAL B 603 -10.51 -58.95 -26.11
CA VAL B 603 -10.11 -57.54 -26.17
C VAL B 603 -11.25 -56.70 -26.73
N LEU B 604 -12.05 -57.27 -27.64
CA LEU B 604 -13.19 -56.52 -28.16
C LEU B 604 -14.26 -56.30 -27.09
N ARG B 605 -14.53 -57.30 -26.24
CA ARG B 605 -15.43 -57.08 -25.12
C ARG B 605 -14.87 -56.03 -24.16
N THR B 606 -13.55 -56.01 -23.99
CA THR B 606 -12.92 -55.01 -23.12
C THR B 606 -13.08 -53.60 -23.67
N HIS B 607 -12.91 -53.40 -24.99
CA HIS B 607 -13.02 -52.07 -25.56
C HIS B 607 -14.44 -51.52 -25.61
N ARG B 608 -15.46 -52.33 -25.29
CA ARG B 608 -16.85 -51.87 -25.26
C ARG B 608 -17.34 -51.47 -23.86
N TYR B 609 -16.43 -51.32 -22.90
CA TYR B 609 -16.79 -50.83 -21.56
C TYR B 609 -17.22 -49.35 -21.61
N LEU B 610 -18.15 -48.98 -20.73
CA LEU B 610 -18.54 -47.58 -20.50
C LEU B 610 -18.54 -47.32 -18.99
N PRO B 611 -17.94 -46.22 -18.51
CA PRO B 611 -17.95 -45.98 -17.04
C PRO B 611 -19.34 -45.61 -16.55
N PRO B 612 -19.61 -45.74 -15.23
CA PRO B 612 -21.01 -45.69 -14.75
C PRO B 612 -21.79 -44.42 -15.04
N GLY B 613 -21.17 -43.25 -14.94
CA GLY B 613 -21.92 -41.99 -14.92
C GLY B 613 -22.07 -41.31 -16.26
N TYR B 614 -22.00 -42.06 -17.36
CA TYR B 614 -21.86 -41.49 -18.69
C TYR B 614 -22.83 -42.12 -19.67
N LEU B 615 -23.42 -41.29 -20.53
CA LEU B 615 -24.23 -41.75 -21.65
C LEU B 615 -23.33 -42.16 -22.81
N GLU B 616 -23.87 -43.02 -23.68
CA GLU B 616 -23.07 -43.63 -24.74
C GLU B 616 -22.60 -42.56 -25.73
N GLY B 617 -21.27 -42.46 -25.92
CA GLY B 617 -20.66 -41.48 -26.79
C GLY B 617 -20.14 -40.24 -26.10
N GLU B 618 -20.40 -40.06 -24.80
CA GLU B 618 -19.83 -38.95 -24.06
C GLU B 618 -18.33 -39.18 -23.81
N PRO B 619 -17.48 -38.15 -23.86
CA PRO B 619 -16.08 -38.33 -23.45
C PRO B 619 -15.98 -38.50 -21.93
N VAL B 620 -14.98 -39.25 -21.49
CA VAL B 620 -14.85 -39.59 -20.06
C VAL B 620 -14.46 -38.37 -19.23
N PRO B 686 -18.01 -67.87 -11.40
CA PRO B 686 -17.01 -67.30 -10.48
C PRO B 686 -17.29 -65.84 -10.09
N LYS B 687 -16.58 -65.38 -9.04
CA LYS B 687 -16.68 -64.01 -8.54
C LYS B 687 -15.28 -63.43 -8.38
N LEU B 688 -15.17 -62.11 -8.57
CA LEU B 688 -13.91 -61.38 -8.45
C LEU B 688 -14.02 -60.31 -7.37
N VAL B 689 -13.13 -60.35 -6.36
CA VAL B 689 -13.10 -59.27 -5.37
C VAL B 689 -12.60 -57.99 -6.04
N THR B 690 -13.00 -56.85 -5.50
CA THR B 690 -12.53 -55.57 -6.02
C THR B 690 -11.09 -55.30 -5.56
N ILE B 691 -10.33 -54.54 -6.36
CA ILE B 691 -8.95 -54.23 -5.98
C ILE B 691 -8.87 -53.42 -4.70
N PRO B 692 -9.73 -52.44 -4.42
CA PRO B 692 -9.65 -51.75 -3.11
C PRO B 692 -9.85 -52.68 -1.92
N PHE B 693 -10.53 -53.81 -2.09
CA PHE B 693 -10.60 -54.81 -1.03
C PHE B 693 -9.36 -55.70 -1.03
N LEU B 694 -8.85 -56.05 -2.21
CA LEU B 694 -7.65 -56.88 -2.28
C LEU B 694 -6.45 -56.20 -1.64
N ARG B 695 -6.33 -54.87 -1.80
CA ARG B 695 -5.25 -54.14 -1.15
C ARG B 695 -5.36 -54.24 0.37
N LYS B 696 -6.57 -54.14 0.92
CA LYS B 696 -6.76 -54.33 2.36
C LYS B 696 -6.40 -55.75 2.78
N TYR B 697 -6.80 -56.74 1.97
CA TYR B 697 -6.48 -58.14 2.29
C TYR B 697 -4.98 -58.36 2.35
N VAL B 698 -4.25 -57.83 1.35
CA VAL B 698 -2.79 -57.97 1.32
C VAL B 698 -2.14 -57.26 2.51
N GLN B 699 -2.57 -56.02 2.79
CA GLN B 699 -2.01 -55.26 3.92
C GLN B 699 -2.22 -56.01 5.24
N TYR B 700 -3.45 -56.45 5.49
CA TYR B 700 -3.75 -57.18 6.71
C TYR B 700 -2.91 -58.45 6.82
N ALA B 701 -2.86 -59.24 5.75
CA ALA B 701 -2.13 -60.50 5.79
C ALA B 701 -0.64 -60.28 6.01
N LYS B 702 -0.08 -59.21 5.46
CA LYS B 702 1.35 -58.98 5.62
C LYS B 702 1.70 -58.45 7.02
N GLU B 703 0.78 -57.72 7.66
CA GLU B 703 1.06 -57.20 9.01
C GLU B 703 0.74 -58.20 10.13
N ARG B 704 -0.40 -58.90 10.05
CA ARG B 704 -0.93 -59.64 11.20
C ARG B 704 -0.60 -61.14 11.27
N VAL B 705 -0.04 -61.77 10.22
CA VAL B 705 0.26 -63.21 10.28
C VAL B 705 1.67 -63.48 9.78
N ILE B 706 2.39 -64.33 10.51
CA ILE B 706 3.80 -64.66 10.30
C ILE B 706 3.92 -66.19 10.38
N PRO B 707 3.65 -66.94 9.30
CA PRO B 707 3.58 -68.42 9.42
C PRO B 707 4.92 -69.05 9.79
N GLN B 708 4.91 -69.92 10.80
CA GLN B 708 6.09 -70.70 11.16
C GLN B 708 6.10 -72.04 10.41
N LEU B 709 7.31 -72.53 10.12
CA LEU B 709 7.50 -73.76 9.35
C LEU B 709 7.23 -75.00 10.23
N THR B 710 6.94 -76.15 9.58
CA THR B 710 6.58 -77.38 10.28
C THR B 710 7.31 -78.58 9.66
N GLN B 711 7.36 -79.69 10.42
CA GLN B 711 8.06 -80.89 9.97
C GLN B 711 7.43 -81.47 8.70
N GLU B 712 6.10 -81.48 8.62
CA GLU B 712 5.42 -82.04 7.45
C GLU B 712 5.77 -81.27 6.17
N ALA B 713 5.91 -79.95 6.27
CA ALA B 713 6.32 -79.15 5.11
C ALA B 713 7.77 -79.45 4.72
N ILE B 714 8.64 -79.60 5.73
CA ILE B 714 10.06 -79.87 5.48
C ILE B 714 10.25 -81.21 4.77
N ASN B 715 9.45 -82.22 5.15
CA ASN B 715 9.54 -83.53 4.50
C ASN B 715 9.31 -83.45 2.98
N VAL B 716 8.47 -82.52 2.53
CA VAL B 716 8.22 -82.34 1.11
C VAL B 716 9.33 -81.53 0.46
N ILE B 717 9.78 -80.48 1.14
CA ILE B 717 10.77 -79.56 0.56
C ILE B 717 12.09 -80.28 0.29
N VAL B 718 12.59 -81.07 1.26
CA VAL B 718 13.88 -81.73 1.09
C VAL B 718 13.85 -82.71 -0.08
N LYS B 719 12.80 -83.52 -0.16
CA LYS B 719 12.69 -84.52 -1.24
C LYS B 719 12.66 -83.84 -2.60
N ASN B 720 11.83 -82.79 -2.74
CA ASN B 720 11.73 -82.11 -4.03
C ASN B 720 13.06 -81.48 -4.45
N TYR B 721 13.75 -80.84 -3.50
CA TYR B 721 15.01 -80.18 -3.85
C TYR B 721 16.06 -81.18 -4.33
N THR B 722 16.26 -82.29 -3.59
CA THR B 722 17.32 -83.21 -3.99
C THR B 722 16.99 -83.90 -5.33
N ASP B 723 15.71 -84.25 -5.56
CA ASP B 723 15.38 -84.84 -6.87
C ASP B 723 15.58 -83.84 -8.00
N LEU B 724 15.07 -82.61 -7.82
CA LEU B 724 15.14 -81.61 -8.88
C LEU B 724 16.57 -81.26 -9.25
N ARG B 725 17.46 -81.23 -8.25
CA ARG B 725 18.85 -80.91 -8.52
C ARG B 725 19.58 -82.06 -9.23
N ASN B 726 19.35 -83.30 -8.78
CA ASN B 726 20.16 -84.43 -9.27
C ASN B 726 19.62 -85.09 -10.55
N ASP B 727 18.31 -85.05 -10.84
CA ASP B 727 17.81 -85.69 -12.06
C ASP B 727 18.17 -84.88 -13.32
N ASP B 728 18.74 -85.57 -14.32
CA ASP B 728 19.17 -84.94 -15.58
C ASP B 728 17.96 -84.60 -16.46
N ASN B 729 17.85 -83.32 -16.85
CA ASN B 729 16.74 -82.80 -17.64
C ASN B 729 17.20 -81.54 -18.39
N THR B 730 16.44 -81.13 -19.42
CA THR B 730 16.74 -79.89 -20.16
C THR B 730 16.21 -78.63 -19.46
N LYS B 731 16.51 -78.49 -18.17
CA LYS B 731 15.96 -77.40 -17.36
C LYS B 731 16.59 -76.05 -17.70
N LYS B 732 15.77 -74.99 -17.64
CA LYS B 732 16.07 -73.69 -18.25
C LYS B 732 16.79 -72.69 -17.34
N SER B 733 17.23 -73.10 -16.15
CA SER B 733 17.89 -72.20 -15.18
C SER B 733 18.87 -73.01 -14.34
N PRO B 734 19.99 -72.42 -13.88
CA PRO B 734 20.91 -73.19 -13.01
C PRO B 734 20.29 -73.45 -11.64
N ILE B 735 20.53 -74.63 -11.09
CA ILE B 735 19.97 -75.05 -9.80
C ILE B 735 21.10 -75.12 -8.77
N THR B 736 20.90 -74.40 -7.66
CA THR B 736 21.94 -74.06 -6.70
C THR B 736 21.31 -74.08 -5.31
N ALA B 737 22.11 -73.77 -4.28
CA ALA B 737 21.60 -73.62 -2.92
C ALA B 737 20.47 -72.58 -2.80
N ARG B 738 20.40 -71.62 -3.73
CA ARG B 738 19.33 -70.61 -3.67
C ARG B 738 17.95 -71.17 -4.08
N THR B 739 17.92 -72.28 -4.83
CA THR B 739 16.64 -72.90 -5.21
C THR B 739 15.89 -73.41 -3.98
N LEU B 740 16.63 -73.98 -3.01
CA LEU B 740 16.02 -74.45 -1.77
C LEU B 740 15.30 -73.30 -1.05
N GLU B 741 15.97 -72.15 -0.97
CA GLU B 741 15.35 -71.00 -0.34
C GLU B 741 14.13 -70.52 -1.11
N THR B 742 14.14 -70.64 -2.45
CA THR B 742 12.93 -70.27 -3.19
C THR B 742 11.75 -71.15 -2.79
N LEU B 743 12.00 -72.45 -2.59
CA LEU B 743 10.91 -73.33 -2.13
C LEU B 743 10.39 -72.89 -0.76
N ILE B 744 11.30 -72.59 0.17
CA ILE B 744 10.87 -72.17 1.51
C ILE B 744 10.06 -70.86 1.44
N ARG B 745 10.55 -69.89 0.66
CA ARG B 745 9.86 -68.60 0.53
C ARG B 745 8.46 -68.78 -0.06
N LEU B 746 8.35 -69.54 -1.15
CA LEU B 746 7.05 -69.73 -1.80
C LEU B 746 6.07 -70.44 -0.89
N ALA B 747 6.52 -71.48 -0.18
CA ALA B 747 5.63 -72.17 0.76
C ALA B 747 5.15 -71.23 1.86
N THR B 748 6.06 -70.41 2.41
CA THR B 748 5.67 -69.45 3.45
C THR B 748 4.66 -68.43 2.92
N ALA B 749 4.88 -67.92 1.72
CA ALA B 749 3.96 -66.93 1.15
C ALA B 749 2.57 -67.53 0.90
N HIS B 750 2.52 -68.78 0.42
CA HIS B 750 1.21 -69.42 0.21
C HIS B 750 0.48 -69.63 1.53
N ALA B 751 1.20 -70.07 2.57
CA ALA B 751 0.59 -70.18 3.89
C ALA B 751 0.06 -68.84 4.39
N LYS B 752 0.75 -67.75 4.04
CA LYS B 752 0.31 -66.42 4.44
C LYS B 752 -0.98 -65.99 3.72
N VAL B 753 -1.14 -66.36 2.43
CA VAL B 753 -2.40 -66.09 1.72
C VAL B 753 -3.58 -66.72 2.46
N ARG B 754 -3.37 -67.92 2.98
CA ARG B 754 -4.36 -68.73 3.68
C ARG B 754 -4.63 -68.26 5.11
N LEU B 755 -3.95 -67.20 5.56
CA LEU B 755 -3.98 -66.67 6.95
C LEU B 755 -3.68 -67.75 8.00
N SER B 756 -2.89 -68.75 7.63
CA SER B 756 -2.51 -69.81 8.56
C SER B 756 -1.36 -69.36 9.47
N LYS B 757 -1.43 -69.74 10.75
CA LYS B 757 -0.31 -69.50 11.66
C LYS B 757 0.88 -70.42 11.40
N THR B 758 0.71 -71.50 10.64
CA THR B 758 1.79 -72.44 10.33
C THR B 758 1.73 -72.89 8.87
N VAL B 759 2.91 -73.19 8.32
CA VAL B 759 3.02 -73.79 6.98
C VAL B 759 2.68 -75.27 7.09
N ASN B 760 1.82 -75.77 6.18
CA ASN B 760 1.41 -77.17 6.15
C ASN B 760 1.89 -77.86 4.87
N LYS B 761 1.61 -79.17 4.78
CA LYS B 761 2.02 -79.98 3.63
C LYS B 761 1.44 -79.44 2.32
N VAL B 762 0.23 -78.88 2.37
CA VAL B 762 -0.45 -78.35 1.19
C VAL B 762 0.35 -77.19 0.58
N ASP B 763 0.85 -76.29 1.43
CA ASP B 763 1.58 -75.12 0.93
C ASP B 763 2.86 -75.54 0.23
N ALA B 764 3.61 -76.47 0.84
CA ALA B 764 4.83 -76.97 0.23
C ALA B 764 4.55 -77.64 -1.11
N LYS B 765 3.47 -78.42 -1.18
CA LYS B 765 3.08 -79.09 -2.42
C LYS B 765 2.78 -78.08 -3.53
N VAL B 766 1.98 -77.04 -3.21
CA VAL B 766 1.64 -76.03 -4.22
C VAL B 766 2.88 -75.28 -4.69
N ALA B 767 3.76 -74.90 -3.75
CA ALA B 767 4.97 -74.18 -4.11
C ALA B 767 5.85 -75.01 -5.04
N ALA B 768 5.99 -76.31 -4.75
CA ALA B 768 6.74 -77.19 -5.64
C ALA B 768 6.10 -77.26 -7.03
N ASN B 769 4.77 -77.35 -7.09
CA ASN B 769 4.10 -77.43 -8.40
C ASN B 769 4.18 -76.13 -9.19
N LEU B 770 4.45 -75.00 -8.55
CA LEU B 770 4.65 -73.75 -9.29
C LEU B 770 6.09 -73.66 -9.82
N LEU B 771 7.06 -73.98 -8.94
CA LEU B 771 8.46 -73.97 -9.35
C LEU B 771 8.72 -74.96 -10.49
N ARG B 772 8.12 -76.16 -10.42
CA ARG B 772 8.32 -77.16 -11.47
C ARG B 772 7.83 -76.64 -12.82
N PHE B 773 6.68 -75.96 -12.83
CA PHE B 773 6.15 -75.41 -14.08
C PHE B 773 7.08 -74.36 -14.66
N ALA B 774 7.50 -73.39 -13.83
CA ALA B 774 8.35 -72.32 -14.36
C ALA B 774 9.72 -72.84 -14.80
N LEU B 775 10.30 -73.79 -14.04
CA LEU B 775 11.65 -74.28 -14.27
C LEU B 775 11.70 -75.29 -15.41
N LEU B 776 10.87 -76.34 -15.35
CA LEU B 776 10.90 -77.45 -16.31
C LEU B 776 9.80 -77.35 -17.36
N GLY B 777 9.05 -76.24 -17.40
CA GLY B 777 8.20 -75.88 -18.52
C GLY B 777 6.91 -76.66 -18.70
N GLU B 778 6.61 -77.66 -17.87
CA GLU B 778 5.45 -78.52 -18.10
C GLU B 778 4.81 -78.99 -16.80
N ASP B 779 3.47 -78.94 -16.77
CA ASP B 779 2.66 -79.63 -15.77
C ASP B 779 1.49 -80.32 -16.49
N SER C 174 71.21 -8.80 55.13
CA SER C 174 72.51 -8.14 54.81
C SER C 174 72.36 -7.15 53.66
N GLU C 175 71.98 -7.65 52.49
CA GLU C 175 71.86 -6.86 51.28
C GLU C 175 70.67 -7.35 50.44
N PRO C 176 70.09 -6.50 49.59
CA PRO C 176 69.02 -6.98 48.72
C PRO C 176 69.53 -7.99 47.69
N LEU C 177 68.65 -8.94 47.33
CA LEU C 177 68.98 -10.05 46.45
C LEU C 177 68.06 -10.08 45.24
N ARG C 178 68.57 -10.67 44.16
CA ARG C 178 67.84 -10.84 42.90
C ARG C 178 67.35 -12.28 42.80
N ILE C 179 66.04 -12.44 42.57
CA ILE C 179 65.37 -13.74 42.61
C ILE C 179 64.54 -13.90 41.35
N ILE C 180 64.67 -15.07 40.70
CA ILE C 180 63.79 -15.39 39.57
C ILE C 180 62.36 -15.45 40.09
N TRP C 181 61.45 -14.78 39.37
CA TRP C 181 60.08 -14.55 39.86
C TRP C 181 59.35 -15.86 40.12
N GLY C 182 58.96 -16.06 41.38
CA GLY C 182 58.17 -17.21 41.78
C GLY C 182 58.93 -18.48 42.10
N THR C 183 60.24 -18.39 42.43
CA THR C 183 61.11 -19.57 42.53
C THR C 183 61.96 -19.65 43.79
N ASN C 184 62.40 -18.50 44.33
CA ASN C 184 63.44 -18.42 45.36
C ASN C 184 64.80 -18.95 44.85
N VAL C 185 65.02 -18.95 43.54
CA VAL C 185 66.34 -19.20 42.96
C VAL C 185 67.10 -17.88 42.92
N SER C 186 68.37 -17.90 43.35
CA SER C 186 69.22 -16.71 43.39
C SER C 186 70.15 -16.70 42.19
N ILE C 187 70.20 -15.55 41.51
CA ILE C 187 70.96 -15.42 40.27
C ILE C 187 72.47 -15.48 40.54
N GLN C 188 72.91 -15.08 41.74
CA GLN C 188 74.33 -15.11 42.06
C GLN C 188 74.91 -16.52 41.95
N GLU C 189 74.18 -17.51 42.49
CA GLU C 189 74.66 -18.88 42.48
C GLU C 189 74.74 -19.41 41.05
N CYS C 190 73.72 -19.16 40.24
CA CYS C 190 73.74 -19.61 38.85
C CYS C 190 74.90 -18.99 38.09
N THR C 191 75.12 -17.68 38.30
CA THR C 191 76.23 -17.00 37.64
C THR C 191 77.58 -17.60 38.03
N THR C 192 77.83 -17.73 39.34
CA THR C 192 79.12 -18.22 39.80
C THR C 192 79.36 -19.66 39.36
N ASN C 193 78.34 -20.51 39.49
CA ASN C 193 78.47 -21.90 39.09
C ASN C 193 78.78 -22.02 37.61
N PHE C 194 78.06 -21.27 36.76
CA PHE C 194 78.34 -21.38 35.33
C PHE C 194 79.69 -20.78 34.97
N ARG C 195 80.13 -19.73 35.69
CA ARG C 195 81.48 -19.20 35.46
C ARG C 195 82.54 -20.25 35.76
N ASN C 196 82.40 -20.93 36.90
CA ASN C 196 83.37 -21.95 37.28
C ASN C 196 83.39 -23.08 36.27
N PHE C 197 82.21 -23.55 35.85
CA PHE C 197 82.12 -24.58 34.83
C PHE C 197 82.80 -24.14 33.54
N LEU C 198 82.48 -22.93 33.09
CA LEU C 198 82.99 -22.43 31.82
C LEU C 198 84.51 -22.28 31.83
N MET C 199 85.09 -21.85 32.96
CA MET C 199 86.53 -21.61 33.04
C MET C 199 87.33 -22.78 33.63
N SER C 200 86.70 -23.92 33.98
CA SER C 200 87.48 -25.06 34.49
C SER C 200 87.05 -26.45 34.00
N PHE C 201 86.00 -26.58 33.18
CA PHE C 201 85.64 -27.90 32.66
C PHE C 201 86.69 -28.41 31.69
N LYS C 202 86.98 -29.72 31.76
CA LYS C 202 87.87 -30.41 30.84
C LYS C 202 87.23 -31.74 30.44
N TYR C 203 87.43 -32.13 29.17
CA TYR C 203 86.61 -33.17 28.54
C TYR C 203 86.67 -34.52 29.25
N LYS C 204 87.71 -34.79 30.02
CA LYS C 204 87.86 -36.06 30.74
C LYS C 204 86.65 -36.38 31.64
N PHE C 205 86.04 -35.37 32.26
CA PHE C 205 84.89 -35.59 33.15
C PHE C 205 83.73 -36.28 32.41
N ARG C 206 83.45 -35.83 31.18
CA ARG C 206 82.39 -36.43 30.38
C ARG C 206 82.68 -37.90 30.12
N LYS C 207 83.96 -38.24 29.92
CA LYS C 207 84.33 -39.64 29.75
C LYS C 207 84.18 -40.43 31.05
N ILE C 208 84.28 -39.78 32.21
CA ILE C 208 83.95 -40.49 33.46
C ILE C 208 82.48 -40.87 33.46
N LEU C 209 81.60 -39.95 33.02
CA LEU C 209 80.18 -40.30 32.93
C LEU C 209 79.92 -41.34 31.84
N ASP C 210 80.73 -41.33 30.77
CA ASP C 210 80.68 -42.34 29.71
C ASP C 210 81.10 -43.72 30.25
N GLU C 211 80.94 -44.75 29.40
CA GLU C 211 81.00 -46.14 29.85
C GLU C 211 82.37 -46.58 30.40
N ARG C 212 83.49 -46.02 29.90
CA ARG C 212 84.81 -46.47 30.35
C ARG C 212 85.81 -45.33 30.50
N GLU C 213 86.60 -45.40 31.58
CA GLU C 213 87.82 -44.59 31.69
C GLU C 213 88.87 -45.01 30.66
N GLU C 214 88.82 -46.27 30.22
CA GLU C 214 89.75 -46.82 29.23
C GLU C 214 89.79 -45.99 27.95
N PHE C 215 88.68 -45.33 27.60
CA PHE C 215 88.62 -44.50 26.41
C PHE C 215 89.56 -43.29 26.46
N ILE C 216 89.91 -42.81 27.66
CA ILE C 216 90.53 -41.49 27.85
C ILE C 216 91.85 -41.38 27.10
N ASN C 217 92.00 -40.30 26.33
CA ASN C 217 93.30 -39.84 25.81
C ASN C 217 93.83 -38.80 26.77
N ASN C 218 94.79 -39.21 27.61
CA ASN C 218 95.31 -38.38 28.70
C ASN C 218 95.86 -37.03 28.20
N THR C 219 96.49 -37.01 27.01
CA THR C 219 97.08 -35.78 26.51
C THR C 219 96.01 -34.74 26.14
N THR C 220 95.00 -35.14 25.35
CA THR C 220 93.99 -34.20 24.85
C THR C 220 92.90 -33.90 25.89
N ASP C 221 92.37 -34.94 26.53
CA ASP C 221 91.14 -34.81 27.32
C ASP C 221 91.33 -34.00 28.61
N GLU C 222 92.58 -33.74 29.02
CA GLU C 222 92.85 -32.85 30.16
C GLU C 222 92.71 -31.36 29.82
N GLU C 223 92.54 -31.00 28.55
CA GLU C 223 92.53 -29.59 28.13
C GLU C 223 91.25 -28.86 28.56
N LEU C 224 91.39 -27.56 28.83
CA LEU C 224 90.22 -26.70 29.09
C LEU C 224 89.46 -26.43 27.80
N TYR C 225 88.45 -27.27 27.57
CA TYR C 225 87.69 -27.29 26.32
C TYR C 225 87.07 -25.93 26.00
N TYR C 226 86.35 -25.32 26.96
CA TYR C 226 85.64 -24.08 26.66
C TYR C 226 86.58 -22.87 26.57
N ILE C 227 87.73 -22.87 27.27
CA ILE C 227 88.69 -21.79 27.06
C ILE C 227 89.24 -21.85 25.64
N LYS C 228 89.51 -23.05 25.15
CA LYS C 228 89.96 -23.26 23.78
C LYS C 228 88.92 -22.73 22.79
N GLN C 229 87.64 -23.07 23.03
CA GLN C 229 86.55 -22.57 22.20
C GLN C 229 86.48 -21.04 22.22
N LEU C 230 86.64 -20.42 23.39
CA LEU C 230 86.56 -18.97 23.48
C LEU C 230 87.71 -18.28 22.75
N ASN C 231 88.92 -18.85 22.84
CA ASN C 231 90.05 -18.31 22.08
C ASN C 231 89.75 -18.36 20.58
N GLU C 232 89.18 -19.48 20.13
CA GLU C 232 88.81 -19.59 18.72
C GLU C 232 87.73 -18.57 18.34
N MET C 233 86.74 -18.35 19.21
CA MET C 233 85.70 -17.36 18.90
C MET C 233 86.28 -15.97 18.73
N ARG C 234 87.20 -15.59 19.61
CA ARG C 234 87.86 -14.29 19.52
C ARG C 234 88.61 -14.16 18.20
N GLU C 235 89.43 -15.17 17.88
CA GLU C 235 90.35 -15.03 16.74
C GLU C 235 89.68 -15.31 15.39
N LEU C 236 88.58 -16.06 15.35
CA LEU C 236 87.79 -16.24 14.14
C LEU C 236 86.72 -15.15 13.97
N GLY C 237 86.49 -14.32 14.99
CA GLY C 237 85.55 -13.23 14.92
C GLY C 237 84.10 -13.68 14.87
N THR C 238 83.69 -14.54 15.80
CA THR C 238 82.37 -15.17 15.75
C THR C 238 81.73 -15.17 17.15
N SER C 239 80.40 -15.32 17.15
CA SER C 239 79.55 -14.81 18.21
C SER C 239 78.72 -15.85 18.97
N ASN C 240 78.61 -17.10 18.49
CA ASN C 240 77.73 -18.11 19.06
C ASN C 240 78.49 -19.36 19.51
N LEU C 241 78.11 -19.90 20.68
CA LEU C 241 78.76 -21.05 21.31
C LEU C 241 77.75 -22.20 21.48
N ASN C 242 78.06 -23.37 20.90
CA ASN C 242 77.26 -24.57 21.14
C ASN C 242 77.52 -25.12 22.53
N LEU C 243 76.54 -25.84 23.09
CA LEU C 243 76.70 -26.41 24.43
C LEU C 243 75.76 -27.61 24.57
N ASP C 244 76.30 -28.83 24.60
CA ASP C 244 75.45 -29.99 24.88
C ASP C 244 75.28 -30.13 26.39
N ALA C 245 74.01 -30.22 26.82
CA ALA C 245 73.66 -30.03 28.22
C ALA C 245 74.20 -31.13 29.14
N ARG C 246 74.65 -32.27 28.60
CA ARG C 246 75.16 -33.34 29.44
C ARG C 246 76.41 -32.94 30.20
N ASN C 247 77.19 -31.98 29.68
CA ASN C 247 78.38 -31.55 30.40
C ASN C 247 78.03 -30.88 31.73
N LEU C 248 76.83 -30.31 31.85
CA LEU C 248 76.40 -29.73 33.11
C LEU C 248 76.21 -30.80 34.19
N LEU C 249 75.91 -32.04 33.79
CA LEU C 249 75.78 -33.14 34.75
C LEU C 249 77.13 -33.72 35.16
N ALA C 250 78.16 -33.59 34.31
CA ALA C 250 79.46 -34.18 34.61
C ALA C 250 80.18 -33.41 35.71
N TYR C 251 80.18 -32.07 35.62
CA TYR C 251 80.80 -31.21 36.62
C TYR C 251 79.89 -31.09 37.85
N LYS C 252 80.44 -31.35 39.04
CA LYS C 252 79.62 -31.46 40.27
C LYS C 252 78.89 -30.17 40.62
N GLN C 253 79.50 -29.01 40.35
CA GLN C 253 78.90 -27.75 40.80
C GLN C 253 77.66 -27.34 40.01
N THR C 254 77.41 -27.96 38.86
CA THR C 254 76.30 -27.58 37.97
C THR C 254 75.24 -28.68 37.83
N GLU C 255 75.24 -29.69 38.70
CA GLU C 255 74.28 -30.78 38.59
C GLU C 255 72.84 -30.27 38.74
N ASP C 256 72.63 -29.28 39.60
CA ASP C 256 71.30 -28.69 39.77
C ASP C 256 70.98 -27.63 38.72
N LEU C 257 72.01 -26.97 38.18
CA LEU C 257 71.78 -25.97 37.13
C LEU C 257 71.14 -26.62 35.89
N TYR C 258 71.44 -27.89 35.65
CA TYR C 258 70.85 -28.61 34.53
C TYR C 258 69.33 -28.64 34.62
N HIS C 259 68.79 -28.96 35.80
CA HIS C 259 67.34 -28.97 35.99
C HIS C 259 66.77 -27.56 35.88
N GLN C 260 67.44 -26.58 36.49
CA GLN C 260 66.95 -25.20 36.46
C GLN C 260 66.91 -24.67 35.03
N LEU C 261 67.82 -25.13 34.17
CA LEU C 261 67.77 -24.73 32.76
C LEU C 261 66.47 -25.18 32.11
N LEU C 262 66.09 -26.45 32.30
CA LEU C 262 64.87 -26.94 31.67
C LEU C 262 63.63 -26.26 32.24
N ASN C 263 63.64 -25.96 33.54
CA ASN C 263 62.44 -25.39 34.16
C ASN C 263 62.31 -23.86 33.97
N TYR C 264 63.41 -23.14 33.77
CA TYR C 264 63.39 -21.66 33.65
C TYR C 264 64.32 -21.21 32.52
N PRO C 265 63.97 -21.49 31.25
CA PRO C 265 64.92 -21.21 30.16
C PRO C 265 65.21 -19.74 29.92
N GLN C 266 64.17 -18.89 29.92
CA GLN C 266 64.35 -17.48 29.54
C GLN C 266 65.34 -16.76 30.45
N GLU C 267 65.24 -16.98 31.77
CA GLU C 267 66.16 -16.33 32.71
C GLU C 267 67.55 -16.97 32.66
N VAL C 268 67.61 -18.30 32.66
CA VAL C 268 68.89 -19.00 32.76
C VAL C 268 69.75 -18.74 31.52
N ILE C 269 69.13 -18.77 30.33
CA ILE C 269 69.89 -18.54 29.10
C ILE C 269 70.47 -17.13 29.09
N SER C 270 69.69 -16.14 29.55
CA SER C 270 70.18 -14.76 29.63
C SER C 270 71.40 -14.68 30.57
N ILE C 271 71.31 -15.38 31.71
CA ILE C 271 72.43 -15.42 32.65
C ILE C 271 73.67 -15.97 31.97
N MET C 272 73.50 -17.06 31.21
CA MET C 272 74.64 -17.67 30.51
C MET C 272 75.25 -16.72 29.49
N ASP C 273 74.42 -15.98 28.76
CA ASP C 273 74.92 -15.02 27.77
C ASP C 273 75.82 -13.97 28.43
N GLN C 274 75.29 -13.32 29.48
CA GLN C 274 76.09 -12.28 30.13
C GLN C 274 77.29 -12.85 30.86
N THR C 275 77.31 -14.16 31.15
CA THR C 275 78.54 -14.77 31.67
C THR C 275 79.60 -14.90 30.59
N ILE C 276 79.21 -15.41 29.40
CA ILE C 276 80.18 -15.64 28.33
C ILE C 276 80.84 -14.33 27.91
N LYS C 277 80.06 -13.27 27.75
CA LYS C 277 80.63 -12.00 27.29
C LYS C 277 81.68 -11.47 28.28
N ASP C 278 81.36 -11.53 29.57
CA ASP C 278 82.29 -11.07 30.60
C ASP C 278 83.56 -11.92 30.59
N CYS C 279 83.43 -13.23 30.40
CA CYS C 279 84.61 -14.09 30.35
C CYS C 279 85.51 -13.73 29.17
N MET C 280 84.90 -13.44 28.01
CA MET C 280 85.69 -13.04 26.85
C MET C 280 86.46 -11.75 27.12
N VAL C 281 85.83 -10.78 27.78
CA VAL C 281 86.55 -9.56 28.15
C VAL C 281 87.70 -9.87 29.11
N SER C 282 87.42 -10.73 30.10
CA SER C 282 88.41 -11.05 31.12
C SER C 282 89.65 -11.69 30.51
N LEU C 283 89.46 -12.50 29.47
CA LEU C 283 90.63 -13.14 28.84
C LEU C 283 91.59 -12.11 28.26
N ILE C 284 91.07 -11.11 27.54
CA ILE C 284 91.98 -10.15 26.90
C ILE C 284 92.59 -9.20 27.91
N VAL C 285 91.85 -8.82 28.96
CA VAL C 285 92.42 -7.87 29.92
C VAL C 285 93.36 -8.57 30.90
N ASP C 286 93.09 -9.82 31.26
CA ASP C 286 93.96 -10.55 32.19
C ASP C 286 95.24 -10.99 31.49
N ASN C 287 95.09 -11.68 30.36
CA ASN C 287 96.23 -12.05 29.52
C ASN C 287 96.81 -10.87 28.73
N ASN C 288 96.25 -9.66 28.91
CA ASN C 288 96.77 -8.37 28.40
C ASN C 288 97.18 -8.46 26.93
N LEU C 289 96.19 -8.79 26.10
CA LEU C 289 96.35 -9.00 24.67
C LEU C 289 96.03 -7.72 23.89
N ASP C 290 96.34 -7.76 22.58
CA ASP C 290 96.25 -6.59 21.72
C ASP C 290 94.85 -6.28 21.21
N TYR C 291 93.87 -7.14 21.46
CA TYR C 291 92.57 -7.01 20.81
C TYR C 291 91.79 -5.83 21.36
N ASP C 292 90.99 -5.21 20.48
CA ASP C 292 90.23 -4.02 20.85
C ASP C 292 89.14 -4.35 21.86
N LEU C 293 89.22 -3.71 23.02
CA LEU C 293 88.19 -3.90 24.05
C LEU C 293 86.84 -3.37 23.56
N ASP C 294 86.85 -2.25 22.82
CA ASP C 294 85.60 -1.68 22.32
C ASP C 294 84.89 -2.63 21.38
N GLU C 295 85.64 -3.34 20.53
CA GLU C 295 85.04 -4.30 19.60
C GLU C 295 84.30 -5.39 20.36
N ILE C 296 84.93 -5.96 21.39
CA ILE C 296 84.30 -7.02 22.15
C ILE C 296 83.11 -6.48 22.93
N GLU C 297 83.22 -5.26 23.45
CA GLU C 297 82.09 -4.66 24.16
C GLU C 297 80.92 -4.41 23.23
N THR C 298 81.19 -4.15 21.94
CA THR C 298 80.12 -3.85 20.99
C THR C 298 79.31 -5.10 20.63
N LYS C 299 79.96 -6.26 20.56
CA LYS C 299 79.31 -7.47 20.08
C LYS C 299 78.31 -8.05 21.08
N PHE C 300 77.37 -8.83 20.55
CA PHE C 300 76.48 -9.69 21.33
C PHE C 300 77.00 -11.12 21.26
N TYR C 301 76.97 -11.83 22.39
CA TYR C 301 77.35 -13.24 22.46
C TYR C 301 76.19 -14.06 22.97
N LYS C 302 75.95 -15.23 22.36
CA LYS C 302 74.78 -16.06 22.66
C LYS C 302 75.18 -17.53 22.83
N VAL C 303 74.64 -18.18 23.88
CA VAL C 303 74.76 -19.64 24.04
C VAL C 303 73.61 -20.29 23.29
N ARG C 304 73.84 -21.52 22.81
CA ARG C 304 72.81 -22.31 22.13
C ARG C 304 72.82 -23.74 22.69
N PRO C 305 71.99 -24.03 23.70
CA PRO C 305 72.03 -25.38 24.31
C PRO C 305 71.37 -26.42 23.42
N TYR C 306 71.85 -27.67 23.51
CA TYR C 306 71.29 -28.75 22.71
C TYR C 306 71.53 -30.11 23.39
N ASN C 307 71.01 -31.18 22.76
CA ASN C 307 71.05 -32.56 23.29
C ASN C 307 70.52 -32.60 24.72
N VAL C 308 69.38 -31.94 24.92
CA VAL C 308 68.86 -31.67 26.26
C VAL C 308 68.31 -32.95 26.93
N GLY C 309 67.70 -33.84 26.17
CA GLY C 309 67.11 -35.05 26.74
C GLY C 309 66.39 -35.86 25.68
N SER C 310 65.44 -36.71 26.12
CA SER C 310 64.64 -37.50 25.18
C SER C 310 63.76 -36.59 24.31
N CYS C 311 63.58 -36.98 23.05
CA CYS C 311 62.65 -36.27 22.16
C CYS C 311 61.21 -36.58 22.55
N LYS C 312 60.30 -35.64 22.24
CA LYS C 312 58.90 -35.69 22.65
C LYS C 312 57.99 -35.71 21.43
N GLY C 313 56.96 -36.57 21.48
CA GLY C 313 56.03 -36.68 20.36
C GLY C 313 55.17 -35.43 20.24
N MET C 314 55.01 -34.94 18.99
CA MET C 314 54.35 -33.67 18.74
C MET C 314 52.92 -33.61 19.30
N ARG C 315 52.20 -34.74 19.30
CA ARG C 315 50.83 -34.77 19.82
C ARG C 315 50.77 -34.87 21.34
N GLU C 316 51.87 -35.17 22.00
CA GLU C 316 51.90 -35.45 23.44
C GLU C 316 52.38 -34.26 24.28
N LEU C 317 52.56 -33.09 23.66
CA LEU C 317 52.81 -31.87 24.43
C LEU C 317 51.52 -31.42 25.10
N ASN C 318 51.58 -31.17 26.41
CA ASN C 318 50.42 -30.88 27.25
C ASN C 318 50.55 -29.51 27.91
N PRO C 319 49.44 -28.93 28.42
CA PRO C 319 49.53 -27.59 29.04
C PRO C 319 50.45 -27.48 30.27
N ASN C 320 50.95 -28.58 30.83
CA ASN C 320 51.94 -28.50 31.90
C ASN C 320 53.37 -28.35 31.37
N ASP C 321 53.57 -28.33 30.05
CA ASP C 321 54.88 -28.14 29.43
C ASP C 321 55.16 -26.68 29.03
N ILE C 322 54.22 -25.77 29.27
CA ILE C 322 54.36 -24.39 28.78
C ILE C 322 55.57 -23.72 29.44
N ASP C 323 56.36 -23.04 28.61
CA ASP C 323 57.58 -22.30 28.95
C ASP C 323 58.75 -23.18 29.41
N LYS C 324 58.69 -24.51 29.24
CA LYS C 324 59.83 -25.40 29.46
C LYS C 324 60.54 -25.71 28.13
N LEU C 325 61.77 -26.22 28.22
CA LEU C 325 62.52 -26.59 27.01
C LEU C 325 62.03 -27.93 26.48
N ILE C 326 62.01 -28.04 25.14
CA ILE C 326 61.46 -29.18 24.40
C ILE C 326 62.45 -29.54 23.30
N ASN C 327 62.33 -30.77 22.78
CA ASN C 327 63.13 -31.28 21.68
C ASN C 327 62.20 -32.02 20.72
N LEU C 328 62.29 -31.72 19.42
CA LEU C 328 61.40 -32.29 18.39
C LEU C 328 62.20 -32.78 17.19
N LYS C 329 61.66 -33.81 16.52
CA LYS C 329 62.17 -34.35 15.26
C LYS C 329 61.10 -34.19 14.20
N GLY C 330 61.49 -33.93 12.96
CA GLY C 330 60.48 -33.78 11.92
C GLY C 330 61.05 -33.40 10.57
N LEU C 331 60.13 -33.06 9.65
CA LEU C 331 60.44 -32.73 8.27
C LEU C 331 59.86 -31.36 7.91
N VAL C 332 60.63 -30.58 7.17
CA VAL C 332 60.29 -29.18 6.89
C VAL C 332 59.41 -29.10 5.65
N LEU C 333 58.25 -28.45 5.78
CA LEU C 333 57.34 -28.24 4.65
C LEU C 333 57.63 -26.95 3.89
N ARG C 334 57.61 -25.81 4.58
CA ARG C 334 57.77 -24.51 3.93
C ARG C 334 58.27 -23.48 4.92
N SER C 335 58.77 -22.37 4.37
CA SER C 335 59.28 -21.23 5.14
C SER C 335 58.73 -19.94 4.56
N THR C 336 58.24 -19.03 5.45
CA THR C 336 57.78 -17.74 4.98
C THR C 336 58.96 -16.78 4.77
N PRO C 337 58.80 -15.74 3.95
CA PRO C 337 59.90 -14.77 3.80
C PRO C 337 60.17 -14.00 5.08
N VAL C 338 61.36 -13.39 5.14
CA VAL C 338 61.82 -12.71 6.35
C VAL C 338 60.92 -11.51 6.66
N ILE C 339 60.54 -11.40 7.93
CA ILE C 339 59.63 -10.36 8.43
C ILE C 339 60.45 -9.39 9.27
N PRO C 340 60.33 -8.07 9.08
CA PRO C 340 61.06 -7.13 9.97
C PRO C 340 60.36 -6.99 11.31
N ASP C 341 61.13 -7.13 12.39
CA ASP C 341 60.65 -7.06 13.77
C ASP C 341 61.34 -5.88 14.46
N MET C 342 60.56 -4.94 14.99
CA MET C 342 61.13 -3.73 15.58
C MET C 342 61.76 -4.02 16.94
N LYS C 343 62.85 -3.30 17.25
CA LYS C 343 63.58 -3.48 18.51
C LYS C 343 63.87 -2.16 19.25
N VAL C 344 64.05 -1.05 18.53
CA VAL C 344 64.27 0.27 19.12
C VAL C 344 63.43 1.29 18.34
N ALA C 345 62.76 2.19 19.05
CA ALA C 345 61.94 3.24 18.45
C ALA C 345 62.69 4.57 18.48
N PHE C 346 62.37 5.45 17.52
CA PHE C 346 63.06 6.73 17.36
C PHE C 346 62.03 7.86 17.30
N PHE C 347 62.13 8.81 18.24
CA PHE C 347 61.20 9.93 18.35
C PHE C 347 61.89 11.27 18.05
N LYS C 348 61.13 12.22 17.49
CA LYS C 348 61.59 13.56 17.19
C LYS C 348 60.52 14.59 17.57
N CYS C 349 60.94 15.68 18.20
CA CYS C 349 60.03 16.75 18.61
C CYS C 349 59.61 17.61 17.42
N ASN C 350 58.30 17.83 17.26
CA ASN C 350 57.83 18.57 16.08
C ASN C 350 58.19 20.05 16.12
N VAL C 351 58.27 20.68 17.30
CA VAL C 351 58.53 22.13 17.37
C VAL C 351 60.03 22.42 17.52
N CYS C 352 60.74 21.77 18.45
CA CYS C 352 62.13 22.13 18.77
C CYS C 352 63.18 21.14 18.25
N ASP C 353 62.77 20.02 17.64
CA ASP C 353 63.66 19.07 16.96
C ASP C 353 64.62 18.35 17.92
N HIS C 354 64.23 18.20 19.18
CA HIS C 354 64.86 17.27 20.12
C HIS C 354 64.52 15.82 19.72
N THR C 355 65.46 14.89 19.98
CA THR C 355 65.29 13.47 19.60
C THR C 355 65.59 12.52 20.75
N MET C 356 64.86 11.39 20.78
CA MET C 356 65.05 10.35 21.80
C MET C 356 64.91 8.95 21.20
N ALA C 357 65.82 8.06 21.59
CA ALA C 357 65.76 6.64 21.27
C ALA C 357 65.17 5.89 22.46
N VAL C 358 64.19 5.01 22.19
CA VAL C 358 63.43 4.31 23.24
C VAL C 358 63.51 2.80 23.03
N GLU C 359 63.55 2.07 24.14
CA GLU C 359 63.69 0.60 24.15
C GLU C 359 62.32 -0.07 24.10
N ILE C 360 62.18 -1.09 23.24
CA ILE C 360 60.95 -1.89 23.13
C ILE C 360 61.07 -3.14 24.00
N ASP C 361 60.10 -3.35 24.89
CA ASP C 361 59.97 -4.61 25.62
C ASP C 361 58.49 -4.98 25.70
N ARG C 362 58.23 -6.30 25.71
CA ARG C 362 56.87 -6.87 25.79
C ARG C 362 55.95 -6.34 24.68
N GLY C 363 56.53 -5.98 23.53
CA GLY C 363 55.81 -5.51 22.36
C GLY C 363 55.22 -4.12 22.43
N VAL C 364 55.42 -3.36 23.52
CA VAL C 364 54.77 -2.06 23.71
C VAL C 364 55.81 -0.93 23.65
N ILE C 365 55.50 0.10 22.86
CA ILE C 365 56.34 1.28 22.67
C ILE C 365 56.07 2.22 23.83
N GLN C 366 57.12 2.60 24.58
CA GLN C 366 56.92 3.47 25.76
C GLN C 366 57.09 4.94 25.36
N GLU C 367 56.06 5.44 24.68
CA GLU C 367 56.07 6.80 24.16
C GLU C 367 56.10 7.85 25.28
N PRO C 368 56.91 8.92 25.19
CA PRO C 368 56.94 9.93 26.26
C PRO C 368 55.69 10.79 26.31
N ALA C 369 55.33 11.23 27.53
CA ALA C 369 54.14 12.06 27.73
C ALA C 369 54.35 13.48 27.20
N ARG C 370 55.54 14.05 27.44
CA ARG C 370 55.87 15.43 27.07
C ARG C 370 57.29 15.45 26.52
N CYS C 371 57.60 16.48 25.74
CA CYS C 371 58.97 16.62 25.22
C CYS C 371 59.93 16.92 26.38
N GLU C 372 61.03 16.15 26.44
CA GLU C 372 61.89 16.15 27.63
C GLU C 372 62.90 17.29 27.66
N ARG C 373 63.04 18.08 26.60
CA ARG C 373 63.93 19.25 26.64
C ARG C 373 63.35 20.29 27.61
N ILE C 374 64.21 20.81 28.50
CA ILE C 374 63.78 21.58 29.69
C ILE C 374 62.89 22.76 29.29
N ASP C 375 63.35 23.57 28.33
CA ASP C 375 62.62 24.77 27.92
C ASP C 375 61.46 24.49 26.97
N CYS C 376 61.32 23.25 26.47
CA CYS C 376 60.25 22.84 25.56
C CYS C 376 59.40 21.74 26.22
N ASN C 377 59.06 21.93 27.48
CA ASN C 377 58.25 20.93 28.22
C ASN C 377 56.78 21.05 27.82
N GLU C 378 56.45 20.45 26.66
CA GLU C 378 55.13 20.55 26.02
C GLU C 378 54.47 19.17 25.81
N PRO C 379 53.13 19.06 25.93
CA PRO C 379 52.46 17.77 25.70
C PRO C 379 52.28 17.45 24.22
N ASN C 380 52.14 16.15 23.92
CA ASN C 380 51.90 15.62 22.57
C ASN C 380 52.93 16.10 21.54
N SER C 381 54.12 16.48 22.00
CA SER C 381 55.10 17.20 21.19
C SER C 381 56.09 16.29 20.44
N MET C 382 56.26 15.03 20.85
CA MET C 382 57.14 14.07 20.20
C MET C 382 56.38 13.23 19.16
N SER C 383 57.12 12.71 18.17
CA SER C 383 56.53 11.90 17.09
C SER C 383 57.53 10.87 16.58
N LEU C 384 57.00 9.74 16.07
CA LEU C 384 57.81 8.58 15.65
C LEU C 384 58.28 8.73 14.19
N ILE C 385 59.52 8.30 13.92
CA ILE C 385 60.12 8.32 12.57
C ILE C 385 60.45 6.88 12.20
N HIS C 386 59.62 6.29 11.33
CA HIS C 386 59.69 4.85 11.05
C HIS C 386 61.06 4.41 10.54
N ASN C 387 61.58 5.06 9.49
CA ASN C 387 62.78 4.57 8.83
C ASN C 387 64.08 4.93 9.55
N ARG C 388 64.02 5.53 10.75
CA ARG C 388 65.20 5.70 11.61
C ARG C 388 65.14 4.83 12.86
N CYS C 389 64.13 3.96 12.99
CA CYS C 389 64.12 2.91 13.99
C CYS C 389 65.15 1.83 13.68
N SER C 390 65.24 0.82 14.55
CA SER C 390 66.11 -0.34 14.37
C SER C 390 65.28 -1.61 14.45
N PHE C 391 65.55 -2.54 13.55
CA PHE C 391 64.75 -3.76 13.38
C PHE C 391 65.64 -5.00 13.44
N ALA C 392 64.99 -6.17 13.41
CA ALA C 392 65.65 -7.47 13.45
C ALA C 392 64.84 -8.46 12.61
N ASP C 393 65.50 -9.53 12.17
CA ASP C 393 64.87 -10.52 11.28
C ASP C 393 64.09 -11.58 12.06
N LYS C 394 62.86 -11.86 11.61
CA LYS C 394 62.04 -12.96 12.10
C LYS C 394 61.57 -13.80 10.93
N GLN C 395 61.43 -15.11 11.15
CA GLN C 395 60.92 -16.01 10.11
C GLN C 395 60.14 -17.14 10.80
N VAL C 396 59.17 -17.71 10.08
CA VAL C 396 58.32 -18.80 10.56
C VAL C 396 58.52 -20.01 9.67
N ILE C 397 58.80 -21.16 10.29
CA ILE C 397 59.02 -22.43 9.60
C ILE C 397 57.91 -23.39 10.00
N LYS C 398 57.42 -24.16 9.02
CA LYS C 398 56.34 -25.13 9.21
C LYS C 398 56.94 -26.53 9.24
N LEU C 399 56.83 -27.18 10.39
CA LEU C 399 57.42 -28.50 10.64
C LEU C 399 56.32 -29.55 10.69
N GLN C 400 56.53 -30.69 10.01
CA GLN C 400 55.56 -31.77 9.97
C GLN C 400 56.05 -33.00 10.75
N GLU C 401 55.07 -33.66 11.39
CA GLU C 401 55.28 -34.91 12.12
C GLU C 401 55.88 -36.01 11.23
N THR C 402 56.90 -36.70 11.74
CA THR C 402 57.49 -37.81 10.98
C THR C 402 56.56 -39.03 11.03
N PRO C 403 56.46 -39.83 9.94
CA PRO C 403 55.49 -40.95 9.94
C PRO C 403 55.68 -41.99 11.04
N ASP C 404 56.85 -42.02 11.69
CA ASP C 404 57.14 -43.00 12.74
C ASP C 404 56.19 -42.89 13.94
N PHE C 405 55.62 -41.70 14.18
CA PHE C 405 54.81 -41.43 15.37
C PHE C 405 53.29 -41.36 15.13
N VAL C 406 52.81 -41.42 13.89
CA VAL C 406 51.39 -41.10 13.63
C VAL C 406 50.49 -42.19 14.22
N PRO C 407 49.32 -41.85 14.80
CA PRO C 407 48.40 -42.90 15.29
C PRO C 407 47.87 -43.80 14.19
N ASP C 408 47.40 -44.98 14.60
CA ASP C 408 46.87 -45.96 13.64
C ASP C 408 45.63 -45.41 12.93
N GLY C 409 45.61 -45.55 11.60
CA GLY C 409 44.51 -45.05 10.79
C GLY C 409 44.34 -43.54 10.77
N GLN C 410 45.43 -42.77 10.82
CA GLN C 410 45.36 -41.31 10.83
C GLN C 410 46.46 -40.70 9.95
N THR C 411 46.38 -39.34 9.76
CA THR C 411 47.26 -38.55 8.90
C THR C 411 48.16 -37.62 9.74
N PRO C 412 49.42 -37.35 9.33
CA PRO C 412 50.33 -36.55 10.19
C PRO C 412 49.90 -35.10 10.38
N HIS C 413 50.27 -34.55 11.55
CA HIS C 413 50.04 -33.17 11.94
C HIS C 413 51.32 -32.34 11.76
N SER C 414 51.22 -31.04 12.08
CA SER C 414 52.32 -30.10 11.93
C SER C 414 52.29 -29.05 13.03
N ILE C 415 53.44 -28.42 13.26
CA ILE C 415 53.62 -27.37 14.26
C ILE C 415 54.50 -26.29 13.65
N SER C 416 54.35 -25.05 14.14
CA SER C 416 55.05 -23.88 13.60
C SER C 416 56.18 -23.43 14.52
N LEU C 417 57.34 -23.15 13.93
CA LEU C 417 58.56 -22.72 14.63
C LEU C 417 58.86 -21.27 14.29
N CYS C 418 59.10 -20.43 15.32
CA CYS C 418 59.57 -19.06 15.13
C CYS C 418 61.08 -19.02 15.32
N VAL C 419 61.79 -18.40 14.37
CA VAL C 419 63.25 -18.38 14.36
C VAL C 419 63.78 -16.98 14.02
N TYR C 420 64.90 -16.58 14.64
CA TYR C 420 65.40 -15.21 14.61
C TYR C 420 66.90 -15.12 14.28
N ASP C 421 67.29 -13.97 13.72
CA ASP C 421 68.69 -13.55 13.48
C ASP C 421 69.54 -14.58 12.70
N GLU C 422 70.49 -15.25 13.36
CA GLU C 422 71.49 -16.10 12.70
C GLU C 422 70.82 -17.23 11.91
N LEU C 423 69.86 -17.89 12.52
CA LEU C 423 69.25 -19.11 12.00
C LEU C 423 68.21 -18.88 10.91
N VAL C 424 68.00 -17.64 10.45
CA VAL C 424 66.80 -17.28 9.69
C VAL C 424 66.63 -18.12 8.41
N ASP C 425 67.59 -18.05 7.48
CA ASP C 425 67.44 -18.70 6.17
C ASP C 425 68.07 -20.11 6.11
N SER C 426 68.22 -20.79 7.24
CA SER C 426 69.03 -22.01 7.30
C SER C 426 68.44 -23.20 6.53
N CYS C 427 67.11 -23.31 6.43
CA CYS C 427 66.45 -24.58 6.11
C CYS C 427 65.49 -24.45 4.94
N ARG C 428 65.46 -25.51 4.10
CA ARG C 428 64.67 -25.57 2.88
C ARG C 428 63.58 -26.63 2.95
N ALA C 429 62.63 -26.53 2.02
CA ALA C 429 61.57 -27.52 1.88
C ALA C 429 62.15 -28.91 1.63
N GLY C 430 61.62 -29.89 2.36
CA GLY C 430 62.09 -31.26 2.28
C GLY C 430 63.25 -31.60 3.21
N ASP C 431 63.78 -30.63 3.95
CA ASP C 431 64.83 -30.92 4.92
C ASP C 431 64.28 -31.73 6.09
N ARG C 432 65.17 -32.49 6.72
CA ARG C 432 64.86 -33.33 7.88
C ARG C 432 65.77 -32.89 9.02
N ILE C 433 65.17 -32.47 10.14
CA ILE C 433 65.90 -31.79 11.22
C ILE C 433 65.43 -32.25 12.60
N GLU C 434 66.23 -31.87 13.59
CA GLU C 434 65.90 -31.95 15.01
C GLU C 434 66.15 -30.57 15.61
N VAL C 435 65.26 -30.11 16.50
CA VAL C 435 65.31 -28.74 17.02
C VAL C 435 65.24 -28.76 18.55
N THR C 436 65.43 -27.57 19.13
CA THR C 436 65.42 -27.38 20.59
C THR C 436 64.92 -25.96 20.87
N GLY C 437 63.89 -25.82 21.70
CA GLY C 437 63.32 -24.50 21.96
C GLY C 437 62.24 -24.54 23.02
N THR C 438 61.90 -23.34 23.50
CA THR C 438 60.84 -23.19 24.49
C THR C 438 59.48 -23.37 23.84
N PHE C 439 58.58 -24.12 24.52
CA PHE C 439 57.21 -24.33 24.03
C PHE C 439 56.32 -23.25 24.63
N ARG C 440 55.86 -22.32 23.80
CA ARG C 440 55.15 -21.12 24.22
C ARG C 440 53.67 -21.16 23.85
N SER C 441 52.92 -20.28 24.52
CA SER C 441 51.50 -20.09 24.22
C SER C 441 51.14 -18.61 24.43
N ILE C 442 50.19 -18.11 23.64
CA ILE C 442 49.78 -16.71 23.69
C ILE C 442 48.28 -16.55 23.40
N PRO C 443 47.63 -15.47 23.84
CA PRO C 443 46.23 -15.23 23.47
C PRO C 443 46.11 -14.69 22.05
N ILE C 444 44.86 -14.66 21.55
CA ILE C 444 44.54 -14.01 20.27
C ILE C 444 43.25 -13.21 20.43
N ARG C 445 43.18 -12.06 19.73
CA ARG C 445 42.07 -11.12 19.85
C ARG C 445 40.83 -11.59 19.09
N ALA C 446 39.66 -11.19 19.60
CA ALA C 446 38.40 -11.47 18.94
C ALA C 446 38.18 -10.58 17.71
N ASN C 447 38.63 -9.32 17.75
CA ASN C 447 38.50 -8.37 16.66
C ASN C 447 39.66 -7.39 16.75
N SER C 448 39.96 -6.69 15.64
CA SER C 448 41.09 -5.75 15.65
C SER C 448 40.76 -4.40 16.29
N ARG C 449 39.51 -4.15 16.69
CA ARG C 449 39.12 -2.86 17.27
C ARG C 449 39.39 -2.76 18.77
N GLN C 450 39.31 -3.88 19.50
CA GLN C 450 39.19 -3.87 20.96
C GLN C 450 40.11 -4.90 21.61
N ARG C 451 40.29 -4.76 22.93
CA ARG C 451 41.14 -5.60 23.76
C ARG C 451 40.52 -6.96 24.13
N VAL C 452 39.40 -7.36 23.52
CA VAL C 452 38.72 -8.61 23.88
C VAL C 452 39.52 -9.80 23.36
N LEU C 453 39.89 -10.71 24.28
CA LEU C 453 40.64 -11.92 23.96
C LEU C 453 39.75 -13.17 23.94
N LYS C 454 40.17 -14.19 23.21
CA LYS C 454 39.50 -15.49 23.22
C LYS C 454 40.09 -16.40 24.31
N SER C 455 39.28 -17.39 24.71
CA SER C 455 39.67 -18.28 25.82
C SER C 455 40.69 -19.32 25.38
N LEU C 456 40.61 -19.81 24.15
CA LEU C 456 41.63 -20.69 23.62
C LEU C 456 42.90 -19.90 23.30
N TYR C 457 44.06 -20.48 23.57
CA TYR C 457 45.36 -19.86 23.34
C TYR C 457 46.08 -20.55 22.17
N LYS C 458 46.80 -19.75 21.38
CA LYS C 458 47.65 -20.26 20.31
C LYS C 458 48.92 -20.83 20.94
N THR C 459 49.54 -21.83 20.28
CA THR C 459 50.80 -22.41 20.76
C THR C 459 51.81 -22.53 19.62
N TYR C 460 53.08 -22.43 19.96
CA TYR C 460 54.17 -22.51 18.99
C TYR C 460 55.48 -22.83 19.72
N VAL C 461 56.56 -22.96 18.96
CA VAL C 461 57.89 -23.27 19.49
C VAL C 461 58.83 -22.14 19.10
N ASP C 462 59.68 -21.76 20.05
CA ASP C 462 60.64 -20.67 19.94
C ASP C 462 62.05 -21.28 19.95
N VAL C 463 62.59 -21.57 18.76
CA VAL C 463 63.81 -22.38 18.67
C VAL C 463 65.04 -21.57 19.06
N VAL C 464 65.98 -22.25 19.73
CA VAL C 464 67.30 -21.71 20.07
C VAL C 464 68.44 -22.54 19.46
N HIS C 465 68.14 -23.64 18.76
CA HIS C 465 69.16 -24.46 18.11
C HIS C 465 68.49 -25.39 17.10
N VAL C 466 69.19 -25.68 15.99
CA VAL C 466 68.72 -26.59 14.94
C VAL C 466 69.87 -27.51 14.55
N LYS C 467 69.55 -28.79 14.31
CA LYS C 467 70.54 -29.81 13.98
C LYS C 467 70.01 -30.70 12.85
N LYS C 468 70.90 -31.08 11.93
CA LYS C 468 70.55 -32.02 10.86
C LYS C 468 70.68 -33.46 11.39
N VAL C 469 69.75 -34.33 11.00
CA VAL C 469 69.71 -35.70 11.58
C VAL C 469 70.89 -36.54 11.10
N ILE C 501 87.13 -34.77 7.84
CA ILE C 501 86.98 -33.89 9.00
C ILE C 501 88.24 -34.02 9.88
N THR C 502 88.34 -35.09 10.67
CA THR C 502 89.54 -35.35 11.45
C THR C 502 90.57 -36.08 10.60
N ASP C 503 91.84 -36.00 11.02
CA ASP C 503 92.89 -36.70 10.29
C ASP C 503 92.73 -38.22 10.39
N GLN C 504 92.12 -38.71 11.48
CA GLN C 504 91.84 -40.14 11.58
C GLN C 504 90.84 -40.58 10.52
N ASP C 505 89.83 -39.76 10.24
CA ASP C 505 88.88 -40.09 9.18
C ASP C 505 89.57 -40.17 7.82
N LEU C 506 90.46 -39.22 7.54
CA LEU C 506 91.19 -39.24 6.28
C LEU C 506 92.11 -40.45 6.20
N ALA C 507 92.75 -40.81 7.32
CA ALA C 507 93.60 -42.00 7.34
C ALA C 507 92.78 -43.26 7.08
N LYS C 508 91.62 -43.39 7.70
CA LYS C 508 90.74 -44.53 7.47
C LYS C 508 90.29 -44.59 6.02
N ILE C 509 89.90 -43.44 5.45
CA ILE C 509 89.42 -43.41 4.08
C ILE C 509 90.52 -43.80 3.11
N ARG C 510 91.72 -43.24 3.28
CA ARG C 510 92.82 -43.56 2.38
C ARG C 510 93.23 -45.02 2.53
N GLU C 511 93.20 -45.55 3.75
CA GLU C 511 93.57 -46.94 3.97
C GLU C 511 92.55 -47.89 3.34
N VAL C 512 91.26 -47.59 3.46
CA VAL C 512 90.22 -48.42 2.86
C VAL C 512 90.34 -48.39 1.34
N ALA C 513 90.62 -47.21 0.78
CA ALA C 513 90.72 -47.07 -0.67
C ALA C 513 91.86 -47.89 -1.28
N ALA C 514 92.82 -48.34 -0.46
CA ALA C 514 93.93 -49.15 -0.93
C ALA C 514 93.62 -50.65 -0.99
N ARG C 515 92.46 -51.09 -0.48
CA ARG C 515 92.13 -52.50 -0.50
C ARG C 515 91.93 -53.02 -1.92
N GLU C 516 92.27 -54.29 -2.13
CA GLU C 516 92.12 -54.90 -3.46
C GLU C 516 90.67 -55.21 -3.78
N ASP C 517 89.90 -55.66 -2.79
CA ASP C 517 88.50 -56.04 -2.97
C ASP C 517 87.54 -54.87 -2.76
N LEU C 518 87.99 -53.64 -3.03
CA LEU C 518 87.22 -52.45 -2.70
C LEU C 518 85.89 -52.38 -3.44
N TYR C 519 85.92 -52.62 -4.76
CA TYR C 519 84.71 -52.47 -5.58
C TYR C 519 83.62 -53.44 -5.13
N SER C 520 83.99 -54.70 -4.88
CA SER C 520 83.01 -55.66 -4.39
C SER C 520 82.60 -55.36 -2.94
N LEU C 521 83.54 -54.89 -2.12
CA LEU C 521 83.24 -54.56 -0.73
C LEU C 521 82.17 -53.47 -0.65
N LEU C 522 82.37 -52.39 -1.41
CA LEU C 522 81.42 -51.28 -1.39
C LEU C 522 80.05 -51.73 -1.91
N ALA C 523 80.04 -52.53 -2.98
CA ALA C 523 78.79 -52.90 -3.63
C ALA C 523 77.94 -53.80 -2.75
N ARG C 524 78.54 -54.83 -2.15
CA ARG C 524 77.79 -55.73 -1.29
C ARG C 524 77.40 -55.10 0.04
N SER C 525 77.88 -53.89 0.35
CA SER C 525 77.64 -53.23 1.62
C SER C 525 76.56 -52.15 1.56
N ILE C 526 76.02 -51.81 0.37
CA ILE C 526 74.93 -50.83 0.32
C ILE C 526 73.61 -51.44 0.77
N ALA C 527 73.44 -52.76 0.62
CA ALA C 527 72.18 -53.44 0.96
C ALA C 527 72.52 -54.82 1.52
N PRO C 528 73.04 -54.89 2.77
CA PRO C 528 73.67 -56.13 3.24
C PRO C 528 72.79 -57.39 3.22
N SER C 529 71.51 -57.29 3.59
CA SER C 529 70.70 -58.51 3.71
C SER C 529 70.15 -59.04 2.38
N ILE C 530 70.34 -58.36 1.25
CA ILE C 530 69.82 -58.84 -0.04
C ILE C 530 70.82 -59.83 -0.65
N TYR C 531 70.32 -60.98 -1.09
CA TYR C 531 71.12 -62.08 -1.60
C TYR C 531 71.47 -61.89 -3.08
N GLU C 532 72.77 -61.99 -3.39
CA GLU C 532 73.40 -61.85 -4.73
C GLU C 532 72.91 -60.56 -5.41
N LEU C 533 72.49 -60.59 -6.68
CA LEU C 533 72.19 -59.39 -7.48
C LEU C 533 73.37 -58.41 -7.51
N GLU C 534 74.58 -58.94 -7.73
CA GLU C 534 75.79 -58.13 -7.61
C GLU C 534 75.85 -57.02 -8.65
N ASP C 535 75.52 -57.32 -9.92
CA ASP C 535 75.60 -56.29 -10.97
C ASP C 535 74.64 -55.14 -10.69
N VAL C 536 73.45 -55.44 -10.16
CA VAL C 536 72.48 -54.40 -9.82
C VAL C 536 73.06 -53.49 -8.74
N LYS C 537 73.65 -54.10 -7.70
CA LYS C 537 74.27 -53.33 -6.62
C LYS C 537 75.40 -52.45 -7.14
N LYS C 538 76.23 -52.99 -8.04
CA LYS C 538 77.34 -52.22 -8.62
C LYS C 538 76.83 -51.00 -9.37
N GLY C 539 75.83 -51.20 -10.24
CA GLY C 539 75.28 -50.07 -10.98
C GLY C 539 74.71 -49.01 -10.07
N ILE C 540 74.04 -49.42 -9.00
CA ILE C 540 73.48 -48.45 -8.06
C ILE C 540 74.60 -47.69 -7.34
N LEU C 541 75.69 -48.37 -7.00
CA LEU C 541 76.82 -47.70 -6.35
C LEU C 541 77.37 -46.60 -7.26
N LEU C 542 77.56 -46.91 -8.54
CA LEU C 542 78.04 -45.88 -9.46
C LEU C 542 77.03 -44.75 -9.63
N GLN C 543 75.73 -45.03 -9.53
CA GLN C 543 74.78 -43.92 -9.53
C GLN C 543 74.99 -43.04 -8.31
N LEU C 544 75.29 -43.64 -7.15
CA LEU C 544 75.51 -42.83 -5.95
C LEU C 544 76.69 -41.89 -6.13
N PHE C 545 77.80 -42.39 -6.68
CA PHE C 545 78.96 -41.52 -6.86
C PHE C 545 78.69 -40.44 -7.91
N GLY C 546 78.12 -40.82 -9.05
CA GLY C 546 77.85 -39.88 -10.12
C GLY C 546 79.07 -39.54 -10.96
N GLY C 547 78.85 -38.86 -12.08
CA GLY C 547 79.93 -38.41 -12.94
C GLY C 547 80.58 -37.14 -12.43
N THR C 548 81.05 -36.30 -13.35
CA THR C 548 81.49 -34.93 -13.05
C THR C 548 80.55 -33.94 -13.72
N ASN C 549 80.25 -32.85 -13.02
CA ASN C 549 79.49 -31.76 -13.61
C ASN C 549 80.43 -30.88 -14.45
N LYS C 550 79.96 -30.46 -15.64
CA LYS C 550 80.75 -29.65 -16.56
C LYS C 550 79.94 -28.45 -17.05
N THR C 551 80.57 -27.27 -17.09
CA THR C 551 79.99 -26.05 -17.65
C THR C 551 81.04 -25.35 -18.51
N PHE C 552 80.64 -24.90 -19.71
CA PHE C 552 81.54 -24.22 -20.64
C PHE C 552 81.27 -22.70 -20.61
N THR C 553 82.16 -21.91 -21.23
CA THR C 553 81.82 -20.51 -21.47
C THR C 553 80.68 -20.39 -22.48
N LYS C 554 80.66 -21.27 -23.48
CA LYS C 554 79.57 -21.39 -24.43
C LYS C 554 79.53 -22.83 -24.92
N GLY C 555 78.34 -23.28 -25.34
CA GLY C 555 78.08 -24.68 -25.63
C GLY C 555 77.42 -25.44 -24.50
N GLY C 556 77.08 -24.77 -23.39
CA GLY C 556 76.19 -25.30 -22.38
C GLY C 556 76.83 -25.99 -21.19
N ARG C 557 76.02 -26.83 -20.52
CA ARG C 557 76.43 -27.62 -19.37
C ARG C 557 75.97 -29.06 -19.58
N TYR C 558 76.70 -30.00 -18.98
CA TYR C 558 76.55 -31.44 -19.26
C TYR C 558 76.32 -32.18 -17.94
N ARG C 559 75.28 -33.04 -17.91
CA ARG C 559 74.86 -33.61 -16.63
C ARG C 559 75.85 -34.66 -16.12
N GLY C 560 76.09 -34.64 -14.81
CA GLY C 560 76.84 -35.68 -14.14
C GLY C 560 76.00 -36.87 -13.66
N ASP C 561 74.67 -36.74 -13.62
CA ASP C 561 73.80 -37.72 -12.98
C ASP C 561 73.47 -38.91 -13.88
N ILE C 562 73.23 -40.07 -13.23
CA ILE C 562 72.94 -41.34 -13.89
C ILE C 562 71.49 -41.73 -13.61
N ASN C 563 70.77 -42.17 -14.65
CA ASN C 563 69.41 -42.70 -14.54
C ASN C 563 69.42 -44.22 -14.77
N ILE C 564 68.70 -44.96 -13.92
CA ILE C 564 68.70 -46.43 -13.93
C ILE C 564 67.26 -46.93 -13.97
N LEU C 565 67.03 -48.01 -14.72
CA LEU C 565 65.74 -48.70 -14.80
C LEU C 565 65.92 -50.17 -14.45
N LEU C 566 65.13 -50.66 -13.50
CA LEU C 566 65.08 -52.08 -13.13
C LEU C 566 63.79 -52.67 -13.66
N CYS C 567 63.90 -53.70 -14.51
CA CYS C 567 62.73 -54.29 -15.17
C CYS C 567 62.83 -55.82 -15.12
N GLY C 568 61.73 -56.49 -14.82
CA GLY C 568 61.77 -57.95 -14.79
C GLY C 568 60.59 -58.56 -14.04
N ASP C 569 60.80 -59.82 -13.64
CA ASP C 569 59.72 -60.65 -13.09
C ASP C 569 59.30 -60.19 -11.69
N PRO C 570 58.07 -60.52 -11.26
CA PRO C 570 57.66 -60.24 -9.88
C PRO C 570 58.40 -61.11 -8.87
N SER C 571 58.28 -60.73 -7.60
CA SER C 571 59.00 -61.31 -6.45
C SER C 571 60.53 -61.21 -6.49
N THR C 572 61.13 -60.55 -7.49
CA THR C 572 62.59 -60.54 -7.64
C THR C 572 63.32 -59.58 -6.69
N SER C 573 62.63 -58.92 -5.76
CA SER C 573 63.17 -58.02 -4.71
C SER C 573 63.61 -56.65 -5.23
N LYS C 574 63.01 -56.17 -6.32
CA LYS C 574 63.31 -54.83 -6.84
C LYS C 574 62.95 -53.74 -5.82
N SER C 575 61.71 -53.77 -5.33
CA SER C 575 61.25 -52.72 -4.42
C SER C 575 62.03 -52.72 -3.10
N GLN C 576 62.46 -53.89 -2.64
CA GLN C 576 63.31 -53.95 -1.44
C GLN C 576 64.60 -53.17 -1.65
N ILE C 577 65.18 -53.22 -2.85
CA ILE C 577 66.40 -52.47 -3.13
C ILE C 577 66.12 -50.97 -3.10
N LEU C 578 64.96 -50.55 -3.66
CA LEU C 578 64.64 -49.12 -3.61
C LEU C 578 64.56 -48.59 -2.18
N GLN C 579 64.16 -49.43 -1.21
CA GLN C 579 64.15 -48.97 0.19
C GLN C 579 65.55 -48.55 0.66
N TYR C 580 66.57 -49.38 0.37
CA TYR C 580 67.92 -49.07 0.81
C TYR C 580 68.42 -47.78 0.19
N VAL C 581 68.21 -47.61 -1.12
CA VAL C 581 68.68 -46.38 -1.76
C VAL C 581 67.99 -45.16 -1.15
N HIS C 582 66.68 -45.26 -0.89
CA HIS C 582 65.95 -44.14 -0.31
C HIS C 582 66.48 -43.74 1.07
N LYS C 583 66.96 -44.71 1.87
CA LYS C 583 67.49 -44.37 3.18
C LYS C 583 68.97 -43.98 3.18
N ILE C 584 69.75 -44.47 2.21
CA ILE C 584 71.17 -44.12 2.13
C ILE C 584 71.37 -42.67 1.68
N THR C 585 70.58 -42.22 0.70
CA THR C 585 70.87 -40.93 0.05
C THR C 585 70.62 -39.77 1.03
N PRO C 586 71.45 -38.72 1.02
CA PRO C 586 71.17 -37.57 1.90
C PRO C 586 69.85 -36.86 1.60
N ARG C 587 69.51 -36.71 0.32
CA ARG C 587 68.28 -36.08 -0.13
C ARG C 587 67.63 -36.98 -1.16
N GLY C 588 66.31 -37.07 -1.14
CA GLY C 588 65.61 -37.92 -2.08
C GLY C 588 64.18 -38.20 -1.66
N VAL C 589 63.47 -38.89 -2.56
CA VAL C 589 62.04 -39.16 -2.41
C VAL C 589 61.76 -40.58 -2.95
N TYR C 590 60.78 -41.25 -2.33
CA TYR C 590 60.24 -42.53 -2.82
C TYR C 590 58.76 -42.31 -3.16
N THR C 591 58.32 -42.84 -4.30
CA THR C 591 56.93 -42.65 -4.71
C THR C 591 56.49 -43.78 -5.63
N SER C 592 55.18 -43.81 -5.93
CA SER C 592 54.54 -44.87 -6.70
C SER C 592 53.86 -44.32 -7.95
N GLY C 593 53.68 -45.22 -8.93
CA GLY C 593 53.13 -44.79 -10.22
C GLY C 593 51.72 -44.29 -10.14
N LYS C 594 50.83 -45.02 -9.44
CA LYS C 594 49.46 -44.58 -9.27
C LYS C 594 49.30 -43.44 -8.27
N GLY C 595 50.34 -43.10 -7.51
CA GLY C 595 50.29 -42.02 -6.55
C GLY C 595 50.67 -40.64 -7.08
N SER C 596 51.10 -40.52 -8.34
CA SER C 596 51.75 -39.31 -8.85
C SER C 596 50.98 -38.69 -10.01
N SER C 597 50.78 -37.37 -9.94
CA SER C 597 50.27 -36.57 -11.05
C SER C 597 51.41 -35.77 -11.69
N ALA C 598 51.15 -35.26 -12.90
CA ALA C 598 52.14 -34.43 -13.61
C ALA C 598 52.54 -33.22 -12.78
N VAL C 599 51.55 -32.56 -12.17
CA VAL C 599 51.81 -31.41 -11.31
C VAL C 599 52.58 -31.82 -10.07
N GLY C 600 52.12 -32.87 -9.40
CA GLY C 600 52.76 -33.29 -8.15
C GLY C 600 54.20 -33.70 -8.34
N LEU C 601 54.52 -34.26 -9.50
CA LEU C 601 55.88 -34.72 -9.77
C LEU C 601 56.85 -33.56 -10.04
N THR C 602 56.37 -32.41 -10.54
CA THR C 602 57.25 -31.28 -10.87
C THR C 602 57.01 -29.99 -10.07
N ALA C 603 55.88 -29.32 -10.27
CA ALA C 603 55.62 -28.04 -9.59
C ALA C 603 54.15 -27.66 -9.75
N TYR C 604 53.64 -26.84 -8.81
CA TYR C 604 52.21 -26.60 -8.62
C TYR C 604 51.90 -25.11 -8.46
N ILE C 605 50.92 -24.61 -9.23
CA ILE C 605 50.44 -23.23 -9.12
C ILE C 605 49.44 -23.15 -7.97
N THR C 606 49.61 -22.20 -7.06
CA THR C 606 48.73 -22.13 -5.88
C THR C 606 48.46 -20.72 -5.35
N LEU C 614 49.04 -15.26 -5.97
CA LEU C 614 49.50 -16.28 -6.91
C LEU C 614 50.97 -16.66 -6.61
N VAL C 615 51.20 -17.94 -6.27
CA VAL C 615 52.51 -18.44 -5.84
C VAL C 615 52.77 -19.79 -6.51
N LEU C 616 54.05 -20.12 -6.70
CA LEU C 616 54.49 -21.41 -7.23
C LEU C 616 54.97 -22.32 -6.09
N GLU C 617 54.75 -23.63 -6.23
CA GLU C 617 55.11 -24.62 -5.21
C GLU C 617 55.80 -25.83 -5.83
N SER C 618 56.65 -26.47 -5.02
CA SER C 618 57.56 -27.54 -5.45
C SER C 618 56.92 -28.94 -5.44
N GLY C 619 57.29 -29.76 -6.43
CA GLY C 619 56.93 -31.16 -6.47
C GLY C 619 58.12 -32.06 -6.17
N ALA C 620 57.92 -33.37 -6.39
CA ALA C 620 58.90 -34.39 -5.97
C ALA C 620 60.28 -34.19 -6.62
N LEU C 621 60.33 -34.02 -7.94
CA LEU C 621 61.62 -33.88 -8.62
C LEU C 621 62.37 -32.63 -8.20
N VAL C 622 61.67 -31.59 -7.72
CA VAL C 622 62.31 -30.36 -7.26
C VAL C 622 62.81 -30.53 -5.83
N LEU C 623 62.01 -31.17 -4.97
CA LEU C 623 62.48 -31.47 -3.61
C LEU C 623 63.69 -32.38 -3.63
N SER C 624 63.79 -33.25 -4.64
CA SER C 624 64.85 -34.23 -4.76
C SER C 624 66.13 -33.70 -5.41
N ASP C 625 66.24 -32.37 -5.57
CA ASP C 625 67.36 -31.79 -6.31
C ASP C 625 68.70 -32.14 -5.67
N GLY C 626 69.64 -32.61 -6.48
CA GLY C 626 70.92 -33.08 -6.01
C GLY C 626 70.93 -34.45 -5.38
N GLY C 627 69.78 -35.14 -5.35
CA GLY C 627 69.64 -36.44 -4.73
C GLY C 627 69.20 -37.51 -5.71
N VAL C 628 68.47 -38.50 -5.21
CA VAL C 628 67.95 -39.61 -6.01
C VAL C 628 66.45 -39.71 -5.79
N CYS C 629 65.69 -39.82 -6.89
CA CYS C 629 64.24 -39.93 -6.87
C CYS C 629 63.86 -41.36 -7.26
N CYS C 630 63.29 -42.10 -6.31
CA CYS C 630 62.92 -43.49 -6.51
C CYS C 630 61.46 -43.55 -6.95
N ILE C 631 61.21 -44.19 -8.09
CA ILE C 631 59.86 -44.31 -8.65
C ILE C 631 59.56 -45.79 -8.82
N ASP C 632 58.50 -46.27 -8.15
CA ASP C 632 58.10 -47.67 -8.15
C ASP C 632 56.74 -47.81 -8.84
N GLU C 633 56.48 -49.01 -9.39
CA GLU C 633 55.33 -49.26 -10.27
C GLU C 633 55.31 -48.28 -11.43
N PHE C 634 56.48 -48.07 -12.04
CA PHE C 634 56.65 -47.14 -13.15
C PHE C 634 55.75 -47.50 -14.35
N ASP C 635 55.43 -48.79 -14.52
CA ASP C 635 54.58 -49.22 -15.63
C ASP C 635 53.09 -48.93 -15.43
N LYS C 636 52.68 -48.39 -14.28
CA LYS C 636 51.26 -48.11 -14.04
C LYS C 636 50.87 -46.68 -14.40
N MET C 637 51.82 -45.73 -14.37
CA MET C 637 51.48 -44.34 -14.68
C MET C 637 51.29 -44.16 -16.19
N SER C 638 50.43 -43.20 -16.53
CA SER C 638 49.97 -43.02 -17.91
C SER C 638 51.03 -42.35 -18.77
N ASP C 639 50.82 -42.43 -20.09
CA ASP C 639 51.72 -41.77 -21.05
C ASP C 639 51.73 -40.25 -20.84
N SER C 640 50.61 -39.69 -20.40
CA SER C 640 50.54 -38.26 -20.10
C SER C 640 51.50 -37.89 -18.97
N THR C 641 51.46 -38.64 -17.87
CA THR C 641 52.35 -38.34 -16.75
C THR C 641 53.81 -38.64 -17.09
N ARG C 642 54.08 -39.75 -17.78
CA ARG C 642 55.47 -40.09 -18.10
C ARG C 642 56.10 -39.09 -19.08
N SER C 643 55.29 -38.44 -19.93
CA SER C 643 55.84 -37.47 -20.88
C SER C 643 56.51 -36.28 -20.19
N VAL C 644 56.14 -36.00 -18.94
CA VAL C 644 56.78 -34.91 -18.19
C VAL C 644 58.27 -35.17 -17.99
N LEU C 645 58.67 -36.44 -17.86
CA LEU C 645 60.04 -36.77 -17.51
C LEU C 645 61.06 -36.51 -18.62
N HIS C 646 60.63 -36.37 -19.89
CA HIS C 646 61.57 -36.21 -21.00
C HIS C 646 62.50 -35.01 -20.79
N GLU C 647 61.91 -33.84 -20.56
CA GLU C 647 62.66 -32.59 -20.43
C GLU C 647 63.54 -32.60 -19.18
N VAL C 648 63.01 -33.09 -18.06
CA VAL C 648 63.75 -33.06 -16.81
C VAL C 648 64.95 -34.00 -16.87
N MET C 649 64.77 -35.18 -17.49
CA MET C 649 65.89 -36.12 -17.60
C MET C 649 66.95 -35.61 -18.58
N GLU C 650 66.54 -35.04 -19.71
CA GLU C 650 67.53 -34.63 -20.70
C GLU C 650 68.28 -33.38 -20.25
N GLN C 651 67.56 -32.33 -19.86
CA GLN C 651 68.17 -31.03 -19.56
C GLN C 651 68.53 -30.83 -18.09
N GLN C 652 67.85 -31.52 -17.17
CA GLN C 652 67.88 -31.23 -15.74
C GLN C 652 67.33 -29.84 -15.41
N THR C 653 66.31 -29.41 -16.16
CA THR C 653 65.59 -28.17 -15.90
C THR C 653 64.09 -28.39 -16.13
N ILE C 654 63.28 -27.52 -15.53
CA ILE C 654 61.82 -27.56 -15.61
C ILE C 654 61.36 -26.19 -16.10
N SER C 655 60.80 -26.12 -17.31
CA SER C 655 60.23 -24.87 -17.83
C SER C 655 58.72 -24.85 -17.62
N ILE C 656 58.19 -23.69 -17.21
CA ILE C 656 56.77 -23.51 -16.86
C ILE C 656 56.28 -22.24 -17.55
N ALA C 657 55.06 -22.29 -18.09
CA ALA C 657 54.43 -21.10 -18.70
C ALA C 657 52.90 -21.22 -18.55
N LYS C 658 52.38 -20.64 -17.47
CA LYS C 658 50.97 -20.69 -17.11
C LYS C 658 50.51 -19.29 -16.72
N ALA C 659 49.20 -19.12 -16.49
CA ALA C 659 48.65 -17.80 -16.19
C ALA C 659 49.35 -17.14 -15.00
N GLY C 660 49.99 -16.00 -15.26
CA GLY C 660 50.67 -15.21 -14.25
C GLY C 660 52.05 -15.68 -13.83
N ILE C 661 52.53 -16.84 -14.30
CA ILE C 661 53.88 -17.32 -13.94
C ILE C 661 54.53 -17.95 -15.17
N ILE C 662 55.77 -17.55 -15.44
CA ILE C 662 56.59 -18.12 -16.52
C ILE C 662 58.05 -18.08 -16.09
N THR C 663 58.71 -19.25 -16.01
CA THR C 663 60.07 -19.33 -15.47
C THR C 663 60.67 -20.71 -15.79
N THR C 664 61.96 -20.89 -15.42
CA THR C 664 62.67 -22.17 -15.53
C THR C 664 63.40 -22.47 -14.23
N LEU C 665 63.32 -23.72 -13.76
CA LEU C 665 63.90 -24.15 -12.49
C LEU C 665 64.92 -25.27 -12.71
N ASN C 666 65.89 -25.38 -11.80
CA ASN C 666 66.94 -26.40 -11.88
C ASN C 666 66.52 -27.69 -11.17
N ALA C 667 66.87 -28.83 -11.79
CA ALA C 667 66.54 -30.16 -11.24
C ALA C 667 67.68 -31.15 -11.53
N ARG C 668 68.70 -31.13 -10.68
CA ARG C 668 69.86 -32.04 -10.77
C ARG C 668 69.53 -33.35 -10.05
N SER C 669 68.54 -34.06 -10.60
CA SER C 669 67.88 -35.19 -9.93
C SER C 669 68.14 -36.50 -10.67
N SER C 670 68.57 -37.53 -9.93
CA SER C 670 68.84 -38.86 -10.47
C SER C 670 67.61 -39.74 -10.28
N ILE C 671 67.18 -40.45 -11.33
CA ILE C 671 65.99 -41.30 -11.27
C ILE C 671 66.42 -42.76 -11.16
N LEU C 672 65.77 -43.48 -10.24
CA LEU C 672 65.88 -44.92 -10.07
C LEU C 672 64.48 -45.50 -10.20
N ALA C 673 64.25 -46.30 -11.25
CA ALA C 673 62.91 -46.76 -11.63
C ALA C 673 62.77 -48.28 -11.53
N SER C 674 61.52 -48.71 -11.28
CA SER C 674 61.17 -50.12 -11.11
C SER C 674 59.89 -50.43 -11.87
N ALA C 675 59.87 -51.53 -12.63
CA ALA C 675 58.72 -51.89 -13.46
C ALA C 675 58.69 -53.40 -13.71
N ASN C 676 57.52 -53.90 -14.14
CA ASN C 676 57.34 -55.29 -14.60
C ASN C 676 56.89 -55.30 -16.07
N PRO C 677 57.27 -56.33 -16.85
CA PRO C 677 57.03 -56.29 -18.31
C PRO C 677 55.55 -56.38 -18.67
N ILE C 678 55.26 -56.15 -19.96
CA ILE C 678 53.91 -56.35 -20.47
C ILE C 678 53.56 -57.82 -20.34
N GLY C 679 52.32 -58.09 -19.92
CA GLY C 679 51.92 -59.43 -19.52
C GLY C 679 52.32 -59.81 -18.11
N SER C 680 53.08 -58.96 -17.41
CA SER C 680 53.37 -59.07 -15.98
C SER C 680 54.35 -60.18 -15.61
N ARG C 681 54.77 -61.00 -16.57
CA ARG C 681 55.84 -61.96 -16.40
C ARG C 681 56.57 -62.03 -17.74
N TYR C 682 57.91 -62.09 -17.69
CA TYR C 682 58.69 -61.94 -18.92
C TYR C 682 58.39 -63.08 -19.89
N ASN C 683 58.02 -62.71 -21.11
CA ASN C 683 57.59 -63.65 -22.13
C ASN C 683 58.75 -63.90 -23.10
N PRO C 684 59.36 -65.09 -23.14
CA PRO C 684 60.53 -65.26 -24.02
C PRO C 684 60.21 -65.34 -25.51
N ASN C 685 58.93 -65.34 -25.90
CA ASN C 685 58.55 -65.41 -27.31
C ASN C 685 58.41 -64.04 -27.98
N LEU C 686 58.66 -62.93 -27.23
CA LEU C 686 58.67 -61.58 -27.75
C LEU C 686 60.08 -60.99 -27.65
N PRO C 687 60.47 -60.07 -28.54
CA PRO C 687 61.79 -59.43 -28.37
C PRO C 687 61.81 -58.54 -27.14
N VAL C 688 63.04 -58.23 -26.69
CA VAL C 688 63.24 -57.54 -25.42
C VAL C 688 62.56 -56.17 -25.43
N THR C 689 62.71 -55.41 -26.52
CA THR C 689 62.12 -54.07 -26.57
C THR C 689 60.60 -54.13 -26.49
N GLU C 690 59.99 -55.20 -27.01
CA GLU C 690 58.54 -55.34 -26.94
C GLU C 690 58.08 -55.80 -25.55
N ASN C 691 58.92 -56.56 -24.84
CA ASN C 691 58.59 -56.91 -23.46
C ASN C 691 58.67 -55.69 -22.54
N ILE C 692 59.68 -54.84 -22.73
CA ILE C 692 59.84 -53.66 -21.88
C ILE C 692 58.72 -52.65 -22.14
N ASP C 693 58.41 -52.39 -23.42
CA ASP C 693 57.23 -51.66 -23.89
C ASP C 693 57.22 -50.14 -23.59
N LEU C 694 58.30 -49.56 -23.05
CA LEU C 694 58.38 -48.10 -22.99
C LEU C 694 58.65 -47.54 -24.41
N PRO C 695 58.12 -46.35 -24.75
CA PRO C 695 58.38 -45.82 -26.09
C PRO C 695 59.83 -45.42 -26.24
N PRO C 696 60.38 -45.44 -27.48
CA PRO C 696 61.85 -45.21 -27.65
C PRO C 696 62.35 -43.85 -27.14
N PRO C 697 61.61 -42.73 -27.28
CA PRO C 697 62.16 -41.46 -26.75
C PRO C 697 62.40 -41.46 -25.26
N LEU C 698 61.66 -42.27 -24.50
CA LEU C 698 61.86 -42.38 -23.05
C LEU C 698 62.87 -43.46 -22.70
N LEU C 699 62.83 -44.61 -23.39
CA LEU C 699 63.79 -45.67 -23.11
C LEU C 699 65.22 -45.25 -23.47
N SER C 700 65.37 -44.32 -24.42
CA SER C 700 66.69 -43.80 -24.80
C SER C 700 67.35 -42.95 -23.72
N ARG C 701 66.60 -42.49 -22.70
CA ARG C 701 67.11 -41.56 -21.71
C ARG C 701 67.69 -42.22 -20.44
N PHE C 702 67.64 -43.55 -20.33
CA PHE C 702 68.24 -44.25 -19.19
C PHE C 702 69.67 -44.67 -19.50
N ASP C 703 70.56 -44.49 -18.53
CA ASP C 703 71.97 -44.87 -18.71
C ASP C 703 72.15 -46.39 -18.62
N LEU C 704 71.44 -47.04 -17.70
CA LEU C 704 71.49 -48.49 -17.50
C LEU C 704 70.07 -49.04 -17.45
N VAL C 705 69.84 -50.15 -18.17
CA VAL C 705 68.57 -50.88 -18.16
C VAL C 705 68.90 -52.32 -17.77
N TYR C 706 68.26 -52.82 -16.69
CA TYR C 706 68.50 -54.16 -16.17
C TYR C 706 67.31 -55.08 -16.44
N LEU C 707 67.59 -56.28 -16.95
CA LEU C 707 66.65 -57.39 -16.96
C LEU C 707 66.99 -58.33 -15.80
N VAL C 708 66.00 -58.62 -14.95
CA VAL C 708 66.15 -59.56 -13.85
C VAL C 708 65.05 -60.61 -13.98
N LEU C 709 65.43 -61.89 -13.89
CA LEU C 709 64.58 -63.01 -14.29
C LEU C 709 64.47 -64.06 -13.19
N ASP C 710 63.26 -64.57 -12.99
CA ASP C 710 62.94 -65.57 -11.98
C ASP C 710 63.14 -66.99 -12.54
N LYS C 711 64.41 -67.30 -12.82
CA LYS C 711 64.81 -68.59 -13.41
C LYS C 711 64.93 -69.67 -12.33
N VAL C 712 64.27 -70.82 -12.54
CA VAL C 712 64.32 -71.92 -11.58
C VAL C 712 65.66 -72.65 -11.66
N ASP C 713 66.23 -72.98 -10.50
CA ASP C 713 67.49 -73.73 -10.41
C ASP C 713 67.65 -74.24 -8.98
N GLU C 714 67.81 -75.56 -8.80
CA GLU C 714 67.91 -76.14 -7.45
C GLU C 714 69.11 -75.57 -6.68
N LYS C 715 70.25 -75.36 -7.35
CA LYS C 715 71.42 -74.79 -6.68
C LYS C 715 71.11 -73.42 -6.10
N ASN C 716 70.55 -72.55 -6.92
CA ASN C 716 70.15 -71.21 -6.48
C ASN C 716 69.10 -71.28 -5.37
N ASP C 717 68.10 -72.15 -5.56
CA ASP C 717 66.96 -72.19 -4.66
C ASP C 717 67.36 -72.65 -3.26
N ARG C 718 68.26 -73.64 -3.13
CA ARG C 718 68.67 -74.06 -1.78
C ARG C 718 69.36 -72.93 -1.03
N GLU C 719 70.24 -72.18 -1.72
CA GLU C 719 70.92 -71.07 -1.07
C GLU C 719 69.94 -69.97 -0.68
N LEU C 720 69.02 -69.63 -1.56
CA LEU C 720 68.03 -68.59 -1.25
C LEU C 720 67.16 -69.00 -0.07
N ALA C 721 66.71 -70.26 -0.07
CA ALA C 721 65.86 -70.76 1.01
C ALA C 721 66.60 -70.78 2.34
N LYS C 722 67.87 -71.20 2.34
CA LYS C 722 68.65 -71.18 3.58
C LYS C 722 68.86 -69.75 4.07
N HIS C 723 69.10 -68.82 3.15
CA HIS C 723 69.29 -67.42 3.54
C HIS C 723 68.04 -66.83 4.19
N LEU C 724 66.87 -66.99 3.55
CA LEU C 724 65.65 -66.38 4.11
C LEU C 724 65.21 -67.06 5.39
N THR C 725 65.33 -68.39 5.49
CA THR C 725 64.90 -69.06 6.72
C THR C 725 65.82 -68.77 7.90
N ASN C 726 67.09 -68.44 7.65
CA ASN C 726 68.01 -68.14 8.76
C ASN C 726 67.60 -66.89 9.54
N LEU C 727 66.85 -65.97 8.93
CA LEU C 727 66.41 -64.76 9.64
C LEU C 727 65.42 -65.05 10.76
N TYR C 728 64.74 -66.21 10.74
CA TYR C 728 63.75 -66.54 11.76
C TYR C 728 64.30 -67.40 12.91
N LEU C 729 65.60 -67.66 12.95
CA LEU C 729 66.22 -68.41 14.06
C LEU C 729 66.47 -67.55 15.30
N GLU C 730 66.24 -66.23 15.22
CA GLU C 730 66.48 -65.30 16.32
C GLU C 730 65.31 -64.33 16.39
N ASP C 731 65.11 -63.73 17.58
CA ASP C 731 63.99 -62.79 17.74
C ASP C 731 64.26 -61.48 17.00
N LYS C 732 65.42 -60.87 17.24
CA LYS C 732 65.88 -59.65 16.57
C LYS C 732 67.23 -59.98 15.93
N PRO C 733 67.29 -60.38 14.65
CA PRO C 733 68.49 -61.06 14.13
C PRO C 733 69.78 -60.25 14.18
N GLU C 734 70.85 -60.93 14.60
CA GLU C 734 72.22 -60.49 14.41
C GLU C 734 72.82 -60.97 13.09
N HIS C 735 72.19 -61.98 12.47
CA HIS C 735 72.73 -62.60 11.26
C HIS C 735 72.72 -61.63 10.08
N ILE C 736 73.70 -61.80 9.18
CA ILE C 736 73.91 -60.92 8.04
C ILE C 736 74.58 -61.73 6.93
N SER C 737 74.36 -61.33 5.67
CA SER C 737 74.70 -62.19 4.53
C SER C 737 76.19 -62.46 4.36
N GLN C 738 77.08 -61.62 4.89
CA GLN C 738 78.51 -61.71 4.60
C GLN C 738 79.34 -61.33 5.82
N ASP C 739 80.57 -61.85 5.87
CA ASP C 739 81.43 -61.67 7.03
C ASP C 739 81.93 -60.23 7.14
N ASP C 740 82.29 -59.59 6.02
CA ASP C 740 82.95 -58.27 6.01
C ASP C 740 82.10 -57.28 5.22
N VAL C 741 81.45 -56.36 5.92
CA VAL C 741 80.75 -55.22 5.32
C VAL C 741 81.06 -53.98 6.15
N LEU C 742 80.97 -52.81 5.50
CA LEU C 742 81.27 -51.55 6.17
C LEU C 742 80.02 -51.01 6.88
N PRO C 743 80.16 -50.38 8.05
CA PRO C 743 78.99 -49.72 8.65
C PRO C 743 78.47 -48.59 7.78
N VAL C 744 77.16 -48.34 7.89
CA VAL C 744 76.48 -47.36 7.03
C VAL C 744 77.07 -45.96 7.22
N GLU C 745 77.41 -45.60 8.46
CA GLU C 745 77.97 -44.28 8.74
C GLU C 745 79.27 -44.05 7.99
N PHE C 746 80.21 -44.99 8.11
CA PHE C 746 81.51 -44.85 7.45
C PHE C 746 81.36 -44.85 5.93
N LEU C 747 80.50 -45.72 5.41
CA LEU C 747 80.25 -45.78 3.97
C LEU C 747 79.73 -44.44 3.45
N THR C 748 78.81 -43.84 4.21
CA THR C 748 78.31 -42.52 3.88
C THR C 748 79.44 -41.49 3.86
N MET C 749 80.34 -41.56 4.86
CA MET C 749 81.47 -40.64 4.89
C MET C 749 82.34 -40.77 3.65
N TYR C 750 82.66 -42.00 3.25
CA TYR C 750 83.48 -42.24 2.06
C TYR C 750 82.84 -41.62 0.83
N ILE C 751 81.57 -41.94 0.61
CA ILE C 751 80.88 -41.46 -0.60
C ILE C 751 80.81 -39.93 -0.61
N SER C 752 80.49 -39.33 0.53
CA SER C 752 80.36 -37.87 0.61
C SER C 752 81.69 -37.18 0.31
N TYR C 753 82.77 -37.64 0.96
CA TYR C 753 84.08 -37.04 0.73
C TYR C 753 84.50 -37.17 -0.73
N ALA C 754 84.32 -38.36 -1.30
CA ALA C 754 84.71 -38.57 -2.70
C ALA C 754 83.92 -37.68 -3.63
N LYS C 755 82.66 -37.42 -3.32
CA LYS C 755 81.88 -36.49 -4.15
C LYS C 755 82.43 -35.08 -4.06
N GLU C 756 82.90 -34.67 -2.88
CA GLU C 756 83.33 -33.27 -2.75
C GLU C 756 84.73 -33.03 -3.32
N HIS C 757 85.70 -33.89 -3.04
CA HIS C 757 87.11 -33.56 -3.29
C HIS C 757 87.67 -34.05 -4.62
N ILE C 758 87.05 -35.05 -5.26
CA ILE C 758 87.64 -35.75 -6.41
C ILE C 758 86.91 -35.33 -7.68
N HIS C 759 87.68 -35.03 -8.73
CA HIS C 759 87.15 -34.55 -10.02
C HIS C 759 87.99 -35.13 -11.17
N PRO C 760 87.68 -36.35 -11.64
CA PRO C 760 88.51 -36.98 -12.68
C PRO C 760 88.44 -36.28 -14.04
N ILE C 761 89.50 -36.45 -14.84
CA ILE C 761 89.59 -35.94 -16.21
C ILE C 761 89.88 -37.07 -17.19
N ILE C 762 89.51 -36.85 -18.46
CA ILE C 762 89.76 -37.83 -19.52
C ILE C 762 91.25 -37.81 -19.88
N THR C 763 91.85 -39.00 -19.94
CA THR C 763 93.19 -39.21 -20.50
C THR C 763 93.08 -39.55 -21.99
N GLU C 764 94.15 -39.28 -22.75
CA GLU C 764 94.16 -39.58 -24.18
C GLU C 764 93.90 -41.06 -24.45
N ALA C 765 94.47 -41.93 -23.62
CA ALA C 765 94.25 -43.37 -23.76
C ALA C 765 92.77 -43.71 -23.62
N ALA C 766 92.11 -43.11 -22.62
CA ALA C 766 90.68 -43.31 -22.43
C ALA C 766 89.89 -42.82 -23.62
N LYS C 767 90.31 -41.70 -24.22
CA LYS C 767 89.64 -41.18 -25.41
C LYS C 767 89.70 -42.19 -26.55
N THR C 768 90.89 -42.77 -26.80
CA THR C 768 91.02 -43.75 -27.87
C THR C 768 90.13 -44.96 -27.63
N GLU C 769 90.14 -45.48 -26.39
CA GLU C 769 89.29 -46.65 -26.12
C GLU C 769 87.81 -46.33 -26.27
N LEU C 770 87.37 -45.15 -25.81
CA LEU C 770 85.95 -44.81 -25.94
C LEU C 770 85.52 -44.72 -27.39
N VAL C 771 86.34 -44.10 -28.25
CA VAL C 771 86.01 -44.03 -29.68
C VAL C 771 85.94 -45.43 -30.28
N ARG C 772 86.93 -46.27 -29.96
CA ARG C 772 86.94 -47.64 -30.49
C ARG C 772 85.71 -48.42 -30.04
N ALA C 773 85.40 -48.35 -28.74
CA ALA C 773 84.27 -49.11 -28.20
C ALA C 773 82.95 -48.65 -28.79
N TYR C 774 82.77 -47.34 -28.95
CA TYR C 774 81.53 -46.83 -29.54
C TYR C 774 81.37 -47.29 -30.98
N VAL C 775 82.46 -47.25 -31.76
CA VAL C 775 82.39 -47.74 -33.14
C VAL C 775 82.09 -49.23 -33.16
N GLY C 776 82.61 -49.98 -32.18
CA GLY C 776 82.31 -51.40 -32.10
C GLY C 776 80.84 -51.69 -31.84
N MET C 777 80.24 -50.99 -30.87
CA MET C 777 78.81 -51.20 -30.62
C MET C 777 77.95 -50.68 -31.78
N ARG C 778 78.41 -49.63 -32.44
CA ARG C 778 77.67 -48.97 -33.52
C ARG C 778 77.65 -49.80 -34.79
N LYS C 779 78.81 -50.31 -35.23
CA LYS C 779 78.91 -51.00 -36.51
C LYS C 779 78.32 -52.41 -36.40
N MET C 780 77.21 -52.64 -37.11
CA MET C 780 76.43 -53.88 -37.02
C MET C 780 75.98 -54.35 -38.39
N THR C 792 69.97 -50.88 -31.30
CA THR C 792 71.07 -50.22 -31.99
C THR C 792 71.63 -49.08 -31.13
N ALA C 793 72.95 -48.99 -31.03
CA ALA C 793 73.59 -47.97 -30.23
C ALA C 793 73.34 -46.58 -30.82
N THR C 794 72.83 -45.67 -29.98
CA THR C 794 72.63 -44.26 -30.33
C THR C 794 73.81 -43.44 -29.83
N THR C 795 73.80 -42.13 -30.12
CA THR C 795 74.87 -41.26 -29.63
C THR C 795 74.87 -41.17 -28.11
N ARG C 796 73.71 -41.40 -27.45
CA ARG C 796 73.68 -41.37 -25.99
C ARG C 796 74.47 -42.50 -25.34
N GLN C 797 74.69 -43.61 -26.05
CA GLN C 797 75.52 -44.68 -25.48
C GLN C 797 76.94 -44.18 -25.22
N LEU C 798 77.44 -43.28 -26.06
CA LEU C 798 78.78 -42.73 -25.86
C LEU C 798 78.85 -41.89 -24.58
N GLU C 799 77.92 -40.94 -24.43
CA GLU C 799 77.95 -40.04 -23.28
C GLU C 799 77.74 -40.79 -21.97
N SER C 800 76.84 -41.76 -21.96
CA SER C 800 76.62 -42.55 -20.75
C SER C 800 77.86 -43.38 -20.41
N MET C 801 78.58 -43.88 -21.43
CA MET C 801 79.85 -44.57 -21.16
C MET C 801 80.86 -43.64 -20.49
N ILE C 802 80.98 -42.41 -21.00
CA ILE C 802 81.90 -41.43 -20.41
C ILE C 802 81.51 -41.20 -18.95
N ARG C 803 80.22 -41.00 -18.71
CA ARG C 803 79.74 -40.71 -17.36
C ARG C 803 79.97 -41.88 -16.39
N LEU C 804 79.74 -43.12 -16.85
CA LEU C 804 79.99 -44.29 -16.01
C LEU C 804 81.47 -44.43 -15.69
N ALA C 805 82.34 -44.21 -16.69
CA ALA C 805 83.77 -44.30 -16.45
C ALA C 805 84.23 -43.26 -15.43
N GLU C 806 83.69 -42.04 -15.52
CA GLU C 806 84.02 -41.02 -14.52
C GLU C 806 83.57 -41.44 -13.13
N ALA C 807 82.36 -42.00 -13.01
CA ALA C 807 81.88 -42.45 -11.71
C ALA C 807 82.79 -43.54 -11.15
N HIS C 808 83.26 -44.44 -12.00
CA HIS C 808 84.18 -45.49 -11.55
C HIS C 808 85.49 -44.90 -11.05
N ALA C 809 85.98 -43.82 -11.70
CA ALA C 809 87.24 -43.23 -11.29
C ALA C 809 87.16 -42.58 -9.91
N LYS C 810 86.05 -41.90 -9.60
CA LYS C 810 85.88 -41.27 -8.29
C LYS C 810 85.92 -42.30 -7.18
N MET C 811 85.30 -43.46 -7.42
CA MET C 811 85.17 -44.51 -6.42
C MET C 811 86.52 -45.07 -5.98
N LYS C 812 87.58 -44.88 -6.77
CA LYS C 812 88.95 -45.24 -6.40
C LYS C 812 89.78 -44.03 -5.97
N LEU C 813 89.18 -42.85 -5.83
CA LEU C 813 89.87 -41.62 -5.44
C LEU C 813 91.01 -41.26 -6.39
N LYS C 814 90.83 -41.55 -7.69
CA LYS C 814 91.75 -41.13 -8.73
C LYS C 814 91.34 -39.79 -9.30
N ASN C 815 92.33 -39.05 -9.83
CA ASN C 815 92.12 -37.79 -10.53
C ASN C 815 92.07 -37.93 -12.05
N VAL C 816 92.21 -39.15 -12.59
CA VAL C 816 92.24 -39.37 -14.03
C VAL C 816 91.42 -40.61 -14.39
N VAL C 817 90.73 -40.53 -15.53
CA VAL C 817 90.05 -41.69 -16.11
C VAL C 817 91.06 -42.45 -16.97
N GLU C 818 91.13 -43.77 -16.79
CA GLU C 818 92.10 -44.63 -17.45
C GLU C 818 91.37 -45.74 -18.22
N LEU C 819 92.18 -46.54 -18.94
CA LEU C 819 91.67 -47.61 -19.78
C LEU C 819 90.83 -48.61 -18.99
N GLU C 820 91.27 -48.94 -17.78
CA GLU C 820 90.55 -49.87 -16.91
C GLU C 820 89.14 -49.38 -16.62
N ASP C 821 88.98 -48.07 -16.36
CA ASP C 821 87.68 -47.51 -16.04
C ASP C 821 86.74 -47.57 -17.23
N VAL C 822 87.26 -47.24 -18.43
CA VAL C 822 86.46 -47.31 -19.64
C VAL C 822 85.98 -48.74 -19.89
N GLN C 823 86.87 -49.71 -19.70
CA GLN C 823 86.50 -51.09 -19.97
C GLN C 823 85.46 -51.59 -18.95
N GLU C 824 85.55 -51.14 -17.69
CA GLU C 824 84.50 -51.51 -16.74
C GLU C 824 83.15 -50.90 -17.11
N ALA C 825 83.15 -49.64 -17.56
CA ALA C 825 81.90 -49.01 -17.98
C ALA C 825 81.25 -49.77 -19.14
N VAL C 826 82.07 -50.19 -20.11
CA VAL C 826 81.55 -50.98 -21.24
C VAL C 826 80.99 -52.31 -20.77
N ARG C 827 81.76 -53.03 -19.94
CA ARG C 827 81.37 -54.35 -19.47
C ARG C 827 80.03 -54.30 -18.73
N LEU C 828 79.86 -53.31 -17.86
CA LEU C 828 78.61 -53.23 -17.09
C LEU C 828 77.41 -52.97 -18.00
N ILE C 829 77.57 -52.13 -19.03
CA ILE C 829 76.45 -51.91 -19.95
C ILE C 829 76.08 -53.21 -20.66
N ARG C 830 77.07 -53.96 -21.14
CA ARG C 830 76.76 -55.21 -21.85
C ARG C 830 76.09 -56.22 -20.91
N SER C 831 76.52 -56.26 -19.65
CA SER C 831 75.97 -57.23 -18.70
C SER C 831 74.52 -56.91 -18.30
N ALA C 832 74.18 -55.63 -18.16
CA ALA C 832 72.87 -55.26 -17.62
C ALA C 832 71.70 -55.75 -18.48
N ILE C 833 71.78 -55.59 -19.81
CA ILE C 833 70.66 -55.92 -20.70
C ILE C 833 70.83 -57.33 -21.34
N LYS C 834 71.60 -58.21 -20.69
CA LYS C 834 71.72 -59.64 -21.07
C LYS C 834 72.16 -59.83 -22.54
N ASP C 835 73.04 -58.95 -23.01
CA ASP C 835 73.35 -58.89 -24.45
C ASP C 835 73.97 -60.18 -24.98
N TYR C 836 74.89 -60.78 -24.21
CA TYR C 836 75.55 -62.03 -24.62
C TYR C 836 74.56 -63.16 -24.90
N ALA C 837 73.45 -63.23 -24.14
CA ALA C 837 72.42 -64.23 -24.36
C ALA C 837 71.41 -63.83 -25.44
N THR C 838 71.51 -62.62 -25.98
CA THR C 838 70.55 -62.13 -26.96
C THR C 838 70.87 -62.66 -28.34
N ASP C 839 69.84 -63.12 -29.05
CA ASP C 839 69.99 -63.44 -30.46
C ASP C 839 70.31 -62.14 -31.20
N PRO C 840 71.43 -62.03 -31.91
CA PRO C 840 71.78 -60.72 -32.51
C PRO C 840 70.86 -60.28 -33.62
N LYS C 841 70.12 -61.20 -34.27
CA LYS C 841 69.25 -60.89 -35.39
C LYS C 841 67.78 -60.81 -35.01
N THR C 842 67.29 -61.73 -34.17
CA THR C 842 65.88 -61.76 -33.83
C THR C 842 65.52 -60.94 -32.60
N GLY C 843 66.48 -60.67 -31.72
CA GLY C 843 66.22 -59.88 -30.53
C GLY C 843 65.58 -60.62 -29.38
N LYS C 844 65.42 -61.94 -29.47
CA LYS C 844 64.93 -62.77 -28.39
C LYS C 844 66.11 -63.30 -27.57
N ILE C 845 65.82 -63.69 -26.33
CA ILE C 845 66.82 -64.19 -25.39
C ILE C 845 66.64 -65.69 -25.23
N ASP C 846 67.76 -66.42 -25.35
CA ASP C 846 67.77 -67.86 -25.08
C ASP C 846 67.83 -68.06 -23.58
N MET C 847 66.73 -68.55 -23.00
CA MET C 847 66.65 -68.73 -21.55
C MET C 847 67.65 -69.76 -21.04
N ASN C 848 68.11 -70.68 -21.91
CA ASN C 848 69.06 -71.69 -21.48
C ASN C 848 70.42 -71.09 -21.14
N LEU C 849 70.77 -69.95 -21.74
CA LEU C 849 72.07 -69.32 -21.50
C LEU C 849 72.10 -68.47 -20.24
N VAL C 850 70.96 -68.16 -19.64
CA VAL C 850 70.89 -67.30 -18.46
C VAL C 850 71.58 -68.02 -17.29
N ASP D 21 -2.09 26.34 4.35
CA ASP D 21 -3.10 25.45 5.01
C ASP D 21 -4.44 25.41 4.26
N ASP D 22 -5.01 26.56 3.89
CA ASP D 22 -6.30 26.57 3.20
C ASP D 22 -6.23 25.98 1.79
N ASP D 23 -5.09 26.09 1.10
CA ASP D 23 -4.99 25.59 -0.27
C ASP D 23 -5.32 24.11 -0.38
N ASN D 24 -4.94 23.32 0.63
CA ASN D 24 -5.28 21.89 0.61
C ASN D 24 -6.79 21.66 0.62
N THR D 25 -7.56 22.57 1.22
CA THR D 25 -9.02 22.42 1.26
C THR D 25 -9.68 22.95 -0.01
N GLU D 26 -9.17 24.05 -0.58
CA GLU D 26 -9.75 24.57 -1.82
C GLU D 26 -9.56 23.59 -2.97
N ILE D 27 -8.39 22.96 -3.07
CA ILE D 27 -8.14 22.00 -4.15
C ILE D 27 -9.07 20.79 -4.03
N ILE D 28 -9.21 20.26 -2.81
CA ILE D 28 -10.10 19.10 -2.59
C ILE D 28 -11.53 19.49 -2.93
N LYS D 29 -11.96 20.69 -2.50
CA LYS D 29 -13.30 21.17 -2.83
C LYS D 29 -13.50 21.23 -4.34
N SER D 30 -12.48 21.69 -5.08
CA SER D 30 -12.61 21.81 -6.53
C SER D 30 -12.81 20.44 -7.21
N PHE D 31 -11.97 19.46 -6.86
CA PHE D 31 -12.14 18.14 -7.52
C PHE D 31 -13.45 17.46 -7.07
N LYS D 32 -13.88 17.74 -5.83
CA LYS D 32 -15.17 17.22 -5.37
C LYS D 32 -16.31 17.78 -6.22
N ASN D 33 -16.27 19.09 -6.50
CA ASN D 33 -17.31 19.68 -7.35
C ASN D 33 -17.17 19.26 -8.82
N PHE D 34 -15.98 18.80 -9.23
CA PHE D 34 -15.86 18.25 -10.59
C PHE D 34 -16.68 16.99 -10.73
N ILE D 35 -16.51 16.04 -9.81
CA ILE D 35 -17.21 14.76 -9.96
C ILE D 35 -18.73 14.94 -9.87
N LEU D 36 -19.20 15.86 -9.02
CA LEU D 36 -20.64 16.02 -8.80
C LEU D 36 -21.37 16.73 -9.94
N GLU D 37 -20.67 17.31 -10.94
CA GLU D 37 -21.30 18.22 -11.89
C GLU D 37 -21.04 17.97 -13.37
N PHE D 38 -20.07 17.13 -13.74
CA PHE D 38 -19.71 16.98 -15.15
C PHE D 38 -20.77 16.16 -15.92
N ARG D 39 -21.66 16.85 -16.62
CA ARG D 39 -22.53 16.26 -17.65
C ARG D 39 -21.95 16.55 -19.03
N LEU D 40 -22.08 15.59 -19.94
CA LEU D 40 -21.88 15.87 -21.36
C LEU D 40 -23.20 16.19 -22.07
N ASP D 41 -24.18 15.27 -22.02
CA ASP D 41 -25.48 15.49 -22.64
C ASP D 41 -26.62 15.44 -21.63
N SER D 42 -26.87 14.28 -21.01
CA SER D 42 -27.91 14.16 -19.99
C SER D 42 -27.55 13.17 -18.87
N GLN D 43 -26.35 12.59 -18.87
CA GLN D 43 -25.92 11.60 -17.90
C GLN D 43 -24.72 12.14 -17.13
N PHE D 44 -24.76 12.07 -15.79
CA PHE D 44 -23.63 12.50 -14.96
C PHE D 44 -22.60 11.35 -14.94
N ILE D 45 -21.75 11.31 -15.97
CA ILE D 45 -20.94 10.12 -16.25
C ILE D 45 -20.03 9.69 -15.09
N TYR D 46 -19.46 10.64 -14.33
CA TYR D 46 -18.60 10.22 -13.21
C TYR D 46 -19.38 9.81 -11.96
N ARG D 47 -20.55 10.41 -11.70
CA ARG D 47 -21.39 9.92 -10.61
C ARG D 47 -21.86 8.50 -10.88
N ASP D 48 -22.31 8.24 -12.11
CA ASP D 48 -22.76 6.90 -12.48
C ASP D 48 -21.62 5.89 -12.41
N GLN D 49 -20.45 6.24 -12.95
CA GLN D 49 -19.34 5.29 -12.89
C GLN D 49 -18.94 4.99 -11.44
N LEU D 50 -18.88 6.03 -10.60
CA LEU D 50 -18.47 5.79 -9.22
C LEU D 50 -19.47 4.92 -8.48
N ARG D 51 -20.77 5.11 -8.73
CA ARG D 51 -21.75 4.22 -8.09
C ARG D 51 -21.64 2.79 -8.63
N ASN D 52 -21.58 2.64 -9.96
CA ASN D 52 -21.54 1.29 -10.53
C ASN D 52 -20.29 0.52 -10.13
N ASN D 53 -19.19 1.22 -9.82
CA ASN D 53 -17.98 0.52 -9.37
C ASN D 53 -18.15 -0.06 -7.97
N ILE D 54 -18.80 0.68 -7.05
CA ILE D 54 -18.94 0.23 -5.66
C ILE D 54 -19.78 -1.05 -5.57
N LEU D 55 -20.79 -1.19 -6.44
CA LEU D 55 -21.67 -2.35 -6.35
C LEU D 55 -20.95 -3.68 -6.61
N VAL D 56 -19.87 -3.66 -7.40
CA VAL D 56 -19.05 -4.85 -7.64
C VAL D 56 -17.76 -4.83 -6.81
N LYS D 57 -17.75 -3.99 -5.75
CA LYS D 57 -16.62 -3.87 -4.82
C LYS D 57 -15.30 -3.57 -5.55
N ASN D 58 -15.36 -2.60 -6.46
CA ASN D 58 -14.22 -2.02 -7.14
C ASN D 58 -14.11 -0.58 -6.63
N TYR D 59 -13.03 -0.28 -5.89
CA TYR D 59 -12.83 1.04 -5.30
C TYR D 59 -11.80 1.84 -6.10
N SER D 60 -12.24 2.38 -7.24
CA SER D 60 -11.38 3.17 -8.10
C SER D 60 -12.24 4.01 -9.04
N LEU D 61 -11.60 4.98 -9.71
CA LEU D 61 -12.29 5.83 -10.70
C LEU D 61 -11.33 6.12 -11.86
N THR D 62 -11.83 5.98 -13.09
CA THR D 62 -11.03 6.15 -14.31
C THR D 62 -11.37 7.49 -14.95
N VAL D 63 -10.63 8.54 -14.59
CA VAL D 63 -10.86 9.88 -15.14
C VAL D 63 -10.12 10.01 -16.46
N ASN D 64 -10.65 10.88 -17.34
CA ASN D 64 -10.10 11.16 -18.65
C ASN D 64 -9.63 12.60 -18.67
N MET D 65 -8.41 12.82 -19.17
CA MET D 65 -7.78 14.14 -19.10
C MET D 65 -8.57 15.19 -19.88
N GLU D 66 -9.11 14.81 -21.04
CA GLU D 66 -9.75 15.79 -21.91
C GLU D 66 -10.99 16.38 -21.26
N HIS D 67 -11.71 15.57 -20.48
CA HIS D 67 -12.88 16.06 -19.76
C HIS D 67 -12.46 17.03 -18.65
N LEU D 68 -11.37 16.71 -17.94
CA LEU D 68 -10.86 17.60 -16.91
C LEU D 68 -10.45 18.94 -17.51
N ILE D 69 -9.79 18.90 -18.67
CA ILE D 69 -9.36 20.13 -19.34
C ILE D 69 -10.58 20.93 -19.78
N GLY D 70 -11.60 20.25 -20.32
CA GLY D 70 -12.79 20.94 -20.74
C GLY D 70 -13.54 21.60 -19.59
N TYR D 71 -13.57 20.93 -18.44
CA TYR D 71 -14.30 21.48 -17.29
C TYR D 71 -13.67 22.77 -16.78
N ASN D 72 -12.37 22.74 -16.50
CA ASN D 72 -11.66 23.92 -16.00
C ASN D 72 -10.17 23.69 -16.23
N GLU D 73 -9.56 24.53 -17.06
CA GLU D 73 -8.16 24.33 -17.43
C GLU D 73 -7.21 24.60 -16.26
N ASP D 74 -7.63 25.43 -15.30
CA ASP D 74 -6.76 25.75 -14.16
C ASP D 74 -6.46 24.51 -13.32
N ILE D 75 -7.47 23.65 -13.13
CA ILE D 75 -7.26 22.43 -12.34
C ILE D 75 -6.23 21.55 -13.02
N TYR D 76 -6.34 21.41 -14.35
CA TYR D 76 -5.37 20.63 -15.10
C TYR D 76 -3.98 21.26 -15.01
N LYS D 77 -3.90 22.59 -14.99
CA LYS D 77 -2.60 23.24 -14.85
C LYS D 77 -1.95 22.88 -13.52
N LYS D 78 -2.72 22.95 -12.43
CA LYS D 78 -2.18 22.58 -11.12
C LYS D 78 -1.71 21.13 -11.13
N LEU D 79 -2.54 20.24 -11.68
CA LEU D 79 -2.18 18.81 -11.76
C LEU D 79 -0.92 18.59 -12.61
N SER D 80 -0.78 19.35 -13.70
CA SER D 80 0.37 19.16 -14.59
C SER D 80 1.65 19.68 -13.97
N ASP D 81 1.58 20.72 -13.13
CA ASP D 81 2.80 21.28 -12.53
C ASP D 81 3.37 20.41 -11.41
N GLU D 82 2.52 19.90 -10.50
CA GLU D 82 2.96 19.18 -9.29
C GLU D 82 2.17 17.90 -9.08
N PRO D 83 2.37 16.88 -9.93
CA PRO D 83 1.55 15.66 -9.81
C PRO D 83 1.77 14.86 -8.52
N SER D 84 3.00 14.73 -8.03
CA SER D 84 3.25 13.98 -6.79
C SER D 84 2.47 14.53 -5.61
N ASP D 85 2.28 15.85 -5.56
CA ASP D 85 1.58 16.48 -4.45
C ASP D 85 0.06 16.46 -4.64
N ILE D 86 -0.40 16.66 -5.87
CA ILE D 86 -1.83 16.86 -6.10
C ILE D 86 -2.61 15.55 -6.30
N ILE D 87 -1.98 14.47 -6.80
CA ILE D 87 -2.76 13.21 -6.99
C ILE D 87 -3.40 12.72 -5.68
N PRO D 88 -2.70 12.71 -4.52
CA PRO D 88 -3.39 12.32 -3.27
C PRO D 88 -4.61 13.16 -2.90
N LEU D 89 -4.58 14.46 -3.20
CA LEU D 89 -5.73 15.31 -2.87
C LEU D 89 -6.95 14.91 -3.68
N PHE D 90 -6.77 14.61 -4.97
CA PHE D 90 -7.88 14.18 -5.79
C PHE D 90 -8.40 12.81 -5.34
N GLU D 91 -7.49 11.91 -4.91
CA GLU D 91 -7.96 10.62 -4.41
C GLU D 91 -8.84 10.76 -3.16
N THR D 92 -8.45 11.62 -2.21
CA THR D 92 -9.31 11.76 -1.03
C THR D 92 -10.64 12.44 -1.40
N ALA D 93 -10.64 13.33 -2.41
CA ALA D 93 -11.91 13.91 -2.85
C ALA D 93 -12.87 12.83 -3.37
N ILE D 94 -12.33 11.86 -4.12
CA ILE D 94 -13.16 10.75 -4.59
C ILE D 94 -13.79 10.02 -3.40
N THR D 95 -13.01 9.78 -2.33
CA THR D 95 -13.60 9.07 -1.18
C THR D 95 -14.77 9.86 -0.57
N GLN D 96 -14.59 11.18 -0.46
CA GLN D 96 -15.65 11.99 0.14
C GLN D 96 -16.93 11.94 -0.69
N VAL D 97 -16.82 11.84 -2.02
CA VAL D 97 -18.04 11.70 -2.82
C VAL D 97 -18.62 10.29 -2.69
N ALA D 98 -17.75 9.26 -2.64
CA ALA D 98 -18.22 7.88 -2.58
C ALA D 98 -19.12 7.62 -1.38
N LYS D 99 -18.86 8.30 -0.27
CA LYS D 99 -19.73 8.09 0.90
C LYS D 99 -21.13 8.70 0.70
N ARG D 100 -21.23 9.88 0.09
CA ARG D 100 -22.54 10.53 -0.05
C ARG D 100 -23.48 9.71 -0.95
N ILE D 101 -22.96 9.14 -2.02
CA ILE D 101 -23.82 8.41 -2.97
C ILE D 101 -24.10 6.97 -2.53
N SER D 102 -23.64 6.55 -1.33
CA SER D 102 -23.88 5.17 -0.91
C SER D 102 -24.14 4.91 0.58
N ILE D 103 -24.05 5.93 1.47
CA ILE D 103 -24.28 5.75 2.91
C ILE D 103 -25.20 6.86 3.40
N LEU D 104 -26.20 6.49 4.20
CA LEU D 104 -27.16 7.45 4.77
C LEU D 104 -26.60 8.16 5.99
N SER D 131 -16.34 -0.11 6.62
CA SER D 131 -16.14 1.22 6.04
C SER D 131 -15.26 1.13 4.78
N LEU D 132 -15.24 2.21 3.99
CA LEU D 132 -14.59 2.22 2.68
C LEU D 132 -13.09 2.56 2.80
N PRO D 133 -12.22 1.97 1.96
CA PRO D 133 -10.81 2.38 1.92
C PRO D 133 -10.66 3.66 1.08
N THR D 134 -9.42 4.12 0.91
CA THR D 134 -9.16 5.24 0.01
C THR D 134 -9.11 4.74 -1.44
N PHE D 135 -9.80 5.45 -2.34
CA PHE D 135 -10.00 5.02 -3.72
C PHE D 135 -8.77 5.33 -4.57
N GLN D 136 -8.53 4.49 -5.59
CA GLN D 136 -7.41 4.67 -6.51
C GLN D 136 -7.84 5.48 -7.73
N LEU D 137 -7.10 6.55 -8.05
CA LEU D 137 -7.35 7.33 -9.26
C LEU D 137 -6.56 6.73 -10.43
N ILE D 138 -7.23 6.64 -11.58
CA ILE D 138 -6.66 6.09 -12.81
C ILE D 138 -6.92 7.09 -13.93
N LEU D 139 -5.95 7.25 -14.84
CA LEU D 139 -5.97 8.28 -15.87
C LEU D 139 -5.83 7.71 -17.28
N ASN D 140 -6.48 8.40 -18.23
CA ASN D 140 -6.36 8.15 -19.66
C ASN D 140 -5.98 9.46 -20.36
N SER D 141 -5.17 9.36 -21.41
CA SER D 141 -4.64 10.55 -22.05
C SER D 141 -4.29 10.27 -23.52
N ASN D 142 -4.28 11.34 -24.32
CA ASN D 142 -3.90 11.29 -25.73
C ASN D 142 -2.71 12.21 -26.04
N ALA D 143 -1.97 12.67 -25.04
CA ALA D 143 -0.79 13.49 -25.28
C ALA D 143 0.24 12.71 -26.08
N ASN D 144 1.15 13.44 -26.72
CA ASN D 144 2.15 12.85 -27.61
C ASN D 144 3.04 11.85 -26.87
N GLN D 145 3.19 10.66 -27.45
CA GLN D 145 4.09 9.67 -26.87
C GLN D 145 5.54 10.13 -27.00
N ILE D 146 6.31 9.89 -25.94
CA ILE D 146 7.75 10.11 -25.95
C ILE D 146 8.40 8.74 -26.23
N PRO D 147 9.32 8.63 -27.20
CA PRO D 147 10.07 7.37 -27.30
C PRO D 147 10.91 7.17 -26.04
N LEU D 148 11.00 5.91 -25.61
CA LEU D 148 11.64 5.58 -24.34
C LEU D 148 13.11 6.02 -24.32
N ARG D 149 13.75 6.07 -25.48
CA ARG D 149 15.16 6.43 -25.59
C ARG D 149 15.42 7.92 -25.36
N ASP D 150 14.40 8.78 -25.48
CA ASP D 150 14.57 10.23 -25.36
C ASP D 150 14.31 10.78 -23.96
N LEU D 151 13.88 9.95 -23.00
CA LEU D 151 13.65 10.44 -21.65
C LEU D 151 14.98 10.83 -20.99
N ASP D 152 14.98 11.96 -20.29
CA ASP D 152 16.23 12.53 -19.76
C ASP D 152 15.92 13.42 -18.55
N SER D 153 16.92 14.20 -18.12
CA SER D 153 16.82 15.05 -16.93
C SER D 153 15.77 16.15 -17.04
N GLU D 154 15.29 16.48 -18.25
CA GLU D 154 14.26 17.50 -18.38
C GLU D 154 12.88 17.01 -17.93
N HIS D 155 12.71 15.70 -17.76
CA HIS D 155 11.40 15.08 -17.53
C HIS D 155 11.17 14.61 -16.10
N VAL D 156 12.10 14.86 -15.17
CA VAL D 156 11.95 14.34 -13.81
C VAL D 156 10.76 15.01 -13.12
N SER D 157 9.89 14.17 -12.53
CA SER D 157 8.63 14.56 -11.86
C SER D 157 7.67 15.28 -12.82
N LYS D 158 7.45 14.66 -13.98
CA LYS D 158 6.46 15.08 -14.98
C LYS D 158 5.61 13.88 -15.37
N ILE D 159 4.36 14.12 -15.78
CA ILE D 159 3.55 13.03 -16.31
C ILE D 159 4.05 12.71 -17.72
N VAL D 160 4.30 11.43 -17.97
CA VAL D 160 4.88 10.94 -19.22
C VAL D 160 4.01 9.82 -19.76
N ARG D 161 3.84 9.80 -21.09
CA ARG D 161 3.13 8.75 -21.81
C ARG D 161 4.10 8.08 -22.78
N LEU D 162 4.18 6.75 -22.71
CA LEU D 162 5.13 6.00 -23.53
C LEU D 162 4.57 4.60 -23.78
N SER D 163 5.33 3.81 -24.53
CA SER D 163 4.91 2.46 -24.91
C SER D 163 6.13 1.57 -25.13
N GLY D 164 5.88 0.26 -25.11
CA GLY D 164 6.95 -0.71 -25.25
C GLY D 164 6.43 -2.11 -25.06
N ILE D 165 7.35 -3.03 -24.73
CA ILE D 165 7.05 -4.44 -24.49
C ILE D 165 7.44 -4.76 -23.05
N ILE D 166 6.53 -5.40 -22.32
CA ILE D 166 6.83 -5.91 -20.99
C ILE D 166 7.70 -7.16 -21.13
N ILE D 167 8.81 -7.20 -20.39
CA ILE D 167 9.73 -8.34 -20.45
C ILE D 167 9.85 -9.10 -19.13
N SER D 168 9.39 -8.56 -18.00
CA SER D 168 9.49 -9.27 -16.73
C SER D 168 8.44 -8.75 -15.74
N THR D 169 8.11 -9.60 -14.77
CA THR D 169 7.08 -9.29 -13.76
C THR D 169 7.53 -9.88 -12.43
N SER D 170 7.52 -9.06 -11.37
CA SER D 170 7.83 -9.53 -10.03
C SER D 170 6.63 -10.21 -9.39
N VAL D 171 6.91 -10.89 -8.26
CA VAL D 171 5.83 -11.34 -7.38
C VAL D 171 5.28 -10.15 -6.60
N LEU D 172 4.10 -10.34 -6.00
CA LEU D 172 3.47 -9.28 -5.24
C LEU D 172 4.15 -9.09 -3.89
N SER D 173 4.09 -7.86 -3.38
CA SER D 173 4.70 -7.48 -2.11
C SER D 173 3.80 -6.48 -1.40
N SER D 174 3.97 -6.36 -0.08
CA SER D 174 3.06 -5.62 0.78
C SER D 174 3.64 -4.27 1.20
N ARG D 175 2.83 -3.22 1.05
CA ARG D 175 3.13 -1.86 1.51
C ARG D 175 2.08 -1.46 2.54
N ALA D 176 2.44 -0.57 3.47
CA ALA D 176 1.52 -0.13 4.51
C ALA D 176 0.80 1.15 4.11
N THR D 177 -0.49 1.27 4.50
CA THR D 177 -1.24 2.52 4.34
C THR D 177 -1.65 3.11 5.69
N TYR D 178 -2.46 2.41 6.49
CA TYR D 178 -2.76 2.81 7.86
C TYR D 178 -1.89 1.95 8.77
N LEU D 179 -1.25 2.57 9.75
CA LEU D 179 -0.26 1.88 10.56
C LEU D 179 -0.31 2.38 12.00
N SER D 180 -0.18 1.45 12.94
CA SER D 180 -0.31 1.71 14.37
C SER D 180 1.04 1.62 15.07
N ILE D 181 1.22 2.45 16.11
CA ILE D 181 2.50 2.65 16.78
C ILE D 181 2.34 2.51 18.29
N MET D 182 3.35 1.91 18.92
CA MET D 182 3.48 1.73 20.36
C MET D 182 4.73 2.45 20.81
N CYS D 183 4.66 3.15 21.96
CA CYS D 183 5.78 3.92 22.49
C CYS D 183 6.40 3.15 23.65
N ARG D 184 7.68 2.79 23.49
CA ARG D 184 8.29 1.74 24.29
C ARG D 184 8.37 2.09 25.78
N ASN D 185 8.59 3.37 26.10
CA ASN D 185 8.83 3.76 27.50
C ASN D 185 7.54 3.93 28.29
N CYS D 186 6.71 4.88 27.87
CA CYS D 186 5.44 5.17 28.53
C CYS D 186 4.32 4.18 28.19
N ARG D 187 4.48 3.39 27.13
CA ARG D 187 3.44 2.47 26.64
C ARG D 187 2.17 3.21 26.20
N HIS D 188 2.33 4.45 25.73
CA HIS D 188 1.33 5.19 24.98
C HIS D 188 1.27 4.67 23.54
N THR D 189 0.17 4.95 22.84
CA THR D 189 -0.01 4.45 21.47
C THR D 189 -0.69 5.50 20.59
N THR D 190 -0.38 5.43 19.29
CA THR D 190 -0.84 6.38 18.27
C THR D 190 -0.83 5.67 16.92
N SER D 191 -1.04 6.44 15.83
CA SER D 191 -1.10 5.86 14.49
C SER D 191 -0.72 6.89 13.43
N ILE D 192 -0.43 6.39 12.22
CA ILE D 192 0.06 7.17 11.08
C ILE D 192 -0.64 6.67 9.82
N THR D 193 -0.78 7.57 8.83
CA THR D 193 -1.37 7.25 7.52
C THR D 193 -0.35 7.53 6.42
N ILE D 194 0.14 6.47 5.79
CA ILE D 194 1.09 6.55 4.68
C ILE D 194 0.32 6.69 3.37
N ASN D 195 0.93 7.36 2.39
CA ASN D 195 0.49 7.25 1.00
C ASN D 195 1.73 7.20 0.12
N ASN D 196 1.59 6.52 -1.01
CA ASN D 196 2.72 5.96 -1.76
C ASN D 196 3.15 6.88 -2.92
N PHE D 197 3.56 8.12 -2.60
CA PHE D 197 4.09 9.06 -3.58
C PHE D 197 5.37 9.73 -3.08
N ASN D 198 6.31 9.96 -4.01
CA ASN D 198 7.56 10.67 -3.74
C ASN D 198 7.50 12.09 -4.30
N VAL D 205 9.50 8.88 3.51
CA VAL D 205 8.89 8.72 4.82
C VAL D 205 9.74 7.76 5.67
N SER D 206 9.68 7.95 7.00
CA SER D 206 10.35 7.07 7.94
C SER D 206 9.66 7.22 9.29
N LEU D 207 9.98 6.32 10.21
CA LEU D 207 9.34 6.38 11.53
C LEU D 207 9.71 7.68 12.24
N PRO D 208 8.79 8.30 12.99
CA PRO D 208 9.09 9.57 13.63
C PRO D 208 9.97 9.38 14.87
N ARG D 209 10.45 10.51 15.40
CA ARG D 209 11.24 10.54 16.62
C ARG D 209 10.76 11.57 17.64
N SER D 210 9.66 12.27 17.39
CA SER D 210 9.04 13.12 18.40
C SER D 210 8.24 12.26 19.38
N CYS D 211 8.90 11.85 20.46
CA CYS D 211 8.26 10.99 21.46
C CYS D 211 7.16 11.74 22.20
N LEU D 212 6.17 10.98 22.69
CA LEU D 212 4.93 11.56 23.23
C LEU D 212 4.49 10.83 24.49
N SER D 213 3.85 11.59 25.38
CA SER D 213 3.36 11.16 26.70
C SER D 213 4.49 10.91 27.70
N ASN D 235 12.13 11.94 30.56
CA ASN D 235 11.74 12.10 29.16
C ASN D 235 11.33 10.76 28.56
N CYS D 236 10.58 10.82 27.45
CA CYS D 236 10.03 9.62 26.84
C CYS D 236 11.01 8.89 25.93
N GLY D 237 12.20 9.45 25.66
CA GLY D 237 13.28 8.71 25.06
C GLY D 237 13.64 9.16 23.65
N PRO D 238 14.80 8.71 23.14
CA PRO D 238 15.30 9.23 21.86
C PRO D 238 14.72 8.57 20.61
N ASP D 239 14.31 7.31 20.71
CA ASP D 239 13.75 6.58 19.56
C ASP D 239 12.86 5.45 20.07
N PRO D 240 11.70 5.77 20.65
CA PRO D 240 10.92 4.77 21.40
C PRO D 240 9.81 4.05 20.64
N TYR D 241 9.61 4.29 19.34
CA TYR D 241 8.43 3.77 18.63
C TYR D 241 8.67 2.43 17.95
N ILE D 242 7.67 1.53 18.08
CA ILE D 242 7.63 0.23 17.44
C ILE D 242 6.24 0.05 16.82
N ILE D 243 6.12 -0.92 15.89
CA ILE D 243 4.89 -1.10 15.10
C ILE D 243 4.06 -2.23 15.70
N ILE D 244 2.74 -2.02 15.78
CA ILE D 244 1.78 -3.07 16.10
C ILE D 244 1.25 -3.61 14.77
N HIS D 245 1.83 -4.72 14.29
CA HIS D 245 1.36 -5.37 13.06
C HIS D 245 -0.01 -6.03 13.21
N GLU D 246 -0.41 -6.27 14.45
CA GLU D 246 -1.67 -6.86 14.87
C GLU D 246 -2.87 -5.93 14.63
N SER D 247 -2.66 -4.64 14.37
CA SER D 247 -3.73 -3.65 14.16
C SER D 247 -3.38 -2.63 13.07
N SER D 248 -2.91 -3.09 11.91
CA SER D 248 -2.47 -2.20 10.81
C SER D 248 -2.98 -2.72 9.47
N LYS D 249 -3.00 -1.84 8.45
CA LYS D 249 -3.58 -2.12 7.13
C LYS D 249 -2.54 -2.00 6.02
N PHE D 250 -2.67 -2.85 4.99
CA PHE D 250 -1.65 -3.01 3.95
C PHE D 250 -2.30 -3.14 2.56
N ILE D 251 -1.48 -2.95 1.51
CA ILE D 251 -1.89 -3.05 0.11
C ILE D 251 -0.84 -3.80 -0.71
N ASP D 252 -1.22 -4.20 -1.92
CA ASP D 252 -0.34 -4.91 -2.84
C ASP D 252 0.49 -3.97 -3.69
N GLN D 253 1.70 -4.41 -4.06
CA GLN D 253 2.61 -3.66 -4.92
C GLN D 253 3.35 -4.65 -5.83
N GLN D 254 3.68 -4.20 -7.04
CA GLN D 254 4.35 -5.06 -8.03
C GLN D 254 5.30 -4.23 -8.89
N PHE D 255 6.37 -4.87 -9.35
CA PHE D 255 7.38 -4.27 -10.22
C PHE D 255 7.34 -4.91 -11.60
N LEU D 256 7.67 -4.11 -12.62
CA LEU D 256 7.65 -4.53 -14.03
C LEU D 256 8.83 -3.91 -14.75
N LYS D 257 9.19 -4.50 -15.91
CA LYS D 257 10.24 -3.97 -16.79
C LYS D 257 9.70 -3.75 -18.19
N LEU D 258 9.94 -2.55 -18.72
CA LEU D 258 9.48 -2.15 -20.05
C LEU D 258 10.69 -1.96 -20.96
N GLN D 259 10.63 -2.58 -22.14
CA GLN D 259 11.70 -2.51 -23.14
C GLN D 259 11.19 -1.75 -24.36
N GLU D 260 12.07 -0.96 -24.98
CA GLU D 260 11.67 -0.12 -26.09
C GLU D 260 11.23 -0.96 -27.29
N ILE D 261 10.42 -0.34 -28.15
CA ILE D 261 9.77 -1.06 -29.25
C ILE D 261 10.81 -1.61 -30.21
N PRO D 262 10.69 -2.85 -30.72
CA PRO D 262 11.73 -3.36 -31.64
C PRO D 262 11.91 -2.56 -32.92
N GLU D 263 10.84 -2.02 -33.52
CA GLU D 263 10.98 -1.27 -34.77
C GLU D 263 11.43 0.19 -34.58
N LEU D 264 11.86 0.59 -33.38
CA LEU D 264 12.42 1.92 -33.11
C LEU D 264 13.93 1.94 -32.94
N VAL D 265 14.56 0.81 -32.61
CA VAL D 265 15.93 0.80 -32.09
C VAL D 265 16.90 1.26 -33.19
N PRO D 266 17.88 2.13 -32.90
CA PRO D 266 18.94 2.41 -33.90
C PRO D 266 19.73 1.16 -34.26
N VAL D 267 20.17 1.10 -35.53
CA VAL D 267 20.81 -0.12 -36.04
C VAL D 267 22.10 -0.42 -35.28
N GLY D 268 22.36 -1.72 -35.06
CA GLY D 268 23.57 -2.17 -34.40
C GLY D 268 23.59 -2.04 -32.89
N GLU D 269 22.49 -1.60 -32.26
CA GLU D 269 22.39 -1.45 -30.81
C GLU D 269 21.31 -2.37 -30.24
N MET D 270 21.56 -2.86 -29.01
CA MET D 270 20.59 -3.65 -28.27
C MET D 270 19.60 -2.73 -27.54
N PRO D 271 18.33 -3.13 -27.40
CA PRO D 271 17.32 -2.18 -26.90
C PRO D 271 17.50 -1.80 -25.43
N ARG D 272 17.16 -0.54 -25.13
CA ARG D 272 17.18 0.05 -23.79
C ARG D 272 15.85 -0.25 -23.08
N ASN D 273 15.87 -0.22 -21.73
CA ASN D 273 14.69 -0.58 -20.94
C ASN D 273 14.61 0.24 -19.65
N LEU D 274 13.41 0.21 -19.05
CA LEU D 274 13.09 0.92 -17.80
C LEU D 274 12.45 -0.03 -16.81
N THR D 275 12.43 0.38 -15.54
CA THR D 275 11.79 -0.35 -14.44
C THR D 275 10.66 0.51 -13.89
N MET D 276 9.59 -0.13 -13.40
CA MET D 276 8.41 0.63 -13.01
C MET D 276 7.55 -0.14 -12.00
N THR D 277 6.66 0.62 -11.33
CA THR D 277 5.90 0.16 -10.17
C THR D 277 4.40 0.46 -10.33
N CYS D 278 3.57 -0.42 -9.75
CA CYS D 278 2.12 -0.25 -9.71
C CYS D 278 1.59 -0.88 -8.43
N ASP D 279 0.37 -0.48 -8.03
CA ASP D 279 -0.22 -0.94 -6.77
C ASP D 279 -1.74 -1.06 -6.91
N ARG D 280 -2.33 -1.84 -5.99
CA ARG D 280 -3.79 -2.08 -5.90
C ARG D 280 -4.30 -2.60 -7.25
N TYR D 281 -5.33 -1.99 -7.85
CA TYR D 281 -6.04 -2.60 -8.97
C TYR D 281 -5.20 -2.69 -10.24
N LEU D 282 -4.10 -1.94 -10.34
CA LEU D 282 -3.23 -2.03 -11.50
C LEU D 282 -2.27 -3.22 -11.43
N THR D 283 -2.21 -3.93 -10.30
CA THR D 283 -1.36 -5.11 -10.18
C THR D 283 -1.97 -6.31 -10.90
N ASN D 284 -1.09 -7.20 -11.37
CA ASN D 284 -1.49 -8.49 -11.92
C ASN D 284 -2.42 -8.33 -13.14
N LYS D 285 -2.11 -7.32 -13.96
CA LYS D 285 -2.94 -6.98 -15.11
C LYS D 285 -2.29 -7.32 -16.46
N VAL D 286 -0.98 -7.61 -16.49
CA VAL D 286 -0.27 -7.89 -17.73
C VAL D 286 0.68 -9.06 -17.51
N ILE D 287 1.16 -9.62 -18.61
CA ILE D 287 2.04 -10.79 -18.61
C ILE D 287 3.21 -10.52 -19.54
N PRO D 288 4.33 -11.27 -19.40
CA PRO D 288 5.50 -11.02 -20.26
C PRO D 288 5.23 -11.18 -21.74
N GLY D 289 5.94 -10.39 -22.54
CA GLY D 289 5.89 -10.47 -23.99
C GLY D 289 4.81 -9.64 -24.65
N THR D 290 3.94 -8.98 -23.88
CA THR D 290 2.86 -8.19 -24.44
C THR D 290 3.30 -6.75 -24.70
N ARG D 291 2.84 -6.19 -25.81
CA ARG D 291 3.05 -4.77 -26.12
C ARG D 291 2.01 -3.93 -25.37
N VAL D 292 2.44 -2.82 -24.79
CA VAL D 292 1.59 -2.00 -23.91
C VAL D 292 1.89 -0.52 -24.10
N THR D 293 0.92 0.30 -23.66
CA THR D 293 1.03 1.74 -23.55
C THR D 293 0.85 2.12 -22.08
N ILE D 294 1.63 3.09 -21.60
CA ILE D 294 1.72 3.43 -20.18
C ILE D 294 1.58 4.94 -20.00
N VAL D 295 0.86 5.33 -18.94
CA VAL D 295 0.79 6.71 -18.45
C VAL D 295 1.31 6.68 -17.02
N GLY D 296 2.30 7.51 -16.70
CA GLY D 296 2.85 7.51 -15.35
C GLY D 296 3.78 8.66 -15.10
N ILE D 297 4.06 8.89 -13.80
CA ILE D 297 5.03 9.91 -13.40
C ILE D 297 6.42 9.34 -13.59
N TYR D 298 7.32 10.14 -14.17
CA TYR D 298 8.71 9.74 -14.37
C TYR D 298 9.54 10.39 -13.25
N SER D 299 10.27 9.57 -12.49
CA SER D 299 10.94 10.06 -11.28
C SER D 299 12.19 9.23 -10.99
N ILE D 300 12.87 9.55 -9.88
CA ILE D 300 14.15 8.97 -9.50
C ILE D 300 14.12 8.42 -8.07
N TYR D 301 15.01 7.48 -7.78
CA TYR D 301 15.14 6.92 -6.44
C TYR D 301 16.60 6.53 -6.16
N ASN D 302 16.92 6.47 -4.86
CA ASN D 302 18.28 6.15 -4.42
C ASN D 302 18.53 4.64 -4.44
N SER D 303 19.76 4.25 -4.81
CA SER D 303 20.18 2.85 -4.81
C SER D 303 21.70 2.75 -4.76
N GLY D 320 30.57 7.09 -8.24
CA GLY D 320 29.95 8.31 -8.74
C GLY D 320 29.54 9.25 -7.62
N VAL D 321 29.07 10.45 -7.98
CA VAL D 321 28.71 11.48 -7.02
C VAL D 321 27.38 12.13 -7.41
N ALA D 322 26.52 12.34 -6.40
CA ALA D 322 25.25 13.08 -6.53
C ALA D 322 24.35 12.52 -7.65
N ILE D 323 24.30 11.19 -7.78
CA ILE D 323 23.72 10.47 -8.91
C ILE D 323 22.66 9.48 -8.42
N ARG D 324 21.55 9.33 -9.18
CA ARG D 324 20.38 8.54 -8.76
C ARG D 324 19.75 7.80 -9.95
N THR D 325 19.05 6.68 -9.66
CA THR D 325 18.47 5.80 -10.70
C THR D 325 17.04 6.27 -11.07
N PRO D 326 16.65 6.29 -12.36
CA PRO D 326 15.26 6.65 -12.74
C PRO D 326 14.32 5.45 -12.88
N TYR D 327 13.02 5.73 -12.71
CA TYR D 327 11.95 4.72 -12.81
C TYR D 327 10.63 5.43 -13.10
N ILE D 328 9.54 4.66 -13.25
CA ILE D 328 8.21 5.21 -13.55
C ILE D 328 7.18 4.67 -12.56
N LYS D 329 6.27 5.56 -12.13
CA LYS D 329 5.12 5.22 -11.29
C LYS D 329 3.88 5.19 -12.19
N ILE D 330 3.31 4.01 -12.39
CA ILE D 330 2.23 3.84 -13.36
C ILE D 330 0.93 4.43 -12.82
N LEU D 331 0.16 5.08 -13.71
CA LEU D 331 -1.18 5.60 -13.42
C LEU D 331 -2.24 5.08 -14.40
N GLY D 332 -1.88 4.22 -15.35
CA GLY D 332 -2.83 3.63 -16.30
C GLY D 332 -2.14 2.72 -17.30
N ILE D 333 -2.84 1.71 -17.83
CA ILE D 333 -2.26 0.73 -18.78
C ILE D 333 -3.28 0.45 -19.87
N GLN D 334 -2.80 0.33 -21.12
CA GLN D 334 -3.57 -0.23 -22.23
C GLN D 334 -2.70 -1.23 -22.99
N SER D 335 -3.36 -2.20 -23.62
CA SER D 335 -2.68 -3.35 -24.22
C SER D 335 -3.29 -3.72 -25.58
N MET D 348 -14.54 -23.14 -26.38
CA MET D 348 -15.75 -22.32 -26.24
C MET D 348 -16.36 -22.03 -27.61
N PHE D 349 -17.70 -22.06 -27.69
CA PHE D 349 -18.42 -21.85 -28.95
C PHE D 349 -19.75 -21.14 -28.68
N THR D 350 -20.21 -20.38 -29.67
CA THR D 350 -21.57 -19.85 -29.71
C THR D 350 -22.52 -20.84 -30.40
N GLU D 351 -23.83 -20.59 -30.26
CA GLU D 351 -24.83 -21.47 -30.88
C GLU D 351 -24.74 -21.40 -32.40
N GLU D 352 -24.62 -20.18 -32.94
CA GLU D 352 -24.52 -19.99 -34.38
C GLU D 352 -23.26 -20.61 -34.97
N GLU D 353 -22.22 -20.84 -34.15
CA GLU D 353 -21.04 -21.54 -34.65
C GLU D 353 -21.29 -23.03 -34.79
N GLU D 354 -21.81 -23.67 -33.73
CA GLU D 354 -22.01 -25.11 -33.79
C GLU D 354 -23.11 -25.50 -34.76
N GLU D 355 -24.02 -24.60 -35.11
CA GLU D 355 -25.02 -24.94 -36.11
C GLU D 355 -24.35 -25.25 -37.46
N GLU D 356 -23.31 -24.49 -37.83
CA GLU D 356 -22.56 -24.76 -39.05
C GLU D 356 -21.87 -26.12 -38.97
N PHE D 357 -21.27 -26.44 -37.81
CA PHE D 357 -20.56 -27.69 -37.64
C PHE D 357 -21.53 -28.87 -37.73
N LEU D 358 -22.74 -28.69 -37.21
CA LEU D 358 -23.77 -29.72 -37.32
C LEU D 358 -24.23 -29.88 -38.77
N GLN D 359 -24.36 -28.78 -39.51
CA GLN D 359 -24.72 -28.90 -40.93
C GLN D 359 -23.64 -29.65 -41.70
N LEU D 360 -22.37 -29.39 -41.38
CA LEU D 360 -21.28 -30.16 -42.00
C LEU D 360 -21.38 -31.63 -41.62
N SER D 361 -21.73 -31.92 -40.36
CA SER D 361 -21.74 -33.30 -39.87
C SER D 361 -22.74 -34.18 -40.62
N ARG D 362 -23.84 -33.61 -41.13
CA ARG D 362 -24.86 -34.37 -41.86
C ARG D 362 -24.66 -34.33 -43.37
N ASN D 363 -23.57 -33.75 -43.88
CA ASN D 363 -23.29 -33.76 -45.31
C ASN D 363 -22.92 -35.20 -45.75
N PRO D 364 -23.49 -35.74 -46.83
CA PRO D 364 -23.20 -37.14 -47.17
C PRO D 364 -21.80 -37.40 -47.71
N LYS D 365 -21.03 -36.36 -48.05
CA LYS D 365 -19.70 -36.49 -48.62
C LYS D 365 -18.64 -35.78 -47.79
N LEU D 366 -18.83 -35.69 -46.47
CA LEU D 366 -17.95 -34.92 -45.61
C LEU D 366 -16.51 -35.45 -45.62
N TYR D 367 -16.34 -36.77 -45.62
CA TYR D 367 -15.01 -37.38 -45.62
C TYR D 367 -14.21 -36.92 -46.84
N GLU D 368 -14.85 -36.94 -48.00
CA GLU D 368 -14.23 -36.44 -49.22
C GLU D 368 -13.88 -34.96 -49.10
N ILE D 369 -14.78 -34.18 -48.51
CA ILE D 369 -14.56 -32.73 -48.39
C ILE D 369 -13.34 -32.44 -47.53
N LEU D 370 -13.22 -33.11 -46.37
CA LEU D 370 -12.05 -32.84 -45.53
C LEU D 370 -10.76 -33.32 -46.19
N THR D 371 -10.79 -34.48 -46.87
CA THR D 371 -9.57 -34.92 -47.56
C THR D 371 -9.18 -33.94 -48.65
N ASN D 372 -10.15 -33.43 -49.41
CA ASN D 372 -9.86 -32.46 -50.46
C ASN D 372 -9.29 -31.15 -49.88
N SER D 373 -9.68 -30.79 -48.66
CA SER D 373 -9.24 -29.52 -48.07
C SER D 373 -7.82 -29.56 -47.52
N ILE D 374 -7.15 -30.72 -47.50
CA ILE D 374 -5.83 -30.87 -46.89
C ILE D 374 -4.76 -30.79 -47.97
N ALA D 375 -3.81 -29.87 -47.78
CA ALA D 375 -2.74 -29.51 -48.71
C ALA D 375 -3.21 -29.53 -50.18
N PRO D 376 -4.16 -28.68 -50.56
CA PRO D 376 -4.79 -28.83 -51.89
C PRO D 376 -3.84 -28.66 -53.06
N SER D 377 -2.69 -28.01 -52.86
CA SER D 377 -1.74 -27.86 -53.96
C SER D 377 -1.07 -29.19 -54.31
N ILE D 378 -0.95 -30.10 -53.36
CA ILE D 378 -0.26 -31.37 -53.60
C ILE D 378 -1.16 -32.28 -54.44
N PHE D 379 -0.62 -32.76 -55.56
CA PHE D 379 -1.36 -33.62 -56.47
C PHE D 379 -1.39 -35.06 -55.97
N GLY D 380 -2.51 -35.74 -56.24
CA GLY D 380 -2.64 -37.16 -55.91
C GLY D 380 -2.57 -37.41 -54.42
N ASN D 381 -2.02 -38.58 -54.05
CA ASN D 381 -1.76 -38.95 -52.66
C ASN D 381 -3.05 -38.95 -51.83
N GLU D 382 -4.06 -39.68 -52.32
CA GLU D 382 -5.37 -39.69 -51.68
C GLU D 382 -5.30 -40.31 -50.27
N ASP D 383 -4.73 -41.52 -50.17
CA ASP D 383 -4.71 -42.21 -48.89
C ASP D 383 -3.85 -41.50 -47.85
N ILE D 384 -2.84 -40.74 -48.29
CA ILE D 384 -2.04 -39.96 -47.34
C ILE D 384 -2.93 -38.93 -46.66
N LYS D 385 -3.74 -38.23 -47.45
CA LYS D 385 -4.65 -37.23 -46.92
C LYS D 385 -5.68 -37.86 -45.98
N LYS D 386 -6.21 -39.04 -46.37
CA LYS D 386 -7.15 -39.75 -45.51
C LYS D 386 -6.52 -40.09 -44.16
N ALA D 387 -5.29 -40.60 -44.18
CA ALA D 387 -4.60 -40.94 -42.94
C ALA D 387 -4.35 -39.70 -42.07
N ILE D 388 -4.03 -38.55 -42.69
CA ILE D 388 -3.84 -37.34 -41.88
C ILE D 388 -5.15 -36.92 -41.22
N VAL D 389 -6.31 -37.09 -41.89
CA VAL D 389 -7.57 -36.78 -41.23
C VAL D 389 -7.74 -37.64 -39.98
N CYS D 390 -7.47 -38.96 -40.12
CA CYS D 390 -7.61 -39.82 -38.94
C CYS D 390 -6.62 -39.44 -37.84
N LEU D 391 -5.40 -39.06 -38.21
CA LEU D 391 -4.41 -38.65 -37.22
C LEU D 391 -4.88 -37.40 -36.46
N LEU D 392 -5.51 -36.47 -37.18
CA LEU D 392 -6.00 -35.25 -36.53
C LEU D 392 -7.21 -35.54 -35.62
N MET D 393 -8.07 -36.49 -36.02
CA MET D 393 -9.29 -36.73 -35.25
C MET D 393 -9.06 -37.67 -34.06
N GLY D 394 -8.23 -38.71 -34.22
CA GLY D 394 -7.92 -39.62 -33.12
C GLY D 394 -9.05 -40.56 -32.71
N GLY D 395 -8.73 -41.57 -31.89
CA GLY D 395 -9.70 -42.53 -31.38
C GLY D 395 -10.40 -42.05 -30.11
N SER D 396 -10.67 -42.96 -29.16
CA SER D 396 -11.27 -42.61 -27.87
C SER D 396 -10.50 -43.27 -26.72
N LYS D 397 -10.13 -42.45 -25.74
CA LYS D 397 -9.46 -42.91 -24.51
C LYS D 397 -10.45 -43.62 -23.58
N LYS D 398 -9.99 -44.66 -22.87
CA LYS D 398 -10.83 -45.44 -21.96
C LYS D 398 -10.04 -45.89 -20.72
N ILE D 399 -10.76 -46.09 -19.61
CA ILE D 399 -10.17 -46.48 -18.31
C ILE D 399 -11.05 -47.58 -17.72
N LEU D 400 -10.43 -48.66 -17.21
CA LEU D 400 -11.13 -49.88 -16.80
C LEU D 400 -11.20 -50.03 -15.27
N PRO D 401 -12.10 -50.91 -14.76
CA PRO D 401 -12.20 -51.09 -13.29
C PRO D 401 -10.94 -51.57 -12.61
N ASP D 402 -10.12 -52.40 -13.27
CA ASP D 402 -8.84 -52.82 -12.70
C ASP D 402 -7.72 -51.81 -12.98
N GLY D 403 -8.06 -50.58 -13.41
CA GLY D 403 -7.13 -49.47 -13.51
C GLY D 403 -6.30 -49.42 -14.77
N MET D 404 -6.38 -50.41 -15.66
CA MET D 404 -5.63 -50.35 -16.91
C MET D 404 -6.20 -49.25 -17.81
N ARG D 405 -5.34 -48.67 -18.65
CA ARG D 405 -5.63 -47.45 -19.40
C ARG D 405 -5.37 -47.66 -20.89
N LEU D 406 -6.34 -47.27 -21.72
CA LEU D 406 -6.37 -47.59 -23.15
C LEU D 406 -6.14 -46.31 -23.98
N ARG D 407 -5.14 -46.35 -24.87
CA ARG D 407 -4.64 -45.17 -25.58
C ARG D 407 -5.65 -44.63 -26.61
N GLY D 408 -5.65 -43.30 -26.79
CA GLY D 408 -6.50 -42.63 -27.79
C GLY D 408 -5.80 -42.13 -29.05
N ASP D 409 -4.49 -41.88 -29.00
CA ASP D 409 -3.73 -41.22 -30.07
C ASP D 409 -3.56 -42.13 -31.31
N ILE D 410 -3.01 -41.52 -32.39
CA ILE D 410 -2.69 -42.17 -33.66
C ILE D 410 -1.26 -41.78 -34.05
N ASN D 411 -0.54 -42.69 -34.73
CA ASN D 411 0.84 -42.44 -35.20
C ASN D 411 1.01 -42.87 -36.66
N VAL D 412 1.63 -42.01 -37.49
CA VAL D 412 1.79 -42.23 -38.94
C VAL D 412 3.20 -41.88 -39.40
N LEU D 413 3.72 -42.62 -40.38
CA LEU D 413 5.05 -42.43 -40.96
C LEU D 413 4.97 -42.27 -42.48
N LEU D 414 5.79 -41.37 -43.04
CA LEU D 414 5.78 -41.03 -44.48
C LEU D 414 7.14 -41.21 -45.13
N LEU D 415 7.20 -42.07 -46.14
CA LEU D 415 8.45 -42.39 -46.85
C LEU D 415 8.48 -41.81 -48.26
N ALA D 421 8.22 -32.84 -51.78
CA ALA D 421 6.79 -33.09 -51.62
C ALA D 421 6.42 -33.32 -50.15
N LYS D 422 7.09 -34.28 -49.51
CA LYS D 422 6.74 -34.65 -48.13
C LYS D 422 6.98 -33.53 -47.13
N SER D 423 7.84 -32.55 -47.46
CA SER D 423 8.09 -31.44 -46.54
C SER D 423 6.84 -30.59 -46.34
N GLN D 424 6.03 -30.44 -47.39
CA GLN D 424 4.87 -29.56 -47.34
C GLN D 424 3.80 -30.05 -46.35
N LEU D 425 3.58 -31.37 -46.30
CA LEU D 425 2.46 -31.90 -45.51
C LEU D 425 2.66 -31.65 -44.02
N LEU D 426 3.89 -31.77 -43.52
CA LEU D 426 4.13 -31.55 -42.09
C LEU D 426 3.85 -30.09 -41.71
N LYS D 427 4.22 -29.15 -42.58
CA LYS D 427 3.89 -27.74 -42.35
C LYS D 427 2.38 -27.52 -42.37
N PHE D 428 1.68 -28.18 -43.31
CA PHE D 428 0.22 -28.05 -43.34
C PHE D 428 -0.41 -28.59 -42.06
N VAL D 429 0.06 -29.76 -41.60
CA VAL D 429 -0.45 -30.33 -40.35
C VAL D 429 -0.18 -29.41 -39.18
N GLU D 430 0.99 -28.78 -39.17
CA GLU D 430 1.33 -27.83 -38.13
C GLU D 430 0.36 -26.65 -38.12
N LYS D 431 -0.08 -26.20 -39.30
CA LYS D 431 -1.01 -25.07 -39.35
C LYS D 431 -2.43 -25.46 -38.97
N VAL D 432 -2.92 -26.62 -39.44
CA VAL D 432 -4.32 -26.98 -39.20
C VAL D 432 -4.57 -27.48 -37.77
N SER D 433 -3.56 -28.06 -37.12
CA SER D 433 -3.80 -28.73 -35.84
C SER D 433 -4.08 -27.69 -34.73
N PRO D 434 -4.95 -28.02 -33.75
CA PRO D 434 -5.16 -27.06 -32.63
C PRO D 434 -3.89 -26.75 -31.84
N ILE D 435 -3.03 -27.74 -31.62
CA ILE D 435 -1.72 -27.55 -30.98
C ILE D 435 -0.71 -28.34 -31.81
N ALA D 436 0.48 -27.78 -32.00
CA ALA D 436 1.46 -28.42 -32.87
C ALA D 436 2.88 -27.99 -32.53
N VAL D 437 3.83 -28.91 -32.77
CA VAL D 437 5.27 -28.67 -32.65
C VAL D 437 5.95 -29.30 -33.86
N TYR D 438 6.96 -28.60 -34.39
CA TYR D 438 7.72 -28.99 -35.57
C TYR D 438 9.19 -29.08 -35.21
N THR D 439 9.87 -30.13 -35.67
CA THR D 439 11.30 -30.27 -35.37
C THR D 439 11.96 -31.18 -36.40
N SER D 440 13.29 -31.04 -36.49
CA SER D 440 14.15 -31.95 -37.24
C SER D 440 14.81 -32.93 -36.26
N GLY D 441 15.27 -34.06 -36.79
CA GLY D 441 15.62 -35.22 -35.98
C GLY D 441 16.67 -34.99 -34.89
N LYS D 442 17.55 -33.99 -35.06
CA LYS D 442 18.58 -33.71 -34.06
C LYS D 442 18.04 -32.95 -32.84
N GLY D 443 16.84 -32.36 -32.92
CA GLY D 443 16.24 -31.68 -31.79
C GLY D 443 16.78 -30.27 -31.59
N SER D 444 16.13 -29.55 -30.66
CA SER D 444 16.46 -28.16 -30.38
C SER D 444 17.61 -28.00 -29.39
N SER D 445 17.96 -29.04 -28.63
CA SER D 445 19.04 -28.98 -27.65
C SER D 445 19.61 -30.38 -27.47
N ALA D 446 20.56 -30.51 -26.54
CA ALA D 446 21.09 -31.82 -26.14
C ALA D 446 20.03 -32.73 -25.50
N ALA D 447 18.81 -32.24 -25.22
CA ALA D 447 17.69 -33.10 -24.88
C ALA D 447 17.26 -34.01 -26.03
N GLY D 448 17.60 -33.65 -27.26
CA GLY D 448 17.17 -34.43 -28.42
C GLY D 448 15.67 -34.40 -28.59
N LEU D 449 15.12 -35.51 -29.09
CA LEU D 449 13.66 -35.66 -29.19
C LEU D 449 13.05 -35.92 -27.81
N THR D 450 13.59 -36.87 -27.05
CA THR D 450 12.95 -37.28 -25.80
C THR D 450 13.35 -36.47 -24.56
N ALA D 451 14.58 -36.65 -24.03
CA ALA D 451 15.05 -35.97 -22.82
C ALA D 451 16.48 -36.45 -22.51
N SER D 452 17.20 -35.68 -21.69
CA SER D 452 18.56 -36.07 -21.30
C SER D 452 19.00 -35.35 -20.03
N VAL D 453 20.11 -35.82 -19.44
CA VAL D 453 20.72 -35.28 -18.22
C VAL D 453 21.98 -34.52 -18.59
N GLN D 454 22.15 -33.34 -18.00
CA GLN D 454 23.21 -32.40 -18.36
C GLN D 454 23.82 -31.79 -17.10
N ARG D 455 25.00 -31.20 -17.26
CA ARG D 455 25.80 -30.66 -16.15
C ARG D 455 26.25 -29.22 -16.44
N ARG D 460 29.83 -28.41 -10.46
CA ARG D 460 28.54 -28.19 -11.14
C ARG D 460 27.58 -29.36 -10.94
N GLU D 461 26.37 -29.04 -10.48
CA GLU D 461 25.32 -30.02 -10.23
C GLU D 461 24.66 -30.46 -11.53
N PHE D 462 24.07 -31.66 -11.51
CA PHE D 462 23.35 -32.20 -12.67
C PHE D 462 21.91 -31.69 -12.70
N TYR D 463 21.35 -31.63 -13.91
CA TYR D 463 19.96 -31.29 -14.12
C TYR D 463 19.43 -32.08 -15.30
N LEU D 464 18.12 -31.96 -15.54
CA LEU D 464 17.40 -32.67 -16.58
C LEU D 464 16.54 -31.70 -17.37
N GLU D 465 16.42 -31.95 -18.69
CA GLU D 465 15.54 -31.17 -19.55
C GLU D 465 14.92 -32.09 -20.60
N GLY D 466 13.70 -31.75 -21.01
CA GLY D 466 12.95 -32.54 -21.98
C GLY D 466 13.05 -31.97 -23.39
N GLY D 467 13.03 -32.87 -24.37
CA GLY D 467 13.03 -32.50 -25.77
C GLY D 467 11.64 -32.28 -26.31
N ALA D 468 11.50 -32.41 -27.63
CA ALA D 468 10.21 -32.22 -28.31
C ALA D 468 9.44 -33.53 -28.43
N MET D 469 9.23 -34.15 -27.30
CA MET D 469 8.16 -35.10 -27.01
C MET D 469 7.41 -34.70 -25.76
N VAL D 470 8.14 -34.19 -24.77
CA VAL D 470 7.55 -33.70 -23.52
C VAL D 470 6.85 -32.36 -23.78
N LEU D 471 7.45 -31.51 -24.62
CA LEU D 471 6.92 -30.18 -24.85
C LEU D 471 5.61 -30.19 -25.64
N ALA D 472 5.39 -31.22 -26.46
CA ALA D 472 4.18 -31.35 -27.25
C ALA D 472 3.07 -32.12 -26.53
N ASP D 473 3.21 -32.34 -25.23
CA ASP D 473 2.24 -33.12 -24.46
C ASP D 473 0.85 -32.52 -24.54
N GLY D 474 -0.13 -33.35 -24.90
CA GLY D 474 -1.49 -32.93 -25.12
C GLY D 474 -1.83 -32.57 -26.55
N GLY D 475 -0.84 -32.40 -27.42
CA GLY D 475 -1.06 -32.01 -28.81
C GLY D 475 -0.44 -32.94 -29.82
N VAL D 476 -0.10 -32.40 -31.00
CA VAL D 476 0.52 -33.14 -32.09
C VAL D 476 1.97 -32.69 -32.22
N VAL D 477 2.84 -33.62 -32.64
CA VAL D 477 4.24 -33.34 -32.92
C VAL D 477 4.60 -33.98 -34.25
N CYS D 478 5.37 -33.27 -35.07
CA CYS D 478 5.79 -33.73 -36.38
C CYS D 478 7.30 -33.60 -36.53
N ILE D 479 7.93 -34.67 -37.03
CA ILE D 479 9.39 -34.77 -37.16
C ILE D 479 9.74 -34.78 -38.65
N ASP D 480 10.73 -33.96 -39.03
CA ASP D 480 11.00 -33.66 -40.43
C ASP D 480 11.99 -34.62 -41.06
N GLU D 481 12.92 -35.20 -40.29
CA GLU D 481 13.72 -36.33 -40.77
C GLU D 481 13.93 -37.28 -39.59
N PHE D 482 13.13 -38.35 -39.57
CA PHE D 482 13.16 -39.32 -38.50
C PHE D 482 14.45 -40.15 -38.49
N ASP D 483 15.14 -40.26 -39.63
CA ASP D 483 16.40 -41.00 -39.69
C ASP D 483 17.54 -40.27 -38.97
N LYS D 484 17.45 -38.95 -38.83
CA LYS D 484 18.47 -38.16 -38.12
C LYS D 484 18.28 -38.14 -36.60
N MET D 485 17.42 -39.03 -36.09
CA MET D 485 17.26 -39.24 -34.65
C MET D 485 18.58 -39.70 -34.00
N ARG D 486 18.87 -39.16 -32.81
CA ARG D 486 20.08 -39.50 -32.06
C ARG D 486 19.98 -40.88 -31.41
N ASP D 487 21.13 -41.39 -30.95
CA ASP D 487 21.23 -42.75 -30.40
C ASP D 487 20.34 -42.94 -29.18
N GLU D 488 20.39 -42.01 -28.22
CA GLU D 488 19.56 -42.16 -27.02
C GLU D 488 18.08 -42.11 -27.37
N ASP D 489 17.70 -41.25 -28.31
CA ASP D 489 16.30 -41.14 -28.70
C ASP D 489 15.79 -42.40 -29.40
N ARG D 490 16.68 -43.11 -30.12
CA ARG D 490 16.29 -44.35 -30.80
C ARG D 490 15.71 -45.36 -29.83
N VAL D 491 16.34 -45.50 -28.66
CA VAL D 491 15.85 -46.42 -27.63
C VAL D 491 14.73 -45.77 -26.80
N ALA D 492 14.84 -44.48 -26.48
CA ALA D 492 13.84 -43.82 -25.61
C ALA D 492 12.45 -43.64 -26.27
N ILE D 493 12.37 -43.58 -27.60
CA ILE D 493 11.07 -43.37 -28.23
C ILE D 493 10.16 -44.58 -28.04
N HIS D 494 10.71 -45.77 -27.77
CA HIS D 494 9.87 -46.94 -27.48
C HIS D 494 8.94 -46.67 -26.29
N GLU D 495 9.51 -46.19 -25.17
CA GLU D 495 8.67 -45.86 -24.02
C GLU D 495 7.76 -44.68 -24.34
N ALA D 496 8.30 -43.66 -25.03
CA ALA D 496 7.48 -42.48 -25.32
C ALA D 496 6.23 -42.82 -26.14
N MET D 497 6.32 -43.80 -27.05
CA MET D 497 5.17 -44.16 -27.88
C MET D 497 4.29 -45.25 -27.23
N GLU D 498 4.87 -46.32 -26.68
CA GLU D 498 4.02 -47.39 -26.13
C GLU D 498 3.34 -46.93 -24.83
N GLN D 499 4.09 -46.33 -23.92
CA GLN D 499 3.58 -45.98 -22.59
C GLN D 499 3.03 -44.56 -22.52
N GLN D 500 3.31 -43.71 -23.51
CA GLN D 500 3.09 -42.26 -23.43
C GLN D 500 3.81 -41.65 -22.22
N THR D 501 4.99 -42.19 -21.88
CA THR D 501 5.82 -41.65 -20.81
C THR D 501 7.29 -41.82 -21.15
N ILE D 502 8.12 -41.06 -20.43
CA ILE D 502 9.58 -41.14 -20.46
C ILE D 502 10.03 -41.19 -19.00
N SER D 503 10.85 -42.19 -18.66
CA SER D 503 11.31 -42.39 -17.28
C SER D 503 12.83 -42.46 -17.21
N ILE D 504 13.40 -41.78 -16.22
CA ILE D 504 14.85 -41.62 -16.08
C ILE D 504 15.25 -41.86 -14.62
N ALA D 505 16.35 -42.60 -14.42
CA ALA D 505 16.96 -42.80 -13.10
C ALA D 505 18.48 -42.74 -13.28
N LYS D 506 19.04 -41.52 -13.26
CA LYS D 506 20.45 -41.26 -13.55
C LYS D 506 20.96 -40.15 -12.65
N ALA D 507 22.22 -40.28 -12.19
CA ALA D 507 22.92 -39.26 -11.38
C ALA D 507 22.07 -38.72 -10.23
N GLY D 508 21.34 -39.59 -9.55
CA GLY D 508 20.48 -39.20 -8.44
C GLY D 508 19.13 -38.62 -8.83
N ILE D 509 18.93 -38.23 -10.09
CA ILE D 509 17.61 -37.86 -10.59
C ILE D 509 16.77 -39.14 -10.69
N THR D 510 15.50 -39.07 -10.29
CA THR D 510 14.57 -40.21 -10.44
C THR D 510 13.17 -39.61 -10.67
N THR D 511 12.76 -39.53 -11.93
CA THR D 511 11.48 -38.91 -12.28
C THR D 511 10.89 -39.59 -13.52
N VAL D 512 9.60 -39.31 -13.75
CA VAL D 512 8.85 -39.80 -14.90
C VAL D 512 8.15 -38.60 -15.53
N LEU D 513 8.14 -38.55 -16.87
CA LEU D 513 7.62 -37.44 -17.65
C LEU D 513 6.48 -37.91 -18.54
N ASN D 514 5.49 -37.04 -18.75
CA ASN D 514 4.33 -37.37 -19.59
C ASN D 514 4.63 -37.08 -21.06
N SER D 515 4.13 -37.94 -21.94
CA SER D 515 4.39 -37.88 -23.38
C SER D 515 3.10 -38.22 -24.17
N ARG D 516 2.00 -37.58 -23.81
CA ARG D 516 0.67 -37.89 -24.35
C ARG D 516 0.49 -37.12 -25.66
N THR D 517 0.84 -37.75 -26.79
CA THR D 517 0.83 -37.03 -28.06
C THR D 517 0.70 -38.00 -29.23
N SER D 518 0.28 -37.45 -30.37
CA SER D 518 0.20 -38.15 -31.65
C SER D 518 1.39 -37.72 -32.51
N VAL D 519 2.14 -38.68 -33.06
CA VAL D 519 3.38 -38.40 -33.79
C VAL D 519 3.14 -38.59 -35.28
N LEU D 520 3.56 -37.60 -36.06
CA LEU D 520 3.68 -37.69 -37.51
C LEU D 520 5.18 -37.64 -37.83
N ALA D 521 5.64 -38.47 -38.77
CA ALA D 521 7.07 -38.54 -39.02
C ALA D 521 7.33 -38.86 -40.48
N ALA D 522 8.54 -38.51 -40.96
CA ALA D 522 8.93 -38.78 -42.32
C ALA D 522 10.42 -39.08 -42.44
N ALA D 523 10.78 -39.94 -43.40
CA ALA D 523 12.18 -40.36 -43.60
C ALA D 523 12.43 -40.79 -45.04
N ASN D 524 13.69 -40.67 -45.46
CA ASN D 524 14.13 -40.86 -46.87
C ASN D 524 13.30 -39.99 -47.81
N THR D 544 13.68 -52.17 -41.32
CA THR D 544 14.06 -51.89 -39.93
C THR D 544 12.87 -52.14 -38.98
N THR D 545 13.18 -52.46 -37.71
CA THR D 545 12.15 -52.82 -36.74
C THR D 545 11.38 -51.63 -36.17
N ILE D 546 11.89 -50.40 -36.29
CA ILE D 546 11.22 -49.25 -35.69
C ILE D 546 9.85 -48.96 -36.34
N LEU D 547 9.60 -49.47 -37.55
CA LEU D 547 8.29 -49.29 -38.19
C LEU D 547 7.14 -49.88 -37.37
N SER D 548 7.43 -50.88 -36.53
CA SER D 548 6.40 -51.53 -35.71
C SER D 548 5.70 -50.56 -34.75
N ARG D 549 6.34 -49.43 -34.41
CA ARG D 549 5.75 -48.48 -33.48
C ARG D 549 4.56 -47.70 -34.07
N PHE D 550 4.49 -47.59 -35.40
CA PHE D 550 3.47 -46.74 -36.04
C PHE D 550 2.21 -47.53 -36.38
N ASP D 551 1.08 -46.82 -36.43
CA ASP D 551 -0.20 -47.43 -36.79
C ASP D 551 -0.34 -47.62 -38.29
N MET D 552 0.20 -46.67 -39.07
CA MET D 552 0.14 -46.70 -40.53
C MET D 552 1.44 -46.14 -41.09
N ILE D 553 1.89 -46.70 -42.21
CA ILE D 553 3.08 -46.27 -42.92
C ILE D 553 2.74 -46.19 -44.39
N PHE D 554 3.19 -45.12 -45.06
CA PHE D 554 2.94 -44.93 -46.48
C PHE D 554 4.14 -44.25 -47.14
N ILE D 555 4.21 -44.37 -48.47
CA ILE D 555 5.29 -43.81 -49.28
C ILE D 555 4.71 -42.77 -50.23
N VAL D 556 5.28 -41.55 -50.18
CA VAL D 556 4.78 -40.42 -50.96
C VAL D 556 5.07 -40.63 -52.44
N LYS D 557 4.14 -40.17 -53.28
CA LYS D 557 4.17 -40.35 -54.73
C LYS D 557 4.08 -39.01 -55.44
N ASP D 558 4.67 -38.92 -56.63
CA ASP D 558 4.85 -37.67 -57.37
C ASP D 558 4.30 -37.79 -58.79
N ASP D 559 3.91 -36.62 -59.35
CA ASP D 559 3.55 -36.49 -60.75
C ASP D 559 4.06 -35.14 -61.25
N HIS D 560 4.29 -35.06 -62.56
CA HIS D 560 5.19 -34.07 -63.16
C HIS D 560 4.50 -33.28 -64.26
N ASN D 561 3.29 -32.80 -63.97
CA ASN D 561 2.55 -31.99 -64.92
C ASN D 561 3.13 -30.58 -64.97
N GLU D 562 3.49 -30.14 -66.17
CA GLU D 562 4.13 -28.82 -66.34
C GLU D 562 3.19 -27.69 -65.92
N GLU D 563 1.89 -27.86 -66.14
CA GLU D 563 0.92 -26.84 -65.74
C GLU D 563 0.97 -26.58 -64.25
N ARG D 564 1.19 -27.62 -63.44
CA ARG D 564 1.26 -27.46 -61.99
C ARG D 564 2.44 -26.58 -61.60
N ASP D 565 3.63 -26.87 -62.14
CA ASP D 565 4.80 -26.06 -61.85
C ASP D 565 4.63 -24.64 -62.36
N ILE D 566 4.04 -24.48 -63.54
CA ILE D 566 3.81 -23.13 -64.08
C ILE D 566 2.85 -22.35 -63.20
N SER D 567 1.81 -23.01 -62.70
CA SER D 567 0.86 -22.36 -61.80
C SER D 567 1.55 -21.93 -60.50
N ILE D 568 2.39 -22.81 -59.94
CA ILE D 568 3.13 -22.47 -58.73
C ILE D 568 4.06 -21.28 -58.99
N ALA D 569 4.76 -21.31 -60.13
CA ALA D 569 5.67 -20.23 -60.48
C ALA D 569 4.92 -18.91 -60.68
N ASN D 570 3.74 -18.96 -61.33
CA ASN D 570 2.93 -17.76 -61.51
C ASN D 570 2.49 -17.20 -60.15
N HIS D 571 2.10 -18.08 -59.22
CA HIS D 571 1.75 -17.61 -57.88
C HIS D 571 2.97 -17.01 -57.16
N VAL D 572 4.14 -17.62 -57.31
CA VAL D 572 5.36 -17.08 -56.70
C VAL D 572 5.64 -15.68 -57.26
N ILE D 573 5.49 -15.50 -58.57
CA ILE D 573 5.66 -14.17 -59.16
C ILE D 573 4.60 -13.21 -58.63
N ASN D 574 3.36 -13.69 -58.44
CA ASN D 574 2.30 -12.82 -57.92
C ASN D 574 2.63 -12.30 -56.52
N ILE D 575 3.18 -13.15 -55.63
CA ILE D 575 3.55 -12.66 -54.30
C ILE D 575 4.83 -11.83 -54.35
N HIS D 576 5.74 -12.12 -55.28
CA HIS D 576 6.99 -11.36 -55.41
C HIS D 576 6.74 -9.97 -56.00
N THR D 577 5.73 -9.84 -56.86
CA THR D 577 5.35 -8.55 -57.47
C THR D 577 4.41 -7.75 -56.58
N GLU D 593 -15.09 -27.86 -50.09
CA GLU D 593 -13.82 -27.39 -49.55
C GLU D 593 -14.04 -26.53 -48.29
N ILE D 594 -13.04 -26.52 -47.39
CA ILE D 594 -13.13 -25.83 -46.10
C ILE D 594 -11.81 -25.09 -45.84
N SER D 595 -11.91 -23.87 -45.30
CA SER D 595 -10.73 -23.06 -44.95
C SER D 595 -10.08 -23.53 -43.64
N ILE D 596 -8.82 -23.11 -43.43
CA ILE D 596 -8.00 -23.62 -42.34
C ILE D 596 -8.62 -23.33 -40.97
N GLU D 597 -8.98 -22.06 -40.70
CA GLU D 597 -9.48 -21.72 -39.37
C GLU D 597 -10.81 -22.42 -39.07
N LYS D 598 -11.72 -22.47 -40.05
CA LYS D 598 -12.97 -23.19 -39.87
C LYS D 598 -12.74 -24.68 -39.62
N MET D 599 -11.83 -25.29 -40.37
CA MET D 599 -11.53 -26.71 -40.17
C MET D 599 -10.90 -26.96 -38.80
N LYS D 600 -9.98 -26.09 -38.37
CA LYS D 600 -9.37 -26.24 -37.05
C LYS D 600 -10.41 -26.14 -35.95
N ARG D 601 -11.33 -25.17 -36.06
CA ARG D 601 -12.39 -25.05 -35.06
C ARG D 601 -13.32 -26.26 -35.09
N TYR D 602 -13.62 -26.79 -36.29
CA TYR D 602 -14.47 -27.99 -36.38
C TYR D 602 -13.79 -29.18 -35.72
N ILE D 603 -12.49 -29.36 -35.97
CA ILE D 603 -11.75 -30.47 -35.36
C ILE D 603 -11.80 -30.34 -33.84
N THR D 604 -11.64 -29.12 -33.35
CA THR D 604 -11.72 -28.88 -31.90
C THR D 604 -13.10 -29.26 -31.36
N TYR D 605 -14.15 -28.83 -32.06
CA TYR D 605 -15.52 -29.13 -31.63
C TYR D 605 -15.78 -30.64 -31.56
N CYS D 606 -15.38 -31.37 -32.60
CA CYS D 606 -15.59 -32.81 -32.62
C CYS D 606 -14.82 -33.51 -31.51
N ARG D 607 -13.58 -33.07 -31.26
CA ARG D 607 -12.80 -33.67 -30.17
C ARG D 607 -13.45 -33.43 -28.81
N LEU D 608 -14.12 -32.27 -28.65
CA LEU D 608 -14.76 -31.98 -27.36
C LEU D 608 -16.14 -32.65 -27.19
N LYS D 609 -16.90 -32.86 -28.27
CA LYS D 609 -18.28 -33.33 -28.12
C LYS D 609 -18.49 -34.85 -28.18
N CYS D 610 -17.61 -35.63 -28.81
CA CYS D 610 -17.94 -37.04 -29.11
C CYS D 610 -16.77 -38.01 -28.90
N ALA D 611 -17.11 -39.21 -28.40
CA ALA D 611 -16.14 -40.29 -28.18
C ALA D 611 -16.84 -41.64 -28.39
N PRO D 612 -16.97 -42.10 -29.64
CA PRO D 612 -17.93 -43.18 -29.95
C PRO D 612 -17.43 -44.60 -29.64
N ARG D 613 -18.39 -45.54 -29.57
CA ARG D 613 -18.18 -46.93 -29.15
C ARG D 613 -18.51 -47.94 -30.26
N LEU D 614 -17.81 -49.09 -30.27
CA LEU D 614 -18.08 -50.15 -31.25
C LEU D 614 -19.44 -50.81 -31.02
N SER D 615 -20.19 -51.00 -32.11
CA SER D 615 -21.41 -51.83 -32.08
C SER D 615 -21.03 -53.33 -32.10
N PRO D 616 -21.94 -54.22 -31.65
CA PRO D 616 -21.61 -55.67 -31.65
C PRO D 616 -21.28 -56.25 -33.04
N GLN D 617 -21.95 -55.73 -34.08
CA GLN D 617 -21.70 -56.20 -35.44
C GLN D 617 -20.24 -55.96 -35.82
N ALA D 618 -19.71 -54.79 -35.46
CA ALA D 618 -18.31 -54.48 -35.72
C ALA D 618 -17.39 -55.45 -35.00
N ALA D 619 -17.76 -55.87 -33.79
CA ALA D 619 -16.92 -56.80 -33.03
C ALA D 619 -16.86 -58.17 -33.73
N GLU D 620 -18.01 -58.70 -34.16
CA GLU D 620 -17.97 -59.98 -34.89
C GLU D 620 -17.16 -59.87 -36.17
N LYS D 621 -17.37 -58.78 -36.92
CA LYS D 621 -16.64 -58.53 -38.16
C LYS D 621 -15.12 -58.49 -37.93
N LEU D 622 -14.68 -57.70 -36.95
CA LEU D 622 -13.25 -57.53 -36.70
C LEU D 622 -12.60 -58.84 -36.23
N SER D 623 -13.25 -59.55 -35.29
CA SER D 623 -12.66 -60.79 -34.80
C SER D 623 -12.58 -61.85 -35.91
N SER D 624 -13.63 -61.97 -36.73
CA SER D 624 -13.60 -62.90 -37.85
C SER D 624 -12.47 -62.56 -38.82
N ASN D 625 -12.32 -61.28 -39.14
CA ASN D 625 -11.26 -60.85 -40.04
C ASN D 625 -9.87 -61.13 -39.45
N PHE D 626 -9.71 -60.89 -38.14
CA PHE D 626 -8.44 -61.13 -37.46
C PHE D 626 -8.03 -62.60 -37.55
N VAL D 627 -8.93 -63.52 -37.17
CA VAL D 627 -8.58 -64.93 -37.25
C VAL D 627 -8.39 -65.37 -38.71
N THR D 628 -9.13 -64.77 -39.65
CA THR D 628 -8.97 -65.13 -41.06
C THR D 628 -7.55 -64.80 -41.54
N ILE D 629 -7.06 -63.60 -41.22
CA ILE D 629 -5.72 -63.23 -41.68
C ILE D 629 -4.67 -64.12 -41.01
N ARG D 630 -4.81 -64.40 -39.70
CA ARG D 630 -3.82 -65.27 -39.05
C ARG D 630 -3.85 -66.69 -39.64
N LYS D 631 -5.03 -67.22 -39.94
CA LYS D 631 -5.10 -68.55 -40.57
C LYS D 631 -4.48 -68.55 -41.96
N GLN D 632 -4.75 -67.50 -42.75
CA GLN D 632 -4.16 -67.40 -44.09
C GLN D 632 -2.64 -67.35 -44.01
N LEU D 633 -2.10 -66.56 -43.07
CA LEU D 633 -0.65 -66.51 -42.88
C LEU D 633 -0.10 -67.83 -42.37
N LEU D 634 -0.86 -68.56 -41.55
CA LEU D 634 -0.40 -69.85 -41.03
C LEU D 634 -0.27 -70.89 -42.15
N ILE D 635 -1.24 -70.95 -43.07
CA ILE D 635 -1.16 -71.95 -44.14
C ILE D 635 -0.10 -71.58 -45.17
N ASN D 636 0.18 -70.30 -45.36
CA ASN D 636 1.23 -69.84 -46.29
C ASN D 636 2.63 -70.31 -45.88
N PRO D 647 3.98 -60.74 -38.76
CA PRO D 647 2.64 -61.32 -38.60
C PRO D 647 1.63 -60.36 -37.95
N ILE D 648 0.34 -60.59 -38.21
CA ILE D 648 -0.71 -59.86 -37.50
C ILE D 648 -0.62 -60.21 -36.01
N THR D 649 -0.89 -59.22 -35.16
CA THR D 649 -0.80 -59.40 -33.70
C THR D 649 -1.79 -58.44 -33.03
N ILE D 650 -2.05 -58.69 -31.73
CA ILE D 650 -3.06 -57.92 -30.99
C ILE D 650 -2.75 -56.43 -30.99
N ARG D 651 -1.46 -56.06 -30.97
CA ARG D 651 -1.08 -54.65 -30.97
C ARG D 651 -1.50 -53.93 -32.26
N GLN D 652 -1.82 -54.67 -33.33
CA GLN D 652 -2.37 -54.10 -34.56
C GLN D 652 -3.90 -54.13 -34.63
N LEU D 653 -4.53 -55.16 -34.04
CA LEU D 653 -5.98 -55.15 -33.88
C LEU D 653 -6.42 -53.93 -33.08
N GLU D 654 -5.70 -53.64 -31.99
CA GLU D 654 -6.03 -52.48 -31.18
C GLU D 654 -5.72 -51.16 -31.88
N ALA D 655 -4.99 -51.19 -33.00
CA ALA D 655 -4.78 -49.99 -33.81
C ALA D 655 -5.91 -49.80 -34.81
N ILE D 656 -6.37 -50.92 -35.41
CA ILE D 656 -7.52 -50.88 -36.31
C ILE D 656 -8.74 -50.35 -35.58
N ILE D 657 -8.91 -50.74 -34.30
CA ILE D 657 -10.04 -50.22 -33.53
C ILE D 657 -9.97 -48.69 -33.41
N ARG D 658 -8.78 -48.15 -33.11
CA ARG D 658 -8.65 -46.70 -32.97
C ARG D 658 -8.96 -45.97 -34.28
N ILE D 659 -8.50 -46.53 -35.41
CA ILE D 659 -8.83 -45.93 -36.71
C ILE D 659 -10.35 -45.95 -36.93
N THR D 660 -11.00 -47.08 -36.62
CA THR D 660 -12.45 -47.19 -36.80
C THR D 660 -13.19 -46.12 -36.01
N GLU D 661 -12.80 -45.94 -34.74
CA GLU D 661 -13.43 -44.92 -33.90
C GLU D 661 -13.22 -43.53 -34.49
N SER D 662 -12.00 -43.25 -34.96
CA SER D 662 -11.72 -41.93 -35.53
C SER D 662 -12.56 -41.67 -36.77
N LEU D 663 -12.86 -42.71 -37.56
CA LEU D 663 -13.72 -42.51 -38.73
C LEU D 663 -15.16 -42.22 -38.32
N ALA D 664 -15.67 -42.93 -37.32
CA ALA D 664 -17.04 -42.65 -36.85
C ALA D 664 -17.17 -41.25 -36.24
N LYS D 665 -16.06 -40.71 -35.72
CA LYS D 665 -16.08 -39.41 -35.04
C LYS D 665 -16.46 -38.25 -35.96
N LEU D 666 -16.15 -38.33 -37.27
CA LEU D 666 -16.49 -37.24 -38.19
C LEU D 666 -17.99 -37.04 -38.29
N GLU D 667 -18.75 -38.14 -38.37
CA GLU D 667 -20.21 -38.07 -38.45
C GLU D 667 -20.86 -37.67 -37.12
N LEU D 668 -20.09 -37.58 -36.03
CA LEU D 668 -20.62 -37.43 -34.67
C LEU D 668 -21.60 -38.55 -34.28
N SER D 669 -21.49 -39.71 -34.94
CA SER D 669 -22.30 -40.87 -34.58
C SER D 669 -21.81 -41.46 -33.26
N PRO D 670 -22.67 -41.64 -32.24
CA PRO D 670 -22.17 -42.19 -30.97
C PRO D 670 -21.72 -43.65 -31.05
N ILE D 671 -22.14 -44.39 -32.08
CA ILE D 671 -21.71 -45.78 -32.30
C ILE D 671 -20.97 -45.88 -33.62
N ALA D 672 -19.94 -46.72 -33.64
CA ALA D 672 -19.25 -47.09 -34.86
C ALA D 672 -19.92 -48.33 -35.46
N GLN D 673 -19.85 -48.42 -36.79
CA GLN D 673 -20.66 -49.33 -37.60
C GLN D 673 -19.78 -50.02 -38.64
N GLU D 674 -20.35 -51.04 -39.30
CA GLU D 674 -19.59 -51.81 -40.30
C GLU D 674 -19.09 -50.92 -41.44
N ARG D 675 -19.82 -49.84 -41.75
CA ARG D 675 -19.37 -48.86 -42.74
C ARG D 675 -17.98 -48.35 -42.40
N HIS D 676 -17.73 -48.09 -41.11
CA HIS D 676 -16.43 -47.58 -40.70
C HIS D 676 -15.38 -48.70 -40.64
N VAL D 677 -15.78 -49.90 -40.23
CA VAL D 677 -14.83 -51.03 -40.16
C VAL D 677 -14.28 -51.34 -41.55
N ASP D 678 -15.16 -51.32 -42.56
CA ASP D 678 -14.73 -51.63 -43.92
C ASP D 678 -13.67 -50.64 -44.40
N GLU D 679 -13.93 -49.35 -44.23
CA GLU D 679 -12.95 -48.35 -44.64
C GLU D 679 -11.69 -48.43 -43.79
N ALA D 680 -11.82 -48.85 -42.52
CA ALA D 680 -10.65 -48.98 -41.67
C ALA D 680 -9.70 -50.05 -42.19
N ILE D 681 -10.24 -51.25 -42.48
CA ILE D 681 -9.38 -52.31 -42.99
C ILE D 681 -8.92 -52.00 -44.42
N ARG D 682 -9.76 -51.32 -45.20
CA ARG D 682 -9.38 -50.89 -46.54
C ARG D 682 -8.19 -49.95 -46.49
N LEU D 683 -8.20 -49.01 -45.54
CA LEU D 683 -7.11 -48.06 -45.37
C LEU D 683 -5.90 -48.65 -44.64
N PHE D 684 -6.06 -49.81 -43.98
CA PHE D 684 -4.97 -50.50 -43.29
C PHE D 684 -3.89 -51.06 -44.23
N GLN D 685 -4.09 -51.01 -45.55
CA GLN D 685 -3.12 -51.56 -46.49
C GLN D 685 -1.91 -50.63 -46.63
N ALA D 686 -1.09 -50.63 -45.58
CA ALA D 686 0.16 -49.89 -45.56
C ALA D 686 1.21 -50.54 -46.46
N SER D 687 1.52 -51.81 -46.20
CA SER D 687 2.44 -52.66 -46.98
C SER D 687 3.75 -52.00 -47.40
N PHE E 92 43.82 41.08 24.53
CA PHE E 92 43.93 39.61 24.24
C PHE E 92 45.26 39.07 24.76
N LYS E 93 45.28 37.78 25.06
CA LYS E 93 46.44 37.15 25.70
C LYS E 93 47.47 36.70 24.67
N SER E 94 47.95 37.64 23.85
CA SER E 94 48.94 37.32 22.83
C SER E 94 50.26 36.93 23.46
N ARG E 95 50.96 35.97 22.83
CA ARG E 95 52.18 35.42 23.39
C ARG E 95 53.05 34.86 22.27
N ALA E 96 54.36 35.15 22.33
CA ALA E 96 55.33 34.63 21.40
C ALA E 96 55.93 33.33 21.90
N LEU E 97 56.37 32.49 20.96
CA LEU E 97 57.04 31.22 21.28
C LEU E 97 58.52 31.52 21.55
N ASN E 98 58.74 32.18 22.69
CA ASN E 98 60.04 32.66 23.14
C ASN E 98 61.07 31.53 23.22
N HIS E 99 60.63 30.33 23.58
CA HIS E 99 61.41 29.11 23.77
C HIS E 99 61.75 28.34 22.48
N VAL E 100 61.30 28.81 21.32
CA VAL E 100 61.29 28.00 20.08
C VAL E 100 62.66 27.54 19.56
N LYS E 101 63.76 28.20 19.96
CA LYS E 101 65.09 27.97 19.39
C LYS E 101 65.48 26.49 19.35
N LYS E 102 65.69 25.99 18.13
CA LYS E 102 65.73 24.56 17.83
C LYS E 102 67.05 23.89 18.20
N VAL E 103 67.00 22.55 18.29
CA VAL E 103 68.16 21.67 18.38
C VAL E 103 68.68 21.43 16.97
N ASP E 104 70.02 21.34 16.80
CA ASP E 104 70.65 21.25 15.47
C ASP E 104 71.71 20.15 15.41
N ASP E 105 71.74 19.42 14.29
CA ASP E 105 72.66 18.29 14.08
C ASP E 105 73.93 18.79 13.41
N VAL E 106 75.03 18.79 14.15
CA VAL E 106 76.31 19.29 13.64
C VAL E 106 76.82 18.43 12.48
N THR E 107 76.63 17.10 12.57
CA THR E 107 77.10 16.21 11.51
C THR E 107 76.46 16.58 10.19
N GLY E 108 75.18 16.92 10.21
CA GLY E 108 74.49 17.30 8.99
C GLY E 108 75.08 18.55 8.34
N GLU E 109 75.34 19.58 9.14
CA GLU E 109 75.89 20.82 8.58
C GLU E 109 77.32 20.59 8.06
N LYS E 110 78.12 19.79 8.77
CA LYS E 110 79.47 19.53 8.30
C LYS E 110 79.47 18.69 7.03
N VAL E 111 78.60 17.68 6.94
CA VAL E 111 78.47 16.91 5.71
C VAL E 111 78.01 17.81 4.57
N ARG E 112 77.04 18.69 4.85
CA ARG E 112 76.53 19.63 3.85
C ARG E 112 77.65 20.45 3.24
N GLU E 113 78.43 21.13 4.09
CA GLU E 113 79.45 22.03 3.59
C GLU E 113 80.77 21.31 3.26
N ALA E 114 80.86 19.99 3.45
CA ALA E 114 81.94 19.19 2.85
C ALA E 114 81.57 18.71 1.45
N PHE E 115 80.33 18.22 1.29
CA PHE E 115 79.82 17.86 -0.03
C PHE E 115 79.82 19.07 -0.95
N GLU E 116 79.58 20.26 -0.40
CA GLU E 116 79.75 21.52 -1.10
C GLU E 116 81.15 21.63 -1.72
N GLN E 117 82.18 21.39 -0.90
CA GLN E 117 83.55 21.51 -1.39
C GLN E 117 83.88 20.44 -2.42
N PHE E 118 83.32 19.24 -2.27
CA PHE E 118 83.53 18.21 -3.29
C PHE E 118 82.94 18.64 -4.63
N LEU E 119 81.72 19.19 -4.60
CA LEU E 119 81.11 19.68 -5.84
C LEU E 119 81.93 20.81 -6.45
N GLU E 120 82.50 21.67 -5.61
CA GLU E 120 83.34 22.75 -6.12
C GLU E 120 84.61 22.22 -6.79
N ASP E 121 85.37 21.39 -6.08
CA ASP E 121 86.80 21.19 -6.34
C ASP E 121 87.20 19.72 -6.28
N PHE E 122 86.42 18.82 -6.89
CA PHE E 122 86.90 17.46 -7.07
C PHE E 122 88.14 17.43 -7.96
N SER E 123 88.15 18.29 -8.99
CA SER E 123 89.37 18.71 -9.71
C SER E 123 90.16 17.54 -10.30
N VAL E 124 89.45 16.63 -10.98
CA VAL E 124 90.13 15.59 -11.76
C VAL E 124 90.75 16.23 -13.01
N GLN E 125 91.85 15.62 -13.48
CA GLN E 125 92.54 16.11 -14.67
C GLN E 125 91.88 15.59 -15.94
N SER E 126 92.22 16.22 -17.07
CA SER E 126 91.60 15.91 -18.34
C SER E 126 91.91 14.48 -18.79
N THR E 127 90.99 13.92 -19.58
CA THR E 127 91.18 12.59 -20.16
C THR E 127 92.43 12.51 -21.03
N ASP E 128 92.85 13.64 -21.64
CA ASP E 128 93.97 13.68 -22.56
C ASP E 128 95.22 14.37 -22.03
N THR E 129 95.08 15.23 -21.01
CA THR E 129 96.16 16.12 -20.60
C THR E 129 96.15 16.33 -19.09
N GLY E 130 97.29 16.80 -18.58
CA GLY E 130 97.41 17.18 -17.18
C GLY E 130 96.88 18.57 -16.89
N GLU E 131 95.57 18.77 -17.08
CA GLU E 131 94.90 20.04 -16.84
C GLU E 131 93.62 19.78 -16.04
N VAL E 132 93.39 20.61 -15.02
CA VAL E 132 92.22 20.43 -14.16
C VAL E 132 90.96 20.79 -14.94
N GLU E 133 89.94 19.94 -14.85
CA GLU E 133 88.72 20.02 -15.65
C GLU E 133 87.47 20.37 -14.86
N LYS E 134 87.37 19.94 -13.59
CA LYS E 134 86.22 20.24 -12.71
C LYS E 134 84.90 19.78 -13.34
N VAL E 135 84.76 18.46 -13.46
CA VAL E 135 83.65 17.87 -14.23
C VAL E 135 82.27 18.18 -13.63
N TYR E 136 82.12 18.24 -12.31
CA TYR E 136 80.77 18.44 -11.76
C TYR E 136 80.26 19.86 -11.99
N ARG E 137 81.14 20.87 -11.97
CA ARG E 137 80.74 22.21 -12.38
C ARG E 137 80.31 22.23 -13.85
N ALA E 138 81.06 21.52 -14.70
CA ALA E 138 80.71 21.40 -16.11
C ALA E 138 79.35 20.71 -16.28
N GLN E 139 79.08 19.69 -15.48
CA GLN E 139 77.79 19.00 -15.54
C GLN E 139 76.66 19.95 -15.15
N ILE E 140 76.89 20.81 -14.15
CA ILE E 140 75.89 21.82 -13.79
C ILE E 140 75.63 22.76 -14.97
N GLU E 141 76.69 23.19 -15.64
CA GLU E 141 76.53 24.06 -16.81
C GLU E 141 75.74 23.35 -17.91
N PHE E 142 76.02 22.07 -18.13
CA PHE E 142 75.27 21.26 -19.10
C PHE E 142 73.78 21.24 -18.75
N MET E 143 73.47 21.02 -17.47
CA MET E 143 72.08 21.02 -17.01
C MET E 143 71.43 22.37 -17.29
N LYS E 144 72.16 23.46 -17.04
CA LYS E 144 71.67 24.80 -17.35
C LYS E 144 71.35 24.93 -18.83
N ILE E 145 72.20 24.34 -19.69
CA ILE E 145 71.99 24.47 -21.13
C ILE E 145 70.71 23.75 -21.55
N TYR E 146 70.37 22.63 -20.90
CA TYR E 146 69.21 21.82 -21.32
C TYR E 146 68.06 21.76 -20.31
N ASP E 147 68.06 22.61 -19.26
CA ASP E 147 66.96 22.68 -18.27
C ASP E 147 66.66 21.32 -17.63
N LEU E 148 67.71 20.57 -17.30
CA LEU E 148 67.56 19.27 -16.63
C LEU E 148 67.26 19.45 -15.14
N ASN E 149 67.02 18.33 -14.44
CA ASN E 149 66.72 18.35 -13.01
C ASN E 149 67.42 17.28 -12.18
N THR E 150 68.36 16.51 -12.76
CA THR E 150 69.04 15.43 -12.06
C THR E 150 70.54 15.50 -12.35
N ILE E 151 71.33 15.07 -11.36
CA ILE E 151 72.79 15.09 -11.44
C ILE E 151 73.32 13.71 -11.05
N TYR E 152 74.29 13.20 -11.82
CA TYR E 152 74.87 11.88 -11.61
C TYR E 152 76.26 12.01 -11.00
N ILE E 153 76.53 11.20 -9.97
CA ILE E 153 77.79 11.22 -9.23
C ILE E 153 78.37 9.81 -9.23
N ASP E 154 79.70 9.72 -9.34
CA ASP E 154 80.40 8.44 -9.39
C ASP E 154 80.90 8.10 -7.98
N TYR E 155 80.52 6.92 -7.49
CA TYR E 155 80.90 6.53 -6.12
C TYR E 155 82.41 6.36 -5.97
N GLN E 156 83.13 6.05 -7.05
CA GLN E 156 84.59 5.95 -6.96
C GLN E 156 85.20 7.33 -6.70
N HIS E 157 84.64 8.37 -7.31
CA HIS E 157 85.13 9.73 -7.08
C HIS E 157 84.92 10.13 -5.63
N LEU E 158 83.80 9.73 -5.04
CA LEU E 158 83.53 10.04 -3.64
C LEU E 158 84.38 9.19 -2.70
N SER E 159 84.74 7.97 -3.11
CA SER E 159 85.53 7.07 -2.26
C SER E 159 86.91 7.64 -1.97
N MET E 160 87.56 8.24 -2.97
CA MET E 160 88.91 8.77 -2.83
C MET E 160 88.95 10.14 -2.14
N ARG E 161 87.79 10.76 -1.89
CA ARG E 161 87.74 12.10 -1.30
C ARG E 161 87.89 12.06 0.22
N GLU E 162 88.83 12.86 0.74
CA GLU E 162 89.00 13.17 2.17
C GLU E 162 89.05 11.90 3.03
N ASN E 163 89.89 10.96 2.60
CA ASN E 163 90.14 9.68 3.28
C ASN E 163 88.87 8.81 3.43
N GLY E 164 87.84 9.06 2.63
CA GLY E 164 86.67 8.18 2.55
C GLY E 164 85.62 8.36 3.63
N ALA E 165 85.84 9.21 4.63
CA ALA E 165 84.85 9.37 5.71
C ALA E 165 83.52 9.90 5.18
N LEU E 166 83.57 10.85 4.25
CA LEU E 166 82.34 11.39 3.68
C LEU E 166 81.54 10.30 2.97
N ALA E 167 82.22 9.47 2.16
CA ALA E 167 81.55 8.38 1.47
C ALA E 167 80.94 7.39 2.45
N MET E 168 81.63 7.11 3.56
CA MET E 168 81.08 6.22 4.57
C MET E 168 79.80 6.80 5.19
N ALA E 169 79.83 8.08 5.55
CA ALA E 169 78.65 8.71 6.15
C ALA E 169 77.46 8.67 5.19
N ILE E 170 77.72 8.94 3.90
CA ILE E 170 76.63 8.89 2.92
C ILE E 170 76.13 7.46 2.74
N SER E 171 77.05 6.49 2.77
CA SER E 171 76.69 5.09 2.50
C SER E 171 75.86 4.47 3.63
N GLU E 172 76.29 4.65 4.88
CA GLU E 172 75.66 3.96 6.00
C GLU E 172 74.43 4.68 6.55
N GLN E 173 74.28 5.98 6.31
CA GLN E 173 73.18 6.77 6.87
C GLN E 173 72.61 7.71 5.82
N TYR E 174 72.27 7.15 4.66
CA TYR E 174 71.72 7.94 3.56
C TYR E 174 70.43 8.66 3.95
N TYR E 175 69.52 7.96 4.62
CA TYR E 175 68.23 8.55 4.96
C TYR E 175 68.37 9.74 5.92
N ARG E 176 69.36 9.72 6.82
CA ARG E 176 69.59 10.89 7.67
C ARG E 176 70.11 12.07 6.86
N PHE E 177 71.05 11.81 5.95
CA PHE E 177 71.86 12.88 5.36
C PHE E 177 71.37 13.38 4.00
N LEU E 178 70.38 12.73 3.39
CA LEU E 178 69.91 13.19 2.08
C LEU E 178 69.41 14.64 2.07
N PRO E 179 68.64 15.14 3.04
CA PRO E 179 68.28 16.58 3.00
C PRO E 179 69.47 17.52 3.04
N PHE E 180 70.51 17.16 3.81
CA PHE E 180 71.69 18.02 3.89
C PHE E 180 72.45 18.04 2.57
N LEU E 181 72.49 16.91 1.85
CA LEU E 181 73.09 16.89 0.52
C LEU E 181 72.33 17.80 -0.44
N GLN E 182 71.00 17.79 -0.37
CA GLN E 182 70.19 18.69 -1.18
C GLN E 182 70.51 20.15 -0.89
N LYS E 183 70.58 20.49 0.41
CA LYS E 183 70.91 21.86 0.80
C LYS E 183 72.29 22.26 0.30
N GLY E 184 73.25 21.32 0.35
CA GLY E 184 74.58 21.61 -0.16
C GLY E 184 74.58 21.91 -1.65
N LEU E 185 73.84 21.12 -2.43
CA LEU E 185 73.84 21.33 -3.89
C LEU E 185 73.13 22.62 -4.29
N ARG E 186 72.05 22.98 -3.57
CA ARG E 186 71.28 24.18 -3.90
C ARG E 186 72.15 25.43 -3.92
N ARG E 187 73.03 25.56 -2.92
CA ARG E 187 73.92 26.72 -2.84
C ARG E 187 74.88 26.80 -4.02
N VAL E 188 75.44 25.67 -4.43
CA VAL E 188 76.40 25.67 -5.54
C VAL E 188 75.71 26.05 -6.85
N VAL E 189 74.52 25.48 -7.08
CA VAL E 189 73.79 25.84 -8.31
C VAL E 189 73.41 27.32 -8.29
N ARG E 190 73.05 27.85 -7.11
CA ARG E 190 72.82 29.29 -6.99
C ARG E 190 74.08 30.07 -7.38
N LYS E 191 75.24 29.62 -6.91
CA LYS E 191 76.48 30.33 -7.14
C LYS E 191 76.85 30.40 -8.62
N TYR E 192 76.70 29.30 -9.35
CA TYR E 192 77.19 29.22 -10.73
C TYR E 192 76.11 29.24 -11.81
N ALA E 193 74.86 28.93 -11.48
CA ALA E 193 73.81 28.83 -12.49
C ALA E 193 72.45 29.14 -11.87
N PRO E 194 72.22 30.38 -11.42
CA PRO E 194 70.94 30.70 -10.76
C PRO E 194 69.72 30.56 -11.67
N GLU E 195 69.90 30.43 -12.99
CA GLU E 195 68.78 30.17 -13.89
C GLU E 195 68.13 28.82 -13.62
N LEU E 196 68.86 27.87 -13.01
CA LEU E 196 68.32 26.55 -12.72
C LEU E 196 67.45 26.49 -11.46
N LEU E 197 67.53 27.49 -10.58
CA LEU E 197 66.80 27.40 -9.31
C LEU E 197 65.29 27.43 -9.52
N ASN E 198 64.81 28.13 -10.55
CA ASN E 198 63.38 28.16 -10.87
C ASN E 198 63.04 27.09 -11.92
N THR E 199 61.78 26.67 -11.92
CA THR E 199 61.22 25.84 -12.99
C THR E 199 60.98 26.68 -14.25
N SER E 255 55.42 36.72 -17.52
CA SER E 255 55.04 35.51 -16.79
C SER E 255 54.84 35.79 -15.28
N PRO E 256 53.95 35.03 -14.60
CA PRO E 256 53.91 35.09 -13.13
C PRO E 256 55.11 34.39 -12.49
N GLU E 257 55.14 34.35 -11.16
CA GLU E 257 56.26 33.77 -10.42
C GLU E 257 56.43 32.27 -10.73
N GLN E 258 57.68 31.79 -10.67
CA GLN E 258 58.06 30.42 -11.02
C GLN E 258 58.55 29.67 -9.77
N THR E 259 57.94 28.51 -9.48
CA THR E 259 58.30 27.71 -8.31
C THR E 259 59.69 27.07 -8.48
N GLU E 260 60.27 26.66 -7.34
CA GLU E 260 61.63 26.12 -7.31
C GLU E 260 61.74 24.73 -7.93
N ARG E 261 62.91 24.46 -8.53
CA ARG E 261 63.21 23.16 -9.12
C ARG E 261 63.55 22.13 -8.05
N VAL E 262 62.93 20.96 -8.12
CA VAL E 262 63.19 19.86 -7.16
C VAL E 262 64.33 19.00 -7.73
N PHE E 263 65.56 19.35 -7.37
CA PHE E 263 66.74 18.61 -7.83
C PHE E 263 66.76 17.18 -7.28
N GLN E 264 67.41 16.30 -8.04
CA GLN E 264 67.58 14.89 -7.69
C GLN E 264 69.06 14.54 -7.79
N ILE E 265 69.64 14.00 -6.70
CA ILE E 265 71.01 13.48 -6.74
C ILE E 265 70.93 12.00 -7.04
N SER E 266 71.87 11.51 -7.86
CA SER E 266 71.91 10.12 -8.30
C SER E 266 73.34 9.61 -8.21
N PHE E 267 73.50 8.32 -7.87
CA PHE E 267 74.80 7.69 -7.72
C PHE E 267 74.88 6.44 -8.57
N PHE E 268 76.11 6.08 -8.99
CA PHE E 268 76.32 4.88 -9.80
C PHE E 268 77.72 4.34 -9.54
N ASN E 269 77.98 3.14 -10.08
CA ASN E 269 79.26 2.44 -9.94
C ASN E 269 79.57 2.12 -8.47
N LEU E 270 78.56 1.65 -7.74
CA LEU E 270 78.76 1.19 -6.36
C LEU E 270 79.61 -0.09 -6.32
N PRO E 271 80.24 -0.41 -5.19
CA PRO E 271 81.20 -1.54 -5.18
C PRO E 271 80.59 -2.92 -5.46
N THR E 272 79.36 -3.23 -5.05
CA THR E 272 78.83 -4.59 -5.26
C THR E 272 77.30 -4.58 -5.37
N VAL E 273 76.77 -5.60 -6.07
CA VAL E 273 75.35 -5.77 -6.37
C VAL E 273 74.81 -6.94 -5.55
N HIS E 274 73.72 -6.71 -4.81
CA HIS E 274 73.08 -7.75 -4.01
C HIS E 274 71.91 -8.40 -4.78
N ARG E 275 71.52 -9.59 -4.32
CA ARG E 275 70.35 -10.28 -4.82
C ARG E 275 69.14 -9.91 -3.97
N ILE E 276 67.94 -10.15 -4.51
CA ILE E 276 66.71 -9.89 -3.75
C ILE E 276 66.69 -10.71 -2.46
N ARG E 277 67.27 -11.91 -2.51
CA ARG E 277 67.38 -12.82 -1.37
C ARG E 277 68.32 -12.32 -0.28
N ASP E 278 69.15 -11.30 -0.56
CA ASP E 278 70.09 -10.75 0.41
C ASP E 278 69.58 -9.52 1.14
N ILE E 279 68.34 -9.10 0.90
CA ILE E 279 67.74 -7.99 1.64
C ILE E 279 67.41 -8.45 3.04
N ARG E 280 67.95 -7.76 4.05
CA ARG E 280 67.84 -8.11 5.46
C ARG E 280 67.65 -6.84 6.27
N SER E 281 66.89 -6.94 7.38
CA SER E 281 66.49 -5.73 8.12
C SER E 281 67.65 -4.96 8.74
N GLU E 282 68.85 -5.54 8.83
CA GLU E 282 69.98 -4.80 9.38
C GLU E 282 70.45 -3.67 8.45
N LYS E 283 70.14 -3.75 7.15
CA LYS E 283 70.59 -2.78 6.15
C LYS E 283 69.59 -1.66 5.88
N ILE E 284 68.50 -1.55 6.67
CA ILE E 284 67.46 -0.55 6.43
C ILE E 284 68.06 0.85 6.44
N GLY E 285 67.71 1.64 5.43
CA GLY E 285 68.15 3.02 5.29
C GLY E 285 69.53 3.22 4.72
N SER E 286 70.27 2.16 4.37
CA SER E 286 71.58 2.29 3.75
C SER E 286 71.44 2.40 2.22
N LEU E 287 72.56 2.70 1.56
CA LEU E 287 72.62 2.84 0.10
C LEU E 287 73.06 1.52 -0.55
N LEU E 288 72.31 1.05 -1.55
CA LEU E 288 72.49 -0.28 -2.12
C LEU E 288 72.27 -0.29 -3.63
N SER E 289 72.57 -1.44 -4.26
CA SER E 289 72.27 -1.71 -5.66
C SER E 289 71.78 -3.15 -5.81
N ILE E 290 70.79 -3.36 -6.68
CA ILE E 290 70.07 -4.64 -6.81
C ILE E 290 69.81 -4.92 -8.30
N SER E 291 69.62 -6.21 -8.62
CA SER E 291 69.34 -6.62 -10.00
C SER E 291 68.30 -7.75 -10.04
N GLY E 292 67.53 -7.80 -11.13
CA GLY E 292 66.50 -8.82 -11.31
C GLY E 292 65.77 -8.62 -12.62
N THR E 293 64.76 -9.48 -12.86
CA THR E 293 63.91 -9.41 -14.05
C THR E 293 62.59 -8.73 -13.67
N VAL E 294 62.13 -7.79 -14.52
CA VAL E 294 60.86 -7.12 -14.26
C VAL E 294 59.71 -8.04 -14.67
N THR E 295 58.64 -8.07 -13.86
CA THR E 295 57.46 -8.89 -14.12
C THR E 295 56.15 -8.09 -14.19
N ARG E 296 56.04 -6.93 -13.52
CA ARG E 296 54.87 -6.07 -13.62
C ARG E 296 55.29 -4.60 -13.48
N THR E 297 54.46 -3.71 -14.04
CA THR E 297 54.61 -2.27 -13.82
C THR E 297 53.24 -1.63 -13.71
N SER E 298 53.17 -0.57 -12.89
CA SER E 298 51.96 0.21 -12.66
C SER E 298 51.93 1.42 -13.58
N GLU E 299 50.74 2.03 -13.75
CA GLU E 299 50.67 3.29 -14.50
C GLU E 299 51.21 4.43 -13.64
N VAL E 300 51.64 5.52 -14.30
CA VAL E 300 52.21 6.65 -13.57
C VAL E 300 51.08 7.39 -12.85
N ARG E 301 51.30 7.71 -11.57
CA ARG E 301 50.32 8.39 -10.72
C ARG E 301 50.93 9.64 -10.08
N PRO E 302 50.15 10.69 -9.80
CA PRO E 302 50.70 11.84 -9.09
C PRO E 302 50.67 11.65 -7.58
N GLU E 303 51.82 11.88 -6.94
CA GLU E 303 51.98 11.77 -5.49
C GLU E 303 52.06 13.16 -4.88
N LEU E 304 51.32 13.39 -3.80
CA LEU E 304 51.33 14.69 -3.13
C LEU E 304 52.62 14.84 -2.33
N TYR E 305 53.40 15.88 -2.64
CA TYR E 305 54.71 16.11 -2.04
C TYR E 305 54.66 17.20 -0.96
N LYS E 306 54.04 18.34 -1.25
CA LYS E 306 53.84 19.42 -0.29
C LYS E 306 52.43 19.96 -0.48
N ALA E 307 51.75 20.27 0.62
CA ALA E 307 50.33 20.61 0.61
C ALA E 307 50.06 22.01 1.16
N SER E 308 48.89 22.55 0.80
CA SER E 308 48.46 23.88 1.20
C SER E 308 46.93 23.88 1.32
N PHE E 309 46.41 24.40 2.42
CA PHE E 309 44.98 24.32 2.74
C PHE E 309 44.42 25.68 3.12
N THR E 310 43.10 25.83 3.00
CA THR E 310 42.39 27.04 3.38
C THR E 310 41.11 26.72 4.13
N CYS E 311 40.79 27.54 5.14
CA CYS E 311 39.70 27.29 6.06
C CYS E 311 38.35 27.69 5.47
N ASP E 312 37.31 26.93 5.82
CA ASP E 312 35.96 27.21 5.32
C ASP E 312 35.28 28.30 6.15
N MET E 313 35.45 28.27 7.47
CA MET E 313 34.74 29.18 8.35
C MET E 313 35.34 30.59 8.39
N CYS E 314 36.59 30.74 7.94
CA CYS E 314 37.23 32.05 7.89
C CYS E 314 38.23 32.05 6.74
N ARG E 315 38.61 33.25 6.30
CA ARG E 315 39.55 33.41 5.19
C ARG E 315 40.98 33.36 5.75
N ALA E 316 41.50 32.13 5.82
CA ALA E 316 42.85 31.86 6.32
C ALA E 316 43.44 30.72 5.50
N ILE E 317 44.78 30.70 5.42
CA ILE E 317 45.52 29.74 4.60
C ILE E 317 46.68 29.15 5.40
N VAL E 318 46.91 27.85 5.21
CA VAL E 318 48.02 27.09 5.78
C VAL E 318 48.86 26.59 4.62
N ASP E 319 50.19 26.61 4.75
CA ASP E 319 51.07 26.29 3.62
C ASP E 319 52.27 25.45 4.03
N ASN E 320 52.78 24.68 3.05
CA ASN E 320 53.96 23.79 3.19
C ASN E 320 53.77 22.72 4.27
N VAL E 321 52.63 22.00 4.22
CA VAL E 321 52.40 20.87 5.12
C VAL E 321 53.05 19.61 4.54
N GLU E 322 53.66 18.79 5.41
CA GLU E 322 54.52 17.67 5.02
C GLU E 322 53.83 16.32 5.24
N GLN E 323 53.93 15.42 4.25
CA GLN E 323 53.02 14.26 4.17
C GLN E 323 53.57 12.94 4.72
N SER E 324 54.77 12.51 4.32
CA SER E 324 55.30 11.13 4.58
C SER E 324 54.31 10.10 4.01
N PHE E 325 53.88 9.08 4.76
CA PHE E 325 53.20 7.92 4.15
C PHE E 325 51.68 8.06 4.00
N LYS E 326 51.00 8.97 4.73
CA LYS E 326 49.54 9.08 4.66
C LYS E 326 49.12 10.54 4.45
N TYR E 327 47.93 10.71 3.85
CA TYR E 327 47.41 12.03 3.55
C TYR E 327 47.13 12.81 4.83
N THR E 328 47.79 13.96 5.00
CA THR E 328 47.90 14.67 6.28
C THR E 328 47.48 16.13 6.14
N GLU E 329 46.77 16.64 7.17
CA GLU E 329 46.11 17.94 7.16
C GLU E 329 46.43 18.74 8.43
N PRO E 330 46.14 20.06 8.45
CA PRO E 330 46.55 20.90 9.59
C PRO E 330 45.87 20.55 10.92
N THR E 331 46.50 21.00 12.02
CA THR E 331 46.01 20.76 13.38
C THR E 331 45.17 21.90 13.95
N PHE E 332 45.36 23.15 13.50
CA PHE E 332 44.60 24.29 14.02
C PHE E 332 44.24 25.25 12.89
N CYS E 333 43.26 26.09 13.15
CA CYS E 333 43.04 27.27 12.33
C CYS E 333 44.07 28.34 12.70
N PRO E 334 44.89 28.84 11.78
CA PRO E 334 45.95 29.76 12.21
C PRO E 334 45.43 31.12 12.68
N ASN E 335 44.30 31.57 12.18
CA ASN E 335 43.70 32.82 12.64
C ASN E 335 43.06 32.57 14.01
N PRO E 336 43.47 33.25 15.10
CA PRO E 336 42.85 32.96 16.41
C PRO E 336 41.41 33.43 16.53
N SER E 337 40.87 34.15 15.55
CA SER E 337 39.45 34.51 15.54
C SER E 337 38.54 33.34 15.16
N CYS E 338 39.09 32.16 14.87
CA CYS E 338 38.32 31.00 14.43
C CYS E 338 38.95 29.75 15.01
N GLU E 339 38.11 28.76 15.35
CA GLU E 339 38.53 27.51 15.97
C GLU E 339 38.21 26.27 15.15
N ASN E 340 37.64 26.42 13.95
CA ASN E 340 37.22 25.27 13.17
C ASN E 340 38.42 24.47 12.68
N ARG E 341 38.41 23.16 12.95
CA ARG E 341 39.39 22.21 12.42
C ARG E 341 38.89 21.45 11.19
N ALA E 342 37.58 21.47 10.91
CA ALA E 342 36.99 20.68 9.85
C ALA E 342 36.92 21.47 8.53
N PHE E 343 36.55 20.74 7.47
CA PHE E 343 36.20 21.32 6.18
C PHE E 343 37.38 22.01 5.49
N TRP E 344 38.60 21.52 5.70
CA TRP E 344 39.73 21.95 4.88
C TRP E 344 39.54 21.46 3.44
N THR E 345 40.10 22.23 2.50
CA THR E 345 40.22 21.79 1.11
C THR E 345 41.65 22.01 0.63
N LEU E 346 42.13 21.06 -0.16
CA LEU E 346 43.49 21.10 -0.69
C LEU E 346 43.51 21.97 -1.96
N ASN E 347 44.33 23.02 -1.93
CA ASN E 347 44.48 23.93 -3.09
C ASN E 347 45.42 23.26 -4.09
N VAL E 348 44.86 22.79 -5.20
CA VAL E 348 45.64 22.04 -6.17
C VAL E 348 46.62 22.94 -6.91
N THR E 349 46.36 24.24 -7.00
CA THR E 349 47.29 25.15 -7.67
C THR E 349 48.53 25.37 -6.83
N ARG E 350 48.36 25.63 -5.53
CA ARG E 350 49.48 26.01 -4.67
C ARG E 350 50.26 24.80 -4.17
N SER E 351 49.63 23.65 -4.01
CA SER E 351 50.31 22.43 -3.62
C SER E 351 51.19 21.90 -4.76
N ARG E 352 52.08 20.96 -4.42
CA ARG E 352 53.05 20.41 -5.37
C ARG E 352 53.06 18.89 -5.33
N PHE E 353 53.17 18.28 -6.51
CA PHE E 353 53.11 16.84 -6.72
C PHE E 353 54.41 16.30 -7.31
N LEU E 354 54.49 14.97 -7.37
CA LEU E 354 55.61 14.24 -7.97
C LEU E 354 55.07 13.07 -8.77
N ASP E 355 55.84 12.66 -9.78
CA ASP E 355 55.51 11.43 -10.51
C ASP E 355 55.96 10.21 -9.72
N TRP E 356 55.15 9.14 -9.78
CA TRP E 356 55.35 7.96 -8.95
C TRP E 356 54.92 6.73 -9.74
N GLN E 357 55.74 5.68 -9.67
CA GLN E 357 55.43 4.42 -10.35
C GLN E 357 55.94 3.24 -9.52
N LYS E 358 55.09 2.21 -9.41
CA LYS E 358 55.39 0.95 -8.76
C LYS E 358 55.78 -0.07 -9.82
N VAL E 359 56.85 -0.84 -9.55
CA VAL E 359 57.25 -1.95 -10.40
C VAL E 359 57.61 -3.14 -9.51
N ARG E 360 57.55 -4.34 -10.11
CA ARG E 360 57.73 -5.60 -9.38
C ARG E 360 58.75 -6.47 -10.10
N ILE E 361 59.66 -7.08 -9.33
CA ILE E 361 60.79 -7.85 -9.87
C ILE E 361 60.90 -9.19 -9.16
N GLN E 362 61.64 -10.12 -9.80
CA GLN E 362 61.89 -11.45 -9.25
C GLN E 362 63.34 -11.86 -9.57
N GLU E 363 63.85 -12.84 -8.83
CA GLU E 363 65.26 -13.24 -8.95
C GLU E 363 65.61 -13.75 -10.35
N ASN E 364 66.89 -13.56 -10.72
CA ASN E 364 67.41 -14.13 -11.96
C ASN E 364 67.40 -15.65 -11.89
N ALA E 365 66.89 -16.29 -12.96
CA ALA E 365 66.70 -17.74 -12.95
C ALA E 365 68.00 -18.51 -12.74
N ASN E 366 69.11 -18.03 -13.31
CA ASN E 366 70.38 -18.76 -13.21
C ASN E 366 71.00 -18.69 -11.81
N GLU E 367 70.47 -17.87 -10.90
CA GLU E 367 71.03 -17.67 -9.57
C GLU E 367 70.29 -18.43 -8.48
N ILE E 368 69.18 -19.08 -8.78
CA ILE E 368 68.32 -19.69 -7.74
C ILE E 368 69.06 -20.86 -7.09
N PRO E 369 69.09 -20.98 -5.76
CA PRO E 369 69.82 -22.11 -5.12
C PRO E 369 69.07 -23.43 -5.23
N THR E 370 69.73 -24.49 -4.76
CA THR E 370 69.27 -25.86 -5.02
C THR E 370 67.93 -26.14 -4.35
N GLY E 371 66.99 -26.67 -5.13
CA GLY E 371 65.68 -27.04 -4.63
C GLY E 371 64.77 -25.89 -4.26
N SER E 372 65.17 -24.65 -4.52
CA SER E 372 64.44 -23.47 -4.10
C SER E 372 63.67 -22.86 -5.27
N MET E 373 62.91 -21.81 -4.99
CA MET E 373 62.10 -21.08 -5.95
C MET E 373 62.31 -19.58 -5.82
N PRO E 374 62.06 -18.79 -6.87
CA PRO E 374 62.45 -17.36 -6.85
C PRO E 374 61.55 -16.50 -5.98
N ARG E 375 62.17 -15.62 -5.18
CA ARG E 375 61.48 -14.60 -4.39
C ARG E 375 61.24 -13.35 -5.24
N THR E 376 60.38 -12.44 -4.75
CA THR E 376 60.01 -11.21 -5.45
C THR E 376 60.11 -9.99 -4.53
N LEU E 377 60.04 -8.81 -5.14
CA LEU E 377 60.17 -7.54 -4.43
C LEU E 377 59.43 -6.44 -5.20
N ASP E 378 58.97 -5.41 -4.47
CA ASP E 378 58.32 -4.23 -5.03
C ASP E 378 59.27 -3.04 -4.94
N VAL E 379 59.37 -2.29 -6.04
CA VAL E 379 60.31 -1.16 -6.17
C VAL E 379 59.53 0.08 -6.58
N ILE E 380 59.99 1.24 -6.10
CA ILE E 380 59.37 2.54 -6.35
C ILE E 380 60.28 3.35 -7.25
N LEU E 381 59.69 3.99 -8.28
CA LEU E 381 60.37 4.87 -9.22
C LEU E 381 59.71 6.23 -9.19
N ARG E 382 60.51 7.30 -9.23
CA ARG E 382 60.00 8.67 -9.14
C ARG E 382 60.77 9.61 -10.06
N GLY E 383 60.10 10.70 -10.42
CA GLY E 383 60.73 11.75 -11.22
C GLY E 383 60.93 11.32 -12.67
N ASP E 384 62.10 11.63 -13.20
CA ASP E 384 62.44 11.42 -14.61
C ASP E 384 62.80 9.95 -14.94
N SER E 385 62.55 9.00 -14.04
CA SER E 385 62.84 7.59 -14.26
C SER E 385 61.60 6.71 -14.38
N VAL E 386 60.39 7.31 -14.39
CA VAL E 386 59.18 6.51 -14.57
C VAL E 386 59.03 6.09 -16.04
N GLU E 387 58.41 4.93 -16.24
CA GLU E 387 58.21 4.28 -17.54
C GLU E 387 59.51 3.90 -18.25
N ARG E 388 60.65 3.98 -17.56
CA ARG E 388 61.93 3.53 -18.13
C ARG E 388 61.99 2.01 -18.19
N ALA E 389 61.36 1.33 -17.23
CA ALA E 389 61.36 -0.13 -17.12
C ALA E 389 60.25 -0.77 -17.96
N LYS E 390 60.49 -2.02 -18.37
CA LYS E 390 59.62 -2.76 -19.31
C LYS E 390 59.44 -4.22 -18.87
N PRO E 391 58.22 -4.79 -18.92
CA PRO E 391 58.05 -6.17 -18.42
C PRO E 391 58.82 -7.19 -19.26
N GLY E 392 59.44 -8.16 -18.56
CA GLY E 392 60.25 -9.18 -19.19
C GLY E 392 61.72 -8.81 -19.40
N ASP E 393 62.10 -7.56 -19.21
CA ASP E 393 63.50 -7.13 -19.34
C ASP E 393 64.28 -7.44 -18.06
N ARG E 394 65.62 -7.34 -18.15
CA ARG E 394 66.54 -7.48 -17.02
C ARG E 394 67.12 -6.12 -16.70
N CYS E 395 67.10 -5.74 -15.42
CA CYS E 395 67.50 -4.39 -15.01
C CYS E 395 68.39 -4.43 -13.77
N LYS E 396 69.08 -3.32 -13.57
CA LYS E 396 69.87 -3.05 -12.37
C LYS E 396 69.39 -1.73 -11.77
N PHE E 397 69.15 -1.74 -10.46
CA PHE E 397 68.59 -0.61 -9.72
C PHE E 397 69.57 -0.18 -8.63
N THR E 398 69.42 1.07 -8.17
CA THR E 398 70.14 1.53 -6.99
C THR E 398 69.29 2.56 -6.26
N GLY E 399 69.47 2.63 -4.94
CA GLY E 399 68.65 3.46 -4.07
C GLY E 399 68.85 3.04 -2.62
N VAL E 400 67.80 3.23 -1.82
CA VAL E 400 67.80 2.83 -0.41
C VAL E 400 66.58 1.97 -0.13
N GLU E 401 66.75 0.95 0.69
CA GLU E 401 65.62 0.14 1.12
C GLU E 401 64.94 0.82 2.29
N ILE E 402 63.61 0.74 2.33
CA ILE E 402 62.80 1.43 3.32
C ILE E 402 61.80 0.45 3.92
N VAL E 403 61.04 0.96 4.90
CA VAL E 403 60.02 0.21 5.62
C VAL E 403 58.74 1.04 5.58
N VAL E 404 57.64 0.41 5.16
CA VAL E 404 56.36 1.06 4.90
C VAL E 404 55.34 0.59 5.94
N PRO E 405 54.56 1.48 6.59
CA PRO E 405 53.59 1.03 7.60
C PRO E 405 52.30 0.44 7.05
N ASP E 406 51.46 -0.04 7.98
CA ASP E 406 50.05 -0.38 7.72
C ASP E 406 49.20 0.87 7.88
N VAL E 407 49.08 1.64 6.78
CA VAL E 407 48.37 2.93 6.84
C VAL E 407 46.90 2.78 7.25
N THR E 408 46.30 1.60 7.05
CA THR E 408 44.90 1.40 7.48
C THR E 408 44.77 1.53 8.99
N GLN E 409 45.76 1.05 9.75
CA GLN E 409 45.68 1.12 11.21
C GLN E 409 45.97 2.51 11.77
N LEU E 410 46.44 3.44 10.94
CA LEU E 410 46.65 4.83 11.32
C LEU E 410 45.38 5.63 10.94
N GLY E 411 45.36 6.91 11.29
CA GLY E 411 44.18 7.75 11.07
C GLY E 411 43.91 8.22 9.65
N LEU E 412 43.89 7.30 8.69
CA LEU E 412 43.64 7.65 7.29
C LEU E 412 42.20 8.18 7.11
N PRO E 413 41.98 9.39 6.55
CA PRO E 413 40.59 9.88 6.40
C PRO E 413 39.77 9.04 5.44
N GLY E 414 38.60 8.58 5.91
CA GLY E 414 37.62 7.91 5.08
C GLY E 414 37.73 6.41 4.97
N VAL E 415 38.63 5.76 5.70
CA VAL E 415 38.85 4.32 5.61
C VAL E 415 38.91 3.74 7.02
N LYS E 416 38.29 2.55 7.18
CA LYS E 416 38.23 1.86 8.48
C LYS E 416 39.48 0.99 8.70
N PRO E 417 39.77 0.61 9.95
CA PRO E 417 40.91 -0.28 10.21
C PRO E 417 40.75 -1.65 9.57
N SER E 418 41.89 -2.29 9.30
CA SER E 418 41.92 -3.69 8.86
C SER E 418 41.99 -4.60 10.07
N ASN E 434 54.03 -12.85 13.83
CA ASN E 434 53.19 -12.04 12.96
C ASN E 434 52.60 -10.81 13.69
N SER E 435 52.62 -10.81 15.03
CA SER E 435 52.11 -9.70 15.82
C SER E 435 52.98 -8.44 15.65
N GLY E 436 52.34 -7.27 15.75
CA GLY E 436 52.99 -5.98 15.58
C GLY E 436 53.48 -5.34 16.88
N VAL E 437 53.48 -4.00 16.90
CA VAL E 437 53.83 -3.19 18.07
C VAL E 437 52.67 -2.25 18.40
N THR E 438 52.56 -1.86 19.67
CA THR E 438 51.39 -1.10 20.15
C THR E 438 51.82 -0.12 21.25
N GLY E 439 50.84 0.64 21.77
CA GLY E 439 51.07 1.64 22.81
C GLY E 439 51.32 3.06 22.32
N LEU E 440 51.45 3.25 21.01
CA LEU E 440 51.62 4.57 20.41
C LEU E 440 50.31 5.37 20.46
N ARG E 441 50.42 6.70 20.55
CA ARG E 441 49.25 7.59 20.69
C ARG E 441 48.21 7.36 19.60
N SER E 442 48.61 7.49 18.33
CA SER E 442 47.66 7.41 17.22
C SER E 442 46.97 6.04 17.10
N LEU E 443 47.58 4.98 17.63
CA LEU E 443 47.01 3.64 17.49
C LEU E 443 45.91 3.35 18.50
N GLY E 444 45.94 3.99 19.66
CA GLY E 444 45.03 3.60 20.73
C GLY E 444 45.36 2.18 21.17
N VAL E 445 44.37 1.28 21.07
CA VAL E 445 44.57 -0.15 21.39
C VAL E 445 44.98 -0.98 20.17
N ARG E 446 45.19 -0.37 18.99
CA ARG E 446 45.48 -1.11 17.77
C ARG E 446 46.94 -1.60 17.71
N ASP E 447 47.25 -2.34 16.65
CA ASP E 447 48.52 -3.05 16.46
C ASP E 447 49.08 -2.75 15.06
N LEU E 448 50.38 -2.44 14.97
CA LEU E 448 51.02 -1.97 13.73
C LEU E 448 52.14 -2.90 13.26
N THR E 449 52.15 -3.23 11.96
CA THR E 449 53.23 -4.01 11.31
C THR E 449 53.80 -3.25 10.11
N TYR E 450 54.80 -3.84 9.45
CA TYR E 450 55.59 -3.18 8.39
C TYR E 450 55.96 -4.12 7.26
N LYS E 451 56.28 -3.52 6.09
CA LYS E 451 56.73 -4.21 4.88
C LYS E 451 58.04 -3.60 4.39
N ILE E 452 58.85 -4.40 3.67
CA ILE E 452 60.14 -3.95 3.14
C ILE E 452 60.00 -3.70 1.64
N SER E 453 60.52 -2.56 1.17
CA SER E 453 60.52 -2.23 -0.26
C SER E 453 61.73 -1.35 -0.56
N PHE E 454 61.99 -1.16 -1.85
CA PHE E 454 63.20 -0.47 -2.33
C PHE E 454 62.83 0.84 -3.03
N LEU E 455 63.43 1.95 -2.56
CA LEU E 455 63.20 3.29 -3.11
C LEU E 455 64.36 3.63 -4.03
N ALA E 456 64.19 3.35 -5.32
CA ALA E 456 65.24 3.52 -6.30
C ALA E 456 65.36 4.98 -6.75
N CYS E 457 66.48 5.29 -7.41
CA CYS E 457 66.73 6.61 -8.00
C CYS E 457 67.11 6.57 -9.48
N HIS E 458 67.51 5.43 -10.04
CA HIS E 458 67.65 5.30 -11.49
C HIS E 458 67.66 3.82 -11.89
N VAL E 459 67.41 3.56 -13.19
CA VAL E 459 67.27 2.23 -13.75
C VAL E 459 68.16 2.12 -14.99
N ILE E 460 68.83 0.97 -15.15
CA ILE E 460 69.64 0.69 -16.34
C ILE E 460 69.42 -0.77 -16.75
N SER E 461 69.19 -1.00 -18.05
CA SER E 461 68.91 -2.34 -18.58
C SER E 461 70.20 -3.10 -18.91
N ILE E 462 70.17 -4.42 -18.70
CA ILE E 462 71.36 -5.27 -18.90
C ILE E 462 71.07 -6.56 -19.67
N GLY E 463 69.90 -6.67 -20.31
CA GLY E 463 69.50 -7.91 -20.98
C GLY E 463 70.38 -8.34 -22.13
N ASP E 500 67.30 3.13 -38.25
CA ASP E 500 68.16 4.01 -39.05
C ASP E 500 69.63 3.65 -38.86
N GLN E 501 70.30 3.31 -39.96
CA GLN E 501 71.70 2.90 -39.88
C GLN E 501 72.58 4.05 -39.40
N GLU E 502 72.22 5.28 -39.74
CA GLU E 502 73.05 6.43 -39.36
C GLU E 502 73.08 6.59 -37.84
N VAL E 503 71.92 6.46 -37.20
CA VAL E 503 71.85 6.50 -35.73
C VAL E 503 72.68 5.37 -35.13
N PHE E 504 72.55 4.17 -35.69
CA PHE E 504 73.32 3.02 -35.21
C PHE E 504 74.82 3.25 -35.33
N LEU E 505 75.26 3.78 -36.48
CA LEU E 505 76.67 4.04 -36.68
C LEU E 505 77.18 5.12 -35.74
N ASN E 506 76.38 6.16 -35.51
CA ASN E 506 76.76 7.17 -34.52
C ASN E 506 76.81 6.59 -33.11
N SER E 507 76.04 5.52 -32.85
CA SER E 507 76.08 4.90 -31.53
C SER E 507 77.38 4.13 -31.30
N LEU E 508 77.90 3.47 -32.34
CA LEU E 508 79.09 2.66 -32.19
C LEU E 508 80.34 3.51 -31.94
N SER E 509 81.36 2.88 -31.39
CA SER E 509 82.67 3.49 -31.21
C SER E 509 83.51 3.34 -32.47
N SER E 510 84.64 4.05 -32.49
CA SER E 510 85.51 4.05 -33.67
C SER E 510 86.10 2.67 -33.94
N ASP E 511 86.61 2.01 -32.89
CA ASP E 511 87.18 0.68 -33.08
C ASP E 511 86.12 -0.34 -33.44
N GLU E 512 84.91 -0.20 -32.89
CA GLU E 512 83.80 -1.06 -33.30
C GLU E 512 83.48 -0.88 -34.77
N ILE E 513 83.47 0.37 -35.24
CA ILE E 513 83.21 0.64 -36.65
C ILE E 513 84.31 0.06 -37.52
N ASN E 514 85.57 0.18 -37.08
CA ASN E 514 86.68 -0.38 -37.85
C ASN E 514 86.57 -1.90 -37.96
N GLU E 515 86.31 -2.57 -36.85
CA GLU E 515 86.16 -4.02 -36.85
C GLU E 515 85.00 -4.46 -37.74
N LEU E 516 83.85 -3.77 -37.61
CA LEU E 516 82.69 -4.10 -38.41
C LEU E 516 82.97 -3.91 -39.89
N LYS E 517 83.64 -2.80 -40.25
CA LYS E 517 83.99 -2.56 -41.64
C LYS E 517 84.92 -3.65 -42.15
N GLU E 518 85.87 -4.07 -41.33
CA GLU E 518 86.82 -5.11 -41.74
C GLU E 518 86.12 -6.42 -42.05
N MET E 519 85.20 -6.86 -41.18
CA MET E 519 84.50 -8.11 -41.46
C MET E 519 83.45 -7.94 -42.56
N VAL E 520 82.91 -6.74 -42.74
CA VAL E 520 81.98 -6.47 -43.84
C VAL E 520 82.68 -6.62 -45.18
N LYS E 521 83.95 -6.25 -45.24
CA LYS E 521 84.69 -6.23 -46.51
C LYS E 521 85.06 -7.64 -47.01
N ASP E 522 84.93 -8.67 -46.18
CA ASP E 522 85.47 -9.98 -46.51
C ASP E 522 84.71 -10.64 -47.67
N GLU E 523 85.46 -11.39 -48.49
CA GLU E 523 84.87 -12.13 -49.60
C GLU E 523 84.04 -13.32 -49.10
N HIS E 524 84.49 -13.98 -48.04
CA HIS E 524 83.90 -15.23 -47.55
C HIS E 524 83.00 -15.03 -46.33
N ILE E 525 82.35 -13.86 -46.23
CA ILE E 525 81.62 -13.53 -45.00
C ILE E 525 80.42 -14.45 -44.80
N TYR E 526 79.69 -14.76 -45.88
CA TYR E 526 78.47 -15.55 -45.78
C TYR E 526 78.75 -16.95 -45.22
N ASP E 527 79.80 -17.60 -45.73
CA ASP E 527 80.15 -18.94 -45.27
C ASP E 527 80.58 -18.92 -43.80
N LYS E 528 81.37 -17.93 -43.41
CA LYS E 528 81.81 -17.82 -42.02
C LYS E 528 80.61 -17.60 -41.09
N LEU E 529 79.66 -16.77 -41.52
CA LEU E 529 78.46 -16.54 -40.72
C LEU E 529 77.67 -17.83 -40.52
N VAL E 530 77.47 -18.61 -41.58
CA VAL E 530 76.76 -19.88 -41.43
C VAL E 530 77.54 -20.80 -40.50
N ARG E 531 78.86 -20.85 -40.66
CA ARG E 531 79.70 -21.72 -39.86
C ARG E 531 79.74 -21.33 -38.38
N SER E 532 79.45 -20.07 -38.03
CA SER E 532 79.54 -19.59 -36.66
C SER E 532 78.27 -19.77 -35.84
N ILE E 533 77.17 -20.23 -36.44
CA ILE E 533 75.95 -20.53 -35.67
C ILE E 533 76.12 -21.86 -34.94
N ALA E 534 75.77 -21.87 -33.64
CA ALA E 534 75.74 -23.06 -32.78
C ALA E 534 77.04 -23.84 -32.84
N PRO E 535 78.15 -23.31 -32.28
CA PRO E 535 79.47 -23.92 -32.51
C PRO E 535 79.62 -25.37 -32.03
N ALA E 536 78.88 -25.78 -31.01
CA ALA E 536 79.08 -27.10 -30.40
C ALA E 536 78.47 -28.25 -31.21
N VAL E 537 77.53 -27.97 -32.12
CA VAL E 537 76.82 -29.03 -32.84
C VAL E 537 77.61 -29.40 -34.08
N PHE E 538 77.84 -30.71 -34.26
CA PHE E 538 78.60 -31.22 -35.40
C PHE E 538 77.70 -31.32 -36.62
N GLY E 539 78.15 -30.74 -37.74
CA GLY E 539 77.42 -30.83 -38.98
C GLY E 539 76.11 -30.05 -38.99
N HIS E 540 75.15 -30.56 -39.77
CA HIS E 540 73.80 -29.99 -39.92
C HIS E 540 73.85 -28.52 -40.37
N GLU E 541 74.66 -28.24 -41.40
CA GLU E 541 74.81 -26.87 -41.91
C GLU E 541 73.49 -26.29 -42.42
N ALA E 542 72.61 -27.16 -42.94
CA ALA E 542 71.32 -26.68 -43.47
C ALA E 542 70.47 -26.00 -42.40
N VAL E 543 70.37 -26.61 -41.22
CA VAL E 543 69.59 -26.01 -40.14
C VAL E 543 70.23 -24.70 -39.67
N LYS E 544 71.57 -24.67 -39.60
CA LYS E 544 72.27 -23.47 -39.17
C LYS E 544 72.00 -22.31 -40.13
N LYS E 545 72.03 -22.59 -41.43
CA LYS E 545 71.70 -21.57 -42.44
C LYS E 545 70.27 -21.08 -42.26
N GLY E 546 69.32 -22.00 -42.03
CA GLY E 546 67.94 -21.59 -41.79
C GLY E 546 67.79 -20.70 -40.57
N ILE E 547 68.51 -21.03 -39.49
CA ILE E 547 68.46 -20.22 -38.27
C ILE E 547 69.00 -18.83 -38.53
N LEU E 548 70.10 -18.70 -39.27
CA LEU E 548 70.64 -17.38 -39.59
C LEU E 548 69.61 -16.55 -40.35
N LEU E 549 69.00 -17.14 -41.39
CA LEU E 549 68.05 -16.36 -42.18
C LEU E 549 66.81 -15.97 -41.36
N GLN E 550 66.34 -16.85 -40.47
CA GLN E 550 65.24 -16.46 -39.58
C GLN E 550 65.66 -15.30 -38.68
N MET E 551 66.89 -15.37 -38.17
CA MET E 551 67.36 -14.33 -37.26
C MET E 551 67.42 -12.97 -37.95
N LEU E 552 67.82 -12.95 -39.23
CA LEU E 552 67.87 -11.69 -39.96
C LEU E 552 66.47 -11.23 -40.40
N GLY E 553 65.69 -12.12 -40.98
CA GLY E 553 64.32 -11.82 -41.35
C GLY E 553 64.18 -11.10 -42.68
N GLY E 554 62.96 -11.14 -43.22
CA GLY E 554 62.61 -10.45 -44.45
C GLY E 554 62.19 -9.01 -44.19
N VAL E 555 61.54 -8.43 -45.20
CA VAL E 555 61.13 -7.02 -45.18
C VAL E 555 59.61 -6.94 -45.08
N HIS E 556 59.13 -6.30 -44.01
CA HIS E 556 57.71 -6.08 -43.79
C HIS E 556 57.16 -4.98 -44.70
N LYS E 557 55.94 -5.19 -45.24
CA LYS E 557 55.36 -4.25 -46.20
C LYS E 557 53.85 -4.46 -46.31
N SER E 558 53.18 -3.51 -46.96
CA SER E 558 51.73 -3.55 -47.17
C SER E 558 51.37 -2.93 -48.52
N THR E 559 50.21 -3.34 -49.04
CA THR E 559 49.74 -2.91 -50.36
C THR E 559 48.83 -1.68 -50.27
N VAL E 560 48.50 -1.14 -51.45
CA VAL E 560 47.63 0.04 -51.54
C VAL E 560 46.26 -0.26 -50.94
N GLU E 561 45.79 -1.50 -51.06
CA GLU E 561 44.52 -1.92 -50.49
C GLU E 561 44.49 -1.90 -48.97
N GLY E 562 45.64 -1.76 -48.31
CA GLY E 562 45.73 -1.78 -46.86
C GLY E 562 46.03 -3.13 -46.26
N ILE E 563 46.02 -4.20 -47.07
CA ILE E 563 46.38 -5.52 -46.60
C ILE E 563 47.87 -5.58 -46.34
N LYS E 564 48.28 -6.29 -45.28
CA LYS E 564 49.68 -6.44 -44.91
C LYS E 564 50.24 -7.75 -45.42
N LEU E 565 51.54 -7.74 -45.73
CA LEU E 565 52.28 -8.90 -46.22
C LEU E 565 53.32 -9.30 -45.18
N ARG E 566 53.27 -10.56 -44.74
CA ARG E 566 54.11 -11.01 -43.62
C ARG E 566 55.59 -10.98 -43.99
N GLY E 567 56.41 -10.37 -43.12
CA GLY E 567 57.82 -10.16 -43.36
C GLY E 567 58.80 -11.08 -42.66
N ASP E 568 58.34 -12.18 -42.05
CA ASP E 568 59.19 -12.99 -41.16
C ASP E 568 58.97 -14.49 -41.44
N ILE E 569 59.77 -15.32 -40.77
CA ILE E 569 60.03 -16.71 -41.16
C ILE E 569 59.75 -17.64 -39.98
N ASN E 570 58.95 -18.68 -40.21
CA ASN E 570 58.65 -19.71 -39.22
C ASN E 570 59.30 -21.04 -39.63
N ILE E 571 59.88 -21.74 -38.64
CA ILE E 571 60.68 -22.95 -38.86
C ILE E 571 60.23 -24.05 -37.91
N CYS E 572 60.26 -25.30 -38.38
CA CYS E 572 59.95 -26.48 -37.59
C CYS E 572 61.00 -27.57 -37.84
N VAL E 573 61.43 -28.24 -36.78
CA VAL E 573 62.45 -29.29 -36.84
C VAL E 573 61.84 -30.59 -36.30
N VAL E 574 61.91 -31.66 -37.10
CA VAL E 574 61.39 -32.98 -36.74
C VAL E 574 62.56 -33.96 -36.74
N GLY E 575 62.62 -34.83 -35.72
CA GLY E 575 63.70 -35.79 -35.64
C GLY E 575 63.43 -36.89 -34.63
N ASP E 576 64.02 -38.06 -34.89
CA ASP E 576 63.98 -39.20 -33.96
C ASP E 576 65.03 -38.94 -32.86
N PRO E 577 65.08 -39.77 -31.80
CA PRO E 577 65.78 -39.34 -30.57
C PRO E 577 67.30 -39.32 -30.69
N SER E 578 67.92 -38.55 -29.78
CA SER E 578 69.36 -38.28 -29.67
C SER E 578 69.94 -37.51 -30.86
N THR E 579 69.08 -36.90 -31.70
CA THR E 579 69.52 -36.09 -32.85
C THR E 579 69.95 -34.66 -32.46
N SER E 580 70.02 -34.33 -31.16
CA SER E 580 70.47 -33.02 -30.65
C SER E 580 69.61 -31.84 -31.12
N LYS E 581 68.37 -32.09 -31.53
CA LYS E 581 67.50 -31.03 -32.05
C LYS E 581 67.21 -29.92 -31.02
N SER E 582 67.10 -30.26 -29.72
CA SER E 582 66.85 -29.21 -28.72
C SER E 582 68.05 -28.28 -28.53
N GLN E 583 69.26 -28.68 -28.94
CA GLN E 583 70.41 -27.79 -28.80
C GLN E 583 70.24 -26.52 -29.63
N PHE E 584 69.57 -26.61 -30.78
CA PHE E 584 69.33 -25.41 -31.58
C PHE E 584 68.44 -24.42 -30.84
N LEU E 585 67.37 -24.92 -30.20
CA LEU E 585 66.51 -24.04 -29.41
C LEU E 585 67.28 -23.43 -28.24
N LYS E 586 68.12 -24.24 -27.59
CA LYS E 586 68.90 -23.74 -26.46
C LYS E 586 69.87 -22.64 -26.91
N TYR E 587 70.53 -22.82 -28.05
CA TYR E 587 71.41 -21.78 -28.58
C TYR E 587 70.63 -20.51 -28.91
N VAL E 588 69.49 -20.66 -29.60
CA VAL E 588 68.73 -19.49 -30.03
C VAL E 588 68.26 -18.69 -28.83
N VAL E 589 67.68 -19.36 -27.83
CA VAL E 589 67.21 -18.61 -26.66
C VAL E 589 68.38 -18.08 -25.85
N GLY E 590 69.56 -18.70 -25.94
CA GLY E 590 70.73 -18.15 -25.28
C GLY E 590 71.42 -17.01 -26.02
N PHE E 591 71.06 -16.77 -27.28
CA PHE E 591 71.71 -15.77 -28.13
C PHE E 591 70.81 -14.61 -28.52
N ALA E 592 69.60 -14.89 -28.99
CA ALA E 592 68.78 -13.84 -29.60
C ALA E 592 68.30 -12.84 -28.55
N PRO E 593 68.34 -11.52 -28.81
CA PRO E 593 68.01 -10.56 -27.73
C PRO E 593 66.58 -10.64 -27.22
N ARG E 594 65.61 -10.90 -28.09
CA ARG E 594 64.20 -11.02 -27.71
C ARG E 594 63.79 -12.48 -27.94
N SER E 595 63.75 -13.28 -26.88
CA SER E 595 63.38 -14.67 -27.06
C SER E 595 62.93 -15.31 -25.74
N VAL E 596 62.16 -16.39 -25.88
CA VAL E 596 61.55 -17.14 -24.78
C VAL E 596 61.55 -18.62 -25.15
N TYR E 597 61.77 -19.49 -24.16
CA TYR E 597 61.75 -20.94 -24.34
C TYR E 597 60.55 -21.53 -23.60
N THR E 598 59.78 -22.39 -24.28
CA THR E 598 58.58 -22.98 -23.70
C THR E 598 58.43 -24.44 -24.12
N SER E 599 57.94 -25.26 -23.21
CA SER E 599 57.74 -26.70 -23.41
C SER E 599 56.26 -26.97 -23.65
N GLY E 600 55.96 -27.75 -24.70
CA GLY E 600 54.58 -27.97 -25.11
C GLY E 600 53.73 -28.68 -24.07
N LYS E 601 54.36 -29.45 -23.18
CA LYS E 601 53.61 -30.20 -22.18
C LYS E 601 53.21 -29.33 -20.99
N ALA E 602 54.13 -28.51 -20.50
CA ALA E 602 54.00 -27.80 -19.22
C ALA E 602 53.50 -26.35 -19.37
N SER E 603 52.62 -26.08 -20.35
CA SER E 603 52.17 -24.72 -20.62
C SER E 603 50.70 -24.70 -21.03
N SER E 604 50.06 -23.52 -20.87
CA SER E 604 48.63 -23.33 -21.11
C SER E 604 48.40 -22.22 -22.13
N ALA E 605 47.21 -22.26 -22.77
CA ALA E 605 46.84 -21.22 -23.73
C ALA E 605 46.87 -19.84 -23.10
N ALA E 606 46.43 -19.75 -21.84
CA ALA E 606 46.50 -18.47 -21.12
C ALA E 606 47.95 -18.03 -20.91
N GLY E 607 48.82 -18.95 -20.49
CA GLY E 607 50.23 -18.64 -20.30
C GLY E 607 50.98 -18.35 -21.59
N LEU E 608 50.48 -18.88 -22.71
CA LEU E 608 51.13 -18.66 -24.00
C LEU E 608 50.75 -17.31 -24.60
N THR E 609 49.47 -16.91 -24.53
CA THR E 609 49.02 -15.65 -25.13
C THR E 609 48.92 -14.49 -24.12
N ALA E 610 47.93 -14.54 -23.23
CA ALA E 610 47.77 -13.57 -22.14
C ALA E 610 46.68 -14.09 -21.21
N ALA E 611 46.69 -13.61 -19.96
CA ALA E 611 45.80 -14.14 -18.92
C ALA E 611 45.25 -13.03 -18.02
N VAL E 612 44.02 -13.23 -17.51
CA VAL E 612 43.41 -12.35 -16.51
C VAL E 612 43.97 -12.72 -15.14
N VAL E 613 44.16 -11.71 -14.29
CA VAL E 613 44.79 -11.89 -12.96
C VAL E 613 44.09 -11.07 -11.89
N ILE E 623 45.15 -7.83 -16.33
CA ILE E 623 45.66 -8.67 -17.41
C ILE E 623 47.19 -8.72 -17.32
N GLU E 624 47.77 -9.89 -17.61
CA GLU E 624 49.22 -10.08 -17.60
C GLU E 624 49.68 -10.85 -18.84
N ALA E 625 50.86 -10.49 -19.33
CA ALA E 625 51.36 -10.95 -20.63
C ALA E 625 51.80 -12.42 -20.63
N GLY E 626 51.51 -13.12 -21.74
CA GLY E 626 51.99 -14.48 -21.97
C GLY E 626 53.29 -14.51 -22.79
N ALA E 627 53.73 -15.72 -23.12
CA ALA E 627 55.01 -15.91 -23.81
C ALA E 627 55.07 -15.21 -25.16
N LEU E 628 54.02 -15.33 -25.98
CA LEU E 628 54.06 -14.70 -27.30
C LEU E 628 54.14 -13.18 -27.23
N MET E 629 53.63 -12.57 -26.15
CA MET E 629 53.75 -11.12 -25.99
C MET E 629 55.18 -10.71 -25.68
N LEU E 630 55.86 -11.47 -24.83
CA LEU E 630 57.25 -11.16 -24.50
C LEU E 630 58.16 -11.35 -25.72
N ALA E 631 57.80 -12.25 -26.63
CA ALA E 631 58.58 -12.53 -27.83
C ALA E 631 58.16 -11.64 -29.03
N ASP E 632 57.48 -10.52 -28.77
CA ASP E 632 57.16 -9.58 -29.84
C ASP E 632 58.44 -9.01 -30.44
N ASN E 633 58.51 -9.00 -31.79
CA ASN E 633 59.73 -8.68 -32.52
C ASN E 633 60.90 -9.55 -32.05
N GLY E 634 60.62 -10.84 -31.86
CA GLY E 634 61.61 -11.79 -31.40
C GLY E 634 61.30 -13.21 -31.85
N ILE E 635 62.11 -14.16 -31.37
CA ILE E 635 61.97 -15.59 -31.70
C ILE E 635 61.34 -16.29 -30.50
N CYS E 636 60.28 -17.06 -30.74
CA CYS E 636 59.63 -17.85 -29.70
C CYS E 636 59.88 -19.33 -29.95
N CYS E 637 60.42 -20.01 -28.93
CA CYS E 637 60.83 -21.42 -29.03
C CYS E 637 59.81 -22.32 -28.34
N ILE E 638 59.30 -23.31 -29.09
CA ILE E 638 58.38 -24.32 -28.57
C ILE E 638 59.10 -25.66 -28.70
N ASP E 639 59.29 -26.36 -27.59
CA ASP E 639 59.96 -27.66 -27.57
C ASP E 639 58.94 -28.76 -27.24
N GLU E 640 59.09 -29.90 -27.91
CA GLU E 640 58.10 -31.00 -27.89
C GLU E 640 56.70 -30.46 -28.20
N PHE E 641 56.60 -29.78 -29.35
CA PHE E 641 55.35 -29.21 -29.84
C PHE E 641 54.25 -30.27 -29.94
N ASP E 642 54.62 -31.48 -30.38
CA ASP E 642 53.64 -32.55 -30.60
C ASP E 642 52.88 -32.95 -29.34
N LYS E 643 53.40 -32.64 -28.15
CA LYS E 643 52.73 -32.94 -26.89
C LYS E 643 51.67 -31.91 -26.52
N MET E 644 51.61 -30.77 -27.19
CA MET E 644 50.66 -29.71 -26.85
C MET E 644 49.23 -30.13 -27.18
N ASP E 645 48.30 -29.77 -26.30
CA ASP E 645 46.90 -30.08 -26.51
C ASP E 645 46.36 -29.33 -27.73
N ILE E 646 45.40 -29.97 -28.42
CA ILE E 646 44.77 -29.38 -29.60
C ILE E 646 44.10 -28.05 -29.22
N SER E 647 43.48 -28.01 -28.03
CA SER E 647 42.80 -26.83 -27.53
C SER E 647 43.73 -25.62 -27.41
N ASP E 648 45.04 -25.84 -27.31
CA ASP E 648 46.05 -24.79 -27.23
C ASP E 648 46.83 -24.58 -28.53
N GLN E 649 46.99 -25.64 -29.33
CA GLN E 649 47.57 -25.49 -30.66
C GLN E 649 46.72 -24.53 -31.48
N VAL E 650 45.39 -24.60 -31.34
CA VAL E 650 44.53 -23.68 -32.09
C VAL E 650 44.74 -22.23 -31.65
N ALA E 651 45.06 -21.99 -30.37
CA ALA E 651 45.34 -20.62 -29.93
C ALA E 651 46.59 -20.08 -30.60
N ILE E 652 47.64 -20.91 -30.67
CA ILE E 652 48.86 -20.50 -31.37
C ILE E 652 48.58 -20.27 -32.85
N HIS E 653 47.73 -21.11 -33.44
CA HIS E 653 47.35 -20.95 -34.85
C HIS E 653 46.66 -19.61 -35.09
N GLU E 654 45.70 -19.28 -34.23
CA GLU E 654 44.96 -18.02 -34.39
C GLU E 654 45.89 -16.81 -34.22
N ALA E 655 46.83 -16.87 -33.28
CA ALA E 655 47.77 -15.77 -33.11
C ALA E 655 48.72 -15.67 -34.32
N MET E 656 49.25 -16.80 -34.77
CA MET E 656 50.16 -16.84 -35.91
C MET E 656 49.50 -16.36 -37.21
N GLU E 657 48.19 -16.58 -37.35
CA GLU E 657 47.46 -16.13 -38.54
C GLU E 657 47.44 -14.62 -38.68
N GLN E 658 47.37 -13.88 -37.56
CA GLN E 658 47.12 -12.44 -37.56
C GLN E 658 48.28 -11.61 -37.00
N GLN E 659 49.25 -12.25 -36.32
CA GLN E 659 50.25 -11.54 -35.51
C GLN E 659 49.57 -10.57 -34.53
N THR E 660 48.43 -11.01 -33.99
CA THR E 660 47.56 -10.20 -33.13
C THR E 660 46.90 -11.12 -32.10
N ILE E 661 46.66 -10.57 -30.91
CA ILE E 661 46.01 -11.27 -29.81
C ILE E 661 44.82 -10.44 -29.35
N SER E 662 43.73 -11.13 -28.96
CA SER E 662 42.48 -10.47 -28.57
C SER E 662 41.98 -11.01 -27.24
N ILE E 663 41.48 -10.09 -26.39
CA ILE E 663 40.93 -10.43 -25.08
C ILE E 663 39.55 -9.77 -24.98
N ALA E 664 38.56 -10.53 -24.52
CA ALA E 664 37.21 -10.00 -24.30
C ALA E 664 36.52 -10.85 -23.24
N LYS E 665 36.49 -10.36 -22.00
CA LYS E 665 35.83 -11.09 -20.91
C LYS E 665 35.67 -10.19 -19.71
N ALA E 666 34.66 -10.49 -18.89
CA ALA E 666 34.43 -9.84 -17.60
C ALA E 666 34.29 -8.31 -17.73
N GLY E 667 33.75 -7.84 -18.85
CA GLY E 667 33.61 -6.42 -19.12
C GLY E 667 34.86 -5.72 -19.61
N ILE E 668 35.99 -6.43 -19.74
CA ILE E 668 37.28 -5.88 -20.17
C ILE E 668 37.57 -6.39 -21.58
N HIS E 669 37.90 -5.46 -22.48
CA HIS E 669 38.27 -5.78 -23.87
C HIS E 669 39.66 -5.22 -24.17
N ALA E 670 40.45 -5.97 -24.93
CA ALA E 670 41.79 -5.52 -25.32
C ALA E 670 42.24 -6.23 -26.60
N THR E 671 43.08 -5.55 -27.37
CA THR E 671 43.74 -6.07 -28.56
C THR E 671 45.23 -5.74 -28.46
N LEU E 672 46.09 -6.71 -28.78
CA LEU E 672 47.54 -6.58 -28.63
C LEU E 672 48.27 -7.11 -29.86
N ASN E 673 49.48 -6.58 -30.11
CA ASN E 673 50.31 -6.96 -31.26
C ASN E 673 51.30 -8.04 -30.88
N ALA E 674 51.50 -9.01 -31.81
CA ALA E 674 52.32 -10.21 -31.56
C ALA E 674 53.20 -10.53 -32.79
N ARG E 675 54.05 -9.58 -33.19
CA ARG E 675 54.93 -9.75 -34.37
C ARG E 675 56.10 -10.66 -34.00
N THR E 676 55.79 -11.94 -33.78
CA THR E 676 56.75 -12.92 -33.27
C THR E 676 56.94 -14.06 -34.27
N SER E 677 58.20 -14.46 -34.45
CA SER E 677 58.56 -15.58 -35.31
C SER E 677 58.73 -16.82 -34.45
N ILE E 678 58.23 -17.96 -34.95
CA ILE E 678 58.15 -19.20 -34.18
C ILE E 678 59.20 -20.18 -34.67
N LEU E 679 59.84 -20.85 -33.71
CA LEU E 679 60.79 -21.94 -33.94
C LEU E 679 60.32 -23.12 -33.10
N ALA E 680 60.05 -24.25 -33.74
CA ALA E 680 59.39 -25.38 -33.10
C ALA E 680 60.16 -26.67 -33.30
N ALA E 681 60.01 -27.59 -32.35
CA ALA E 681 60.60 -28.92 -32.40
C ALA E 681 59.53 -29.96 -32.10
N ALA E 682 59.61 -31.11 -32.77
CA ALA E 682 58.59 -32.14 -32.64
C ALA E 682 59.18 -33.52 -32.84
N ASN E 683 58.40 -34.55 -32.38
CA ASN E 683 58.74 -35.97 -32.50
C ASN E 683 57.89 -36.64 -33.59
N PRO E 684 58.44 -37.48 -34.48
CA PRO E 684 57.57 -38.26 -35.36
C PRO E 684 56.75 -39.27 -34.56
N VAL E 685 55.52 -39.54 -35.02
CA VAL E 685 54.63 -40.47 -34.34
C VAL E 685 55.30 -41.84 -34.25
N GLY E 686 55.23 -42.45 -33.07
CA GLY E 686 55.93 -43.69 -32.80
C GLY E 686 57.41 -43.55 -32.53
N GLY E 687 57.94 -42.33 -32.48
CA GLY E 687 59.31 -42.07 -32.09
C GLY E 687 60.34 -42.16 -33.18
N ARG E 688 60.04 -42.82 -34.31
CA ARG E 688 60.98 -42.95 -35.42
C ARG E 688 60.28 -42.64 -36.74
N TYR E 689 60.99 -41.94 -37.63
CA TYR E 689 60.43 -41.52 -38.91
C TYR E 689 60.26 -42.69 -39.87
N ASN E 690 59.20 -42.63 -40.70
CA ASN E 690 58.85 -43.68 -41.66
C ASN E 690 59.10 -43.16 -43.08
N ARG E 691 60.15 -43.68 -43.74
CA ARG E 691 60.48 -43.25 -45.10
C ARG E 691 59.42 -43.63 -46.13
N LYS E 692 58.53 -44.60 -45.79
CA LYS E 692 57.41 -44.97 -46.65
C LYS E 692 56.32 -43.90 -46.72
N LEU E 693 56.31 -42.92 -45.82
CA LEU E 693 55.17 -42.02 -45.61
C LEU E 693 55.54 -40.55 -45.78
N SER E 694 54.52 -39.75 -46.12
CA SER E 694 54.64 -38.30 -46.16
C SER E 694 54.96 -37.74 -44.77
N LEU E 695 55.46 -36.50 -44.74
CA LEU E 695 55.68 -35.83 -43.46
C LEU E 695 54.36 -35.66 -42.70
N ARG E 696 53.25 -35.46 -43.44
CA ARG E 696 51.92 -35.38 -42.82
C ARG E 696 51.56 -36.70 -42.13
N GLY E 697 51.93 -37.83 -42.72
CA GLY E 697 51.68 -39.12 -42.08
C GLY E 697 52.52 -39.31 -40.84
N ASN E 698 53.76 -38.81 -40.88
CA ASN E 698 54.70 -38.98 -39.77
C ASN E 698 54.43 -38.04 -38.58
N LEU E 699 53.88 -36.85 -38.82
CA LEU E 699 53.79 -35.79 -37.80
C LEU E 699 52.35 -35.62 -37.29
N ASN E 700 52.19 -35.57 -35.97
CA ASN E 700 50.90 -35.33 -35.32
C ASN E 700 50.59 -33.83 -35.26
N MET E 701 50.36 -33.23 -36.43
CA MET E 701 50.06 -31.80 -36.55
C MET E 701 48.99 -31.59 -37.61
N THR E 702 48.04 -30.68 -37.34
CA THR E 702 46.93 -30.46 -38.27
C THR E 702 47.38 -29.64 -39.47
N ALA E 703 46.72 -29.91 -40.61
CA ALA E 703 47.14 -29.33 -41.88
C ALA E 703 47.17 -27.79 -41.92
N PRO E 704 46.21 -27.05 -41.35
CA PRO E 704 46.36 -25.57 -41.35
C PRO E 704 47.61 -25.08 -40.64
N ILE E 705 48.01 -25.69 -39.53
CA ILE E 705 49.22 -25.27 -38.84
C ILE E 705 50.45 -25.63 -39.67
N MET E 706 50.49 -26.84 -40.23
CA MET E 706 51.60 -27.26 -41.07
C MET E 706 51.78 -26.34 -42.27
N SER E 707 50.69 -25.82 -42.81
CA SER E 707 50.74 -24.92 -43.97
C SER E 707 51.45 -23.60 -43.70
N ARG E 708 51.69 -23.24 -42.44
CA ARG E 708 52.18 -21.91 -42.07
C ARG E 708 53.64 -21.89 -41.61
N PHE E 709 54.37 -23.01 -41.66
CA PHE E 709 55.81 -23.00 -41.49
C PHE E 709 56.50 -22.78 -42.83
N ASP E 710 57.44 -21.83 -42.88
CA ASP E 710 58.18 -21.57 -44.11
C ASP E 710 59.11 -22.74 -44.45
N LEU E 711 59.71 -23.37 -43.43
CA LEU E 711 60.66 -24.45 -43.64
C LEU E 711 60.44 -25.58 -42.64
N PHE E 712 60.60 -26.81 -43.13
CA PHE E 712 60.58 -28.04 -42.34
C PHE E 712 61.93 -28.73 -42.52
N PHE E 713 62.50 -29.19 -41.42
CA PHE E 713 63.76 -29.94 -41.45
C PHE E 713 63.55 -31.29 -40.78
N VAL E 714 63.96 -32.37 -41.44
CA VAL E 714 63.83 -33.75 -40.94
C VAL E 714 65.23 -34.29 -40.67
N ILE E 715 65.47 -34.73 -39.44
CA ILE E 715 66.76 -35.25 -38.99
C ILE E 715 66.65 -36.77 -38.82
N LEU E 716 67.64 -37.50 -39.34
CA LEU E 716 67.67 -38.96 -39.33
C LEU E 716 69.06 -39.45 -38.96
N ASP E 717 69.14 -40.66 -38.37
CA ASP E 717 70.39 -41.16 -37.82
C ASP E 717 71.43 -41.43 -38.92
N ASP E 718 71.03 -42.15 -39.98
CA ASP E 718 71.86 -42.46 -41.16
C ASP E 718 73.25 -42.99 -40.79
N CYS E 719 73.24 -44.14 -40.10
CA CYS E 719 74.46 -44.75 -39.56
C CYS E 719 75.53 -45.01 -40.61
N ASN E 720 76.76 -44.53 -40.34
CA ASN E 720 77.88 -44.60 -41.28
C ASN E 720 79.18 -44.51 -40.46
N GLU E 721 80.06 -45.50 -40.61
CA GLU E 721 81.31 -45.56 -39.87
C GLU E 721 82.16 -44.30 -40.06
N LYS E 722 82.26 -43.80 -41.29
CA LYS E 722 83.11 -42.64 -41.56
C LYS E 722 82.60 -41.38 -40.89
N ILE E 723 81.29 -41.32 -40.60
CA ILE E 723 80.71 -40.20 -39.87
C ILE E 723 80.79 -40.46 -38.35
N ASP E 724 80.50 -41.70 -37.95
CA ASP E 724 80.53 -42.05 -36.53
C ASP E 724 81.92 -41.87 -35.93
N THR E 725 82.96 -42.29 -36.65
CA THR E 725 84.34 -42.16 -36.16
C THR E 725 84.72 -40.71 -35.89
N GLU E 726 84.16 -39.78 -36.65
CA GLU E 726 84.44 -38.35 -36.48
C GLU E 726 83.56 -37.73 -35.40
N LEU E 727 82.28 -38.09 -35.41
CA LEU E 727 81.32 -37.55 -34.45
C LEU E 727 81.68 -37.94 -33.02
N ALA E 728 82.08 -39.21 -32.83
CA ALA E 728 82.51 -39.67 -31.52
C ALA E 728 83.73 -38.88 -31.03
N SER E 729 84.69 -38.65 -31.94
CA SER E 729 85.87 -37.87 -31.60
C SER E 729 85.50 -36.46 -31.16
N HIS E 730 84.58 -35.83 -31.91
CA HIS E 730 84.12 -34.48 -31.56
C HIS E 730 83.48 -34.44 -30.17
N ILE E 731 82.61 -35.41 -29.89
CA ILE E 731 81.92 -35.47 -28.59
C ILE E 731 82.94 -35.70 -27.45
N VAL E 732 83.87 -36.64 -27.65
CA VAL E 732 84.86 -36.91 -26.61
C VAL E 732 85.75 -35.68 -26.39
N ASP E 733 86.05 -34.92 -27.45
CA ASP E 733 86.83 -33.69 -27.28
C ASP E 733 86.08 -32.68 -26.42
N LEU E 734 84.76 -32.57 -26.62
CA LEU E 734 83.99 -31.63 -25.79
C LEU E 734 84.06 -32.01 -24.31
N HIS E 735 84.02 -33.31 -24.00
CA HIS E 735 84.14 -33.70 -22.59
C HIS E 735 85.59 -33.63 -22.08
N MET E 736 86.58 -33.68 -22.99
CA MET E 736 87.99 -33.69 -22.61
C MET E 736 88.55 -32.28 -22.39
N LYS E 737 88.19 -31.33 -23.26
CA LYS E 737 88.55 -29.91 -23.15
C LYS E 737 87.25 -29.10 -23.11
N ARG E 738 87.06 -28.17 -22.12
CA ARG E 738 85.77 -27.40 -22.04
C ARG E 738 85.60 -26.36 -23.15
N ASP E 739 86.44 -25.32 -23.17
CA ASP E 739 86.28 -24.22 -24.14
C ASP E 739 86.96 -24.51 -25.48
N GLU E 740 88.06 -25.27 -25.46
CA GLU E 740 89.03 -25.24 -26.54
C GLU E 740 88.52 -25.87 -27.84
N ALA E 741 87.58 -26.81 -27.75
CA ALA E 741 87.20 -27.63 -28.92
C ALA E 741 86.55 -26.84 -30.05
N ILE E 742 85.78 -25.78 -29.76
CA ILE E 742 84.82 -25.25 -30.75
C ILE E 742 85.49 -24.34 -31.80
N GLU E 743 86.37 -23.42 -31.40
CA GLU E 743 87.08 -22.47 -32.27
C GLU E 743 86.21 -21.79 -33.35
N PRO E 744 85.20 -21.01 -32.95
CA PRO E 744 84.25 -20.46 -33.94
C PRO E 744 84.87 -19.38 -34.81
N PRO E 745 84.31 -19.14 -36.02
CA PRO E 745 84.82 -18.05 -36.88
C PRO E 745 84.78 -16.66 -36.25
N PHE E 746 83.78 -16.34 -35.44
CA PHE E 746 83.61 -15.01 -34.85
C PHE E 746 83.24 -15.12 -33.37
N SER E 747 83.48 -14.02 -32.65
CA SER E 747 82.99 -13.87 -31.28
C SER E 747 81.49 -13.59 -31.29
N ALA E 748 80.80 -14.00 -30.21
CA ALA E 748 79.36 -13.77 -30.12
C ALA E 748 79.03 -12.28 -30.10
N GLU E 749 79.79 -11.51 -29.31
CA GLU E 749 79.58 -10.05 -29.27
C GLU E 749 79.97 -9.38 -30.58
N GLN E 750 80.77 -10.03 -31.42
CA GLN E 750 81.03 -9.55 -32.77
C GLN E 750 79.85 -9.86 -33.69
N LEU E 751 79.33 -11.09 -33.58
CA LEU E 751 78.26 -11.55 -34.44
C LEU E 751 76.97 -10.77 -34.19
N ARG E 752 76.68 -10.45 -32.93
CA ARG E 752 75.45 -9.69 -32.64
C ARG E 752 75.52 -8.29 -33.22
N ARG E 753 76.70 -7.65 -33.16
CA ARG E 753 76.85 -6.34 -33.79
C ARG E 753 76.64 -6.44 -35.29
N TYR E 754 77.18 -7.48 -35.92
CA TYR E 754 76.95 -7.65 -37.36
C TYR E 754 75.46 -7.83 -37.66
N ILE E 755 74.76 -8.66 -36.88
CA ILE E 755 73.35 -8.92 -37.16
C ILE E 755 72.53 -7.65 -36.95
N LYS E 756 72.87 -6.86 -35.93
CA LYS E 756 72.21 -5.58 -35.74
C LYS E 756 72.44 -4.67 -36.95
N TYR E 757 73.67 -4.63 -37.46
CA TYR E 757 73.96 -3.80 -38.62
C TYR E 757 73.19 -4.26 -39.85
N ALA E 758 73.13 -5.58 -40.07
CA ALA E 758 72.51 -6.12 -41.28
C ALA E 758 71.02 -5.81 -41.34
N ARG E 759 70.34 -5.84 -40.20
CA ARG E 759 68.89 -5.63 -40.16
C ARG E 759 68.48 -4.20 -40.54
N THR E 760 69.44 -3.27 -40.72
CA THR E 760 69.14 -1.93 -41.21
C THR E 760 68.90 -1.87 -42.72
N PHE E 761 69.36 -2.87 -43.49
CA PHE E 761 69.14 -2.88 -44.94
C PHE E 761 67.69 -3.23 -45.28
N LYS E 762 67.17 -2.63 -46.36
CA LYS E 762 65.84 -2.93 -46.89
C LYS E 762 65.94 -3.17 -48.41
N PRO E 763 66.45 -4.35 -48.82
CA PRO E 763 66.80 -4.55 -50.25
C PRO E 763 65.59 -4.61 -51.18
N ILE E 764 65.88 -4.39 -52.47
CA ILE E 764 64.88 -4.28 -53.55
C ILE E 764 65.12 -5.36 -54.60
N LEU E 765 64.04 -5.93 -55.12
CA LEU E 765 64.09 -7.07 -56.05
C LEU E 765 64.46 -6.64 -57.48
N THR E 766 65.56 -7.18 -58.01
CA THR E 766 66.02 -6.83 -59.37
C THR E 766 65.07 -7.36 -60.45
N LYS E 767 65.13 -6.72 -61.63
CA LYS E 767 64.29 -7.10 -62.78
C LYS E 767 64.52 -8.56 -63.19
N GLU E 768 65.79 -8.93 -63.37
CA GLU E 768 66.13 -10.29 -63.78
C GLU E 768 65.67 -11.30 -62.75
N ALA E 769 65.71 -10.93 -61.48
CA ALA E 769 65.23 -11.81 -60.41
C ALA E 769 63.73 -12.05 -60.53
N ARG E 770 62.96 -11.02 -60.91
CA ARG E 770 61.52 -11.20 -61.12
C ARG E 770 61.26 -12.19 -62.23
N SER E 771 62.01 -12.08 -63.34
CA SER E 771 61.85 -13.05 -64.43
C SER E 771 62.23 -14.47 -63.98
N TYR E 772 63.30 -14.58 -63.19
CA TYR E 772 63.81 -15.88 -62.76
C TYR E 772 62.87 -16.58 -61.77
N LEU E 773 62.24 -15.81 -60.88
CA LEU E 773 61.38 -16.38 -59.83
C LEU E 773 60.23 -17.19 -60.41
N VAL E 774 59.57 -16.70 -61.47
CA VAL E 774 58.42 -17.44 -62.00
C VAL E 774 58.88 -18.76 -62.62
N GLU E 775 60.07 -18.80 -63.24
CA GLU E 775 60.58 -20.06 -63.78
C GLU E 775 60.83 -21.07 -62.66
N LYS E 776 61.47 -20.62 -61.57
CA LYS E 776 61.71 -21.53 -60.45
C LYS E 776 60.39 -22.00 -59.81
N TYR E 777 59.40 -21.10 -59.72
CA TYR E 777 58.10 -21.49 -59.18
C TYR E 777 57.40 -22.51 -60.08
N LYS E 778 57.49 -22.32 -61.41
CA LYS E 778 56.92 -23.29 -62.34
C LYS E 778 57.59 -24.66 -62.17
N GLU E 779 58.90 -24.66 -61.93
CA GLU E 779 59.58 -25.93 -61.66
C GLU E 779 59.03 -26.60 -60.40
N LEU E 780 58.80 -25.82 -59.34
CA LEU E 780 58.22 -26.40 -58.13
C LEU E 780 56.83 -26.96 -58.40
N ARG E 781 56.01 -26.24 -59.17
CA ARG E 781 54.66 -26.69 -59.48
C ARG E 781 54.67 -27.97 -60.30
N LYS E 782 55.63 -28.11 -61.23
CA LYS E 782 55.73 -29.34 -62.01
C LYS E 782 56.27 -30.50 -61.17
N ASP E 783 57.16 -30.22 -60.22
CA ASP E 783 57.57 -31.27 -59.27
C ASP E 783 56.37 -31.72 -58.45
N ASP E 784 55.51 -30.77 -58.08
CA ASP E 784 54.31 -31.03 -57.29
C ASP E 784 53.25 -31.81 -58.06
N ALA E 785 53.13 -31.55 -59.36
CA ALA E 785 52.08 -32.15 -60.21
C ALA E 785 52.18 -33.67 -60.33
N SER E 792 53.50 -36.05 -49.88
CA SER E 792 54.16 -34.75 -49.99
C SER E 792 53.15 -33.60 -49.95
N TYR E 793 53.47 -32.54 -49.20
CA TYR E 793 52.58 -31.40 -49.07
C TYR E 793 52.45 -30.66 -50.41
N ARG E 794 51.21 -30.31 -50.79
CA ARG E 794 50.96 -29.72 -52.11
C ARG E 794 51.40 -28.26 -52.16
N ILE E 795 52.14 -27.90 -53.21
CA ILE E 795 52.79 -26.58 -53.32
C ILE E 795 51.77 -25.54 -53.77
N THR E 796 51.60 -24.49 -52.96
CA THR E 796 50.64 -23.40 -53.12
C THR E 796 51.36 -22.09 -53.47
N VAL E 797 50.58 -21.00 -53.61
CA VAL E 797 51.19 -19.68 -53.85
C VAL E 797 52.05 -19.26 -52.65
N ARG E 798 51.75 -19.76 -51.45
CA ARG E 798 52.48 -19.37 -50.24
C ARG E 798 53.96 -19.71 -50.35
N GLN E 799 54.33 -20.75 -51.09
CA GLN E 799 55.74 -21.11 -51.24
C GLN E 799 56.50 -20.03 -52.00
N LEU E 800 55.86 -19.37 -52.98
CA LEU E 800 56.52 -18.27 -53.68
C LEU E 800 56.77 -17.10 -52.74
N GLU E 801 55.76 -16.76 -51.92
CA GLU E 801 55.90 -15.66 -50.97
C GLU E 801 57.01 -15.96 -49.97
N SER E 802 57.06 -17.19 -49.47
CA SER E 802 58.13 -17.61 -48.57
C SER E 802 59.49 -17.54 -49.25
N MET E 803 59.57 -17.95 -50.51
CA MET E 803 60.84 -17.88 -51.24
C MET E 803 61.32 -16.44 -51.37
N ILE E 804 60.39 -15.51 -51.60
CA ILE E 804 60.75 -14.09 -51.63
C ILE E 804 61.31 -13.65 -50.28
N ARG E 805 60.66 -14.06 -49.18
CA ARG E 805 61.16 -13.73 -47.84
C ARG E 805 62.59 -14.23 -47.63
N LEU E 806 62.85 -15.48 -48.01
CA LEU E 806 64.19 -16.05 -47.85
C LEU E 806 65.21 -15.28 -48.68
N SER E 807 64.85 -14.89 -49.90
CA SER E 807 65.79 -14.12 -50.73
C SER E 807 66.09 -12.75 -50.11
N GLU E 808 65.08 -12.10 -49.53
CA GLU E 808 65.31 -10.82 -48.84
C GLU E 808 66.31 -11.01 -47.70
N ALA E 809 66.12 -12.07 -46.91
CA ALA E 809 67.03 -12.35 -45.80
C ALA E 809 68.45 -12.65 -46.28
N ILE E 810 68.58 -13.38 -47.39
CA ILE E 810 69.91 -13.70 -47.92
C ILE E 810 70.63 -12.43 -48.36
N ALA E 811 69.94 -11.57 -49.10
CA ALA E 811 70.57 -10.32 -49.54
C ALA E 811 70.98 -9.46 -48.34
N ARG E 812 70.13 -9.43 -47.32
CA ARG E 812 70.43 -8.69 -46.09
C ARG E 812 71.67 -9.26 -45.39
N ALA E 813 71.82 -10.58 -45.38
CA ALA E 813 72.99 -11.22 -44.75
C ALA E 813 74.30 -10.74 -45.39
N ASN E 814 74.27 -10.47 -46.69
CA ASN E 814 75.44 -10.05 -47.45
C ASN E 814 75.64 -8.53 -47.46
N CYS E 815 74.77 -7.76 -46.81
CA CYS E 815 74.81 -6.29 -46.82
C CYS E 815 74.77 -5.74 -48.26
N VAL E 816 73.75 -6.16 -49.00
CA VAL E 816 73.53 -5.76 -50.39
C VAL E 816 72.08 -5.26 -50.52
N ASP E 817 71.91 -4.11 -51.20
CA ASP E 817 70.59 -3.49 -51.35
C ASP E 817 69.79 -3.99 -52.56
N GLU E 818 70.37 -4.82 -53.43
CA GLU E 818 69.71 -5.41 -54.60
C GLU E 818 69.61 -6.94 -54.44
N ILE E 819 68.46 -7.52 -54.78
CA ILE E 819 68.32 -8.99 -54.81
C ILE E 819 68.95 -9.50 -56.12
N THR E 820 70.20 -9.97 -56.03
CA THR E 820 70.83 -10.67 -57.16
C THR E 820 70.13 -12.02 -57.40
N PRO E 821 69.96 -12.47 -58.67
CA PRO E 821 69.26 -13.76 -58.90
C PRO E 821 69.93 -14.98 -58.24
N SER E 822 71.25 -14.92 -58.02
CA SER E 822 71.96 -15.99 -57.31
C SER E 822 71.35 -16.25 -55.93
N PHE E 823 70.87 -15.21 -55.25
CA PHE E 823 70.23 -15.38 -53.96
C PHE E 823 68.95 -16.20 -54.08
N ILE E 824 68.22 -16.05 -55.18
CA ILE E 824 67.00 -16.82 -55.37
C ILE E 824 67.33 -18.27 -55.71
N ALA E 825 68.41 -18.50 -56.44
CA ALA E 825 68.86 -19.88 -56.65
C ALA E 825 69.19 -20.54 -55.32
N GLU E 826 69.89 -19.80 -54.44
CA GLU E 826 70.19 -20.28 -53.09
C GLU E 826 68.91 -20.59 -52.32
N ALA E 827 67.94 -19.66 -52.35
CA ALA E 827 66.68 -19.86 -51.62
C ALA E 827 65.89 -21.05 -52.13
N TYR E 828 65.81 -21.21 -53.46
CA TYR E 828 65.11 -22.34 -54.07
C TYR E 828 65.77 -23.65 -53.69
N ASP E 829 67.11 -23.71 -53.76
CA ASP E 829 67.83 -24.91 -53.38
C ASP E 829 67.61 -25.26 -51.91
N LEU E 830 67.66 -24.25 -51.02
CA LEU E 830 67.42 -24.48 -49.60
C LEU E 830 66.00 -25.00 -49.36
N LEU E 831 65.02 -24.37 -50.01
CA LEU E 831 63.61 -24.75 -49.81
C LEU E 831 63.36 -26.20 -50.23
N ARG E 832 63.94 -26.64 -51.34
CA ARG E 832 63.65 -27.99 -51.85
C ARG E 832 64.19 -29.10 -50.95
N GLN E 833 65.12 -28.80 -50.03
CA GLN E 833 65.56 -29.81 -49.06
C GLN E 833 64.46 -30.16 -48.07
N SER E 834 63.43 -29.31 -47.92
CA SER E 834 62.32 -29.56 -47.01
C SER E 834 61.26 -30.49 -47.60
N ILE E 835 61.35 -30.80 -48.90
CA ILE E 835 60.31 -31.53 -49.62
C ILE E 835 60.61 -33.03 -49.59
N LEU F 5 13.19 -11.23 38.31
CA LEU F 5 12.38 -10.41 39.25
C LEU F 5 11.47 -11.29 40.16
N PRO F 6 10.61 -12.13 39.60
CA PRO F 6 9.76 -12.99 40.44
C PRO F 6 10.52 -14.22 40.94
N SER F 7 9.85 -14.97 41.82
CA SER F 7 10.45 -16.14 42.47
C SER F 7 9.39 -17.21 42.69
N ILE F 8 9.85 -18.46 42.86
CA ILE F 8 8.99 -19.63 43.01
C ILE F 8 9.52 -20.55 44.09
N GLN F 9 8.66 -21.48 44.52
CA GLN F 9 9.05 -22.62 45.34
C GLN F 9 9.41 -23.81 44.46
N LEU F 10 10.27 -24.68 44.99
CA LEU F 10 10.66 -25.91 44.34
C LEU F 10 10.87 -26.99 45.40
N PRO F 11 10.78 -28.28 45.03
CA PRO F 11 10.83 -29.33 46.05
C PRO F 11 12.22 -29.64 46.61
N VAL F 12 13.30 -29.06 46.07
CA VAL F 12 14.67 -29.44 46.42
C VAL F 12 15.33 -28.33 47.25
N ASP F 13 15.96 -28.71 48.34
CA ASP F 13 16.86 -27.86 49.12
C ASP F 13 18.27 -28.44 49.02
N TYR F 14 19.24 -27.61 48.61
CA TYR F 14 20.59 -28.10 48.38
C TYR F 14 21.37 -28.35 49.66
N ASN F 15 20.94 -27.79 50.80
CA ASN F 15 21.62 -28.07 52.06
C ASN F 15 21.53 -29.55 52.43
N ASN F 16 20.33 -30.12 52.30
CA ASN F 16 20.13 -31.54 52.60
C ASN F 16 20.99 -32.42 51.69
N LEU F 17 21.01 -32.10 50.40
CA LEU F 17 21.78 -32.90 49.46
C LEU F 17 23.28 -32.77 49.70
N PHE F 18 23.73 -31.58 50.11
CA PHE F 18 25.14 -31.41 50.48
C PHE F 18 25.50 -32.29 51.66
N ASN F 19 24.62 -32.34 52.67
CA ASN F 19 24.85 -33.22 53.81
C ASN F 19 24.90 -34.69 53.38
N GLU F 20 24.01 -35.08 52.47
CA GLU F 20 24.05 -36.45 51.95
C GLU F 20 25.38 -36.74 51.24
N ILE F 21 25.86 -35.77 50.45
CA ILE F 21 27.11 -35.96 49.71
C ILE F 21 28.28 -36.15 50.67
N THR F 22 28.36 -35.30 51.70
CA THR F 22 29.50 -35.41 52.60
C THR F 22 29.43 -36.68 53.45
N ASP F 23 28.23 -37.19 53.75
CA ASP F 23 28.15 -38.49 54.40
C ASP F 23 28.59 -39.62 53.46
N PHE F 24 28.12 -39.57 52.21
CA PHE F 24 28.42 -40.63 51.25
C PHE F 24 29.92 -40.77 51.00
N LEU F 25 30.62 -39.64 50.83
CA LEU F 25 32.05 -39.71 50.53
C LEU F 25 32.88 -40.32 51.65
N VAL F 26 32.43 -40.18 52.92
CA VAL F 26 33.21 -40.68 54.07
C VAL F 26 32.72 -42.02 54.61
N THR F 27 31.58 -42.54 54.11
CA THR F 27 30.98 -43.76 54.68
C THR F 27 30.93 -44.95 53.73
N PHE F 28 30.77 -44.76 52.42
CA PHE F 28 30.42 -45.87 51.54
C PHE F 28 31.59 -46.83 51.36
N LYS F 29 31.28 -48.13 51.28
CA LYS F 29 32.25 -49.17 50.99
C LYS F 29 31.57 -50.34 50.28
N GLN F 30 32.36 -51.03 49.44
CA GLN F 30 31.86 -52.17 48.67
C GLN F 30 32.11 -53.48 49.42
N GLY F 60 39.01 -49.60 54.34
CA GLY F 60 38.25 -48.42 54.69
C GLY F 60 37.24 -48.03 53.62
N PRO F 61 36.62 -46.86 53.76
CA PRO F 61 35.66 -46.42 52.74
C PRO F 61 36.30 -46.22 51.37
N LYS F 62 35.49 -46.42 50.33
CA LYS F 62 35.99 -46.47 48.96
C LYS F 62 36.65 -45.16 48.53
N TYR F 63 35.96 -44.03 48.68
CA TYR F 63 36.46 -42.78 48.10
C TYR F 63 37.59 -42.14 48.90
N MET F 64 37.76 -42.49 50.19
CA MET F 64 38.85 -41.89 50.95
C MET F 64 40.21 -42.41 50.49
N ALA F 65 40.27 -43.66 50.02
CA ALA F 65 41.50 -44.16 49.41
C ALA F 65 41.88 -43.32 48.19
N MET F 66 40.89 -43.01 47.34
CA MET F 66 41.16 -42.16 46.18
C MET F 66 41.62 -40.78 46.59
N LEU F 67 40.97 -40.18 47.59
CA LEU F 67 41.40 -38.85 48.01
C LEU F 67 42.79 -38.88 48.66
N GLN F 68 43.16 -39.99 49.31
CA GLN F 68 44.53 -40.11 49.79
C GLN F 68 45.51 -40.14 48.63
N LYS F 69 45.17 -40.87 47.56
CA LYS F 69 46.03 -40.88 46.38
C LYS F 69 46.12 -39.49 45.74
N VAL F 70 45.01 -38.75 45.72
CA VAL F 70 45.04 -37.37 45.22
C VAL F 70 45.97 -36.52 46.08
N ALA F 71 45.86 -36.65 47.41
CA ALA F 71 46.68 -35.85 48.31
C ALA F 71 48.15 -36.18 48.15
N ASN F 72 48.47 -37.45 47.88
CA ASN F 72 49.85 -37.86 47.62
C ASN F 72 50.36 -37.45 46.24
N ARG F 73 49.55 -36.77 45.42
CA ARG F 73 49.90 -36.40 44.05
C ARG F 73 50.06 -37.61 43.14
N GLU F 74 49.46 -38.75 43.49
CA GLU F 74 49.53 -39.97 42.70
C GLU F 74 48.44 -40.08 41.64
N LEU F 75 47.35 -39.34 41.79
CA LEU F 75 46.12 -39.53 41.02
C LEU F 75 45.55 -38.19 40.58
N ASN F 76 45.12 -38.09 39.31
CA ASN F 76 44.64 -36.82 38.74
C ASN F 76 43.13 -36.70 38.59
N SER F 77 42.35 -37.79 38.65
CA SER F 77 40.90 -37.68 38.44
C SER F 77 40.11 -38.64 39.34
N VAL F 78 38.88 -38.22 39.66
CA VAL F 78 37.95 -38.95 40.52
C VAL F 78 36.72 -39.28 39.68
N ILE F 79 36.37 -40.56 39.58
CA ILE F 79 35.20 -41.02 38.84
C ILE F 79 34.16 -41.50 39.84
N ILE F 80 33.05 -40.78 39.90
CA ILE F 80 31.93 -41.09 40.79
C ILE F 80 31.01 -42.10 40.10
N ASP F 81 30.67 -43.20 40.80
CA ASP F 81 29.73 -44.22 40.31
C ASP F 81 28.35 -43.98 40.89
N LEU F 82 27.30 -43.72 40.04
CA LEU F 82 25.89 -43.63 40.54
C LEU F 82 25.32 -44.96 41.05
N ASP F 83 25.93 -46.10 40.68
CA ASP F 83 25.50 -47.37 41.26
C ASP F 83 25.78 -47.37 42.76
N ASP F 84 26.87 -46.72 43.17
CA ASP F 84 27.17 -46.59 44.59
C ASP F 84 26.10 -45.79 45.31
N ILE F 85 25.67 -44.69 44.70
CA ILE F 85 24.69 -43.82 45.35
C ILE F 85 23.37 -44.56 45.48
N LEU F 86 22.99 -45.30 44.43
CA LEU F 86 21.76 -46.10 44.51
C LEU F 86 21.86 -47.16 45.61
N GLN F 87 23.00 -47.86 45.68
CA GLN F 87 23.23 -48.85 46.73
C GLN F 87 23.16 -48.21 48.12
N TYR F 88 23.79 -47.05 48.27
CA TYR F 88 23.79 -46.31 49.53
C TYR F 88 22.38 -45.93 49.94
N GLN F 89 21.58 -45.45 48.98
CA GLN F 89 20.20 -45.09 49.28
C GLN F 89 19.41 -46.31 49.74
N ASN F 90 19.59 -47.44 49.06
CA ASN F 90 18.86 -48.66 49.45
C ASN F 90 19.28 -49.12 50.86
N GLU F 91 20.58 -49.08 51.15
CA GLU F 91 21.04 -49.51 52.47
C GLU F 91 20.53 -48.58 53.56
N LYS F 92 20.57 -47.26 53.32
CA LYS F 92 20.05 -46.32 54.30
C LYS F 92 18.55 -46.49 54.50
N PHE F 93 17.82 -46.86 53.44
CA PHE F 93 16.40 -47.11 53.56
C PHE F 93 16.13 -48.37 54.37
N LEU F 94 16.87 -49.45 54.10
CA LEU F 94 16.66 -50.71 54.81
C LEU F 94 17.00 -50.59 56.30
N GLN F 95 17.83 -49.62 56.67
CA GLN F 95 18.07 -49.29 58.08
C GLN F 95 16.93 -48.48 58.70
N GLY F 96 15.83 -48.25 57.98
CA GLY F 96 14.65 -47.66 58.58
C GLY F 96 14.63 -46.15 58.64
N THR F 97 15.27 -45.48 57.68
CA THR F 97 15.37 -44.02 57.66
C THR F 97 15.06 -43.50 56.26
N GLN F 98 14.47 -42.31 56.21
CA GLN F 98 14.19 -41.65 54.94
C GLN F 98 15.42 -40.95 54.39
N ALA F 99 15.50 -40.88 53.06
CA ALA F 99 16.61 -40.21 52.39
C ALA F 99 16.15 -39.67 51.05
N ASP F 100 16.75 -38.56 50.64
CA ASP F 100 16.44 -37.96 49.35
C ASP F 100 17.02 -38.79 48.21
N ASP F 101 16.33 -38.79 47.07
CA ASP F 101 16.77 -39.55 45.89
C ASP F 101 17.81 -38.74 45.12
N LEU F 102 19.04 -38.79 45.64
CA LEU F 102 20.13 -38.03 45.04
C LEU F 102 20.44 -38.49 43.61
N VAL F 103 20.18 -39.76 43.30
CA VAL F 103 20.47 -40.29 41.95
C VAL F 103 19.66 -39.56 40.87
N SER F 104 18.34 -39.45 41.06
CA SER F 104 17.55 -38.70 40.09
C SER F 104 17.88 -37.21 40.16
N ALA F 105 18.24 -36.73 41.35
CA ALA F 105 18.49 -35.30 41.54
C ALA F 105 19.71 -34.83 40.76
N ILE F 106 20.76 -35.68 40.67
CA ILE F 106 21.93 -35.30 39.88
C ILE F 106 21.81 -35.73 38.42
N GLN F 107 20.82 -36.54 38.06
CA GLN F 107 20.56 -36.75 36.63
C GLN F 107 19.72 -35.62 36.02
N GLN F 108 18.79 -35.06 36.81
CA GLN F 108 17.88 -34.05 36.31
C GLN F 108 18.57 -32.70 36.09
N ASN F 109 19.54 -32.35 36.94
CA ASN F 109 20.22 -31.05 36.92
C ASN F 109 21.74 -31.22 37.15
N ALA F 110 22.37 -32.01 36.30
CA ALA F 110 23.75 -32.50 36.53
C ALA F 110 24.80 -31.40 36.71
N ASN F 111 24.65 -30.23 36.06
CA ASN F 111 25.73 -29.23 36.04
C ASN F 111 26.09 -28.75 37.45
N HIS F 112 25.09 -28.50 38.30
CA HIS F 112 25.31 -27.89 39.60
C HIS F 112 26.09 -28.81 40.54
N PHE F 113 25.97 -30.12 40.39
CA PHE F 113 26.55 -31.04 41.36
C PHE F 113 28.04 -31.27 41.17
N THR F 114 28.61 -30.87 40.03
CA THR F 114 30.07 -30.91 39.92
C THR F 114 30.71 -29.96 40.92
N GLU F 115 30.05 -28.83 41.20
CA GLU F 115 30.56 -27.87 42.17
C GLU F 115 30.37 -28.37 43.60
N LEU F 116 29.19 -28.94 43.91
CA LEU F 116 28.92 -29.43 45.25
C LEU F 116 29.90 -30.53 45.66
N PHE F 117 30.12 -31.50 44.76
CA PHE F 117 31.07 -32.58 45.05
C PHE F 117 32.48 -32.03 45.23
N CYS F 118 32.87 -31.05 44.42
CA CYS F 118 34.21 -30.47 44.55
C CYS F 118 34.37 -29.75 45.89
N ARG F 119 33.36 -28.99 46.32
CA ARG F 119 33.46 -28.34 47.61
C ARG F 119 33.53 -29.35 48.74
N ALA F 120 32.74 -30.42 48.65
CA ALA F 120 32.79 -31.48 49.66
C ALA F 120 34.17 -32.13 49.70
N ILE F 121 34.75 -32.43 48.52
CA ILE F 121 36.07 -33.04 48.46
C ILE F 121 37.12 -32.12 49.05
N ASP F 122 37.07 -30.83 48.71
CA ASP F 122 38.02 -29.86 49.26
C ASP F 122 37.89 -29.78 50.78
N ASN F 123 36.66 -29.83 51.29
CA ASN F 123 36.45 -29.77 52.73
C ASN F 123 37.04 -30.99 53.43
N ASN F 124 36.81 -32.18 52.88
CA ASN F 124 37.14 -33.43 53.56
C ASN F 124 38.48 -34.04 53.13
N MET F 125 39.31 -33.31 52.38
CA MET F 125 40.51 -33.90 51.82
C MET F 125 41.52 -34.24 52.93
N PRO F 126 42.06 -35.47 53.00
CA PRO F 126 43.02 -35.79 54.05
C PRO F 126 44.42 -35.27 53.75
N LEU F 127 45.28 -35.32 54.77
CA LEU F 127 46.64 -34.83 54.64
C LEU F 127 47.52 -35.88 53.94
N PRO F 128 48.64 -35.46 53.31
CA PRO F 128 49.47 -36.44 52.60
C PRO F 128 50.09 -37.49 53.51
N THR F 129 50.26 -38.69 52.94
CA THR F 129 50.93 -39.81 53.60
C THR F 129 52.43 -39.86 53.32
N LYS F 130 52.90 -39.18 52.27
CA LYS F 130 54.29 -39.25 51.82
C LYS F 130 54.81 -37.87 51.48
N GLU F 131 56.14 -37.71 51.57
CA GLU F 131 56.81 -36.48 51.16
C GLU F 131 56.61 -36.22 49.67
N ILE F 132 56.59 -34.94 49.29
CA ILE F 132 56.10 -34.49 47.99
C ILE F 132 57.13 -33.67 47.19
N ASP F 133 58.11 -33.06 47.86
CA ASP F 133 58.95 -32.01 47.28
C ASP F 133 58.10 -30.80 46.88
N TYR F 134 57.57 -30.15 47.91
CA TYR F 134 56.61 -29.06 47.73
C TYR F 134 57.18 -27.88 46.95
N LYS F 135 58.50 -27.67 47.01
CA LYS F 135 59.11 -26.50 46.37
C LYS F 135 59.03 -26.51 44.85
N ASP F 136 58.60 -27.62 44.24
CA ASP F 136 58.41 -27.69 42.79
C ASP F 136 57.22 -26.87 42.29
N ASP F 137 56.35 -26.37 43.19
CA ASP F 137 55.12 -25.68 42.81
C ASP F 137 55.33 -24.17 42.90
N VAL F 138 55.11 -23.48 41.77
CA VAL F 138 55.20 -22.01 41.76
C VAL F 138 54.05 -21.41 42.57
N LEU F 139 52.85 -21.98 42.44
CA LEU F 139 51.69 -21.43 43.14
C LEU F 139 51.87 -21.49 44.65
N ASP F 140 52.50 -22.55 45.15
CA ASP F 140 52.77 -22.65 46.58
C ASP F 140 53.66 -21.51 47.05
N VAL F 141 54.74 -21.24 46.30
CA VAL F 141 55.66 -20.16 46.67
C VAL F 141 54.94 -18.82 46.62
N ILE F 142 54.19 -18.57 45.54
CA ILE F 142 53.48 -17.30 45.38
C ILE F 142 52.49 -17.08 46.51
N LEU F 143 51.66 -18.09 46.80
CA LEU F 143 50.65 -17.94 47.84
C LEU F 143 51.27 -17.86 49.23
N ASN F 144 52.37 -18.58 49.49
CA ASN F 144 53.05 -18.46 50.77
C ASN F 144 53.60 -17.05 50.96
N GLN F 145 54.25 -16.50 49.93
CA GLN F 145 54.77 -15.14 50.03
C GLN F 145 53.64 -14.12 50.18
N ARG F 146 52.53 -14.32 49.47
CA ARG F 146 51.39 -13.40 49.58
C ARG F 146 50.80 -13.45 50.99
N ARG F 147 50.69 -14.64 51.57
CA ARG F 147 50.24 -14.77 52.95
C ARG F 147 51.20 -14.06 53.90
N LEU F 148 52.50 -14.22 53.68
CA LEU F 148 53.48 -13.54 54.53
C LEU F 148 53.36 -12.02 54.40
N ARG F 149 53.09 -11.52 53.19
CA ARG F 149 52.85 -10.09 53.01
C ARG F 149 51.66 -9.63 53.85
N ASN F 150 50.58 -10.41 53.82
CA ASN F 150 49.41 -10.05 54.62
C ASN F 150 49.72 -10.13 56.12
N GLU F 151 50.51 -11.13 56.53
CA GLU F 151 50.90 -11.25 57.93
C GLU F 151 51.71 -10.04 58.40
N ARG F 152 52.68 -9.62 57.58
CA ARG F 152 53.45 -8.42 57.90
C ARG F 152 52.56 -7.18 57.92
N MET F 153 51.65 -7.07 56.94
CA MET F 153 50.76 -5.93 56.84
C MET F 153 49.86 -5.82 58.07
N LEU F 154 49.44 -6.95 58.63
CA LEU F 154 48.56 -6.97 59.79
C LEU F 154 49.30 -6.76 61.11
N SER F 155 50.61 -6.58 61.10
CA SER F 155 51.37 -6.32 62.32
C SER F 155 51.14 -4.89 62.81
N GLU F 190 37.41 -13.70 49.77
CA GLU F 190 38.46 -14.71 49.81
C GLU F 190 39.72 -14.23 49.09
N LEU F 191 40.87 -14.72 49.54
CA LEU F 191 42.15 -14.20 49.05
C LEU F 191 42.37 -14.50 47.57
N PHE F 192 42.01 -15.70 47.11
CA PHE F 192 42.18 -16.13 45.72
C PHE F 192 41.09 -17.14 45.40
N PRO F 193 40.71 -17.32 44.13
CA PRO F 193 39.61 -18.25 43.81
C PRO F 193 40.03 -19.70 44.06
N PRO F 194 39.16 -20.54 44.66
CA PRO F 194 39.59 -21.91 45.01
C PRO F 194 39.94 -22.78 43.82
N ASN F 195 39.45 -22.44 42.63
CA ASN F 195 39.75 -23.18 41.41
C ASN F 195 41.26 -23.23 41.13
N LEU F 196 42.01 -22.24 41.61
CA LEU F 196 43.44 -22.12 41.33
C LEU F 196 44.27 -23.25 41.96
N THR F 197 43.75 -23.96 42.96
CA THR F 197 44.49 -25.00 43.67
C THR F 197 43.82 -26.38 43.63
N ARG F 198 42.82 -26.58 42.77
CA ARG F 198 42.24 -27.91 42.57
C ARG F 198 43.13 -28.69 41.61
N ARG F 199 43.89 -29.62 42.15
CA ARG F 199 44.83 -30.43 41.38
C ARG F 199 44.17 -31.63 40.68
N TYR F 200 42.84 -31.73 40.67
CA TYR F 200 42.14 -32.93 40.21
C TYR F 200 40.94 -32.57 39.32
N PHE F 201 40.43 -33.59 38.63
CA PHE F 201 39.23 -33.51 37.78
C PHE F 201 38.18 -34.49 38.30
N LEU F 202 36.89 -34.22 38.03
CA LEU F 202 35.80 -35.06 38.54
C LEU F 202 34.75 -35.34 37.46
N TYR F 203 34.31 -36.61 37.36
CA TYR F 203 33.35 -37.06 36.36
C TYR F 203 32.36 -38.06 36.96
N PHE F 204 31.13 -38.07 36.42
CA PHE F 204 30.07 -39.02 36.82
C PHE F 204 29.98 -40.16 35.80
N LYS F 205 29.72 -41.38 36.30
CA LYS F 205 29.54 -42.57 35.45
C LYS F 205 28.08 -43.06 35.53
N PRO F 206 27.35 -43.24 34.42
CA PRO F 206 25.89 -43.45 34.52
C PRO F 206 25.51 -44.79 35.13
N LEU F 207 24.22 -44.89 35.49
CA LEU F 207 23.66 -46.10 36.10
C LEU F 207 23.81 -47.32 35.20
N SER F 208 24.13 -48.45 35.80
CA SER F 208 24.11 -49.72 35.07
C SER F 208 22.67 -50.06 34.68
N GLN F 209 22.46 -50.34 33.38
CA GLN F 209 21.12 -50.66 32.88
C GLN F 209 20.56 -51.92 33.54
N ASN F 210 21.44 -52.82 33.97
CA ASN F 210 21.01 -54.05 34.63
C ASN F 210 20.53 -53.81 36.06
N CYS F 211 21.04 -52.73 36.73
CA CYS F 211 20.39 -52.20 37.97
C CYS F 211 19.14 -51.35 37.67
N ALA F 212 19.09 -50.70 36.52
CA ALA F 212 18.08 -49.67 36.23
C ALA F 212 16.64 -50.19 36.23
N ALA F 219 16.20 -45.99 34.07
CA ALA F 219 16.57 -44.58 34.09
C ALA F 219 17.24 -44.16 32.77
N ILE F 220 16.97 -42.91 32.36
CA ILE F 220 17.26 -42.46 31.00
C ILE F 220 18.76 -42.50 30.70
N SER F 221 19.61 -42.17 31.68
CA SER F 221 21.06 -42.15 31.43
C SER F 221 21.62 -43.54 31.06
N SER F 222 20.92 -44.62 31.41
CA SER F 222 21.35 -45.98 31.08
C SER F 222 20.90 -46.45 29.70
N LYS F 223 19.98 -45.72 29.04
CA LYS F 223 19.35 -46.15 27.79
C LYS F 223 19.85 -45.33 26.61
N PRO F 224 20.60 -45.88 25.64
CA PRO F 224 21.19 -45.05 24.57
C PRO F 224 20.16 -44.38 23.66
N LEU F 225 20.47 -43.14 23.28
CA LEU F 225 19.70 -42.35 22.32
C LEU F 225 20.49 -42.20 21.02
N SER F 226 19.78 -42.30 19.88
CA SER F 226 20.36 -41.87 18.61
C SER F 226 20.28 -40.35 18.51
N VAL F 227 21.13 -39.77 17.66
CA VAL F 227 21.31 -38.31 17.61
C VAL F 227 20.03 -37.57 17.17
N ARG F 228 19.03 -38.26 16.62
CA ARG F 228 17.73 -37.63 16.34
C ARG F 228 16.85 -37.48 17.57
N GLN F 229 16.96 -38.38 18.53
CA GLN F 229 16.07 -38.39 19.68
C GLN F 229 16.43 -37.33 20.72
N ILE F 230 17.54 -36.61 20.54
CA ILE F 230 17.99 -35.61 21.49
C ILE F 230 17.26 -34.30 21.19
N LYS F 231 16.06 -34.18 21.73
CA LYS F 231 15.19 -33.02 21.62
C LYS F 231 15.67 -31.89 22.54
N GLY F 232 15.00 -30.73 22.45
CA GLY F 232 15.30 -29.61 23.33
C GLY F 232 14.93 -29.83 24.79
N ASP F 233 14.13 -30.87 25.09
CA ASP F 233 13.76 -31.16 26.48
C ASP F 233 14.97 -31.52 27.35
N PHE F 234 16.01 -32.11 26.76
CA PHE F 234 17.13 -32.67 27.52
C PHE F 234 18.17 -31.64 27.96
N LEU F 235 18.04 -30.36 27.61
CA LEU F 235 19.08 -29.38 27.93
C LEU F 235 19.25 -29.24 29.44
N GLY F 236 20.47 -29.53 29.92
CA GLY F 236 20.82 -29.53 31.33
C GLY F 236 21.00 -30.91 31.94
N GLN F 237 20.45 -31.95 31.32
CA GLN F 237 20.44 -33.30 31.89
C GLN F 237 21.70 -34.08 31.53
N LEU F 238 21.84 -35.25 32.17
CA LEU F 238 22.94 -36.19 31.89
C LEU F 238 22.38 -37.34 31.08
N ILE F 239 22.97 -37.59 29.89
CA ILE F 239 22.42 -38.54 28.91
C ILE F 239 23.53 -39.39 28.29
N THR F 240 23.11 -40.39 27.48
CA THR F 240 24.01 -41.28 26.75
C THR F 240 23.61 -41.29 25.27
N VAL F 241 24.62 -41.29 24.39
CA VAL F 241 24.44 -41.14 22.95
C VAL F 241 25.22 -42.24 22.23
N ARG F 242 24.63 -42.81 21.17
CA ARG F 242 25.25 -43.86 20.35
C ARG F 242 25.44 -43.37 18.91
N GLY F 243 26.65 -43.54 18.38
CA GLY F 243 26.92 -43.11 17.01
C GLY F 243 28.36 -43.32 16.61
N ILE F 244 28.71 -42.74 15.45
CA ILE F 244 30.04 -42.83 14.85
C ILE F 244 30.70 -41.46 14.90
N ILE F 245 32.00 -41.43 15.22
CA ILE F 245 32.75 -40.17 15.24
C ILE F 245 33.18 -39.82 13.82
N THR F 246 33.01 -38.56 13.43
CA THR F 246 33.33 -38.06 12.10
C THR F 246 34.67 -37.31 12.03
N ARG F 247 35.02 -36.51 13.04
CA ARG F 247 36.29 -35.80 13.04
C ARG F 247 36.69 -35.44 14.48
N VAL F 248 38.00 -35.22 14.68
CA VAL F 248 38.60 -34.94 15.98
C VAL F 248 39.63 -33.82 15.82
N SER F 249 39.61 -32.84 16.72
CA SER F 249 40.58 -31.75 16.74
C SER F 249 41.83 -32.14 17.55
N ASP F 250 42.94 -31.41 17.33
CA ASP F 250 44.14 -31.61 18.14
C ASP F 250 44.13 -30.70 19.37
N VAL F 251 44.88 -31.11 20.39
CA VAL F 251 44.77 -30.52 21.73
C VAL F 251 45.37 -29.12 21.75
N LYS F 252 44.71 -28.20 22.47
CA LYS F 252 45.23 -26.86 22.73
C LYS F 252 44.80 -26.41 24.12
N PRO F 253 45.55 -25.49 24.74
CA PRO F 253 45.21 -25.06 26.11
C PRO F 253 44.08 -24.04 26.17
N ALA F 254 43.35 -24.07 27.28
CA ALA F 254 42.28 -23.12 27.59
C ALA F 254 42.48 -22.59 29.00
N VAL F 255 42.30 -21.27 29.18
CA VAL F 255 42.52 -20.64 30.48
C VAL F 255 41.37 -20.93 31.43
N GLU F 256 41.70 -21.00 32.72
CA GLU F 256 40.70 -21.07 33.79
C GLU F 256 40.87 -19.91 34.77
N VAL F 257 42.09 -19.70 35.25
CA VAL F 257 42.43 -18.58 36.13
C VAL F 257 43.69 -17.92 35.58
N ILE F 258 43.62 -16.60 35.39
CA ILE F 258 44.70 -15.79 34.82
C ILE F 258 45.35 -15.01 35.97
N ALA F 259 46.67 -14.81 35.86
CA ALA F 259 47.46 -14.15 36.90
C ALA F 259 48.19 -12.93 36.36
N TYR F 260 48.22 -11.85 37.15
CA TYR F 260 48.85 -10.58 36.78
C TYR F 260 49.80 -10.08 37.87
N THR F 261 50.70 -9.17 37.46
CA THR F 261 51.66 -8.50 38.36
C THR F 261 51.56 -6.99 38.19
N CYS F 262 51.55 -6.25 39.32
CA CYS F 262 51.56 -4.78 39.31
C CYS F 262 53.00 -4.28 39.53
N ASP F 263 53.47 -3.37 38.65
CA ASP F 263 54.89 -3.03 38.67
C ASP F 263 55.28 -2.18 39.89
N GLN F 264 54.55 -1.09 40.16
CA GLN F 264 54.99 -0.11 41.15
C GLN F 264 54.87 -0.62 42.59
N CYS F 265 53.73 -1.23 42.94
CA CYS F 265 53.49 -1.67 44.31
C CYS F 265 53.87 -3.13 44.57
N GLY F 266 54.36 -3.85 43.54
CA GLY F 266 54.79 -5.24 43.70
C GLY F 266 53.75 -6.19 44.28
N TYR F 267 52.55 -6.19 43.69
CA TYR F 267 51.41 -6.97 44.19
C TYR F 267 50.73 -7.70 43.04
N GLU F 268 50.16 -8.86 43.34
CA GLU F 268 49.59 -9.77 42.34
C GLU F 268 48.07 -9.88 42.48
N VAL F 269 47.38 -10.01 41.35
CA VAL F 269 45.92 -10.16 41.31
C VAL F 269 45.55 -11.24 40.30
N PHE F 270 44.36 -11.82 40.48
CA PHE F 270 43.86 -12.94 39.68
C PHE F 270 42.50 -12.63 39.07
N GLN F 271 42.21 -13.30 37.95
CA GLN F 271 40.94 -13.19 37.22
C GLN F 271 40.53 -14.59 36.79
N GLU F 272 39.23 -14.90 36.88
CA GLU F 272 38.69 -16.20 36.49
C GLU F 272 37.86 -16.06 35.21
N VAL F 273 38.04 -17.01 34.29
CA VAL F 273 37.42 -16.99 32.97
C VAL F 273 36.48 -18.19 32.83
N ASN F 274 35.24 -17.93 32.43
CA ASN F 274 34.24 -18.95 32.12
C ASN F 274 33.73 -18.87 30.69
N SER F 275 33.45 -17.66 30.21
CA SER F 275 32.89 -17.48 28.87
C SER F 275 33.95 -17.74 27.80
N ARG F 276 33.50 -17.81 26.55
CA ARG F 276 34.40 -18.04 25.43
C ARG F 276 35.39 -16.88 25.20
N THR F 277 35.10 -15.69 25.73
CA THR F 277 35.97 -14.51 25.57
C THR F 277 36.05 -13.75 26.89
N PHE F 278 37.04 -12.86 27.00
CA PHE F 278 37.20 -12.04 28.20
C PHE F 278 37.95 -10.77 27.86
N THR F 279 37.85 -9.73 28.78
CA THR F 279 38.68 -8.53 28.72
C THR F 279 39.79 -8.62 29.76
N PRO F 280 41.08 -8.50 29.43
CA PRO F 280 42.10 -8.53 30.47
C PRO F 280 42.07 -7.26 31.32
N LEU F 281 42.55 -7.37 32.56
CA LEU F 281 42.62 -6.23 33.47
C LEU F 281 43.74 -5.28 33.05
N SER F 282 43.59 -3.98 33.42
CA SER F 282 44.60 -2.98 33.10
C SER F 282 44.85 -1.93 34.17
N GLU F 283 44.22 -2.02 35.35
CA GLU F 283 44.44 -1.07 36.44
C GLU F 283 44.50 -1.82 37.76
N CYS F 284 45.42 -1.41 38.64
CA CYS F 284 45.58 -2.06 39.95
C CYS F 284 44.59 -1.45 40.94
N THR F 285 43.43 -2.09 41.07
CA THR F 285 42.35 -1.61 41.94
C THR F 285 42.50 -2.01 43.42
N SER F 286 43.64 -2.60 43.81
CA SER F 286 43.88 -2.97 45.20
C SER F 286 43.81 -1.75 46.14
N GLU F 287 43.17 -1.94 47.30
CA GLU F 287 42.89 -0.84 48.22
C GLU F 287 44.17 -0.20 48.74
N GLU F 288 45.16 -1.01 49.11
CA GLU F 288 46.44 -0.47 49.58
C GLU F 288 47.12 0.34 48.48
N CYS F 289 47.15 -0.21 47.27
CA CYS F 289 47.74 0.47 46.13
C CYS F 289 47.01 1.78 45.83
N SER F 290 45.68 1.76 45.94
CA SER F 290 44.86 2.95 45.75
C SER F 290 45.10 4.01 46.82
N GLN F 291 45.21 3.60 48.09
CA GLN F 291 45.39 4.57 49.18
C GLN F 291 46.79 5.16 49.20
N ASN F 292 47.77 4.48 48.61
CA ASN F 292 49.05 5.09 48.30
C ASN F 292 49.03 5.87 46.97
N GLN F 293 47.84 6.09 46.39
CA GLN F 293 47.62 6.80 45.11
C GLN F 293 48.55 6.30 44.00
N THR F 294 48.83 5.00 44.02
CA THR F 294 49.84 4.35 43.19
C THR F 294 49.16 3.76 41.95
N LYS F 295 48.98 4.57 40.90
CA LYS F 295 48.30 4.11 39.69
C LYS F 295 49.24 3.25 38.81
N GLY F 296 49.62 2.09 39.36
CA GLY F 296 50.57 1.20 38.68
C GLY F 296 49.94 0.42 37.53
N GLN F 297 50.82 -0.20 36.73
CA GLN F 297 50.45 -0.92 35.51
C GLN F 297 50.43 -2.43 35.76
N LEU F 298 49.39 -3.11 35.23
CA LEU F 298 49.29 -4.57 35.33
C LEU F 298 49.85 -5.24 34.08
N PHE F 299 50.54 -6.37 34.29
CA PHE F 299 51.12 -7.19 33.23
C PHE F 299 50.74 -8.65 33.47
N MET F 300 50.46 -9.38 32.38
CA MET F 300 50.05 -10.78 32.46
C MET F 300 51.25 -11.70 32.66
N SER F 301 51.00 -12.87 33.29
CA SER F 301 52.03 -13.89 33.53
C SER F 301 51.50 -15.29 33.25
N THR F 302 52.24 -16.08 32.46
CA THR F 302 51.92 -17.49 32.23
C THR F 302 52.34 -18.37 33.41
N ARG F 303 53.48 -18.05 34.03
CA ARG F 303 54.13 -18.95 34.99
C ARG F 303 53.27 -19.25 36.22
N ALA F 304 52.27 -18.43 36.53
CA ALA F 304 51.34 -18.67 37.63
C ALA F 304 49.88 -18.70 37.19
N SER F 305 49.60 -18.75 35.88
CA SER F 305 48.25 -18.96 35.39
C SER F 305 47.92 -20.46 35.39
N LYS F 306 46.63 -20.77 35.34
CA LYS F 306 46.12 -22.14 35.32
C LYS F 306 45.44 -22.40 33.98
N PHE F 307 45.87 -23.48 33.33
CA PHE F 307 45.32 -23.94 32.06
C PHE F 307 44.70 -25.32 32.25
N SER F 308 43.93 -25.76 31.27
CA SER F 308 43.43 -27.13 31.22
C SER F 308 43.37 -27.56 29.76
N ALA F 309 43.62 -28.85 29.52
CA ALA F 309 43.65 -29.35 28.14
C ALA F 309 42.25 -29.40 27.54
N PHE F 310 42.14 -29.01 26.28
CA PHE F 310 40.86 -28.93 25.58
C PHE F 310 40.93 -29.60 24.21
N GLN F 311 39.83 -30.23 23.82
CA GLN F 311 39.70 -30.91 22.53
C GLN F 311 38.24 -30.93 22.13
N GLU F 312 37.95 -30.82 20.83
CA GLU F 312 36.58 -30.79 20.30
C GLU F 312 36.41 -31.83 19.20
N CYS F 313 35.28 -32.54 19.23
CA CYS F 313 34.97 -33.63 18.30
C CYS F 313 33.54 -33.50 17.79
N LYS F 314 33.16 -34.39 16.87
CA LYS F 314 31.80 -34.42 16.32
C LYS F 314 31.36 -35.86 16.10
N ILE F 315 30.10 -36.15 16.48
CA ILE F 315 29.52 -37.49 16.42
C ILE F 315 28.30 -37.45 15.51
N GLN F 316 28.05 -38.55 14.80
CA GLN F 316 27.02 -38.63 13.77
C GLN F 316 26.31 -39.97 13.84
N GLU F 317 25.03 -39.98 13.47
CA GLU F 317 24.21 -41.18 13.62
C GLU F 317 24.61 -42.29 12.63
N LEU F 318 24.37 -43.54 13.05
CA LEU F 318 24.71 -44.69 12.20
C LEU F 318 23.86 -44.67 10.92
N SER F 319 24.51 -45.00 9.79
CA SER F 319 23.81 -44.91 8.50
C SER F 319 22.62 -45.86 8.41
N GLN F 320 22.66 -47.00 9.10
CA GLN F 320 21.56 -47.94 9.06
C GLN F 320 20.37 -47.55 9.96
N GLN F 321 20.44 -46.42 10.66
CA GLN F 321 19.32 -45.87 11.44
C GLN F 321 18.72 -44.60 10.84
N VAL F 322 19.18 -44.15 9.68
CA VAL F 322 18.67 -42.92 9.07
C VAL F 322 17.30 -43.22 8.42
N PRO F 323 16.23 -42.48 8.73
CA PRO F 323 14.95 -42.73 8.04
C PRO F 323 14.99 -42.27 6.59
N VAL F 324 14.18 -42.94 5.75
CA VAL F 324 14.24 -42.78 4.29
C VAL F 324 14.05 -41.32 3.88
N GLY F 325 14.87 -40.87 2.92
CA GLY F 325 14.78 -39.54 2.34
C GLY F 325 15.35 -38.41 3.17
N HIS F 326 15.90 -38.69 4.36
CA HIS F 326 16.49 -37.67 5.22
C HIS F 326 18.02 -37.70 5.12
N ILE F 327 18.65 -36.63 5.63
CA ILE F 327 20.11 -36.45 5.66
C ILE F 327 20.57 -36.68 7.10
N PRO F 328 21.70 -37.36 7.38
CA PRO F 328 22.08 -37.63 8.78
C PRO F 328 22.44 -36.38 9.57
N ARG F 329 22.12 -36.40 10.87
CA ARG F 329 22.38 -35.31 11.81
C ARG F 329 23.59 -35.63 12.70
N SER F 330 24.08 -34.59 13.41
CA SER F 330 25.33 -34.71 14.18
C SER F 330 25.33 -33.78 15.39
N LEU F 331 26.26 -34.05 16.33
CA LEU F 331 26.43 -33.28 17.57
C LEU F 331 27.89 -32.93 17.81
N ASN F 332 28.11 -31.79 18.48
CA ASN F 332 29.45 -31.33 18.87
C ASN F 332 29.77 -31.79 20.28
N ILE F 333 30.93 -32.44 20.45
CA ILE F 333 31.37 -32.97 21.75
C ILE F 333 32.60 -32.19 22.22
N HIS F 334 32.63 -31.85 23.51
CA HIS F 334 33.76 -31.20 24.16
C HIS F 334 34.36 -32.13 25.20
N VAL F 335 35.68 -32.08 25.36
CA VAL F 335 36.43 -32.97 26.26
C VAL F 335 37.50 -32.16 26.99
N ASN F 336 37.58 -32.31 28.31
CA ASN F 336 38.57 -31.63 29.15
C ASN F 336 39.22 -32.62 30.12
N GLY F 337 40.41 -32.25 30.61
CA GLY F 337 41.09 -33.04 31.64
C GLY F 337 41.72 -34.33 31.12
N THR F 338 41.86 -35.32 32.02
CA THR F 338 42.48 -36.59 31.65
C THR F 338 41.69 -37.38 30.62
N LEU F 339 40.44 -37.01 30.34
CA LEU F 339 39.62 -37.68 29.34
C LEU F 339 40.06 -37.36 27.90
N VAL F 340 40.97 -36.41 27.71
CA VAL F 340 41.40 -35.98 26.37
C VAL F 340 42.06 -37.11 25.57
N ARG F 341 41.95 -37.00 24.23
CA ARG F 341 42.45 -37.96 23.22
C ARG F 341 42.02 -39.40 23.49
N SER F 342 40.77 -39.56 23.97
CA SER F 342 40.11 -40.86 24.05
C SER F 342 39.42 -41.24 22.75
N LEU F 343 38.72 -40.30 22.11
CA LEU F 343 37.96 -40.58 20.89
C LEU F 343 38.88 -40.62 19.67
N SER F 344 38.46 -41.34 18.63
CA SER F 344 39.19 -41.38 17.36
C SER F 344 38.21 -41.51 16.20
N PRO F 345 38.55 -40.99 15.00
CA PRO F 345 37.59 -41.04 13.88
C PRO F 345 37.33 -42.46 13.41
N GLY F 346 36.08 -42.72 13.00
CA GLY F 346 35.65 -44.04 12.58
C GLY F 346 35.21 -44.97 13.69
N ASP F 347 35.39 -44.60 14.96
CA ASP F 347 34.92 -45.43 16.08
C ASP F 347 33.39 -45.42 16.18
N ILE F 348 32.82 -46.59 16.49
CA ILE F 348 31.42 -46.73 16.92
C ILE F 348 31.46 -46.74 18.44
N VAL F 349 30.68 -45.86 19.09
CA VAL F 349 30.88 -45.64 20.53
C VAL F 349 29.60 -45.20 21.24
N ASP F 350 29.54 -45.51 22.54
CA ASP F 350 28.50 -45.05 23.48
C ASP F 350 29.11 -43.94 24.35
N VAL F 351 28.94 -42.68 23.92
CA VAL F 351 29.41 -41.54 24.70
C VAL F 351 28.32 -41.16 25.69
N THR F 352 28.72 -40.69 26.88
CA THR F 352 27.77 -40.18 27.86
C THR F 352 28.31 -38.88 28.44
N GLY F 353 27.40 -37.95 28.70
CA GLY F 353 27.81 -36.63 29.14
C GLY F 353 26.62 -35.74 29.45
N ILE F 354 26.93 -34.45 29.58
CA ILE F 354 25.94 -33.42 29.94
C ILE F 354 25.69 -32.58 28.69
N PHE F 355 24.40 -32.34 28.40
CA PHE F 355 23.96 -31.64 27.20
C PHE F 355 23.52 -30.22 27.58
N LEU F 356 24.16 -29.22 26.99
CA LEU F 356 24.10 -27.83 27.44
C LEU F 356 23.94 -26.86 26.27
N PRO F 357 23.47 -25.63 26.53
CA PRO F 357 23.52 -24.57 25.52
C PRO F 357 24.81 -23.76 25.59
N ALA F 358 25.05 -23.00 24.51
CA ALA F 358 26.24 -22.16 24.34
C ALA F 358 25.81 -20.70 24.15
N PRO F 359 25.76 -19.87 25.19
CA PRO F 359 25.25 -18.51 25.02
C PRO F 359 26.20 -17.61 24.24
N TYR F 360 25.61 -16.60 23.59
CA TYR F 360 26.37 -15.55 22.92
C TYR F 360 26.88 -14.54 23.94
N THR F 361 27.81 -13.68 23.49
CA THR F 361 28.49 -12.72 24.34
C THR F 361 28.51 -11.34 23.69
N GLY F 362 28.34 -10.31 24.51
CA GLY F 362 28.52 -8.93 24.05
C GLY F 362 27.44 -8.47 23.10
N PHE F 363 27.84 -7.62 22.15
CA PHE F 363 26.92 -7.00 21.20
C PHE F 363 26.21 -8.04 20.35
N LYS F 364 26.88 -9.16 20.08
CA LYS F 364 26.28 -10.25 19.30
C LYS F 364 25.02 -10.78 19.98
N ALA F 365 25.05 -10.90 21.31
CA ALA F 365 23.90 -11.42 22.05
C ALA F 365 22.67 -10.54 21.86
N LEU F 366 22.86 -9.23 21.75
CA LEU F 366 21.74 -8.31 21.67
C LEU F 366 20.91 -8.48 20.40
N LYS F 367 21.52 -9.02 19.34
CA LYS F 367 20.87 -9.16 18.04
C LYS F 367 21.01 -10.56 17.47
N ALA F 368 21.26 -11.56 18.31
CA ALA F 368 21.28 -12.97 17.89
C ALA F 368 19.91 -13.63 17.97
N GLY F 369 19.00 -13.08 18.77
CA GLY F 369 17.71 -13.71 19.00
C GLY F 369 17.80 -14.84 20.02
N LEU F 370 16.67 -15.54 20.18
CA LEU F 370 16.51 -16.54 21.22
C LEU F 370 16.93 -17.95 20.78
N LEU F 371 17.43 -18.14 19.56
CA LEU F 371 17.88 -19.44 19.10
C LEU F 371 19.28 -19.72 19.64
N THR F 372 19.44 -20.83 20.36
CA THR F 372 20.66 -21.17 21.07
C THR F 372 21.42 -22.31 20.40
N GLU F 373 22.73 -22.15 20.27
CA GLU F 373 23.63 -23.23 19.89
C GLU F 373 23.82 -24.20 21.08
N THR F 374 24.19 -25.45 20.80
CA THR F 374 24.25 -26.47 21.85
C THR F 374 25.35 -27.51 21.59
N TYR F 375 25.77 -28.21 22.65
CA TYR F 375 26.87 -29.17 22.60
C TYR F 375 26.80 -30.13 23.78
N LEU F 376 27.68 -31.14 23.79
CA LEU F 376 27.73 -32.19 24.82
C LEU F 376 29.08 -32.19 25.54
N GLU F 377 29.05 -32.05 26.87
CA GLU F 377 30.24 -32.17 27.72
C GLU F 377 30.50 -33.65 28.01
N ALA F 378 31.61 -34.20 27.52
CA ALA F 378 31.86 -35.62 27.75
C ALA F 378 32.23 -35.89 29.20
N GLN F 379 31.74 -37.03 29.72
CA GLN F 379 31.99 -37.51 31.08
C GLN F 379 32.56 -38.93 31.13
N PHE F 380 32.16 -39.81 30.21
CA PHE F 380 32.62 -41.19 30.18
C PHE F 380 32.34 -41.76 28.79
N VAL F 381 33.15 -42.75 28.38
CA VAL F 381 33.11 -43.30 27.02
C VAL F 381 33.21 -44.82 27.08
N ARG F 382 32.29 -45.51 26.41
CA ARG F 382 32.26 -46.97 26.31
C ARG F 382 32.35 -47.38 24.85
N GLN F 383 33.37 -48.17 24.51
CA GLN F 383 33.56 -48.69 23.16
C GLN F 383 32.86 -50.04 22.98
N HIS F 384 32.40 -50.32 21.75
CA HIS F 384 31.59 -51.52 21.50
C HIS F 384 32.44 -52.79 21.43
N LYS F 385 33.62 -52.69 20.83
CA LYS F 385 34.54 -53.81 20.62
C LYS F 385 35.90 -53.43 21.16
N LYS F 386 36.50 -54.29 21.99
CA LYS F 386 37.83 -54.01 22.50
C LYS F 386 38.88 -54.23 21.40
N LYS F 387 39.63 -53.19 21.07
CA LYS F 387 40.74 -53.34 20.12
C LYS F 387 41.79 -54.29 20.70
N PHE F 388 42.48 -55.03 19.82
CA PHE F 388 43.46 -56.00 20.28
C PHE F 388 44.61 -55.35 21.05
N ALA F 389 44.94 -54.08 20.75
CA ALA F 389 45.98 -53.37 21.48
C ALA F 389 45.61 -53.04 22.92
N SER F 390 44.31 -53.09 23.26
CA SER F 390 43.83 -52.77 24.60
C SER F 390 43.90 -53.95 25.58
N PHE F 391 44.42 -55.09 25.15
CA PHE F 391 44.42 -56.31 25.96
C PHE F 391 45.42 -56.25 27.12
N SER F 392 45.00 -56.71 28.29
CA SER F 392 45.90 -57.07 29.38
C SER F 392 45.30 -58.21 30.17
N LEU F 393 46.16 -59.13 30.64
CA LEU F 393 45.74 -60.41 31.20
C LEU F 393 45.41 -60.28 32.69
N THR F 394 44.27 -59.64 32.98
CA THR F 394 43.67 -59.74 34.31
C THR F 394 43.21 -61.17 34.56
N SER F 395 43.16 -61.55 35.85
CA SER F 395 42.78 -62.94 36.17
C SER F 395 41.34 -63.26 35.78
N ASP F 396 40.49 -62.25 35.58
CA ASP F 396 39.15 -62.47 35.05
C ASP F 396 39.21 -63.09 33.66
N VAL F 397 40.11 -62.59 32.80
CA VAL F 397 40.33 -63.15 31.47
C VAL F 397 41.07 -64.46 31.56
N GLU F 398 42.05 -64.53 32.47
CA GLU F 398 42.83 -65.76 32.70
C GLU F 398 41.93 -66.95 32.98
N GLU F 399 40.96 -66.75 33.87
CA GLU F 399 40.02 -67.81 34.25
C GLU F 399 39.26 -68.32 33.04
N ARG F 400 38.90 -67.43 32.11
CA ARG F 400 38.15 -67.86 30.93
C ARG F 400 39.03 -68.55 29.89
N VAL F 401 40.24 -68.04 29.64
CA VAL F 401 41.09 -68.73 28.66
C VAL F 401 41.50 -70.10 29.20
N MET F 402 41.56 -70.26 30.53
CA MET F 402 41.86 -71.57 31.08
C MET F 402 40.76 -72.58 30.77
N GLU F 403 39.51 -72.15 30.57
CA GLU F 403 38.46 -73.09 30.18
C GLU F 403 38.79 -73.72 28.83
N LEU F 404 39.12 -72.89 27.84
CA LEU F 404 39.46 -73.36 26.52
C LEU F 404 40.74 -74.20 26.54
N ILE F 405 41.74 -73.74 27.30
CA ILE F 405 43.03 -74.45 27.37
C ILE F 405 42.83 -75.84 27.98
N THR F 406 42.09 -75.92 29.10
CA THR F 406 41.87 -77.22 29.75
C THR F 406 40.98 -78.12 28.91
N SER F 407 40.00 -77.55 28.19
CA SER F 407 39.12 -78.36 27.36
C SER F 407 39.86 -79.02 26.19
N GLY F 408 40.80 -78.29 25.57
CA GLY F 408 41.65 -78.85 24.52
C GLY F 408 41.02 -78.86 23.13
N ASP F 409 41.87 -79.17 22.14
CA ASP F 409 41.52 -79.16 20.71
C ASP F 409 40.86 -77.85 20.28
N VAL F 410 41.50 -76.74 20.67
CA VAL F 410 40.96 -75.40 20.42
C VAL F 410 40.91 -75.05 18.92
N TYR F 411 41.84 -75.57 18.13
CA TYR F 411 41.88 -75.25 16.69
C TYR F 411 40.57 -75.64 16.01
N ASN F 412 40.14 -76.90 16.19
CA ASN F 412 38.90 -77.35 15.57
C ASN F 412 37.68 -76.65 16.16
N ARG F 413 37.62 -76.47 17.49
CA ARG F 413 36.46 -75.83 18.09
C ARG F 413 36.31 -74.38 17.61
N LEU F 414 37.41 -73.63 17.59
CA LEU F 414 37.35 -72.24 17.13
C LEU F 414 36.97 -72.16 15.65
N ALA F 415 37.53 -73.03 14.81
CA ALA F 415 37.17 -73.01 13.39
C ALA F 415 35.70 -73.37 13.18
N LYS F 416 35.22 -74.42 13.86
CA LYS F 416 33.81 -74.81 13.76
C LYS F 416 32.87 -73.71 14.26
N SER F 417 33.35 -72.87 15.19
CA SER F 417 32.51 -71.81 15.75
C SER F 417 32.33 -70.60 14.84
N ILE F 418 33.11 -70.47 13.76
CA ILE F 418 32.91 -69.36 12.82
C ILE F 418 31.67 -69.67 11.97
N ALA F 419 30.69 -68.76 11.99
CA ALA F 419 29.42 -68.83 11.25
C ALA F 419 28.78 -70.23 11.32
N PRO F 420 28.28 -70.65 12.49
CA PRO F 420 27.72 -72.02 12.60
C PRO F 420 26.52 -72.28 11.70
N GLU F 421 25.82 -71.25 11.24
CA GLU F 421 24.65 -71.43 10.38
C GLU F 421 25.02 -71.87 8.94
N ILE F 422 26.31 -72.00 8.61
CA ILE F 422 26.77 -72.47 7.29
C ILE F 422 27.34 -73.87 7.45
N TYR F 423 26.78 -74.80 6.68
CA TYR F 423 27.15 -76.22 6.69
C TYR F 423 28.49 -76.47 6.01
N GLY F 424 29.27 -77.40 6.56
CA GLY F 424 30.50 -77.86 5.93
C GLY F 424 31.57 -76.79 5.85
N ASN F 425 32.31 -76.79 4.74
CA ASN F 425 33.33 -75.78 4.42
C ASN F 425 34.41 -75.66 5.51
N LEU F 426 34.77 -76.76 6.18
CA LEU F 426 35.61 -76.68 7.36
C LEU F 426 37.02 -76.17 7.06
N ASP F 427 37.65 -76.62 5.96
CA ASP F 427 38.99 -76.15 5.65
C ASP F 427 39.03 -74.66 5.33
N VAL F 428 37.98 -74.15 4.66
CA VAL F 428 37.90 -72.71 4.40
C VAL F 428 37.86 -71.94 5.73
N LYS F 429 37.04 -72.43 6.68
CA LYS F 429 36.95 -71.77 7.98
C LYS F 429 38.29 -71.82 8.72
N LYS F 430 39.01 -72.94 8.62
CA LYS F 430 40.32 -73.03 9.27
C LYS F 430 41.31 -72.03 8.68
N ALA F 431 41.29 -71.88 7.36
CA ALA F 431 42.13 -70.87 6.70
C ALA F 431 41.76 -69.45 7.18
N LEU F 432 40.46 -69.16 7.29
CA LEU F 432 40.05 -67.83 7.72
C LEU F 432 40.37 -67.58 9.21
N LEU F 433 40.38 -68.63 10.04
CA LEU F 433 40.86 -68.44 11.41
C LEU F 433 42.33 -68.04 11.42
N LEU F 434 43.16 -68.71 10.60
CA LEU F 434 44.56 -68.29 10.53
C LEU F 434 44.72 -66.88 9.97
N LEU F 435 43.79 -66.44 9.11
CA LEU F 435 43.80 -65.04 8.69
C LEU F 435 43.57 -64.12 9.89
N LEU F 436 42.64 -64.49 10.78
CA LEU F 436 42.38 -63.64 11.94
C LEU F 436 43.61 -63.56 12.85
N VAL F 437 44.39 -64.64 12.97
CA VAL F 437 45.56 -64.60 13.85
C VAL F 437 46.75 -63.89 13.18
N GLY F 438 47.24 -64.40 12.04
CA GLY F 438 48.33 -63.76 11.30
C GLY F 438 49.73 -64.11 11.81
N GLY F 439 50.73 -63.85 10.95
CA GLY F 439 52.13 -64.19 11.21
C GLY F 439 52.84 -63.19 12.11
N VAL F 440 54.19 -63.25 12.11
CA VAL F 440 55.05 -62.41 12.97
C VAL F 440 55.75 -61.35 12.13
N ASP F 441 55.66 -60.09 12.54
CA ASP F 441 56.40 -58.99 11.89
C ASP F 441 57.90 -59.17 12.08
N LYS F 442 58.68 -58.87 11.03
CA LYS F 442 60.13 -59.02 11.07
C LYS F 442 60.86 -57.79 10.53
N ARG F 443 61.97 -57.44 11.18
CA ARG F 443 62.74 -56.23 10.90
C ARG F 443 64.23 -56.53 11.11
N VAL F 444 65.00 -56.57 10.01
CA VAL F 444 66.40 -57.00 10.03
C VAL F 444 67.30 -55.85 10.48
N GLY F 445 68.49 -56.19 10.99
CA GLY F 445 69.42 -55.22 11.56
C GLY F 445 69.90 -54.14 10.61
N ASP F 446 69.80 -54.34 9.29
CA ASP F 446 70.19 -53.31 8.32
C ASP F 446 69.04 -52.38 7.90
N GLY F 447 67.81 -52.65 8.35
CA GLY F 447 66.64 -51.82 8.05
C GLY F 447 65.62 -52.44 7.11
N MET F 448 65.87 -53.62 6.55
CA MET F 448 64.84 -54.31 5.77
C MET F 448 63.74 -54.83 6.69
N LYS F 449 62.47 -54.74 6.23
CA LYS F 449 61.32 -55.27 6.95
C LYS F 449 60.45 -56.12 6.04
N ILE F 450 59.77 -57.12 6.65
CA ILE F 450 59.04 -58.17 5.93
C ILE F 450 57.61 -58.24 6.47
N ARG F 451 56.64 -58.40 5.55
CA ARG F 451 55.21 -58.41 5.89
C ARG F 451 54.84 -59.55 6.84
N GLY F 452 54.07 -59.21 7.89
CA GLY F 452 53.50 -60.19 8.80
C GLY F 452 52.05 -60.60 8.49
N ASP F 453 51.27 -59.70 7.90
CA ASP F 453 49.87 -59.98 7.55
C ASP F 453 49.75 -61.12 6.53
N ILE F 454 48.59 -61.80 6.56
CA ILE F 454 48.24 -62.86 5.61
C ILE F 454 47.10 -62.35 4.71
N ASN F 455 47.19 -62.63 3.41
CA ASN F 455 46.16 -62.28 2.42
C ASN F 455 45.51 -63.55 1.88
N VAL F 456 44.16 -63.56 1.78
CA VAL F 456 43.40 -64.74 1.35
C VAL F 456 42.36 -64.36 0.29
N CYS F 457 42.09 -65.29 -0.64
CA CYS F 457 41.12 -65.10 -1.71
C CYS F 457 40.25 -66.34 -1.91
N LEU F 458 38.96 -66.12 -2.16
CA LEU F 458 37.98 -67.19 -2.40
C LEU F 458 37.49 -67.09 -3.85
N MET F 459 37.67 -68.16 -4.61
CA MET F 459 37.33 -68.21 -6.03
C MET F 459 36.35 -69.37 -6.24
N GLY F 460 35.14 -69.07 -6.70
CA GLY F 460 34.16 -70.15 -6.83
C GLY F 460 32.88 -69.78 -7.54
N ASP F 461 32.12 -70.82 -7.90
CA ASP F 461 30.81 -70.79 -8.54
C ASP F 461 29.79 -69.92 -7.81
N PRO F 462 28.71 -69.50 -8.46
CA PRO F 462 27.63 -68.80 -7.73
C PRO F 462 26.90 -69.73 -6.77
N GLY F 463 26.28 -69.12 -5.75
CA GLY F 463 25.51 -69.82 -4.73
C GLY F 463 26.22 -70.80 -3.82
N VAL F 464 27.45 -70.51 -3.36
CA VAL F 464 28.14 -71.39 -2.39
C VAL F 464 28.58 -70.60 -1.15
N ALA F 465 27.78 -69.61 -0.74
CA ALA F 465 27.93 -68.90 0.54
C ALA F 465 29.23 -68.12 0.66
N LYS F 466 29.80 -67.63 -0.46
CA LYS F 466 31.03 -66.85 -0.38
C LYS F 466 30.79 -65.49 0.29
N SER F 467 29.85 -64.71 -0.24
CA SER F 467 29.54 -63.40 0.34
C SER F 467 29.06 -63.55 1.79
N GLN F 468 28.27 -64.59 2.06
CA GLN F 468 27.74 -64.81 3.40
C GLN F 468 28.86 -65.08 4.40
N LEU F 469 29.80 -65.97 4.06
CA LEU F 469 30.91 -66.30 4.96
C LEU F 469 31.82 -65.10 5.18
N LEU F 470 32.11 -64.38 4.08
CA LEU F 470 32.91 -63.16 4.13
C LEU F 470 32.31 -62.12 5.08
N LYS F 471 31.01 -61.87 4.93
CA LYS F 471 30.34 -60.92 5.80
C LYS F 471 30.23 -61.42 7.24
N ALA F 472 30.28 -62.75 7.46
CA ALA F 472 30.29 -63.24 8.84
C ALA F 472 31.61 -62.91 9.54
N ILE F 473 32.73 -63.08 8.85
CA ILE F 473 34.03 -62.72 9.47
C ILE F 473 34.11 -61.22 9.73
N CYS F 474 33.37 -60.41 8.96
CA CYS F 474 33.36 -58.97 9.25
C CYS F 474 32.85 -58.62 10.67
N LYS F 475 32.12 -59.52 11.35
CA LYS F 475 31.63 -59.27 12.70
C LYS F 475 32.68 -59.52 13.78
N ILE F 476 33.53 -60.54 13.59
CA ILE F 476 34.47 -60.95 14.64
C ILE F 476 35.58 -59.91 14.82
N SER F 477 36.12 -59.36 13.72
CA SER F 477 37.31 -58.52 13.82
C SER F 477 37.00 -57.17 14.48
N PRO F 478 37.81 -56.69 15.45
CA PRO F 478 37.47 -55.41 16.12
C PRO F 478 37.63 -54.19 15.22
N ARG F 479 38.61 -54.19 14.32
CA ARG F 479 38.69 -53.21 13.23
C ARG F 479 38.51 -53.94 11.91
N GLY F 480 37.58 -53.46 11.08
CA GLY F 480 37.37 -54.04 9.77
C GLY F 480 36.38 -53.22 8.96
N VAL F 481 36.47 -53.38 7.62
CA VAL F 481 35.55 -52.72 6.70
C VAL F 481 35.17 -53.69 5.59
N TYR F 482 33.97 -53.51 5.04
CA TYR F 482 33.45 -54.31 3.93
C TYR F 482 33.22 -53.39 2.72
N THR F 483 33.58 -53.88 1.53
CA THR F 483 33.51 -53.10 0.30
C THR F 483 33.26 -54.06 -0.85
N THR F 484 32.65 -53.57 -1.94
CA THR F 484 32.38 -54.37 -3.13
C THR F 484 33.05 -53.75 -4.36
N GLY F 485 33.42 -54.60 -5.31
CA GLY F 485 34.24 -54.16 -6.44
C GLY F 485 33.62 -53.07 -7.30
N LYS F 486 32.30 -53.13 -7.54
CA LYS F 486 31.69 -52.15 -8.42
C LYS F 486 31.48 -50.79 -7.76
N GLY F 487 31.23 -50.75 -6.45
CA GLY F 487 30.97 -49.51 -5.73
C GLY F 487 32.18 -48.70 -5.31
N SER F 488 33.39 -49.04 -5.80
CA SER F 488 34.64 -48.58 -5.21
C SER F 488 35.59 -47.96 -6.25
N SER F 489 36.17 -46.80 -5.91
CA SER F 489 37.24 -46.16 -6.68
C SER F 489 38.59 -46.52 -6.08
N GLY F 490 39.58 -46.78 -6.94
CA GLY F 490 40.94 -47.02 -6.46
C GLY F 490 41.46 -45.91 -5.56
N VAL F 491 41.08 -44.66 -5.86
CA VAL F 491 41.40 -43.53 -4.99
C VAL F 491 40.72 -43.68 -3.63
N GLY F 492 39.38 -43.76 -3.62
CA GLY F 492 38.65 -43.86 -2.36
C GLY F 492 38.93 -45.14 -1.60
N LEU F 493 39.38 -46.18 -2.30
CA LEU F 493 39.85 -47.41 -1.66
C LEU F 493 41.18 -47.21 -0.94
N THR F 494 42.00 -46.23 -1.36
CA THR F 494 43.35 -46.04 -0.82
C THR F 494 43.52 -44.73 -0.07
N ALA F 495 43.40 -43.58 -0.74
CA ALA F 495 43.55 -42.25 -0.16
C ALA F 495 43.30 -41.19 -1.24
N ALA F 496 42.72 -40.05 -0.88
CA ALA F 496 42.31 -39.01 -1.84
C ALA F 496 42.87 -37.63 -1.45
N VAL F 497 43.17 -36.82 -2.46
CA VAL F 497 43.64 -35.44 -2.27
C VAL F 497 42.49 -34.53 -2.68
N MET F 498 41.68 -34.10 -1.71
CA MET F 498 40.48 -33.29 -1.98
C MET F 498 40.73 -31.81 -1.73
N LYS F 499 40.26 -30.98 -2.67
CA LYS F 499 40.19 -29.53 -2.54
C LYS F 499 38.96 -29.16 -1.71
N ASP F 500 38.89 -29.69 -0.49
CA ASP F 500 37.62 -29.74 0.25
C ASP F 500 37.14 -28.38 0.79
N PRO F 501 37.97 -27.57 1.45
CA PRO F 501 37.44 -26.32 2.04
C PRO F 501 37.10 -25.25 1.00
N VAL F 502 36.29 -24.28 1.44
CA VAL F 502 35.97 -23.10 0.62
C VAL F 502 37.20 -22.22 0.35
N THR F 503 38.27 -22.37 1.16
CA THR F 503 39.48 -21.56 1.08
C THR F 503 40.46 -22.01 -0.03
N ASP F 504 40.06 -22.92 -0.91
CA ASP F 504 40.88 -23.51 -1.99
C ASP F 504 42.09 -24.32 -1.47
N GLU F 505 42.11 -24.67 -0.18
CA GLU F 505 43.17 -25.51 0.37
C GLU F 505 43.04 -26.97 -0.10
N MET F 506 44.19 -27.65 -0.25
CA MET F 506 44.26 -29.07 -0.59
C MET F 506 44.54 -29.88 0.68
N ILE F 507 43.74 -30.92 0.92
CA ILE F 507 43.91 -31.77 2.10
C ILE F 507 43.80 -33.25 1.72
N LEU F 508 44.64 -34.06 2.36
CA LEU F 508 44.67 -35.50 2.15
C LEU F 508 43.66 -36.19 3.07
N GLU F 509 42.89 -37.14 2.54
CA GLU F 509 41.95 -37.92 3.35
C GLU F 509 42.00 -39.41 3.00
N GLY F 510 42.36 -40.22 3.99
CA GLY F 510 42.61 -41.63 3.75
C GLY F 510 41.36 -42.41 3.37
N GLY F 511 41.56 -43.47 2.59
CA GLY F 511 40.49 -44.32 2.09
C GLY F 511 40.22 -45.53 2.97
N ALA F 512 39.51 -46.51 2.39
CA ALA F 512 39.10 -47.71 3.12
C ALA F 512 40.29 -48.49 3.67
N LEU F 513 41.35 -48.66 2.88
CA LEU F 513 42.51 -49.42 3.35
C LEU F 513 43.25 -48.72 4.49
N VAL F 514 43.08 -47.41 4.66
CA VAL F 514 43.65 -46.72 5.83
C VAL F 514 42.74 -46.90 7.04
N LEU F 515 41.41 -46.83 6.85
CA LEU F 515 40.50 -47.06 7.97
C LEU F 515 40.62 -48.48 8.52
N ALA F 516 40.99 -49.44 7.66
CA ALA F 516 41.26 -50.82 8.07
C ALA F 516 42.71 -51.05 8.54
N ASP F 517 43.44 -49.99 8.90
CA ASP F 517 44.81 -50.12 9.41
C ASP F 517 44.84 -50.97 10.68
N ASN F 518 45.78 -51.92 10.74
CA ASN F 518 45.86 -52.96 11.78
C ASN F 518 44.61 -53.86 11.86
N GLY F 519 43.80 -53.91 10.79
CA GLY F 519 42.62 -54.77 10.72
C GLY F 519 42.48 -55.54 9.41
N ILE F 520 41.29 -56.09 9.15
CA ILE F 520 40.97 -56.84 7.94
C ILE F 520 40.16 -55.95 7.01
N CYS F 521 40.43 -56.04 5.71
CA CYS F 521 39.63 -55.37 4.68
C CYS F 521 38.99 -56.44 3.80
N CYS F 522 37.66 -56.41 3.69
CA CYS F 522 36.90 -57.38 2.92
C CYS F 522 36.46 -56.75 1.60
N ILE F 523 36.81 -57.38 0.48
CA ILE F 523 36.48 -56.87 -0.86
C ILE F 523 35.69 -57.96 -1.59
N ASP F 524 34.39 -57.74 -1.75
CA ASP F 524 33.51 -58.66 -2.45
C ASP F 524 33.40 -58.25 -3.93
N GLU F 525 33.00 -59.19 -4.78
CA GLU F 525 32.89 -58.95 -6.24
C GLU F 525 34.20 -58.42 -6.83
N PHE F 526 35.32 -59.03 -6.38
CA PHE F 526 36.66 -58.61 -6.80
C PHE F 526 36.87 -58.71 -8.32
N ASP F 527 36.12 -59.59 -8.99
CA ASP F 527 36.25 -59.75 -10.44
C ASP F 527 35.53 -58.65 -11.23
N LYS F 528 34.62 -57.88 -10.61
CA LYS F 528 33.93 -56.78 -11.30
C LYS F 528 34.70 -55.46 -11.27
N MET F 529 35.68 -55.33 -10.36
CA MET F 529 36.43 -54.10 -10.24
C MET F 529 37.34 -53.89 -11.46
N ASP F 530 37.49 -52.62 -11.87
CA ASP F 530 38.21 -52.32 -13.11
C ASP F 530 39.70 -52.66 -13.00
N GLU F 531 40.25 -53.19 -14.11
CA GLU F 531 41.65 -53.62 -14.16
C GLU F 531 42.63 -52.53 -13.77
N SER F 532 42.33 -51.28 -14.10
CA SER F 532 43.24 -50.19 -13.74
C SER F 532 43.16 -49.89 -12.24
N ASP F 533 41.94 -49.85 -11.68
CA ASP F 533 41.76 -49.55 -10.26
C ASP F 533 42.35 -50.62 -9.35
N ARG F 534 42.34 -51.90 -9.77
CA ARG F 534 42.91 -52.95 -8.92
C ARG F 534 44.41 -52.77 -8.69
N THR F 535 45.11 -52.07 -9.59
CA THR F 535 46.55 -51.86 -9.40
C THR F 535 46.87 -50.99 -8.20
N ALA F 536 45.92 -50.19 -7.70
CA ALA F 536 46.17 -49.36 -6.53
C ALA F 536 46.50 -50.20 -5.29
N ILE F 537 45.96 -51.42 -5.24
CA ILE F 537 46.13 -52.32 -4.10
C ILE F 537 47.55 -52.90 -4.00
N HIS F 538 48.33 -52.89 -5.10
CA HIS F 538 49.63 -53.57 -5.14
C HIS F 538 50.59 -53.10 -4.04
N GLU F 539 50.72 -51.79 -3.84
CA GLU F 539 51.66 -51.30 -2.83
C GLU F 539 51.22 -51.68 -1.42
N VAL F 540 49.92 -51.54 -1.13
CA VAL F 540 49.40 -51.81 0.21
C VAL F 540 49.56 -53.28 0.57
N MET F 541 49.35 -54.18 -0.40
CA MET F 541 49.34 -55.61 -0.09
C MET F 541 50.67 -56.11 0.44
N GLU F 542 51.78 -55.69 -0.17
CA GLU F 542 53.10 -56.19 0.21
C GLU F 542 53.86 -55.27 1.13
N GLN F 543 53.87 -53.95 0.87
CA GLN F 543 54.66 -53.02 1.68
C GLN F 543 53.89 -52.41 2.85
N GLN F 544 52.56 -52.59 2.91
CA GLN F 544 51.72 -52.08 4.01
C GLN F 544 51.84 -50.55 4.17
N THR F 545 52.01 -49.82 3.07
CA THR F 545 52.11 -48.36 3.11
C THR F 545 51.56 -47.79 1.80
N ILE F 546 51.31 -46.47 1.82
CA ILE F 546 50.73 -45.73 0.68
C ILE F 546 51.64 -44.54 0.43
N SER F 547 51.93 -44.24 -0.84
CA SER F 547 52.78 -43.11 -1.23
C SER F 547 52.06 -42.24 -2.25
N ILE F 548 51.96 -40.93 -1.95
CA ILE F 548 51.24 -39.98 -2.80
C ILE F 548 52.13 -38.77 -3.09
N SER F 549 52.10 -38.31 -4.34
CA SER F 549 52.82 -37.11 -4.80
C SER F 549 51.90 -36.35 -5.77
N LYS F 550 51.07 -35.45 -5.23
CA LYS F 550 50.06 -34.74 -6.02
C LYS F 550 50.12 -33.26 -5.64
N ALA F 551 49.23 -32.45 -6.23
CA ALA F 551 49.21 -30.99 -6.03
C ALA F 551 49.25 -30.61 -4.55
N GLY F 552 50.37 -30.00 -4.14
CA GLY F 552 50.57 -29.52 -2.79
C GLY F 552 50.76 -30.56 -1.70
N ILE F 553 50.79 -31.86 -2.03
CA ILE F 553 50.86 -32.93 -1.02
C ILE F 553 51.89 -33.96 -1.46
N ASN F 554 52.81 -34.31 -0.55
CA ASN F 554 53.86 -35.30 -0.83
C ASN F 554 54.22 -36.01 0.49
N THR F 555 53.54 -37.13 0.78
CA THR F 555 53.71 -37.85 2.06
C THR F 555 53.42 -39.34 1.89
N THR F 556 53.84 -40.14 2.88
CA THR F 556 53.53 -41.57 2.97
C THR F 556 52.67 -41.86 4.19
N LEU F 557 51.62 -42.68 4.01
CA LEU F 557 50.74 -43.11 5.09
C LEU F 557 50.99 -44.58 5.43
N ASN F 558 50.53 -44.98 6.63
CA ASN F 558 50.66 -46.35 7.11
C ASN F 558 49.37 -47.12 6.87
N ALA F 559 49.49 -48.33 6.31
CA ALA F 559 48.32 -49.18 6.04
C ALA F 559 48.70 -50.64 6.31
N ARG F 560 48.67 -51.01 7.59
CA ARG F 560 49.03 -52.36 8.05
C ARG F 560 47.79 -53.26 8.05
N THR F 561 47.29 -53.56 6.85
CA THR F 561 46.00 -54.21 6.69
C THR F 561 46.11 -55.50 5.87
N SER F 562 45.34 -56.52 6.27
CA SER F 562 45.25 -57.81 5.60
C SER F 562 43.98 -57.84 4.77
N ILE F 563 44.07 -58.33 3.52
CA ILE F 563 42.95 -58.29 2.57
C ILE F 563 42.35 -59.68 2.41
N LEU F 564 41.02 -59.72 2.39
CA LEU F 564 40.22 -60.91 2.11
C LEU F 564 39.30 -60.57 0.94
N ALA F 565 39.33 -61.39 -0.12
CA ALA F 565 38.58 -61.08 -1.34
C ALA F 565 37.83 -62.31 -1.89
N ALA F 566 36.75 -62.04 -2.66
CA ALA F 566 35.89 -63.07 -3.22
C ALA F 566 35.54 -62.78 -4.69
N ALA F 567 35.50 -63.82 -5.52
CA ALA F 567 35.26 -63.67 -6.95
C ALA F 567 34.61 -64.91 -7.56
N ASN F 568 33.93 -64.71 -8.73
CA ASN F 568 33.50 -65.81 -9.60
C ASN F 568 34.54 -66.02 -10.72
N PRO F 569 34.83 -67.26 -11.18
CA PRO F 569 35.66 -67.46 -12.37
C PRO F 569 35.14 -66.77 -13.62
N LEU F 570 35.98 -66.74 -14.66
CA LEU F 570 35.56 -66.22 -15.97
C LEU F 570 34.36 -67.00 -16.50
N TYR F 571 33.44 -66.30 -17.16
CA TYR F 571 32.15 -66.82 -17.63
C TYR F 571 31.20 -67.22 -16.51
N GLY F 572 31.48 -66.85 -15.26
CA GLY F 572 30.63 -67.22 -14.13
C GLY F 572 30.97 -68.59 -13.57
N ARG F 573 30.12 -69.59 -13.83
CA ARG F 573 30.38 -70.95 -13.38
C ARG F 573 31.68 -71.47 -14.02
N TYR F 574 32.52 -72.13 -13.19
CA TYR F 574 33.82 -72.64 -13.63
C TYR F 574 33.68 -73.56 -14.84
N ASN F 575 34.59 -73.41 -15.81
CA ASN F 575 34.54 -74.14 -17.08
C ASN F 575 35.63 -75.20 -17.13
N PRO F 576 35.32 -76.52 -17.09
CA PRO F 576 36.39 -77.54 -17.12
C PRO F 576 37.13 -77.68 -18.45
N ARG F 577 36.66 -77.05 -19.53
CA ARG F 577 37.35 -77.17 -20.81
C ARG F 577 38.72 -76.48 -20.81
N LEU F 578 38.91 -75.49 -19.95
CA LEU F 578 40.12 -74.66 -19.91
C LEU F 578 40.99 -75.03 -18.69
N SER F 579 42.17 -74.43 -18.62
CA SER F 579 43.06 -74.66 -17.48
C SER F 579 42.60 -73.82 -16.28
N PRO F 580 43.10 -74.12 -15.06
CA PRO F 580 42.73 -73.26 -13.91
C PRO F 580 43.14 -71.81 -14.09
N LEU F 581 44.28 -71.57 -14.72
CA LEU F 581 44.76 -70.21 -14.91
C LEU F 581 43.86 -69.43 -15.87
N ASP F 582 43.29 -70.09 -16.89
CA ASP F 582 42.34 -69.42 -17.77
C ASP F 582 41.07 -69.01 -17.03
N ASN F 583 40.60 -69.89 -16.13
CA ASN F 583 39.38 -69.61 -15.37
C ASN F 583 39.61 -68.50 -14.34
N ILE F 584 40.77 -68.54 -13.68
CA ILE F 584 41.08 -67.59 -12.61
C ILE F 584 41.16 -66.16 -13.15
N ASN F 585 41.89 -65.96 -14.26
CA ASN F 585 41.95 -64.68 -14.97
C ASN F 585 42.43 -63.52 -14.08
N LEU F 586 43.57 -63.74 -13.39
CA LEU F 586 44.28 -62.71 -12.63
C LEU F 586 45.72 -62.57 -13.14
N PRO F 587 46.31 -61.36 -13.15
CA PRO F 587 47.72 -61.24 -13.55
C PRO F 587 48.67 -61.84 -12.51
N ALA F 588 49.85 -62.21 -12.99
CA ALA F 588 50.83 -62.93 -12.18
C ALA F 588 51.26 -62.14 -10.95
N ALA F 589 51.48 -60.82 -11.10
CA ALA F 589 51.96 -60.02 -9.98
C ALA F 589 50.94 -59.91 -8.85
N LEU F 590 49.64 -60.01 -9.16
CA LEU F 590 48.58 -59.93 -8.16
C LEU F 590 48.25 -61.30 -7.59
N LEU F 591 48.22 -62.33 -8.44
CA LEU F 591 47.96 -63.70 -7.99
C LEU F 591 49.00 -64.17 -6.98
N SER F 592 50.23 -63.63 -7.06
CA SER F 592 51.29 -64.00 -6.13
C SER F 592 51.11 -63.34 -4.75
N ARG F 593 50.40 -62.21 -4.66
CA ARG F 593 50.32 -61.46 -3.41
C ARG F 593 49.34 -62.07 -2.40
N PHE F 594 48.46 -62.99 -2.82
CA PHE F 594 47.64 -63.77 -1.90
C PHE F 594 48.43 -64.96 -1.36
N ASP F 595 48.43 -65.13 -0.03
CA ASP F 595 49.11 -66.29 0.56
C ASP F 595 48.35 -67.58 0.30
N ILE F 596 47.01 -67.53 0.26
CA ILE F 596 46.17 -68.68 -0.06
C ILE F 596 45.08 -68.21 -1.02
N LEU F 597 44.84 -68.99 -2.06
CA LEU F 597 43.68 -68.81 -2.95
C LEU F 597 42.93 -70.13 -2.95
N PHE F 598 41.67 -70.09 -2.48
CA PHE F 598 40.87 -71.30 -2.32
C PHE F 598 39.88 -71.41 -3.46
N LEU F 599 39.84 -72.58 -4.09
CA LEU F 599 38.99 -72.85 -5.25
C LEU F 599 37.86 -73.79 -4.83
N MET F 600 36.62 -73.33 -4.94
CA MET F 600 35.45 -74.06 -4.45
C MET F 600 34.38 -74.14 -5.53
N LEU F 601 33.96 -75.37 -5.86
CA LEU F 601 33.08 -75.67 -6.99
C LEU F 601 31.78 -76.33 -6.52
N ASP F 602 30.67 -76.04 -7.22
CA ASP F 602 29.34 -76.54 -6.88
C ASP F 602 28.98 -77.74 -7.77
N ILE F 603 29.24 -78.94 -7.29
CA ILE F 603 29.04 -80.19 -8.04
C ILE F 603 27.90 -80.97 -7.40
N PRO F 604 26.79 -81.27 -8.12
CA PRO F 604 25.65 -81.97 -7.49
C PRO F 604 25.97 -83.37 -6.97
N SER F 605 25.21 -83.77 -5.95
CA SER F 605 25.31 -85.11 -5.33
C SER F 605 24.06 -85.34 -4.51
N ARG F 606 23.30 -86.39 -4.83
CA ARG F 606 22.03 -86.66 -4.15
C ARG F 606 22.22 -86.80 -2.64
N ASP F 607 23.35 -87.38 -2.23
CA ASP F 607 23.65 -87.61 -0.82
C ASP F 607 24.00 -86.30 -0.10
N ASP F 608 24.91 -85.51 -0.65
CA ASP F 608 25.34 -84.28 0.04
C ASP F 608 24.26 -83.21 -0.02
N ASP F 609 23.53 -83.13 -1.13
CA ASP F 609 22.45 -82.14 -1.26
C ASP F 609 21.38 -82.39 -0.22
N GLU F 610 21.08 -83.65 0.06
CA GLU F 610 20.06 -83.99 1.06
C GLU F 610 20.49 -83.52 2.45
N LYS F 611 21.75 -83.78 2.83
CA LYS F 611 22.25 -83.36 4.14
C LYS F 611 22.25 -81.85 4.28
N LEU F 612 22.70 -81.12 3.24
CA LEU F 612 22.69 -79.66 3.29
C LEU F 612 21.27 -79.14 3.44
N ALA F 613 20.33 -79.69 2.66
CA ALA F 613 18.95 -79.23 2.73
C ALA F 613 18.34 -79.48 4.11
N GLU F 614 18.63 -80.64 4.71
CA GLU F 614 18.11 -80.91 6.04
C GLU F 614 18.67 -79.93 7.08
N HIS F 615 19.94 -79.55 6.93
CA HIS F 615 20.56 -78.58 7.86
C HIS F 615 19.92 -77.19 7.71
N VAL F 616 19.82 -76.70 6.47
CA VAL F 616 19.28 -75.36 6.21
C VAL F 616 17.82 -75.27 6.63
N THR F 617 17.01 -76.30 6.32
CA THR F 617 15.60 -76.26 6.69
C THR F 617 15.43 -76.21 8.22
N TYR F 618 16.29 -76.96 8.94
CA TYR F 618 16.25 -76.86 10.41
C TYR F 618 16.53 -75.42 10.87
N VAL F 619 17.54 -74.78 10.27
CA VAL F 619 17.90 -73.42 10.69
C VAL F 619 16.75 -72.45 10.45
N HIS F 620 16.07 -72.59 9.30
CA HIS F 620 14.90 -71.73 9.05
C HIS F 620 13.77 -72.01 10.04
N MET F 621 13.66 -73.24 10.52
CA MET F 621 12.59 -73.60 11.46
C MET F 621 12.84 -73.06 12.88
N HIS F 622 14.10 -73.09 13.35
CA HIS F 622 14.39 -72.83 14.77
C HIS F 622 15.24 -71.60 15.08
N ASN F 623 15.83 -70.93 14.08
CA ASN F 623 16.82 -69.86 14.25
C ASN F 623 18.11 -70.35 14.93
N LYS F 624 18.32 -71.67 15.04
CA LYS F 624 19.49 -72.24 15.69
C LYS F 624 20.11 -73.29 14.79
N GLN F 625 21.44 -73.37 14.83
CA GLN F 625 22.14 -74.43 14.12
C GLN F 625 21.79 -75.78 14.75
N PRO F 626 21.62 -76.85 13.96
CA PRO F 626 21.28 -78.15 14.57
C PRO F 626 22.49 -78.73 15.28
N ASP F 627 22.26 -79.17 16.52
CA ASP F 627 23.35 -79.69 17.34
C ASP F 627 22.86 -80.80 18.25
N LEU F 628 23.79 -81.84 18.37
CA LEU F 628 23.81 -83.17 19.04
C LEU F 628 25.07 -83.36 19.89
N ASP F 629 26.21 -82.83 19.42
CA ASP F 629 27.53 -82.99 20.03
C ASP F 629 28.26 -81.67 20.27
N PHE F 630 28.16 -80.71 19.34
CA PHE F 630 29.06 -79.56 19.27
C PHE F 630 28.39 -78.28 19.81
N THR F 631 29.06 -77.62 20.76
CA THR F 631 28.65 -76.30 21.28
C THR F 631 29.65 -75.25 20.81
N PRO F 632 29.30 -74.27 19.96
CA PRO F 632 30.28 -73.24 19.57
C PRO F 632 30.64 -72.32 20.72
N VAL F 633 31.88 -71.82 20.73
CA VAL F 633 32.22 -70.76 21.67
C VAL F 633 31.61 -69.46 21.17
N GLU F 634 31.10 -68.66 22.10
CA GLU F 634 30.48 -67.39 21.75
C GLU F 634 31.54 -66.41 21.23
N PRO F 635 31.14 -65.40 20.43
CA PRO F 635 32.14 -64.48 19.84
C PRO F 635 32.99 -63.73 20.86
N SER F 636 32.46 -63.41 22.04
CA SER F 636 33.22 -62.65 23.03
C SER F 636 34.41 -63.45 23.55
N LYS F 637 34.16 -64.69 23.99
CA LYS F 637 35.25 -65.53 24.48
C LYS F 637 36.22 -65.87 23.36
N MET F 638 35.71 -66.00 22.13
CA MET F 638 36.57 -66.18 20.96
C MET F 638 37.51 -64.99 20.77
N ARG F 639 36.98 -63.76 20.88
CA ARG F 639 37.84 -62.58 20.78
C ARG F 639 38.89 -62.55 21.88
N GLU F 640 38.51 -62.93 23.11
CA GLU F 640 39.49 -62.94 24.19
C GLU F 640 40.63 -63.92 23.89
N TYR F 641 40.28 -65.12 23.41
CA TYR F 641 41.33 -66.10 23.09
C TYR F 641 42.23 -65.62 21.96
N ILE F 642 41.64 -65.08 20.88
CA ILE F 642 42.46 -64.61 19.76
C ILE F 642 43.34 -63.44 20.20
N ALA F 643 42.78 -62.51 20.98
CA ALA F 643 43.56 -61.35 21.43
C ALA F 643 44.73 -61.78 22.30
N TYR F 644 44.51 -62.77 23.18
CA TYR F 644 45.60 -63.29 23.99
C TYR F 644 46.64 -63.97 23.10
N ALA F 645 46.20 -64.67 22.04
CA ALA F 645 47.11 -65.43 21.19
C ALA F 645 47.97 -64.53 20.29
N LYS F 646 47.57 -63.28 20.06
CA LYS F 646 48.31 -62.38 19.17
C LYS F 646 49.46 -61.64 19.87
N THR F 647 50.02 -62.21 20.94
CA THR F 647 51.07 -61.59 21.74
C THR F 647 52.35 -62.42 21.85
N LYS F 648 52.45 -63.54 21.12
CA LYS F 648 53.37 -64.61 21.52
C LYS F 648 54.73 -64.57 20.80
N ARG F 649 54.76 -64.24 19.51
CA ARG F 649 55.98 -64.21 18.70
C ARG F 649 56.82 -65.51 18.76
N PRO F 650 56.26 -66.65 18.32
CA PRO F 650 57.03 -67.92 18.36
C PRO F 650 58.16 -67.95 17.32
N VAL F 651 59.35 -68.43 17.75
CA VAL F 651 60.56 -68.48 16.94
C VAL F 651 60.70 -69.84 16.25
N MET F 652 61.43 -69.85 15.13
CA MET F 652 61.73 -71.09 14.39
C MET F 652 62.93 -71.80 15.03
N SER F 653 63.28 -72.97 14.49
CA SER F 653 64.44 -73.74 14.94
C SER F 653 65.05 -74.45 13.75
N GLU F 654 66.29 -74.93 13.93
CA GLU F 654 67.06 -75.49 12.83
C GLU F 654 66.40 -76.74 12.26
N ALA F 655 65.88 -77.61 13.14
CA ALA F 655 65.20 -78.82 12.70
C ALA F 655 64.02 -78.51 11.79
N VAL F 656 63.26 -77.47 12.14
CA VAL F 656 62.14 -77.03 11.31
C VAL F 656 62.63 -76.39 10.01
N ASN F 657 63.69 -75.58 10.12
CA ASN F 657 64.22 -74.87 8.96
C ASN F 657 64.66 -75.83 7.86
N ASP F 658 65.34 -76.92 8.22
CA ASP F 658 65.77 -77.90 7.23
C ASP F 658 64.58 -78.47 6.47
N TYR F 659 63.52 -78.80 7.21
CA TYR F 659 62.32 -79.39 6.60
C TYR F 659 61.67 -78.44 5.60
N VAL F 660 61.45 -77.18 5.99
CA VAL F 660 60.79 -76.26 5.04
C VAL F 660 61.70 -75.93 3.87
N VAL F 661 63.02 -75.81 4.11
CA VAL F 661 63.98 -75.57 3.02
C VAL F 661 63.87 -76.68 1.99
N GLN F 662 63.77 -77.94 2.44
CA GLN F 662 63.67 -79.04 1.49
C GLN F 662 62.33 -79.09 0.79
N ALA F 663 61.25 -78.67 1.47
CA ALA F 663 59.92 -78.65 0.84
C ALA F 663 59.87 -77.66 -0.34
N TYR F 664 60.50 -76.49 -0.15
CA TYR F 664 60.44 -75.42 -1.15
C TYR F 664 61.03 -75.85 -2.51
N ILE F 665 62.15 -76.59 -2.49
CA ILE F 665 62.78 -77.07 -3.72
C ILE F 665 61.80 -77.91 -4.52
N ARG F 666 61.11 -78.82 -3.84
CA ARG F 666 60.16 -79.71 -4.50
C ARG F 666 59.05 -78.93 -5.18
N LEU F 667 58.54 -77.90 -4.50
CA LEU F 667 57.48 -77.08 -5.11
C LEU F 667 57.95 -76.43 -6.42
N ARG F 668 59.16 -75.87 -6.44
CA ARG F 668 59.60 -75.21 -7.68
C ARG F 668 59.92 -76.23 -8.78
N GLN F 669 60.50 -77.39 -8.44
CA GLN F 669 60.75 -78.41 -9.46
C GLN F 669 59.44 -78.91 -10.08
N ASP F 670 58.44 -79.18 -9.25
CA ASP F 670 57.14 -79.62 -9.75
C ASP F 670 56.50 -78.54 -10.63
N SER F 671 56.64 -77.27 -10.24
CA SER F 671 56.11 -76.19 -11.07
C SER F 671 56.77 -76.16 -12.44
N LYS F 672 58.10 -76.27 -12.48
CA LYS F 672 58.82 -76.23 -13.75
C LYS F 672 58.41 -77.38 -14.66
N ARG F 673 58.22 -78.58 -14.09
CA ARG F 673 57.84 -79.73 -14.88
C ARG F 673 56.50 -79.53 -15.60
N GLU F 674 55.55 -78.84 -14.96
CA GLU F 674 54.15 -78.85 -15.37
C GLU F 674 53.61 -77.49 -15.83
N MET F 675 54.47 -76.51 -16.16
CA MET F 675 53.99 -75.23 -16.70
C MET F 675 53.15 -75.39 -17.98
N ASP F 676 53.34 -76.48 -18.71
CA ASP F 676 52.57 -76.82 -19.91
C ASP F 676 51.21 -77.44 -19.61
N SER F 677 51.05 -78.01 -18.42
CA SER F 677 50.01 -78.99 -18.12
C SER F 677 48.65 -78.36 -17.79
N LYS F 678 47.59 -79.17 -18.00
CA LYS F 678 46.25 -78.75 -17.57
C LYS F 678 46.17 -78.52 -16.06
N PHE F 679 47.00 -79.21 -15.28
CA PHE F 679 47.04 -79.05 -13.83
C PHE F 679 47.94 -77.89 -13.35
N SER F 680 48.31 -76.95 -14.23
CA SER F 680 49.16 -75.82 -13.87
C SER F 680 48.39 -74.72 -13.14
N PHE F 681 49.11 -73.98 -12.28
CA PHE F 681 48.58 -72.82 -11.55
C PHE F 681 49.61 -71.67 -11.52
N GLY F 682 50.44 -71.55 -12.54
CA GLY F 682 51.57 -70.62 -12.52
C GLY F 682 52.79 -71.22 -11.81
N GLN F 683 53.78 -70.36 -11.54
CA GLN F 683 55.10 -70.77 -11.06
C GLN F 683 55.34 -70.30 -9.62
N ALA F 684 55.93 -71.16 -8.80
CA ALA F 684 56.19 -70.85 -7.39
C ALA F 684 57.36 -69.86 -7.24
N THR F 685 57.06 -68.65 -6.75
CA THR F 685 58.06 -67.60 -6.51
C THR F 685 58.61 -67.69 -5.09
N PRO F 686 59.63 -66.88 -4.74
CA PRO F 686 60.07 -66.84 -3.33
C PRO F 686 59.00 -66.39 -2.34
N ARG F 687 57.95 -65.68 -2.78
CA ARG F 687 56.87 -65.32 -1.86
C ARG F 687 56.05 -66.52 -1.40
N THR F 688 56.22 -67.70 -2.01
CA THR F 688 55.54 -68.90 -1.53
C THR F 688 56.25 -69.56 -0.35
N LEU F 689 57.56 -69.33 -0.20
CA LEU F 689 58.29 -69.81 0.97
C LEU F 689 57.82 -69.08 2.23
N LEU F 690 57.81 -67.75 2.16
CA LEU F 690 57.41 -66.95 3.32
C LEU F 690 55.94 -67.15 3.67
N GLY F 691 55.11 -67.53 2.70
CA GLY F 691 53.74 -67.89 3.01
C GLY F 691 53.67 -69.09 3.93
N ILE F 692 54.49 -70.11 3.66
CA ILE F 692 54.56 -71.27 4.53
C ILE F 692 55.02 -70.87 5.93
N ILE F 693 56.03 -70.00 6.01
CA ILE F 693 56.50 -69.58 7.35
C ILE F 693 55.38 -68.85 8.10
N ARG F 694 54.64 -67.95 7.42
CA ARG F 694 53.58 -67.19 8.10
C ARG F 694 52.46 -68.11 8.59
N LEU F 695 52.00 -69.05 7.76
CA LEU F 695 50.94 -69.96 8.18
C LEU F 695 51.40 -70.83 9.35
N SER F 696 52.65 -71.31 9.29
CA SER F 696 53.20 -72.11 10.38
C SER F 696 53.23 -71.33 11.69
N GLN F 697 53.67 -70.07 11.64
CA GLN F 697 53.74 -69.27 12.87
C GLN F 697 52.35 -68.94 13.41
N ALA F 698 51.35 -68.74 12.55
CA ALA F 698 49.99 -68.55 13.04
C ALA F 698 49.50 -69.78 13.80
N LEU F 699 49.76 -70.97 13.25
CA LEU F 699 49.39 -72.20 13.95
C LEU F 699 50.11 -72.30 15.29
N ALA F 700 51.39 -71.90 15.34
CA ALA F 700 52.11 -71.92 16.61
C ALA F 700 51.50 -70.93 17.62
N LYS F 701 51.01 -69.78 17.14
CA LYS F 701 50.37 -68.83 18.05
C LYS F 701 49.10 -69.42 18.67
N LEU F 702 48.27 -70.10 17.87
CA LEU F 702 46.99 -70.56 18.39
C LEU F 702 47.14 -71.60 19.51
N ARG F 703 48.21 -72.40 19.49
CA ARG F 703 48.51 -73.31 20.60
C ARG F 703 49.34 -72.64 21.72
N LEU F 704 49.44 -71.30 21.71
CA LEU F 704 50.08 -70.49 22.77
C LEU F 704 51.52 -70.91 23.04
N ALA F 705 52.21 -71.40 22.02
CA ALA F 705 53.60 -71.82 22.13
C ALA F 705 54.55 -70.64 21.93
N ASP F 706 55.82 -70.87 22.29
CA ASP F 706 56.91 -69.94 22.05
C ASP F 706 57.95 -70.51 21.09
N MET F 707 57.53 -71.46 20.25
CA MET F 707 58.46 -72.23 19.43
C MET F 707 57.65 -72.90 18.33
N VAL F 708 58.04 -72.69 17.06
CA VAL F 708 57.39 -73.39 15.96
C VAL F 708 57.82 -74.85 15.99
N ASP F 709 56.88 -75.74 15.69
CA ASP F 709 57.07 -77.18 15.67
C ASP F 709 56.80 -77.71 14.28
N ILE F 710 57.45 -78.83 13.94
CA ILE F 710 57.27 -79.46 12.63
C ILE F 710 55.81 -79.88 12.43
N ASP F 711 55.12 -80.20 13.53
CA ASP F 711 53.69 -80.45 13.51
C ASP F 711 52.92 -79.29 12.90
N ASP F 712 53.39 -78.05 13.12
CA ASP F 712 52.76 -76.89 12.51
C ASP F 712 53.05 -76.83 11.01
N VAL F 713 54.28 -77.16 10.61
CA VAL F 713 54.68 -77.02 9.21
C VAL F 713 53.89 -77.99 8.34
N GLU F 714 53.73 -79.24 8.78
CA GLU F 714 53.02 -80.19 7.92
C GLU F 714 51.54 -79.80 7.77
N GLU F 715 50.94 -79.23 8.82
CA GLU F 715 49.58 -78.72 8.69
C GLU F 715 49.53 -77.54 7.72
N ALA F 716 50.52 -76.65 7.81
CA ALA F 716 50.57 -75.50 6.91
C ALA F 716 50.71 -75.93 5.46
N LEU F 717 51.40 -77.05 5.22
CA LEU F 717 51.51 -77.56 3.85
C LEU F 717 50.22 -78.23 3.40
N ARG F 718 49.58 -78.99 4.30
CA ARG F 718 48.28 -79.61 3.97
C ARG F 718 47.25 -78.56 3.61
N LEU F 719 47.16 -77.50 4.41
CA LEU F 719 46.17 -76.45 4.18
C LEU F 719 46.38 -75.75 2.85
N VAL F 720 47.62 -75.74 2.33
CA VAL F 720 47.88 -75.17 1.00
C VAL F 720 47.53 -76.18 -0.08
N ARG F 721 47.78 -77.47 0.17
CA ARG F 721 47.50 -78.51 -0.81
C ARG F 721 46.00 -78.66 -1.07
N VAL F 722 45.18 -78.60 -0.02
CA VAL F 722 43.74 -78.87 -0.13
C VAL F 722 43.03 -77.86 -1.05
N SER F 723 43.57 -76.64 -1.19
CA SER F 723 42.93 -75.60 -2.00
C SER F 723 42.70 -76.02 -3.46
N LYS F 724 43.52 -76.94 -3.97
CA LYS F 724 43.45 -77.34 -5.38
C LYS F 724 42.62 -78.61 -5.63
N GLU F 725 42.18 -79.33 -4.57
CA GLU F 725 41.53 -80.62 -4.78
C GLU F 725 40.16 -80.52 -5.43
N SER F 726 39.50 -79.35 -5.40
CA SER F 726 38.21 -79.18 -6.06
C SER F 726 38.27 -79.44 -7.57
N LEU F 727 39.46 -79.30 -8.17
CA LEU F 727 39.64 -79.57 -9.59
C LEU F 727 39.42 -81.04 -9.94
N TYR F 728 39.48 -81.95 -8.96
CA TYR F 728 39.40 -83.39 -9.18
C TYR F 728 38.07 -83.97 -8.69
N GLN F 729 36.99 -83.19 -8.78
CA GLN F 729 35.60 -83.62 -8.57
C GLN F 729 35.37 -84.34 -7.24
N MET G 1 -38.85 2.64 2.38
CA MET G 1 -38.16 1.34 2.63
C MET G 1 -39.20 0.28 2.97
N PHE G 2 -38.82 -0.99 2.83
CA PHE G 2 -39.78 -2.08 2.79
C PHE G 2 -39.91 -2.66 4.20
N ARG G 3 -41.11 -3.17 4.51
CA ARG G 3 -41.37 -3.66 5.86
C ARG G 3 -42.46 -4.72 5.84
N GLN G 4 -42.33 -5.68 6.77
CA GLN G 4 -43.33 -6.73 6.99
C GLN G 4 -44.06 -6.45 8.29
N SER G 5 -45.37 -6.69 8.29
CA SER G 5 -46.21 -6.53 9.48
C SER G 5 -46.13 -5.13 10.06
N SER G 44 -49.27 -27.93 33.25
CA SER G 44 -49.85 -26.60 33.05
C SER G 44 -48.84 -25.66 32.39
N GLU G 45 -49.25 -25.07 31.26
CA GLU G 45 -48.38 -24.17 30.51
C GLU G 45 -47.98 -22.95 31.35
N GLU G 46 -48.90 -22.46 32.19
CA GLU G 46 -48.63 -21.25 32.96
C GLU G 46 -47.49 -21.47 33.94
N GLU G 47 -47.42 -22.66 34.54
CA GLU G 47 -46.32 -22.98 35.46
C GLU G 47 -44.97 -22.97 34.74
N LYS G 48 -44.93 -23.57 33.55
CA LYS G 48 -43.70 -23.60 32.77
C LYS G 48 -43.26 -22.19 32.39
N LYS G 49 -44.22 -21.36 31.97
CA LYS G 49 -43.89 -19.97 31.65
C LYS G 49 -43.42 -19.21 32.88
N LEU G 50 -44.01 -19.52 34.04
CA LEU G 50 -43.62 -18.86 35.28
C LEU G 50 -42.16 -19.15 35.61
N TYR G 51 -41.75 -20.42 35.50
CA TYR G 51 -40.36 -20.73 35.86
C TYR G 51 -39.37 -20.28 34.79
N ALA G 52 -39.80 -20.24 33.52
CA ALA G 52 -38.97 -19.60 32.50
C ALA G 52 -38.74 -18.13 32.83
N ARG G 53 -39.79 -17.44 33.26
CA ARG G 53 -39.66 -16.04 33.67
C ARG G 53 -38.76 -15.91 34.90
N LEU G 54 -38.92 -16.81 35.87
CA LEU G 54 -38.17 -16.69 37.12
C LEU G 54 -36.68 -16.93 36.93
N TYR G 55 -36.30 -17.74 35.94
CA TYR G 55 -34.89 -18.05 35.69
C TYR G 55 -34.34 -17.41 34.42
N GLU G 56 -35.06 -16.47 33.79
CA GLU G 56 -34.48 -15.66 32.73
C GLU G 56 -33.29 -14.86 33.25
N SER G 57 -33.37 -14.36 34.49
CA SER G 57 -32.27 -13.64 35.11
C SER G 57 -31.16 -14.56 35.62
N LYS G 58 -31.35 -15.89 35.59
CA LYS G 58 -30.45 -16.96 36.04
C LYS G 58 -30.32 -17.08 37.55
N LEU G 59 -30.66 -16.04 38.30
CA LEU G 59 -30.80 -16.06 39.75
C LEU G 59 -32.17 -15.50 40.07
N SER G 60 -32.65 -15.81 41.26
CA SER G 60 -33.91 -15.29 41.73
C SER G 60 -33.79 -14.98 43.21
N PHE G 61 -34.55 -13.99 43.64
CA PHE G 61 -34.83 -13.80 45.06
C PHE G 61 -35.85 -14.82 45.59
N TYR G 62 -36.33 -15.75 44.76
CA TYR G 62 -37.28 -16.78 45.16
C TYR G 62 -38.58 -16.15 45.64
N ASP G 63 -39.21 -15.43 44.71
CA ASP G 63 -40.13 -14.35 45.05
C ASP G 63 -41.58 -14.78 45.22
N LEU G 64 -41.98 -15.94 44.74
CA LEU G 64 -43.37 -16.19 44.39
C LEU G 64 -43.84 -17.59 44.79
N PRO G 65 -45.15 -17.81 44.94
CA PRO G 65 -45.64 -19.11 45.43
C PRO G 65 -45.61 -20.16 44.33
N PRO G 66 -44.97 -21.31 44.54
CA PRO G 66 -45.07 -22.39 43.54
C PRO G 66 -46.48 -22.95 43.46
N GLN G 67 -46.72 -23.63 42.33
CA GLN G 67 -48.04 -24.05 41.90
C GLN G 67 -47.91 -25.45 41.31
N GLY G 68 -49.06 -26.11 41.11
CA GLY G 68 -49.01 -27.45 40.53
C GLY G 68 -48.43 -28.44 41.53
N GLU G 69 -47.88 -29.56 41.01
CA GLU G 69 -47.43 -30.66 41.86
C GLU G 69 -46.08 -31.22 41.47
N ILE G 70 -45.40 -31.78 42.50
CA ILE G 70 -44.25 -32.68 42.35
C ILE G 70 -44.45 -33.84 43.32
N THR G 71 -43.54 -34.82 43.27
CA THR G 71 -43.65 -36.00 44.12
C THR G 71 -43.01 -35.78 45.49
N LEU G 72 -43.34 -36.68 46.43
CA LEU G 72 -42.78 -36.62 47.77
C LEU G 72 -41.32 -37.09 47.78
N GLU G 73 -41.00 -38.09 46.94
CA GLU G 73 -39.61 -38.47 46.75
C GLU G 73 -38.79 -37.28 46.22
N GLN G 74 -39.35 -36.55 45.26
CA GLN G 74 -38.68 -35.36 44.75
C GLN G 74 -38.49 -34.33 45.84
N PHE G 75 -39.51 -34.12 46.68
CA PHE G 75 -39.43 -33.20 47.80
C PHE G 75 -38.23 -33.53 48.69
N GLU G 76 -38.14 -34.79 49.12
CA GLU G 76 -37.03 -35.22 49.99
C GLU G 76 -35.68 -35.07 49.31
N ILE G 77 -35.55 -35.58 48.08
CA ILE G 77 -34.25 -35.62 47.41
C ILE G 77 -33.77 -34.21 47.08
N TRP G 78 -34.66 -33.37 46.55
CA TRP G 78 -34.27 -32.01 46.19
C TRP G 78 -33.83 -31.22 47.43
N ALA G 79 -34.58 -31.37 48.53
CA ALA G 79 -34.19 -30.71 49.77
C ALA G 79 -32.82 -31.18 50.25
N ILE G 80 -32.57 -32.49 50.17
CA ILE G 80 -31.28 -33.02 50.64
C ILE G 80 -30.14 -32.52 49.76
N ASP G 81 -30.37 -32.38 48.46
CA ASP G 81 -29.31 -31.90 47.57
C ASP G 81 -28.90 -30.47 47.92
N ARG G 82 -29.89 -29.57 48.04
CA ARG G 82 -29.55 -28.20 48.44
C ARG G 82 -28.94 -28.18 49.82
N LEU G 83 -29.41 -29.05 50.72
CA LEU G 83 -28.87 -29.11 52.07
C LEU G 83 -27.41 -29.52 52.06
N LYS G 84 -27.03 -30.45 51.18
CA LYS G 84 -25.63 -30.85 51.09
C LYS G 84 -24.75 -29.69 50.65
N ILE G 85 -25.20 -28.92 49.65
CA ILE G 85 -24.41 -27.77 49.21
C ILE G 85 -24.28 -26.76 50.35
N LEU G 86 -25.38 -26.47 51.05
CA LEU G 86 -25.32 -25.47 52.12
C LEU G 86 -24.49 -25.98 53.30
N LEU G 87 -24.53 -27.28 53.58
CA LEU G 87 -23.67 -27.84 54.62
C LEU G 87 -22.21 -27.66 54.29
N GLU G 88 -21.83 -27.90 53.02
CA GLU G 88 -20.42 -27.70 52.68
C GLU G 88 -20.05 -26.21 52.73
N ILE G 89 -20.96 -25.32 52.35
CA ILE G 89 -20.68 -23.89 52.44
C ILE G 89 -20.42 -23.50 53.90
N GLU G 90 -21.29 -23.96 54.81
CA GLU G 90 -21.10 -23.63 56.22
C GLU G 90 -19.84 -24.28 56.77
N SER G 91 -19.51 -25.49 56.31
CA SER G 91 -18.30 -26.15 56.76
C SER G 91 -17.07 -25.37 56.32
N CYS G 92 -17.04 -24.92 55.07
CA CYS G 92 -15.90 -24.14 54.60
C CYS G 92 -15.79 -22.80 55.32
N LEU G 93 -16.93 -22.15 55.58
CA LEU G 93 -16.90 -20.89 56.32
C LEU G 93 -16.43 -21.11 57.76
N SER G 94 -16.82 -22.23 58.37
CA SER G 94 -16.30 -22.54 59.71
C SER G 94 -14.81 -22.86 59.65
N ARG G 95 -14.32 -23.36 58.53
CA ARG G 95 -12.88 -23.52 58.29
C ARG G 95 -12.22 -22.23 57.79
N ASN G 96 -12.97 -21.13 57.70
CA ASN G 96 -12.43 -19.80 57.39
C ASN G 96 -11.78 -19.74 56.00
N LYS G 97 -12.31 -20.49 55.04
CA LYS G 97 -11.80 -20.45 53.69
C LYS G 97 -12.36 -19.26 52.91
N SER G 98 -11.59 -18.80 51.93
CA SER G 98 -11.92 -17.61 51.17
C SER G 98 -12.98 -17.90 50.11
N ILE G 99 -13.45 -16.82 49.46
CA ILE G 99 -14.49 -16.95 48.43
C ILE G 99 -13.98 -17.81 47.28
N LYS G 100 -12.73 -17.59 46.86
CA LYS G 100 -12.17 -18.35 45.74
C LYS G 100 -12.10 -19.83 46.07
N GLU G 101 -11.65 -20.16 47.28
CA GLU G 101 -11.57 -21.56 47.68
C GLU G 101 -12.96 -22.20 47.75
N ILE G 102 -13.94 -21.49 48.30
CA ILE G 102 -15.29 -22.03 48.39
C ILE G 102 -15.86 -22.22 46.99
N GLU G 103 -15.59 -21.28 46.09
CA GLU G 103 -16.05 -21.42 44.72
C GLU G 103 -15.43 -22.63 44.03
N THR G 104 -14.13 -22.86 44.29
CA THR G 104 -13.48 -24.05 43.76
C THR G 104 -14.09 -25.32 44.33
N ILE G 105 -14.57 -25.27 45.58
CA ILE G 105 -15.10 -26.47 46.23
C ILE G 105 -16.55 -26.73 45.79
N ILE G 106 -17.33 -25.68 45.60
CA ILE G 106 -18.79 -25.81 45.45
C ILE G 106 -19.22 -25.94 44.00
N LYS G 107 -18.51 -25.27 43.07
CA LYS G 107 -18.91 -25.27 41.66
C LYS G 107 -19.01 -26.67 41.04
N PRO G 108 -18.09 -27.61 41.29
CA PRO G 108 -18.30 -28.97 40.76
C PRO G 108 -19.56 -29.66 41.29
N GLN G 109 -20.11 -29.21 42.42
CA GLN G 109 -21.28 -29.85 43.01
C GLN G 109 -22.59 -29.43 42.36
N PHE G 110 -22.62 -28.31 41.62
CA PHE G 110 -23.86 -27.88 41.00
C PHE G 110 -24.34 -28.87 39.94
N GLN G 111 -23.41 -29.36 39.11
CA GLN G 111 -23.79 -30.29 38.05
C GLN G 111 -24.34 -31.61 38.58
N LYS G 112 -24.06 -31.95 39.84
CA LYS G 112 -24.50 -33.20 40.46
C LYS G 112 -25.74 -33.01 41.34
N LEU G 113 -25.79 -31.92 42.11
CA LEU G 113 -26.82 -31.70 43.13
C LEU G 113 -27.82 -30.62 42.78
N LEU G 114 -27.38 -29.50 42.20
CA LEU G 114 -28.21 -28.29 42.10
C LEU G 114 -27.72 -27.43 40.94
N PRO G 115 -28.05 -27.80 39.69
CA PRO G 115 -27.46 -27.12 38.53
C PRO G 115 -27.81 -25.63 38.43
N PHE G 116 -26.91 -24.88 37.79
CA PHE G 116 -27.02 -23.44 37.63
C PHE G 116 -26.56 -23.06 36.22
N ASN G 117 -27.09 -21.94 35.72
CA ASN G 117 -26.85 -21.49 34.33
C ASN G 117 -27.32 -22.59 33.36
N THR G 118 -28.62 -22.88 33.43
CA THR G 118 -29.25 -24.00 32.76
C THR G 118 -30.63 -23.62 32.25
N GLU G 119 -30.99 -24.15 31.06
CA GLU G 119 -32.31 -23.96 30.48
C GLU G 119 -33.33 -25.00 30.91
N SER G 120 -32.91 -26.07 31.58
CA SER G 120 -33.79 -27.19 31.88
C SER G 120 -34.88 -26.79 32.87
N LEU G 121 -36.13 -27.09 32.53
CA LEU G 121 -37.24 -26.84 33.45
C LEU G 121 -37.09 -27.67 34.71
N GLU G 122 -36.60 -28.90 34.60
CA GLU G 122 -36.41 -29.75 35.77
C GLU G 122 -35.39 -29.15 36.73
N ASP G 123 -34.27 -28.66 36.20
CA ASP G 123 -33.26 -28.04 37.06
C ASP G 123 -33.82 -26.80 37.75
N ARG G 124 -34.55 -25.98 37.00
CA ARG G 124 -35.10 -24.75 37.55
C ARG G 124 -36.12 -25.05 38.65
N LYS G 125 -37.02 -26.01 38.40
CA LYS G 125 -37.96 -26.41 39.42
C LYS G 125 -37.25 -27.02 40.62
N LYS G 126 -36.20 -27.82 40.37
CA LYS G 126 -35.45 -28.43 41.46
C LYS G 126 -34.85 -27.36 42.37
N ASP G 127 -34.20 -26.37 41.77
CA ASP G 127 -33.59 -25.27 42.52
C ASP G 127 -34.63 -24.50 43.33
N TYR G 128 -35.70 -24.06 42.65
CA TYR G 128 -36.73 -23.24 43.28
C TYR G 128 -37.41 -23.99 44.43
N TYR G 129 -37.85 -25.22 44.15
CA TYR G 129 -38.57 -25.99 45.15
C TYR G 129 -37.68 -26.35 46.32
N SER G 130 -36.41 -26.70 46.07
CA SER G 130 -35.52 -27.05 47.17
C SER G 130 -35.32 -25.88 48.12
N HIS G 131 -35.17 -24.67 47.56
CA HIS G 131 -35.10 -23.49 48.43
C HIS G 131 -36.36 -23.36 49.27
N PHE G 132 -37.54 -23.49 48.63
CA PHE G 132 -38.79 -23.31 49.37
C PHE G 132 -38.97 -24.37 50.45
N ILE G 133 -38.53 -25.61 50.18
CA ILE G 133 -38.62 -26.67 51.17
C ILE G 133 -37.76 -26.34 52.39
N LEU G 134 -36.53 -25.88 52.14
CA LEU G 134 -35.66 -25.58 53.27
C LEU G 134 -36.11 -24.34 54.03
N ARG G 135 -36.96 -23.48 53.44
CA ARG G 135 -37.63 -22.46 54.26
C ARG G 135 -38.42 -23.13 55.38
N LEU G 136 -39.18 -24.16 55.04
CA LEU G 136 -40.08 -24.77 56.00
C LEU G 136 -39.30 -25.60 57.00
N CYS G 137 -38.13 -26.11 56.58
CA CYS G 137 -37.27 -26.81 57.52
C CYS G 137 -36.59 -25.84 58.49
N PHE G 138 -36.14 -24.67 58.02
CA PHE G 138 -35.26 -23.79 58.79
C PHE G 138 -35.92 -22.50 59.29
N CYS G 139 -37.22 -22.31 59.07
CA CYS G 139 -37.93 -21.24 59.74
C CYS G 139 -38.18 -21.52 61.22
N ARG G 140 -37.90 -22.75 61.69
CA ARG G 140 -38.41 -23.21 62.97
C ARG G 140 -37.79 -22.52 64.17
N SER G 141 -36.58 -21.98 64.06
CA SER G 141 -35.92 -21.35 65.20
C SER G 141 -34.94 -20.29 64.71
N LYS G 142 -34.56 -19.40 65.64
CA LYS G 142 -33.67 -18.30 65.30
C LYS G 142 -32.31 -18.81 64.84
N GLU G 143 -31.78 -19.83 65.51
CA GLU G 143 -30.50 -20.40 65.09
C GLU G 143 -30.59 -21.02 63.70
N LEU G 144 -31.66 -21.79 63.45
CA LEU G 144 -31.85 -22.38 62.13
C LEU G 144 -32.04 -21.32 61.07
N ARG G 145 -32.81 -20.27 61.38
CA ARG G 145 -33.01 -19.19 60.42
C ARG G 145 -31.70 -18.48 60.10
N GLU G 146 -30.88 -18.21 61.12
CA GLU G 146 -29.61 -17.54 60.88
C GLU G 146 -28.67 -18.40 60.05
N LYS G 147 -28.57 -19.70 60.38
CA LYS G 147 -27.70 -20.59 59.62
C LYS G 147 -28.15 -20.69 58.16
N PHE G 148 -29.46 -20.85 57.94
CA PHE G 148 -29.97 -20.98 56.58
C PHE G 148 -29.79 -19.69 55.80
N VAL G 149 -30.05 -18.54 56.43
CA VAL G 149 -29.87 -17.25 55.75
C VAL G 149 -28.40 -17.05 55.37
N ARG G 150 -27.48 -17.36 56.29
CA ARG G 150 -26.05 -17.21 56.02
C ARG G 150 -25.64 -18.08 54.84
N ALA G 151 -25.97 -19.38 54.90
CA ALA G 151 -25.55 -20.30 53.85
C ALA G 151 -26.18 -19.95 52.51
N GLU G 152 -27.48 -19.64 52.50
CA GLU G 152 -28.17 -19.34 51.25
C GLU G 152 -27.69 -18.03 50.64
N THR G 153 -27.41 -17.02 51.48
CA THR G 153 -26.87 -15.76 50.99
C THR G 153 -25.47 -15.96 50.42
N PHE G 154 -24.65 -16.81 51.03
CA PHE G 154 -23.33 -17.05 50.46
C PHE G 154 -23.43 -17.80 49.12
N LEU G 155 -24.36 -18.76 49.02
CA LEU G 155 -24.61 -19.42 47.75
C LEU G 155 -25.07 -18.42 46.69
N PHE G 156 -25.94 -17.49 47.09
CA PHE G 156 -26.38 -16.40 46.21
C PHE G 156 -25.18 -15.60 45.72
N LYS G 157 -24.26 -15.26 46.63
CA LYS G 157 -23.05 -14.53 46.23
C LYS G 157 -22.23 -15.33 45.22
N ILE G 158 -22.04 -16.63 45.48
CA ILE G 158 -21.27 -17.50 44.57
C ILE G 158 -21.89 -17.48 43.18
N ARG G 159 -23.20 -17.71 43.11
CA ARG G 159 -23.87 -17.79 41.82
C ARG G 159 -23.87 -16.45 41.11
N PHE G 160 -23.98 -15.34 41.86
CA PHE G 160 -23.87 -14.03 41.25
C PHE G 160 -22.49 -13.80 40.66
N ASN G 161 -21.43 -14.30 41.33
CA ASN G 161 -20.09 -14.18 40.77
C ASN G 161 -19.96 -14.97 39.45
N MET G 162 -20.71 -16.06 39.31
CA MET G 162 -20.67 -16.88 38.08
C MET G 162 -21.31 -16.19 36.88
N LEU G 163 -22.16 -15.18 37.09
CA LEU G 163 -22.84 -14.48 36.01
C LEU G 163 -21.89 -13.67 35.14
N THR G 164 -22.33 -13.36 33.91
CA THR G 164 -21.71 -12.28 33.13
C THR G 164 -22.22 -10.94 33.63
N SER G 165 -21.48 -9.86 33.33
CA SER G 165 -21.90 -8.53 33.76
C SER G 165 -23.26 -8.15 33.19
N THR G 166 -23.57 -8.59 31.96
CA THR G 166 -24.88 -8.32 31.38
C THR G 166 -25.98 -9.01 32.19
N ASP G 167 -25.76 -10.27 32.57
CA ASP G 167 -26.76 -10.98 33.38
C ASP G 167 -26.91 -10.32 34.74
N GLN G 168 -25.80 -9.88 35.34
CA GLN G 168 -25.87 -9.19 36.62
C GLN G 168 -26.69 -7.91 36.50
N THR G 169 -26.44 -7.13 35.44
CA THR G 169 -27.18 -5.90 35.22
C THR G 169 -28.67 -6.18 35.03
N LYS G 170 -29.00 -7.18 34.22
CA LYS G 170 -30.40 -7.51 33.98
C LYS G 170 -31.08 -8.01 35.25
N PHE G 171 -30.38 -8.82 36.03
CA PHE G 171 -30.94 -9.34 37.28
C PHE G 171 -31.19 -8.21 38.28
N VAL G 172 -30.23 -7.29 38.41
CA VAL G 172 -30.41 -6.16 39.32
C VAL G 172 -31.56 -5.27 38.84
N GLN G 173 -31.64 -5.03 37.53
CA GLN G 173 -32.72 -4.20 37.00
C GLN G 173 -34.08 -4.87 37.17
N SER G 174 -34.12 -6.20 37.14
CA SER G 174 -35.40 -6.90 37.30
C SER G 174 -35.92 -6.79 38.72
N LEU G 175 -35.04 -6.59 39.70
CA LEU G 175 -35.43 -6.45 41.10
C LEU G 175 -35.89 -5.04 41.46
N ASP G 176 -36.01 -4.14 40.47
CA ASP G 176 -36.45 -2.76 40.69
C ASP G 176 -35.55 -2.02 41.67
N LEU G 177 -34.26 -2.33 41.65
CA LEU G 177 -33.29 -1.70 42.54
C LEU G 177 -32.78 -0.38 41.96
N GLN G 181 -29.85 5.58 43.60
CA GLN G 181 -29.67 6.87 42.93
C GLN G 181 -28.21 7.11 42.57
N PHE G 182 -27.93 7.16 41.27
CA PHE G 182 -26.61 7.56 40.79
C PHE G 182 -26.46 9.08 40.88
N ILE G 183 -25.23 9.53 41.15
CA ILE G 183 -24.98 10.96 41.29
C ILE G 183 -24.88 11.62 39.91
N SER G 184 -25.10 12.92 39.88
CA SER G 184 -24.97 13.68 38.64
C SER G 184 -23.49 13.84 38.27
N ASN G 185 -23.26 14.14 36.98
CA ASN G 185 -21.91 14.40 36.52
C ASN G 185 -21.33 15.64 37.19
N GLU G 186 -22.16 16.63 37.48
CA GLU G 186 -21.69 17.82 38.17
C GLU G 186 -21.26 17.50 39.60
N GLU G 187 -22.05 16.70 40.31
CA GLU G 187 -21.67 16.29 41.67
C GLU G 187 -20.42 15.43 41.65
N LYS G 188 -20.29 14.55 40.66
CA LYS G 188 -19.07 13.76 40.52
C LYS G 188 -17.86 14.66 40.28
N ALA G 189 -18.02 15.69 39.44
CA ALA G 189 -16.91 16.61 39.20
C ALA G 189 -16.54 17.38 40.46
N GLU G 190 -17.54 17.82 41.24
CA GLU G 190 -17.26 18.58 42.45
C GLU G 190 -16.57 17.72 43.50
N LEU G 191 -16.94 16.43 43.59
CA LEU G 191 -16.37 15.51 44.56
C LEU G 191 -15.29 14.61 43.96
N SER G 192 -14.79 14.95 42.76
CA SER G 192 -13.90 14.05 42.02
C SER G 192 -12.62 13.75 42.78
N HIS G 193 -12.04 14.76 43.42
CA HIS G 193 -10.80 14.54 44.18
C HIS G 193 -11.02 13.56 45.32
N GLN G 194 -12.10 13.74 46.08
CA GLN G 194 -12.38 12.87 47.22
C GLN G 194 -12.74 11.47 46.76
N LEU G 195 -13.58 11.36 45.73
CA LEU G 195 -13.98 10.05 45.23
C LEU G 195 -12.77 9.29 44.66
N TYR G 196 -11.91 9.98 43.91
CA TYR G 196 -10.73 9.32 43.35
C TYR G 196 -9.76 8.91 44.46
N GLN G 197 -9.56 9.77 45.46
CA GLN G 197 -8.74 9.38 46.60
C GLN G 197 -9.31 8.17 47.31
N THR G 198 -10.64 8.05 47.34
CA THR G 198 -11.28 6.93 48.02
C THR G 198 -11.08 5.63 47.24
N VAL G 199 -11.24 5.67 45.91
CA VAL G 199 -11.30 4.44 45.13
C VAL G 199 -9.98 4.05 44.48
N SER G 200 -8.98 4.94 44.46
CA SER G 200 -7.74 4.70 43.71
C SER G 200 -7.02 3.44 44.19
N ALA G 201 -6.92 3.27 45.51
CA ALA G 201 -6.32 2.04 46.04
C ALA G 201 -7.16 0.82 45.66
N SER G 202 -8.49 0.94 45.77
CA SER G 202 -9.37 -0.16 45.43
C SER G 202 -9.28 -0.51 43.96
N LEU G 203 -9.15 0.48 43.08
CA LEU G 203 -8.98 0.20 41.67
C LEU G 203 -7.70 -0.59 41.41
N GLN G 204 -6.64 -0.28 42.17
CA GLN G 204 -5.37 -0.98 41.98
C GLN G 204 -5.44 -2.42 42.49
N PHE G 205 -6.05 -2.62 43.66
CA PHE G 205 -5.99 -3.94 44.30
C PHE G 205 -7.12 -4.87 43.86
N GLN G 206 -8.32 -4.35 43.64
CA GLN G 206 -9.48 -5.17 43.27
C GLN G 206 -9.63 -5.34 41.76
N LEU G 207 -9.31 -4.29 40.97
CA LEU G 207 -9.37 -4.36 39.51
C LEU G 207 -7.99 -4.43 38.86
N ASN G 208 -6.92 -4.63 39.64
CA ASN G 208 -5.54 -4.80 39.15
C ASN G 208 -5.01 -3.61 38.36
N LEU G 209 -5.61 -2.42 38.50
CA LEU G 209 -5.18 -1.22 37.75
C LEU G 209 -3.99 -0.58 38.45
N ASN G 210 -2.79 -1.14 38.21
CA ASN G 210 -1.57 -0.62 38.81
C ASN G 210 -1.14 0.70 38.19
N GLU G 211 -1.37 0.88 36.89
CA GLU G 211 -1.04 2.15 36.24
C GLU G 211 -2.02 3.23 36.67
N GLU G 212 -1.47 4.39 37.08
CA GLU G 212 -2.33 5.51 37.45
C GLU G 212 -3.11 6.03 36.26
N HIS G 213 -2.52 5.98 35.07
CA HIS G 213 -3.21 6.38 33.85
C HIS G 213 -4.46 5.54 33.62
N GLN G 214 -4.34 4.21 33.80
CA GLN G 214 -5.48 3.32 33.67
C GLN G 214 -6.54 3.62 34.74
N ARG G 215 -6.09 3.89 35.97
CA ARG G 215 -7.03 4.23 37.03
C ARG G 215 -7.80 5.50 36.70
N LYS G 216 -7.11 6.52 36.16
CA LYS G 216 -7.78 7.76 35.80
C LYS G 216 -8.79 7.54 34.69
N GLN G 217 -8.43 6.76 33.67
CA GLN G 217 -9.38 6.48 32.59
C GLN G 217 -10.62 5.74 33.10
N TYR G 218 -10.40 4.71 33.93
CA TYR G 218 -11.52 3.97 34.51
C TYR G 218 -12.39 4.89 35.36
N PHE G 219 -11.76 5.72 36.20
CA PHE G 219 -12.51 6.63 37.05
C PHE G 219 -13.33 7.61 36.23
N GLN G 220 -12.78 8.06 35.11
CA GLN G 220 -13.53 8.93 34.20
C GLN G 220 -14.76 8.22 33.66
N GLN G 221 -14.67 6.89 33.47
CA GLN G 221 -15.82 6.13 32.97
C GLN G 221 -16.74 5.57 34.07
N GLU G 222 -16.34 5.63 35.33
CA GLU G 222 -17.07 4.97 36.42
C GLU G 222 -18.21 5.84 36.96
N LYS G 223 -19.32 5.19 37.32
CA LYS G 223 -20.46 5.81 37.97
C LYS G 223 -20.42 5.59 39.48
N PHE G 224 -21.11 6.47 40.21
CA PHE G 224 -21.14 6.45 41.68
C PHE G 224 -22.58 6.55 42.19
N ILE G 225 -22.84 5.91 43.32
CA ILE G 225 -24.16 5.82 43.95
C ILE G 225 -24.09 6.54 45.29
N LYS G 226 -25.13 7.32 45.59
CA LYS G 226 -25.26 8.05 46.86
C LYS G 226 -26.41 7.46 47.66
N LEU G 227 -26.15 7.12 48.92
CA LEU G 227 -27.17 6.60 49.81
C LEU G 227 -26.74 6.85 51.25
N PRO G 228 -27.64 6.70 52.23
CA PRO G 228 -27.25 6.90 53.62
C PRO G 228 -26.14 5.95 54.06
N PHE G 229 -25.24 6.46 54.91
CA PHE G 229 -24.05 5.69 55.29
C PHE G 229 -24.42 4.43 56.07
N GLU G 230 -25.56 4.43 56.76
CA GLU G 230 -25.96 3.27 57.54
C GLU G 230 -26.26 2.06 56.66
N ASN G 231 -26.57 2.27 55.38
CA ASN G 231 -26.90 1.17 54.48
C ASN G 231 -25.69 0.37 54.02
N VAL G 232 -24.48 0.94 54.11
CA VAL G 232 -23.25 0.31 53.63
C VAL G 232 -22.19 0.31 54.74
N ILE G 233 -22.63 0.14 55.99
CA ILE G 233 -21.76 0.41 57.14
C ILE G 233 -20.53 -0.50 57.17
N GLU G 234 -20.62 -1.70 56.59
CA GLU G 234 -19.44 -2.57 56.53
C GLU G 234 -18.35 -1.96 55.68
N LEU G 235 -18.72 -1.32 54.56
CA LEU G 235 -17.73 -0.61 53.77
C LEU G 235 -17.25 0.65 54.48
N VAL G 236 -18.10 1.26 55.32
CA VAL G 236 -17.70 2.44 56.08
C VAL G 236 -16.61 2.07 57.09
N GLY G 237 -16.80 0.97 57.82
CA GLY G 237 -15.83 0.58 58.82
C GLY G 237 -14.46 0.27 58.26
N ASN G 238 -14.41 -0.20 57.01
CA ASN G 238 -13.16 -0.40 56.29
C ASN G 238 -12.70 0.83 55.52
N ARG G 239 -13.45 1.94 55.59
CA ARG G 239 -13.13 3.19 54.88
C ARG G 239 -12.94 2.96 53.39
N LEU G 240 -13.86 2.18 52.81
CA LEU G 240 -13.91 1.92 51.37
C LEU G 240 -14.85 2.84 50.60
N VAL G 241 -15.62 3.69 51.29
CA VAL G 241 -16.55 4.63 50.66
C VAL G 241 -16.32 6.02 51.24
N PHE G 242 -16.64 7.03 50.44
CA PHE G 242 -16.50 8.43 50.85
C PHE G 242 -17.78 8.90 51.52
N LEU G 243 -17.64 9.57 52.67
CA LEU G 243 -18.76 10.03 53.48
C LEU G 243 -18.87 11.55 53.43
N LYS G 244 -20.10 12.04 53.25
CA LYS G 244 -20.37 13.47 53.21
C LYS G 244 -21.80 13.70 53.70
N ASP G 245 -21.93 14.44 54.80
CA ASP G 245 -23.22 14.92 55.32
C ASP G 245 -24.19 13.76 55.58
N GLY G 246 -23.66 12.62 56.02
CA GLY G 246 -24.49 11.46 56.32
C GLY G 246 -24.80 10.56 55.15
N TYR G 247 -24.15 10.75 54.00
CA TYR G 247 -24.35 9.93 52.81
C TYR G 247 -23.03 9.31 52.39
N ALA G 248 -23.11 8.06 51.93
CA ALA G 248 -21.95 7.31 51.45
C ALA G 248 -21.96 7.26 49.93
N TYR G 249 -20.78 7.48 49.33
CA TYR G 249 -20.61 7.54 47.88
C TYR G 249 -19.89 6.27 47.44
N LEU G 250 -20.60 5.43 46.68
CA LEU G 250 -20.22 4.06 46.38
C LEU G 250 -19.99 3.89 44.87
N PRO G 251 -18.84 3.40 44.41
CA PRO G 251 -18.68 3.18 42.97
C PRO G 251 -19.48 2.00 42.46
N GLN G 252 -19.77 2.02 41.16
CA GLN G 252 -20.62 1.01 40.56
C GLN G 252 -19.96 -0.37 40.55
N PHE G 253 -18.62 -0.44 40.50
CA PHE G 253 -17.97 -1.75 40.50
C PHE G 253 -18.02 -2.43 41.87
N GLN G 254 -18.47 -1.73 42.91
CA GLN G 254 -18.74 -2.30 44.22
C GLN G 254 -20.25 -2.30 44.46
N GLN G 255 -20.65 -2.69 45.67
CA GLN G 255 -22.04 -2.64 46.08
C GLN G 255 -22.80 -3.94 46.01
N LEU G 256 -22.14 -5.07 45.74
CA LEU G 256 -22.83 -6.34 45.72
C LEU G 256 -23.31 -6.74 47.11
N ASN G 257 -22.67 -6.19 48.16
CA ASN G 257 -23.13 -6.48 49.52
C ASN G 257 -24.52 -5.94 49.77
N LEU G 258 -24.91 -4.84 49.10
CA LEU G 258 -26.29 -4.38 49.21
C LEU G 258 -27.26 -5.39 48.63
N LEU G 259 -26.94 -5.95 47.46
CA LEU G 259 -27.80 -6.95 46.84
C LEU G 259 -27.93 -8.18 47.72
N SER G 260 -26.80 -8.71 48.21
CA SER G 260 -26.86 -9.90 49.03
C SER G 260 -27.51 -9.62 50.39
N ASN G 261 -27.33 -8.41 50.93
CA ASN G 261 -27.99 -8.07 52.18
C ASN G 261 -29.49 -7.94 52.00
N GLU G 262 -29.94 -7.41 50.86
CA GLU G 262 -31.37 -7.38 50.58
C GLU G 262 -31.93 -8.79 50.45
N PHE G 263 -31.18 -9.68 49.78
CA PHE G 263 -31.57 -11.08 49.69
C PHE G 263 -31.68 -11.70 51.07
N ALA G 264 -30.68 -11.46 51.93
CA ALA G 264 -30.69 -12.03 53.27
C ALA G 264 -31.84 -11.47 54.11
N SER G 265 -32.09 -10.16 54.03
CA SER G 265 -33.13 -9.54 54.82
C SER G 265 -34.51 -10.03 54.39
N LYS G 266 -34.75 -10.06 53.08
CA LYS G 266 -36.05 -10.53 52.59
C LYS G 266 -36.24 -12.01 52.89
N LEU G 267 -35.17 -12.81 52.81
CA LEU G 267 -35.27 -14.21 53.18
C LEU G 267 -35.57 -14.37 54.66
N ASN G 268 -34.97 -13.54 55.51
CA ASN G 268 -35.24 -13.60 56.94
C ASN G 268 -36.70 -13.25 57.23
N GLN G 269 -37.21 -12.21 56.58
CA GLN G 269 -38.60 -11.83 56.77
C GLN G 269 -39.54 -12.92 56.27
N GLU G 270 -39.23 -13.52 55.12
CA GLU G 270 -40.05 -14.61 54.61
C GLU G 270 -40.01 -15.83 55.52
N LEU G 271 -38.84 -16.11 56.13
CA LEU G 271 -38.75 -17.20 57.08
C LEU G 271 -39.58 -16.93 58.32
N ILE G 272 -39.57 -15.68 58.80
CA ILE G 272 -40.40 -15.31 59.93
C ILE G 272 -41.86 -15.51 59.59
N LYS G 273 -42.25 -15.11 58.37
CA LYS G 273 -43.62 -15.36 57.93
C LYS G 273 -43.88 -16.86 57.85
N THR G 274 -42.98 -17.62 57.20
CA THR G 274 -43.09 -19.08 57.13
C THR G 274 -43.28 -19.72 58.50
N TYR G 275 -42.58 -19.19 59.50
CA TYR G 275 -42.74 -19.69 60.87
C TYR G 275 -44.16 -19.46 61.39
N GLN G 276 -44.75 -18.31 61.06
CA GLN G 276 -46.05 -17.95 61.61
C GLN G 276 -47.19 -18.85 61.12
N TYR G 277 -47.01 -19.54 59.97
CA TYR G 277 -48.04 -20.40 59.37
C TYR G 277 -47.58 -21.85 59.24
N LEU G 278 -46.56 -22.23 60.02
CA LEU G 278 -46.27 -23.64 60.27
C LEU G 278 -47.44 -24.47 60.77
N PRO G 279 -48.39 -23.95 61.56
CA PRO G 279 -49.56 -24.79 61.94
C PRO G 279 -50.35 -25.32 60.76
N ARG G 280 -50.30 -24.65 59.62
CA ARG G 280 -50.92 -25.17 58.40
C ARG G 280 -50.09 -26.29 57.78
N LEU G 281 -48.76 -26.25 57.91
CA LEU G 281 -47.94 -27.37 57.48
C LEU G 281 -48.29 -28.64 58.25
N ASN G 282 -48.70 -28.51 59.52
CA ASN G 282 -48.96 -29.68 60.35
C ASN G 282 -50.16 -30.53 59.90
N GLU G 283 -50.84 -30.15 58.81
CA GLU G 283 -51.97 -30.91 58.29
C GLU G 283 -51.58 -32.12 57.47
N ASP G 284 -50.35 -32.20 56.93
CA ASP G 284 -49.86 -33.40 56.24
C ASP G 284 -48.71 -33.99 57.06
N ASP G 285 -48.98 -35.14 57.68
CA ASP G 285 -48.00 -35.82 58.53
C ASP G 285 -46.82 -36.37 57.75
N ARG G 286 -46.99 -36.63 56.45
CA ARG G 286 -45.98 -37.32 55.66
C ARG G 286 -44.74 -36.45 55.39
N LEU G 287 -44.80 -35.15 55.71
CA LEU G 287 -43.74 -34.19 55.49
C LEU G 287 -42.90 -33.95 56.73
N LEU G 288 -43.51 -34.08 57.91
CA LEU G 288 -42.81 -33.76 59.15
C LEU G 288 -41.60 -34.64 59.43
N PRO G 289 -41.61 -35.98 59.21
CA PRO G 289 -40.36 -36.74 59.38
C PRO G 289 -39.24 -36.27 58.46
N ILE G 290 -39.57 -35.89 57.23
CA ILE G 290 -38.55 -35.42 56.30
C ILE G 290 -37.93 -34.13 56.81
N LEU G 291 -38.76 -33.21 57.28
CA LEU G 291 -38.25 -31.92 57.77
C LEU G 291 -37.45 -32.09 59.05
N ASN G 292 -37.89 -33.01 59.94
CA ASN G 292 -37.11 -33.32 61.13
C ASN G 292 -35.75 -33.90 60.76
N HIS G 293 -35.73 -34.79 59.76
CA HIS G 293 -34.46 -35.35 59.29
C HIS G 293 -33.56 -34.28 58.70
N LEU G 294 -34.13 -33.36 57.92
CA LEU G 294 -33.34 -32.31 57.30
C LEU G 294 -32.74 -31.37 58.35
N SER G 295 -33.50 -31.03 59.38
CA SER G 295 -32.99 -30.13 60.41
C SER G 295 -32.01 -30.81 61.36
N SER G 296 -32.03 -32.14 61.47
CA SER G 296 -31.18 -32.82 62.44
C SER G 296 -29.71 -32.67 62.12
N GLY G 297 -29.36 -32.54 60.84
CA GLY G 297 -27.97 -32.36 60.46
C GLY G 297 -27.37 -31.02 60.83
N TYR G 298 -28.21 -30.05 61.22
CA TYR G 298 -27.77 -28.73 61.67
C TYR G 298 -27.85 -28.55 63.19
N THR G 299 -28.39 -29.53 63.92
CA THR G 299 -28.53 -29.45 65.37
C THR G 299 -27.52 -30.36 66.05
N MET H 1 -8.83 -82.01 24.10
CA MET H 1 -8.27 -81.79 22.74
C MET H 1 -8.95 -80.63 22.02
N SER H 2 -10.28 -80.71 21.93
CA SER H 2 -11.03 -79.94 20.94
C SER H 2 -10.85 -78.43 21.12
N GLY H 3 -11.11 -77.94 22.34
CA GLY H 3 -10.95 -76.51 22.58
C GLY H 3 -9.51 -76.06 22.41
N SER H 4 -8.56 -76.88 22.86
CA SER H 4 -7.15 -76.53 22.77
C SER H 4 -6.70 -76.39 21.32
N ILE H 5 -7.01 -77.39 20.49
CA ILE H 5 -6.59 -77.32 19.08
C ILE H 5 -7.36 -76.23 18.35
N ASP H 6 -8.65 -76.04 18.69
CA ASP H 6 -9.44 -74.99 18.06
C ASP H 6 -8.82 -73.62 18.33
N VAL H 7 -8.41 -73.38 19.58
CA VAL H 7 -7.67 -72.17 19.93
C VAL H 7 -6.37 -72.11 19.15
N ILE H 8 -5.61 -73.20 19.14
CA ILE H 8 -4.29 -73.22 18.54
C ILE H 8 -4.36 -73.17 17.01
N THR H 9 -5.51 -73.49 16.41
CA THR H 9 -5.73 -73.32 14.98
C THR H 9 -6.35 -71.97 14.62
N HIS H 10 -6.66 -71.12 15.60
CA HIS H 10 -7.01 -69.73 15.36
C HIS H 10 -6.05 -68.76 16.04
N PHE H 11 -5.90 -68.86 17.36
CA PHE H 11 -4.80 -68.22 18.04
C PHE H 11 -3.52 -69.02 17.78
N GLY H 12 -2.38 -68.40 18.02
CA GLY H 12 -1.12 -69.02 17.72
C GLY H 12 -0.81 -70.21 18.61
N PRO H 13 0.25 -70.96 18.31
CA PRO H 13 0.68 -72.05 19.22
C PRO H 13 1.13 -71.55 20.59
N ASP H 14 1.35 -70.25 20.76
CA ASP H 14 1.69 -69.65 22.06
C ASP H 14 0.59 -69.87 23.09
N ALA H 15 -0.65 -70.09 22.64
CA ALA H 15 -1.79 -70.34 23.50
C ALA H 15 -1.73 -71.69 24.24
N ASP H 16 -0.75 -72.54 23.94
CA ASP H 16 -0.71 -73.88 24.52
C ASP H 16 -0.59 -73.90 26.03
N LYS H 17 -0.15 -72.79 26.65
CA LYS H 17 -0.09 -72.72 28.10
C LYS H 17 -1.49 -72.86 28.69
N PRO H 18 -1.75 -73.80 29.61
CA PRO H 18 -3.16 -74.12 29.95
C PRO H 18 -3.93 -72.99 30.60
N GLU H 19 -3.26 -72.02 31.24
CA GLU H 19 -3.98 -70.88 31.79
C GLU H 19 -4.62 -70.05 30.70
N ILE H 20 -3.89 -69.86 29.59
CA ILE H 20 -4.41 -69.11 28.45
C ILE H 20 -5.59 -69.85 27.84
N ILE H 21 -5.45 -71.17 27.70
CA ILE H 21 -6.54 -72.01 27.17
C ILE H 21 -7.76 -71.85 28.05
N THR H 22 -7.56 -71.92 29.37
CA THR H 22 -8.67 -71.83 30.31
C THR H 22 -9.36 -70.49 30.23
N ALA H 23 -8.59 -69.40 30.10
CA ALA H 23 -9.20 -68.07 30.03
C ALA H 23 -10.04 -67.91 28.76
N LEU H 24 -9.47 -68.30 27.61
CA LEU H 24 -10.23 -68.18 26.36
C LEU H 24 -11.45 -69.10 26.38
N GLU H 25 -11.31 -70.31 26.92
CA GLU H 25 -12.43 -71.22 27.07
C GLU H 25 -13.52 -70.62 27.94
N ASN H 26 -13.12 -69.95 29.03
CA ASN H 26 -14.07 -69.27 29.89
C ASN H 26 -14.82 -68.20 29.12
N LEU H 27 -14.13 -67.44 28.27
CA LEU H 27 -14.80 -66.40 27.50
C LEU H 27 -15.85 -66.99 26.55
N THR H 28 -15.47 -68.02 25.79
CA THR H 28 -16.43 -68.61 24.84
C THR H 28 -17.62 -69.23 25.58
N LYS H 29 -17.38 -69.85 26.74
CA LYS H 29 -18.50 -70.42 27.50
C LYS H 29 -19.36 -69.31 28.11
N LEU H 30 -18.74 -68.21 28.55
CA LEU H 30 -19.49 -67.13 29.18
C LEU H 30 -20.40 -66.44 28.19
N HIS H 31 -19.91 -66.16 26.98
CA HIS H 31 -20.60 -65.32 26.02
C HIS H 31 -21.17 -66.09 24.83
N ALA H 32 -21.05 -67.42 24.80
CA ALA H 32 -21.65 -68.31 23.81
C ALA H 32 -21.05 -68.19 22.41
N LEU H 33 -20.09 -67.30 22.18
CA LEU H 33 -19.47 -67.15 20.88
C LEU H 33 -18.40 -68.21 20.67
N SER H 34 -18.22 -68.62 19.42
CA SER H 34 -17.28 -69.69 19.10
C SER H 34 -15.84 -69.20 19.28
N VAL H 35 -14.91 -70.15 19.14
CA VAL H 35 -13.49 -69.83 19.26
C VAL H 35 -13.06 -68.89 18.15
N GLU H 36 -13.53 -69.14 16.92
CA GLU H 36 -13.13 -68.25 15.83
C GLU H 36 -13.78 -66.88 15.95
N ASP H 37 -15.00 -66.82 16.47
CA ASP H 37 -15.62 -65.52 16.77
C ASP H 37 -14.81 -64.77 17.82
N LEU H 38 -14.36 -65.50 18.86
CA LEU H 38 -13.52 -64.88 19.86
C LEU H 38 -12.20 -64.40 19.26
N TYR H 39 -11.64 -65.17 18.32
CA TYR H 39 -10.43 -64.75 17.63
C TYR H 39 -10.66 -63.50 16.79
N ILE H 40 -11.81 -63.42 16.12
CA ILE H 40 -12.16 -62.23 15.34
C ILE H 40 -12.27 -61.01 16.26
N LYS H 41 -12.97 -61.17 17.40
CA LYS H 41 -13.13 -60.04 18.31
C LYS H 41 -11.81 -59.67 18.98
N TRP H 42 -10.96 -60.66 19.24
CA TRP H 42 -9.60 -60.38 19.71
C TRP H 42 -8.84 -59.56 18.70
N GLU H 43 -9.04 -59.84 17.40
CA GLU H 43 -8.41 -59.02 16.37
C GLU H 43 -8.99 -57.61 16.35
N GLN H 44 -10.31 -57.47 16.52
CA GLN H 44 -10.91 -56.12 16.65
C GLN H 44 -10.25 -55.37 17.80
N PHE H 45 -10.07 -56.07 18.92
CA PHE H 45 -9.47 -55.49 20.11
C PHE H 45 -8.02 -55.07 19.88
N SER H 46 -7.26 -55.87 19.11
CA SER H 46 -5.87 -55.54 18.84
C SER H 46 -5.72 -54.26 18.02
N ASN H 47 -6.76 -53.84 17.31
CA ASN H 47 -6.77 -52.60 16.53
C ASN H 47 -6.87 -51.39 17.48
N GLN H 48 -6.56 -50.21 16.96
CA GLN H 48 -6.85 -48.89 17.53
C GLN H 48 -6.10 -48.53 18.83
N ARG H 49 -5.12 -49.32 19.30
CA ARG H 49 -4.41 -49.03 20.55
C ARG H 49 -2.93 -48.70 20.36
N ARG H 50 -2.43 -48.60 19.13
CA ARG H 50 -1.00 -48.43 18.83
C ARG H 50 -0.15 -49.57 19.38
N GLN H 51 -0.76 -50.72 19.69
CA GLN H 51 -0.14 -51.82 20.41
C GLN H 51 0.13 -52.95 19.42
N THR H 52 1.22 -52.82 18.66
CA THR H 52 1.64 -53.91 17.79
C THR H 52 1.97 -55.15 18.61
N HIS H 53 2.49 -54.96 19.83
CA HIS H 53 2.67 -56.05 20.77
C HIS H 53 1.40 -56.34 21.55
N THR H 54 0.29 -56.59 20.86
CA THR H 54 -0.91 -57.13 21.49
C THR H 54 -0.67 -58.62 21.72
N ASP H 55 0.19 -58.93 22.69
CA ASP H 55 0.56 -60.31 22.96
C ASP H 55 -0.54 -61.02 23.73
N LEU H 56 -0.57 -62.34 23.60
CA LEU H 56 -1.64 -63.15 24.17
C LEU H 56 -1.37 -63.48 25.64
N THR H 57 -1.15 -62.45 26.46
CA THR H 57 -0.86 -62.60 27.87
C THR H 57 -2.16 -62.57 28.67
N SER H 58 -2.05 -62.89 29.96
CA SER H 58 -3.22 -62.88 30.84
C SER H 58 -3.80 -61.48 30.97
N LYS H 59 -2.94 -60.47 31.10
CA LYS H 59 -3.43 -59.10 31.26
C LYS H 59 -4.14 -58.62 29.98
N ASN H 60 -3.58 -58.94 28.82
CA ASN H 60 -4.22 -58.59 27.57
C ASN H 60 -5.57 -59.28 27.44
N ILE H 61 -5.67 -60.52 27.92
CA ILE H 61 -6.95 -61.23 27.87
C ILE H 61 -7.95 -60.60 28.85
N ASP H 62 -7.47 -60.10 29.99
CA ASP H 62 -8.36 -59.38 30.89
C ASP H 62 -8.91 -58.11 30.24
N GLU H 63 -8.03 -57.36 29.58
CA GLU H 63 -8.49 -56.18 28.85
C GLU H 63 -9.42 -56.56 27.71
N PHE H 64 -9.19 -57.73 27.10
CA PHE H 64 -10.09 -58.21 26.06
C PHE H 64 -11.45 -58.57 26.62
N LYS H 65 -11.48 -59.12 27.84
CA LYS H 65 -12.76 -59.38 28.51
C LYS H 65 -13.52 -58.08 28.75
N GLN H 66 -12.80 -57.05 29.23
CA GLN H 66 -13.44 -55.75 29.41
C GLN H 66 -13.93 -55.17 28.09
N PHE H 67 -13.12 -55.30 27.04
CA PHE H 67 -13.51 -54.88 25.70
C PHE H 67 -14.76 -55.62 25.24
N LEU H 68 -14.81 -56.93 25.49
CA LEU H 68 -15.96 -57.73 25.08
C LEU H 68 -17.22 -57.26 25.78
N GLN H 69 -17.13 -56.97 27.08
CA GLN H 69 -18.31 -56.48 27.79
C GLN H 69 -18.72 -55.11 27.28
N LEU H 70 -17.75 -54.25 26.96
CA LEU H 70 -18.07 -52.95 26.38
C LEU H 70 -18.77 -53.12 25.03
N GLN H 71 -18.30 -54.04 24.20
CA GLN H 71 -18.97 -54.30 22.92
C GLN H 71 -20.36 -54.88 23.13
N MET H 72 -20.52 -55.77 24.11
CA MET H 72 -21.82 -56.37 24.40
C MET H 72 -22.83 -55.30 24.80
N GLU H 73 -22.47 -54.48 25.78
CA GLU H 73 -23.40 -53.45 26.25
C GLU H 73 -23.64 -52.40 25.17
N LYS H 74 -22.64 -52.09 24.35
CA LYS H 74 -22.85 -51.14 23.27
C LYS H 74 -23.78 -51.71 22.19
N ARG H 75 -23.66 -53.00 21.90
CA ARG H 75 -24.59 -53.64 20.97
C ARG H 75 -26.01 -53.61 21.54
N ALA H 76 -26.14 -53.84 22.85
CA ALA H 76 -27.45 -53.75 23.48
C ALA H 76 -28.01 -52.33 23.41
N ASN H 77 -27.14 -51.33 23.58
CA ASN H 77 -27.59 -49.93 23.47
C ASN H 77 -27.99 -49.58 22.05
N GLN H 78 -27.26 -50.10 21.06
CA GLN H 78 -27.66 -49.96 19.67
C GLN H 78 -29.03 -50.57 19.43
N ILE H 79 -29.25 -51.76 19.98
CA ILE H 79 -30.46 -52.54 19.71
C ILE H 79 -31.48 -52.26 20.81
N ILE H 203 -85.49 -64.17 20.01
CA ILE H 203 -85.99 -63.36 21.13
C ILE H 203 -86.28 -64.29 22.31
N LEU H 204 -85.61 -64.04 23.44
CA LEU H 204 -85.77 -64.84 24.64
C LEU H 204 -86.90 -64.31 25.54
N ASP H 205 -87.00 -63.00 25.66
CA ASP H 205 -88.04 -62.35 26.44
C ASP H 205 -88.25 -60.98 25.82
N SER H 206 -89.44 -60.41 26.04
CA SER H 206 -89.78 -59.13 25.44
C SER H 206 -90.68 -58.32 26.35
N LEU H 207 -90.44 -57.01 26.39
CA LEU H 207 -91.30 -56.05 27.05
C LEU H 207 -92.09 -55.28 25.99
N ASN H 208 -93.41 -55.26 26.15
CA ASN H 208 -94.35 -54.60 25.24
C ASN H 208 -94.20 -55.06 23.79
N PRO H 209 -94.26 -56.37 23.51
CA PRO H 209 -94.20 -56.79 22.10
C PRO H 209 -95.51 -56.55 21.35
N GLU H 210 -96.65 -56.54 22.05
CA GLU H 210 -97.94 -56.48 21.40
C GLU H 210 -98.32 -55.07 20.93
N ASN H 211 -97.65 -54.03 21.44
CA ASN H 211 -98.04 -52.65 21.21
C ASN H 211 -97.08 -51.89 20.31
N ILE H 212 -95.83 -52.33 20.19
CA ILE H 212 -94.78 -51.58 19.54
C ILE H 212 -94.04 -52.52 18.61
N GLU H 213 -93.86 -52.11 17.37
CA GLU H 213 -93.10 -52.89 16.41
C GLU H 213 -91.62 -52.61 16.56
N ILE H 214 -90.80 -53.58 16.15
CA ILE H 214 -89.36 -53.40 16.19
C ILE H 214 -88.98 -52.31 15.20
N SER H 215 -88.10 -51.42 15.62
CA SER H 215 -87.64 -50.35 14.76
C SER H 215 -86.91 -50.93 13.55
N SER H 216 -86.93 -50.20 12.44
CA SER H 216 -86.14 -50.59 11.29
C SER H 216 -84.67 -50.21 11.44
N GLY H 217 -84.35 -49.32 12.38
CA GLY H 217 -82.98 -48.95 12.63
C GLY H 217 -82.56 -47.72 11.85
N ASN H 218 -81.24 -47.52 11.80
CA ASN H 218 -80.68 -46.36 11.14
C ASN H 218 -80.55 -46.66 9.64
N PRO H 219 -81.24 -45.93 8.76
CA PRO H 219 -81.12 -46.24 7.32
C PRO H 219 -79.76 -45.93 6.74
N ASN H 220 -78.97 -45.08 7.39
CA ASN H 220 -77.65 -44.72 6.87
C ASN H 220 -76.61 -45.80 7.09
N VAL H 221 -76.91 -46.81 7.90
CA VAL H 221 -75.96 -47.90 8.15
C VAL H 221 -75.90 -48.77 6.91
N GLY H 222 -74.67 -49.05 6.44
CA GLY H 222 -74.44 -49.80 5.24
C GLY H 222 -74.16 -48.96 4.01
N LEU H 223 -74.50 -47.68 4.05
CA LEU H 223 -74.17 -46.77 2.95
C LEU H 223 -72.69 -46.43 3.03
N LEU H 224 -71.97 -46.72 1.95
CA LEU H 224 -70.54 -46.42 1.86
C LEU H 224 -70.23 -44.93 1.88
N SER H 225 -71.23 -44.07 1.65
CA SER H 225 -70.96 -42.69 1.29
C SER H 225 -70.21 -41.95 2.39
N THR H 226 -69.08 -41.37 2.01
CA THR H 226 -68.28 -40.52 2.88
C THR H 226 -69.02 -39.26 3.32
N GLU H 227 -70.14 -38.92 2.66
CA GLU H 227 -70.85 -37.69 2.91
C GLU H 227 -71.26 -37.55 4.36
N GLU H 228 -71.09 -36.33 4.88
CA GLU H 228 -71.39 -35.99 6.26
C GLU H 228 -72.82 -36.41 6.64
N PRO H 229 -73.03 -37.09 7.79
CA PRO H 229 -74.37 -37.63 8.12
C PRO H 229 -75.33 -36.53 8.53
N SER H 230 -76.01 -35.98 7.53
CA SER H 230 -76.66 -34.69 7.69
C SER H 230 -77.86 -34.75 8.65
N TYR H 231 -78.88 -35.59 8.36
CA TYR H 231 -80.20 -35.45 8.99
C TYR H 231 -80.45 -36.38 10.18
N ASN H 232 -80.14 -37.68 10.08
CA ASN H 232 -80.60 -38.67 11.06
C ASN H 232 -79.56 -38.86 12.16
N GLN H 233 -79.28 -37.76 12.85
CA GLN H 233 -78.22 -37.72 13.85
C GLN H 233 -78.86 -37.86 15.22
N VAL H 234 -78.90 -39.10 15.71
CA VAL H 234 -79.14 -39.30 17.13
C VAL H 234 -78.03 -38.62 17.89
N LYS H 235 -78.41 -37.75 18.82
CA LYS H 235 -77.46 -37.03 19.67
C LYS H 235 -77.31 -37.79 20.97
N VAL H 236 -76.08 -38.19 21.26
CA VAL H 236 -75.72 -38.82 22.53
C VAL H 236 -74.90 -37.79 23.30
N GLU H 237 -75.42 -37.34 24.43
CA GLU H 237 -74.78 -36.29 25.23
C GLU H 237 -74.63 -36.75 26.67
N PRO H 238 -73.43 -36.69 27.27
CA PRO H 238 -73.31 -37.05 28.68
C PRO H 238 -74.05 -36.04 29.55
N PHE H 239 -74.61 -36.56 30.64
CA PHE H 239 -75.34 -35.75 31.62
C PHE H 239 -74.66 -35.85 32.98
N TYR H 240 -73.33 -35.70 32.99
CA TYR H 240 -72.56 -35.68 34.22
C TYR H 240 -71.26 -34.93 33.97
N ASP H 241 -70.59 -34.56 35.05
CA ASP H 241 -69.29 -33.90 34.98
C ASP H 241 -68.21 -34.98 34.98
N ALA H 242 -67.55 -35.14 33.82
CA ALA H 242 -66.52 -36.17 33.68
C ALA H 242 -65.31 -35.88 34.55
N LYS H 243 -65.01 -34.61 34.80
CA LYS H 243 -63.83 -34.25 35.58
C LYS H 243 -63.93 -34.74 37.02
N LYS H 244 -65.14 -34.79 37.57
CA LYS H 244 -65.32 -35.26 38.95
C LYS H 244 -64.98 -36.74 39.10
N TYR H 245 -65.03 -37.50 38.01
CA TYR H 245 -64.69 -38.92 38.06
C TYR H 245 -63.19 -39.18 37.96
N LYS H 246 -62.39 -38.16 37.62
CA LYS H 246 -60.94 -38.31 37.46
C LYS H 246 -60.20 -38.01 38.76
N PHE H 247 -60.65 -38.64 39.84
CA PHE H 247 -59.99 -38.55 41.13
C PHE H 247 -58.97 -39.67 41.26
N ARG H 248 -57.99 -39.45 42.14
CA ARG H 248 -56.98 -40.46 42.39
C ARG H 248 -57.54 -41.54 43.32
N THR H 249 -57.27 -42.79 42.99
CA THR H 249 -57.78 -43.93 43.72
C THR H 249 -56.76 -44.38 44.76
N MET H 250 -57.12 -45.42 45.51
CA MET H 250 -56.23 -46.08 46.46
C MET H 250 -55.79 -45.14 47.58
N ARG H 251 -56.63 -44.16 47.91
CA ARG H 251 -56.40 -43.28 49.05
C ARG H 251 -57.78 -42.87 49.57
N GLN H 252 -58.28 -43.63 50.52
CA GLN H 252 -59.55 -43.37 51.17
C GLN H 252 -59.29 -42.90 52.58
N ASN H 253 -59.65 -41.65 52.87
CA ASN H 253 -59.61 -41.14 54.23
C ASN H 253 -60.89 -41.59 54.93
N LEU H 254 -60.72 -42.17 56.12
CA LEU H 254 -61.87 -42.67 56.86
C LEU H 254 -62.80 -41.53 57.28
N GLN H 255 -62.22 -40.37 57.61
CA GLN H 255 -63.05 -39.22 57.97
C GLN H 255 -63.88 -38.75 56.79
N GLU H 256 -63.29 -38.70 55.60
CA GLU H 256 -64.04 -38.31 54.41
C GLU H 256 -65.14 -39.32 54.10
N ALA H 257 -64.83 -40.61 54.23
CA ALA H 257 -65.83 -41.65 54.00
C ALA H 257 -66.99 -41.50 54.97
N SER H 258 -66.69 -41.25 56.24
CA SER H 258 -67.74 -41.08 57.24
C SER H 258 -68.57 -39.82 56.97
N ASP H 259 -67.92 -38.76 56.48
CA ASP H 259 -68.64 -37.55 56.13
C ASP H 259 -69.67 -37.82 55.03
N VAL H 260 -69.27 -38.60 54.02
CA VAL H 260 -70.21 -38.93 52.95
C VAL H 260 -71.39 -39.72 53.51
N LEU H 261 -71.10 -40.72 54.36
CA LEU H 261 -72.18 -41.53 54.92
C LEU H 261 -73.11 -40.71 55.79
N ASP H 262 -72.57 -39.75 56.55
CA ASP H 262 -73.42 -38.88 57.37
C ASP H 262 -74.27 -37.96 56.50
N ASP H 263 -73.66 -37.39 55.46
CA ASP H 263 -74.38 -36.48 54.58
C ASP H 263 -75.54 -37.18 53.87
N GLN H 264 -75.40 -38.48 53.61
CA GLN H 264 -76.50 -39.21 53.00
C GLN H 264 -77.74 -39.20 53.89
N ILE H 265 -77.55 -39.48 55.18
CA ILE H 265 -78.67 -39.49 56.12
C ILE H 265 -79.28 -38.10 56.20
N GLU H 266 -78.44 -37.07 56.27
CA GLU H 266 -78.95 -35.70 56.39
C GLU H 266 -79.74 -35.28 55.16
N SER H 267 -79.25 -35.62 53.98
CA SER H 267 -79.94 -35.29 52.74
C SER H 267 -81.32 -35.94 52.69
N PHE H 268 -81.40 -37.21 53.11
CA PHE H 268 -82.70 -37.87 53.11
C PHE H 268 -83.62 -37.29 54.18
N THR H 269 -83.08 -36.85 55.31
CA THR H 269 -83.91 -36.19 56.33
C THR H 269 -84.59 -34.96 55.75
N LYS H 270 -83.83 -34.17 54.99
CA LYS H 270 -84.43 -32.99 54.35
C LYS H 270 -85.51 -33.38 53.35
N ILE H 271 -85.24 -34.41 52.55
CA ILE H 271 -86.23 -34.87 51.56
C ILE H 271 -87.52 -35.29 52.25
N ILE H 272 -87.39 -36.06 53.33
CA ILE H 272 -88.55 -36.60 54.03
C ILE H 272 -89.33 -35.47 54.69
N GLN H 273 -88.61 -34.53 55.32
CA GLN H 273 -89.26 -33.40 55.97
C GLN H 273 -90.08 -32.60 54.98
N ASN H 274 -89.50 -32.31 53.82
CA ASN H 274 -90.23 -31.53 52.81
C ASN H 274 -91.41 -32.31 52.25
N HIS H 275 -91.23 -33.61 51.99
CA HIS H 275 -92.27 -34.40 51.35
C HIS H 275 -93.48 -34.57 52.25
N TYR H 276 -93.25 -34.94 53.51
CA TYR H 276 -94.34 -35.17 54.46
C TYR H 276 -94.73 -33.91 55.23
N LYS H 277 -94.11 -32.76 54.93
CA LYS H 277 -94.43 -31.48 55.58
C LYS H 277 -94.31 -31.58 57.09
N LEU H 278 -93.25 -32.24 57.54
CA LEU H 278 -92.99 -32.41 58.96
C LEU H 278 -92.16 -31.24 59.48
N SER H 279 -92.35 -30.93 60.73
CA SER H 279 -91.54 -29.91 61.36
C SER H 279 -90.17 -30.47 61.73
N PRO H 280 -89.11 -29.65 61.79
CA PRO H 280 -87.82 -30.15 62.27
C PRO H 280 -87.88 -30.70 63.69
N ASN H 281 -88.79 -30.19 64.51
CA ASN H 281 -88.94 -30.66 65.88
C ASN H 281 -89.65 -32.02 65.96
N ASP H 282 -90.28 -32.46 64.88
CA ASP H 282 -90.88 -33.79 64.86
C ASP H 282 -89.81 -34.88 64.86
N PHE H 283 -88.61 -34.58 64.38
CA PHE H 283 -87.51 -35.52 64.37
C PHE H 283 -86.79 -35.47 65.72
N ALA H 284 -86.47 -36.64 66.26
CA ALA H 284 -85.77 -36.73 67.53
C ALA H 284 -84.82 -37.93 67.49
N ASP H 285 -83.99 -38.01 68.51
CA ASP H 285 -83.00 -39.07 68.60
C ASP H 285 -83.70 -40.38 68.96
N PRO H 286 -83.67 -41.43 68.10
CA PRO H 286 -84.33 -42.69 68.48
C PRO H 286 -83.60 -43.46 69.56
N THR H 287 -82.36 -43.11 69.88
CA THR H 287 -81.60 -43.82 70.90
C THR H 287 -81.94 -43.36 72.30
N ILE H 288 -82.60 -42.22 72.46
CA ILE H 288 -82.98 -41.67 73.76
C ILE H 288 -84.37 -42.17 74.08
N GLN H 289 -84.58 -42.51 75.36
CA GLN H 289 -85.88 -42.98 75.79
C GLN H 289 -86.91 -41.87 75.63
N SER H 290 -88.02 -42.20 74.98
CA SER H 290 -89.12 -41.27 74.80
C SER H 290 -90.43 -42.05 74.83
N GLN H 291 -91.41 -41.51 75.54
CA GLN H 291 -92.74 -42.08 75.58
C GLN H 291 -93.60 -41.61 74.41
N SER H 292 -93.25 -40.49 73.79
CA SER H 292 -93.98 -39.96 72.65
C SER H 292 -93.42 -40.53 71.37
N GLU H 293 -94.31 -40.70 70.39
CA GLU H 293 -93.87 -41.13 69.08
C GLU H 293 -93.05 -40.04 68.42
N ILE H 294 -91.97 -40.44 67.75
CA ILE H 294 -91.07 -39.53 67.07
C ILE H 294 -90.84 -40.05 65.66
N TYR H 295 -90.34 -39.16 64.81
CA TYR H 295 -89.84 -39.53 63.51
C TYR H 295 -88.32 -39.66 63.59
N ALA H 296 -87.79 -40.69 62.95
CA ALA H 296 -86.36 -40.95 62.94
C ALA H 296 -85.92 -41.38 61.55
N VAL H 297 -84.81 -40.80 61.10
CA VAL H 297 -84.17 -41.15 59.84
C VAL H 297 -82.79 -41.69 60.15
N GLY H 298 -82.42 -42.78 59.49
CA GLY H 298 -81.12 -43.36 59.71
C GLY H 298 -80.81 -44.41 58.66
N ARG H 299 -79.69 -45.10 58.87
CA ARG H 299 -79.20 -46.13 57.98
C ARG H 299 -79.41 -47.50 58.61
N ILE H 300 -79.90 -48.44 57.82
CA ILE H 300 -80.04 -49.82 58.31
C ILE H 300 -78.65 -50.42 58.43
N VAL H 301 -78.34 -50.92 59.62
CA VAL H 301 -77.06 -51.56 59.92
C VAL H 301 -77.32 -52.80 60.74
N PRO H 302 -76.37 -53.74 60.78
CA PRO H 302 -76.56 -54.92 61.61
C PRO H 302 -76.50 -54.56 63.08
N ASP H 303 -77.19 -55.37 63.90
CA ASP H 303 -77.16 -55.14 65.33
C ASP H 303 -75.77 -55.38 65.90
N SER H 304 -75.05 -56.36 65.35
CA SER H 304 -73.70 -56.69 65.78
C SER H 304 -72.69 -56.18 64.75
N PRO H 305 -71.64 -55.47 65.14
CA PRO H 305 -70.63 -55.06 64.14
C PRO H 305 -69.89 -56.22 63.51
N THR H 306 -69.79 -57.37 64.19
CA THR H 306 -69.13 -58.57 63.68
C THR H 306 -70.11 -59.57 63.09
N TYR H 307 -71.18 -59.09 62.46
CA TYR H 307 -72.23 -59.97 61.98
C TYR H 307 -71.71 -60.95 60.92
N ASP H 308 -72.30 -62.15 60.90
CA ASP H 308 -71.79 -63.32 60.17
C ASP H 308 -72.55 -63.65 58.89
N LYS H 309 -72.89 -62.65 58.07
CA LYS H 309 -73.43 -62.73 56.70
C LYS H 309 -74.93 -62.99 56.56
N PHE H 310 -75.67 -63.36 57.61
CA PHE H 310 -77.11 -63.57 57.50
C PHE H 310 -77.81 -62.59 58.42
N LEU H 311 -78.61 -61.70 57.82
CA LEU H 311 -79.41 -60.74 58.55
C LEU H 311 -80.87 -61.16 58.51
N ASN H 312 -81.48 -61.15 59.67
CA ASN H 312 -82.91 -61.35 59.84
C ASN H 312 -83.55 -60.06 60.35
N PRO H 313 -84.89 -59.97 60.38
CA PRO H 313 -85.53 -58.75 60.88
C PRO H 313 -85.19 -58.40 62.32
N GLU H 314 -84.83 -59.38 63.14
CA GLU H 314 -84.53 -59.15 64.55
C GLU H 314 -83.09 -58.68 64.79
N SER H 315 -82.25 -58.69 63.76
CA SER H 315 -80.83 -58.36 63.86
C SER H 315 -80.51 -57.04 63.18
N LEU H 316 -81.50 -56.16 63.05
CA LEU H 316 -81.35 -54.88 62.37
C LEU H 316 -81.31 -53.76 63.39
N SER H 317 -80.42 -52.81 63.13
CA SER H 317 -80.28 -51.60 63.93
C SER H 317 -80.33 -50.40 63.02
N LEU H 318 -80.60 -49.25 63.61
CA LEU H 318 -80.65 -47.98 62.90
C LEU H 318 -79.51 -47.11 63.37
N GLU H 319 -78.66 -46.70 62.44
CA GLU H 319 -77.61 -45.73 62.71
C GLU H 319 -78.12 -44.35 62.36
N THR H 320 -77.95 -43.41 63.29
CA THR H 320 -78.41 -42.04 63.11
C THR H 320 -77.27 -41.20 62.56
N SER H 321 -77.62 -39.99 62.11
CA SER H 321 -76.61 -39.03 61.70
C SER H 321 -75.93 -38.42 62.93
N ARG H 322 -74.86 -37.67 62.68
CA ARG H 322 -74.19 -36.96 63.76
C ARG H 322 -75.13 -35.94 64.41
N MET H 323 -75.89 -35.21 63.59
CA MET H 323 -76.80 -34.20 64.12
C MET H 323 -78.04 -34.82 64.74
N GLY H 324 -78.54 -35.91 64.16
CA GLY H 324 -79.81 -36.47 64.59
C GLY H 324 -79.72 -37.29 65.87
N GLY H 325 -78.68 -38.09 66.01
CA GLY H 325 -78.51 -38.94 67.17
C GLY H 325 -77.08 -39.16 67.61
N VAL H 326 -76.16 -38.27 67.19
CA VAL H 326 -74.75 -38.37 67.53
C VAL H 326 -74.20 -39.70 67.05
N GLY H 327 -74.68 -40.16 65.89
CA GLY H 327 -74.12 -41.34 65.28
C GLY H 327 -74.32 -42.63 66.03
N ARG H 328 -75.21 -42.64 67.01
CA ARG H 328 -75.43 -43.84 67.80
C ARG H 328 -76.33 -44.81 67.05
N ARG H 329 -76.21 -46.08 67.41
CA ARG H 329 -77.01 -47.15 66.84
C ARG H 329 -78.01 -47.64 67.88
N VAL H 330 -79.22 -47.96 67.40
CA VAL H 330 -80.28 -48.49 68.25
C VAL H 330 -80.88 -49.71 67.56
N ARG H 331 -81.10 -50.76 68.34
CA ARG H 331 -81.74 -51.95 67.81
C ARG H 331 -83.19 -51.63 67.44
N LEU H 332 -83.65 -52.27 66.37
CA LEU H 332 -84.99 -52.05 65.85
C LEU H 332 -85.90 -53.21 66.28
N ASP H 333 -87.06 -52.85 66.84
CA ASP H 333 -88.14 -53.80 67.09
C ASP H 333 -89.18 -53.59 66.00
N LEU H 334 -89.25 -54.55 65.07
CA LEU H 334 -90.14 -54.50 63.93
C LEU H 334 -91.34 -55.42 64.11
N SER H 335 -91.71 -55.72 65.36
CA SER H 335 -92.81 -56.63 65.63
C SER H 335 -94.15 -56.06 65.15
N GLN H 336 -94.31 -54.73 65.22
CA GLN H 336 -95.57 -54.09 64.85
C GLN H 336 -95.68 -53.84 63.35
N VAL H 337 -94.63 -54.10 62.58
CA VAL H 337 -94.63 -53.93 61.14
C VAL H 337 -94.89 -55.30 60.51
N ASN H 338 -95.91 -55.37 59.65
CA ASN H 338 -96.31 -56.62 59.04
C ASN H 338 -95.55 -56.89 57.74
N GLU H 339 -95.31 -55.85 56.94
CA GLU H 339 -94.65 -55.96 55.64
C GLU H 339 -93.43 -55.05 55.64
N LEU H 340 -92.28 -55.60 55.25
CA LEU H 340 -91.07 -54.80 55.12
C LEU H 340 -90.12 -55.48 54.15
N SER H 341 -89.24 -54.66 53.58
CA SER H 341 -88.11 -55.14 52.77
C SER H 341 -86.96 -54.18 53.02
N PHE H 342 -85.95 -54.64 53.77
CA PHE H 342 -84.80 -53.82 54.12
C PHE H 342 -83.51 -54.50 53.64
N PHE H 343 -82.48 -53.68 53.48
CA PHE H 343 -81.15 -54.14 53.11
C PHE H 343 -80.11 -53.27 53.81
N LEU H 344 -78.89 -53.77 53.88
CA LEU H 344 -77.81 -53.04 54.55
C LEU H 344 -77.44 -51.80 53.78
N GLY H 345 -77.22 -50.72 54.52
CA GLY H 345 -76.89 -49.43 53.95
C GLY H 345 -78.09 -48.62 53.53
N GLN H 346 -79.29 -49.18 53.61
CA GLN H 346 -80.48 -48.45 53.21
C GLN H 346 -80.74 -47.31 54.17
N ILE H 347 -81.06 -46.15 53.60
CA ILE H 347 -81.60 -45.04 54.37
C ILE H 347 -83.10 -45.24 54.49
N VAL H 348 -83.61 -45.10 55.71
CA VAL H 348 -85.00 -45.38 56.02
C VAL H 348 -85.51 -44.28 56.93
N ALA H 349 -86.83 -44.16 56.98
CA ALA H 349 -87.52 -43.24 57.87
C ALA H 349 -88.61 -44.00 58.60
N PHE H 350 -88.66 -43.81 59.91
CA PHE H 350 -89.58 -44.53 60.77
C PHE H 350 -90.32 -43.55 61.66
N LYS H 351 -91.55 -43.92 61.96
CA LYS H 351 -92.31 -43.34 63.05
C LYS H 351 -92.43 -44.39 64.14
N GLY H 352 -91.98 -44.05 65.33
CA GLY H 352 -92.00 -45.02 66.41
C GLY H 352 -91.62 -44.38 67.71
N LYS H 353 -91.29 -45.22 68.69
CA LYS H 353 -90.92 -44.75 70.01
C LYS H 353 -89.91 -45.70 70.63
N ASN H 354 -89.07 -45.15 71.50
CA ASN H 354 -88.13 -45.91 72.32
C ASN H 354 -88.62 -45.79 73.76
N ALA H 355 -89.44 -46.74 74.19
CA ALA H 355 -90.06 -46.66 75.50
C ALA H 355 -89.11 -47.08 76.62
N ASN H 356 -88.27 -48.07 76.37
CA ASN H 356 -87.40 -48.66 77.39
C ASN H 356 -85.94 -48.25 77.27
N GLY H 357 -85.55 -47.60 76.17
CA GLY H 357 -84.17 -47.19 75.97
C GLY H 357 -83.29 -48.19 75.26
N ASP H 358 -83.77 -49.43 75.07
CA ASP H 358 -82.98 -50.51 74.48
C ASP H 358 -83.25 -50.72 73.00
N TYR H 359 -84.51 -50.71 72.58
CA TYR H 359 -84.88 -50.90 71.18
C TYR H 359 -85.91 -49.86 70.77
N PHE H 360 -85.77 -49.37 69.54
CA PHE H 360 -86.71 -48.43 68.95
C PHE H 360 -87.84 -49.22 68.30
N THR H 361 -89.03 -49.15 68.88
CA THR H 361 -90.18 -49.87 68.34
C THR H 361 -90.78 -49.08 67.18
N VAL H 362 -90.75 -49.67 65.99
CA VAL H 362 -91.24 -49.04 64.78
C VAL H 362 -92.73 -49.30 64.68
N ASN H 363 -93.51 -48.23 64.62
CA ASN H 363 -94.95 -48.32 64.44
C ASN H 363 -95.32 -48.28 62.97
N SER H 364 -94.63 -47.45 62.19
CA SER H 364 -94.89 -47.32 60.77
C SER H 364 -93.60 -46.95 60.06
N ILE H 365 -93.47 -47.47 58.85
CA ILE H 365 -92.38 -47.12 57.96
C ILE H 365 -92.89 -46.02 57.06
N LEU H 366 -92.13 -44.93 56.96
CA LEU H 366 -92.46 -43.86 56.05
C LEU H 366 -91.82 -44.19 54.70
N PRO H 367 -92.58 -44.45 53.63
CA PRO H 367 -91.95 -44.71 52.34
C PRO H 367 -91.18 -43.49 51.84
N LEU H 368 -89.98 -43.74 51.33
CA LEU H 368 -89.20 -42.65 50.79
C LEU H 368 -89.81 -42.17 49.47
N PRO H 369 -89.89 -40.86 49.24
CA PRO H 369 -90.49 -40.40 47.99
C PRO H 369 -89.63 -40.75 46.79
N TYR H 370 -90.28 -41.11 45.69
CA TYR H 370 -89.53 -41.38 44.48
C TYR H 370 -89.05 -40.07 43.86
N PRO H 371 -87.93 -40.08 43.14
CA PRO H 371 -87.50 -38.86 42.46
C PRO H 371 -88.43 -38.53 41.29
N ASN H 372 -88.35 -37.27 40.87
CA ASN H 372 -89.17 -36.84 39.75
C ASN H 372 -88.67 -37.48 38.46
N SER H 373 -89.51 -37.41 37.42
CA SER H 373 -89.19 -37.93 36.10
C SER H 373 -88.66 -36.81 35.21
N PRO H 374 -87.82 -37.12 34.21
CA PRO H 374 -87.34 -36.07 33.32
C PRO H 374 -88.43 -35.58 32.40
N VAL H 375 -88.31 -34.31 32.00
CA VAL H 375 -89.30 -33.63 31.17
C VAL H 375 -88.58 -32.89 30.06
N SER H 376 -89.33 -32.60 28.99
CA SER H 376 -88.84 -31.82 27.87
C SER H 376 -89.92 -30.86 27.41
N THR H 377 -89.48 -29.77 26.76
CA THR H 377 -90.40 -28.79 26.20
C THR H 377 -90.97 -29.30 24.88
N SER H 378 -92.05 -28.64 24.44
CA SER H 378 -92.66 -29.00 23.17
C SER H 378 -91.69 -28.78 22.01
N GLN H 379 -90.93 -27.69 22.07
CA GLN H 379 -89.99 -27.37 21.00
C GLN H 379 -88.90 -28.43 20.90
N GLU H 380 -88.36 -28.86 22.04
CA GLU H 380 -87.34 -29.91 22.04
C GLU H 380 -87.87 -31.21 21.46
N LEU H 381 -89.09 -31.58 21.85
CA LEU H 381 -89.67 -32.83 21.37
C LEU H 381 -89.90 -32.79 19.86
N GLN H 382 -90.34 -31.64 19.35
CA GLN H 382 -90.51 -31.52 17.90
C GLN H 382 -89.17 -31.63 17.18
N GLU H 383 -88.12 -31.05 17.74
CA GLU H 383 -86.80 -31.16 17.13
C GLU H 383 -86.34 -32.62 17.09
N PHE H 384 -86.54 -33.35 18.19
CA PHE H 384 -86.15 -34.75 18.21
C PHE H 384 -86.99 -35.58 17.25
N GLN H 385 -88.26 -35.21 17.09
CA GLN H 385 -89.11 -35.91 16.12
C GLN H 385 -88.63 -35.66 14.70
N ALA H 386 -88.23 -34.44 14.40
CA ALA H 386 -87.74 -34.13 13.07
C ALA H 386 -86.41 -34.82 12.81
N ASN H 387 -85.58 -35.00 13.84
CA ASN H 387 -84.27 -35.62 13.63
C ASN H 387 -84.39 -37.06 13.17
N LEU H 388 -85.36 -37.80 13.69
CA LEU H 388 -85.59 -39.19 13.29
C LEU H 388 -86.61 -39.32 12.17
N GLU H 389 -87.16 -38.22 11.66
CA GLU H 389 -88.16 -38.24 10.59
C GLU H 389 -89.36 -39.12 10.95
N GLY H 390 -89.73 -39.10 12.23
CA GLY H 390 -90.85 -39.88 12.71
C GLY H 390 -90.55 -41.34 12.96
N SER H 391 -89.33 -41.81 12.70
CA SER H 391 -88.99 -43.20 12.91
C SER H 391 -88.65 -43.46 14.36
N SER H 392 -88.65 -44.73 14.73
CA SER H 392 -88.36 -45.14 16.09
C SER H 392 -86.86 -45.24 16.31
N LEU H 393 -86.44 -44.91 17.52
CA LEU H 393 -85.05 -45.08 17.92
C LEU H 393 -84.79 -46.56 18.20
N LYS H 394 -83.60 -47.03 17.81
CA LYS H 394 -83.15 -48.40 18.04
C LYS H 394 -81.82 -48.35 18.77
N VAL H 395 -81.78 -48.92 19.97
CA VAL H 395 -80.58 -48.98 20.81
C VAL H 395 -80.30 -50.44 21.14
N ILE H 396 -79.04 -50.85 20.99
CA ILE H 396 -78.57 -52.19 21.36
C ILE H 396 -77.67 -52.06 22.57
N VAL H 397 -77.83 -52.96 23.52
CA VAL H 397 -77.06 -52.97 24.77
C VAL H 397 -76.46 -54.36 24.94
N THR H 398 -75.14 -54.41 25.12
CA THR H 398 -74.41 -55.64 25.39
C THR H 398 -73.61 -55.46 26.68
N CYS H 399 -73.33 -56.58 27.34
CA CYS H 399 -72.50 -56.56 28.54
C CYS H 399 -71.51 -57.71 28.50
N GLY H 400 -70.29 -57.40 28.93
CA GLY H 400 -69.24 -58.38 28.94
C GLY H 400 -69.47 -59.44 29.99
N PRO H 401 -68.63 -60.49 30.00
CA PRO H 401 -67.44 -60.72 29.17
C PRO H 401 -67.79 -61.05 27.73
N TYR H 402 -66.86 -60.82 26.79
CA TYR H 402 -67.07 -61.05 25.37
C TYR H 402 -66.35 -62.29 24.85
N PHE H 403 -65.71 -63.07 25.72
CA PHE H 403 -65.16 -64.36 25.37
C PHE H 403 -65.34 -65.31 26.53
N ALA H 404 -65.23 -66.61 26.24
CA ALA H 404 -65.49 -67.64 27.23
C ALA H 404 -64.39 -67.67 28.29
N ASN H 405 -64.56 -68.55 29.27
CA ASN H 405 -63.62 -68.68 30.37
C ASN H 405 -62.39 -69.52 30.02
N ASP H 406 -62.40 -70.24 28.90
CA ASP H 406 -61.31 -71.14 28.52
C ASP H 406 -60.55 -70.68 27.28
N ASN H 407 -60.89 -69.53 26.70
CA ASN H 407 -60.19 -69.04 25.53
C ASN H 407 -60.42 -67.54 25.41
N PHE H 408 -59.79 -66.95 24.38
CA PHE H 408 -59.91 -65.53 24.07
C PHE H 408 -60.48 -65.33 22.67
N SER H 409 -61.35 -66.24 22.24
CA SER H 409 -61.96 -66.14 20.93
C SER H 409 -63.04 -65.07 20.92
N LEU H 410 -63.00 -64.18 19.94
CA LEU H 410 -63.99 -63.14 19.73
C LEU H 410 -64.82 -63.40 18.47
N GLU H 411 -64.98 -64.67 18.10
CA GLU H 411 -65.76 -65.02 16.92
C GLU H 411 -67.21 -64.60 17.07
N LEU H 412 -67.78 -64.83 18.26
CA LEU H 412 -69.17 -64.44 18.50
C LEU H 412 -69.35 -62.93 18.42
N LEU H 413 -68.40 -62.17 18.97
CA LEU H 413 -68.48 -60.72 18.87
C LEU H 413 -68.38 -60.26 17.43
N GLN H 414 -67.49 -60.88 16.64
CA GLN H 414 -67.36 -60.51 15.24
C GLN H 414 -68.66 -60.77 14.48
N GLU H 415 -69.26 -61.95 14.71
CA GLU H 415 -70.54 -62.26 14.08
C GLU H 415 -71.60 -61.25 14.48
N PHE H 416 -71.61 -60.89 15.77
CA PHE H 416 -72.58 -59.93 16.27
C PHE H 416 -72.40 -58.57 15.60
N ILE H 417 -71.15 -58.10 15.46
CA ILE H 417 -70.91 -56.80 14.84
C ILE H 417 -71.32 -56.83 13.37
N ASP H 418 -71.06 -57.95 12.69
CA ASP H 418 -71.49 -58.07 11.30
C ASP H 418 -73.01 -57.96 11.19
N SER H 419 -73.72 -58.61 12.11
CA SER H 419 -75.17 -58.49 12.15
C SER H 419 -75.59 -57.06 12.47
N ILE H 420 -74.89 -56.41 13.39
CA ILE H 420 -75.16 -55.02 13.76
C ILE H 420 -75.06 -54.12 12.54
N ASN H 421 -74.06 -54.37 11.70
CA ASN H 421 -73.79 -53.50 10.57
C ASN H 421 -74.69 -53.76 9.37
N ASN H 422 -75.23 -54.97 9.23
CA ASN H 422 -75.94 -55.37 8.01
C ASN H 422 -77.42 -55.65 8.19
N GLU H 423 -77.86 -56.14 9.35
CA GLU H 423 -79.24 -56.53 9.58
C GLU H 423 -79.93 -55.68 10.64
N VAL H 424 -79.33 -55.54 11.81
CA VAL H 424 -79.98 -54.83 12.92
C VAL H 424 -79.94 -53.32 12.67
N LYS H 425 -78.77 -52.79 12.35
CA LYS H 425 -78.57 -51.39 12.01
C LYS H 425 -79.06 -50.44 13.10
N PRO H 426 -78.54 -50.53 14.32
CA PRO H 426 -79.02 -49.65 15.38
C PRO H 426 -78.52 -48.22 15.22
N HIS H 427 -79.22 -47.30 15.88
CA HIS H 427 -78.71 -45.94 15.96
C HIS H 427 -77.58 -45.83 16.97
N VAL H 428 -77.71 -46.54 18.10
CA VAL H 428 -76.75 -46.47 19.20
C VAL H 428 -76.45 -47.87 19.67
N LEU H 429 -75.17 -48.13 19.97
CA LEU H 429 -74.71 -49.37 20.58
C LEU H 429 -74.07 -49.02 21.92
N ILE H 430 -74.58 -49.59 23.01
CA ILE H 430 -74.00 -49.42 24.33
C ILE H 430 -73.33 -50.74 24.70
N MET H 431 -72.03 -50.69 24.98
CA MET H 431 -71.25 -51.87 25.34
C MET H 431 -70.72 -51.68 26.76
N PHE H 432 -71.16 -52.56 27.67
CA PHE H 432 -70.64 -52.59 29.03
C PHE H 432 -69.46 -53.55 29.09
N GLY H 433 -68.45 -53.18 29.88
CA GLY H 433 -67.38 -54.08 30.18
C GLY H 433 -67.85 -55.18 31.13
N PRO H 434 -66.90 -56.02 31.58
CA PRO H 434 -65.46 -55.99 31.29
C PRO H 434 -65.11 -56.49 29.89
N PHE H 435 -64.23 -55.77 29.19
CA PHE H 435 -63.70 -56.22 27.92
C PHE H 435 -62.59 -57.24 28.13
N ILE H 436 -61.65 -56.93 29.01
CA ILE H 436 -60.65 -57.87 29.49
C ILE H 436 -60.85 -57.97 31.00
N ASP H 437 -61.51 -59.05 31.43
CA ASP H 437 -61.78 -59.28 32.84
C ASP H 437 -60.51 -59.74 33.53
N ILE H 438 -60.04 -58.96 34.51
CA ILE H 438 -58.80 -59.32 35.23
C ILE H 438 -58.98 -60.61 36.01
N THR H 439 -60.20 -60.94 36.41
CA THR H 439 -60.48 -62.16 37.16
C THR H 439 -60.72 -63.34 36.24
N HIS H 440 -60.47 -63.20 34.93
CA HIS H 440 -60.64 -64.30 34.00
C HIS H 440 -59.75 -65.48 34.43
N PRO H 441 -60.25 -66.73 34.37
CA PRO H 441 -59.44 -67.85 34.89
C PRO H 441 -58.06 -68.01 34.25
N LEU H 442 -57.95 -67.82 32.93
CA LEU H 442 -56.66 -67.92 32.26
C LEU H 442 -55.71 -66.81 32.68
N ILE H 443 -56.23 -65.60 32.94
CA ILE H 443 -55.37 -64.54 33.43
C ILE H 443 -54.94 -64.83 34.86
N ALA H 444 -55.87 -65.30 35.70
CA ALA H 444 -55.57 -65.56 37.10
C ALA H 444 -54.54 -66.67 37.25
N SER H 445 -54.62 -67.68 36.39
CA SER H 445 -53.68 -68.80 36.42
C SER H 445 -52.42 -68.55 35.62
N GLY H 446 -52.34 -67.46 34.86
CA GLY H 446 -51.20 -67.19 34.03
C GLY H 446 -51.11 -68.02 32.78
N LYS H 447 -52.15 -68.78 32.45
CA LYS H 447 -52.14 -69.70 31.31
C LYS H 447 -52.64 -69.01 30.04
N LEU H 448 -52.11 -67.84 29.74
CA LEU H 448 -52.52 -67.15 28.53
C LEU H 448 -51.94 -67.87 27.31
N PRO H 449 -52.72 -68.09 26.26
CA PRO H 449 -52.19 -68.82 25.10
C PRO H 449 -51.33 -67.92 24.22
N ASN H 450 -50.61 -68.56 23.31
CA ASN H 450 -50.02 -67.85 22.19
C ASN H 450 -51.09 -67.54 21.16
N PHE H 451 -50.93 -66.40 20.49
CA PHE H 451 -51.88 -65.93 19.48
C PHE H 451 -51.23 -66.05 18.11
N PRO H 452 -51.35 -67.19 17.42
CA PRO H 452 -50.63 -67.37 16.15
C PRO H 452 -51.02 -66.40 15.06
N GLN H 453 -52.22 -65.82 15.14
CA GLN H 453 -52.71 -64.87 14.14
C GLN H 453 -51.94 -63.55 14.16
N PHE H 454 -51.18 -63.26 15.21
CA PHE H 454 -50.46 -62.01 15.34
C PHE H 454 -48.98 -62.21 15.02
N LYS H 455 -48.45 -61.32 14.18
CA LYS H 455 -47.03 -61.34 13.88
C LYS H 455 -46.20 -61.09 15.13
N THR H 456 -46.59 -60.08 15.91
CA THR H 456 -45.95 -59.74 17.18
C THR H 456 -46.92 -60.05 18.31
N GLN H 457 -46.46 -60.85 19.26
CA GLN H 457 -47.33 -61.25 20.35
C GLN H 457 -47.60 -60.04 21.27
N PRO H 458 -48.79 -59.95 21.86
CA PRO H 458 -49.00 -58.88 22.84
C PRO H 458 -48.12 -59.11 24.05
N LYS H 459 -47.70 -58.02 24.68
CA LYS H 459 -46.86 -58.06 25.87
C LYS H 459 -47.60 -57.70 27.16
N THR H 460 -48.69 -56.96 27.06
CA THR H 460 -49.52 -56.56 28.20
C THR H 460 -50.98 -56.80 27.84
N LEU H 461 -51.84 -56.74 28.87
CA LEU H 461 -53.27 -56.88 28.64
C LEU H 461 -53.82 -55.71 27.82
N ASP H 462 -53.24 -54.53 27.96
CA ASP H 462 -53.63 -53.39 27.13
C ASP H 462 -53.34 -53.68 25.65
N GLU H 463 -52.15 -54.20 25.37
CA GLU H 463 -51.82 -54.57 24.00
C GLU H 463 -52.71 -55.70 23.52
N LEU H 464 -53.11 -56.60 24.42
CA LEU H 464 -54.03 -57.66 24.05
C LEU H 464 -55.35 -57.09 23.58
N PHE H 465 -55.87 -56.07 24.28
CA PHE H 465 -57.08 -55.39 23.81
C PHE H 465 -56.85 -54.80 22.43
N LEU H 466 -55.73 -54.10 22.26
CA LEU H 466 -55.48 -53.42 20.99
C LEU H 466 -55.37 -54.38 19.81
N LYS H 467 -54.92 -55.60 20.06
CA LYS H 467 -54.80 -56.58 18.99
C LYS H 467 -56.07 -57.38 18.76
N LEU H 468 -56.86 -57.61 19.81
CA LEU H 468 -58.07 -58.42 19.71
C LEU H 468 -59.33 -57.59 19.51
N PHE H 469 -59.58 -56.60 20.36
CA PHE H 469 -60.84 -55.87 20.34
C PHE H 469 -60.85 -54.72 19.33
N THR H 470 -59.76 -53.94 19.29
CA THR H 470 -59.74 -52.73 18.48
C THR H 470 -59.99 -52.99 16.99
N PRO H 471 -59.36 -53.98 16.33
CA PRO H 471 -59.71 -54.24 14.93
C PRO H 471 -61.17 -54.59 14.73
N ILE H 472 -61.78 -55.30 15.68
CA ILE H 472 -63.18 -55.69 15.53
C ILE H 472 -64.09 -54.49 15.75
N LEU H 473 -63.81 -53.68 16.78
CA LEU H 473 -64.68 -52.54 17.07
C LEU H 473 -64.60 -51.48 15.98
N LYS H 474 -63.45 -51.34 15.32
CA LYS H 474 -63.31 -50.35 14.25
C LYS H 474 -64.17 -50.69 13.04
N THR H 475 -64.61 -51.94 12.90
CA THR H 475 -65.46 -52.31 11.78
C THR H 475 -66.91 -51.88 11.97
N ILE H 476 -67.27 -51.38 13.16
CA ILE H 476 -68.62 -50.87 13.37
C ILE H 476 -68.83 -49.69 12.46
N SER H 477 -70.03 -49.60 11.90
CA SER H 477 -70.34 -48.53 10.96
C SER H 477 -70.20 -47.17 11.64
N PRO H 478 -69.63 -46.16 10.96
CA PRO H 478 -69.50 -44.84 11.60
C PRO H 478 -70.83 -44.17 11.89
N HIS H 479 -71.93 -44.64 11.30
CA HIS H 479 -73.25 -44.09 11.57
C HIS H 479 -73.87 -44.65 12.84
N ILE H 480 -73.24 -45.63 13.49
CA ILE H 480 -73.69 -46.19 14.75
C ILE H 480 -72.88 -45.53 15.86
N GLN H 481 -73.55 -44.77 16.72
CA GLN H 481 -72.88 -44.17 17.88
C GLN H 481 -72.63 -45.25 18.93
N THR H 482 -71.36 -45.48 19.28
CA THR H 482 -70.98 -46.54 20.19
C THR H 482 -70.59 -45.94 21.53
N VAL H 483 -71.24 -46.38 22.60
CA VAL H 483 -70.95 -45.97 23.97
C VAL H 483 -70.29 -47.13 24.70
N LEU H 484 -69.12 -46.87 25.27
CA LEU H 484 -68.38 -47.85 26.07
C LEU H 484 -68.40 -47.43 27.53
N ILE H 485 -68.80 -48.34 28.41
CA ILE H 485 -68.86 -48.13 29.84
C ILE H 485 -67.93 -49.14 30.51
N PRO H 486 -66.95 -48.73 31.31
CA PRO H 486 -66.02 -49.71 31.88
C PRO H 486 -66.63 -50.47 33.04
N SER H 487 -65.92 -51.53 33.44
CA SER H 487 -66.18 -52.28 34.66
C SER H 487 -64.99 -52.12 35.58
N THR H 488 -65.24 -52.24 36.89
CA THR H 488 -64.14 -52.23 37.85
C THR H 488 -63.22 -53.44 37.72
N LYS H 489 -63.64 -54.48 37.00
CA LYS H 489 -62.79 -55.64 36.73
C LYS H 489 -62.03 -55.53 35.42
N ASP H 490 -62.17 -54.42 34.70
CA ASP H 490 -61.58 -54.29 33.38
C ASP H 490 -60.09 -53.99 33.51
N ALA H 491 -59.25 -54.82 32.89
CA ALA H 491 -57.81 -54.62 32.94
C ALA H 491 -57.38 -53.39 32.15
N ILE H 492 -58.20 -52.93 31.21
CA ILE H 492 -57.85 -51.75 30.41
C ILE H 492 -58.11 -50.44 31.14
N SER H 493 -58.72 -50.48 32.32
CA SER H 493 -58.95 -49.31 33.16
C SER H 493 -58.01 -49.37 34.35
N ASN H 494 -57.22 -48.32 34.53
CA ASN H 494 -56.41 -48.17 35.73
C ASN H 494 -57.22 -47.63 36.90
N HIS H 495 -58.38 -47.01 36.64
CA HIS H 495 -59.25 -46.53 37.71
C HIS H 495 -60.07 -47.71 38.19
N ALA H 496 -59.57 -48.35 39.23
CA ALA H 496 -60.15 -49.58 39.74
C ALA H 496 -61.00 -49.37 40.99
N ALA H 497 -61.99 -48.50 40.91
CA ALA H 497 -62.86 -48.29 42.04
C ALA H 497 -64.16 -47.74 41.53
N TYR H 498 -65.24 -48.04 42.25
CA TYR H 498 -66.54 -47.53 41.94
C TYR H 498 -66.84 -46.35 42.85
N PRO H 499 -67.17 -45.15 42.34
CA PRO H 499 -67.37 -44.72 40.94
C PRO H 499 -66.07 -44.72 40.16
N GLN H 500 -66.18 -44.91 38.84
CA GLN H 500 -65.05 -45.20 37.98
C GLN H 500 -65.00 -44.22 36.83
N ALA H 501 -63.79 -43.78 36.50
CA ALA H 501 -63.59 -42.88 35.37
C ALA H 501 -63.78 -43.62 34.05
N SER H 502 -63.99 -42.83 33.00
CA SER H 502 -64.19 -43.40 31.67
C SER H 502 -62.89 -44.00 31.13
N LEU H 503 -63.04 -44.91 30.18
CA LEU H 503 -61.89 -45.41 29.45
C LEU H 503 -61.28 -44.30 28.60
N ILE H 504 -60.00 -44.45 28.29
CA ILE H 504 -59.27 -43.47 27.49
C ILE H 504 -59.39 -43.94 26.04
N ARG H 505 -60.24 -43.26 25.27
CA ARG H 505 -60.54 -43.67 23.90
C ARG H 505 -59.28 -43.68 23.03
N LYS H 506 -58.44 -42.65 23.16
CA LYS H 506 -57.22 -42.57 22.35
C LYS H 506 -56.29 -43.75 22.63
N ALA H 507 -56.18 -44.14 23.89
CA ALA H 507 -55.34 -45.28 24.26
C ALA H 507 -55.87 -46.57 23.66
N LEU H 508 -57.18 -46.66 23.48
CA LEU H 508 -57.80 -47.80 22.80
C LEU H 508 -57.78 -47.66 21.28
N GLN H 509 -57.27 -46.54 20.75
CA GLN H 509 -57.14 -46.31 19.33
C GLN H 509 -58.48 -46.34 18.61
N LEU H 510 -59.57 -45.94 19.32
CA LEU H 510 -60.89 -45.99 18.72
C LEU H 510 -61.24 -44.64 18.08
N PRO H 511 -62.00 -44.61 16.98
CA PRO H 511 -62.28 -43.34 16.30
C PRO H 511 -63.14 -42.41 17.13
N LYS H 512 -62.84 -41.11 17.04
CA LYS H 512 -63.59 -40.12 17.81
C LYS H 512 -64.99 -39.90 17.26
N ARG H 513 -65.20 -40.23 15.98
CA ARG H 513 -66.43 -39.85 15.30
C ARG H 513 -67.65 -40.52 15.91
N ASN H 514 -67.53 -41.81 16.25
CA ASN H 514 -68.68 -42.61 16.67
C ASN H 514 -68.47 -43.41 17.95
N PHE H 515 -67.32 -43.27 18.63
CA PHE H 515 -67.08 -43.92 19.92
C PHE H 515 -67.03 -42.86 21.02
N LYS H 516 -67.79 -43.12 22.08
CA LYS H 516 -67.80 -42.27 23.27
C LYS H 516 -67.57 -43.16 24.49
N CYS H 517 -66.55 -42.84 25.27
CA CYS H 517 -66.27 -43.56 26.51
C CYS H 517 -66.88 -42.77 27.66
N MET H 518 -67.70 -43.45 28.47
CA MET H 518 -68.43 -42.84 29.56
C MET H 518 -67.98 -43.44 30.88
N ALA H 519 -68.28 -42.73 31.97
CA ALA H 519 -67.89 -43.18 33.29
C ALA H 519 -68.77 -44.34 33.73
N ASN H 520 -68.51 -44.86 34.94
CA ASN H 520 -69.34 -45.88 35.57
C ASN H 520 -69.60 -45.48 37.03
N PRO H 521 -70.85 -45.08 37.40
CA PRO H 521 -72.08 -45.04 36.60
C PRO H 521 -72.04 -43.88 35.64
N SER H 522 -72.90 -43.91 34.62
CA SER H 522 -73.02 -42.82 33.66
C SER H 522 -74.48 -42.51 33.44
N SER H 523 -74.78 -41.22 33.40
CA SER H 523 -76.07 -40.70 32.97
C SER H 523 -75.85 -39.92 31.68
N PHE H 524 -76.56 -40.29 30.63
CA PHE H 524 -76.45 -39.60 29.36
C PHE H 524 -77.80 -39.60 28.68
N GLN H 525 -77.93 -38.69 27.72
CA GLN H 525 -79.18 -38.44 27.02
C GLN H 525 -79.03 -38.87 25.57
N ILE H 526 -79.96 -39.69 25.10
CA ILE H 526 -80.12 -40.02 23.69
C ILE H 526 -81.42 -39.36 23.25
N ASN H 527 -81.29 -38.28 22.47
CA ASN H 527 -82.41 -37.42 22.06
C ASN H 527 -83.07 -36.89 23.32
N GLU H 528 -84.35 -37.20 23.58
CA GLU H 528 -85.04 -36.79 24.80
C GLU H 528 -84.88 -37.79 25.93
N ILE H 529 -84.37 -38.99 25.67
CA ILE H 529 -84.46 -40.10 26.61
C ILE H 529 -83.22 -40.06 27.50
N TYR H 530 -83.44 -40.12 28.81
CA TYR H 530 -82.37 -40.14 29.79
C TYR H 530 -82.05 -41.58 30.18
N PHE H 531 -80.80 -41.98 29.92
CA PHE H 531 -80.32 -43.32 30.26
C PHE H 531 -79.48 -43.23 31.53
N GLY H 532 -79.76 -44.12 32.48
CA GLY H 532 -78.94 -44.31 33.65
C GLY H 532 -78.26 -45.66 33.63
N CYS H 533 -76.94 -45.68 33.61
CA CYS H 533 -76.16 -46.91 33.45
C CYS H 533 -75.19 -47.06 34.62
N SER H 534 -75.14 -48.27 35.18
CA SER H 534 -74.20 -48.60 36.25
C SER H 534 -73.70 -50.02 36.03
N ASN H 535 -72.38 -50.16 35.84
CA ASN H 535 -71.76 -51.46 35.63
C ASN H 535 -71.24 -52.06 36.93
N VAL H 536 -72.12 -52.11 37.92
CA VAL H 536 -71.91 -52.86 39.16
C VAL H 536 -73.18 -53.67 39.40
N ASP H 537 -73.00 -54.91 39.86
CA ASP H 537 -74.09 -55.87 39.94
C ASP H 537 -74.92 -55.62 41.21
N THR H 538 -75.73 -54.57 41.15
CA THR H 538 -76.58 -54.23 42.29
C THR H 538 -77.64 -55.29 42.53
N PHE H 539 -78.20 -55.86 41.45
CA PHE H 539 -79.28 -56.83 41.59
C PHE H 539 -78.83 -58.08 42.32
N LYS H 540 -77.62 -58.55 42.02
CA LYS H 540 -77.09 -59.72 42.72
C LYS H 540 -76.65 -59.36 44.13
N ASP H 541 -76.02 -58.19 44.29
CA ASP H 541 -75.38 -57.86 45.56
C ASP H 541 -76.40 -57.48 46.63
N LEU H 542 -77.53 -56.90 46.24
CA LEU H 542 -78.51 -56.41 47.20
C LEU H 542 -79.26 -57.60 47.79
N LYS H 543 -78.97 -57.91 49.05
CA LYS H 543 -79.66 -58.95 49.80
C LYS H 543 -80.69 -58.31 50.71
N GLU H 544 -81.95 -58.68 50.53
CA GLU H 544 -83.05 -58.08 51.26
C GLU H 544 -83.40 -58.92 52.47
N VAL H 545 -83.75 -58.23 53.56
CA VAL H 545 -84.41 -58.82 54.71
C VAL H 545 -85.88 -58.50 54.56
N ILE H 546 -86.70 -59.55 54.35
CA ILE H 546 -88.11 -59.39 54.04
C ILE H 546 -88.95 -60.01 55.15
N LYS H 547 -90.14 -59.44 55.33
CA LYS H 547 -91.15 -59.98 56.22
C LYS H 547 -92.50 -59.72 55.57
N GLY H 548 -93.41 -60.67 55.73
CA GLY H 548 -94.77 -60.52 55.28
C GLY H 548 -95.05 -61.28 53.99
N GLY H 549 -96.31 -61.71 53.84
CA GLY H 549 -96.67 -62.50 52.68
C GLY H 549 -96.76 -61.69 51.41
N THR H 550 -97.31 -60.48 51.49
CA THR H 550 -97.46 -59.65 50.30
C THR H 550 -96.11 -59.26 49.72
N THR H 551 -95.17 -58.87 50.58
CA THR H 551 -93.83 -58.52 50.12
C THR H 551 -93.13 -59.71 49.51
N SER H 552 -93.26 -60.88 50.13
CA SER H 552 -92.58 -62.07 49.63
C SER H 552 -93.17 -62.54 48.31
N SER H 553 -94.45 -62.28 48.07
CA SER H 553 -95.08 -62.70 46.82
C SER H 553 -94.64 -61.84 45.63
N ARG H 554 -94.15 -60.63 45.89
CA ARG H 554 -93.73 -59.74 44.82
C ARG H 554 -92.38 -60.18 44.27
N TYR H 555 -92.17 -59.88 42.99
CA TYR H 555 -90.93 -60.25 42.33
C TYR H 555 -89.78 -59.47 42.94
N ARG H 556 -88.69 -60.19 43.25
CA ARG H 556 -87.57 -59.58 43.97
C ARG H 556 -86.94 -58.45 43.17
N LEU H 557 -86.72 -58.65 41.87
CA LEU H 557 -86.02 -57.64 41.09
C LEU H 557 -86.81 -56.35 40.99
N ASP H 558 -88.14 -56.43 41.06
CA ASP H 558 -88.93 -55.22 41.18
C ASP H 558 -88.63 -54.49 42.47
N ARG H 559 -88.59 -55.22 43.58
CA ARG H 559 -88.32 -54.61 44.87
C ARG H 559 -86.93 -53.99 44.90
N VAL H 560 -85.95 -54.69 44.32
CA VAL H 560 -84.60 -54.15 44.24
C VAL H 560 -84.57 -52.89 43.38
N SER H 561 -85.30 -52.90 42.26
CA SER H 561 -85.37 -51.71 41.42
C SER H 561 -85.99 -50.54 42.17
N GLU H 562 -87.04 -50.81 42.93
CA GLU H 562 -87.65 -49.77 43.75
C GLU H 562 -86.69 -49.25 44.79
N HIS H 563 -85.89 -50.14 45.39
CA HIS H 563 -84.89 -49.70 46.34
C HIS H 563 -83.88 -48.77 45.69
N ILE H 564 -83.44 -49.12 44.47
CA ILE H 564 -82.50 -48.26 43.76
C ILE H 564 -83.11 -46.89 43.49
N LEU H 565 -84.37 -46.87 43.05
CA LEU H 565 -85.02 -45.60 42.75
C LEU H 565 -85.27 -44.77 44.00
N GLN H 566 -85.73 -45.41 45.08
CA GLN H 566 -86.01 -44.69 46.31
C GLN H 566 -84.74 -44.14 46.94
N GLN H 567 -83.66 -44.92 46.92
CA GLN H 567 -82.41 -44.46 47.48
C GLN H 567 -81.72 -43.44 46.59
N ARG H 568 -82.12 -43.33 45.32
CA ARG H 568 -81.60 -42.33 44.39
C ARG H 568 -80.10 -42.55 44.12
N ARG H 569 -79.65 -43.80 44.17
CA ARG H 569 -78.26 -44.15 43.90
C ARG H 569 -78.24 -45.51 43.22
N TYR H 570 -77.32 -45.66 42.25
CA TYR H 570 -77.28 -46.89 41.47
C TYR H 570 -76.82 -48.08 42.29
N TYR H 571 -76.00 -47.87 43.31
CA TYR H 571 -75.47 -48.93 44.17
C TYR H 571 -75.65 -48.52 45.62
N PRO H 572 -76.85 -48.68 46.19
CA PRO H 572 -77.09 -48.17 47.54
C PRO H 572 -76.58 -49.06 48.67
N ILE H 573 -75.92 -50.15 48.37
CA ILE H 573 -75.52 -51.12 49.39
C ILE H 573 -74.27 -50.61 50.09
N PHE H 574 -74.23 -50.76 51.42
CA PHE H 574 -73.04 -50.43 52.19
C PHE H 574 -72.99 -51.32 53.42
N PRO H 575 -71.86 -52.00 53.72
CA PRO H 575 -70.59 -52.10 52.96
C PRO H 575 -70.82 -52.85 51.65
N GLY H 576 -70.01 -52.57 50.64
CA GLY H 576 -70.20 -53.21 49.35
C GLY H 576 -70.02 -54.71 49.43
N SER H 577 -70.51 -55.41 48.42
CA SER H 577 -70.37 -56.86 48.41
C SER H 577 -68.92 -57.26 48.19
N ILE H 578 -68.57 -58.45 48.67
CA ILE H 578 -67.26 -59.03 48.45
C ILE H 578 -67.46 -60.49 48.02
N ARG H 579 -66.54 -60.96 47.21
CA ARG H 579 -66.47 -62.37 46.81
C ARG H 579 -65.20 -62.97 47.39
N THR H 580 -65.36 -64.08 48.11
CA THR H 580 -64.26 -64.79 48.75
C THR H 580 -64.28 -66.25 48.31
N ARG H 581 -63.09 -66.87 48.34
CA ARG H 581 -62.95 -68.30 48.11
C ARG H 581 -62.17 -68.91 49.28
N ILE H 582 -62.35 -70.21 49.44
CA ILE H 582 -61.59 -70.97 50.42
C ILE H 582 -60.18 -71.14 49.88
N TYR H 604 -60.33 -67.80 54.40
CA TYR H 604 -60.90 -67.26 53.17
C TYR H 604 -59.96 -66.25 52.53
N GLU H 605 -59.91 -66.28 51.19
CA GLU H 605 -59.13 -65.35 50.39
C GLU H 605 -60.07 -64.42 49.64
N HIS H 606 -59.76 -63.13 49.69
CA HIS H 606 -60.52 -62.14 48.93
C HIS H 606 -60.22 -62.27 47.45
N ILE H 607 -61.28 -62.31 46.63
CA ILE H 607 -61.17 -62.37 45.18
C ILE H 607 -61.50 -61.01 44.57
N SER H 608 -62.71 -60.51 44.82
CA SER H 608 -63.19 -59.30 44.19
C SER H 608 -64.34 -58.74 45.01
N GLY H 609 -64.84 -57.60 44.59
CA GLY H 609 -66.00 -57.00 45.23
C GLY H 609 -66.51 -55.84 44.41
N ALA H 610 -67.40 -55.07 45.04
CA ALA H 610 -67.87 -53.84 44.40
C ALA H 610 -66.78 -52.78 44.34
N ASP H 611 -65.78 -52.86 45.22
CA ASP H 611 -64.61 -51.98 45.23
C ASP H 611 -65.02 -50.52 45.31
N LEU H 612 -65.76 -50.19 46.37
CA LEU H 612 -66.33 -48.86 46.53
C LEU H 612 -65.29 -47.90 47.11
N ASP H 613 -65.08 -46.78 46.43
CA ASP H 613 -64.38 -45.63 47.00
C ASP H 613 -65.42 -44.79 47.71
N VAL H 614 -65.50 -44.93 49.04
CA VAL H 614 -66.63 -44.40 49.80
C VAL H 614 -66.65 -42.88 49.76
N SER H 615 -65.48 -42.24 49.73
CA SER H 615 -65.41 -40.78 49.74
C SER H 615 -66.04 -40.14 48.52
N TYR H 616 -66.23 -40.89 47.44
CA TYR H 616 -66.76 -40.37 46.18
C TYR H 616 -68.12 -40.97 45.82
N LEU H 617 -68.81 -41.59 46.78
CA LEU H 617 -70.11 -42.22 46.48
C LEU H 617 -71.17 -41.21 46.07
N GLY H 618 -70.96 -39.92 46.29
CA GLY H 618 -71.88 -38.92 45.78
C GLY H 618 -72.00 -38.94 44.27
N LEU H 619 -70.97 -39.40 43.57
CA LEU H 619 -71.02 -39.51 42.11
C LEU H 619 -71.88 -40.66 41.62
N THR H 620 -72.34 -41.54 42.51
CA THR H 620 -73.21 -42.64 42.14
C THR H 620 -74.69 -42.30 42.25
N GLU H 621 -75.02 -41.09 42.68
CA GLU H 621 -76.40 -40.66 42.81
C GLU H 621 -76.96 -40.30 41.45
N PHE H 622 -78.30 -40.28 41.36
CA PHE H 622 -78.95 -39.84 40.15
C PHE H 622 -78.62 -38.38 39.88
N VAL H 623 -78.20 -38.09 38.66
CA VAL H 623 -77.78 -36.75 38.30
C VAL H 623 -79.01 -35.89 38.08
N GLY H 624 -78.99 -34.68 38.64
CA GLY H 624 -80.11 -33.77 38.52
C GLY H 624 -81.25 -34.04 39.48
N GLY H 625 -81.20 -35.12 40.26
CA GLY H 625 -82.23 -35.42 41.22
C GLY H 625 -83.48 -36.05 40.65
N PHE H 626 -83.44 -36.55 39.42
CA PHE H 626 -84.55 -37.23 38.79
C PHE H 626 -84.14 -38.63 38.36
N SER H 627 -85.12 -39.52 38.26
CA SER H 627 -84.85 -40.87 37.82
C SER H 627 -84.55 -40.88 36.33
N PRO H 628 -83.85 -41.90 35.83
CA PRO H 628 -83.71 -42.05 34.38
C PRO H 628 -84.99 -42.60 33.77
N ASP H 629 -85.16 -42.35 32.46
CA ASP H 629 -86.24 -42.99 31.73
C ASP H 629 -85.98 -44.48 31.58
N ILE H 630 -84.73 -44.84 31.28
CA ILE H 630 -84.30 -46.22 31.12
C ILE H 630 -83.08 -46.40 32.03
N MET H 631 -83.15 -47.40 32.90
CA MET H 631 -82.06 -47.76 33.79
C MET H 631 -81.51 -49.12 33.36
N ILE H 632 -80.20 -49.17 33.12
CA ILE H 632 -79.51 -50.38 32.67
C ILE H 632 -78.48 -50.70 33.73
N ILE H 633 -78.66 -51.83 34.41
CA ILE H 633 -77.70 -52.34 35.38
C ILE H 633 -77.42 -53.79 35.01
N PRO H 634 -76.31 -54.10 34.34
CA PRO H 634 -76.01 -55.51 34.06
C PRO H 634 -75.83 -56.32 35.32
N SER H 635 -76.29 -57.57 35.26
CA SER H 635 -76.20 -58.49 36.38
C SER H 635 -75.90 -59.89 35.87
N GLU H 636 -75.24 -60.67 36.72
CA GLU H 636 -75.02 -62.09 36.45
C GLU H 636 -76.32 -62.87 36.47
N LEU H 637 -77.38 -62.32 37.06
CA LEU H 637 -78.66 -62.99 37.11
C LEU H 637 -79.26 -63.09 35.72
N GLN H 638 -80.40 -63.74 35.64
CA GLN H 638 -81.10 -63.88 34.37
C GLN H 638 -81.51 -62.52 33.84
N HIS H 639 -81.33 -62.34 32.54
CA HIS H 639 -81.77 -61.14 31.83
C HIS H 639 -83.25 -60.86 32.07
N PHE H 640 -83.59 -59.57 32.10
CA PHE H 640 -84.98 -59.16 32.23
C PHE H 640 -85.14 -57.74 31.70
N ALA H 641 -86.39 -57.39 31.41
CA ALA H 641 -86.78 -56.01 31.11
C ALA H 641 -88.13 -55.76 31.76
N ARG H 642 -88.21 -54.71 32.58
CA ARG H 642 -89.42 -54.44 33.34
C ARG H 642 -89.64 -52.95 33.47
N VAL H 643 -90.90 -52.60 33.74
CA VAL H 643 -91.30 -51.23 34.09
C VAL H 643 -91.54 -51.19 35.59
N VAL H 644 -90.73 -50.40 36.28
CA VAL H 644 -90.84 -50.20 37.72
C VAL H 644 -90.94 -48.70 37.95
N GLN H 645 -92.12 -48.25 38.42
CA GLN H 645 -92.39 -46.84 38.71
C GLN H 645 -92.05 -45.95 37.52
N ASN H 646 -92.57 -46.33 36.35
CA ASN H 646 -92.45 -45.59 35.11
C ASN H 646 -91.02 -45.52 34.59
N VAL H 647 -90.11 -46.34 35.11
CA VAL H 647 -88.73 -46.45 34.63
C VAL H 647 -88.58 -47.84 34.02
N VAL H 648 -88.06 -47.89 32.80
CA VAL H 648 -87.75 -49.14 32.15
C VAL H 648 -86.41 -49.63 32.72
N VAL H 649 -86.45 -50.74 33.44
CA VAL H 649 -85.27 -51.33 34.06
C VAL H 649 -84.87 -52.55 33.25
N ILE H 650 -83.60 -52.60 32.85
CA ILE H 650 -83.10 -53.62 31.93
C ILE H 650 -81.84 -54.23 32.51
N ASN H 651 -81.80 -55.56 32.56
CA ASN H 651 -80.58 -56.33 32.69
C ASN H 651 -80.35 -57.07 31.37
N PRO H 652 -79.40 -56.66 30.53
CA PRO H 652 -79.23 -57.37 29.25
C PRO H 652 -78.70 -58.78 29.39
N GLY H 653 -78.10 -59.12 30.54
CA GLY H 653 -77.44 -60.40 30.69
C GLY H 653 -76.05 -60.36 30.09
N ARG H 654 -75.34 -61.47 30.28
CA ARG H 654 -73.99 -61.59 29.76
C ARG H 654 -74.04 -61.86 28.26
N PHE H 655 -73.07 -61.29 27.53
CA PHE H 655 -73.02 -61.50 26.09
C PHE H 655 -72.68 -62.94 25.75
N ILE H 656 -71.78 -63.55 26.51
CA ILE H 656 -71.36 -64.93 26.30
C ILE H 656 -71.30 -65.62 27.67
N ARG H 657 -71.72 -66.88 27.71
CA ARG H 657 -71.65 -67.65 28.93
C ARG H 657 -70.24 -68.16 29.16
N ALA H 658 -69.99 -68.61 30.39
CA ALA H 658 -68.66 -69.12 30.76
C ALA H 658 -68.26 -70.31 29.91
N THR H 659 -69.22 -71.15 29.53
CA THR H 659 -68.94 -72.35 28.75
C THR H 659 -68.69 -72.07 27.27
N GLY H 660 -68.86 -70.82 26.82
CA GLY H 660 -68.77 -70.48 25.42
C GLY H 660 -70.11 -70.44 24.70
N ASN H 661 -71.18 -70.85 25.37
CA ASN H 661 -72.50 -70.77 24.76
C ASN H 661 -72.93 -69.32 24.65
N ARG H 662 -73.88 -69.08 23.75
CA ARG H 662 -74.39 -67.73 23.53
C ARG H 662 -75.12 -67.23 24.77
N GLY H 663 -74.89 -65.96 25.09
CA GLY H 663 -75.60 -65.30 26.16
C GLY H 663 -76.77 -64.50 25.63
N SER H 664 -76.88 -63.24 26.02
CA SER H 664 -77.98 -62.40 25.57
C SER H 664 -77.53 -60.94 25.47
N TYR H 665 -78.28 -60.18 24.69
CA TYR H 665 -78.17 -58.73 24.62
C TYR H 665 -79.59 -58.16 24.55
N ALA H 666 -79.70 -56.85 24.76
CA ALA H 666 -80.98 -56.16 24.78
C ALA H 666 -81.10 -55.27 23.56
N GLN H 667 -82.24 -55.36 22.87
CA GLN H 667 -82.61 -54.46 21.80
C GLN H 667 -83.76 -53.59 22.28
N ILE H 668 -83.54 -52.28 22.27
CA ILE H 668 -84.51 -51.31 22.76
C ILE H 668 -85.03 -50.54 21.56
N THR H 669 -86.34 -50.57 21.36
CA THR H 669 -87.03 -49.75 20.39
C THR H 669 -87.86 -48.74 21.14
N VAL H 670 -87.66 -47.46 20.85
CA VAL H 670 -88.43 -46.37 21.46
C VAL H 670 -89.09 -45.60 20.32
N GLN H 671 -90.42 -45.54 20.36
CA GLN H 671 -91.13 -44.76 19.37
C GLN H 671 -90.81 -43.28 19.56
N CYS H 672 -90.89 -42.56 18.47
CA CYS H 672 -90.58 -41.15 18.46
C CYS H 672 -91.58 -40.38 19.34
N PRO H 673 -91.17 -39.29 20.00
CA PRO H 673 -92.16 -38.51 20.78
C PRO H 673 -93.11 -37.77 19.84
N ASP H 674 -94.41 -37.98 20.06
CA ASP H 674 -95.46 -37.34 19.29
C ASP H 674 -96.37 -36.61 20.26
N LEU H 675 -96.53 -35.30 20.05
CA LEU H 675 -97.40 -34.50 20.90
C LEU H 675 -98.88 -34.80 20.68
N GLU H 676 -99.24 -35.47 19.58
CA GLU H 676 -100.63 -35.68 19.21
C GLU H 676 -101.17 -37.06 19.54
N ASP H 677 -100.30 -38.04 19.84
CA ASP H 677 -100.76 -39.41 20.06
C ASP H 677 -101.23 -39.68 21.48
N GLY H 678 -101.05 -38.75 22.41
CA GLY H 678 -101.55 -38.91 23.76
C GLY H 678 -100.67 -39.75 24.67
N LYS H 679 -99.55 -40.28 24.17
CA LYS H 679 -98.66 -41.07 25.00
C LYS H 679 -97.80 -40.19 25.92
N LEU H 680 -97.66 -38.91 25.61
CA LEU H 680 -96.97 -37.96 26.46
C LEU H 680 -97.99 -37.31 27.39
N THR H 681 -97.54 -37.03 28.62
CA THR H 681 -98.37 -36.40 29.64
C THR H 681 -97.92 -34.96 29.80
N LEU H 682 -98.85 -34.03 29.60
CA LEU H 682 -98.57 -32.61 29.78
C LEU H 682 -98.56 -32.29 31.26
N VAL H 683 -97.49 -31.62 31.71
CA VAL H 683 -97.37 -31.09 33.06
C VAL H 683 -97.55 -29.58 32.97
N GLU H 684 -98.57 -29.07 33.67
CA GLU H 684 -98.89 -27.66 33.58
C GLU H 684 -97.96 -26.83 34.46
N GLY H 685 -97.51 -25.70 33.92
CA GLY H 685 -96.67 -24.78 34.66
C GLY H 685 -96.50 -23.48 33.89
N GLU H 686 -95.50 -22.70 34.31
CA GLU H 686 -95.19 -21.46 33.61
C GLU H 686 -94.80 -21.73 32.17
N GLU H 687 -93.94 -22.72 31.96
CA GLU H 687 -93.60 -23.22 30.63
C GLU H 687 -94.12 -24.65 30.51
N PRO H 688 -95.04 -24.96 29.60
CA PRO H 688 -95.55 -26.34 29.54
C PRO H 688 -94.46 -27.32 29.16
N VAL H 689 -94.32 -28.36 29.99
CA VAL H 689 -93.36 -29.42 29.78
C VAL H 689 -94.11 -30.74 29.75
N TYR H 690 -93.48 -31.76 29.18
CA TYR H 690 -94.10 -33.05 28.95
C TYR H 690 -93.27 -34.16 29.58
N LEU H 691 -93.94 -35.07 30.27
CA LEU H 691 -93.31 -36.30 30.70
C LEU H 691 -93.08 -37.20 29.49
N HIS H 692 -91.89 -37.82 29.45
CA HIS H 692 -91.52 -38.60 28.28
C HIS H 692 -92.36 -39.87 28.17
N ASN H 693 -92.69 -40.49 29.30
CA ASN H 693 -93.44 -41.74 29.36
C ASN H 693 -92.84 -42.78 28.42
N VAL H 694 -91.51 -42.94 28.53
CA VAL H 694 -90.79 -43.88 27.67
C VAL H 694 -91.30 -45.30 27.88
N TRP H 695 -91.76 -45.61 29.10
CA TRP H 695 -92.27 -46.94 29.39
C TRP H 695 -93.52 -47.29 28.60
N LYS H 696 -94.30 -46.30 28.17
CA LYS H 696 -95.48 -46.55 27.34
C LYS H 696 -95.15 -46.75 25.88
N ARG H 697 -93.99 -46.26 25.42
CA ARG H 697 -93.64 -46.21 24.02
C ARG H 697 -92.30 -46.87 23.74
N ALA H 698 -91.83 -47.73 24.65
CA ALA H 698 -90.59 -48.48 24.48
C ALA H 698 -90.87 -49.97 24.43
N ARG H 699 -90.22 -50.65 23.50
CA ARG H 699 -90.16 -52.10 23.44
C ARG H 699 -88.72 -52.52 23.71
N VAL H 700 -88.57 -53.54 24.56
CA VAL H 700 -87.27 -54.11 24.89
C VAL H 700 -87.34 -55.59 24.58
N ASP H 701 -86.47 -56.05 23.68
CA ASP H 701 -86.33 -57.46 23.34
C ASP H 701 -84.99 -57.96 23.84
N LEU H 702 -85.03 -59.02 24.64
CA LEU H 702 -83.83 -59.73 25.07
C LEU H 702 -83.56 -60.86 24.07
N ILE H 703 -82.41 -60.79 23.41
CA ILE H 703 -82.12 -61.60 22.23
C ILE H 703 -80.85 -62.39 22.50
N ALA H 704 -80.82 -63.62 21.99
CA ALA H 704 -79.62 -64.44 22.08
C ALA H 704 -78.50 -63.83 21.25
N SER H 705 -77.30 -63.80 21.82
CA SER H 705 -76.17 -63.08 21.22
C SER H 705 -75.64 -63.74 19.96
N MET I 1 -31.31 -47.96 -21.12
CA MET I 1 -32.68 -48.04 -20.52
C MET I 1 -33.62 -47.11 -21.31
N TYR I 2 -34.92 -47.27 -21.06
CA TYR I 2 -35.95 -46.80 -21.99
C TYR I 2 -36.08 -45.28 -22.01
N GLY I 3 -35.52 -44.57 -21.01
CA GLY I 3 -35.57 -43.13 -20.95
C GLY I 3 -34.37 -42.40 -21.52
N ASP I 4 -33.32 -43.12 -21.94
CA ASP I 4 -32.10 -42.47 -22.40
C ASP I 4 -32.35 -41.65 -23.66
N LEU I 5 -33.08 -42.21 -24.63
CA LEU I 5 -33.34 -41.49 -25.87
C LEU I 5 -34.16 -40.23 -25.62
N GLY I 6 -35.12 -40.30 -24.68
CA GLY I 6 -35.88 -39.10 -24.33
C GLY I 6 -35.02 -38.03 -23.69
N ASN I 7 -34.14 -38.44 -22.77
CA ASN I 7 -33.22 -37.51 -22.15
C ASN I 7 -32.28 -36.88 -23.17
N LYS I 8 -31.99 -37.58 -24.27
CA LYS I 8 -31.19 -36.98 -25.33
C LYS I 8 -32.02 -36.04 -26.20
N LEU I 9 -33.27 -36.42 -26.51
CA LEU I 9 -34.11 -35.60 -27.38
C LEU I 9 -34.45 -34.25 -26.74
N VAL I 10 -34.73 -34.23 -25.43
CA VAL I 10 -35.17 -32.98 -24.80
C VAL I 10 -34.05 -31.93 -24.77
N LEU I 11 -32.78 -32.36 -24.82
CA LEU I 11 -31.68 -31.41 -24.88
C LEU I 11 -31.75 -30.57 -26.15
N GLU I 12 -32.24 -31.15 -27.24
CA GLU I 12 -32.42 -30.35 -28.46
C GLU I 12 -33.51 -29.31 -28.28
N ALA I 13 -34.56 -29.61 -27.50
CA ALA I 13 -35.57 -28.61 -27.20
C ALA I 13 -34.96 -27.44 -26.43
N LYS I 14 -34.17 -27.76 -25.40
CA LYS I 14 -33.51 -26.69 -24.64
C LYS I 14 -32.55 -25.88 -25.52
N ARG I 15 -31.81 -26.57 -26.39
CA ARG I 15 -30.89 -25.91 -27.31
C ARG I 15 -31.62 -24.98 -28.28
N THR I 16 -32.68 -25.48 -28.94
CA THR I 16 -33.36 -24.63 -29.91
C THR I 16 -34.06 -23.46 -29.22
N LYS I 17 -34.52 -23.66 -27.98
CA LYS I 17 -35.10 -22.53 -27.25
C LYS I 17 -34.06 -21.44 -27.00
N GLN I 18 -32.86 -21.82 -26.55
CA GLN I 18 -31.85 -20.80 -26.30
C GLN I 18 -31.38 -20.12 -27.59
N LEU I 19 -31.18 -20.91 -28.66
CA LEU I 19 -30.80 -20.32 -29.95
C LEU I 19 -31.86 -19.34 -30.44
N TYR I 20 -33.13 -19.71 -30.32
CA TYR I 20 -34.23 -18.82 -30.71
C TYR I 20 -34.25 -17.56 -29.86
N ALA I 21 -34.12 -17.70 -28.54
CA ALA I 21 -34.23 -16.57 -27.63
C ALA I 21 -33.09 -15.58 -27.82
N ARG I 22 -31.91 -16.08 -28.21
CA ARG I 22 -30.74 -15.20 -28.34
C ARG I 22 -30.92 -14.14 -29.43
N SER I 23 -31.63 -14.46 -30.53
CA SER I 23 -31.70 -13.56 -31.70
C SER I 23 -33.09 -13.69 -32.35
N ASN I 24 -33.99 -12.76 -32.00
CA ASN I 24 -35.36 -12.79 -32.52
C ASN I 24 -35.47 -12.61 -34.03
N GLN I 25 -34.44 -12.06 -34.69
CA GLN I 25 -34.45 -11.86 -36.14
C GLN I 25 -34.07 -13.10 -36.93
N ASP I 26 -33.41 -14.09 -36.31
CA ASP I 26 -32.76 -15.19 -37.01
C ASP I 26 -33.51 -16.52 -36.89
N VAL I 27 -34.84 -16.49 -36.85
CA VAL I 27 -35.65 -17.68 -36.59
C VAL I 27 -35.59 -18.60 -37.82
N ASN I 28 -34.91 -19.74 -37.68
CA ASN I 28 -34.96 -20.88 -38.61
C ASN I 28 -34.86 -22.12 -37.73
N LEU I 29 -35.99 -22.67 -37.31
CA LEU I 29 -35.95 -23.80 -36.39
C LEU I 29 -35.31 -25.02 -37.07
N PRO I 30 -34.44 -25.77 -36.38
CA PRO I 30 -33.58 -26.76 -37.07
C PRO I 30 -34.34 -28.01 -37.53
N MET I 31 -33.59 -28.88 -38.22
CA MET I 31 -34.12 -30.14 -38.76
C MET I 31 -34.86 -30.98 -37.71
N TYR I 32 -36.07 -31.39 -38.07
CA TYR I 32 -36.87 -32.29 -37.24
C TYR I 32 -36.17 -33.65 -37.07
N HIS I 33 -36.00 -34.09 -35.82
CA HIS I 33 -35.29 -35.34 -35.55
C HIS I 33 -36.16 -36.57 -35.82
N GLU I 34 -36.40 -36.82 -37.10
CA GLU I 34 -37.19 -37.98 -37.54
C GLU I 34 -36.61 -39.30 -37.04
N ASP I 35 -35.27 -39.45 -37.10
CA ASP I 35 -34.68 -40.74 -36.73
C ASP I 35 -34.79 -41.03 -35.24
N ILE I 36 -34.51 -40.05 -34.37
CA ILE I 36 -34.63 -40.29 -32.92
C ILE I 36 -36.09 -40.56 -32.56
N ILE I 37 -37.02 -39.80 -33.14
CA ILE I 37 -38.44 -39.99 -32.85
C ILE I 37 -38.88 -41.39 -33.31
N ARG I 38 -38.41 -41.82 -34.49
CA ARG I 38 -38.74 -43.16 -34.96
C ARG I 38 -38.18 -44.23 -34.04
N ASN I 39 -36.95 -44.04 -33.54
CA ASN I 39 -36.38 -45.00 -32.59
C ASN I 39 -37.20 -45.07 -31.29
N ILE I 40 -37.64 -43.91 -30.79
CA ILE I 40 -38.47 -43.90 -29.58
C ILE I 40 -39.78 -44.65 -29.82
N LEU I 41 -40.42 -44.41 -30.96
CA LEU I 41 -41.68 -45.08 -31.25
C LEU I 41 -41.46 -46.59 -31.42
N LYS I 42 -40.32 -47.00 -31.99
CA LYS I 42 -40.00 -48.42 -32.08
C LYS I 42 -39.83 -49.03 -30.69
N GLU I 43 -39.19 -48.30 -29.77
CA GLU I 43 -39.07 -48.78 -28.40
C GLU I 43 -40.44 -48.98 -27.75
N VAL I 44 -41.36 -48.03 -27.97
CA VAL I 44 -42.71 -48.18 -27.44
C VAL I 44 -43.38 -49.42 -28.02
N SER I 45 -43.19 -49.67 -29.32
CA SER I 45 -43.78 -50.86 -29.93
C SER I 45 -43.21 -52.14 -29.31
N ASN I 46 -41.90 -52.16 -29.02
CA ASN I 46 -41.30 -53.29 -28.33
C ASN I 46 -41.95 -53.53 -26.97
N LEU I 47 -42.15 -52.45 -26.20
CA LEU I 47 -42.79 -52.58 -24.89
C LEU I 47 -44.23 -53.08 -25.02
N ARG I 48 -44.94 -52.63 -26.06
CA ARG I 48 -46.30 -53.13 -26.29
C ARG I 48 -46.28 -54.64 -26.54
N LYS I 49 -45.34 -55.10 -27.37
CA LYS I 49 -45.21 -56.54 -27.63
C LYS I 49 -44.94 -57.29 -26.34
N ASN I 50 -44.09 -56.74 -25.47
CA ASN I 50 -43.80 -57.40 -24.20
C ASN I 50 -45.04 -57.49 -23.32
N THR I 51 -45.83 -56.40 -23.23
CA THR I 51 -47.06 -56.47 -22.44
C THR I 51 -48.04 -57.49 -23.00
N GLU I 52 -48.13 -57.58 -24.33
CA GLU I 52 -49.05 -58.54 -24.95
C GLU I 52 -48.62 -59.98 -24.66
N TYR I 53 -47.31 -60.26 -24.78
CA TYR I 53 -46.78 -61.57 -24.41
C TYR I 53 -47.06 -61.87 -22.95
N LEU I 54 -46.88 -60.86 -22.08
CA LEU I 54 -47.15 -61.06 -20.66
C LEU I 54 -48.63 -61.34 -20.40
N LYS I 55 -49.52 -60.73 -21.18
CA LYS I 55 -50.95 -61.04 -21.05
C LYS I 55 -51.24 -62.47 -21.48
N GLU I 56 -50.57 -62.95 -22.53
CA GLU I 56 -50.70 -64.35 -22.91
C GLU I 56 -50.24 -65.27 -21.77
N GLN I 57 -49.10 -64.95 -21.14
CA GLN I 57 -48.64 -65.75 -20.01
C GLN I 57 -49.59 -65.64 -18.81
N GLN I 58 -50.25 -64.48 -18.64
CA GLN I 58 -51.25 -64.34 -17.59
C GLN I 58 -52.42 -65.28 -17.84
N GLN I 59 -52.90 -65.33 -19.09
CA GLN I 59 -54.00 -66.24 -19.42
C GLN I 59 -53.57 -67.70 -19.29
N LEU I 60 -52.28 -67.99 -19.50
CA LEU I 60 -51.75 -69.33 -19.25
C LEU I 60 -51.64 -69.65 -17.75
N GLY I 61 -51.70 -68.64 -16.88
CA GLY I 61 -51.67 -68.83 -15.43
C GLY I 61 -50.30 -68.71 -14.78
N MET I 62 -49.34 -68.05 -15.42
CA MET I 62 -47.94 -68.05 -14.99
C MET I 62 -47.67 -67.02 -13.88
N LEU I 63 -48.13 -67.36 -12.65
CA LEU I 63 -47.96 -66.52 -11.45
C LEU I 63 -48.46 -65.09 -11.68
N ASP I 64 -49.58 -64.99 -12.39
CA ASP I 64 -50.06 -63.71 -12.93
C ASP I 64 -50.53 -62.70 -11.89
N ASP I 65 -50.90 -63.12 -10.67
CA ASP I 65 -51.41 -62.14 -9.71
C ASP I 65 -50.32 -61.13 -9.34
N LYS I 66 -49.20 -61.60 -8.78
CA LYS I 66 -48.10 -60.70 -8.46
C LYS I 66 -47.21 -60.41 -9.67
N VAL I 67 -46.70 -61.45 -10.35
CA VAL I 67 -45.66 -61.25 -11.37
C VAL I 67 -46.17 -60.40 -12.54
N ALA I 68 -47.33 -60.75 -13.10
CA ALA I 68 -47.83 -59.97 -14.24
C ALA I 68 -48.20 -58.55 -13.81
N LYS I 69 -48.75 -58.38 -12.61
CA LYS I 69 -49.11 -57.03 -12.16
C LYS I 69 -47.87 -56.13 -12.04
N CYS I 70 -46.83 -56.59 -11.35
CA CYS I 70 -45.65 -55.74 -11.17
C CYS I 70 -44.92 -55.47 -12.48
N GLN I 71 -44.69 -56.51 -13.30
CA GLN I 71 -44.00 -56.30 -14.57
C GLN I 71 -44.81 -55.40 -15.51
N TYR I 72 -46.13 -55.60 -15.55
CA TYR I 72 -46.99 -54.75 -16.38
C TYR I 72 -46.95 -53.29 -15.91
N PHE I 73 -47.09 -53.07 -14.60
CA PHE I 73 -47.09 -51.73 -14.04
C PHE I 73 -45.77 -51.00 -14.31
N VAL I 74 -44.64 -51.68 -14.11
CA VAL I 74 -43.33 -51.07 -14.37
C VAL I 74 -43.20 -50.73 -15.85
N THR I 75 -43.71 -51.59 -16.75
CA THR I 75 -43.64 -51.29 -18.18
C THR I 75 -44.46 -50.04 -18.53
N LEU I 76 -45.62 -49.91 -17.87
CA LEU I 76 -46.51 -48.77 -18.14
C LEU I 76 -45.81 -47.44 -17.85
N LEU I 77 -45.04 -47.39 -16.77
CA LEU I 77 -44.32 -46.13 -16.45
C LEU I 77 -43.30 -45.77 -17.55
N CYS I 78 -42.57 -46.77 -18.06
CA CYS I 78 -41.59 -46.51 -19.11
C CYS I 78 -42.25 -45.94 -20.37
N MET I 79 -43.49 -46.37 -20.66
CA MET I 79 -44.17 -45.79 -21.82
C MET I 79 -44.60 -44.35 -21.55
N GLU I 80 -45.11 -44.07 -20.34
CA GLU I 80 -45.60 -42.72 -20.05
C GLU I 80 -44.48 -41.68 -20.11
N ARG I 81 -43.31 -42.01 -19.57
CA ARG I 81 -42.21 -41.04 -19.60
C ARG I 81 -41.74 -40.78 -21.03
N ASN I 82 -41.93 -41.71 -21.96
CA ASN I 82 -41.61 -41.41 -23.36
C ASN I 82 -42.65 -40.49 -23.99
N LYS I 83 -43.93 -40.69 -23.63
CA LYS I 83 -44.97 -39.80 -24.13
C LYS I 83 -44.70 -38.35 -23.71
N ARG I 84 -44.27 -38.16 -22.46
CA ARG I 84 -44.01 -36.79 -21.97
C ARG I 84 -42.90 -36.10 -22.78
N CYS I 85 -41.80 -36.81 -23.07
CA CYS I 85 -40.70 -36.21 -23.82
C CYS I 85 -41.15 -35.80 -25.22
N LEU I 86 -41.84 -36.72 -25.92
CA LEU I 86 -42.28 -36.40 -27.29
C LEU I 86 -43.22 -35.19 -27.31
N LEU I 87 -44.17 -35.14 -26.37
CA LEU I 87 -45.11 -34.02 -26.36
C LEU I 87 -44.42 -32.70 -26.02
N ALA I 88 -43.45 -32.71 -25.09
CA ALA I 88 -42.73 -31.48 -24.75
C ALA I 88 -41.99 -30.92 -25.97
N TYR I 89 -41.26 -31.79 -26.68
CA TYR I 89 -40.51 -31.34 -27.86
C TYR I 89 -41.44 -30.76 -28.93
N GLN I 90 -42.50 -31.51 -29.27
CA GLN I 90 -43.41 -31.04 -30.32
C GLN I 90 -44.11 -29.74 -29.91
N ARG I 91 -44.45 -29.59 -28.62
CA ARG I 91 -45.11 -28.38 -28.16
C ARG I 91 -44.20 -27.16 -28.31
N LEU I 92 -42.90 -27.29 -28.01
CA LEU I 92 -41.99 -26.18 -28.19
C LEU I 92 -41.96 -25.71 -29.65
N ARG I 93 -41.78 -26.65 -30.58
CA ARG I 93 -41.70 -26.23 -31.99
C ARG I 93 -43.02 -25.63 -32.47
N THR I 94 -44.14 -26.11 -31.91
CA THR I 94 -45.44 -25.51 -32.22
C THR I 94 -45.51 -24.05 -31.76
N ASP I 95 -45.02 -23.75 -30.55
CA ASP I 95 -45.04 -22.36 -30.07
C ASP I 95 -44.23 -21.44 -30.99
N ILE I 96 -43.07 -21.92 -31.45
CA ILE I 96 -42.25 -21.11 -32.36
C ILE I 96 -43.03 -20.83 -33.65
N LEU I 97 -43.65 -21.87 -34.22
CA LEU I 97 -44.39 -21.69 -35.46
C LEU I 97 -45.57 -20.75 -35.29
N ASP I 98 -46.29 -20.85 -34.17
CA ASP I 98 -47.38 -19.92 -33.90
C ASP I 98 -46.87 -18.48 -33.84
N SER I 99 -45.68 -18.28 -33.28
CA SER I 99 -45.11 -16.93 -33.22
C SER I 99 -44.84 -16.38 -34.63
N MET I 100 -44.34 -17.24 -35.52
CA MET I 100 -44.06 -16.76 -36.89
C MET I 100 -45.36 -16.49 -37.66
N ALA I 101 -46.40 -17.28 -37.41
CA ALA I 101 -47.66 -17.14 -38.15
C ALA I 101 -48.28 -15.75 -37.99
N TRP I 102 -48.18 -15.16 -36.80
CA TRP I 102 -48.80 -13.84 -36.57
C TRP I 102 -48.12 -12.74 -37.39
N ASN I 103 -46.78 -12.76 -37.50
CA ASN I 103 -46.09 -11.77 -38.31
C ASN I 103 -46.24 -12.03 -39.81
N ASN I 104 -46.01 -13.26 -40.25
CA ASN I 104 -46.03 -13.56 -41.69
C ASN I 104 -47.42 -13.41 -42.30
N ASN I 105 -48.46 -13.87 -41.60
CA ASN I 105 -49.81 -13.79 -42.14
C ASN I 105 -50.34 -12.34 -42.11
N ASP I 119 -37.78 -22.52 -47.68
CA ASP I 119 -38.33 -22.07 -46.39
C ASP I 119 -38.93 -23.24 -45.58
N THR I 120 -39.75 -24.05 -46.24
CA THR I 120 -40.56 -25.06 -45.56
C THR I 120 -39.80 -26.35 -45.25
N ASN I 121 -38.55 -26.49 -45.71
CA ASN I 121 -37.93 -27.81 -45.80
C ASN I 121 -37.67 -28.48 -44.44
N ASN I 122 -37.40 -27.71 -43.38
CA ASN I 122 -37.09 -28.30 -42.07
C ASN I 122 -38.32 -28.78 -41.30
N LEU I 123 -39.51 -28.28 -41.65
CA LEU I 123 -40.74 -28.67 -40.95
C LEU I 123 -41.19 -30.06 -41.39
N SER I 124 -41.67 -30.87 -40.45
CA SER I 124 -42.30 -32.14 -40.81
C SER I 124 -43.64 -31.88 -41.48
N HIS I 125 -44.11 -32.84 -42.30
CA HIS I 125 -45.29 -32.58 -43.15
C HIS I 125 -46.55 -32.28 -42.33
N GLN I 126 -46.71 -32.93 -41.17
CA GLN I 126 -47.84 -32.59 -40.30
C GLN I 126 -47.73 -31.14 -39.85
N GLU I 127 -46.51 -30.70 -39.54
CA GLU I 127 -46.27 -29.32 -39.15
C GLU I 127 -46.48 -28.39 -40.35
N GLN I 128 -46.13 -28.86 -41.56
CA GLN I 128 -46.32 -28.06 -42.76
C GLN I 128 -47.80 -27.78 -43.02
N GLU I 129 -48.69 -28.75 -42.74
CA GLU I 129 -50.12 -28.44 -42.88
C GLU I 129 -50.66 -27.67 -41.68
N TYR I 130 -50.11 -27.93 -40.48
CA TYR I 130 -50.52 -27.21 -39.27
C TYR I 130 -50.36 -25.70 -39.45
N LEU I 131 -49.20 -25.27 -39.97
CA LEU I 131 -48.95 -23.85 -40.14
C LEU I 131 -50.01 -23.21 -41.06
N LYS I 132 -50.34 -23.90 -42.16
CA LYS I 132 -51.35 -23.39 -43.09
C LYS I 132 -52.71 -23.26 -42.41
N GLU I 133 -53.08 -24.26 -41.60
CA GLU I 133 -54.34 -24.21 -40.86
C GLU I 133 -54.39 -23.00 -39.94
N TYR I 134 -53.31 -22.76 -39.20
CA TYR I 134 -53.30 -21.65 -38.26
C TYR I 134 -53.33 -20.30 -38.99
N CYS I 135 -52.73 -20.21 -40.19
CA CYS I 135 -52.83 -18.98 -40.97
C CYS I 135 -54.28 -18.71 -41.37
N ASP I 136 -55.00 -19.76 -41.78
CA ASP I 136 -56.42 -19.60 -42.09
C ASP I 136 -57.18 -19.07 -40.88
N LEU I 137 -56.87 -19.59 -39.69
CA LEU I 137 -57.54 -19.12 -38.48
C LEU I 137 -57.27 -17.64 -38.22
N ILE I 138 -56.01 -17.21 -38.36
CA ILE I 138 -55.66 -15.81 -38.10
C ILE I 138 -56.42 -14.90 -39.06
N THR I 139 -56.45 -15.24 -40.35
CA THR I 139 -57.15 -14.34 -41.28
C THR I 139 -58.66 -14.36 -41.04
N ASP I 140 -59.20 -15.48 -40.51
CA ASP I 140 -60.61 -15.48 -40.16
C ASP I 140 -60.90 -14.52 -39.01
N LEU I 141 -60.04 -14.49 -37.99
CA LEU I 141 -60.24 -13.52 -36.89
C LEU I 141 -60.06 -12.10 -37.38
N LYS I 142 -59.05 -11.88 -38.22
CA LYS I 142 -58.73 -10.54 -38.71
C LYS I 142 -59.83 -9.98 -39.62
N SER I 143 -60.62 -10.85 -40.25
CA SER I 143 -61.76 -10.46 -41.06
C SER I 143 -63.04 -10.40 -40.22
N GLY I 144 -64.13 -9.98 -40.86
CA GLY I 144 -65.42 -9.92 -40.19
C GLY I 144 -65.50 -8.76 -39.21
N ASP I 145 -66.19 -8.98 -38.09
CA ASP I 145 -66.25 -7.99 -37.03
C ASP I 145 -64.86 -7.84 -36.40
N LEU I 146 -64.64 -6.71 -35.73
CA LEU I 146 -63.35 -6.32 -35.15
C LEU I 146 -62.27 -6.07 -36.20
N VAL I 147 -62.65 -5.89 -37.48
CA VAL I 147 -61.69 -5.64 -38.55
C VAL I 147 -61.03 -4.26 -38.43
N ASP I 148 -61.67 -3.32 -37.73
CA ASP I 148 -61.17 -1.94 -37.72
C ASP I 148 -59.81 -1.82 -37.05
N ILE I 149 -59.45 -2.73 -36.15
CA ILE I 149 -58.16 -2.74 -35.47
C ILE I 149 -57.31 -3.85 -36.07
N ASP I 150 -56.09 -3.51 -36.48
CA ASP I 150 -55.20 -4.44 -37.20
C ASP I 150 -54.49 -5.35 -36.20
N LEU I 151 -55.12 -6.49 -35.89
CA LEU I 151 -54.64 -7.39 -34.85
C LEU I 151 -53.21 -7.88 -35.08
N SER I 152 -52.73 -7.92 -36.33
CA SER I 152 -51.35 -8.27 -36.64
C SER I 152 -50.42 -7.06 -36.77
N GLY I 153 -50.89 -5.87 -36.41
CA GLY I 153 -50.10 -4.65 -36.50
C GLY I 153 -49.10 -4.49 -35.36
N SER I 154 -48.60 -3.26 -35.21
CA SER I 154 -47.56 -2.95 -34.24
C SER I 154 -48.11 -2.94 -32.81
N LEU I 155 -47.27 -3.40 -31.87
CA LEU I 155 -47.59 -3.43 -30.45
C LEU I 155 -46.86 -2.36 -29.63
N VAL I 156 -46.16 -1.43 -30.28
CA VAL I 156 -45.43 -0.36 -29.61
C VAL I 156 -46.30 0.89 -29.65
N PRO I 157 -46.49 1.61 -28.54
CA PRO I 157 -47.48 2.72 -28.55
C PRO I 157 -47.09 3.83 -29.52
N PRO I 158 -48.07 4.50 -30.15
CA PRO I 158 -47.73 5.54 -31.12
C PRO I 158 -47.13 6.77 -30.45
N SER I 159 -45.90 7.11 -30.83
CA SER I 159 -45.14 8.18 -30.20
C SER I 159 -45.30 9.52 -30.92
N ASP I 160 -45.28 9.50 -32.25
CA ASP I 160 -45.31 10.71 -33.07
C ASP I 160 -46.16 10.46 -34.30
N VAL I 161 -46.75 11.53 -34.84
CA VAL I 161 -47.54 11.40 -36.07
C VAL I 161 -46.61 11.38 -37.27
N PHE I 162 -45.70 12.36 -37.36
CA PHE I 162 -44.82 12.55 -38.52
C PHE I 162 -43.38 12.17 -38.16
N ILE I 163 -42.69 11.55 -39.12
CA ILE I 163 -41.30 11.11 -38.95
C ILE I 163 -40.57 11.33 -40.27
N ASP I 164 -39.23 11.23 -40.19
CA ASP I 164 -38.36 11.30 -41.37
C ASP I 164 -37.80 9.92 -41.61
N VAL I 165 -37.99 9.39 -42.83
CA VAL I 165 -37.54 8.04 -43.19
C VAL I 165 -36.68 8.10 -44.45
N ARG I 166 -35.61 7.29 -44.44
CA ARG I 166 -34.62 7.25 -45.51
C ARG I 166 -34.74 5.92 -46.26
N VAL I 167 -34.45 5.96 -47.57
CA VAL I 167 -34.78 4.87 -48.50
C VAL I 167 -33.65 3.85 -48.72
N LEU I 168 -33.83 2.67 -48.14
CA LEU I 168 -32.78 1.67 -48.00
C LEU I 168 -32.66 0.69 -49.16
N LYS I 169 -33.76 0.30 -49.80
CA LYS I 169 -33.76 -0.69 -50.90
C LYS I 169 -34.55 -0.17 -52.09
N ASP I 170 -34.04 -0.43 -53.29
CA ASP I 170 -34.67 0.02 -54.53
C ASP I 170 -35.76 -0.98 -54.93
N ALA I 171 -36.92 -0.81 -54.31
CA ALA I 171 -38.13 -1.55 -54.71
C ALA I 171 -38.89 -0.86 -55.83
N GLY I 172 -38.37 0.24 -56.39
CA GLY I 172 -39.07 0.98 -57.43
C GLY I 172 -40.33 1.64 -56.92
N GLU I 173 -41.30 1.77 -57.83
CA GLU I 173 -42.59 2.37 -57.52
C GLU I 173 -43.54 1.32 -56.95
N ILE I 174 -44.24 1.68 -55.86
CA ILE I 174 -45.14 0.75 -55.18
C ILE I 174 -46.42 1.46 -54.74
N GLN I 175 -47.47 0.66 -54.52
CA GLN I 175 -48.79 1.12 -54.12
C GLN I 175 -49.06 0.76 -52.66
N THR I 176 -49.82 1.61 -51.98
CA THR I 176 -50.22 1.41 -50.59
C THR I 176 -51.55 2.13 -50.40
N GLU I 177 -52.30 1.74 -49.36
CA GLU I 177 -53.65 2.25 -49.14
C GLU I 177 -53.70 3.77 -49.05
N TYR I 178 -52.65 4.39 -48.53
CA TYR I 178 -52.60 5.86 -48.48
C TYR I 178 -52.25 6.48 -49.83
N GLY I 179 -51.54 5.76 -50.70
CA GLY I 179 -51.10 6.31 -51.98
C GLY I 179 -49.96 5.51 -52.59
N VAL I 180 -49.17 6.21 -53.43
CA VAL I 180 -48.08 5.62 -54.21
C VAL I 180 -46.77 6.27 -53.79
N PHE I 181 -45.70 5.46 -53.76
CA PHE I 181 -44.36 5.90 -53.42
C PHE I 181 -43.39 5.44 -54.50
N ASN I 182 -42.31 6.20 -54.71
CA ASN I 182 -41.22 5.84 -55.62
C ASN I 182 -39.92 5.83 -54.81
N LEU I 183 -39.40 4.63 -54.58
CA LEU I 183 -38.30 4.42 -53.62
C LEU I 183 -36.94 4.53 -54.32
N ILE I 184 -36.61 5.76 -54.71
CA ILE I 184 -35.31 6.12 -55.26
C ILE I 184 -34.26 5.98 -54.15
N LYS I 185 -33.28 5.09 -54.37
CA LYS I 185 -32.29 4.71 -53.37
C LYS I 185 -31.57 5.92 -52.76
N ASP I 186 -31.59 5.97 -51.43
CA ASP I 186 -30.97 7.06 -50.64
C ASP I 186 -31.61 8.42 -50.98
N SER I 187 -32.92 8.44 -51.10
CA SER I 187 -33.73 9.63 -50.91
C SER I 187 -34.39 9.57 -49.54
N GLN I 188 -34.93 10.71 -49.09
CA GLN I 188 -35.50 10.82 -47.75
C GLN I 188 -36.88 11.47 -47.81
N PHE I 189 -37.84 10.88 -47.09
CA PHE I 189 -39.21 11.36 -46.98
C PHE I 189 -39.45 11.97 -45.60
N PHE I 190 -40.36 12.95 -45.55
CA PHE I 190 -40.97 13.43 -44.31
C PHE I 190 -42.46 13.10 -44.42
N VAL I 191 -42.90 12.09 -43.66
CA VAL I 191 -44.21 11.48 -43.87
C VAL I 191 -44.76 10.93 -42.56
N ARG I 192 -46.07 10.71 -42.53
CA ARG I 192 -46.74 10.19 -41.34
C ARG I 192 -46.39 8.71 -41.12
N GLN I 193 -46.14 8.35 -39.86
CA GLN I 193 -45.71 6.98 -39.55
C GLN I 193 -46.79 5.94 -39.83
N SER I 194 -48.06 6.30 -39.61
CA SER I 194 -49.18 5.36 -39.77
C SER I 194 -49.23 4.77 -41.17
N ASP I 195 -48.70 5.50 -42.16
CA ASP I 195 -48.59 5.00 -43.52
C ASP I 195 -47.44 4.02 -43.68
N VAL I 196 -46.21 4.46 -43.36
CA VAL I 196 -45.00 3.69 -43.69
C VAL I 196 -44.64 2.61 -42.67
N GLU I 197 -45.46 2.38 -41.64
CA GLU I 197 -45.16 1.34 -40.66
C GLU I 197 -44.93 -0.04 -41.30
N ARG I 198 -45.79 -0.42 -42.25
CA ARG I 198 -45.64 -1.72 -42.91
C ARG I 198 -44.37 -1.79 -43.74
N LEU I 199 -44.02 -0.70 -44.43
CA LEU I 199 -42.80 -0.71 -45.25
C LEU I 199 -41.55 -0.75 -44.39
N ILE I 200 -41.59 -0.12 -43.21
CA ILE I 200 -40.48 -0.23 -42.26
C ILE I 200 -40.34 -1.69 -41.81
N GLN I 201 -41.47 -2.34 -41.50
CA GLN I 201 -41.43 -3.74 -41.07
C GLN I 201 -40.91 -4.64 -42.20
N GLN I 202 -41.32 -4.37 -43.44
CA GLN I 202 -40.82 -5.14 -44.59
C GLN I 202 -39.34 -4.91 -44.84
N GLY I 203 -38.82 -3.75 -44.46
CA GLY I 203 -37.39 -3.46 -44.52
C GLY I 203 -36.92 -2.59 -45.66
N TYR I 204 -37.82 -1.87 -46.34
CA TYR I 204 -37.41 -0.92 -47.37
C TYR I 204 -36.93 0.42 -46.80
N LEU I 205 -37.22 0.71 -45.51
CA LEU I 205 -37.05 2.04 -44.93
C LEU I 205 -36.39 1.99 -43.56
N GLN I 206 -35.74 3.11 -43.19
CA GLN I 206 -35.18 3.34 -41.86
C GLN I 206 -35.69 4.67 -41.32
N LYS I 207 -35.76 4.79 -39.99
CA LYS I 207 -36.15 6.03 -39.32
C LYS I 207 -34.88 6.77 -38.91
N ILE I 208 -34.68 7.97 -39.44
CA ILE I 208 -33.48 8.75 -39.15
C ILE I 208 -33.86 10.23 -39.01
N SER J 2 -47.83 -15.79 -29.31
CA SER J 2 -48.74 -14.70 -29.74
C SER J 2 -48.21 -13.34 -29.27
N LEU J 3 -48.31 -13.04 -27.96
CA LEU J 3 -47.73 -11.81 -27.43
C LEU J 3 -46.21 -11.99 -27.26
N PRO J 4 -45.40 -10.93 -27.43
CA PRO J 4 -43.94 -11.11 -27.27
C PRO J 4 -43.51 -11.59 -25.90
N ALA J 5 -42.33 -12.21 -25.86
CA ALA J 5 -41.82 -12.84 -24.65
C ALA J 5 -41.52 -11.82 -23.55
N HIS J 6 -41.08 -10.62 -23.93
CA HIS J 6 -40.73 -9.59 -22.95
C HIS J 6 -41.93 -8.83 -22.41
N LEU J 7 -43.17 -9.17 -22.82
CA LEU J 7 -44.38 -8.52 -22.36
C LEU J 7 -45.34 -9.49 -21.68
N GLN J 8 -44.83 -10.61 -21.15
CA GLN J 8 -45.70 -11.63 -20.58
C GLN J 8 -46.23 -11.23 -19.21
N GLN J 9 -45.44 -10.49 -18.42
CA GLN J 9 -45.76 -10.21 -17.03
C GLN J 9 -45.60 -8.74 -16.64
N THR J 10 -45.20 -7.86 -17.56
CA THR J 10 -44.70 -6.54 -17.19
C THR J 10 -45.04 -5.54 -18.28
N PHE J 11 -44.87 -4.25 -17.95
CA PHE J 11 -45.00 -3.14 -18.87
C PHE J 11 -43.62 -2.64 -19.26
N SER J 12 -43.42 -2.38 -20.56
CA SER J 12 -42.19 -1.75 -21.01
C SER J 12 -42.22 -0.26 -20.69
N PRO J 13 -41.06 0.42 -20.70
CA PRO J 13 -41.06 1.87 -20.43
C PRO J 13 -41.88 2.68 -21.42
N GLU J 14 -42.06 2.18 -22.65
CA GLU J 14 -42.90 2.87 -23.62
C GLU J 14 -44.35 2.92 -23.13
N GLU J 15 -44.84 1.79 -22.62
CA GLU J 15 -46.19 1.74 -22.07
C GLU J 15 -46.32 2.63 -20.84
N ILE J 16 -45.26 2.71 -20.02
CA ILE J 16 -45.28 3.59 -18.86
C ILE J 16 -45.41 5.05 -19.31
N GLN J 17 -44.67 5.42 -20.37
CA GLN J 17 -44.80 6.77 -20.91
C GLN J 17 -46.22 7.01 -21.44
N PHE J 18 -46.78 6.01 -22.13
CA PHE J 18 -48.13 6.11 -22.66
C PHE J 18 -49.14 6.32 -21.54
N ILE J 19 -48.97 5.60 -20.42
CA ILE J 19 -49.89 5.73 -19.29
C ILE J 19 -49.80 7.12 -18.69
N VAL J 20 -48.58 7.65 -18.53
CA VAL J 20 -48.41 8.96 -17.92
C VAL J 20 -48.97 10.06 -18.82
N GLU J 21 -48.97 9.84 -20.14
CA GLU J 21 -49.38 10.89 -21.07
C GLU J 21 -50.87 11.23 -20.99
N ASN J 22 -51.68 10.40 -20.32
CA ASN J 22 -53.11 10.66 -20.23
C ASN J 22 -53.49 11.65 -19.13
N GLU J 23 -52.52 12.15 -18.35
CA GLU J 23 -52.83 13.03 -17.24
C GLU J 23 -53.10 14.46 -17.72
N PRO J 24 -53.79 15.28 -16.92
CA PRO J 24 -53.98 16.69 -17.29
C PRO J 24 -52.79 17.56 -16.94
N ILE J 25 -52.69 18.70 -17.63
CA ILE J 25 -51.61 19.66 -17.44
C ILE J 25 -52.15 21.05 -17.77
N LYS J 26 -51.54 22.08 -17.17
CA LYS J 26 -51.97 23.47 -17.30
C LYS J 26 -51.13 24.17 -18.37
N ILE J 27 -51.79 24.94 -19.25
CA ILE J 27 -51.14 25.60 -20.37
C ILE J 27 -51.65 27.03 -20.56
N PHE J 28 -50.82 27.84 -21.21
CA PHE J 28 -51.18 29.17 -21.71
C PHE J 28 -51.25 29.09 -23.24
N PRO J 29 -52.41 29.23 -23.89
CA PRO J 29 -52.42 29.27 -25.36
C PRO J 29 -52.10 30.65 -25.90
N ARG J 30 -51.48 30.66 -27.09
CA ARG J 30 -51.16 31.89 -27.80
C ARG J 30 -52.19 32.25 -28.88
N ILE J 31 -53.30 31.51 -28.98
CA ILE J 31 -54.35 31.78 -29.97
C ILE J 31 -55.70 31.61 -29.27
N THR J 32 -56.73 32.20 -29.86
CA THR J 32 -58.12 32.08 -29.43
C THR J 32 -58.87 31.15 -30.39
N THR J 33 -59.51 30.12 -29.84
CA THR J 33 -60.45 29.26 -30.58
C THR J 33 -61.91 29.61 -30.32
N ARG J 34 -62.19 30.30 -29.22
CA ARG J 34 -63.55 30.68 -28.88
C ARG J 34 -64.16 31.60 -29.94
N GLN J 35 -65.43 31.39 -30.24
CA GLN J 35 -66.14 32.24 -31.20
C GLN J 35 -66.48 33.59 -30.57
N THR J 48 -64.31 25.19 -37.51
CA THR J 48 -64.42 23.78 -37.12
C THR J 48 -64.15 23.61 -35.62
N ARG J 49 -64.42 22.41 -35.12
CA ARG J 49 -64.25 22.06 -33.71
C ARG J 49 -63.55 20.72 -33.60
N TRP J 50 -63.01 20.45 -32.42
CA TRP J 50 -62.05 19.35 -32.28
C TRP J 50 -62.73 17.98 -32.34
N GLN J 51 -63.84 17.81 -31.63
CA GLN J 51 -64.64 16.56 -31.65
C GLN J 51 -63.81 15.34 -31.27
N LEU J 52 -63.23 15.38 -30.07
CA LEU J 52 -62.53 14.24 -29.51
C LEU J 52 -63.52 13.27 -28.88
N ILE J 53 -63.05 12.02 -28.64
CA ILE J 53 -63.92 10.94 -28.18
C ILE J 53 -63.41 10.23 -26.92
N THR J 54 -62.19 10.54 -26.46
CA THR J 54 -61.65 9.99 -25.22
C THR J 54 -61.41 11.05 -24.14
N THR J 55 -61.82 12.30 -24.37
CA THR J 55 -61.56 13.39 -23.43
C THR J 55 -62.72 14.37 -23.50
N ASP J 56 -62.65 15.40 -22.64
CA ASP J 56 -63.44 16.59 -22.84
C ASP J 56 -63.07 17.25 -24.16
N ASP J 57 -64.06 17.90 -24.78
CA ASP J 57 -63.87 18.68 -26.00
C ASP J 57 -64.08 20.17 -25.81
N LYS J 58 -64.70 20.58 -24.70
CA LYS J 58 -65.07 21.99 -24.53
C LYS J 58 -63.85 22.89 -24.34
N ALA J 59 -62.85 22.41 -23.60
CA ALA J 59 -61.71 23.26 -23.25
C ALA J 59 -60.95 23.71 -24.50
N LEU J 60 -60.69 22.78 -25.42
CA LEU J 60 -59.96 23.13 -26.63
C LEU J 60 -60.79 24.01 -27.56
N ASN J 61 -62.11 23.81 -27.59
CA ASN J 61 -62.96 24.64 -28.43
C ASN J 61 -63.15 26.05 -27.88
N ASN J 62 -62.85 26.28 -26.59
CA ASN J 62 -63.14 27.55 -25.92
C ASN J 62 -61.89 28.23 -25.39
N MET J 63 -60.76 28.05 -26.06
CA MET J 63 -59.52 28.70 -25.65
C MET J 63 -59.53 30.18 -26.02
N VAL J 64 -58.88 30.99 -25.17
CA VAL J 64 -58.65 32.40 -25.42
C VAL J 64 -57.19 32.67 -25.11
N ALA J 65 -56.54 33.50 -25.94
CA ALA J 65 -55.10 33.71 -25.86
C ALA J 65 -54.68 34.26 -24.51
N MET J 66 -53.63 33.66 -23.95
CA MET J 66 -53.07 34.03 -22.64
C MET J 66 -54.07 33.88 -21.50
N ARG J 67 -55.03 32.97 -21.65
CA ARG J 67 -55.95 32.58 -20.57
C ARG J 67 -55.64 31.13 -20.19
N SER J 68 -55.31 30.92 -18.91
CA SER J 68 -54.86 29.60 -18.45
C SER J 68 -55.98 28.57 -18.57
N THR J 69 -55.60 27.35 -18.98
CA THR J 69 -56.57 26.26 -19.14
C THR J 69 -55.85 24.92 -18.98
N GLU J 70 -56.66 23.86 -18.83
CA GLU J 70 -56.19 22.52 -18.49
C GLU J 70 -56.57 21.54 -19.60
N VAL J 71 -55.59 20.76 -20.06
CA VAL J 71 -55.77 19.78 -21.14
C VAL J 71 -54.91 18.55 -20.84
N VAL J 72 -55.16 17.47 -21.58
CA VAL J 72 -54.34 16.26 -21.44
C VAL J 72 -52.93 16.54 -21.94
N LEU J 73 -51.97 15.79 -21.38
CA LEU J 73 -50.56 16.08 -21.62
C LEU J 73 -50.16 15.82 -23.06
N TRP J 74 -50.71 14.79 -23.71
CA TRP J 74 -50.28 14.48 -25.06
C TRP J 74 -50.69 15.58 -26.04
N ILE J 75 -51.88 16.15 -25.86
CA ILE J 75 -52.27 17.29 -26.69
C ILE J 75 -51.42 18.51 -26.35
N ALA J 76 -51.08 18.69 -25.07
CA ALA J 76 -50.24 19.83 -24.68
C ALA J 76 -48.88 19.77 -25.37
N LEU J 77 -48.26 18.60 -25.38
CA LEU J 77 -47.00 18.43 -26.10
C LEU J 77 -47.20 18.56 -27.60
N LEU J 78 -48.35 18.14 -28.10
CA LEU J 78 -48.62 18.29 -29.54
C LEU J 78 -48.70 19.76 -29.94
N LEU J 79 -49.31 20.59 -29.10
CA LEU J 79 -49.36 22.02 -29.38
C LEU J 79 -47.99 22.67 -29.22
N LYS J 80 -47.28 22.33 -28.14
CA LYS J 80 -45.98 22.94 -27.85
C LYS J 80 -44.93 22.59 -28.90
N GLN J 81 -45.16 21.56 -29.72
CA GLN J 81 -44.32 21.29 -30.88
C GLN J 81 -44.26 22.49 -31.82
N GLN J 82 -45.31 23.31 -31.85
CA GLN J 82 -45.40 24.53 -32.64
C GLN J 82 -45.60 25.72 -31.71
N SER J 83 -45.70 26.92 -32.30
CA SER J 83 -45.70 28.15 -31.53
C SER J 83 -46.95 28.35 -30.68
N LYS J 84 -48.01 27.57 -30.90
CA LYS J 84 -49.34 27.91 -30.43
C LYS J 84 -49.56 27.71 -28.94
N CYS J 85 -48.56 27.29 -28.14
CA CYS J 85 -48.83 26.95 -26.75
C CYS J 85 -47.57 27.06 -25.91
N SER J 86 -47.80 27.19 -24.59
CA SER J 86 -46.74 27.20 -23.57
C SER J 86 -47.24 26.44 -22.35
N ILE J 87 -46.34 25.68 -21.72
CA ILE J 87 -46.68 24.74 -20.65
C ILE J 87 -46.22 25.32 -19.32
N VAL J 88 -47.11 25.31 -18.33
CA VAL J 88 -46.78 25.71 -16.96
C VAL J 88 -46.23 24.49 -16.23
N ALA J 89 -45.09 24.67 -15.56
CA ALA J 89 -44.48 23.57 -14.83
C ALA J 89 -45.30 23.24 -13.59
N PRO J 90 -45.36 21.97 -13.17
CA PRO J 90 -46.02 21.67 -11.89
C PRO J 90 -45.29 22.28 -10.71
N GLN J 91 -46.04 22.59 -9.66
CA GLN J 91 -45.49 23.35 -8.55
C GLN J 91 -44.45 22.55 -7.76
N TRP J 92 -44.58 21.22 -7.71
CA TRP J 92 -43.55 20.41 -7.05
C TRP J 92 -42.22 20.47 -7.78
N LEU J 93 -42.23 20.77 -9.08
CA LEU J 93 -41.01 20.77 -9.89
C LEU J 93 -40.32 22.13 -9.79
N THR J 94 -39.92 22.51 -8.57
CA THR J 94 -39.23 23.77 -8.31
C THR J 94 -38.17 23.54 -7.25
N THR J 95 -37.21 24.45 -7.19
CA THR J 95 -36.02 24.26 -6.36
C THR J 95 -36.38 24.20 -4.88
N LYS J 96 -37.30 25.06 -4.42
CA LYS J 96 -37.67 25.09 -3.01
C LYS J 96 -38.27 23.75 -2.56
N GLU J 97 -39.24 23.24 -3.33
CA GLU J 97 -39.90 22.00 -2.95
C GLU J 97 -38.93 20.82 -2.99
N LEU J 98 -38.07 20.75 -4.02
CA LEU J 98 -37.12 19.64 -4.11
C LEU J 98 -36.10 19.68 -2.96
N ASP J 99 -35.69 20.89 -2.54
CA ASP J 99 -34.86 21.01 -1.35
C ASP J 99 -35.56 20.41 -0.14
N ARG J 100 -36.84 20.76 0.06
CA ARG J 100 -37.56 20.23 1.22
C ARG J 100 -37.70 18.71 1.15
N LYS J 101 -37.93 18.16 -0.04
CA LYS J 101 -38.07 16.71 -0.15
C LYS J 101 -36.75 16.00 0.14
N ILE J 102 -35.62 16.57 -0.30
CA ILE J 102 -34.33 15.96 0.04
C ILE J 102 -34.12 15.99 1.55
N GLN J 103 -34.50 17.11 2.19
CA GLN J 103 -34.35 17.17 3.64
C GLN J 103 -35.23 16.15 4.34
N TYR J 104 -36.46 15.94 3.85
CA TYR J 104 -37.32 14.89 4.38
C TYR J 104 -36.66 13.52 4.22
N GLU J 105 -36.09 13.26 3.05
CA GLU J 105 -35.45 11.98 2.79
C GLU J 105 -34.31 11.72 3.77
N LYS J 106 -33.48 12.74 4.02
CA LYS J 106 -32.38 12.57 4.96
C LYS J 106 -32.87 12.43 6.39
N THR J 107 -33.95 13.14 6.75
CA THR J 107 -34.40 13.17 8.13
C THR J 107 -34.98 11.82 8.57
N HIS J 108 -35.78 11.18 7.70
CA HIS J 108 -36.48 9.94 8.02
C HIS J 108 -35.82 8.78 7.28
N PRO J 109 -34.90 8.03 7.92
CA PRO J 109 -34.05 7.11 7.14
C PRO J 109 -34.72 5.85 6.61
N ASP J 110 -36.03 5.64 6.83
CA ASP J 110 -36.74 4.49 6.27
C ASP J 110 -37.92 4.90 5.38
N ARG J 111 -38.69 5.92 5.76
CA ARG J 111 -39.80 6.36 4.94
C ARG J 111 -39.33 6.95 3.62
N PHE J 112 -40.15 6.80 2.58
CA PHE J 112 -39.98 7.49 1.31
C PHE J 112 -40.77 8.79 1.34
N SER J 113 -40.19 9.86 0.79
CA SER J 113 -40.88 11.13 0.70
C SER J 113 -42.03 11.06 -0.30
N GLU J 114 -43.02 11.94 -0.10
CA GLU J 114 -44.32 11.83 -0.77
C GLU J 114 -44.35 12.51 -2.14
N LEU J 115 -43.42 12.16 -3.02
CA LEU J 115 -43.43 12.72 -4.36
C LEU J 115 -44.55 12.06 -5.20
N PRO J 116 -45.04 12.73 -6.25
CA PRO J 116 -46.11 12.11 -7.06
C PRO J 116 -45.64 10.85 -7.78
N TRP J 117 -46.62 10.01 -8.15
CA TRP J 117 -46.30 8.68 -8.67
C TRP J 117 -45.59 8.71 -10.03
N ASN J 118 -45.59 9.85 -10.73
CA ASN J 118 -45.02 9.96 -12.07
C ASN J 118 -43.84 10.94 -12.15
N TRP J 119 -43.11 11.15 -11.06
CA TRP J 119 -42.17 12.27 -10.99
C TRP J 119 -41.01 12.11 -11.97
N LEU J 120 -40.39 10.93 -12.04
CA LEU J 120 -39.28 10.69 -12.96
C LEU J 120 -39.69 10.88 -14.41
N VAL J 121 -40.80 10.24 -14.80
CA VAL J 121 -41.25 10.27 -16.20
C VAL J 121 -41.55 11.71 -16.62
N LEU J 122 -42.28 12.44 -15.78
CA LEU J 122 -42.70 13.78 -16.17
C LEU J 122 -41.52 14.73 -16.22
N ALA J 123 -40.57 14.61 -15.28
CA ALA J 123 -39.38 15.44 -15.33
C ALA J 123 -38.60 15.21 -16.62
N ARG J 124 -38.39 13.95 -16.99
CA ARG J 124 -37.59 13.66 -18.17
C ARG J 124 -38.36 13.86 -19.49
N ILE J 125 -39.66 14.10 -19.43
CA ILE J 125 -40.40 14.56 -20.61
C ILE J 125 -40.29 16.07 -20.75
N LEU J 126 -40.54 16.80 -19.65
CA LEU J 126 -40.59 18.26 -19.72
C LEU J 126 -39.21 18.86 -19.98
N PHE J 127 -38.15 18.24 -19.45
CA PHE J 127 -36.81 18.79 -19.72
C PHE J 127 -36.44 18.70 -21.19
N ASN J 128 -37.01 17.74 -21.92
CA ASN J 128 -36.72 17.60 -23.36
C ASN J 128 -37.65 18.46 -24.22
N LYS J 129 -38.96 18.40 -23.95
CA LYS J 129 -39.91 19.06 -24.82
C LYS J 129 -40.14 20.53 -24.46
N ALA J 130 -39.83 20.94 -23.24
CA ALA J 130 -40.25 22.24 -22.71
C ALA J 130 -39.13 22.89 -21.89
N LYS J 131 -37.89 22.80 -22.38
CA LYS J 131 -36.75 23.38 -21.67
C LYS J 131 -36.84 24.90 -21.52
N ASP J 132 -37.63 25.57 -22.38
CA ASP J 132 -37.67 27.03 -22.40
C ASP J 132 -38.69 27.63 -21.44
N ASP J 133 -39.63 26.84 -20.90
CA ASP J 133 -40.77 27.36 -20.16
C ASP J 133 -40.59 27.33 -18.64
N PHE J 134 -39.43 26.92 -18.13
CA PHE J 134 -39.20 26.94 -16.69
C PHE J 134 -38.82 28.34 -16.22
N HIS J 135 -39.02 28.58 -14.92
CA HIS J 135 -38.55 29.79 -14.25
C HIS J 135 -37.21 29.58 -13.57
N ASP J 136 -36.99 28.44 -12.93
CA ASP J 136 -35.71 28.16 -12.32
C ASP J 136 -34.67 27.84 -13.40
N PRO J 137 -33.37 27.99 -13.10
CA PRO J 137 -32.35 27.54 -14.06
C PRO J 137 -32.33 26.01 -14.14
N ILE J 138 -32.40 25.50 -15.37
CA ILE J 138 -32.61 24.07 -15.58
C ILE J 138 -31.42 23.24 -15.10
N HIS J 139 -30.21 23.81 -15.12
CA HIS J 139 -29.01 23.08 -14.72
C HIS J 139 -28.94 22.80 -13.21
N GLU J 140 -29.83 23.40 -12.41
CA GLU J 140 -29.94 23.08 -10.98
C GLU J 140 -30.99 22.00 -10.73
N LEU J 141 -32.12 22.08 -11.44
CA LEU J 141 -33.15 21.05 -11.34
C LEU J 141 -32.60 19.70 -11.75
N ARG J 142 -31.77 19.68 -12.81
CA ARG J 142 -31.19 18.41 -13.23
C ARG J 142 -30.28 17.80 -12.16
N GLY J 143 -29.73 18.62 -11.25
CA GLY J 143 -28.92 18.11 -10.16
C GLY J 143 -29.76 17.58 -9.01
N LYS J 144 -30.82 18.31 -8.68
CA LYS J 144 -31.63 17.93 -7.52
C LYS J 144 -32.45 16.66 -7.80
N ILE J 145 -32.92 16.50 -9.05
CA ILE J 145 -33.60 15.25 -9.43
C ILE J 145 -32.65 14.05 -9.22
N GLN J 146 -31.38 14.22 -9.63
CA GLN J 146 -30.40 13.16 -9.45
C GLN J 146 -30.18 12.83 -7.97
N ASP J 147 -30.07 13.87 -7.12
CA ASP J 147 -29.89 13.64 -5.69
C ASP J 147 -31.03 12.80 -5.11
N LEU J 148 -32.27 13.13 -5.50
CA LEU J 148 -33.42 12.36 -5.02
C LEU J 148 -33.34 10.91 -5.46
N ARG J 149 -33.02 10.67 -6.73
CA ARG J 149 -32.98 9.29 -7.21
C ARG J 149 -31.89 8.48 -6.51
N GLU J 150 -30.72 9.08 -6.26
CA GLU J 150 -29.65 8.36 -5.56
C GLU J 150 -30.05 7.97 -4.14
N ILE J 151 -30.63 8.90 -3.38
CA ILE J 151 -31.01 8.60 -2.00
C ILE J 151 -32.06 7.47 -1.97
N ARG J 152 -33.05 7.56 -2.87
CA ARG J 152 -34.06 6.52 -2.93
C ARG J 152 -33.48 5.16 -3.28
N GLN J 153 -32.45 5.13 -4.13
CA GLN J 153 -31.83 3.85 -4.46
C GLN J 153 -31.13 3.23 -3.25
N ILE J 154 -30.51 4.06 -2.39
CA ILE J 154 -29.94 3.51 -1.14
C ILE J 154 -31.04 2.83 -0.34
N LYS J 155 -32.17 3.54 -0.17
CA LYS J 155 -33.25 2.99 0.64
C LYS J 155 -33.82 1.71 0.04
N VAL J 156 -33.86 1.61 -1.28
CA VAL J 156 -34.33 0.37 -1.91
C VAL J 156 -33.38 -0.78 -1.58
N LEU J 157 -32.06 -0.54 -1.70
CA LEU J 157 -31.11 -1.63 -1.47
C LEU J 157 -31.17 -2.14 -0.05
N LYS J 158 -31.52 -1.28 0.93
CA LYS J 158 -31.72 -1.80 2.28
C LYS J 158 -32.94 -2.72 2.36
N GLY J 159 -34.00 -2.41 1.61
CA GLY J 159 -35.27 -3.11 1.75
C GLY J 159 -35.29 -4.53 1.21
N LEU J 160 -34.40 -4.87 0.29
CA LEU J 160 -34.39 -6.21 -0.32
C LEU J 160 -33.85 -7.30 0.61
N LYS J 161 -33.57 -7.00 1.88
CA LYS J 161 -33.22 -7.99 2.88
C LYS J 161 -34.42 -8.51 3.67
N TYR J 162 -35.64 -8.08 3.32
CA TYR J 162 -36.87 -8.49 3.99
C TYR J 162 -37.82 -9.25 3.06
N LEU J 163 -37.35 -9.74 1.92
CA LEU J 163 -38.17 -10.62 1.10
C LEU J 163 -38.49 -11.89 1.89
N ASN J 164 -39.75 -12.29 1.86
CA ASN J 164 -40.27 -13.28 2.81
C ASN J 164 -41.38 -14.07 2.15
N GLU J 165 -42.00 -14.96 2.93
CA GLU J 165 -43.01 -15.89 2.43
C GLU J 165 -44.42 -15.30 2.37
N SER J 166 -44.65 -14.10 2.94
CA SER J 166 -46.01 -13.62 3.20
C SER J 166 -46.37 -12.34 2.45
N HIS J 167 -45.68 -11.22 2.66
CA HIS J 167 -46.08 -9.95 2.05
C HIS J 167 -45.02 -8.88 2.33
N LEU J 168 -45.23 -7.71 1.74
CA LEU J 168 -44.41 -6.53 1.96
C LEU J 168 -45.26 -5.28 1.77
N GLN J 169 -44.91 -4.22 2.49
CA GLN J 169 -45.54 -2.91 2.34
C GLN J 169 -44.53 -1.91 1.78
N LEU J 170 -45.00 -1.08 0.85
CA LEU J 170 -44.23 -0.02 0.20
C LEU J 170 -45.08 1.23 0.25
N ASP J 171 -44.45 2.41 0.27
CA ASP J 171 -45.18 3.68 0.29
C ASP J 171 -44.44 4.72 -0.53
N ASN J 172 -45.19 5.50 -1.31
CA ASN J 172 -44.70 6.60 -2.13
C ASN J 172 -43.64 6.21 -3.16
N LEU J 173 -43.44 4.92 -3.41
CA LEU J 173 -42.52 4.48 -4.46
C LEU J 173 -43.16 4.68 -5.83
N SER J 174 -42.42 5.29 -6.76
CA SER J 174 -42.97 5.70 -8.04
C SER J 174 -43.26 4.51 -8.95
N LEU J 175 -44.08 4.76 -9.97
CA LEU J 175 -44.46 3.72 -10.92
C LEU J 175 -43.24 3.17 -11.66
N LEU J 176 -42.41 4.06 -12.18
CA LEU J 176 -41.22 3.60 -12.92
C LEU J 176 -40.26 2.88 -11.98
N GLU J 177 -40.15 3.32 -10.73
CA GLU J 177 -39.29 2.66 -9.77
C GLU J 177 -39.80 1.26 -9.43
N ILE J 178 -41.11 1.09 -9.31
CA ILE J 178 -41.68 -0.25 -9.09
C ILE J 178 -41.41 -1.13 -10.30
N ASN J 179 -41.66 -0.60 -11.49
CA ASN J 179 -41.56 -1.37 -12.72
C ASN J 179 -40.12 -1.81 -12.98
N GLU J 180 -39.16 -1.00 -12.53
CA GLU J 180 -37.76 -1.38 -12.62
C GLU J 180 -37.47 -2.65 -11.82
N LEU J 181 -38.08 -2.79 -10.65
CA LEU J 181 -37.75 -3.87 -9.70
C LEU J 181 -38.64 -5.10 -9.82
N ARG J 182 -39.83 -4.97 -10.42
CA ARG J 182 -40.90 -5.98 -10.44
C ARG J 182 -40.43 -7.42 -10.69
N PRO J 183 -39.70 -7.72 -11.78
CA PRO J 183 -39.34 -9.14 -12.05
C PRO J 183 -38.39 -9.76 -11.04
N PHE J 184 -37.71 -8.97 -10.21
CA PHE J 184 -36.80 -9.54 -9.20
C PHE J 184 -37.55 -9.87 -7.93
N ILE J 185 -38.29 -8.88 -7.40
CA ILE J 185 -39.03 -9.05 -6.16
C ILE J 185 -40.01 -10.20 -6.28
N THR J 186 -40.81 -10.20 -7.36
CA THR J 186 -41.86 -11.21 -7.45
C THR J 186 -41.28 -12.61 -7.60
N GLU J 187 -40.19 -12.77 -8.35
CA GLU J 187 -39.60 -14.09 -8.56
C GLU J 187 -39.01 -14.66 -7.28
N ILE J 188 -38.17 -13.88 -6.59
CA ILE J 188 -37.54 -14.40 -5.37
C ILE J 188 -38.61 -14.70 -4.31
N MET J 189 -39.62 -13.82 -4.21
CA MET J 189 -40.70 -14.05 -3.24
C MET J 189 -41.47 -15.32 -3.57
N ASP J 190 -41.73 -15.57 -4.86
CA ASP J 190 -42.44 -16.79 -5.25
C ASP J 190 -41.66 -18.03 -4.85
N LYS J 191 -40.35 -18.03 -5.05
CA LYS J 191 -39.60 -19.25 -4.71
C LYS J 191 -39.55 -19.47 -3.19
N LEU J 192 -39.46 -18.40 -2.40
CA LEU J 192 -39.53 -18.59 -0.95
C LEU J 192 -40.88 -19.20 -0.54
N ARG J 193 -41.97 -18.74 -1.19
CA ARG J 193 -43.29 -19.34 -0.94
C ARG J 193 -43.33 -20.83 -1.28
N GLU J 194 -42.76 -21.21 -2.43
CA GLU J 194 -42.77 -22.61 -2.82
C GLU J 194 -42.03 -23.48 -1.82
N ILE J 195 -40.86 -23.01 -1.37
CA ILE J 195 -40.06 -23.79 -0.42
C ILE J 195 -40.82 -23.96 0.89
N HIS J 196 -41.47 -22.90 1.37
CA HIS J 196 -42.17 -23.00 2.66
C HIS J 196 -43.38 -23.92 2.59
N THR J 197 -44.28 -23.72 1.61
CA THR J 197 -45.50 -24.52 1.53
C THR J 197 -45.21 -26.00 1.29
N ALA J 198 -44.11 -26.31 0.59
CA ALA J 198 -43.74 -27.71 0.36
C ALA J 198 -43.52 -28.46 1.67
N SER J 199 -43.02 -27.77 2.70
CA SER J 199 -42.81 -28.42 4.00
C SER J 199 -44.14 -28.65 4.74
N LEU J 200 -45.14 -27.79 4.52
CA LEU J 200 -46.45 -27.99 5.16
C LEU J 200 -47.16 -29.22 4.62
N THR J 201 -47.14 -29.42 3.31
CA THR J 201 -47.96 -30.42 2.63
C THR J 201 -47.54 -31.86 2.96
N MET K 24 -45.23 -26.02 -11.61
CA MET K 24 -44.68 -27.30 -12.13
C MET K 24 -45.58 -27.83 -13.26
N GLY K 25 -45.45 -27.21 -14.43
CA GLY K 25 -46.28 -27.54 -15.57
C GLY K 25 -45.86 -28.82 -16.26
N TYR K 26 -46.79 -29.38 -17.03
CA TYR K 26 -46.54 -30.62 -17.74
C TYR K 26 -45.48 -30.44 -18.82
N TYR K 27 -45.65 -29.44 -19.68
CA TYR K 27 -44.79 -29.23 -20.85
C TYR K 27 -43.49 -28.49 -20.53
N ASP K 28 -43.18 -28.25 -19.26
CA ASP K 28 -41.99 -27.49 -18.89
C ASP K 28 -40.73 -28.31 -19.11
N ILE K 29 -39.81 -27.79 -19.94
CA ILE K 29 -38.62 -28.54 -20.33
C ILE K 29 -37.71 -28.77 -19.12
N ASP K 30 -37.52 -27.74 -18.28
CA ASP K 30 -36.60 -27.89 -17.15
C ASP K 30 -37.11 -28.94 -16.16
N ASP K 31 -38.43 -28.98 -15.93
CA ASP K 31 -38.98 -30.01 -15.04
C ASP K 31 -38.86 -31.39 -15.67
N VAL K 32 -39.11 -31.49 -16.98
CA VAL K 32 -38.92 -32.74 -17.72
C VAL K 32 -37.49 -33.23 -17.56
N LEU K 33 -36.54 -32.31 -17.61
CA LEU K 33 -35.12 -32.67 -17.59
C LEU K 33 -34.62 -32.93 -16.17
N ALA K 34 -35.19 -32.25 -15.17
CA ALA K 34 -34.74 -32.45 -13.79
C ALA K 34 -35.22 -33.78 -13.21
N ASP K 35 -36.40 -34.25 -13.62
CA ASP K 35 -36.92 -35.53 -13.15
C ASP K 35 -36.05 -36.72 -13.57
N GLY K 36 -35.16 -36.56 -14.55
CA GLY K 36 -34.30 -37.61 -15.02
C GLY K 36 -32.99 -37.81 -14.28
N THR K 37 -32.74 -37.05 -13.22
CA THR K 37 -31.56 -37.27 -12.40
C THR K 37 -31.74 -38.51 -11.54
N GLU K 38 -30.63 -39.24 -11.32
CA GLU K 38 -30.67 -40.51 -10.62
C GLU K 38 -30.39 -40.34 -9.13
N PHE K 39 -31.04 -41.19 -8.32
CA PHE K 39 -30.92 -41.22 -6.87
C PHE K 39 -30.63 -42.66 -6.44
N PRO K 40 -29.91 -42.86 -5.31
CA PRO K 40 -29.63 -44.24 -4.87
C PRO K 40 -30.83 -44.89 -4.19
N CYS K 41 -31.00 -46.19 -4.43
CA CYS K 41 -32.18 -46.96 -4.02
C CYS K 41 -31.80 -48.36 -3.57
N LYS K 42 -32.64 -48.95 -2.72
CA LYS K 42 -32.48 -50.34 -2.25
C LYS K 42 -33.81 -51.08 -2.30
N PHE K 43 -33.79 -52.34 -2.73
CA PHE K 43 -35.01 -53.14 -2.91
C PHE K 43 -35.43 -53.86 -1.64
N GLN K 44 -36.74 -54.09 -1.52
CA GLN K 44 -37.35 -54.80 -0.39
C GLN K 44 -38.05 -56.10 -0.79
N TYR K 45 -38.04 -56.48 -2.08
CA TYR K 45 -38.54 -57.77 -2.54
C TYR K 45 -37.66 -58.26 -3.69
N ASP K 46 -37.54 -59.58 -3.83
CA ASP K 46 -37.00 -60.18 -5.04
C ASP K 46 -38.12 -60.28 -6.08
N ILE K 47 -37.79 -59.94 -7.33
CA ILE K 47 -38.77 -59.85 -8.42
C ILE K 47 -38.18 -60.49 -9.68
N PRO K 48 -38.90 -61.38 -10.40
CA PRO K 48 -38.35 -61.94 -11.64
C PRO K 48 -38.29 -60.95 -12.79
N GLY K 49 -37.34 -61.17 -13.70
CA GLY K 49 -37.26 -60.50 -14.99
C GLY K 49 -36.88 -59.03 -15.00
N LEU K 50 -36.95 -58.31 -13.87
CA LEU K 50 -36.62 -56.88 -13.85
C LEU K 50 -35.12 -56.59 -13.75
N GLY K 51 -34.26 -57.57 -14.04
CA GLY K 51 -32.82 -57.35 -14.05
C GLY K 51 -32.34 -56.33 -15.06
N TYR K 52 -33.18 -55.96 -16.04
CA TYR K 52 -32.79 -54.94 -17.00
C TYR K 52 -32.54 -53.60 -16.31
N LEU K 53 -33.13 -53.38 -15.13
CA LEU K 53 -32.76 -52.23 -14.31
C LEU K 53 -31.30 -52.31 -13.90
N GLU K 54 -30.82 -53.53 -13.60
CA GLU K 54 -29.41 -53.82 -13.38
C GLU K 54 -28.66 -54.12 -14.68
N ASN K 55 -29.23 -53.76 -15.83
CA ASN K 55 -28.61 -53.95 -17.15
C ASN K 55 -28.34 -55.43 -17.46
N ASN K 56 -29.24 -56.32 -17.01
CA ASN K 56 -29.23 -57.72 -17.42
C ASN K 56 -30.68 -58.19 -17.52
N PRO K 57 -31.31 -58.09 -18.71
CA PRO K 57 -32.73 -58.46 -18.83
C PRO K 57 -33.04 -59.92 -18.47
N GLY K 58 -32.06 -60.81 -18.45
CA GLY K 58 -32.30 -62.23 -18.27
C GLY K 58 -32.35 -62.74 -16.86
N ARG K 59 -32.45 -61.89 -15.85
CA ARG K 59 -32.26 -62.28 -14.45
C ARG K 59 -33.24 -61.56 -13.54
N PRO K 60 -33.46 -62.08 -12.32
CA PRO K 60 -34.28 -61.37 -11.34
C PRO K 60 -33.51 -60.25 -10.64
N ILE K 61 -34.29 -59.40 -9.96
CA ILE K 61 -33.79 -58.52 -8.90
C ILE K 61 -33.97 -59.27 -7.59
N THR K 62 -33.05 -59.04 -6.64
CA THR K 62 -33.02 -59.73 -5.36
C THR K 62 -33.02 -58.73 -4.22
N LYS K 63 -33.57 -59.14 -3.08
CA LYS K 63 -33.76 -58.25 -1.94
C LYS K 63 -32.43 -57.74 -1.41
N ASN K 64 -32.43 -56.49 -0.96
CA ASN K 64 -31.29 -55.74 -0.44
C ASN K 64 -30.22 -55.46 -1.50
N THR K 65 -30.55 -55.62 -2.78
CA THR K 65 -29.73 -55.06 -3.86
C THR K 65 -29.86 -53.55 -3.88
N LYS K 66 -28.77 -52.88 -4.25
CA LYS K 66 -28.71 -51.41 -4.33
C LYS K 66 -28.47 -50.96 -5.76
N LEU K 67 -29.27 -49.99 -6.22
CA LEU K 67 -29.19 -49.47 -7.58
C LEU K 67 -29.43 -47.97 -7.60
N SER K 68 -28.98 -47.34 -8.69
CA SER K 68 -29.18 -45.91 -8.95
C SER K 68 -30.24 -45.77 -10.03
N LEU K 69 -31.40 -45.19 -9.67
CA LEU K 69 -32.57 -45.09 -10.55
C LEU K 69 -33.01 -43.64 -10.76
N PRO K 70 -33.60 -43.30 -11.93
CA PRO K 70 -34.07 -41.92 -12.13
C PRO K 70 -35.26 -41.59 -11.25
N LEU K 71 -35.38 -40.30 -10.92
CA LEU K 71 -36.36 -39.87 -9.92
C LEU K 71 -37.81 -40.12 -10.35
N TRP K 72 -38.16 -39.99 -11.64
CA TRP K 72 -39.54 -40.23 -12.05
C TRP K 72 -40.01 -41.66 -11.80
N LEU K 73 -39.08 -42.61 -11.67
CA LEU K 73 -39.39 -44.00 -11.34
C LEU K 73 -39.28 -44.28 -9.84
N ALA K 74 -38.20 -43.81 -9.22
CA ALA K 74 -37.99 -44.02 -7.79
C ALA K 74 -39.05 -43.33 -6.95
N ARG K 75 -39.59 -42.21 -7.42
CA ARG K 75 -40.66 -41.50 -6.71
C ARG K 75 -41.93 -42.33 -6.57
N ILE K 76 -42.15 -43.30 -7.45
CA ILE K 76 -43.32 -44.18 -7.40
C ILE K 76 -43.00 -45.49 -6.70
N LEU K 77 -41.88 -46.12 -7.05
CA LEU K 77 -41.53 -47.41 -6.43
C LEU K 77 -41.28 -47.28 -4.93
N ALA K 78 -41.00 -46.07 -4.42
CA ALA K 78 -40.90 -45.85 -2.99
C ALA K 78 -42.25 -45.75 -2.28
N ILE K 79 -43.36 -45.59 -3.01
CA ILE K 79 -44.67 -45.36 -2.42
C ILE K 79 -45.60 -46.57 -2.59
N VAL K 80 -45.66 -47.17 -3.78
CA VAL K 80 -46.67 -48.22 -4.01
C VAL K 80 -46.31 -49.49 -3.24
N GLY K 81 -47.30 -50.05 -2.55
CA GLY K 81 -47.10 -51.20 -1.68
C GLY K 81 -46.98 -52.51 -2.42
N PRO K 91 -48.34 -52.24 4.81
CA PRO K 91 -47.51 -52.94 3.82
C PRO K 91 -46.14 -52.29 3.64
N VAL K 92 -45.25 -52.96 2.93
CA VAL K 92 -43.90 -52.48 2.65
C VAL K 92 -43.81 -52.13 1.16
N PRO K 93 -43.38 -50.92 0.77
CA PRO K 93 -43.23 -50.62 -0.65
C PRO K 93 -41.96 -51.24 -1.25
N PHE K 94 -41.93 -51.28 -2.59
CA PHE K 94 -40.91 -52.08 -3.29
C PHE K 94 -39.49 -51.56 -3.07
N VAL K 95 -39.28 -50.25 -2.95
CA VAL K 95 -37.95 -49.65 -2.92
C VAL K 95 -37.85 -48.68 -1.74
N GLU K 96 -36.65 -48.60 -1.15
CA GLU K 96 -36.32 -47.61 -0.13
C GLU K 96 -35.26 -46.65 -0.67
N LEU K 97 -35.45 -45.36 -0.37
CA LEU K 97 -34.55 -44.31 -0.86
C LEU K 97 -33.42 -44.05 0.14
N LEU K 98 -32.16 -44.09 -0.37
CA LEU K 98 -30.99 -43.85 0.47
C LEU K 98 -30.60 -42.36 0.42
N PRO K 99 -29.99 -41.80 1.46
CA PRO K 99 -29.73 -40.34 1.46
C PRO K 99 -28.68 -39.96 0.43
N PRO K 100 -29.04 -39.13 -0.57
CA PRO K 100 -28.10 -38.89 -1.68
C PRO K 100 -26.96 -37.96 -1.29
N ASP K 101 -25.90 -37.99 -2.12
CA ASP K 101 -24.68 -37.25 -1.79
C ASP K 101 -24.85 -35.73 -1.91
N MET K 102 -25.79 -35.27 -2.75
CA MET K 102 -25.96 -33.82 -2.91
C MET K 102 -26.64 -33.16 -1.72
N PHE K 103 -27.15 -33.92 -0.75
CA PHE K 103 -27.70 -33.40 0.50
C PHE K 103 -26.89 -33.88 1.70
N SER K 104 -25.61 -34.14 1.51
CA SER K 104 -24.74 -34.65 2.56
C SER K 104 -24.42 -33.56 3.59
N THR K 105 -23.85 -34.00 4.71
CA THR K 105 -23.57 -33.08 5.82
C THR K 105 -22.52 -32.04 5.44
N LYS K 106 -21.52 -32.43 4.64
CA LYS K 106 -20.48 -31.51 4.21
C LYS K 106 -21.08 -30.34 3.42
N VAL K 107 -22.03 -30.63 2.54
CA VAL K 107 -22.68 -29.59 1.74
C VAL K 107 -23.45 -28.64 2.66
N MET K 108 -24.13 -29.17 3.67
CA MET K 108 -24.89 -28.31 4.57
C MET K 108 -23.97 -27.38 5.35
N ASN K 109 -22.83 -27.89 5.83
CA ASN K 109 -21.89 -27.01 6.52
C ASN K 109 -21.30 -25.96 5.57
N ALA K 110 -20.99 -26.36 4.33
CA ALA K 110 -20.52 -25.39 3.34
C ALA K 110 -21.56 -24.30 3.10
N ILE K 111 -22.83 -24.70 3.01
CA ILE K 111 -23.92 -23.74 2.80
C ILE K 111 -23.98 -22.76 3.97
N LYS K 112 -23.88 -23.27 5.20
CA LYS K 112 -24.12 -22.42 6.36
C LYS K 112 -22.93 -21.52 6.71
N THR K 113 -21.71 -21.84 6.26
CA THR K 113 -20.58 -20.96 6.61
C THR K 113 -20.53 -19.72 5.71
N ASP K 114 -20.61 -19.89 4.39
CA ASP K 114 -20.57 -18.76 3.45
C ASP K 114 -21.40 -19.15 2.21
N PRO K 115 -22.66 -18.71 2.13
CA PRO K 115 -23.50 -19.08 0.96
C PRO K 115 -23.11 -18.38 -0.33
N VAL K 116 -22.48 -17.21 -0.27
CA VAL K 116 -22.23 -16.43 -1.47
C VAL K 116 -21.05 -16.99 -2.25
N ALA K 117 -20.04 -17.53 -1.56
CA ALA K 117 -18.86 -18.08 -2.20
C ALA K 117 -19.09 -19.45 -2.86
N LEU K 118 -20.25 -20.07 -2.61
CA LEU K 118 -20.41 -21.50 -2.91
C LEU K 118 -20.68 -21.76 -4.39
N ASP K 119 -20.05 -22.83 -4.90
CA ASP K 119 -20.17 -23.26 -6.29
C ASP K 119 -21.28 -24.31 -6.41
N LEU K 120 -22.53 -23.84 -6.34
CA LEU K 120 -23.67 -24.75 -6.49
C LEU K 120 -23.75 -25.38 -7.87
N HIS K 121 -23.27 -24.69 -8.90
CA HIS K 121 -23.33 -25.22 -10.26
C HIS K 121 -22.56 -26.54 -10.37
N SER K 122 -21.43 -26.64 -9.67
CA SER K 122 -20.67 -27.89 -9.67
C SER K 122 -21.33 -28.96 -8.81
N ILE K 123 -22.05 -28.56 -7.74
CA ILE K 123 -22.70 -29.55 -6.88
C ILE K 123 -23.83 -30.24 -7.65
N ASN K 124 -24.75 -29.47 -8.22
CA ASN K 124 -25.76 -30.03 -9.11
C ASN K 124 -26.40 -28.90 -9.91
N SER K 125 -26.55 -29.14 -11.22
CA SER K 125 -27.06 -28.12 -12.14
C SER K 125 -28.47 -27.62 -11.78
N HIS K 126 -29.32 -28.48 -11.22
CA HIS K 126 -30.73 -28.17 -10.92
C HIS K 126 -31.02 -28.25 -9.41
N PHE K 127 -30.17 -27.63 -8.57
CA PHE K 127 -30.26 -27.83 -7.11
C PHE K 127 -31.61 -27.39 -6.51
N PHE K 128 -32.06 -26.16 -6.77
CA PHE K 128 -33.29 -25.70 -6.09
C PHE K 128 -34.56 -26.38 -6.58
N SER K 129 -34.53 -27.14 -7.68
CA SER K 129 -35.71 -27.92 -8.08
C SER K 129 -35.76 -29.24 -7.32
N LEU K 130 -34.62 -29.94 -7.31
CA LEU K 130 -34.52 -31.21 -6.60
C LEU K 130 -34.73 -31.01 -5.10
N ALA K 131 -34.29 -29.87 -4.56
CA ALA K 131 -34.50 -29.58 -3.14
C ALA K 131 -35.99 -29.54 -2.81
N ILE K 132 -36.77 -28.84 -3.62
CA ILE K 132 -38.21 -28.72 -3.35
C ILE K 132 -38.88 -30.09 -3.52
N LYS K 133 -38.50 -30.85 -4.55
CA LYS K 133 -39.08 -32.18 -4.73
C LYS K 133 -38.80 -33.08 -3.54
N TRP K 134 -37.56 -33.08 -3.05
CA TRP K 134 -37.20 -33.91 -1.90
C TRP K 134 -37.94 -33.45 -0.63
N ILE K 135 -38.08 -32.12 -0.45
CA ILE K 135 -38.84 -31.61 0.71
C ILE K 135 -40.27 -32.09 0.66
N MET K 136 -40.93 -32.01 -0.52
CA MET K 136 -42.30 -32.50 -0.62
C MET K 136 -42.38 -33.98 -0.30
N LEU K 137 -41.40 -34.74 -0.78
CA LEU K 137 -41.44 -36.19 -0.61
C LEU K 137 -41.35 -36.58 0.86
N PHE K 138 -40.42 -35.97 1.63
CA PHE K 138 -40.22 -36.32 3.04
C PHE K 138 -40.69 -35.28 4.05
N SER K 139 -41.24 -34.15 3.62
CA SER K 139 -41.77 -33.09 4.52
C SER K 139 -40.73 -32.59 5.53
N GLU K 140 -39.47 -32.45 5.08
CA GLU K 140 -38.39 -31.95 5.92
C GLU K 140 -38.64 -30.53 6.40
N LYS K 141 -38.37 -30.26 7.69
CA LYS K 141 -38.47 -28.91 8.24
C LYS K 141 -37.13 -28.17 8.27
N GLU K 142 -36.04 -28.81 8.71
CA GLU K 142 -34.78 -28.10 8.86
C GLU K 142 -34.14 -27.81 7.50
N LEU K 143 -34.25 -28.74 6.55
CA LEU K 143 -33.70 -28.52 5.22
C LEU K 143 -34.34 -27.31 4.56
N ALA K 144 -35.64 -27.11 4.78
CA ALA K 144 -36.32 -25.94 4.24
C ALA K 144 -35.74 -24.66 4.83
N ASN K 145 -35.43 -24.67 6.13
CA ASN K 145 -34.84 -23.51 6.78
C ASN K 145 -33.45 -23.22 6.26
N VAL K 146 -32.68 -24.26 5.91
CA VAL K 146 -31.35 -24.03 5.35
C VAL K 146 -31.45 -23.46 3.93
N VAL K 147 -32.29 -24.07 3.10
CA VAL K 147 -32.40 -23.68 1.69
C VAL K 147 -32.97 -22.27 1.54
N SER K 148 -33.94 -21.89 2.40
CA SER K 148 -34.49 -20.54 2.33
C SER K 148 -33.42 -19.49 2.57
N GLU K 149 -32.56 -19.71 3.58
CA GLU K 149 -31.48 -18.78 3.85
C GLU K 149 -30.49 -18.72 2.70
N LEU K 150 -30.15 -19.89 2.12
CA LEU K 150 -29.22 -19.92 1.01
C LEU K 150 -29.70 -19.06 -0.15
N LEU K 151 -30.98 -19.26 -0.55
CA LEU K 151 -31.55 -18.46 -1.63
C LEU K 151 -31.54 -16.98 -1.30
N LEU K 152 -31.97 -16.63 -0.08
CA LEU K 152 -32.08 -15.22 0.28
C LEU K 152 -30.73 -14.53 0.32
N GLN K 153 -29.69 -15.25 0.75
CA GLN K 153 -28.36 -14.65 0.83
C GLN K 153 -27.72 -14.51 -0.54
N ARG K 154 -28.00 -15.43 -1.47
CA ARG K 154 -27.41 -15.33 -2.81
C ARG K 154 -28.12 -14.30 -3.69
N ALA K 155 -29.41 -14.06 -3.44
CA ALA K 155 -30.15 -13.05 -4.21
C ALA K 155 -29.54 -11.66 -4.08
N GLN K 156 -28.88 -11.36 -2.96
CA GLN K 156 -28.30 -10.04 -2.74
C GLN K 156 -27.20 -9.73 -3.76
N GLU K 157 -26.17 -10.58 -3.81
CA GLU K 157 -25.10 -10.37 -4.78
C GLU K 157 -25.61 -10.49 -6.20
N LEU K 158 -26.63 -11.35 -6.43
CA LEU K 158 -27.19 -11.42 -7.77
C LEU K 158 -27.79 -10.08 -8.19
N ASN K 159 -28.48 -9.40 -7.27
CA ASN K 159 -29.00 -8.07 -7.58
C ASN K 159 -27.87 -7.06 -7.77
N HIS K 160 -26.80 -7.18 -6.98
CA HIS K 160 -25.67 -6.26 -7.14
C HIS K 160 -25.10 -6.34 -8.55
N HIS K 161 -24.85 -7.55 -9.03
CA HIS K 161 -24.32 -7.68 -10.39
C HIS K 161 -25.36 -7.35 -11.45
N ALA K 162 -26.65 -7.46 -11.12
CA ALA K 162 -27.67 -7.03 -12.08
C ALA K 162 -27.71 -5.51 -12.24
N SER K 163 -27.60 -4.79 -11.11
CA SER K 163 -27.69 -3.32 -11.12
C SER K 163 -26.53 -2.63 -11.81
N SER K 164 -25.36 -3.29 -11.89
CA SER K 164 -24.11 -2.63 -12.30
C SER K 164 -24.01 -2.62 -13.83
N LEU K 165 -24.28 -1.46 -14.44
CA LEU K 165 -24.32 -1.27 -15.90
C LEU K 165 -23.16 -0.39 -16.37
N SER K 166 -22.53 -0.78 -17.48
CA SER K 166 -21.42 0.01 -18.03
C SER K 166 -21.93 1.29 -18.70
N ILE K 167 -21.11 2.34 -18.64
CA ILE K 167 -21.47 3.66 -19.19
C ILE K 167 -20.93 3.74 -20.62
N THR K 181 -14.44 -4.47 -15.79
CA THR K 181 -15.74 -4.80 -15.22
C THR K 181 -16.13 -6.26 -15.52
N ASN K 182 -15.71 -6.74 -16.70
CA ASN K 182 -16.18 -8.05 -17.16
C ASN K 182 -15.66 -9.19 -16.29
N ILE K 183 -14.39 -9.11 -15.86
CA ILE K 183 -13.80 -10.20 -15.07
C ILE K 183 -14.50 -10.30 -13.72
N ALA K 184 -14.69 -9.16 -13.05
CA ALA K 184 -15.28 -9.13 -11.71
C ALA K 184 -16.68 -9.72 -11.71
N THR K 185 -17.49 -9.39 -12.72
CA THR K 185 -18.81 -9.99 -12.83
C THR K 185 -18.71 -11.45 -13.26
N SER K 186 -17.85 -11.75 -14.22
CA SER K 186 -17.81 -13.10 -14.81
C SER K 186 -17.36 -14.16 -13.81
N THR K 187 -16.60 -13.79 -12.78
CA THR K 187 -16.17 -14.82 -11.84
C THR K 187 -17.34 -15.35 -11.01
N PHE K 188 -18.27 -14.46 -10.58
CA PHE K 188 -19.41 -14.92 -9.79
C PHE K 188 -20.47 -15.59 -10.66
N LEU K 189 -20.70 -15.10 -11.87
CA LEU K 189 -21.78 -15.65 -12.71
C LEU K 189 -21.47 -17.04 -13.27
N LEU K 190 -20.33 -17.65 -12.94
CA LEU K 190 -20.06 -19.05 -13.27
C LEU K 190 -20.48 -20.01 -12.15
N LYS K 191 -20.96 -19.50 -11.01
CA LYS K 191 -21.37 -20.30 -9.87
C LYS K 191 -22.89 -20.28 -9.66
N LEU K 192 -23.66 -19.81 -10.65
CA LEU K 192 -25.12 -19.77 -10.58
C LEU K 192 -25.74 -21.07 -11.08
N GLU K 193 -26.85 -21.47 -10.46
CA GLU K 193 -27.66 -22.59 -10.96
C GLU K 193 -28.36 -22.21 -12.26
N GLU K 194 -28.88 -23.23 -12.96
CA GLU K 194 -29.77 -22.97 -14.09
C GLU K 194 -31.01 -22.20 -13.64
N MET K 195 -31.46 -22.46 -12.41
CA MET K 195 -32.58 -21.73 -11.81
C MET K 195 -32.26 -20.26 -11.62
N GLU K 196 -31.05 -19.94 -11.15
CA GLU K 196 -30.67 -18.55 -10.85
C GLU K 196 -30.39 -17.72 -12.10
N LYS K 197 -29.93 -18.37 -13.18
CA LYS K 197 -29.58 -17.65 -14.40
C LYS K 197 -30.80 -16.94 -14.99
N GLU K 198 -31.97 -17.57 -14.95
CA GLU K 198 -33.17 -16.93 -15.49
C GLU K 198 -33.50 -15.65 -14.72
N ILE K 199 -33.41 -15.69 -13.40
CA ILE K 199 -33.68 -14.50 -12.59
C ILE K 199 -32.67 -13.41 -12.92
N TYR K 200 -31.40 -13.78 -13.07
CA TYR K 200 -30.38 -12.78 -13.42
C TYR K 200 -30.68 -12.13 -14.78
N LYS K 201 -31.00 -12.95 -15.79
CA LYS K 201 -31.27 -12.42 -17.13
C LYS K 201 -32.48 -11.48 -17.14
N LYS K 202 -33.59 -11.90 -16.50
CA LYS K 202 -34.77 -11.05 -16.51
C LYS K 202 -34.60 -9.80 -15.64
N SER K 203 -33.65 -9.79 -14.71
CA SER K 203 -33.38 -8.56 -13.95
C SER K 203 -32.51 -7.60 -14.75
N HIS K 204 -31.43 -8.11 -15.34
CA HIS K 204 -30.50 -7.28 -16.10
C HIS K 204 -31.21 -6.58 -17.25
N GLU K 205 -32.05 -7.32 -17.98
CA GLU K 205 -32.77 -6.70 -19.09
C GLU K 205 -33.71 -5.60 -18.60
N SER K 206 -34.33 -5.79 -17.44
CA SER K 206 -35.24 -4.79 -16.90
C SER K 206 -34.51 -3.48 -16.57
N TYR K 207 -33.38 -3.59 -15.88
CA TYR K 207 -32.61 -2.38 -15.55
C TYR K 207 -32.11 -1.70 -16.82
N LYS K 208 -31.59 -2.48 -17.76
CA LYS K 208 -31.02 -1.94 -18.98
C LYS K 208 -32.07 -1.22 -19.83
N ASP K 209 -33.27 -1.80 -19.99
CA ASP K 209 -34.33 -1.13 -20.74
C ASP K 209 -34.68 0.21 -20.11
N THR K 210 -34.78 0.25 -18.77
CA THR K 210 -35.09 1.52 -18.11
C THR K 210 -34.00 2.57 -18.35
N LYS K 211 -32.74 2.15 -18.22
CA LYS K 211 -31.61 3.07 -18.41
C LYS K 211 -31.59 3.63 -19.84
N ARG K 212 -31.79 2.75 -20.82
CA ARG K 212 -31.82 3.14 -22.23
C ARG K 212 -32.91 4.18 -22.47
N TRP K 213 -34.12 3.94 -21.93
CA TRP K 213 -35.20 4.89 -22.14
C TRP K 213 -34.90 6.25 -21.52
N MET K 214 -34.30 6.26 -20.31
CA MET K 214 -34.08 7.55 -19.65
C MET K 214 -33.08 8.43 -20.39
N PHE K 215 -31.90 7.90 -20.72
CA PHE K 215 -30.84 8.78 -21.23
C PHE K 215 -30.91 9.04 -22.73
N LYS K 216 -31.50 8.12 -23.52
CA LYS K 216 -31.95 8.31 -24.93
C LYS K 216 -31.54 9.57 -25.70
N ASP L 2 -68.98 27.19 19.15
CA ASP L 2 -69.69 28.15 18.25
C ASP L 2 -70.51 27.43 17.18
N ILE L 3 -71.51 28.14 16.65
CA ILE L 3 -72.51 27.54 15.76
C ILE L 3 -71.83 27.15 14.44
N ASN L 4 -71.99 25.88 14.05
CA ASN L 4 -71.57 25.39 12.73
C ASN L 4 -72.69 25.59 11.72
N ILE L 5 -72.32 25.99 10.49
CA ILE L 5 -73.28 26.17 9.40
C ILE L 5 -72.80 25.55 8.08
N ASP L 6 -71.68 24.83 8.09
CA ASP L 6 -71.12 24.29 6.85
C ASP L 6 -72.10 23.37 6.14
N ASP L 7 -72.91 22.64 6.91
CA ASP L 7 -73.95 21.80 6.34
C ASP L 7 -75.12 22.65 5.81
N ILE L 8 -75.48 23.71 6.53
CA ILE L 8 -76.50 24.63 6.04
C ILE L 8 -76.06 25.25 4.72
N LEU L 9 -74.78 25.65 4.64
CA LEU L 9 -74.27 26.21 3.41
C LEU L 9 -74.26 25.18 2.28
N ALA L 10 -73.93 23.92 2.60
CA ALA L 10 -73.92 22.88 1.58
C ALA L 10 -75.31 22.66 0.99
N GLU L 11 -76.33 22.55 1.85
CA GLU L 11 -77.68 22.32 1.34
C GLU L 11 -78.26 23.58 0.69
N LEU L 12 -77.85 24.75 1.14
CA LEU L 12 -78.24 26.00 0.48
C LEU L 12 -77.61 26.10 -0.91
N ASP L 13 -76.32 25.83 -0.99
CA ASP L 13 -75.53 26.07 -2.19
C ASP L 13 -75.95 25.14 -3.33
N LYS L 14 -76.31 23.90 -3.03
CA LYS L 14 -76.54 22.89 -4.07
C LYS L 14 -77.81 23.12 -4.88
N GLU L 15 -78.68 24.06 -4.49
CA GLU L 15 -79.99 24.21 -5.12
C GLU L 15 -79.93 24.87 -6.50
N VAL L 54 -72.84 7.22 -18.02
CA VAL L 54 -72.15 6.81 -19.27
C VAL L 54 -71.74 8.05 -20.04
N SER L 55 -70.47 8.09 -20.46
CA SER L 55 -69.97 9.13 -21.35
C SER L 55 -68.78 8.56 -22.11
N PRO L 56 -68.42 9.14 -23.26
CA PRO L 56 -67.23 8.66 -23.97
C PRO L 56 -65.94 8.78 -23.17
N GLN L 57 -65.85 9.79 -22.29
CA GLN L 57 -64.69 9.94 -21.43
C GLN L 57 -64.55 8.75 -20.48
N GLN L 58 -65.66 8.30 -19.89
CA GLN L 58 -65.61 7.27 -18.85
C GLN L 58 -65.24 5.91 -19.42
N ASP L 59 -65.71 5.61 -20.63
CA ASP L 59 -65.45 4.30 -21.25
C ASP L 59 -63.96 4.06 -21.41
N PHE L 60 -63.20 5.10 -21.79
CA PHE L 60 -61.77 4.92 -21.99
C PHE L 60 -61.05 4.63 -20.68
N SER L 61 -61.50 5.26 -19.58
CA SER L 61 -60.92 4.95 -18.28
C SER L 61 -61.19 3.50 -17.91
N ASP L 62 -62.40 3.01 -18.18
CA ASP L 62 -62.69 1.60 -17.93
C ASP L 62 -61.82 0.69 -18.80
N LEU L 63 -61.57 1.09 -20.05
CA LEU L 63 -60.70 0.29 -20.91
C LEU L 63 -59.28 0.21 -20.35
N MET L 64 -58.74 1.35 -19.91
CA MET L 64 -57.40 1.37 -19.33
C MET L 64 -57.32 0.46 -18.11
N LYS L 65 -58.34 0.55 -17.25
CA LYS L 65 -58.45 -0.30 -16.07
C LYS L 65 -58.42 -1.78 -16.46
N SER L 66 -59.24 -2.17 -17.43
CA SER L 66 -59.32 -3.56 -17.86
C SER L 66 -57.99 -4.04 -18.43
N TRP L 67 -57.36 -3.21 -19.26
CA TRP L 67 -56.08 -3.56 -19.88
C TRP L 67 -55.01 -3.83 -18.81
N LYS L 68 -54.88 -2.90 -17.86
CA LYS L 68 -53.86 -3.04 -16.83
C LYS L 68 -54.12 -4.25 -15.94
N ASN L 69 -55.37 -4.49 -15.57
CA ASN L 69 -55.67 -5.65 -14.73
C ASN L 69 -55.42 -6.96 -15.47
N GLU L 70 -55.77 -7.01 -16.77
CA GLU L 70 -55.58 -8.23 -17.53
C GLU L 70 -54.11 -8.59 -17.67
N ARG L 71 -53.24 -7.58 -17.84
CA ARG L 71 -51.82 -7.86 -18.06
C ARG L 71 -51.20 -8.61 -16.89
N CYS L 72 -51.54 -8.23 -15.65
CA CYS L 72 -50.83 -8.70 -14.47
C CYS L 72 -51.42 -9.96 -13.85
N SER L 73 -52.74 -10.13 -13.88
CA SER L 73 -53.38 -11.18 -13.10
C SER L 73 -53.07 -12.57 -13.68
N PRO L 74 -52.99 -13.62 -12.84
CA PRO L 74 -52.64 -14.95 -13.38
C PRO L 74 -53.77 -15.66 -14.10
N GLU L 75 -55.04 -15.39 -13.76
CA GLU L 75 -56.18 -16.05 -14.40
C GLU L 75 -56.67 -15.24 -15.60
N LEU L 76 -57.61 -15.82 -16.34
CA LEU L 76 -58.30 -15.14 -17.43
C LEU L 76 -59.56 -14.49 -16.87
N LEU L 77 -59.57 -13.14 -16.83
CA LEU L 77 -60.70 -12.40 -16.28
C LEU L 77 -61.89 -12.35 -17.27
N PRO L 78 -63.12 -12.16 -16.79
CA PRO L 78 -64.28 -12.18 -17.70
C PRO L 78 -64.32 -10.99 -18.66
N TYR L 79 -64.79 -11.26 -19.88
CA TYR L 79 -64.83 -10.26 -20.95
C TYR L 79 -65.84 -9.14 -20.63
N PRO L 80 -65.49 -7.84 -20.85
CA PRO L 80 -66.51 -6.77 -20.78
C PRO L 80 -67.41 -6.69 -22.02
N HIS L 81 -68.52 -7.46 -21.99
CA HIS L 81 -69.39 -7.60 -23.17
C HIS L 81 -69.98 -6.25 -23.63
N GLN L 82 -70.49 -5.43 -22.72
CA GLN L 82 -71.21 -4.21 -23.11
C GLN L 82 -70.26 -3.12 -23.59
N LEU L 83 -69.17 -2.92 -22.84
CA LEU L 83 -68.21 -1.85 -23.12
C LEU L 83 -67.64 -1.98 -24.53
N MET L 84 -67.30 -3.20 -24.93
CA MET L 84 -66.66 -3.42 -26.23
C MET L 84 -67.61 -3.10 -27.38
N LYS L 85 -68.88 -3.48 -27.24
CA LYS L 85 -69.89 -3.14 -28.26
C LYS L 85 -69.93 -1.64 -28.47
N ARG L 86 -70.05 -0.90 -27.36
CA ARG L 86 -70.19 0.56 -27.48
C ARG L 86 -68.91 1.19 -28.06
N LEU L 87 -67.74 0.71 -27.61
CA LEU L 87 -66.47 1.27 -28.10
C LEU L 87 -66.29 1.04 -29.60
N LEU L 88 -66.56 -0.18 -30.07
CA LEU L 88 -66.33 -0.48 -31.48
C LEU L 88 -67.27 0.32 -32.38
N ASN L 89 -68.53 0.49 -31.95
CA ASN L 89 -69.45 1.36 -32.70
C ASN L 89 -68.91 2.79 -32.78
N ARG L 90 -68.40 3.30 -31.65
CA ARG L 90 -67.88 4.67 -31.64
C ARG L 90 -66.68 4.81 -32.57
N ILE L 91 -65.81 3.79 -32.62
CA ILE L 91 -64.66 3.84 -33.53
C ILE L 91 -65.11 3.96 -34.97
N SER L 92 -66.10 3.15 -35.37
CA SER L 92 -66.60 3.22 -36.74
C SER L 92 -67.12 4.61 -37.09
N MET L 93 -67.94 5.18 -36.19
CA MET L 93 -68.51 6.50 -36.46
C MET L 93 -67.42 7.57 -36.57
N GLN L 94 -66.42 7.51 -35.69
CA GLN L 94 -65.36 8.51 -35.74
C GLN L 94 -64.56 8.40 -37.03
N SER L 95 -64.33 7.17 -37.52
CA SER L 95 -63.62 7.00 -38.78
C SER L 95 -64.37 7.67 -39.93
N GLN L 96 -65.69 7.44 -40.00
CA GLN L 96 -66.47 8.06 -41.08
C GLN L 96 -66.47 9.59 -40.95
N LEU L 97 -66.52 10.10 -39.71
CA LEU L 97 -66.49 11.55 -39.52
C LEU L 97 -65.16 12.14 -40.00
N ILE L 98 -64.05 11.46 -39.70
CA ILE L 98 -62.74 11.95 -40.16
C ILE L 98 -62.71 12.00 -41.67
N GLU L 99 -63.24 10.96 -42.33
CA GLU L 99 -63.26 10.98 -43.80
C GLU L 99 -64.10 12.12 -44.34
N ASN L 100 -65.28 12.36 -43.73
CA ASN L 100 -66.14 13.43 -44.22
C ASN L 100 -65.49 14.80 -44.06
N ILE L 101 -64.86 15.05 -42.91
CA ILE L 101 -64.23 16.35 -42.70
C ILE L 101 -63.01 16.51 -43.63
N SER L 102 -62.27 15.42 -43.86
CA SER L 102 -61.13 15.50 -44.77
C SER L 102 -61.58 15.84 -46.19
N MET L 103 -62.67 15.22 -46.65
CA MET L 103 -63.18 15.54 -47.97
C MET L 103 -63.78 16.94 -48.04
N GLY L 104 -64.23 17.48 -46.91
CA GLY L 104 -64.74 18.83 -46.87
C GLY L 104 -63.64 19.86 -47.00
N SER L 122 -58.19 25.27 -40.74
CA SER L 122 -56.93 24.96 -40.07
C SER L 122 -56.72 23.44 -39.96
N LYS L 123 -55.53 22.96 -40.12
CA LYS L 123 -55.12 21.61 -40.16
C LYS L 123 -55.16 20.92 -38.81
N LEU L 124 -54.80 21.66 -37.77
CA LEU L 124 -54.49 21.09 -36.46
C LEU L 124 -55.61 20.24 -35.84
N PRO L 125 -56.90 20.63 -35.90
CA PRO L 125 -57.94 19.73 -35.35
C PRO L 125 -57.97 18.35 -35.97
N LEU L 126 -57.73 18.26 -37.29
CA LEU L 126 -57.68 16.96 -37.95
C LEU L 126 -56.51 16.13 -37.42
N LEU L 127 -55.37 16.78 -37.18
CA LEU L 127 -54.22 16.08 -36.63
C LEU L 127 -54.56 15.47 -35.27
N CYS L 128 -55.22 16.26 -34.41
CA CYS L 128 -55.61 15.74 -33.10
C CYS L 128 -56.57 14.56 -33.23
N MET L 129 -57.56 14.66 -34.12
CA MET L 129 -58.55 13.58 -34.27
C MET L 129 -57.89 12.29 -34.76
N GLU L 130 -57.03 12.40 -35.79
CA GLU L 130 -56.36 11.24 -36.34
C GLU L 130 -55.51 10.53 -35.30
N THR L 131 -54.67 11.28 -34.59
CA THR L 131 -53.77 10.62 -33.65
C THR L 131 -54.54 10.10 -32.43
N GLU L 132 -55.66 10.73 -32.05
CA GLU L 132 -56.47 10.17 -30.98
C GLU L 132 -57.02 8.81 -31.37
N LEU L 133 -57.48 8.67 -32.61
CA LEU L 133 -58.01 7.37 -33.01
C LEU L 133 -56.92 6.31 -33.01
N GLU L 134 -55.69 6.68 -33.39
CA GLU L 134 -54.58 5.73 -33.28
C GLU L 134 -54.35 5.31 -31.83
N ARG L 135 -54.33 6.27 -30.91
CA ARG L 135 -54.12 5.96 -29.49
C ARG L 135 -55.21 5.04 -28.97
N LEU L 136 -56.46 5.25 -29.40
CA LEU L 136 -57.53 4.38 -28.94
C LEU L 136 -57.38 2.96 -29.48
N LYS L 137 -57.03 2.82 -30.77
CA LYS L 137 -56.98 1.47 -31.35
C LYS L 137 -55.84 0.64 -30.78
N PHE L 138 -54.72 1.28 -30.42
CA PHE L 138 -53.57 0.52 -29.89
C PHE L 138 -53.93 -0.26 -28.64
N VAL L 139 -54.66 0.37 -27.71
CA VAL L 139 -54.99 -0.27 -26.43
C VAL L 139 -55.80 -1.53 -26.66
N ILE L 140 -56.81 -1.45 -27.52
CA ILE L 140 -57.68 -2.59 -27.76
C ILE L 140 -56.89 -3.72 -28.42
N ARG L 141 -56.00 -3.36 -29.37
CA ARG L 141 -55.18 -4.37 -30.03
C ARG L 141 -54.34 -5.15 -29.02
N SER L 142 -53.64 -4.42 -28.13
CA SER L 142 -52.82 -5.07 -27.12
C SER L 142 -53.65 -5.96 -26.20
N TYR L 143 -54.82 -5.46 -25.77
CA TYR L 143 -55.67 -6.19 -24.84
C TYR L 143 -56.15 -7.52 -25.44
N ILE L 144 -56.63 -7.49 -26.67
CA ILE L 144 -57.13 -8.73 -27.28
C ILE L 144 -55.99 -9.71 -27.53
N ARG L 145 -54.81 -9.23 -27.93
CA ARG L 145 -53.68 -10.15 -28.12
C ARG L 145 -53.31 -10.85 -26.81
N CYS L 146 -53.34 -10.11 -25.70
CA CYS L 146 -53.06 -10.72 -24.40
C CYS L 146 -54.08 -11.81 -24.05
N ARG L 147 -55.38 -11.52 -24.28
CA ARG L 147 -56.40 -12.52 -23.95
C ARG L 147 -56.26 -13.79 -24.79
N LEU L 148 -55.99 -13.64 -26.09
CA LEU L 148 -55.78 -14.82 -26.92
C LEU L 148 -54.56 -15.62 -26.44
N SER L 149 -53.52 -14.92 -25.99
CA SER L 149 -52.36 -15.64 -25.46
C SER L 149 -52.71 -16.42 -24.20
N LYS L 150 -53.61 -15.88 -23.36
CA LYS L 150 -54.05 -16.66 -22.20
C LYS L 150 -54.87 -17.87 -22.61
N ILE L 151 -55.69 -17.73 -23.66
CA ILE L 151 -56.52 -18.86 -24.10
C ILE L 151 -55.64 -20.01 -24.62
N ASP L 152 -54.51 -19.69 -25.29
CA ASP L 152 -53.60 -20.76 -25.73
C ASP L 152 -53.13 -21.62 -24.56
N LYS L 153 -52.78 -20.98 -23.44
CA LYS L 153 -52.11 -21.68 -22.34
C LYS L 153 -53.07 -22.49 -21.48
N PHE L 154 -54.36 -22.10 -21.40
CA PHE L 154 -55.35 -22.76 -20.56
C PHE L 154 -56.47 -23.42 -21.37
N SER L 155 -56.18 -23.87 -22.60
CA SER L 155 -57.23 -24.45 -23.46
C SER L 155 -57.87 -25.70 -22.82
N LEU L 156 -57.05 -26.68 -22.40
CA LEU L 156 -57.62 -27.88 -21.81
C LEU L 156 -58.35 -27.57 -20.50
N TYR L 157 -57.83 -26.64 -19.72
CA TYR L 157 -58.49 -26.25 -18.47
C TYR L 157 -59.86 -25.63 -18.74
N LEU L 158 -59.94 -24.73 -19.73
CA LEU L 158 -61.23 -24.13 -20.06
C LEU L 158 -62.20 -25.17 -20.61
N ARG L 159 -61.71 -26.10 -21.42
CA ARG L 159 -62.58 -27.17 -21.93
C ARG L 159 -63.11 -28.03 -20.79
N GLN L 160 -62.24 -28.39 -19.83
CA GLN L 160 -62.67 -29.19 -18.69
C GLN L 160 -63.65 -28.42 -17.82
N LEU L 161 -63.43 -27.11 -17.65
CA LEU L 161 -64.36 -26.28 -16.90
C LEU L 161 -65.73 -26.25 -17.58
N ASN L 162 -65.76 -26.25 -18.92
CA ASN L 162 -67.01 -26.24 -19.65
C ASN L 162 -67.71 -27.61 -19.59
N GLU L 163 -66.93 -28.69 -19.65
CA GLU L 163 -67.53 -30.03 -19.65
C GLU L 163 -68.16 -30.37 -18.31
N ASP L 164 -67.68 -29.78 -17.22
CA ASP L 164 -68.25 -30.00 -15.90
C ASP L 164 -69.66 -29.41 -15.84
N GLU L 165 -70.66 -30.28 -15.81
CA GLU L 165 -72.06 -29.83 -15.78
C GLU L 165 -72.38 -29.05 -14.52
N ASN L 166 -71.65 -29.27 -13.42
CA ASN L 166 -71.91 -28.60 -12.16
C ASN L 166 -71.14 -27.29 -12.00
N SER L 167 -70.47 -26.81 -13.06
CA SER L 167 -69.68 -25.58 -12.96
C SER L 167 -70.56 -24.39 -12.64
N LEU L 168 -70.05 -23.50 -11.78
CA LEU L 168 -70.77 -22.29 -11.39
C LEU L 168 -70.76 -21.20 -12.45
N ILE L 169 -70.02 -21.37 -13.56
CA ILE L 169 -69.98 -20.37 -14.63
C ILE L 169 -69.80 -21.08 -15.97
N SER L 170 -70.50 -20.60 -17.00
CA SER L 170 -70.43 -21.17 -18.34
C SER L 170 -69.33 -20.50 -19.15
N LEU L 171 -68.75 -21.26 -20.09
CA LEU L 171 -67.64 -20.73 -20.88
C LEU L 171 -68.05 -19.51 -21.70
N THR L 172 -69.30 -19.47 -22.20
CA THR L 172 -69.76 -18.29 -22.95
C THR L 172 -69.91 -17.05 -22.07
N ASP L 173 -70.02 -17.20 -20.75
CA ASP L 173 -70.04 -16.03 -19.87
C ASP L 173 -68.67 -15.36 -19.84
N LEU L 174 -67.62 -16.17 -19.87
CA LEU L 174 -66.24 -15.74 -19.70
C LEU L 174 -65.63 -15.17 -20.98
N LEU L 175 -65.92 -15.77 -22.14
CA LEU L 175 -65.28 -15.47 -23.42
C LEU L 175 -66.22 -14.76 -24.39
N SER L 176 -65.65 -13.97 -25.31
CA SER L 176 -66.40 -13.37 -26.41
C SER L 176 -66.63 -14.41 -27.52
N LYS L 177 -67.53 -14.08 -28.47
CA LYS L 177 -67.84 -15.02 -29.55
C LYS L 177 -66.62 -15.33 -30.42
N ASP L 178 -65.81 -14.32 -30.73
CA ASP L 178 -64.60 -14.55 -31.50
C ASP L 178 -63.62 -15.42 -30.72
N GLU L 179 -63.53 -15.19 -29.41
CA GLU L 179 -62.66 -16.01 -28.56
C GLU L 179 -63.14 -17.44 -28.51
N ILE L 180 -64.46 -17.65 -28.47
CA ILE L 180 -65.03 -19.01 -28.50
C ILE L 180 -64.61 -19.72 -29.78
N LYS L 181 -64.75 -19.03 -30.93
CA LYS L 181 -64.37 -19.64 -32.21
C LYS L 181 -62.89 -20.03 -32.22
N TYR L 182 -62.03 -19.11 -31.78
CA TYR L 182 -60.59 -19.36 -31.75
C TYR L 182 -60.25 -20.57 -30.87
N HIS L 183 -60.80 -20.60 -29.65
CA HIS L 183 -60.53 -21.70 -28.72
C HIS L 183 -60.93 -23.04 -29.32
N ASP L 184 -62.16 -23.12 -29.84
CA ASP L 184 -62.68 -24.38 -30.35
C ASP L 184 -61.84 -24.91 -31.53
N THR L 185 -61.63 -24.07 -32.55
CA THR L 185 -60.95 -24.57 -33.74
C THR L 185 -59.45 -24.80 -33.49
N HIS L 186 -58.81 -23.94 -32.69
CA HIS L 186 -57.39 -24.15 -32.39
C HIS L 186 -57.18 -25.46 -31.64
N SER L 187 -58.09 -25.80 -30.73
CA SER L 187 -57.97 -27.09 -30.03
C SER L 187 -58.03 -28.25 -31.02
N LEU L 188 -58.93 -28.18 -32.01
CA LEU L 188 -58.97 -29.28 -32.99
C LEU L 188 -57.70 -29.36 -33.82
N ILE L 189 -57.13 -28.22 -34.21
CA ILE L 189 -55.90 -28.24 -35.03
C ILE L 189 -54.76 -28.91 -34.25
N TRP L 190 -54.55 -28.46 -33.00
CA TRP L 190 -53.48 -29.03 -32.17
C TRP L 190 -53.72 -30.51 -31.91
N LEU L 191 -54.97 -30.88 -31.62
CA LEU L 191 -55.31 -32.27 -31.36
C LEU L 191 -54.99 -33.17 -32.55
N LYS L 192 -55.38 -32.74 -33.76
CA LYS L 192 -55.09 -33.55 -34.94
C LYS L 192 -53.59 -33.76 -35.11
N LEU L 193 -52.79 -32.72 -34.87
CA LEU L 193 -51.35 -32.85 -35.07
C LEU L 193 -50.72 -33.91 -34.15
N VAL L 194 -50.98 -33.84 -32.84
CA VAL L 194 -50.35 -34.82 -31.94
C VAL L 194 -51.01 -36.19 -32.04
N ASN L 195 -52.32 -36.24 -32.30
CA ASN L 195 -53.03 -37.51 -32.37
C ASN L 195 -52.46 -38.42 -33.46
N ASP L 196 -52.25 -37.86 -34.65
CA ASP L 196 -51.68 -38.65 -35.74
C ASP L 196 -50.21 -38.93 -35.50
N SER L 197 -49.44 -37.91 -35.08
CA SER L 197 -47.99 -38.05 -35.03
C SER L 197 -47.53 -38.95 -33.88
N ILE L 198 -47.95 -38.66 -32.65
CA ILE L 198 -47.53 -39.46 -31.48
C ILE L 198 -48.55 -40.53 -31.13
N LEU L 199 -49.81 -40.14 -30.85
CA LEU L 199 -50.69 -40.97 -30.04
C LEU L 199 -51.24 -42.18 -30.79
N LYS L 200 -51.25 -42.12 -32.13
CA LYS L 200 -51.55 -43.26 -33.00
C LYS L 200 -50.79 -44.53 -32.65
N TYR L 201 -49.58 -44.40 -32.07
CA TYR L 201 -48.70 -45.52 -31.75
C TYR L 201 -48.82 -46.03 -30.31
N MET L 202 -49.47 -45.28 -29.41
CA MET L 202 -49.54 -45.64 -27.99
C MET L 202 -50.63 -46.70 -27.73
N PRO L 203 -50.48 -47.51 -26.67
CA PRO L 203 -51.57 -48.43 -26.31
C PRO L 203 -52.76 -47.67 -25.74
N GLU L 204 -53.91 -48.37 -25.68
CA GLU L 204 -55.20 -47.72 -25.44
C GLU L 204 -55.29 -47.05 -24.07
N GLU L 205 -54.49 -47.50 -23.09
CA GLU L 205 -54.51 -46.89 -21.77
C GLU L 205 -53.91 -45.48 -21.75
N LEU L 206 -53.04 -45.16 -22.71
CA LEU L 206 -52.30 -43.90 -22.74
C LEU L 206 -52.69 -42.97 -23.90
N GLN L 207 -53.77 -43.29 -24.63
CA GLN L 207 -54.16 -42.48 -25.80
C GLN L 207 -54.88 -41.18 -25.45
N ALA L 208 -55.32 -40.98 -24.21
CA ALA L 208 -56.01 -39.75 -23.82
C ALA L 208 -55.03 -38.57 -23.75
N ILE L 209 -55.48 -37.40 -24.22
CA ILE L 209 -54.64 -36.20 -24.21
C ILE L 209 -54.80 -35.36 -22.93
N ASN L 210 -55.98 -35.36 -22.32
CA ASN L 210 -56.27 -34.58 -21.12
C ASN L 210 -56.37 -35.45 -19.86
N ASP L 211 -55.43 -36.40 -19.71
CA ASP L 211 -55.48 -37.36 -18.62
C ASP L 211 -55.10 -36.71 -17.29
N THR L 212 -55.97 -36.84 -16.29
CA THR L 212 -55.71 -36.41 -14.93
C THR L 212 -55.08 -37.51 -14.06
N GLU L 213 -55.32 -38.78 -14.40
CA GLU L 213 -55.01 -39.90 -13.52
C GLU L 213 -53.58 -40.41 -13.65
N GLY L 214 -52.84 -39.99 -14.67
CA GLY L 214 -51.48 -40.47 -14.87
C GLY L 214 -50.53 -40.01 -13.78
N SER L 215 -49.29 -40.47 -13.88
CA SER L 215 -48.27 -40.15 -12.88
C SER L 215 -47.88 -38.67 -12.89
N VAL L 216 -48.21 -37.93 -13.95
CA VAL L 216 -48.13 -36.47 -13.99
C VAL L 216 -49.45 -35.96 -14.59
N ASN L 217 -50.00 -34.90 -13.98
CA ASN L 217 -51.24 -34.30 -14.45
C ASN L 217 -50.99 -33.59 -15.79
N MET L 218 -51.78 -33.94 -16.81
CA MET L 218 -51.61 -33.36 -18.15
C MET L 218 -52.31 -32.00 -18.31
N ILE L 219 -53.04 -31.51 -17.31
CA ILE L 219 -53.78 -30.25 -17.40
C ILE L 219 -53.06 -29.20 -16.56
N ASP L 220 -52.79 -28.05 -17.17
CA ASP L 220 -52.25 -26.88 -16.49
C ASP L 220 -53.38 -25.94 -16.08
N GLU L 221 -53.12 -25.11 -15.07
CA GLU L 221 -54.11 -24.17 -14.58
C GLU L 221 -53.41 -23.01 -13.88
N PRO L 222 -54.11 -21.90 -13.62
CA PRO L 222 -53.44 -20.73 -13.04
C PRO L 222 -52.82 -20.98 -11.67
N ASP L 223 -51.74 -20.25 -11.39
CA ASP L 223 -51.14 -20.21 -10.05
C ASP L 223 -51.89 -19.16 -9.24
N TRP L 224 -52.84 -19.63 -8.43
CA TRP L 224 -53.69 -18.73 -7.66
C TRP L 224 -52.94 -17.98 -6.58
N ASN L 225 -51.73 -18.42 -6.20
CA ASN L 225 -50.94 -17.80 -5.14
C ASN L 225 -49.79 -16.94 -5.66
N LYS L 226 -49.78 -16.61 -6.96
CA LYS L 226 -48.78 -15.70 -7.51
C LYS L 226 -48.79 -14.36 -6.76
N PHE L 227 -47.59 -13.80 -6.53
CA PHE L 227 -47.47 -12.48 -5.91
C PHE L 227 -47.70 -11.37 -6.93
N VAL L 228 -48.48 -10.35 -6.52
CA VAL L 228 -48.79 -9.21 -7.37
C VAL L 228 -48.70 -7.92 -6.56
N PHE L 229 -48.36 -6.82 -7.23
CA PHE L 229 -48.35 -5.50 -6.61
C PHE L 229 -49.76 -4.93 -6.63
N ILE L 230 -50.18 -4.29 -5.53
CA ILE L 230 -51.51 -3.67 -5.46
C ILE L 230 -51.44 -2.28 -4.85
N HIS L 231 -52.45 -1.48 -5.18
CA HIS L 231 -52.69 -0.13 -4.67
C HIS L 231 -54.13 -0.07 -4.19
N VAL L 232 -54.34 0.34 -2.94
CA VAL L 232 -55.66 0.27 -2.30
C VAL L 232 -56.44 1.56 -2.61
N ASN L 233 -57.56 1.43 -3.34
CA ASN L 233 -58.38 2.58 -3.73
C ASN L 233 -59.47 2.94 -2.71
N GLY L 234 -60.06 1.94 -2.04
CA GLY L 234 -61.26 2.14 -1.26
C GLY L 234 -62.50 1.96 -2.13
N PRO L 235 -63.69 2.21 -1.61
CA PRO L 235 -64.90 2.09 -2.42
C PRO L 235 -64.96 3.21 -3.46
N PRO L 236 -65.43 2.94 -4.69
CA PRO L 236 -65.28 3.93 -5.76
C PRO L 236 -66.05 5.23 -5.56
N ASP L 237 -67.16 5.20 -4.83
CA ASP L 237 -68.01 6.38 -4.68
C ASP L 237 -67.57 7.32 -3.56
N GLY L 238 -66.49 7.01 -2.85
CA GLY L 238 -66.12 7.78 -1.68
C GLY L 238 -67.00 7.54 -0.47
N LYS L 239 -67.82 6.49 -0.49
CA LYS L 239 -68.79 6.20 0.56
C LYS L 239 -68.14 5.37 1.68
N TRP L 240 -67.17 5.99 2.37
CA TRP L 240 -66.45 5.31 3.44
C TRP L 240 -67.39 4.89 4.58
N ASN L 241 -68.47 5.65 4.81
CA ASN L 241 -69.42 5.32 5.88
C ASN L 241 -70.36 4.18 5.50
N GLU L 242 -70.41 3.78 4.22
CA GLU L 242 -71.36 2.80 3.73
C GLU L 242 -70.75 1.43 3.49
N ASP L 243 -69.45 1.36 3.20
CA ASP L 243 -68.77 0.10 2.95
C ASP L 243 -68.77 -0.74 4.24
N PRO L 244 -69.33 -1.96 4.25
CA PRO L 244 -69.35 -2.73 5.51
C PRO L 244 -68.02 -3.34 5.90
N LEU L 245 -67.12 -3.59 4.93
CA LEU L 245 -65.81 -4.16 5.26
C LEU L 245 -64.82 -3.12 5.76
N LEU L 246 -65.03 -1.84 5.43
CA LEU L 246 -64.06 -0.78 5.69
C LEU L 246 -64.13 -0.31 7.15
N GLN L 247 -63.38 -0.98 8.02
CA GLN L 247 -63.19 -0.55 9.40
C GLN L 247 -62.16 0.59 9.44
N GLU L 248 -61.74 0.99 10.65
CA GLU L 248 -60.80 2.10 10.84
C GLU L 248 -59.69 1.73 11.81
N ASN L 249 -58.46 2.14 11.46
CA ASN L 249 -57.33 2.08 12.37
C ASN L 249 -57.34 3.29 13.31
N GLU L 250 -56.51 3.21 14.35
CA GLU L 250 -56.40 4.30 15.31
C GLU L 250 -55.86 5.57 14.67
N PHE L 251 -56.50 6.71 14.98
CA PHE L 251 -56.13 8.07 14.58
C PHE L 251 -55.59 8.20 13.15
N GLY L 252 -56.25 7.55 12.20
CA GLY L 252 -55.80 7.60 10.82
C GLY L 252 -56.82 7.13 9.81
N LYS L 253 -56.32 6.74 8.64
CA LYS L 253 -57.16 6.38 7.50
C LYS L 253 -57.99 5.11 7.74
N PRO L 254 -59.09 4.92 7.00
CA PRO L 254 -59.80 3.62 7.03
C PRO L 254 -58.94 2.50 6.45
N CYS L 255 -59.38 1.25 6.67
CA CYS L 255 -58.61 0.11 6.18
C CYS L 255 -59.49 -1.15 6.03
N TYR L 256 -58.99 -2.09 5.22
CA TYR L 256 -59.54 -3.43 5.06
C TYR L 256 -58.63 -4.42 5.77
N THR L 257 -59.18 -5.60 6.10
CA THR L 257 -58.44 -6.66 6.78
C THR L 257 -58.62 -7.97 6.04
N VAL L 258 -57.51 -8.70 5.85
CA VAL L 258 -57.53 -9.98 5.14
C VAL L 258 -56.72 -11.00 5.94
N THR L 259 -57.14 -12.27 5.82
CA THR L 259 -56.53 -13.40 6.51
C THR L 259 -55.79 -14.26 5.49
N ILE L 260 -54.52 -14.55 5.76
CA ILE L 260 -53.68 -15.37 4.90
C ILE L 260 -53.64 -16.77 5.51
N PRO L 261 -54.33 -17.80 4.92
CA PRO L 261 -54.67 -18.99 5.72
C PRO L 261 -53.56 -20.02 5.95
N ASP L 262 -52.55 -20.10 5.07
CA ASP L 262 -51.45 -21.03 5.32
C ASP L 262 -50.71 -20.69 6.61
N LEU L 263 -50.64 -19.40 6.93
CA LEU L 263 -49.87 -18.88 8.05
C LEU L 263 -50.73 -18.52 9.25
N LYS L 264 -52.06 -18.44 9.08
CA LYS L 264 -53.00 -18.02 10.11
C LYS L 264 -52.58 -16.67 10.70
N GLU L 265 -52.59 -15.66 9.82
CA GLU L 265 -52.08 -14.33 10.10
C GLU L 265 -52.97 -13.31 9.40
N GLU L 266 -52.95 -12.06 9.89
CA GLU L 266 -53.76 -10.97 9.34
C GLU L 266 -52.89 -9.76 9.04
N VAL L 267 -53.35 -8.96 8.07
CA VAL L 267 -52.71 -7.70 7.70
C VAL L 267 -53.82 -6.66 7.50
N GLU L 268 -53.49 -5.39 7.69
CA GLU L 268 -54.43 -4.28 7.48
C GLU L 268 -54.02 -3.51 6.24
N LEU L 269 -54.92 -3.45 5.27
CA LEU L 269 -54.69 -2.76 3.99
C LEU L 269 -55.30 -1.36 4.10
N THR L 270 -54.47 -0.40 4.49
CA THR L 270 -54.90 1.00 4.60
C THR L 270 -55.16 1.56 3.20
N ILE L 271 -56.05 2.56 3.12
CA ILE L 271 -56.25 3.25 1.85
C ILE L 271 -54.96 3.97 1.45
N GLY L 272 -54.57 3.81 0.18
CA GLY L 272 -53.49 4.58 -0.41
C GLY L 272 -52.08 3.99 -0.30
N SER L 273 -51.84 3.02 0.59
CA SER L 273 -50.54 2.39 0.69
C SER L 273 -50.41 1.24 -0.32
N ILE L 274 -49.16 0.96 -0.75
CA ILE L 274 -48.85 -0.04 -1.77
C ILE L 274 -48.36 -1.31 -1.08
N TYR L 275 -48.70 -2.48 -1.66
CA TYR L 275 -48.33 -3.78 -1.09
C TYR L 275 -47.94 -4.76 -2.18
N VAL L 276 -47.17 -5.77 -1.78
CA VAL L 276 -46.93 -6.97 -2.58
C VAL L 276 -47.70 -8.09 -1.89
N MET L 277 -48.67 -8.67 -2.59
CA MET L 277 -49.68 -9.53 -1.97
C MET L 277 -49.98 -10.73 -2.85
N ARG L 278 -50.35 -11.84 -2.21
CA ARG L 278 -50.77 -13.04 -2.94
C ARG L 278 -52.09 -12.79 -3.64
N TYR L 279 -52.26 -13.40 -4.82
CA TYR L 279 -53.40 -13.07 -5.67
C TYR L 279 -54.72 -13.52 -5.06
N GLU L 280 -54.78 -14.78 -4.58
CA GLU L 280 -56.05 -15.31 -4.09
C GLU L 280 -56.54 -14.55 -2.86
N VAL L 281 -55.62 -14.07 -2.02
CA VAL L 281 -55.99 -13.36 -0.81
C VAL L 281 -56.75 -12.07 -1.11
N ILE L 282 -56.48 -11.46 -2.28
CA ILE L 282 -57.04 -10.15 -2.64
C ILE L 282 -57.99 -10.24 -3.83
N ARG L 283 -58.38 -11.45 -4.26
CA ARG L 283 -59.18 -11.62 -5.46
C ARG L 283 -60.56 -10.96 -5.32
N ASP L 284 -61.22 -11.16 -4.16
CA ASP L 284 -62.57 -10.63 -3.97
C ASP L 284 -62.57 -9.10 -3.97
N LEU L 285 -61.60 -8.49 -3.27
CA LEU L 285 -61.53 -7.03 -3.25
C LEU L 285 -61.22 -6.48 -4.63
N LEU L 286 -60.42 -7.20 -5.42
CA LEU L 286 -60.16 -6.79 -6.80
C LEU L 286 -61.44 -6.83 -7.63
N ARG L 287 -62.23 -7.91 -7.48
CA ARG L 287 -63.48 -8.01 -8.24
C ARG L 287 -64.44 -6.89 -7.88
N ASP L 288 -64.39 -6.42 -6.63
CA ASP L 288 -65.23 -5.32 -6.15
C ASP L 288 -64.58 -3.95 -6.34
N ASP L 289 -63.43 -3.87 -7.03
CA ASP L 289 -62.75 -2.61 -7.34
C ASP L 289 -62.31 -1.84 -6.10
N LYS L 290 -62.11 -2.54 -4.97
CA LYS L 290 -61.55 -1.88 -3.80
C LYS L 290 -60.04 -1.68 -3.93
N VAL L 291 -59.38 -2.45 -4.81
CA VAL L 291 -57.96 -2.31 -5.09
C VAL L 291 -57.74 -2.37 -6.59
N ALA L 292 -56.56 -1.91 -7.02
CA ALA L 292 -56.16 -1.96 -8.42
C ALA L 292 -54.72 -2.44 -8.52
N LEU L 293 -54.47 -3.30 -9.50
CA LEU L 293 -53.12 -3.82 -9.71
C LEU L 293 -52.20 -2.73 -10.27
N ILE L 294 -50.98 -2.67 -9.76
CA ILE L 294 -49.97 -1.73 -10.23
C ILE L 294 -49.21 -2.37 -11.39
N MET M 1 -39.85 33.09 -65.88
CA MET M 1 -40.40 34.14 -65.01
C MET M 1 -39.52 34.29 -63.79
N TYR M 2 -39.55 35.43 -63.12
CA TYR M 2 -38.70 35.67 -61.96
C TYR M 2 -39.40 36.53 -60.91
N TYR M 3 -38.97 36.36 -59.66
CA TYR M 3 -39.36 37.20 -58.53
C TYR M 3 -38.14 37.82 -57.88
N GLY M 4 -38.34 38.99 -57.27
CA GLY M 4 -37.31 39.76 -56.59
C GLY M 4 -37.41 39.75 -55.07
N ILE M 5 -36.44 40.42 -54.45
CA ILE M 5 -36.28 40.56 -53.01
C ILE M 5 -37.52 41.11 -52.31
N SER M 6 -38.26 41.97 -52.99
CA SER M 6 -39.46 42.59 -52.43
C SER M 6 -40.63 41.63 -52.31
N GLN M 7 -40.55 40.42 -52.88
CA GLN M 7 -41.66 39.48 -52.84
C GLN M 7 -41.29 37.99 -52.71
N PHE M 8 -40.12 37.62 -52.18
CA PHE M 8 -39.77 36.19 -52.02
C PHE M 8 -40.74 35.45 -51.10
N SER M 9 -41.23 36.16 -50.09
CA SER M 9 -42.32 35.85 -49.23
C SER M 9 -43.51 35.31 -49.97
N GLU M 10 -43.84 35.89 -51.12
CA GLU M 10 -45.06 35.51 -51.82
C GLU M 10 -44.96 34.15 -52.48
N ALA M 11 -43.79 33.80 -52.97
CA ALA M 11 -43.57 32.49 -53.55
C ALA M 11 -43.74 31.44 -52.45
N TYR M 12 -43.23 31.72 -51.25
CA TYR M 12 -43.33 30.81 -50.10
C TYR M 12 -44.79 30.58 -49.73
N ASN M 13 -45.58 31.64 -49.66
CA ASN M 13 -46.99 31.59 -49.50
C ASN M 13 -47.66 30.75 -50.56
N LYS M 14 -47.34 31.00 -51.83
CA LYS M 14 -47.94 30.25 -52.92
C LYS M 14 -47.63 28.78 -52.77
N ILE M 15 -46.42 28.44 -52.38
CA ILE M 15 -46.00 27.05 -52.23
C ILE M 15 -46.81 26.35 -51.12
N LEU M 16 -46.99 26.94 -49.93
CA LEU M 16 -47.83 26.45 -48.90
C LEU M 16 -49.22 26.16 -49.40
N ARG M 17 -49.83 27.08 -50.07
CA ARG M 17 -51.13 27.00 -50.63
C ARG M 17 -51.25 25.92 -51.68
N ASN M 18 -50.32 25.86 -52.59
CA ASN M 18 -50.23 25.05 -53.74
C ASN M 18 -50.04 23.57 -53.48
N SER M 19 -49.36 23.18 -52.43
CA SER M 19 -48.98 21.88 -51.99
C SER M 19 -49.63 21.44 -50.70
N SER M 20 -50.88 21.73 -50.49
CA SER M 20 -51.65 21.59 -49.30
C SER M 20 -52.07 20.19 -48.93
N SER M 21 -52.38 19.34 -49.84
CA SER M 21 -53.00 18.06 -49.68
C SER M 21 -52.14 17.06 -48.97
N HIS M 22 -52.70 16.33 -48.00
CA HIS M 22 -51.97 15.27 -47.28
C HIS M 22 -52.15 13.88 -47.91
N SER M 23 -52.97 13.73 -48.95
CA SER M 23 -53.13 12.44 -49.62
C SER M 23 -51.96 12.07 -50.54
N SER M 24 -50.99 12.97 -50.74
CA SER M 24 -49.91 12.72 -51.69
C SER M 24 -48.72 13.60 -51.31
N CYS M 25 -47.55 13.25 -51.87
CA CYS M 25 -46.29 13.94 -51.58
C CYS M 25 -46.14 15.16 -52.50
N GLN M 26 -46.87 16.20 -52.27
CA GLN M 26 -47.07 17.35 -53.10
C GLN M 26 -45.90 18.30 -53.24
N LEU M 27 -44.74 18.08 -52.68
CA LEU M 27 -43.56 18.89 -52.69
C LEU M 27 -42.29 18.08 -52.81
N VAL M 28 -41.40 18.32 -53.73
CA VAL M 28 -40.18 17.68 -54.06
C VAL M 28 -39.01 18.63 -54.14
N ILE M 29 -37.88 18.35 -53.59
CA ILE M 29 -36.64 19.06 -53.57
C ILE M 29 -35.56 18.27 -54.28
N PHE M 30 -34.95 18.76 -55.31
CA PHE M 30 -33.81 18.33 -56.05
C PHE M 30 -32.60 19.15 -55.65
N VAL M 31 -31.55 18.60 -55.14
CA VAL M 31 -30.37 19.21 -54.62
C VAL M 31 -29.09 18.64 -55.20
N SER M 32 -28.16 19.42 -55.65
CA SER M 32 -26.89 19.09 -56.16
C SER M 32 -25.95 18.64 -55.07
N CYS M 33 -25.49 17.40 -55.10
CA CYS M 33 -24.43 16.98 -54.19
C CYS M 33 -23.08 17.49 -54.69
N LEU M 34 -22.06 17.36 -53.83
CA LEU M 34 -20.75 17.96 -54.05
C LEU M 34 -20.85 19.48 -54.13
N ASN M 35 -21.59 20.10 -53.26
CA ASN M 35 -21.79 21.49 -53.06
C ASN M 35 -22.21 21.80 -51.65
N ILE M 36 -21.42 22.57 -50.89
CA ILE M 36 -21.69 22.77 -49.47
C ILE M 36 -22.82 23.78 -49.27
N ASP M 37 -22.86 24.87 -49.99
CA ASP M 37 -23.84 25.90 -49.88
C ASP M 37 -25.23 25.37 -50.19
N ALA M 38 -25.38 24.56 -51.19
CA ALA M 38 -26.54 23.85 -51.56
C ALA M 38 -27.04 22.97 -50.43
N LEU M 39 -26.10 22.26 -49.81
CA LEU M 39 -26.43 21.38 -48.68
C LEU M 39 -27.01 22.17 -47.51
N CYS M 40 -26.34 23.25 -47.10
CA CYS M 40 -26.84 24.06 -45.98
C CYS M 40 -28.18 24.73 -46.33
N ALA M 41 -28.37 25.21 -47.52
CA ALA M 41 -29.56 25.77 -48.05
C ALA M 41 -30.73 24.83 -47.89
N THR M 42 -30.59 23.62 -48.34
CA THR M 42 -31.51 22.56 -48.25
C THR M 42 -31.88 22.23 -46.83
N LYS M 43 -30.86 22.18 -45.96
CA LYS M 43 -31.10 21.89 -44.55
C LYS M 43 -32.03 22.95 -43.93
N MET M 44 -31.80 24.21 -44.15
CA MET M 44 -32.60 25.31 -43.73
C MET M 44 -34.05 25.16 -44.17
N LEU M 45 -34.27 24.91 -45.42
CA LEU M 45 -35.54 24.72 -46.02
C LEU M 45 -36.31 23.57 -45.40
N SER M 46 -35.60 22.46 -45.18
CA SER M 46 -36.26 21.29 -44.60
C SER M 46 -36.79 21.59 -43.20
N LEU M 47 -36.09 22.30 -42.37
CA LEU M 47 -36.53 22.72 -41.07
C LEU M 47 -37.75 23.61 -41.15
N LEU M 48 -37.76 24.57 -42.02
CA LEU M 48 -38.83 25.46 -42.29
C LEU M 48 -40.12 24.72 -42.60
N PHE M 49 -40.10 23.84 -43.55
CA PHE M 49 -41.17 23.03 -43.98
C PHE M 49 -41.63 22.03 -42.93
N LYS M 50 -40.75 21.51 -42.14
CA LYS M 50 -41.01 20.66 -41.02
C LYS M 50 -41.95 21.31 -40.05
N LYS M 51 -41.70 22.52 -39.68
CA LYS M 51 -42.49 23.33 -38.81
C LYS M 51 -43.89 23.53 -39.31
N GLN M 52 -44.11 23.65 -40.58
CA GLN M 52 -45.32 23.80 -41.30
C GLN M 52 -46.04 22.51 -41.64
N LEU M 53 -45.42 21.35 -41.38
CA LEU M 53 -46.03 20.03 -41.59
C LEU M 53 -46.36 19.75 -43.05
N VAL M 54 -45.54 20.12 -43.97
CA VAL M 54 -45.57 19.89 -45.38
C VAL M 54 -44.90 18.57 -45.70
N GLN M 55 -45.65 17.52 -46.07
CA GLN M 55 -45.02 16.27 -46.49
C GLN M 55 -44.21 16.49 -47.76
N SER M 56 -43.02 15.99 -47.85
CA SER M 56 -42.07 16.23 -48.88
C SER M 56 -40.99 15.17 -49.01
N GLN M 57 -40.31 15.14 -50.16
CA GLN M 57 -39.20 14.23 -50.44
C GLN M 57 -37.99 15.02 -50.93
N ILE M 58 -36.80 14.62 -50.45
CA ILE M 58 -35.52 15.22 -50.83
C ILE M 58 -34.76 14.16 -51.64
N VAL M 59 -34.27 14.48 -52.80
CA VAL M 59 -33.51 13.71 -53.72
C VAL M 59 -32.19 14.35 -54.04
N PRO M 60 -31.02 13.77 -53.74
CA PRO M 60 -29.76 14.34 -54.24
C PRO M 60 -29.46 13.91 -55.67
N ILE M 61 -28.86 14.75 -56.46
CA ILE M 61 -28.57 14.69 -57.85
C ILE M 61 -27.14 15.02 -58.14
N PHE M 62 -26.49 14.28 -59.05
CA PHE M 62 -25.08 14.51 -59.38
C PHE M 62 -24.91 15.51 -60.53
N GLY M 63 -25.72 15.37 -61.57
CA GLY M 63 -25.48 16.14 -62.79
C GLY M 63 -26.69 16.11 -63.71
N TYR M 64 -26.55 16.67 -64.87
CA TYR M 64 -27.52 16.77 -65.91
C TYR M 64 -28.04 15.43 -66.35
N SER M 65 -27.09 14.49 -66.51
CA SER M 65 -27.39 13.12 -66.93
C SER M 65 -28.43 12.48 -66.01
N GLU M 66 -28.32 12.73 -64.71
CA GLU M 66 -29.25 12.17 -63.74
C GLU M 66 -30.50 13.03 -63.58
N LEU M 67 -30.42 14.31 -63.79
CA LEU M 67 -31.47 15.26 -63.74
C LEU M 67 -32.61 14.88 -64.66
N ARG M 68 -32.32 14.60 -65.89
CA ARG M 68 -33.26 14.20 -66.89
C ARG M 68 -34.01 12.96 -66.47
N ARG M 69 -33.32 11.96 -66.01
CA ARG M 69 -33.82 10.72 -65.56
C ARG M 69 -34.82 10.87 -64.43
N HIS M 70 -34.50 11.64 -63.45
CA HIS M 70 -35.29 11.90 -62.30
C HIS M 70 -36.52 12.70 -62.61
N TYR M 71 -36.43 13.68 -63.45
CA TYR M 71 -37.52 14.47 -63.91
C TYR M 71 -38.55 13.67 -64.65
N SER M 72 -38.15 12.73 -65.46
CA SER M 72 -38.94 11.93 -66.32
C SER M 72 -40.03 11.17 -65.60
N GLN M 73 -39.74 10.58 -64.49
CA GLN M 73 -40.52 9.67 -63.73
C GLN M 73 -41.54 10.29 -62.78
N LEU M 74 -41.58 11.56 -62.60
CA LEU M 74 -42.40 12.31 -61.70
C LEU M 74 -43.89 12.06 -61.87
N ASP M 75 -44.67 12.01 -60.84
CA ASP M 75 -46.08 11.94 -60.74
C ASP M 75 -46.76 13.25 -61.06
N ASP M 76 -47.93 13.26 -61.66
CA ASP M 76 -48.72 14.36 -62.08
C ASP M 76 -49.26 15.22 -60.96
N ASN M 77 -49.51 14.69 -59.80
CA ASN M 77 -49.97 15.31 -58.62
C ASN M 77 -48.93 16.10 -57.85
N ILE M 78 -47.71 16.14 -58.27
CA ILE M 78 -46.59 16.82 -57.72
C ILE M 78 -46.70 18.30 -58.04
N ASN M 79 -47.37 19.09 -57.27
CA ASN M 79 -47.73 20.45 -57.49
C ASN M 79 -46.56 21.41 -57.53
N SER M 80 -45.51 21.19 -56.77
CA SER M 80 -44.37 21.99 -56.54
C SER M 80 -43.06 21.25 -56.61
N LEU M 81 -42.05 21.73 -57.28
CA LEU M 81 -40.73 21.25 -57.42
C LEU M 81 -39.66 22.30 -57.26
N LEU M 82 -38.61 22.07 -56.53
CA LEU M 82 -37.50 22.90 -56.22
C LEU M 82 -36.19 22.41 -56.79
N LEU M 83 -35.48 23.28 -57.46
CA LEU M 83 -34.14 23.06 -57.98
C LEU M 83 -33.21 23.93 -57.15
N VAL M 84 -32.34 23.31 -56.36
CA VAL M 84 -31.43 23.91 -55.46
C VAL M 84 -30.00 23.68 -55.88
N GLY M 85 -29.26 24.67 -56.28
CA GLY M 85 -27.93 24.64 -56.63
C GLY M 85 -27.48 24.29 -57.99
N PHE M 86 -28.31 24.41 -58.98
CA PHE M 86 -28.08 24.15 -60.35
C PHE M 86 -29.11 24.73 -61.29
N GLY M 87 -28.84 24.81 -62.57
CA GLY M 87 -29.70 25.10 -63.62
C GLY M 87 -29.92 26.48 -64.14
N GLY M 88 -29.37 27.50 -63.49
CA GLY M 88 -29.63 28.90 -63.90
C GLY M 88 -28.99 29.32 -65.24
N VAL M 89 -27.95 28.61 -65.68
CA VAL M 89 -27.18 28.88 -66.84
C VAL M 89 -27.72 28.37 -68.16
N ILE M 90 -28.70 27.51 -68.18
CA ILE M 90 -29.23 26.69 -69.21
C ILE M 90 -30.70 26.95 -69.45
N ASP M 91 -31.22 26.84 -70.64
CA ASP M 91 -32.59 26.87 -70.98
C ASP M 91 -33.29 25.66 -70.43
N LEU M 92 -33.94 25.78 -69.29
CA LEU M 92 -34.64 24.65 -68.69
C LEU M 92 -35.85 24.19 -69.50
N GLU M 93 -36.60 25.09 -70.14
CA GLU M 93 -37.77 24.66 -70.92
C GLU M 93 -37.33 23.91 -72.17
N ALA M 94 -36.15 24.21 -72.69
CA ALA M 94 -35.53 23.54 -73.78
C ALA M 94 -34.94 22.22 -73.39
N PHE M 95 -34.24 22.16 -72.30
CA PHE M 95 -33.59 21.03 -71.75
C PHE M 95 -34.57 19.95 -71.34
N LEU M 96 -35.59 20.34 -70.60
CA LEU M 96 -36.67 19.45 -70.26
C LEU M 96 -37.64 19.30 -71.43
N GLU M 97 -38.38 18.21 -71.41
CA GLU M 97 -39.32 17.80 -72.39
C GLU M 97 -40.68 18.47 -72.23
N ILE M 98 -40.70 19.81 -72.19
CA ILE M 98 -41.86 20.61 -71.82
C ILE M 98 -42.66 21.12 -73.02
N ASP M 99 -43.98 20.93 -72.96
CA ASP M 99 -44.96 21.77 -73.65
C ASP M 99 -45.86 22.44 -72.60
N PRO M 100 -45.93 23.78 -72.53
CA PRO M 100 -46.75 24.46 -71.55
C PRO M 100 -48.23 24.07 -71.61
N GLN M 101 -48.75 23.71 -72.79
CA GLN M 101 -50.09 23.31 -72.98
C GLN M 101 -50.46 22.01 -72.28
N GLU M 102 -49.52 21.23 -71.86
CA GLU M 102 -49.60 20.06 -71.07
C GLU M 102 -49.63 20.29 -69.58
N TYR M 103 -49.43 21.54 -69.13
CA TYR M 103 -49.33 21.86 -67.71
C TYR M 103 -50.20 23.03 -67.24
N VAL M 104 -50.73 23.89 -68.12
CA VAL M 104 -51.69 24.88 -67.80
C VAL M 104 -52.90 24.25 -67.16
N ILE M 105 -53.35 24.65 -66.00
CA ILE M 105 -54.60 24.40 -65.40
C ILE M 105 -55.58 25.44 -65.88
N ASP M 106 -55.39 26.65 -65.43
CA ASP M 106 -56.19 27.82 -65.51
C ASP M 106 -55.44 29.02 -65.98
N THR M 107 -55.98 29.82 -66.83
CA THR M 107 -55.59 31.10 -67.29
C THR M 107 -56.43 32.16 -66.63
N ASP M 108 -55.93 33.00 -65.79
CA ASP M 108 -56.57 34.13 -65.21
C ASP M 108 -56.94 35.10 -66.30
N GLU M 109 -58.17 35.26 -66.66
CA GLU M 109 -58.68 36.11 -67.67
C GLU M 109 -58.31 37.56 -67.49
N LYS M 110 -58.09 38.02 -66.31
CA LYS M 110 -57.82 39.34 -65.88
C LYS M 110 -56.39 39.77 -66.00
N SER M 111 -55.47 39.02 -65.49
CA SER M 111 -54.07 39.18 -65.49
C SER M 111 -53.35 38.60 -66.68
N GLY M 112 -53.88 37.64 -67.34
CA GLY M 112 -53.24 36.81 -68.25
C GLY M 112 -52.27 35.81 -67.75
N GLU M 113 -52.19 35.71 -66.41
CA GLU M 113 -51.34 34.75 -65.71
C GLU M 113 -51.88 33.34 -65.88
N GLN M 114 -51.02 32.44 -66.33
CA GLN M 114 -51.24 31.05 -66.45
C GLN M 114 -50.86 30.31 -65.19
N SER M 115 -51.74 29.66 -64.50
CA SER M 115 -51.56 28.78 -63.41
C SER M 115 -51.19 27.41 -63.90
N PHE M 116 -50.01 26.91 -63.57
CA PHE M 116 -49.57 25.61 -64.01
C PHE M 116 -49.72 24.59 -62.90
N ARG M 117 -50.08 23.37 -63.27
CA ARG M 117 -50.24 22.24 -62.43
C ARG M 117 -48.98 21.88 -61.67
N ARG M 118 -47.82 22.18 -62.24
CA ARG M 118 -46.54 21.98 -61.60
C ARG M 118 -45.74 23.26 -61.69
N ASP M 119 -45.23 23.73 -60.57
CA ASP M 119 -44.42 24.93 -60.52
C ASP M 119 -42.98 24.53 -60.22
N ILE M 120 -42.07 25.10 -61.00
CA ILE M 120 -40.64 24.80 -60.92
C ILE M 120 -39.90 26.06 -60.45
N TYR M 121 -39.30 25.92 -59.27
CA TYR M 121 -38.56 26.99 -58.61
C TYR M 121 -37.07 26.76 -58.71
N VAL M 122 -36.33 27.83 -59.01
CA VAL M 122 -34.88 27.76 -59.17
C VAL M 122 -34.12 28.67 -58.24
N LEU M 123 -33.20 28.05 -57.48
CA LEU M 123 -32.26 28.73 -56.59
C LEU M 123 -30.85 28.40 -57.06
N ASP M 124 -30.18 29.38 -57.65
CA ASP M 124 -28.84 29.23 -58.20
C ASP M 124 -28.11 30.58 -58.24
N ALA M 125 -26.91 30.60 -57.69
CA ALA M 125 -25.99 31.67 -57.60
C ALA M 125 -25.15 31.94 -58.82
N HIS M 126 -25.09 31.08 -59.79
CA HIS M 126 -24.33 31.17 -60.98
C HIS M 126 -24.84 32.24 -61.93
N ARG M 127 -23.99 32.88 -62.72
CA ARG M 127 -24.37 33.89 -63.72
C ARG M 127 -23.46 33.74 -64.94
N PRO M 128 -23.90 34.18 -66.13
CA PRO M 128 -25.12 34.92 -66.45
C PRO M 128 -26.39 34.12 -66.47
N TRP M 129 -27.52 34.75 -66.18
CA TRP M 129 -28.82 34.10 -66.34
C TRP M 129 -29.12 33.75 -67.79
N ASN M 130 -29.70 32.58 -68.02
CA ASN M 130 -30.32 32.23 -69.25
C ASN M 130 -31.56 33.05 -69.49
N LEU M 131 -31.65 33.86 -70.49
CA LEU M 131 -32.70 34.76 -70.81
C LEU M 131 -34.05 34.08 -70.96
N ASP M 132 -34.12 32.90 -71.49
CA ASP M 132 -35.29 32.13 -71.66
C ASP M 132 -35.96 31.81 -70.35
N ASN M 133 -35.15 31.60 -69.32
CA ASN M 133 -35.65 31.26 -67.99
C ASN M 133 -36.28 32.49 -67.36
N ILE M 134 -35.58 33.62 -67.47
CA ILE M 134 -36.04 34.86 -66.86
C ILE M 134 -37.22 35.43 -67.62
N PHE M 135 -36.99 35.83 -68.86
CA PHE M 135 -37.96 36.57 -69.66
C PHE M 135 -38.92 35.64 -70.35
N GLY M 136 -38.43 34.52 -70.89
CA GLY M 136 -39.20 33.70 -71.70
C GLY M 136 -40.26 32.86 -71.07
N SER M 137 -39.88 32.10 -70.06
CA SER M 137 -40.70 31.05 -69.45
C SER M 137 -41.86 31.57 -68.60
N GLN M 138 -42.97 30.83 -68.57
CA GLN M 138 -44.01 31.01 -67.56
C GLN M 138 -43.98 29.95 -66.45
N ILE M 139 -43.47 28.74 -66.68
CA ILE M 139 -43.42 27.69 -65.65
C ILE M 139 -42.24 27.88 -64.70
N ILE M 140 -41.07 28.23 -65.25
CA ILE M 140 -39.85 28.42 -64.50
C ILE M 140 -39.96 29.72 -63.73
N GLN M 141 -39.62 29.66 -62.45
CA GLN M 141 -39.68 30.76 -61.51
C GLN M 141 -38.35 30.87 -60.77
N CYS M 142 -37.57 31.87 -61.12
CA CYS M 142 -36.25 32.12 -60.54
C CYS M 142 -36.28 33.24 -59.51
N PHE M 143 -35.45 33.10 -58.49
CA PHE M 143 -35.29 34.08 -57.44
C PHE M 143 -34.05 34.88 -57.74
N ASP M 144 -34.15 36.21 -57.80
CA ASP M 144 -33.00 37.06 -58.10
C ASP M 144 -32.87 38.23 -57.12
N ASP M 145 -31.63 38.55 -56.76
CA ASP M 145 -31.30 39.57 -55.76
C ASP M 145 -31.43 41.01 -56.28
N GLY M 146 -31.72 41.19 -57.56
CA GLY M 146 -31.71 42.49 -58.23
C GLY M 146 -30.75 42.51 -59.41
N THR M 147 -29.94 41.47 -59.60
CA THR M 147 -29.01 41.35 -60.71
C THR M 147 -29.75 41.50 -62.04
N VAL M 148 -30.95 40.96 -62.17
CA VAL M 148 -31.71 41.03 -63.42
C VAL M 148 -32.09 42.46 -63.80
N ASP M 149 -32.78 43.18 -62.94
CA ASP M 149 -33.19 44.54 -63.26
C ASP M 149 -32.04 45.54 -63.14
N ASP M 150 -31.03 45.32 -62.30
CA ASP M 150 -29.85 46.11 -62.29
C ASP M 150 -29.10 46.04 -63.60
N THR M 151 -28.77 44.86 -64.05
CA THR M 151 -27.95 44.51 -65.15
C THR M 151 -28.62 44.64 -66.52
N LEU M 152 -29.69 43.96 -66.75
CA LEU M 152 -30.18 43.42 -67.97
C LEU M 152 -31.07 44.32 -68.83
N GLY M 153 -30.98 45.62 -68.80
CA GLY M 153 -31.77 46.47 -69.57
C GLY M 153 -31.72 46.33 -71.04
N GLU M 154 -30.55 46.43 -71.62
CA GLU M 154 -30.27 46.28 -73.00
C GLU M 154 -30.69 44.92 -73.51
N GLN M 155 -30.46 43.89 -72.76
CA GLN M 155 -30.72 42.53 -73.02
C GLN M 155 -32.18 42.22 -73.02
N LYS M 156 -32.92 42.74 -72.04
CA LYS M 156 -34.38 42.60 -71.92
C LYS M 156 -35.04 43.20 -73.15
N GLU M 157 -34.62 44.41 -73.48
CA GLU M 157 -35.01 45.17 -74.60
C GLU M 157 -34.79 44.42 -75.89
N ALA M 158 -33.62 43.90 -76.09
CA ALA M 158 -33.17 43.17 -77.21
C ALA M 158 -33.95 41.89 -77.41
N TYR M 159 -34.14 41.12 -76.39
CA TYR M 159 -34.86 39.90 -76.34
C TYR M 159 -36.28 40.08 -76.82
N TYR M 160 -37.00 41.00 -76.24
CA TYR M 160 -38.33 41.33 -76.56
C TYR M 160 -38.50 41.87 -77.96
N LYS M 161 -37.68 42.79 -78.39
CA LYS M 161 -37.69 43.35 -79.69
C LYS M 161 -37.38 42.36 -80.79
N LEU M 162 -36.44 41.48 -80.59
CA LEU M 162 -36.07 40.42 -81.43
C LEU M 162 -37.19 39.42 -81.60
N LEU M 163 -37.89 39.11 -80.55
CA LEU M 163 -39.04 38.29 -80.49
C LEU M 163 -40.21 38.88 -81.25
N GLU M 164 -40.43 40.18 -81.02
CA GLU M 164 -41.53 40.92 -81.65
C GLU M 164 -41.31 41.14 -83.14
N LEU M 165 -40.05 41.28 -83.56
CA LEU M 165 -39.75 41.59 -84.96
C LEU M 165 -40.16 40.46 -85.92
N ASP M 166 -40.19 39.21 -85.43
CA ASP M 166 -40.60 38.06 -86.27
C ASP M 166 -42.10 38.07 -86.59
N ARG M 230 -36.82 47.40 -96.02
CA ARG M 230 -35.95 46.28 -95.70
C ARG M 230 -34.71 46.75 -94.92
N LYS M 231 -34.24 47.96 -95.21
CA LYS M 231 -33.05 48.51 -94.54
C LYS M 231 -33.25 48.58 -93.02
N GLN M 232 -34.42 49.06 -92.60
CA GLN M 232 -34.72 49.15 -91.18
C GLN M 232 -34.76 47.76 -90.53
N ARG M 233 -35.45 46.80 -91.16
CA ARG M 233 -35.54 45.45 -90.60
C ARG M 233 -34.16 44.83 -90.42
N LYS M 234 -33.33 44.93 -91.46
CA LYS M 234 -31.96 44.41 -91.41
C LYS M 234 -31.16 45.05 -90.29
N LYS M 235 -31.23 46.38 -90.17
CA LYS M 235 -30.50 47.09 -89.12
C LYS M 235 -30.95 46.66 -87.74
N GLN M 236 -32.27 46.59 -87.51
CA GLN M 236 -32.81 46.23 -86.20
C GLN M 236 -32.45 44.78 -85.82
N ILE M 237 -32.61 43.83 -86.75
CA ILE M 237 -32.32 42.44 -86.39
C ILE M 237 -30.82 42.27 -86.13
N HIS M 238 -29.95 42.93 -86.92
CA HIS M 238 -28.52 42.86 -86.65
C HIS M 238 -28.18 43.50 -85.31
N GLU M 239 -28.88 44.58 -84.94
CA GLU M 239 -28.65 45.24 -83.66
C GLU M 239 -28.91 44.30 -82.49
N TYR M 240 -30.05 43.67 -82.42
CA TYR M 240 -30.46 42.80 -81.36
C TYR M 240 -29.71 41.49 -81.35
N GLU M 241 -29.39 40.97 -82.55
CA GLU M 241 -28.48 39.82 -82.61
C GLU M 241 -27.14 40.18 -81.98
N GLY M 242 -26.65 41.40 -82.24
CA GLY M 242 -25.42 41.85 -81.62
C GLY M 242 -25.51 41.94 -80.12
N VAL M 243 -26.55 42.49 -79.56
CA VAL M 243 -26.79 42.65 -78.17
C VAL M 243 -26.75 41.32 -77.45
N LEU M 244 -27.53 40.38 -77.89
CA LEU M 244 -27.65 39.08 -77.33
C LEU M 244 -26.38 38.28 -77.46
N GLU M 245 -25.73 38.38 -78.62
CA GLU M 245 -24.46 37.69 -78.81
C GLU M 245 -23.35 38.28 -77.95
N GLU M 246 -23.45 39.58 -77.64
CA GLU M 246 -22.49 40.21 -76.74
C GLU M 246 -22.72 39.76 -75.29
N TYR M 247 -23.93 39.59 -74.86
CA TYR M 247 -24.33 39.14 -73.58
C TYR M 247 -23.93 37.70 -73.31
N TYR M 248 -24.29 36.80 -74.18
CA TYR M 248 -23.97 35.43 -74.18
C TYR M 248 -22.49 35.21 -74.45
N SER M 249 -22.00 34.00 -74.16
CA SER M 249 -20.59 33.61 -74.36
C SER M 249 -19.61 34.49 -73.58
N GLN M 250 -19.95 34.97 -72.42
CA GLN M 250 -19.16 35.45 -71.36
C GLN M 250 -18.67 34.33 -70.46
N GLY M 251 -17.71 34.53 -69.62
CA GLY M 251 -17.30 33.61 -68.66
C GLY M 251 -18.22 33.33 -67.54
N THR M 252 -18.21 32.17 -66.94
CA THR M 252 -18.98 31.71 -65.83
C THR M 252 -18.54 32.35 -64.53
N THR M 253 -19.39 32.73 -63.61
CA THR M 253 -19.13 33.35 -62.36
C THR M 253 -20.19 33.12 -61.30
N VAL M 254 -19.87 33.07 -60.04
CA VAL M 254 -20.64 33.02 -58.84
C VAL M 254 -20.65 34.37 -58.16
N VAL M 255 -21.85 34.89 -57.86
CA VAL M 255 -22.07 36.27 -57.42
C VAL M 255 -22.71 36.41 -56.03
N ASN M 256 -23.25 35.31 -55.47
CA ASN M 256 -23.99 35.33 -54.21
C ASN M 256 -24.02 33.95 -53.53
N SER M 257 -24.43 33.87 -52.28
CA SER M 257 -24.66 32.74 -51.46
C SER M 257 -26.11 32.31 -51.42
N ILE M 258 -26.45 31.08 -51.63
CA ILE M 258 -27.76 30.52 -51.61
C ILE M 258 -28.38 30.68 -50.24
N SER M 259 -27.70 30.25 -49.22
CA SER M 259 -28.09 30.25 -47.86
C SER M 259 -28.34 31.65 -47.34
N ALA M 260 -27.60 32.62 -47.77
CA ALA M 260 -27.77 34.00 -47.52
C ALA M 260 -29.13 34.51 -47.97
N GLN M 261 -29.48 34.17 -49.22
CA GLN M 261 -30.78 34.57 -49.76
C GLN M 261 -31.90 33.94 -48.95
N ILE M 262 -31.78 32.68 -48.56
CA ILE M 262 -32.71 32.00 -47.74
C ILE M 262 -32.88 32.69 -46.40
N TYR M 263 -31.82 33.10 -45.79
CA TYR M 263 -31.81 33.79 -44.55
C TYR M 263 -32.57 35.09 -44.61
N SER M 264 -32.54 35.77 -45.76
CA SER M 264 -33.34 36.98 -45.89
C SER M 264 -34.84 36.63 -45.82
N LEU M 265 -35.24 35.53 -46.45
CA LEU M 265 -36.63 35.10 -46.42
C LEU M 265 -37.07 34.76 -45.00
N LEU M 266 -36.23 34.03 -44.24
CA LEU M 266 -36.44 33.72 -42.88
C LEU M 266 -36.59 34.97 -42.03
N SER M 267 -35.86 35.99 -42.30
CA SER M 267 -35.94 37.28 -41.73
C SER M 267 -37.29 37.90 -41.99
N ALA M 268 -37.78 37.83 -43.18
CA ALA M 268 -39.04 38.31 -43.62
C ALA M 268 -40.19 37.69 -42.85
N ILE M 269 -40.24 36.39 -42.78
CA ILE M 269 -41.23 35.61 -42.13
C ILE M 269 -41.20 35.82 -40.63
N GLY M 270 -40.06 35.77 -40.02
CA GLY M 270 -39.76 35.87 -38.68
C GLY M 270 -39.26 34.70 -37.93
N GLU M 271 -38.50 33.85 -38.56
CA GLU M 271 -38.01 32.58 -38.19
C GLU M 271 -36.54 32.54 -37.79
N THR M 272 -35.92 33.62 -37.47
CA THR M 272 -34.55 33.79 -37.15
C THR M 272 -34.21 33.20 -35.80
N ASN M 273 -33.14 32.39 -35.72
CA ASN M 273 -32.63 31.89 -34.45
C ASN M 273 -31.17 31.48 -34.68
N LEU M 274 -30.49 31.10 -33.59
CA LEU M 274 -29.08 30.77 -33.69
C LEU M 274 -28.83 29.53 -34.55
N SER M 275 -29.76 28.56 -34.54
CA SER M 275 -29.59 27.39 -35.39
C SER M 275 -29.60 27.74 -36.88
N ASN M 276 -30.40 28.74 -37.27
CA ASN M 276 -30.44 29.16 -38.67
C ASN M 276 -29.28 30.11 -39.00
N LEU M 277 -28.91 30.97 -38.05
CA LEU M 277 -27.79 31.89 -38.29
C LEU M 277 -26.48 31.11 -38.46
N TRP M 278 -26.27 30.05 -37.68
CA TRP M 278 -25.04 29.27 -37.83
C TRP M 278 -24.98 28.57 -39.19
N LEU M 279 -26.12 28.09 -39.71
CA LEU M 279 -26.12 27.50 -41.05
C LEU M 279 -25.84 28.56 -42.10
N ASN M 280 -26.31 29.76 -41.96
CA ASN M 280 -26.03 30.90 -42.75
C ASN M 280 -24.55 31.17 -42.81
N ILE M 281 -23.92 31.17 -41.64
CA ILE M 281 -22.48 31.38 -41.55
C ILE M 281 -21.72 30.26 -42.25
N LEU M 282 -22.13 29.00 -42.03
CA LEU M 282 -21.42 27.87 -42.63
C LEU M 282 -21.49 27.92 -44.15
N GLY M 283 -22.62 28.19 -44.73
CA GLY M 283 -22.76 28.32 -46.09
C GLY M 283 -21.96 29.38 -46.74
N THR M 284 -21.94 30.54 -46.17
CA THR M 284 -21.19 31.67 -46.54
C THR M 284 -19.71 31.40 -46.53
N THR M 285 -19.26 30.77 -45.45
CA THR M 285 -17.83 30.56 -45.24
C THR M 285 -17.19 29.68 -46.31
N SER M 286 -17.98 28.82 -46.97
CA SER M 286 -17.43 27.94 -47.99
C SER M 286 -16.93 28.70 -49.22
N LEU M 287 -17.26 29.93 -49.44
CA LEU M 287 -16.91 30.79 -50.51
C LEU M 287 -15.55 31.46 -50.38
N ASP M 288 -15.00 31.58 -49.22
CA ASP M 288 -13.85 32.36 -48.89
C ASP M 288 -12.59 31.91 -49.59
N ILE M 289 -12.47 30.61 -49.88
CA ILE M 289 -11.25 30.08 -50.50
C ILE M 289 -11.15 30.49 -51.97
N ALA M 290 -12.26 30.40 -52.71
CA ALA M 290 -12.27 30.61 -54.17
C ALA M 290 -12.84 31.96 -54.59
N TYR M 291 -13.78 32.53 -53.91
CA TYR M 291 -14.55 33.69 -54.16
C TYR M 291 -14.44 34.75 -53.10
N ALA M 292 -13.26 35.12 -52.68
CA ALA M 292 -12.92 36.01 -51.62
C ALA M 292 -13.68 37.32 -51.66
N GLN M 293 -13.89 37.88 -52.80
CA GLN M 293 -14.60 39.09 -53.05
C GLN M 293 -16.02 39.04 -52.54
N VAL M 294 -16.72 37.99 -52.84
CA VAL M 294 -18.05 37.70 -52.45
C VAL M 294 -18.18 37.67 -50.95
N TYR M 295 -17.34 36.91 -50.31
CA TYR M 295 -17.23 36.75 -48.90
C TYR M 295 -17.06 38.08 -48.21
N ASN M 296 -16.15 38.88 -48.65
CA ASN M 296 -15.86 40.18 -48.18
C ASN M 296 -17.03 41.11 -48.31
N ARG M 297 -17.86 40.94 -49.35
CA ARG M 297 -19.07 41.75 -49.51
C ARG M 297 -20.07 41.40 -48.43
N LEU M 298 -20.28 40.12 -48.17
CA LEU M 298 -21.26 39.57 -47.30
C LEU M 298 -20.99 39.76 -45.83
N TYR M 299 -19.76 39.65 -45.42
CA TYR M 299 -19.26 39.55 -44.10
C TYR M 299 -19.84 40.49 -43.06
N PRO M 300 -19.95 41.80 -43.31
CA PRO M 300 -20.50 42.71 -42.31
C PRO M 300 -21.87 42.40 -41.77
N LEU M 301 -22.75 41.87 -42.56
CA LEU M 301 -24.06 41.46 -42.22
C LEU M 301 -24.05 40.43 -41.11
N LEU M 302 -23.17 39.48 -41.19
CA LEU M 302 -22.98 38.42 -40.27
C LEU M 302 -22.60 38.92 -38.90
N GLN M 303 -21.72 39.94 -38.87
CA GLN M 303 -21.34 40.55 -37.60
C GLN M 303 -22.55 41.15 -36.89
N ASP M 304 -23.40 41.85 -37.64
CA ASP M 304 -24.58 42.47 -37.06
C ASP M 304 -25.52 41.42 -36.47
N GLU M 305 -25.80 40.35 -37.13
CA GLU M 305 -26.63 39.28 -36.71
C GLU M 305 -26.10 38.59 -35.48
N VAL M 306 -24.80 38.27 -35.51
CA VAL M 306 -24.17 37.62 -34.36
C VAL M 306 -24.25 38.51 -33.14
N LYS M 307 -24.01 39.81 -33.31
CA LYS M 307 -24.12 40.74 -32.19
C LYS M 307 -25.57 40.94 -31.75
N ARG M 308 -26.53 40.78 -32.67
CA ARG M 308 -27.94 40.99 -32.33
C ARG M 308 -28.50 39.83 -31.51
N LEU M 309 -28.29 38.60 -31.98
CA LEU M 309 -28.94 37.44 -31.36
C LEU M 309 -28.20 36.91 -30.13
N THR M 310 -26.97 37.36 -29.87
CA THR M 310 -26.26 36.89 -28.67
C THR M 310 -26.96 37.42 -27.41
N PRO M 311 -27.23 36.59 -26.40
CA PRO M 311 -28.04 37.05 -25.26
C PRO M 311 -27.33 38.07 -24.37
N SER M 312 -28.11 38.63 -23.44
CA SER M 312 -27.60 39.52 -22.41
C SER M 312 -26.86 38.73 -21.33
N SER M 313 -26.31 39.47 -20.37
CA SER M 313 -25.54 38.90 -19.26
C SER M 313 -24.35 38.09 -19.79
N ARG M 314 -23.63 38.70 -20.73
CA ARG M 314 -22.52 38.04 -21.39
C ARG M 314 -21.34 37.84 -20.44
N ASN M 315 -20.50 36.86 -20.77
CA ASN M 315 -19.35 36.46 -19.95
C ASN M 315 -19.76 35.95 -18.56
N SER M 316 -20.91 35.26 -18.49
CA SER M 316 -21.30 34.53 -17.30
C SER M 316 -20.57 33.19 -17.21
N VAL M 317 -20.65 32.57 -16.03
CA VAL M 317 -20.00 31.28 -15.78
C VAL M 317 -20.60 30.18 -16.66
N LYS M 318 -19.78 29.19 -17.02
CA LYS M 318 -20.24 28.06 -17.83
C LYS M 318 -21.35 27.26 -17.13
N THR M 319 -22.07 26.48 -17.92
CA THR M 319 -22.90 25.38 -17.44
C THR M 319 -22.84 24.28 -18.49
N PRO M 320 -23.20 23.04 -18.15
CA PRO M 320 -23.22 21.98 -19.17
C PRO M 320 -24.19 22.22 -20.33
N ASP M 321 -25.14 23.14 -20.18
CA ASP M 321 -26.14 23.46 -21.20
C ASP M 321 -25.83 24.73 -22.00
N THR M 322 -24.87 25.56 -21.54
CA THR M 322 -24.62 26.88 -22.13
C THR M 322 -24.06 26.77 -23.56
N LEU M 323 -24.71 27.43 -24.50
CA LEU M 323 -24.26 27.55 -25.89
C LEU M 323 -23.93 29.02 -26.18
N THR M 324 -22.83 29.26 -26.90
CA THR M 324 -22.46 30.62 -27.30
C THR M 324 -21.86 30.65 -28.70
N LEU M 325 -22.05 31.79 -29.37
CA LEU M 325 -21.54 32.10 -30.69
C LEU M 325 -20.91 33.48 -30.60
N ASN M 326 -19.64 33.62 -31.02
CA ASN M 326 -18.92 34.86 -30.77
C ASN M 326 -17.85 35.14 -31.83
N ILE M 327 -17.52 36.43 -32.00
CA ILE M 327 -16.52 36.88 -32.97
C ILE M 327 -15.17 36.98 -32.25
N GLN M 328 -14.13 36.41 -32.85
CA GLN M 328 -12.79 36.43 -32.25
C GLN M 328 -11.78 36.03 -33.33
N PRO M 329 -10.45 36.14 -33.06
CA PRO M 329 -9.47 35.90 -34.12
C PRO M 329 -9.46 34.48 -34.70
N ASP M 330 -9.13 34.42 -35.99
CA ASP M 330 -9.00 33.19 -36.79
C ASP M 330 -7.91 33.49 -37.82
N TYR M 331 -7.24 32.43 -38.35
CA TYR M 331 -5.87 32.63 -38.84
C TYR M 331 -5.43 32.15 -40.24
N TYR M 332 -6.30 31.56 -41.08
CA TYR M 332 -5.87 30.94 -42.36
C TYR M 332 -4.77 29.88 -42.13
N LEU M 333 -4.81 29.23 -40.98
CA LEU M 333 -3.94 28.11 -40.63
C LEU M 333 -4.77 26.83 -40.68
N PHE M 334 -4.21 25.77 -41.26
CA PHE M 334 -4.99 24.56 -41.54
C PHE M 334 -5.33 23.83 -40.23
N LEU M 335 -6.60 23.89 -39.82
CA LEU M 335 -7.15 23.24 -38.62
C LEU M 335 -6.31 23.50 -37.36
N LEU M 336 -6.31 24.76 -36.90
CA LEU M 336 -5.47 25.14 -35.77
C LEU M 336 -5.82 24.38 -34.49
N ARG M 337 -7.11 24.27 -34.15
CA ARG M 337 -7.49 23.75 -32.83
C ARG M 337 -7.47 22.21 -32.76
N HIS M 338 -6.94 21.55 -33.78
CA HIS M 338 -6.76 20.11 -33.85
C HIS M 338 -5.35 19.90 -34.39
N SER M 339 -4.79 18.70 -34.22
CA SER M 339 -3.36 18.43 -34.55
C SER M 339 -2.50 19.38 -33.70
N SER M 340 -1.54 20.13 -34.28
CA SER M 340 -0.56 20.89 -33.52
C SER M 340 -0.28 22.24 -34.19
N LEU M 341 0.35 23.16 -33.44
CA LEU M 341 0.68 24.48 -33.98
C LEU M 341 1.63 24.35 -35.18
N TYR M 342 2.62 23.49 -35.05
CA TYR M 342 3.59 23.28 -36.13
C TYR M 342 2.90 22.76 -37.39
N ASP M 343 2.03 21.76 -37.25
CA ASP M 343 1.29 21.26 -38.41
C ASP M 343 0.36 22.32 -38.98
N SER M 344 -0.15 23.22 -38.12
CA SER M 344 -1.03 24.29 -38.59
C SER M 344 -0.31 25.19 -39.58
N PHE M 345 0.95 25.55 -39.26
CA PHE M 345 1.72 26.34 -40.21
C PHE M 345 2.16 25.50 -41.41
N TYR M 346 2.65 24.28 -41.14
CA TYR M 346 3.32 23.48 -42.16
C TYR M 346 2.41 23.14 -43.33
N TYR M 347 1.14 22.80 -43.07
CA TYR M 347 0.19 22.44 -44.12
C TYR M 347 -0.70 23.59 -44.58
N SER M 348 -0.50 24.81 -44.07
CA SER M 348 -1.32 25.94 -44.52
C SER M 348 -1.09 26.22 -46.00
N ASN M 349 -2.19 26.40 -46.74
CA ASN M 349 -2.09 26.62 -48.18
C ASN M 349 -1.41 27.94 -48.49
N TYR M 350 -1.57 28.95 -47.62
CA TYR M 350 -0.96 30.26 -47.83
C TYR M 350 0.54 30.26 -47.47
N VAL M 351 0.90 29.58 -46.38
CA VAL M 351 2.29 29.56 -45.92
C VAL M 351 3.18 28.92 -46.96
N ASN M 352 2.68 27.88 -47.65
CA ASN M 352 3.49 27.20 -48.65
C ASN M 352 3.88 28.15 -49.78
N ALA M 353 2.95 29.02 -50.18
CA ALA M 353 3.27 30.01 -51.20
C ALA M 353 4.19 31.11 -50.67
N LYS M 354 4.08 31.43 -49.38
CA LYS M 354 4.87 32.53 -48.81
C LYS M 354 6.31 32.14 -48.44
N LEU M 355 6.55 30.88 -48.03
CA LEU M 355 7.86 30.42 -47.58
C LEU M 355 8.43 29.24 -48.37
N SER M 356 7.73 28.77 -49.40
CA SER M 356 8.24 27.73 -50.32
C SER M 356 8.59 26.41 -49.62
N LEU M 357 7.62 25.86 -48.89
CA LEU M 357 7.86 24.66 -48.06
C LEU M 357 8.12 23.38 -48.85
N TRP M 358 8.05 23.39 -50.18
CA TRP M 358 8.34 22.17 -50.94
C TRP M 358 9.83 21.78 -50.94
N ASN M 359 10.72 22.62 -50.40
CA ASN M 359 12.16 22.34 -50.37
C ASN M 359 12.76 22.74 -49.01
N GLU M 360 13.98 22.26 -48.74
CA GLU M 360 14.59 22.46 -47.41
C GLU M 360 14.90 23.94 -47.12
N ASN M 361 15.20 24.74 -48.16
CA ASN M 361 15.43 26.17 -47.93
C ASN M 361 14.15 26.89 -47.51
N GLY M 362 12.99 26.26 -47.66
CA GLY M 362 11.74 26.77 -47.13
C GLY M 362 11.46 26.25 -45.73
N LYS M 363 11.67 24.94 -45.51
CA LYS M 363 11.39 24.34 -44.20
C LYS M 363 12.27 24.95 -43.10
N LYS M 364 13.54 25.23 -43.43
CA LYS M 364 14.42 25.86 -42.45
C LYS M 364 13.93 27.26 -42.06
N ARG M 365 13.21 27.96 -42.94
CA ARG M 365 12.65 29.26 -42.56
C ARG M 365 11.62 29.10 -41.46
N LEU M 366 10.87 28.01 -41.49
CA LEU M 366 9.85 27.76 -40.46
C LEU M 366 10.50 27.46 -39.11
N HIS M 367 11.52 26.59 -39.13
CA HIS M 367 12.28 26.32 -37.89
C HIS M 367 12.87 27.61 -37.32
N LYS M 368 13.44 28.43 -38.20
CA LYS M 368 14.02 29.72 -37.80
C LYS M 368 12.97 30.63 -37.17
N MET M 369 11.77 30.65 -37.73
CA MET M 369 10.71 31.49 -37.17
C MET M 369 10.37 31.05 -35.75
N PHE M 370 10.13 29.75 -35.53
CA PHE M 370 9.74 29.32 -34.18
C PHE M 370 10.87 29.58 -33.18
N ALA M 371 12.12 29.44 -33.61
CA ALA M 371 13.23 29.76 -32.73
C ALA M 371 13.24 31.23 -32.33
N ARG M 372 12.97 32.14 -33.28
CA ARG M 372 12.94 33.57 -32.92
C ARG M 372 11.70 33.92 -32.08
N MET M 373 10.56 33.29 -32.35
CA MET M 373 9.34 33.58 -31.60
C MET M 373 9.43 33.19 -30.13
N GLY M 374 10.41 32.36 -29.76
CA GLY M 374 10.57 31.97 -28.37
C GLY M 374 9.71 30.79 -27.96
N ILE M 375 9.29 29.96 -28.90
CA ILE M 375 8.50 28.76 -28.66
C ILE M 375 9.42 27.56 -28.85
N PRO M 376 9.67 26.73 -27.82
CA PRO M 376 10.51 25.54 -28.04
C PRO M 376 9.88 24.62 -29.08
N LEU M 377 10.69 24.22 -30.06
CA LEU M 377 10.17 23.47 -31.21
C LEU M 377 9.53 22.14 -30.82
N SER M 378 9.98 21.51 -29.72
CA SER M 378 9.34 20.26 -29.30
C SER M 378 7.96 20.48 -28.67
N THR M 379 7.65 21.71 -28.21
CA THR M 379 6.30 22.02 -27.73
C THR M 379 5.38 22.46 -28.86
N ALA M 380 5.94 23.09 -29.90
CA ALA M 380 5.14 23.48 -31.06
C ALA M 380 4.49 22.27 -31.74
N GLN M 381 5.08 21.09 -31.60
CA GLN M 381 4.56 19.86 -32.18
C GLN M 381 3.60 19.10 -31.26
N GLU M 382 3.36 19.58 -30.05
CA GLU M 382 2.41 18.94 -29.15
C GLU M 382 0.98 19.18 -29.63
N THR M 383 0.08 18.27 -29.26
CA THR M 383 -1.33 18.42 -29.60
C THR M 383 -1.88 19.69 -28.95
N TRP M 384 -2.58 20.49 -29.76
CA TRP M 384 -2.91 21.86 -29.35
C TRP M 384 -3.81 21.90 -28.11
N LEU M 385 -4.65 20.90 -27.90
CA LEU M 385 -5.42 20.84 -26.66
C LEU M 385 -4.50 20.75 -25.44
N TYR M 386 -3.47 19.90 -25.51
CA TYR M 386 -2.57 19.67 -24.38
C TYR M 386 -1.42 20.67 -24.29
N MET M 387 -1.23 21.54 -25.29
CA MET M 387 -0.16 22.53 -25.23
C MET M 387 -0.36 23.45 -24.04
N ASP M 388 0.76 23.94 -23.50
CA ASP M 388 0.73 24.65 -22.23
C ASP M 388 -0.09 25.93 -22.30
N HIS M 389 -0.83 26.18 -21.22
CA HIS M 389 -1.81 27.27 -21.14
C HIS M 389 -1.16 28.64 -21.39
N SER M 390 0.06 28.84 -20.89
CA SER M 390 0.73 30.13 -21.01
C SER M 390 0.97 30.48 -22.48
N ILE M 391 1.45 29.52 -23.27
CA ILE M 391 1.67 29.77 -24.69
C ILE M 391 0.34 30.05 -25.38
N LYS M 392 -0.72 29.33 -24.99
CA LYS M 392 -2.04 29.53 -25.58
C LYS M 392 -2.50 30.98 -25.41
N ARG M 393 -2.33 31.54 -24.22
CA ARG M 393 -2.81 32.91 -24.01
C ARG M 393 -1.83 33.97 -24.53
N GLU M 394 -0.53 33.66 -24.64
CA GLU M 394 0.45 34.63 -25.15
C GLU M 394 0.56 34.64 -26.68
N LEU M 395 0.02 33.62 -27.36
CA LEU M 395 0.14 33.51 -28.81
C LEU M 395 -0.40 34.72 -29.55
N GLY M 396 -1.48 35.32 -29.07
CA GLY M 396 -2.09 36.45 -29.76
C GLY M 396 -1.21 37.69 -29.85
N ILE M 397 -0.23 37.82 -28.95
CA ILE M 397 0.72 38.93 -28.96
C ILE M 397 2.01 38.54 -29.66
N ILE M 398 2.40 37.27 -29.55
CA ILE M 398 3.63 36.81 -30.18
C ILE M 398 3.58 37.02 -31.70
N PHE M 399 2.41 36.79 -32.31
CA PHE M 399 2.29 36.96 -33.76
C PHE M 399 2.45 38.42 -34.18
N ASP M 400 2.01 39.38 -33.35
CA ASP M 400 2.11 40.79 -33.72
C ASP M 400 3.56 41.27 -33.81
N LYS M 401 4.49 40.58 -33.14
CA LYS M 401 5.88 41.01 -33.09
C LYS M 401 6.77 40.35 -34.14
N ASN M 402 6.29 39.29 -34.81
CA ASN M 402 7.18 38.38 -35.54
C ASN M 402 6.77 38.10 -36.99
N LEU M 403 5.47 38.13 -37.32
CA LEU M 403 5.06 37.77 -38.68
C LEU M 403 5.54 38.78 -39.73
N ASP M 404 5.76 40.05 -39.34
CA ASP M 404 6.21 41.06 -40.30
C ASP M 404 7.56 40.71 -40.91
N ARG M 405 8.49 40.19 -40.09
CA ARG M 405 9.84 39.88 -40.57
C ARG M 405 9.85 38.80 -41.64
N TYR M 406 8.80 37.97 -41.72
CA TYR M 406 8.67 36.92 -42.73
C TYR M 406 7.64 37.29 -43.81
N GLY M 407 7.21 38.55 -43.86
CA GLY M 407 6.26 38.99 -44.87
C GLY M 407 4.90 38.33 -44.75
N LEU M 408 4.54 37.90 -43.53
CA LEU M 408 3.47 36.94 -43.29
C LEU M 408 2.33 37.52 -42.45
N GLN M 409 2.18 38.85 -42.43
CA GLN M 409 1.19 39.55 -41.62
C GLN M 409 -0.27 39.21 -41.98
N ASP M 410 -0.53 38.69 -43.18
CA ASP M 410 -1.91 38.41 -43.61
C ASP M 410 -2.56 37.26 -42.84
N ILE M 411 -1.79 36.52 -42.04
CA ILE M 411 -2.31 35.43 -41.21
C ILE M 411 -3.38 35.94 -40.25
N ILE M 412 -3.30 37.20 -39.80
CA ILE M 412 -4.20 37.72 -38.77
C ILE M 412 -5.54 38.13 -39.40
N ARG M 413 -6.65 37.67 -38.81
CA ARG M 413 -7.99 38.12 -39.20
C ARG M 413 -9.00 37.79 -38.09
N ASP M 414 -10.28 38.14 -38.32
CA ASP M 414 -11.39 37.84 -37.41
C ASP M 414 -12.34 36.82 -38.03
N GLY M 415 -12.94 35.99 -37.16
CA GLY M 415 -13.87 34.96 -37.59
C GLY M 415 -14.80 34.56 -36.46
N PHE M 416 -15.69 33.61 -36.75
CA PHE M 416 -16.73 33.17 -35.82
C PHE M 416 -16.36 31.84 -35.17
N VAL M 417 -16.60 31.76 -33.84
CA VAL M 417 -16.29 30.57 -33.04
C VAL M 417 -17.52 30.21 -32.22
N ARG M 418 -17.79 28.91 -32.12
CA ARG M 418 -18.95 28.36 -31.42
C ARG M 418 -18.50 27.30 -30.41
N THR M 419 -19.21 27.24 -29.28
CA THR M 419 -18.90 26.26 -28.24
C THR M 419 -20.21 25.88 -27.55
N LEU M 420 -20.27 24.63 -27.05
CA LEU M 420 -21.50 24.08 -26.48
C LEU M 420 -21.14 23.29 -25.23
N GLY M 421 -21.46 23.86 -24.06
CA GLY M 421 -21.20 23.17 -22.80
C GLY M 421 -19.72 23.07 -22.50
N TYR M 422 -19.25 21.87 -22.17
CA TYR M 422 -17.88 21.60 -21.78
C TYR M 422 -17.03 20.95 -22.86
N ARG M 423 -17.55 20.77 -24.09
CA ARG M 423 -16.89 19.94 -25.09
C ARG M 423 -15.93 20.70 -26.01
N GLY M 424 -15.76 22.01 -25.83
CA GLY M 424 -14.69 22.74 -26.48
C GLY M 424 -15.09 23.42 -27.78
N SER M 425 -14.32 24.46 -28.12
CA SER M 425 -14.61 25.38 -29.21
C SER M 425 -14.31 24.80 -30.59
N ILE M 426 -14.98 25.36 -31.60
CA ILE M 426 -14.66 25.13 -33.00
C ILE M 426 -15.04 26.38 -33.79
N SER M 427 -14.27 26.69 -34.84
CA SER M 427 -14.58 27.80 -35.73
C SER M 427 -15.21 27.29 -37.02
N ALA M 428 -15.95 28.18 -37.69
CA ALA M 428 -16.62 27.83 -38.94
C ALA M 428 -15.63 27.34 -40.00
N SER M 429 -14.46 27.97 -40.05
CA SER M 429 -13.41 27.62 -41.00
C SER M 429 -12.98 26.17 -40.87
N GLU M 430 -12.95 25.65 -39.63
CA GLU M 430 -12.58 24.25 -39.39
C GLU M 430 -13.74 23.32 -39.73
N PHE M 431 -14.96 23.78 -39.44
CA PHE M 431 -16.17 23.00 -39.65
C PHE M 431 -16.34 22.65 -41.13
N VAL M 432 -16.14 23.63 -42.01
CA VAL M 432 -16.37 23.36 -43.44
C VAL M 432 -15.35 22.38 -43.99
N GLU M 433 -14.11 22.40 -43.47
CA GLU M 433 -13.13 21.41 -43.92
C GLU M 433 -13.55 20.01 -43.50
N ALA M 434 -14.12 19.88 -42.30
CA ALA M 434 -14.62 18.57 -41.87
C ALA M 434 -15.73 18.08 -42.82
N LEU M 435 -16.67 18.97 -43.17
CA LEU M 435 -17.78 18.55 -44.03
C LEU M 435 -17.30 18.16 -45.43
N THR M 436 -16.41 18.97 -46.02
CA THR M 436 -15.89 18.65 -47.35
C THR M 436 -15.13 17.33 -47.34
N ALA M 437 -14.35 17.08 -46.28
CA ALA M 437 -13.64 15.80 -46.17
C ALA M 437 -14.61 14.63 -46.16
N LEU M 438 -15.73 14.78 -45.44
CA LEU M 438 -16.72 13.70 -45.42
C LEU M 438 -17.34 13.50 -46.79
N LEU M 439 -17.55 14.59 -47.55
CA LEU M 439 -18.06 14.41 -48.90
C LEU M 439 -17.08 13.63 -49.77
N GLU M 440 -15.77 13.89 -49.62
CA GLU M 440 -14.81 13.30 -50.52
C GLU M 440 -14.58 11.81 -50.25
N VAL M 441 -14.45 11.43 -48.97
CA VAL M 441 -13.88 10.14 -48.60
C VAL M 441 -14.85 9.24 -47.82
N GLY M 442 -16.05 9.72 -47.50
CA GLY M 442 -17.07 8.90 -46.87
C GLY M 442 -17.39 7.61 -47.60
N ASN M 443 -17.82 6.58 -46.85
CA ASN M 443 -18.05 5.24 -47.38
C ASN M 443 -19.50 4.82 -47.23
N ASN M 468 -19.90 -2.40 -69.60
CA ASN M 468 -18.80 -2.46 -68.65
C ASN M 468 -18.54 -1.08 -68.01
N SER M 469 -18.17 -0.10 -68.83
CA SER M 469 -17.79 1.21 -68.32
C SER M 469 -18.98 1.93 -67.66
N ALA M 470 -20.16 1.86 -68.29
CA ALA M 470 -21.32 2.57 -67.77
C ALA M 470 -21.70 2.07 -66.38
N GLN M 471 -21.61 0.76 -66.16
CA GLN M 471 -21.95 0.18 -64.86
C GLN M 471 -20.97 0.66 -63.79
N LYS M 472 -19.68 0.70 -64.12
CA LYS M 472 -18.68 1.17 -63.15
C LYS M 472 -18.87 2.66 -62.84
N LEU M 473 -19.15 3.47 -63.86
CA LEU M 473 -19.44 4.89 -63.65
C LEU M 473 -20.68 5.06 -62.77
N THR M 474 -21.69 4.23 -62.99
CA THR M 474 -22.90 4.28 -62.17
C THR M 474 -22.60 3.93 -60.72
N ASN M 475 -21.80 2.89 -60.50
CA ASN M 475 -21.43 2.50 -59.14
C ASN M 475 -20.67 3.63 -58.44
N LEU M 476 -19.74 4.26 -59.15
CA LEU M 476 -18.97 5.35 -58.57
C LEU M 476 -19.87 6.55 -58.22
N ARG M 477 -20.72 6.95 -59.17
CA ARG M 477 -21.60 8.09 -58.93
C ARG M 477 -22.64 7.80 -57.85
N LYS M 478 -23.01 6.53 -57.68
CA LYS M 478 -23.92 6.18 -56.60
C LYS M 478 -23.22 6.24 -55.25
N ARG M 479 -21.96 5.81 -55.19
CA ARG M 479 -21.19 5.89 -53.95
C ARG M 479 -21.05 7.34 -53.49
N TRP M 480 -20.81 8.25 -54.44
CA TRP M 480 -20.65 9.66 -54.08
C TRP M 480 -21.92 10.28 -53.51
N VAL M 481 -23.09 9.69 -53.77
CA VAL M 481 -24.35 10.25 -53.26
C VAL M 481 -24.57 9.87 -51.81
N SER M 482 -24.10 8.69 -51.39
CA SER M 482 -24.23 8.28 -49.99
C SER M 482 -23.51 9.25 -49.06
N ASN M 483 -22.39 9.81 -49.52
CA ASN M 483 -21.64 10.77 -48.72
C ASN M 483 -22.43 12.04 -48.44
N PHE M 484 -23.43 12.36 -49.27
CA PHE M 484 -24.30 13.50 -48.96
C PHE M 484 -25.00 13.30 -47.63
N TRP M 485 -25.52 12.09 -47.40
CA TRP M 485 -26.16 11.79 -46.12
C TRP M 485 -25.14 11.59 -45.01
N LEU M 486 -23.94 11.11 -45.34
CA LEU M 486 -22.89 11.03 -44.33
C LEU M 486 -22.45 12.41 -43.86
N SER M 487 -22.69 13.46 -44.66
CA SER M 487 -22.43 14.84 -44.27
C SER M 487 -23.67 15.50 -43.66
N TRP M 488 -24.85 15.19 -44.18
CA TRP M 488 -26.09 15.75 -43.66
C TRP M 488 -26.30 15.39 -42.19
N ASP M 489 -26.04 14.14 -41.81
CA ASP M 489 -26.21 13.70 -40.43
C ASP M 489 -25.18 14.30 -39.47
N ALA M 490 -24.15 14.99 -39.98
CA ALA M 490 -23.13 15.62 -39.14
C ALA M 490 -23.46 17.08 -38.81
N LEU M 491 -24.54 17.64 -39.33
CA LEU M 491 -25.00 18.99 -38.97
C LEU M 491 -25.84 19.01 -37.69
N ASP M 492 -25.88 17.90 -36.94
CA ASP M 492 -26.69 17.74 -35.75
C ASP M 492 -25.78 17.66 -34.53
N ASP M 493 -26.04 18.51 -33.51
CA ASP M 493 -25.23 18.52 -32.30
C ASP M 493 -25.26 17.19 -31.54
N ARG M 494 -26.29 16.37 -31.76
CA ARG M 494 -26.37 15.06 -31.14
C ARG M 494 -25.37 14.06 -31.71
N LYS M 495 -24.74 14.36 -32.86
CA LYS M 495 -23.85 13.44 -33.57
C LYS M 495 -22.45 14.04 -33.76
N VAL M 496 -21.86 14.57 -32.69
CA VAL M 496 -20.47 15.06 -32.76
C VAL M 496 -19.49 13.94 -33.09
N GLU M 497 -19.84 12.69 -32.77
CA GLU M 497 -18.99 11.54 -33.05
C GLU M 497 -18.64 11.46 -34.53
N LEU M 498 -19.60 11.76 -35.40
CA LEU M 498 -19.37 11.73 -36.84
C LEU M 498 -18.49 12.89 -37.28
N LEU M 499 -18.65 14.06 -36.64
CA LEU M 499 -17.86 15.23 -36.99
C LEU M 499 -16.37 14.99 -36.72
N ASN M 500 -16.06 14.33 -35.60
CA ASN M 500 -14.66 14.02 -35.31
C ASN M 500 -14.05 13.14 -36.39
N ARG M 501 -14.80 12.14 -36.87
CA ARG M 501 -14.35 11.32 -37.98
C ARG M 501 -14.06 12.16 -39.22
N GLY M 502 -14.94 13.13 -39.49
CA GLY M 502 -14.69 14.04 -40.60
C GLY M 502 -13.37 14.79 -40.49
N ILE M 503 -13.04 15.23 -39.27
CA ILE M 503 -11.78 15.95 -39.07
C ILE M 503 -10.58 15.02 -39.28
N GLN M 504 -10.67 13.78 -38.77
CA GLN M 504 -9.59 12.82 -38.98
C GLN M 504 -9.36 12.56 -40.46
N LEU M 505 -10.42 12.55 -41.26
CA LEU M 505 -10.24 12.36 -42.70
C LEU M 505 -9.64 13.60 -43.37
N ALA M 506 -10.02 14.79 -42.89
CA ALA M 506 -9.52 16.03 -43.48
C ALA M 506 -7.99 16.11 -43.40
N GLN M 507 -7.43 15.72 -42.24
CA GLN M 507 -5.97 15.77 -42.09
C GLN M 507 -5.25 14.89 -43.11
N ASP M 508 -5.73 13.66 -43.31
CA ASP M 508 -5.11 12.75 -44.25
C ASP M 508 -5.22 13.26 -45.68
N LEU M 509 -6.37 13.85 -46.04
CA LEU M 509 -6.51 14.40 -47.39
C LEU M 509 -5.48 15.48 -47.66
N GLN M 510 -5.32 16.43 -46.72
CA GLN M 510 -4.34 17.48 -46.96
C GLN M 510 -2.91 16.93 -47.03
N ARG M 511 -2.61 15.92 -46.20
CA ARG M 511 -1.29 15.27 -46.25
C ARG M 511 -1.01 14.70 -47.64
N ALA M 512 -1.97 13.93 -48.17
CA ALA M 512 -1.78 13.30 -49.48
C ALA M 512 -1.70 14.35 -50.60
N ILE M 513 -2.41 15.47 -50.45
CA ILE M 513 -2.34 16.52 -51.46
C ILE M 513 -0.94 17.13 -51.49
N PHE M 514 -0.41 17.46 -50.31
CA PHE M 514 0.92 18.08 -50.22
C PHE M 514 1.99 17.17 -50.81
N ASN M 515 1.90 15.86 -50.54
CA ASN M 515 2.90 14.91 -51.03
C ASN M 515 2.87 14.72 -52.55
N THR M 516 1.82 15.20 -53.24
CA THR M 516 1.76 15.22 -54.70
C THR M 516 2.23 16.56 -55.26
N GLY M 517 1.87 17.64 -54.57
CA GLY M 517 2.32 18.96 -55.00
C GLY M 517 3.84 19.07 -55.06
N VAL M 518 4.53 18.53 -54.04
CA VAL M 518 6.00 18.62 -54.06
C VAL M 518 6.57 17.87 -55.27
N ALA M 519 5.98 16.71 -55.61
CA ALA M 519 6.48 15.94 -56.75
C ALA M 519 6.27 16.71 -58.06
N ILE M 520 5.11 17.37 -58.19
CA ILE M 520 4.85 18.14 -59.41
C ILE M 520 5.89 19.25 -59.55
N LEU M 521 6.19 19.96 -58.47
CA LEU M 521 7.12 21.10 -58.59
C LEU M 521 8.57 20.64 -58.74
N GLU M 522 8.99 19.62 -58.00
CA GLU M 522 10.40 19.24 -58.00
C GLU M 522 10.80 18.59 -59.31
N LYS M 523 9.92 17.79 -59.91
CA LYS M 523 10.16 17.23 -61.23
C LYS M 523 9.82 18.20 -62.36
N LYS M 524 9.30 19.39 -62.04
CA LYS M 524 9.00 20.45 -63.02
C LYS M 524 8.07 19.95 -64.13
N LEU M 525 6.97 19.31 -63.72
CA LEU M 525 6.01 18.78 -64.67
C LEU M 525 5.08 19.85 -65.25
N ILE M 526 5.09 21.07 -64.70
CA ILE M 526 4.32 22.16 -65.27
C ILE M 526 4.94 22.56 -66.60
N LYS M 527 4.14 22.51 -67.67
CA LYS M 527 4.58 22.91 -69.01
C LYS M 527 4.11 24.33 -69.29
N HIS M 528 5.05 25.21 -69.64
CA HIS M 528 4.78 26.65 -69.77
C HIS M 528 4.53 27.01 -71.24
N LEU M 529 3.31 26.74 -71.68
CA LEU M 529 2.87 27.20 -72.99
C LEU M 529 2.58 28.71 -72.95
N ARG M 530 2.51 29.31 -74.14
CA ARG M 530 2.47 30.77 -74.24
C ARG M 530 1.16 31.34 -73.69
N ILE M 531 0.05 30.66 -73.92
CA ILE M 531 -1.28 31.20 -73.63
C ILE M 531 -1.76 30.77 -72.25
N TYR M 532 -1.36 29.58 -71.79
CA TYR M 532 -1.84 29.03 -70.53
C TYR M 532 -0.83 28.02 -70.03
N ARG M 533 -1.00 27.60 -68.77
CA ARG M 533 -0.13 26.61 -68.14
C ARG M 533 -0.83 25.25 -68.14
N LEU M 534 -0.09 24.21 -68.54
CA LEU M 534 -0.61 22.85 -68.65
C LEU M 534 0.13 21.92 -67.68
N CYS M 535 -0.63 21.03 -67.05
CA CYS M 535 -0.09 20.01 -66.15
C CYS M 535 -0.93 18.75 -66.30
N VAL M 536 -0.27 17.59 -66.42
CA VAL M 536 -0.96 16.31 -66.58
C VAL M 536 -0.26 15.28 -65.70
N LEU M 537 -1.04 14.57 -64.89
CA LEU M 537 -0.53 13.52 -64.02
C LEU M 537 -0.70 12.17 -64.73
N GLN M 538 0.42 11.61 -65.19
CA GLN M 538 0.43 10.29 -65.82
C GLN M 538 0.55 9.15 -64.82
N ASP M 539 1.04 9.43 -63.61
CA ASP M 539 1.25 8.41 -62.59
C ASP M 539 1.35 9.10 -61.23
N GLY M 540 1.20 8.33 -60.16
CA GLY M 540 1.28 8.87 -58.82
C GLY M 540 1.30 7.80 -57.74
N PRO M 541 1.46 8.22 -56.47
CA PRO M 541 1.45 7.24 -55.37
C PRO M 541 0.12 6.52 -55.24
N ASP M 542 -0.98 7.26 -55.28
CA ASP M 542 -2.29 6.67 -55.59
C ASP M 542 -3.09 7.75 -56.29
N LEU M 543 -3.25 7.59 -57.60
CA LEU M 543 -3.93 8.57 -58.42
C LEU M 543 -5.46 8.50 -58.31
N ASP M 544 -6.01 7.49 -57.62
CA ASP M 544 -7.46 7.36 -57.49
C ASP M 544 -8.10 8.54 -56.74
N LEU M 545 -7.36 9.15 -55.81
CA LEU M 545 -7.94 10.22 -55.00
C LEU M 545 -8.39 11.42 -55.84
N TYR M 546 -7.77 11.61 -57.00
CA TYR M 546 -8.12 12.71 -57.90
C TYR M 546 -9.25 12.36 -58.86
N ARG M 547 -9.85 11.17 -58.73
CA ARG M 547 -11.00 10.82 -59.56
C ARG M 547 -12.27 11.54 -59.12
N ASN M 548 -12.33 12.03 -57.87
CA ASN M 548 -13.46 12.83 -57.39
C ASN M 548 -13.21 14.31 -57.74
N PRO M 549 -14.22 15.06 -58.22
CA PRO M 549 -13.96 16.47 -58.58
C PRO M 549 -13.45 17.36 -57.45
N LEU M 550 -13.97 17.20 -56.22
CA LEU M 550 -13.59 18.10 -55.13
C LEU M 550 -12.12 17.96 -54.78
N THR M 551 -11.62 16.72 -54.74
CA THR M 551 -10.21 16.48 -54.44
C THR M 551 -9.32 17.12 -55.52
N LEU M 552 -9.71 16.97 -56.79
CA LEU M 552 -8.98 17.58 -57.89
C LEU M 552 -8.93 19.09 -57.72
N LEU M 553 -10.05 19.69 -57.30
CA LEU M 553 -10.06 21.13 -57.10
C LEU M 553 -9.19 21.55 -55.91
N ARG M 554 -9.10 20.70 -54.88
CA ARG M 554 -8.19 21.04 -53.78
C ARG M 554 -6.74 21.08 -54.27
N LEU M 555 -6.34 20.09 -55.07
CA LEU M 555 -4.98 20.09 -55.62
C LEU M 555 -4.75 21.31 -56.51
N GLY M 556 -5.74 21.65 -57.33
CA GLY M 556 -5.64 22.83 -58.16
C GLY M 556 -5.48 24.11 -57.34
N ASN M 557 -6.22 24.22 -56.24
CA ASN M 557 -6.10 25.40 -55.39
C ASN M 557 -4.76 25.47 -54.68
N TRP M 558 -4.12 24.32 -54.44
CA TRP M 558 -2.74 24.34 -53.94
C TRP M 558 -1.79 24.95 -54.98
N LEU M 559 -1.85 24.39 -56.20
CA LEU M 559 -0.94 24.84 -57.25
C LEU M 559 -1.17 26.31 -57.61
N ILE M 560 -2.41 26.78 -57.51
CA ILE M 560 -2.71 28.16 -57.91
C ILE M 560 -2.08 29.15 -56.95
N GLU M 561 -2.10 28.87 -55.64
CA GLU M 561 -1.43 29.78 -54.71
C GLU M 561 0.07 29.80 -54.99
N CYS M 562 0.65 28.63 -55.25
CA CYS M 562 2.08 28.58 -55.57
C CYS M 562 2.40 29.42 -56.80
N CYS M 563 1.60 29.27 -57.86
CA CYS M 563 1.85 30.01 -59.09
C CYS M 563 1.57 31.50 -58.92
N ALA M 564 0.61 31.86 -58.07
CA ALA M 564 0.28 33.26 -57.86
C ALA M 564 1.42 34.01 -57.16
N GLU M 565 2.13 33.36 -56.23
CA GLU M 565 3.20 34.02 -55.49
C GLU M 565 4.60 33.79 -56.06
N SER M 566 4.80 32.81 -56.97
CA SER M 566 6.17 32.49 -57.37
C SER M 566 6.81 33.58 -58.24
N GLU M 567 6.02 34.30 -59.03
CA GLU M 567 6.51 35.42 -59.83
C GLU M 567 5.46 36.51 -59.87
N ASP M 568 5.90 37.75 -60.04
CA ASP M 568 4.97 38.87 -60.17
C ASP M 568 4.26 38.86 -61.52
N LYS M 569 4.82 38.19 -62.53
CA LYS M 569 4.35 38.30 -63.90
C LYS M 569 3.42 37.15 -64.29
N GLN M 570 2.64 37.39 -65.35
CA GLN M 570 1.92 36.36 -66.11
C GLN M 570 0.90 35.59 -65.26
N LEU M 571 -0.15 36.31 -64.89
CA LEU M 571 -1.38 35.66 -64.43
C LEU M 571 -2.03 34.97 -65.63
N LEU M 572 -2.05 33.64 -65.63
CA LEU M 572 -2.49 32.83 -66.76
C LEU M 572 -3.57 31.83 -66.34
N PRO M 573 -4.46 31.40 -67.26
CA PRO M 573 -5.29 30.23 -66.97
C PRO M 573 -4.44 28.98 -66.87
N MET M 574 -4.96 27.98 -66.17
CA MET M 574 -4.29 26.71 -65.97
C MET M 574 -5.23 25.54 -66.25
N VAL M 575 -4.67 24.47 -66.81
CA VAL M 575 -5.39 23.23 -67.11
C VAL M 575 -4.68 22.10 -66.39
N LEU M 576 -5.45 21.26 -65.70
CA LEU M 576 -4.94 20.15 -64.89
C LEU M 576 -5.71 18.90 -65.24
N ALA M 577 -5.00 17.78 -65.44
CA ALA M 577 -5.62 16.53 -65.86
C ALA M 577 -5.01 15.32 -65.17
N SER M 578 -5.84 14.27 -64.99
CA SER M 578 -5.43 13.03 -64.34
C SER M 578 -6.05 11.83 -65.07
N ILE M 579 -5.23 10.80 -65.35
CA ILE M 579 -5.65 9.59 -66.06
C ILE M 579 -6.30 8.61 -65.09
N ASP M 580 -7.17 7.74 -65.63
CA ASP M 580 -7.74 6.61 -64.90
C ASP M 580 -7.51 5.32 -65.69
N GLU M 581 -6.95 4.31 -65.03
CA GLU M 581 -6.57 3.05 -65.69
C GLU M 581 -7.76 2.15 -66.01
N ASN M 582 -8.92 2.38 -65.40
CA ASN M 582 -10.09 1.54 -65.59
C ASN M 582 -10.91 2.00 -66.78
N THR M 583 -11.06 3.32 -66.93
CA THR M 583 -11.76 3.93 -68.07
C THR M 583 -10.84 4.23 -69.24
N ASP M 584 -9.54 4.40 -69.00
CA ASP M 584 -8.61 5.01 -69.95
C ASP M 584 -9.12 6.39 -70.39
N THR M 585 -9.62 7.17 -69.43
CA THR M 585 -10.05 8.54 -69.67
C THR M 585 -9.35 9.51 -68.73
N TYR M 586 -9.06 10.69 -69.26
CA TYR M 586 -8.49 11.79 -68.49
C TYR M 586 -9.62 12.66 -67.96
N LEU M 587 -9.57 12.97 -66.66
CA LEU M 587 -10.49 13.93 -66.05
C LEU M 587 -9.78 15.29 -66.08
N VAL M 588 -10.40 16.28 -66.73
CA VAL M 588 -9.76 17.57 -67.01
C VAL M 588 -10.56 18.68 -66.35
N ALA M 589 -9.85 19.69 -65.81
CA ALA M 589 -10.44 20.86 -65.18
C ALA M 589 -9.73 22.13 -65.65
N GLY M 590 -10.51 23.18 -65.91
CA GLY M 590 -9.96 24.47 -66.31
C GLY M 590 -10.12 25.50 -65.21
N LEU M 591 -8.98 26.08 -64.79
CA LEU M 591 -8.90 26.91 -63.59
C LEU M 591 -8.40 28.31 -63.93
N THR M 592 -8.98 29.32 -63.27
CA THR M 592 -8.58 30.71 -63.43
C THR M 592 -7.35 31.04 -62.60
N PRO M 593 -6.72 32.18 -62.84
CA PRO M 593 -5.82 32.78 -61.83
C PRO M 593 -6.65 33.53 -60.78
N ARG M 594 -5.95 34.14 -59.82
CA ARG M 594 -6.60 35.07 -58.90
C ARG M 594 -5.55 35.98 -58.26
N TYR M 595 -6.01 37.15 -57.78
CA TYR M 595 -5.11 38.13 -57.17
C TYR M 595 -4.79 37.77 -55.70
N PRO M 596 -3.60 38.19 -55.17
CA PRO M 596 -3.26 37.90 -53.76
C PRO M 596 -4.25 38.42 -52.71
N ARG M 597 -4.18 37.83 -51.50
CA ARG M 597 -5.18 38.09 -50.45
C ARG M 597 -5.23 39.55 -50.02
N GLY M 598 -4.07 40.20 -49.91
CA GLY M 598 -3.97 41.49 -49.24
C GLY M 598 -4.24 42.74 -50.07
N LEU M 599 -4.51 42.61 -51.37
CA LEU M 599 -4.58 43.78 -52.26
C LEU M 599 -5.91 44.53 -52.18
N LYS M 605 -11.12 47.23 -59.80
CA LYS M 605 -11.02 46.00 -59.00
C LYS M 605 -12.24 45.11 -59.25
N LYS M 606 -12.64 45.00 -60.51
CA LYS M 606 -13.70 44.07 -60.91
C LYS M 606 -13.18 42.63 -60.83
N PRO M 607 -14.06 41.65 -60.63
CA PRO M 607 -13.67 40.25 -60.72
C PRO M 607 -13.42 39.75 -62.11
N ILE M 608 -12.57 38.78 -62.31
CA ILE M 608 -12.34 38.03 -63.49
C ILE M 608 -13.38 36.96 -63.66
N LEU M 609 -13.50 36.35 -64.80
CA LEU M 609 -14.41 35.35 -65.22
C LEU M 609 -13.76 34.15 -65.88
N ASN M 610 -14.15 32.95 -65.60
CA ASN M 610 -13.72 31.70 -66.12
C ASN M 610 -14.25 31.50 -67.51
N ASN M 611 -13.38 31.48 -68.53
CA ASN M 611 -13.79 31.37 -69.93
C ASN M 611 -13.63 29.97 -70.52
N PHE M 612 -13.18 28.99 -69.75
CA PHE M 612 -13.00 27.64 -70.32
C PHE M 612 -14.31 27.00 -70.73
N SER M 613 -15.45 27.40 -70.24
CA SER M 613 -16.74 26.90 -70.51
C SER M 613 -17.06 26.93 -71.99
N MET M 614 -17.00 28.13 -72.56
CA MET M 614 -17.30 28.30 -73.98
C MET M 614 -16.25 27.59 -74.84
N ALA M 615 -14.98 27.59 -74.41
CA ALA M 615 -13.93 26.95 -75.18
C ALA M 615 -14.16 25.44 -75.26
N PHE M 616 -14.39 24.80 -74.09
CA PHE M 616 -14.66 23.37 -74.07
C PHE M 616 -15.94 23.04 -74.85
N GLN M 617 -16.97 23.89 -74.72
CA GLN M 617 -18.21 23.65 -75.49
C GLN M 617 -17.97 23.72 -76.99
N GLN M 618 -17.20 24.71 -77.46
CA GLN M 618 -16.96 24.85 -78.89
C GLN M 618 -16.10 23.70 -79.43
N ILE M 619 -15.03 23.31 -78.71
CA ILE M 619 -14.24 22.17 -79.18
C ILE M 619 -15.08 20.90 -79.14
N THR M 620 -15.93 20.74 -78.12
CA THR M 620 -16.82 19.58 -78.04
C THR M 620 -17.78 19.54 -79.22
N ALA M 621 -18.34 20.70 -79.59
CA ALA M 621 -19.26 20.77 -80.72
C ALA M 621 -18.55 20.42 -82.02
N GLU M 622 -17.29 20.85 -82.16
CA GLU M 622 -16.53 20.55 -83.38
C GLU M 622 -16.03 19.11 -83.43
N THR M 623 -15.56 18.57 -82.30
CA THR M 623 -14.55 17.51 -82.36
C THR M 623 -15.06 16.09 -82.64
N ASP M 624 -14.23 15.41 -83.42
CA ASP M 624 -14.16 13.95 -83.56
C ASP M 624 -14.02 13.19 -82.24
N ALA M 625 -13.46 13.81 -81.21
CA ALA M 625 -13.03 13.11 -80.00
C ALA M 625 -14.20 12.55 -79.19
N LYS M 626 -13.93 11.44 -78.48
CA LYS M 626 -14.90 10.83 -77.56
C LYS M 626 -14.80 11.51 -76.20
N VAL M 627 -15.85 12.29 -75.85
CA VAL M 627 -15.84 13.19 -74.69
C VAL M 627 -17.19 13.13 -73.97
N ARG M 628 -17.19 13.64 -72.72
CA ARG M 628 -18.40 13.74 -71.90
C ARG M 628 -18.49 15.12 -71.26
N ILE M 629 -19.69 15.70 -71.29
CA ILE M 629 -20.02 16.92 -70.55
C ILE M 629 -21.39 16.71 -69.93
N ASP M 630 -21.43 16.45 -68.61
CA ASP M 630 -22.70 16.38 -67.88
C ASP M 630 -22.64 16.96 -66.47
N ASN M 631 -21.51 17.52 -66.04
CA ASN M 631 -21.37 18.06 -64.69
C ASN M 631 -21.96 19.46 -64.60
N PHE M 632 -22.48 19.86 -63.48
CA PHE M 632 -23.05 21.12 -63.20
C PHE M 632 -22.08 22.25 -63.44
N GLU M 633 -20.88 22.13 -62.98
CA GLU M 633 -19.74 22.94 -63.24
C GLU M 633 -19.18 22.59 -64.59
N SER M 634 -19.47 23.39 -65.63
CA SER M 634 -19.05 23.07 -66.99
C SER M 634 -17.55 23.21 -67.21
N SER M 635 -16.80 23.77 -66.26
CA SER M 635 -15.35 23.87 -66.37
C SER M 635 -14.61 22.53 -66.18
N ILE M 636 -15.32 21.42 -65.99
CA ILE M 636 -14.74 20.10 -65.79
C ILE M 636 -15.31 19.18 -66.88
N ILE M 637 -14.42 18.43 -67.55
CA ILE M 637 -14.79 17.56 -68.67
C ILE M 637 -14.00 16.25 -68.57
N GLU M 638 -14.37 15.28 -69.43
CA GLU M 638 -13.69 13.98 -69.49
C GLU M 638 -13.49 13.55 -70.94
N ILE M 639 -12.38 12.85 -71.21
CA ILE M 639 -11.97 12.49 -72.57
C ILE M 639 -11.12 11.22 -72.54
N ARG M 640 -11.18 10.42 -73.61
CA ARG M 640 -10.42 9.16 -73.68
C ARG M 640 -8.93 9.41 -73.93
N ARG M 641 -8.12 8.39 -73.60
CA ARG M 641 -6.65 8.49 -73.55
C ARG M 641 -6.05 9.02 -74.85
N GLU M 642 -6.39 8.42 -75.98
CA GLU M 642 -5.77 8.78 -77.26
C GLU M 642 -6.21 10.15 -77.75
N ASP M 643 -7.37 10.64 -77.30
CA ASP M 643 -7.97 11.88 -77.80
C ASP M 643 -7.57 13.13 -77.02
N LEU M 644 -6.79 13.00 -75.94
CA LEU M 644 -6.40 14.18 -75.18
C LEU M 644 -5.56 15.14 -76.02
N SER M 645 -4.52 14.61 -76.66
CA SER M 645 -3.63 15.48 -77.45
C SER M 645 -4.31 16.17 -78.62
N PRO M 646 -5.14 15.51 -79.47
CA PRO M 646 -5.83 16.30 -80.51
C PRO M 646 -6.79 17.33 -79.94
N PHE M 647 -7.48 17.01 -78.84
CA PHE M 647 -8.39 17.97 -78.23
C PHE M 647 -7.63 19.20 -77.73
N LEU M 648 -6.52 18.98 -77.02
CA LEU M 648 -5.73 20.11 -76.52
C LEU M 648 -5.08 20.88 -77.67
N GLU M 649 -4.70 20.17 -78.74
CA GLU M 649 -4.17 20.84 -79.93
C GLU M 649 -5.22 21.78 -80.53
N LYS M 650 -6.44 21.29 -80.73
CA LYS M 650 -7.50 22.13 -81.25
C LYS M 650 -7.83 23.26 -80.28
N LEU M 651 -7.74 22.99 -78.98
CA LEU M 651 -7.99 24.00 -77.98
C LEU M 651 -6.98 25.14 -78.04
N THR M 652 -5.68 24.81 -78.07
CA THR M 652 -4.66 25.87 -78.13
C THR M 652 -4.68 26.58 -79.47
N LEU M 653 -5.05 25.88 -80.55
CA LEU M 653 -5.21 26.54 -81.83
C LEU M 653 -6.37 27.54 -81.82
N SER M 654 -7.35 27.34 -80.93
CA SER M 654 -8.51 28.23 -80.87
C SER M 654 -8.15 29.58 -80.24
N GLY M 655 -8.86 30.62 -80.67
CA GLY M 655 -8.76 31.96 -80.11
C GLY M 655 -9.59 32.21 -78.88
N LEU M 656 -10.34 31.21 -78.41
CA LEU M 656 -11.26 31.39 -77.29
C LEU M 656 -10.56 31.43 -75.92
N LEU M 657 -9.31 30.99 -75.83
CA LEU M 657 -8.61 30.97 -74.55
C LEU M 657 -8.19 32.36 -74.12
N PHE N 140 -52.20 72.14 -62.29
CA PHE N 140 -53.47 72.11 -61.50
C PHE N 140 -54.00 73.51 -61.09
N ASP N 141 -53.20 74.56 -61.32
CA ASP N 141 -53.55 75.90 -60.82
C ASP N 141 -54.87 76.41 -61.39
N ASP N 142 -55.21 76.02 -62.63
CA ASP N 142 -56.44 76.51 -63.23
C ASP N 142 -57.67 75.99 -62.51
N ILE N 143 -57.64 74.78 -61.93
CA ILE N 143 -58.78 74.34 -61.12
C ILE N 143 -58.83 75.15 -59.83
N LEU N 144 -57.68 75.55 -59.30
CA LEU N 144 -57.74 76.48 -58.18
C LEU N 144 -58.31 77.81 -58.63
N GLY N 145 -57.86 78.35 -59.75
CA GLY N 145 -58.43 79.60 -60.24
C GLY N 145 -59.86 79.45 -60.64
N GLU N 146 -60.19 78.29 -61.16
CA GLU N 146 -61.57 77.92 -61.03
C GLU N 146 -61.96 78.12 -59.58
N PHE N 147 -61.33 77.44 -58.55
CA PHE N 147 -62.00 77.48 -57.23
C PHE N 147 -62.09 78.86 -56.56
N GLU N 148 -61.47 79.82 -57.14
CA GLU N 148 -61.51 81.16 -56.65
C GLU N 148 -62.69 81.92 -57.20
N SER N 149 -63.08 81.59 -58.42
CA SER N 149 -64.02 82.36 -59.20
C SER N 149 -65.46 82.09 -58.80
N ILE N 1271 -34.12 -45.33 53.26
CA ILE N 1271 -34.65 -46.62 53.76
C ILE N 1271 -34.36 -47.69 52.71
N THR N 1272 -33.81 -48.80 53.16
CA THR N 1272 -33.53 -49.92 52.27
C THR N 1272 -34.84 -50.60 51.86
N ASP N 1273 -34.80 -51.27 50.71
CA ASP N 1273 -35.96 -52.05 50.27
C ASP N 1273 -36.32 -53.14 51.26
N VAL N 1274 -35.32 -53.69 51.95
CA VAL N 1274 -35.57 -54.73 52.95
C VAL N 1274 -36.45 -54.17 54.07
N GLU N 1275 -36.12 -52.98 54.55
CA GLU N 1275 -36.89 -52.37 55.63
C GLU N 1275 -38.24 -51.86 55.12
N ARG N 1276 -38.24 -51.23 53.95
CA ARG N 1276 -39.47 -50.64 53.42
C ARG N 1276 -40.51 -51.70 53.11
N PHE N 1277 -40.07 -52.84 52.56
CA PHE N 1277 -40.96 -53.88 52.06
C PHE N 1277 -41.03 -55.07 53.00
N LYS N 1278 -40.77 -54.86 54.30
CA LYS N 1278 -40.78 -55.97 55.24
C LYS N 1278 -42.15 -56.61 55.36
N ASP N 1279 -43.22 -55.80 55.27
CA ASP N 1279 -44.59 -56.26 55.45
C ASP N 1279 -45.31 -56.51 54.13
N THR N 1280 -44.63 -56.39 52.99
CA THR N 1280 -45.28 -56.61 51.70
C THR N 1280 -45.40 -58.10 51.42
N VAL N 1281 -46.41 -58.45 50.62
CA VAL N 1281 -46.62 -59.82 50.21
C VAL N 1281 -45.71 -60.13 49.02
N THR N 1282 -44.98 -61.23 49.10
CA THR N 1282 -44.09 -61.63 48.02
C THR N 1282 -44.89 -61.94 46.76
N LEU N 1283 -44.36 -61.50 45.61
CA LEU N 1283 -45.00 -61.81 44.34
C LEU N 1283 -44.80 -63.30 44.04
N GLU N 1284 -45.91 -64.00 43.84
CA GLU N 1284 -45.92 -65.41 43.44
C GLU N 1284 -46.41 -65.52 42.02
N LEU N 1285 -45.65 -66.25 41.20
CA LEU N 1285 -45.98 -66.53 39.82
C LEU N 1285 -46.30 -68.01 39.66
N SER N 1286 -47.30 -68.31 38.85
CA SER N 1286 -47.75 -69.68 38.57
C SER N 1286 -47.31 -70.06 37.17
N CYS N 1287 -46.63 -71.20 37.05
CA CYS N 1287 -46.12 -71.60 35.74
C CYS N 1287 -47.28 -71.94 34.80
N PRO N 1288 -47.30 -71.41 33.56
CA PRO N 1288 -48.44 -71.70 32.67
C PRO N 1288 -48.53 -73.15 32.22
N SER N 1289 -47.45 -73.92 32.35
CA SER N 1289 -47.40 -75.28 31.83
C SER N 1289 -47.62 -76.34 32.91
N CYS N 1290 -46.94 -76.24 34.05
CA CYS N 1290 -46.99 -77.25 35.11
C CYS N 1290 -47.72 -76.79 36.37
N ASP N 1291 -48.22 -75.56 36.42
CA ASP N 1291 -49.02 -75.01 37.52
C ASP N 1291 -48.25 -74.82 38.81
N LYS N 1292 -46.94 -75.04 38.80
CA LYS N 1292 -46.18 -74.83 40.01
C LYS N 1292 -46.08 -73.34 40.32
N ARG N 1293 -46.32 -72.98 41.57
CA ARG N 1293 -46.23 -71.61 42.03
C ARG N 1293 -44.89 -71.43 42.74
N PHE N 1294 -44.26 -70.27 42.53
CA PHE N 1294 -42.98 -69.99 43.15
C PHE N 1294 -42.86 -68.49 43.41
N PRO N 1295 -42.08 -68.08 44.42
CA PRO N 1295 -41.86 -66.65 44.64
C PRO N 1295 -40.89 -66.09 43.61
N PHE N 1296 -41.22 -64.90 43.09
CA PHE N 1296 -40.38 -64.19 42.13
C PHE N 1296 -39.69 -63.04 42.84
N GLY N 1297 -38.36 -63.02 42.75
CA GLY N 1297 -37.54 -62.00 43.41
C GLY N 1297 -36.64 -61.24 42.44
N GLY N 1298 -37.07 -61.12 41.19
CA GLY N 1298 -36.26 -60.43 40.20
C GLY N 1298 -35.22 -61.34 39.57
N ILE N 1299 -34.10 -60.75 39.17
CA ILE N 1299 -32.99 -61.48 38.55
C ILE N 1299 -32.09 -61.92 39.70
N VAL N 1300 -32.42 -63.06 40.30
CA VAL N 1300 -31.67 -63.63 41.40
C VAL N 1300 -31.62 -65.15 41.21
N SER N 1301 -30.75 -65.78 41.97
CA SER N 1301 -30.69 -67.23 41.99
C SER N 1301 -31.93 -67.78 42.70
N SER N 1302 -32.53 -68.80 42.11
CA SER N 1302 -33.70 -69.43 42.68
C SER N 1302 -33.71 -70.91 42.31
N ASN N 1303 -34.27 -71.72 43.20
CA ASN N 1303 -34.46 -73.14 42.92
C ASN N 1303 -35.69 -73.43 42.07
N TYR N 1304 -36.54 -72.42 41.84
CA TYR N 1304 -37.81 -72.61 41.15
C TYR N 1304 -37.84 -71.99 39.77
N TYR N 1305 -37.00 -70.99 39.50
CA TYR N 1305 -36.98 -70.34 38.19
C TYR N 1305 -35.55 -69.93 37.87
N ARG N 1306 -35.31 -69.73 36.57
CA ARG N 1306 -34.05 -69.23 36.04
C ARG N 1306 -34.35 -68.12 35.04
N VAL N 1307 -33.61 -67.02 35.14
CA VAL N 1307 -33.67 -65.94 34.17
C VAL N 1307 -32.54 -66.16 33.18
N SER N 1308 -32.89 -66.46 31.93
CA SER N 1308 -31.93 -66.65 30.86
C SER N 1308 -31.93 -65.43 29.95
N TYR N 1309 -31.16 -65.50 28.87
CA TYR N 1309 -31.16 -64.43 27.88
C TYR N 1309 -32.50 -64.31 27.18
N ASN N 1310 -33.30 -65.39 27.14
CA ASN N 1310 -34.61 -65.38 26.49
C ASN N 1310 -35.75 -64.95 27.41
N GLY N 1311 -35.50 -64.79 28.72
CA GLY N 1311 -36.52 -64.40 29.67
C GLY N 1311 -36.58 -65.34 30.85
N LEU N 1312 -37.74 -65.35 31.49
CA LEU N 1312 -37.98 -66.14 32.67
C LEU N 1312 -38.33 -67.56 32.29
N GLN N 1313 -37.69 -68.53 32.95
CA GLN N 1313 -37.89 -69.95 32.68
C GLN N 1313 -38.18 -70.69 33.97
N CYS N 1314 -39.17 -71.58 33.93
CA CYS N 1314 -39.48 -72.43 35.07
C CYS N 1314 -38.47 -73.57 35.17
N LYS N 1315 -37.90 -73.75 36.35
CA LYS N 1315 -36.90 -74.82 36.50
C LYS N 1315 -37.53 -76.20 36.57
N HIS N 1316 -38.82 -76.30 36.86
CA HIS N 1316 -39.46 -77.61 37.02
C HIS N 1316 -39.71 -78.28 35.66
N CYS N 1317 -40.26 -77.52 34.71
CA CYS N 1317 -40.61 -78.03 33.39
C CYS N 1317 -39.92 -77.30 32.25
N GLU N 1318 -39.04 -76.34 32.54
CA GLU N 1318 -38.25 -75.62 31.54
C GLU N 1318 -39.12 -74.75 30.63
N GLN N 1319 -40.35 -74.44 31.04
CA GLN N 1319 -41.22 -73.58 30.24
C GLN N 1319 -40.69 -72.15 30.28
N LEU N 1320 -40.58 -71.54 29.10
CA LEU N 1320 -40.23 -70.13 28.97
C LEU N 1320 -41.50 -69.29 29.02
N PHE N 1321 -41.50 -68.27 29.88
CA PHE N 1321 -42.65 -67.38 30.00
C PHE N 1321 -42.63 -66.37 28.87
N THR N 1322 -43.78 -66.19 28.21
CA THR N 1322 -43.93 -65.07 27.31
C THR N 1322 -44.06 -63.79 28.13
N PRO N 1323 -43.78 -62.62 27.54
CA PRO N 1323 -44.00 -61.36 28.29
C PRO N 1323 -45.43 -61.18 28.78
N LEU N 1324 -46.41 -61.59 27.97
CA LEU N 1324 -47.80 -61.46 28.39
C LEU N 1324 -48.10 -62.33 29.59
N GLN N 1325 -47.59 -63.55 29.61
CA GLN N 1325 -47.83 -64.46 30.73
C GLN N 1325 -47.30 -63.90 32.03
N LEU N 1326 -46.16 -63.21 31.98
CA LEU N 1326 -45.60 -62.59 33.18
C LEU N 1326 -46.40 -61.35 33.58
N THR N 1327 -46.65 -60.47 32.62
CA THR N 1327 -47.25 -59.18 32.93
C THR N 1327 -48.69 -59.32 33.39
N SER N 1328 -49.42 -60.29 32.85
CA SER N 1328 -50.79 -60.51 33.26
C SER N 1328 -50.86 -60.97 34.72
N GLN N 1329 -49.92 -61.82 35.13
CA GLN N 1329 -49.92 -62.27 36.52
C GLN N 1329 -49.59 -61.13 37.46
N ILE N 1330 -48.67 -60.25 37.05
CA ILE N 1330 -48.35 -59.08 37.87
C ILE N 1330 -49.59 -58.19 38.00
N GLU N 1331 -50.25 -57.93 36.88
CA GLU N 1331 -51.42 -57.05 36.91
C GLU N 1331 -52.55 -57.67 37.72
N HIS N 1332 -52.71 -58.99 37.62
CA HIS N 1332 -53.70 -59.68 38.44
C HIS N 1332 -53.40 -59.52 39.92
N SER N 1333 -52.13 -59.66 40.30
CA SER N 1333 -51.75 -59.47 41.71
C SER N 1333 -52.00 -58.05 42.17
N ILE N 1334 -51.66 -57.07 41.34
CA ILE N 1334 -51.90 -55.66 41.68
C ILE N 1334 -53.38 -55.42 41.92
N ARG N 1335 -54.21 -55.89 40.99
CA ARG N 1335 -55.66 -55.66 41.09
C ARG N 1335 -56.24 -56.42 42.27
N ALA N 1336 -55.68 -57.58 42.62
CA ALA N 1336 -56.12 -58.30 43.81
C ALA N 1336 -55.86 -57.48 45.06
N HIS N 1337 -54.67 -56.86 45.14
CA HIS N 1337 -54.38 -56.02 46.30
C HIS N 1337 -55.28 -54.79 46.35
N ILE N 1338 -55.57 -54.19 45.19
CA ILE N 1338 -56.45 -53.02 45.16
C ILE N 1338 -57.85 -53.41 45.63
N SER N 1339 -58.35 -54.55 45.15
CA SER N 1339 -59.67 -55.02 45.56
C SER N 1339 -59.70 -55.31 47.05
N LEU N 1340 -58.62 -55.90 47.58
CA LEU N 1340 -58.54 -56.14 49.01
C LEU N 1340 -58.58 -54.83 49.78
N TYR N 1341 -57.88 -53.81 49.29
CA TYR N 1341 -57.90 -52.50 49.93
C TYR N 1341 -59.31 -51.93 49.98
N TYR N 1342 -60.06 -52.05 48.87
CA TYR N 1342 -61.40 -51.49 48.83
C TYR N 1342 -62.46 -52.39 49.45
N ALA N 1343 -62.09 -53.61 49.87
CA ALA N 1343 -62.99 -54.38 50.73
C ALA N 1343 -63.32 -53.62 52.00
N GLY N 1344 -62.39 -52.79 52.48
CA GLY N 1344 -62.68 -51.84 53.53
C GLY N 1344 -62.77 -52.43 54.90
N TRP N 1345 -61.95 -53.45 55.19
CA TRP N 1345 -61.90 -54.00 56.53
C TRP N 1345 -61.30 -52.98 57.48
N LEU N 1346 -61.96 -52.79 58.62
CA LEU N 1346 -61.50 -51.88 59.67
C LEU N 1346 -61.20 -52.69 60.92
N GLN N 1347 -60.23 -52.21 61.70
CA GLN N 1347 -59.86 -52.84 62.95
C GLN N 1347 -59.68 -51.79 64.03
N CYS N 1348 -60.22 -52.08 65.21
CA CYS N 1348 -60.02 -51.22 66.36
C CYS N 1348 -58.59 -51.36 66.88
N ASP N 1349 -57.97 -50.23 67.21
CA ASP N 1349 -56.60 -50.25 67.70
C ASP N 1349 -56.50 -50.56 69.19
N ASP N 1350 -57.63 -50.63 69.90
CA ASP N 1350 -57.61 -51.05 71.30
C ASP N 1350 -57.32 -52.54 71.38
N SER N 1351 -56.28 -52.90 72.13
CA SER N 1351 -55.85 -54.29 72.20
C SER N 1351 -56.91 -55.19 72.83
N THR N 1352 -57.74 -54.64 73.72
CA THR N 1352 -58.76 -55.44 74.38
C THR N 1352 -59.96 -55.70 73.48
N CYS N 1353 -60.33 -54.74 72.65
CA CYS N 1353 -61.48 -54.89 71.77
C CYS N 1353 -61.08 -55.61 70.48
N GLY N 1354 -60.19 -55.00 69.69
CA GLY N 1354 -59.65 -55.61 68.49
C GLY N 1354 -60.68 -56.07 67.48
N ILE N 1355 -61.85 -55.44 67.50
CA ILE N 1355 -62.94 -55.86 66.63
C ILE N 1355 -62.55 -55.60 65.18
N VAL N 1356 -62.90 -56.54 64.31
CA VAL N 1356 -62.68 -56.43 62.87
C VAL N 1356 -64.05 -56.39 62.20
N THR N 1357 -64.30 -55.33 61.43
CA THR N 1357 -65.58 -55.16 60.76
C THR N 1357 -65.36 -54.35 59.50
N ARG N 1358 -66.32 -54.46 58.58
CA ARG N 1358 -66.39 -53.61 57.39
C ARG N 1358 -67.39 -52.48 57.55
N GLN N 1359 -68.09 -52.41 58.68
CA GLN N 1359 -69.01 -51.33 58.95
C GLN N 1359 -68.25 -50.06 59.28
N VAL N 1360 -68.77 -48.92 58.83
CA VAL N 1360 -68.18 -47.61 59.07
C VAL N 1360 -69.23 -46.76 59.78
N SER N 1361 -68.88 -46.24 60.95
CA SER N 1361 -69.78 -45.33 61.63
C SER N 1361 -69.76 -43.97 60.94
N VAL N 1362 -70.78 -43.15 61.25
CA VAL N 1362 -70.81 -41.79 60.73
C VAL N 1362 -69.71 -40.91 61.29
N PHE N 1363 -69.04 -41.33 62.36
CA PHE N 1363 -67.84 -40.67 62.86
C PHE N 1363 -66.56 -41.27 62.30
N GLY N 1364 -66.63 -42.41 61.63
CA GLY N 1364 -65.46 -42.98 60.98
C GLY N 1364 -64.54 -43.68 61.95
N LYS N 1365 -63.88 -42.91 62.80
CA LYS N 1365 -62.85 -43.43 63.69
C LYS N 1365 -63.41 -43.98 65.00
N ARG N 1366 -64.69 -43.77 65.28
CA ARG N 1366 -65.27 -44.27 66.52
C ARG N 1366 -65.49 -45.78 66.41
N CYS N 1367 -65.05 -46.49 67.44
CA CYS N 1367 -65.28 -47.93 67.49
C CYS N 1367 -66.77 -48.23 67.65
N LEU N 1368 -67.23 -49.24 66.92
CA LEU N 1368 -68.63 -49.62 66.94
C LEU N 1368 -68.98 -50.49 68.13
N ASN N 1369 -68.00 -51.07 68.80
CA ASN N 1369 -68.29 -51.83 70.02
C ASN N 1369 -68.67 -50.87 71.12
N ASP N 1370 -69.77 -51.18 71.79
CA ASP N 1370 -70.28 -50.31 72.85
C ASP N 1370 -69.29 -50.25 73.99
N GLY N 1371 -69.00 -49.02 74.45
CA GLY N 1371 -68.10 -48.79 75.56
C GLY N 1371 -66.65 -48.72 75.19
N CYS N 1372 -66.29 -49.01 73.94
CA CYS N 1372 -64.90 -48.95 73.50
C CYS N 1372 -64.57 -47.54 73.03
N THR N 1373 -63.41 -47.04 73.46
CA THR N 1373 -62.89 -45.75 73.04
C THR N 1373 -61.73 -45.88 72.07
N GLY N 1374 -61.46 -47.08 71.56
CA GLY N 1374 -60.42 -47.26 70.58
C GLY N 1374 -60.77 -46.58 69.28
N VAL N 1375 -59.74 -46.48 68.43
CA VAL N 1375 -59.82 -45.79 67.15
C VAL N 1375 -59.82 -46.82 66.04
N MET N 1376 -60.83 -46.75 65.17
CA MET N 1376 -60.91 -47.65 64.04
C MET N 1376 -59.93 -47.22 62.96
N ARG N 1377 -59.25 -48.20 62.38
CA ARG N 1377 -58.29 -47.96 61.31
C ARG N 1377 -58.44 -49.04 60.25
N TYR N 1378 -58.08 -48.69 59.02
CA TYR N 1378 -58.09 -49.68 57.95
C TYR N 1378 -57.08 -50.78 58.24
N LYS N 1379 -57.56 -52.02 58.17
CA LYS N 1379 -56.68 -53.16 58.38
C LYS N 1379 -55.61 -53.22 57.31
N TYR N 1380 -55.99 -52.96 56.06
CA TYR N 1380 -55.06 -52.81 54.93
C TYR N 1380 -55.06 -51.34 54.53
N SER N 1381 -54.04 -50.62 54.98
CA SER N 1381 -53.99 -49.17 54.83
C SER N 1381 -53.52 -48.79 53.42
N ASP N 1382 -53.73 -47.51 53.10
CA ASP N 1382 -53.20 -46.99 51.84
C ASP N 1382 -51.68 -47.01 51.82
N LYS N 1383 -51.03 -46.91 52.98
CA LYS N 1383 -49.58 -47.07 53.05
C LYS N 1383 -49.16 -48.46 52.62
N GLN N 1384 -49.81 -49.46 53.18
CA GLN N 1384 -49.44 -50.84 52.91
C GLN N 1384 -49.65 -51.16 51.44
N LEU N 1385 -50.74 -50.66 50.85
CA LEU N 1385 -50.98 -50.85 49.43
C LEU N 1385 -49.91 -50.15 48.59
N TYR N 1386 -49.59 -48.91 48.95
CA TYR N 1386 -48.58 -48.16 48.19
C TYR N 1386 -47.22 -48.84 48.26
N ASN N 1387 -46.84 -49.31 49.44
CA ASN N 1387 -45.58 -50.03 49.60
C ASN N 1387 -45.61 -51.34 48.83
N GLN N 1388 -46.77 -52.00 48.78
CA GLN N 1388 -46.89 -53.23 48.00
C GLN N 1388 -46.66 -52.96 46.51
N LEU N 1389 -47.26 -51.88 46.00
CA LEU N 1389 -47.08 -51.55 44.59
C LEU N 1389 -45.63 -51.16 44.31
N LEU N 1390 -44.99 -50.45 45.23
CA LEU N 1390 -43.59 -50.12 45.05
C LEU N 1390 -42.71 -51.35 45.09
N TYR N 1391 -43.04 -52.30 45.96
CA TYR N 1391 -42.32 -53.56 46.00
C TYR N 1391 -42.41 -54.26 44.64
N PHE N 1392 -43.61 -54.29 44.05
CA PHE N 1392 -43.75 -54.85 42.71
C PHE N 1392 -42.93 -54.06 41.69
N ASP N 1393 -42.93 -52.73 41.80
CA ASP N 1393 -42.14 -51.91 40.90
C ASP N 1393 -40.65 -52.19 41.04
N SER N 1394 -40.19 -52.37 42.28
CA SER N 1394 -38.77 -52.61 42.52
C SER N 1394 -38.29 -53.90 41.87
N LEU N 1395 -39.14 -54.93 41.86
CA LEU N 1395 -38.76 -56.22 41.30
C LEU N 1395 -38.36 -56.13 39.84
N PHE N 1396 -38.89 -55.13 39.11
CA PHE N 1396 -38.63 -54.94 37.69
C PHE N 1396 -37.76 -53.74 37.39
N ASP N 1397 -37.15 -53.14 38.42
CA ASP N 1397 -36.21 -52.06 38.24
C ASP N 1397 -34.85 -52.65 37.87
N CYS N 1398 -34.37 -52.31 36.67
CA CYS N 1398 -33.10 -52.86 36.19
C CYS N 1398 -31.94 -52.44 37.08
N GLU N 1399 -31.91 -51.18 37.50
CA GLU N 1399 -30.79 -50.70 38.32
C GLU N 1399 -30.75 -51.39 39.67
N LYS N 1400 -31.91 -51.59 40.29
CA LYS N 1400 -31.95 -52.28 41.57
C LYS N 1400 -31.54 -53.74 41.42
N ASN N 1401 -31.93 -54.38 40.31
CA ASN N 1401 -31.50 -55.74 40.06
C ASN N 1401 -30.00 -55.83 39.89
N LYS N 1402 -29.41 -54.89 39.15
CA LYS N 1402 -27.96 -54.89 38.95
C LYS N 1402 -27.23 -54.69 40.26
N LYS N 1403 -27.74 -53.79 41.10
CA LYS N 1403 -27.12 -53.51 42.39
C LYS N 1403 -27.49 -54.52 43.47
N GLN N 1404 -28.40 -55.46 43.18
CA GLN N 1404 -28.84 -56.47 44.14
C GLN N 1404 -29.40 -55.82 45.41
N GLU N 1405 -30.21 -54.78 45.21
CA GLU N 1405 -30.83 -54.04 46.30
C GLU N 1405 -32.27 -54.48 46.56
N LEU N 1406 -32.72 -55.57 45.96
CA LEU N 1406 -34.09 -56.03 46.12
C LEU N 1406 -34.28 -56.72 47.45
N LYS N 1407 -35.53 -56.76 47.89
CA LYS N 1407 -35.86 -57.54 49.07
C LYS N 1407 -35.55 -59.01 48.79
N PRO N 1408 -34.78 -59.70 49.65
CA PRO N 1408 -34.51 -61.11 49.37
C PRO N 1408 -35.75 -61.96 49.57
N ILE N 1409 -35.92 -62.93 48.67
CA ILE N 1409 -36.99 -63.92 48.77
C ILE N 1409 -36.53 -65.16 49.53
N TYR N 1410 -35.22 -65.33 49.73
CA TYR N 1410 -34.65 -66.41 50.54
C TYR N 1410 -33.68 -65.83 51.52
N LEU N 1411 -33.68 -66.37 52.72
CA LEU N 1411 -32.66 -66.12 53.70
C LEU N 1411 -31.63 -67.25 53.66
N PRO N 1412 -30.38 -66.99 54.08
CA PRO N 1412 -29.34 -68.05 54.01
C PRO N 1412 -29.69 -69.31 54.78
N ASP N 1413 -30.48 -69.20 55.84
CA ASP N 1413 -30.88 -70.34 56.65
C ASP N 1413 -32.13 -71.03 56.12
N ASP N 1414 -32.71 -70.56 55.02
CA ASP N 1414 -33.91 -71.18 54.47
C ASP N 1414 -33.56 -72.48 53.76
N LEU N 1415 -34.48 -73.43 53.85
CA LEU N 1415 -34.30 -74.72 53.19
C LEU N 1415 -34.22 -74.55 51.67
N ASP N 1416 -34.91 -73.56 51.12
CA ASP N 1416 -34.94 -73.31 49.70
C ASP N 1416 -33.87 -72.32 49.26
N TYR N 1417 -32.85 -72.10 50.08
CA TYR N 1417 -31.80 -71.18 49.70
C TYR N 1417 -31.03 -71.78 48.52
N PRO N 1418 -30.87 -71.07 47.40
CA PRO N 1418 -30.21 -71.69 46.24
C PRO N 1418 -28.74 -71.99 46.52
N LYS N 1419 -28.31 -73.15 46.05
CA LYS N 1419 -26.92 -73.57 46.26
C LYS N 1419 -25.98 -72.79 45.37
N GLU N 1420 -26.36 -72.58 44.11
CA GLU N 1420 -25.54 -71.85 43.15
C GLU N 1420 -26.02 -70.41 43.08
N GLN N 1421 -25.08 -69.49 43.30
CA GLN N 1421 -25.37 -68.06 43.29
C GLN N 1421 -24.90 -67.45 41.97
N LEU N 1422 -25.72 -66.56 41.43
CA LEU N 1422 -25.34 -65.81 40.23
C LEU N 1422 -24.25 -64.80 40.59
N THR N 1423 -23.27 -64.67 39.71
CA THR N 1423 -22.23 -63.68 39.89
C THR N 1423 -22.78 -62.29 39.56
N GLU N 1424 -22.09 -61.27 40.09
CA GLU N 1424 -22.48 -59.89 39.81
C GLU N 1424 -22.43 -59.61 38.31
N SER N 1425 -21.39 -60.11 37.64
CA SER N 1425 -21.28 -59.93 36.19
C SER N 1425 -22.43 -60.62 35.47
N SER N 1426 -22.79 -61.83 35.91
CA SER N 1426 -23.90 -62.53 35.30
C SER N 1426 -25.21 -61.78 35.50
N ILE N 1427 -25.41 -61.21 36.69
CA ILE N 1427 -26.64 -60.46 36.95
C ILE N 1427 -26.71 -59.23 36.06
N LYS N 1428 -25.61 -58.50 35.94
CA LYS N 1428 -25.60 -57.32 35.06
C LYS N 1428 -25.88 -57.71 33.62
N ALA N 1429 -25.27 -58.80 33.15
CA ALA N 1429 -25.49 -59.25 31.78
C ALA N 1429 -26.94 -59.67 31.56
N LEU N 1430 -27.50 -60.44 32.49
CA LEU N 1430 -28.87 -60.91 32.35
C LEU N 1430 -29.85 -59.75 32.44
N THR N 1431 -29.55 -58.75 33.26
CA THR N 1431 -30.42 -57.57 33.34
C THR N 1431 -30.41 -56.80 32.03
N GLU N 1432 -29.21 -56.59 31.46
CA GLU N 1432 -29.13 -55.94 30.15
C GLU N 1432 -29.86 -56.72 29.08
N GLN N 1433 -29.73 -58.05 29.10
CA GLN N 1433 -30.36 -58.89 28.08
C GLN N 1433 -31.88 -58.90 28.20
N ASN N 1434 -32.41 -58.75 29.42
CA ASN N 1434 -33.83 -58.78 29.68
C ASN N 1434 -34.41 -57.39 29.94
N ARG N 1435 -33.74 -56.34 29.46
CA ARG N 1435 -34.16 -54.98 29.76
C ARG N 1435 -35.57 -54.69 29.26
N GLU N 1436 -35.90 -55.17 28.05
CA GLU N 1436 -37.23 -54.93 27.50
C GLU N 1436 -38.31 -55.57 28.36
N LEU N 1437 -38.08 -56.82 28.78
CA LEU N 1437 -39.06 -57.50 29.63
C LEU N 1437 -39.24 -56.80 30.96
N MET N 1438 -38.13 -56.40 31.59
CA MET N 1438 -38.21 -55.70 32.88
C MET N 1438 -38.93 -54.38 32.74
N GLU N 1439 -38.66 -53.64 31.66
CA GLU N 1439 -39.32 -52.36 31.45
C GLU N 1439 -40.82 -52.56 31.22
N THR N 1440 -41.20 -53.61 30.49
CA THR N 1440 -42.62 -53.89 30.28
C THR N 1440 -43.34 -54.18 31.59
N GLY N 1441 -42.74 -55.06 32.42
CA GLY N 1441 -43.34 -55.34 33.72
C GLY N 1441 -43.45 -54.11 34.59
N ARG N 1442 -42.41 -53.28 34.58
CA ARG N 1442 -42.42 -52.07 35.37
C ARG N 1442 -43.48 -51.11 34.87
N SER N 1443 -43.70 -51.04 33.55
CA SER N 1443 -44.72 -50.16 33.01
C SER N 1443 -46.11 -50.56 33.49
N VAL N 1444 -46.35 -51.87 33.61
CA VAL N 1444 -47.64 -52.33 34.14
C VAL N 1444 -47.83 -51.83 35.57
N VAL N 1445 -46.78 -51.93 36.39
CA VAL N 1445 -46.92 -51.45 37.77
C VAL N 1445 -47.13 -49.93 37.80
N GLN N 1446 -46.37 -49.21 36.96
CA GLN N 1446 -46.41 -47.74 36.98
C GLN N 1446 -47.77 -47.20 36.56
N LYS N 1447 -48.49 -47.95 35.73
CA LYS N 1447 -49.86 -47.56 35.37
C LYS N 1447 -50.72 -47.32 36.61
N TYR N 1448 -50.63 -48.22 37.59
CA TYR N 1448 -51.45 -48.10 38.79
C TYR N 1448 -50.84 -47.12 39.79
N LEU N 1449 -49.51 -47.08 39.88
CA LEU N 1449 -48.86 -46.15 40.79
C LEU N 1449 -49.17 -44.70 40.43
N ASN N 1450 -49.31 -44.42 39.14
CA ASN N 1450 -49.64 -43.07 38.70
C ASN N 1450 -51.06 -42.65 39.11
N ASP N 1451 -51.95 -43.62 39.34
CA ASP N 1451 -53.30 -43.35 39.83
C ASP N 1451 -53.42 -43.42 41.34
N CYS N 1452 -52.35 -43.77 42.05
CA CYS N 1452 -52.40 -43.86 43.50
C CYS N 1452 -52.39 -42.46 44.10
N GLY N 1453 -53.42 -42.16 44.90
CA GLY N 1453 -53.54 -40.85 45.52
C GLY N 1453 -52.43 -40.53 46.50
N ARG N 1454 -51.76 -41.53 47.05
CA ARG N 1454 -50.73 -41.32 48.05
C ARG N 1454 -49.46 -40.61 47.52
N ARG N 1455 -49.40 -40.28 46.22
CA ARG N 1455 -48.14 -39.80 45.60
C ARG N 1455 -47.87 -38.29 45.74
N TYR N 1456 -48.67 -37.42 45.11
CA TYR N 1456 -48.20 -36.08 44.73
C TYR N 1456 -48.55 -35.00 45.77
N VAL N 1457 -47.93 -33.82 45.59
CA VAL N 1457 -47.98 -32.69 46.55
C VAL N 1457 -48.35 -31.43 45.77
N ASP N 1458 -49.51 -30.83 46.05
CA ASP N 1458 -49.98 -29.66 45.29
C ASP N 1458 -49.54 -28.34 45.93
N MET N 1459 -48.58 -27.66 45.28
CA MET N 1459 -48.09 -26.37 45.80
C MET N 1459 -49.14 -25.27 45.71
N THR N 1460 -50.05 -25.34 44.73
CA THR N 1460 -51.05 -24.28 44.55
C THR N 1460 -51.91 -24.12 45.80
N SER N 1461 -52.47 -25.22 46.29
CA SER N 1461 -53.27 -25.18 47.50
C SER N 1461 -52.39 -24.85 48.71
N ILE N 1462 -51.16 -25.36 48.72
CA ILE N 1462 -50.28 -25.27 49.88
C ILE N 1462 -49.92 -23.83 50.22
N PHE N 1463 -49.94 -22.92 49.24
CA PHE N 1463 -49.44 -21.57 49.44
C PHE N 1463 -50.53 -20.58 49.82
N ASP N 1464 -51.43 -21.09 50.66
CA ASP N 1464 -52.52 -20.33 51.25
C ASP N 1464 -52.07 -19.14 52.08
N PHE N 1465 -50.83 -19.08 52.60
CA PHE N 1465 -50.46 -17.84 53.29
C PHE N 1465 -50.37 -16.69 52.31
N MET N 1466 -49.83 -16.92 51.11
CA MET N 1466 -49.88 -15.85 50.11
C MET N 1466 -51.32 -15.50 49.72
N LEU N 1467 -52.28 -16.37 50.03
CA LEU N 1467 -53.71 -16.10 49.93
C LEU N 1467 -54.29 -15.49 51.21
N ASN N 1468 -53.49 -15.27 52.26
CA ASN N 1468 -53.86 -14.30 53.30
C ASN N 1468 -53.91 -12.93 52.63
N LYS O 323 98.64 53.90 11.01
CA LYS O 323 97.17 54.01 11.28
C LYS O 323 96.43 54.52 10.02
N LYS O 324 95.25 53.96 9.77
CA LYS O 324 94.49 54.26 8.56
C LYS O 324 93.75 55.58 8.73
N PHE O 325 93.14 56.09 7.64
CA PHE O 325 92.28 57.26 7.76
C PHE O 325 91.06 57.31 6.84
N PHE O 326 91.14 56.68 5.66
CA PHE O 326 90.01 56.54 4.74
C PHE O 326 89.28 57.86 4.46
N SER O 327 90.03 58.86 3.98
CA SER O 327 89.46 60.19 3.89
C SER O 327 88.42 60.31 2.77
N LYS O 328 87.59 61.34 2.92
CA LYS O 328 86.49 61.65 2.01
C LYS O 328 86.95 61.73 0.55
N GLU O 329 87.94 62.61 0.31
CA GLU O 329 88.31 62.99 -1.05
C GLU O 329 88.82 61.80 -1.86
N SER O 330 89.42 60.81 -1.20
CA SER O 330 89.81 59.60 -1.89
C SER O 330 88.59 58.80 -2.35
N PHE O 331 87.56 58.75 -1.50
CA PHE O 331 86.41 57.89 -1.79
C PHE O 331 85.60 58.42 -2.96
N LEU O 332 85.33 59.74 -2.97
CA LEU O 332 84.62 60.34 -4.10
C LEU O 332 85.32 60.06 -5.41
N ALA O 333 86.65 60.11 -5.40
CA ALA O 333 87.43 59.90 -6.63
C ALA O 333 87.39 58.45 -7.09
N ASP O 334 87.43 57.50 -6.14
CA ASP O 334 87.53 56.09 -6.49
C ASP O 334 86.16 55.43 -6.73
N PHE O 335 85.06 56.07 -6.32
CA PHE O 335 83.74 55.46 -6.44
C PHE O 335 83.36 55.18 -7.90
N ASP O 336 83.63 56.13 -8.79
CA ASP O 336 83.20 56.03 -10.18
C ASP O 336 84.19 55.31 -11.09
N ASP O 337 85.49 55.54 -10.87
CA ASP O 337 86.51 55.03 -11.78
C ASP O 337 86.70 53.52 -11.69
N SER O 338 86.22 52.89 -10.61
CA SER O 338 86.44 51.47 -10.40
C SER O 338 85.78 50.62 -11.49
N SER O 339 86.44 49.53 -11.84
CA SER O 339 85.96 48.61 -12.87
C SER O 339 86.51 47.21 -12.65
N ASP O 468 54.87 20.89 -28.53
CA ASP O 468 55.80 21.41 -27.53
C ASP O 468 55.41 22.84 -27.15
N HIS O 469 55.04 23.04 -25.88
CA HIS O 469 54.61 24.36 -25.43
C HIS O 469 55.75 25.38 -25.42
N ASN O 470 57.00 24.92 -25.41
CA ASN O 470 58.12 25.85 -25.52
C ASN O 470 58.05 26.63 -26.83
N VAL O 471 57.62 25.96 -27.91
CA VAL O 471 57.45 26.63 -29.19
C VAL O 471 56.21 27.54 -29.15
N LEU O 472 55.10 27.01 -28.62
CA LEU O 472 53.83 27.73 -28.69
C LEU O 472 53.84 28.98 -27.82
N LEU O 473 54.53 28.94 -26.67
CA LEU O 473 54.62 30.12 -25.81
C LEU O 473 55.34 31.27 -26.53
N ASN O 474 56.49 30.97 -27.13
CA ASN O 474 57.22 31.99 -27.88
C ASN O 474 56.38 32.52 -29.03
N THR O 475 55.69 31.61 -29.74
CA THR O 475 54.81 31.99 -30.83
C THR O 475 53.74 32.98 -30.38
N LEU O 476 53.01 32.61 -29.31
CA LEU O 476 51.90 33.44 -28.87
C LEU O 476 52.38 34.75 -28.26
N ARG O 477 53.50 34.75 -27.53
CA ARG O 477 54.02 35.99 -26.98
C ARG O 477 54.41 36.96 -28.10
N LYS O 478 55.13 36.46 -29.12
CA LYS O 478 55.51 37.33 -30.23
C LYS O 478 54.29 37.83 -30.99
N ALA O 479 53.30 36.94 -31.22
CA ALA O 479 52.09 37.37 -31.90
C ALA O 479 51.32 38.41 -31.10
N SER O 480 51.26 38.23 -29.78
CA SER O 480 50.58 39.18 -28.92
C SER O 480 51.27 40.54 -28.96
N ARG O 481 52.61 40.54 -28.99
CA ARG O 481 53.34 41.80 -29.11
C ARG O 481 53.14 42.43 -30.48
N LYS O 482 53.00 41.62 -31.52
CA LYS O 482 52.92 42.11 -32.90
C LYS O 482 51.53 42.63 -33.24
N GLN O 483 50.49 41.91 -32.80
CA GLN O 483 49.11 42.25 -33.11
C GLN O 483 48.71 43.62 -32.55
N ASN O 842 28.69 50.65 -35.80
CA ASN O 842 30.08 50.19 -35.92
C ASN O 842 30.28 49.45 -37.26
N PRO O 843 31.31 49.82 -38.07
CA PRO O 843 31.45 49.17 -39.39
C PRO O 843 32.10 47.79 -39.35
N LYS O 844 33.00 47.56 -38.40
CA LYS O 844 33.76 46.31 -38.37
C LYS O 844 32.84 45.11 -38.14
N SER O 845 31.86 45.25 -37.26
CA SER O 845 30.91 44.19 -36.95
C SER O 845 29.76 44.09 -37.96
N SER O 846 29.82 44.83 -39.07
CA SER O 846 28.70 44.86 -40.01
C SER O 846 28.44 43.49 -40.62
N ALA O 847 29.48 42.68 -40.81
CA ALA O 847 29.30 41.36 -41.42
C ALA O 847 28.38 40.47 -40.59
N PHE O 848 28.50 40.57 -39.26
CA PHE O 848 27.63 39.83 -38.35
C PHE O 848 26.16 40.23 -38.55
N PHE O 849 25.90 41.53 -38.48
CA PHE O 849 24.53 42.03 -38.63
C PHE O 849 23.99 41.76 -40.03
N GLU O 850 24.86 41.76 -41.04
CA GLU O 850 24.45 41.39 -42.38
C GLU O 850 23.97 39.95 -42.42
N SER O 851 24.69 39.04 -41.76
CA SER O 851 24.23 37.66 -41.70
C SER O 851 22.89 37.55 -40.96
N MET O 852 22.67 38.42 -39.97
CA MET O 852 21.38 38.44 -39.30
C MET O 852 20.28 38.98 -40.21
N VAL O 853 20.59 40.02 -40.99
CA VAL O 853 19.58 40.69 -41.83
C VAL O 853 19.26 39.86 -43.08
N GLU O 854 20.17 38.99 -43.51
CA GLU O 854 19.90 38.14 -44.67
C GLU O 854 18.68 37.24 -44.45
N ASP O 855 18.37 36.91 -43.19
CA ASP O 855 17.15 36.18 -42.89
C ASP O 855 15.92 37.01 -43.25
N ILE O 856 16.02 38.34 -43.08
CA ILE O 856 14.94 39.23 -43.48
C ILE O 856 14.84 39.30 -45.00
N ILE O 857 15.99 39.30 -45.68
CA ILE O 857 16.03 39.56 -47.12
C ILE O 857 15.61 38.32 -47.90
N GLU O 858 16.22 37.17 -47.62
CA GLU O 858 16.15 36.00 -48.51
C GLU O 858 14.74 35.46 -48.70
N SER R 47 -21.36 11.74 102.00
CA SER R 47 -22.74 11.35 101.60
C SER R 47 -23.67 12.56 101.69
N SER R 48 -23.48 13.37 102.73
CA SER R 48 -24.32 14.55 102.91
C SER R 48 -24.07 15.58 101.81
N ASP R 49 -22.82 15.71 101.37
CA ASP R 49 -22.52 16.63 100.29
C ASP R 49 -23.22 16.22 99.00
N MET R 50 -23.27 14.91 98.71
CA MET R 50 -23.98 14.43 97.53
C MET R 50 -25.48 14.67 97.64
N GLU R 51 -26.04 14.47 98.84
CA GLU R 51 -27.46 14.75 99.07
C GLU R 51 -27.76 16.21 98.80
N TYR R 52 -26.92 17.11 99.33
CA TYR R 52 -27.06 18.53 99.06
C TYR R 52 -26.92 18.83 97.58
N TYR R 53 -26.01 18.14 96.89
CA TYR R 53 -25.78 18.39 95.48
C TYR R 53 -27.02 18.05 94.66
N TYR R 54 -27.58 16.86 94.87
CA TYR R 54 -28.79 16.50 94.12
C TYR R 54 -29.97 17.37 94.50
N LYS R 55 -30.07 17.80 95.76
CA LYS R 55 -31.20 18.60 96.19
C LYS R 55 -31.10 20.07 95.79
N SER R 56 -29.89 20.57 95.49
CA SER R 56 -29.66 21.99 95.27
C SER R 56 -29.07 22.35 93.92
N LEU R 57 -28.33 21.45 93.27
CA LEU R 57 -27.45 21.82 92.16
C LEU R 57 -27.61 21.02 90.88
N TYR R 58 -27.97 19.74 90.96
CA TYR R 58 -27.97 18.90 89.76
C TYR R 58 -29.09 19.37 88.81
N PRO R 59 -28.82 19.52 87.47
CA PRO R 59 -29.89 19.97 86.56
C PRO R 59 -30.78 18.83 86.03
N PHE R 60 -31.71 18.39 86.88
CA PHE R 60 -32.56 17.25 86.52
C PHE R 60 -33.49 17.57 85.37
N LYS R 61 -34.01 18.80 85.32
CA LYS R 61 -34.97 19.15 84.27
C LYS R 61 -34.33 19.11 82.89
N HIS R 62 -33.15 19.70 82.74
CA HIS R 62 -32.49 19.72 81.44
C HIS R 62 -32.05 18.32 81.03
N ILE R 63 -31.55 17.52 81.98
CA ILE R 63 -31.14 16.16 81.68
C ILE R 63 -32.35 15.31 81.28
N PHE R 64 -33.49 15.52 81.96
CA PHE R 64 -34.72 14.83 81.58
C PHE R 64 -35.15 15.21 80.18
N ASN R 65 -35.09 16.50 79.84
CA ASN R 65 -35.46 16.92 78.49
C ASN R 65 -34.52 16.32 77.44
N TRP R 66 -33.22 16.24 77.76
CA TRP R 66 -32.26 15.64 76.84
C TRP R 66 -32.57 14.16 76.62
N LEU R 67 -32.72 13.39 77.70
CA LEU R 67 -32.87 11.94 77.57
C LEU R 67 -34.27 11.54 77.12
N ASN R 68 -35.28 12.34 77.44
CA ASN R 68 -36.66 12.07 77.03
C ASN R 68 -36.97 12.60 75.64
N HIS R 69 -36.20 13.57 75.14
CA HIS R 69 -36.43 14.20 73.84
C HIS R 69 -37.81 14.85 73.75
N SER R 70 -38.37 15.27 74.89
CA SER R 70 -39.71 15.82 74.92
C SER R 70 -39.97 16.49 76.27
N PRO R 71 -40.65 17.64 76.34
CA PRO R 71 -41.04 18.16 77.66
C PRO R 71 -42.00 17.24 78.41
N LYS R 72 -42.94 16.57 77.69
CA LYS R 72 -43.88 15.63 78.27
C LYS R 72 -43.27 14.22 78.31
N PRO R 73 -43.64 13.35 79.26
CA PRO R 73 -42.99 12.03 79.35
C PRO R 73 -43.19 11.16 78.11
N SER R 74 -42.27 10.22 77.94
CA SER R 74 -42.28 9.30 76.80
C SER R 74 -41.50 8.04 77.16
N ARG R 75 -41.52 7.06 76.26
CA ARG R 75 -40.75 5.83 76.45
C ARG R 75 -39.24 6.10 76.51
N ASP R 76 -38.77 7.21 75.92
CA ASP R 76 -37.35 7.52 75.93
C ASP R 76 -36.80 7.77 77.32
N MET R 77 -37.66 8.06 78.30
CA MET R 77 -37.31 8.15 79.72
C MET R 77 -37.88 7.00 80.53
N ILE R 78 -39.11 6.58 80.24
CA ILE R 78 -39.77 5.54 81.02
C ILE R 78 -39.02 4.22 80.86
N ASN R 79 -38.56 3.93 79.64
CA ASN R 79 -37.87 2.68 79.32
C ASN R 79 -36.35 2.81 79.29
N ARG R 80 -35.80 3.95 79.70
CA ARG R 80 -34.35 4.13 79.70
C ARG R 80 -33.75 3.55 80.96
N GLU R 81 -32.70 2.75 80.81
CA GLU R 81 -32.00 2.19 81.96
C GLU R 81 -31.09 3.24 82.57
N PHE R 82 -31.10 3.31 83.90
CA PHE R 82 -30.16 4.09 84.69
C PHE R 82 -29.55 3.16 85.73
N ALA R 83 -28.27 3.37 86.03
CA ALA R 83 -27.56 2.61 87.05
C ALA R 83 -26.95 3.57 88.06
N MET R 84 -26.87 3.11 89.32
CA MET R 84 -26.44 3.93 90.45
C MET R 84 -25.30 3.23 91.20
N ALA R 85 -24.26 4.00 91.51
CA ALA R 85 -23.07 3.52 92.22
C ALA R 85 -23.00 4.20 93.59
N PHE R 86 -22.64 3.42 94.62
CA PHE R 86 -22.78 3.84 96.01
C PHE R 86 -21.45 3.69 96.75
N ARG R 87 -21.30 4.49 97.82
CA ARG R 87 -20.07 4.49 98.60
C ARG R 87 -19.83 3.18 99.34
N SER R 88 -20.87 2.36 99.53
CA SER R 88 -20.72 1.03 100.08
C SER R 88 -20.02 0.06 99.14
N GLY R 89 -19.80 0.42 97.88
CA GLY R 89 -19.34 -0.49 96.85
C GLY R 89 -20.43 -1.13 96.03
N ALA R 90 -21.70 -0.89 96.36
CA ALA R 90 -22.81 -1.48 95.65
C ALA R 90 -23.05 -0.79 94.31
N TYR R 91 -23.63 -1.53 93.37
CA TYR R 91 -23.98 -1.03 92.04
C TYR R 91 -25.29 -1.68 91.62
N LYS R 92 -26.26 -0.87 91.20
CA LYS R 92 -27.61 -1.32 90.91
C LYS R 92 -27.99 -0.92 89.49
N ARG R 93 -28.29 -1.91 88.65
CA ARG R 93 -28.69 -1.71 87.27
C ARG R 93 -30.22 -1.64 87.14
N TYR R 94 -30.68 -1.30 85.93
CA TYR R 94 -32.07 -1.46 85.50
C TYR R 94 -33.05 -0.56 86.26
N ASN R 95 -32.61 0.62 86.67
CA ASN R 95 -33.54 1.65 87.12
C ASN R 95 -34.08 2.43 85.93
N SER R 96 -35.32 2.90 86.05
CA SER R 96 -35.90 3.78 85.05
C SER R 96 -36.98 4.63 85.71
N PHE R 97 -37.30 5.76 85.09
CA PHE R 97 -38.02 6.85 85.74
C PHE R 97 -39.18 7.33 84.88
N ASN R 98 -40.33 7.57 85.54
CA ASN R 98 -41.56 7.92 84.86
C ASN R 98 -41.64 9.39 84.47
N SER R 99 -40.95 10.27 85.18
CA SER R 99 -41.09 11.71 84.99
C SER R 99 -39.86 12.38 85.58
N VAL R 100 -39.76 13.70 85.34
CA VAL R 100 -38.66 14.47 85.93
C VAL R 100 -38.78 14.45 87.45
N GLN R 101 -40.01 14.53 87.98
CA GLN R 101 -40.19 14.48 89.42
C GLN R 101 -39.76 13.12 89.96
N ASP R 102 -40.14 12.04 89.28
CA ASP R 102 -39.74 10.69 89.70
C ASP R 102 -38.23 10.51 89.60
N PHE R 103 -37.63 10.97 88.50
CA PHE R 103 -36.18 10.91 88.30
C PHE R 103 -35.44 11.63 89.42
N LYS R 104 -35.82 12.89 89.67
CA LYS R 104 -35.18 13.68 90.71
C LYS R 104 -35.39 13.06 92.08
N ALA R 105 -36.61 12.63 92.38
CA ALA R 105 -36.91 12.06 93.70
C ALA R 105 -36.14 10.77 93.95
N GLN R 106 -36.03 9.91 92.94
CA GLN R 106 -35.35 8.64 93.15
C GLN R 106 -33.84 8.83 93.28
N ILE R 107 -33.25 9.73 92.48
CA ILE R 107 -31.81 9.97 92.65
C ILE R 107 -31.54 10.63 93.99
N GLU R 108 -32.41 11.55 94.43
CA GLU R 108 -32.25 12.16 95.74
C GLU R 108 -32.39 11.14 96.85
N LYS R 109 -33.38 10.26 96.77
CA LYS R 109 -33.63 9.27 97.80
C LYS R 109 -32.51 8.26 97.89
N ALA R 110 -32.04 7.77 96.74
CA ALA R 110 -30.93 6.81 96.75
C ALA R 110 -29.63 7.47 97.16
N ASN R 111 -29.40 8.70 96.69
CA ASN R 111 -28.19 9.46 96.97
C ASN R 111 -26.90 8.68 96.62
N PRO R 112 -26.68 8.37 95.36
CA PRO R 112 -25.44 7.68 94.96
C PRO R 112 -24.27 8.64 94.83
N ASP R 113 -23.07 8.06 94.75
CA ASP R 113 -21.90 8.84 94.36
C ASP R 113 -22.06 9.35 92.94
N ARG R 114 -22.57 8.51 92.04
CA ARG R 114 -22.80 8.86 90.64
C ARG R 114 -23.91 7.98 90.12
N PHE R 115 -24.48 8.36 88.98
CA PHE R 115 -25.38 7.49 88.24
C PHE R 115 -25.03 7.53 86.76
N GLU R 116 -25.39 6.43 86.08
CA GLU R 116 -24.93 6.14 84.72
C GLU R 116 -26.14 5.90 83.82
N ILE R 117 -25.98 6.26 82.54
CA ILE R 117 -27.08 6.28 81.56
C ILE R 117 -26.89 5.12 80.59
N GLY R 118 -27.97 4.37 80.35
CA GLY R 118 -27.98 3.26 79.41
C GLY R 118 -28.99 3.41 78.29
N ALA R 119 -29.38 2.29 77.68
CA ALA R 119 -30.21 2.29 76.47
C ALA R 119 -31.69 2.48 76.80
N ILE R 120 -32.44 2.91 75.79
CA ILE R 120 -33.90 2.88 75.83
C ILE R 120 -34.35 1.47 75.45
N TYR R 121 -35.29 0.92 76.22
CA TYR R 121 -35.72 -0.47 76.08
C TYR R 121 -37.16 -0.55 75.55
N ASN R 122 -37.54 -1.77 75.18
CA ASN R 122 -38.90 -2.03 74.71
C ASN R 122 -39.92 -1.95 75.84
N LYS R 123 -39.51 -2.26 77.06
CA LYS R 123 -40.37 -2.23 78.25
C LYS R 123 -39.59 -1.58 79.38
N PRO R 124 -40.28 -1.11 80.43
CA PRO R 124 -39.57 -0.38 81.50
C PRO R 124 -38.55 -1.27 82.21
N PRO R 125 -37.27 -0.86 82.29
CA PRO R 125 -36.30 -1.67 83.06
C PRO R 125 -36.65 -1.86 84.52
N ARG R 126 -37.36 -0.92 85.15
CA ARG R 126 -37.75 -1.11 86.54
C ARG R 126 -38.73 -2.26 86.74
N GLU R 127 -39.40 -2.72 85.67
CA GLU R 127 -40.31 -3.84 85.70
C GLU R 127 -39.65 -5.16 85.26
N ARG R 128 -38.32 -5.26 85.37
CA ARG R 128 -37.63 -6.46 84.90
C ARG R 128 -38.04 -7.70 85.69
N ASP R 129 -38.48 -7.53 86.93
CA ASP R 129 -38.94 -8.67 87.73
C ASP R 129 -40.18 -9.34 87.14
N THR R 130 -40.93 -8.64 86.28
CA THR R 130 -42.09 -9.19 85.60
C THR R 130 -41.75 -9.85 84.27
N LEU R 131 -40.47 -9.89 83.88
CA LEU R 131 -40.04 -10.29 82.55
C LEU R 131 -38.99 -11.39 82.65
N LEU R 132 -38.95 -12.24 81.63
CA LEU R 132 -37.76 -13.06 81.40
C LEU R 132 -36.64 -12.19 80.85
N LYS R 133 -35.41 -12.65 81.05
CA LYS R 133 -34.24 -11.86 80.62
C LYS R 133 -34.23 -11.64 79.12
N SER R 134 -34.78 -12.58 78.34
CA SER R 134 -34.84 -12.45 76.90
C SER R 134 -35.95 -11.52 76.41
N GLU R 135 -36.86 -11.10 77.29
CA GLU R 135 -37.99 -10.26 76.90
C GLU R 135 -37.72 -8.76 77.01
N LEU R 136 -36.68 -8.36 77.73
CA LEU R 136 -36.29 -6.96 77.87
C LEU R 136 -35.18 -6.67 76.86
N LYS R 137 -35.48 -5.81 75.89
CA LYS R 137 -34.62 -5.58 74.72
C LYS R 137 -34.42 -4.09 74.48
N ALA R 138 -33.23 -3.72 74.01
CA ALA R 138 -32.89 -2.33 73.73
C ALA R 138 -33.42 -1.90 72.37
N LEU R 139 -33.75 -0.60 72.26
CA LEU R 139 -34.23 0.03 71.04
C LEU R 139 -33.33 1.16 70.55
N GLU R 140 -32.84 2.01 71.46
CA GLU R 140 -32.02 3.16 71.10
C GLU R 140 -31.02 3.45 72.23
N LYS R 141 -29.88 4.02 71.84
CA LYS R 141 -29.05 4.77 72.77
C LYS R 141 -28.20 5.75 71.98
N GLU R 142 -27.97 6.91 72.59
CA GLU R 142 -27.07 7.94 72.08
C GLU R 142 -25.71 7.32 71.76
N LEU R 143 -25.20 7.65 70.57
CA LEU R 143 -23.86 7.21 70.17
C LEU R 143 -22.83 7.99 70.97
N VAL R 144 -22.03 7.28 71.79
CA VAL R 144 -21.12 7.90 72.74
C VAL R 144 -19.68 7.49 72.41
N PHE R 145 -18.78 8.47 72.45
CA PHE R 145 -17.35 8.30 72.29
C PHE R 145 -16.64 8.76 73.57
N ASP R 146 -15.56 8.06 73.93
CA ASP R 146 -14.82 8.32 75.16
C ASP R 146 -13.33 8.45 74.84
N ILE R 147 -12.74 9.57 75.26
CA ILE R 147 -11.32 9.87 75.07
C ILE R 147 -10.70 10.01 76.46
N ASP R 148 -9.53 9.40 76.64
CA ASP R 148 -8.78 9.48 77.89
C ASP R 148 -7.38 10.05 77.63
N MET R 149 -6.92 10.89 78.56
CA MET R 149 -5.58 11.45 78.48
C MET R 149 -4.50 10.40 78.64
N ASP R 150 -4.78 9.32 79.38
CA ASP R 150 -3.77 8.30 79.64
C ASP R 150 -3.29 7.60 78.37
N ASP R 151 -4.11 7.62 77.31
CA ASP R 151 -3.73 6.99 76.05
C ASP R 151 -2.64 7.74 75.31
N TYR R 152 -2.32 8.98 75.69
CA TYR R 152 -1.29 9.79 75.05
C TYR R 152 0.03 9.78 75.82
N ASP R 153 0.18 8.92 76.83
CA ASP R 153 1.42 8.85 77.60
C ASP R 153 2.59 8.28 76.79
N ALA R 154 2.33 7.70 75.61
CA ALA R 154 3.41 7.35 74.71
C ALA R 154 4.21 8.58 74.26
N PHE R 155 3.60 9.77 74.30
CA PHE R 155 4.22 11.00 73.84
C PHE R 155 4.05 12.18 74.78
N ARG R 156 3.18 12.10 75.79
CA ARG R 156 3.06 13.14 76.80
C ARG R 156 4.23 13.06 77.78
N THR R 157 4.66 14.24 78.26
CA THR R 157 5.78 14.38 79.19
C THR R 157 5.46 15.20 80.43
N CYS R 158 4.67 16.27 80.29
CA CYS R 158 4.42 17.16 81.42
C CYS R 158 3.64 16.47 82.54
N CYS R 159 2.83 15.47 82.20
CA CYS R 159 2.09 14.69 83.18
C CYS R 159 2.02 13.25 82.70
N SER R 160 1.66 12.35 83.62
CA SER R 160 1.50 10.94 83.29
C SER R 160 0.39 10.36 84.16
N GLY R 161 -0.23 9.30 83.65
CA GLY R 161 -1.35 8.70 84.36
C GLY R 161 -2.56 9.62 84.38
N ALA R 162 -3.36 9.48 85.45
CA ALA R 162 -4.61 10.23 85.59
C ALA R 162 -4.40 11.71 85.93
N GLN R 163 -3.16 12.16 86.11
CA GLN R 163 -2.89 13.58 86.30
C GLN R 163 -3.03 14.31 84.96
N VAL R 164 -3.38 15.60 85.04
CA VAL R 164 -3.66 16.41 83.85
C VAL R 164 -3.23 17.85 84.08
N CYS R 165 -3.11 18.60 82.98
CA CYS R 165 -2.83 20.02 83.00
C CYS R 165 -3.18 20.60 81.63
N SER R 166 -3.22 21.93 81.56
CA SER R 166 -3.59 22.61 80.33
C SER R 166 -2.58 22.39 79.21
N LYS R 167 -1.33 22.07 79.53
CA LYS R 167 -0.33 21.82 78.50
C LYS R 167 -0.69 20.60 77.66
N CYS R 168 -1.08 19.50 78.31
CA CYS R 168 -1.39 18.26 77.60
C CYS R 168 -2.83 18.18 77.11
N TRP R 169 -3.76 18.98 77.66
CA TRP R 169 -5.15 18.91 77.23
C TRP R 169 -5.33 19.34 75.76
N LYS R 170 -4.32 19.95 75.16
CA LYS R 170 -4.34 20.22 73.73
C LYS R 170 -4.49 18.94 72.91
N PHE R 171 -4.02 17.80 73.45
CA PHE R 171 -4.33 16.50 72.84
C PHE R 171 -5.84 16.30 72.76
N ILE R 172 -6.54 16.54 73.87
CA ILE R 172 -7.99 16.31 73.90
C ILE R 172 -8.69 17.34 73.03
N SER R 173 -8.22 18.59 73.05
CA SER R 173 -8.86 19.63 72.25
C SER R 173 -8.77 19.31 70.76
N LEU R 174 -7.60 18.88 70.29
CA LEU R 174 -7.47 18.51 68.90
C LEU R 174 -8.28 17.27 68.57
N ALA R 175 -8.32 16.31 69.50
CA ALA R 175 -9.12 15.12 69.28
C ALA R 175 -10.60 15.46 69.15
N MET R 176 -11.07 16.37 70.00
CA MET R 176 -12.44 16.86 69.90
C MET R 176 -12.67 17.57 68.57
N LYS R 177 -11.69 18.37 68.13
CA LYS R 177 -11.87 19.10 66.87
C LYS R 177 -11.97 18.15 65.68
N ILE R 178 -11.07 17.16 65.61
CA ILE R 178 -11.12 16.19 64.52
C ILE R 178 -12.41 15.39 64.57
N THR R 179 -12.81 14.96 65.78
CA THR R 179 -14.05 14.20 65.92
C THR R 179 -15.25 15.03 65.51
N ASN R 180 -15.31 16.30 65.92
CA ASN R 180 -16.42 17.16 65.54
C ASN R 180 -16.48 17.37 64.03
N THR R 181 -15.31 17.53 63.41
CA THR R 181 -15.28 17.64 61.95
C THR R 181 -15.83 16.37 61.30
N ALA R 182 -15.46 15.20 61.84
CA ALA R 182 -15.99 13.95 61.28
C ALA R 182 -17.50 13.86 61.49
N LEU R 183 -17.98 14.17 62.70
CA LEU R 183 -19.40 14.04 63.01
C LEU R 183 -20.24 14.97 62.16
N ARG R 184 -19.74 16.17 61.87
CA ARG R 184 -20.51 17.14 61.11
C ARG R 184 -20.38 16.92 59.60
N GLU R 185 -19.14 16.78 59.10
CA GLU R 185 -18.92 16.71 57.66
C GLU R 185 -19.19 15.32 57.10
N ASP R 186 -18.76 14.26 57.79
CA ASP R 186 -18.92 12.91 57.26
C ASP R 186 -20.30 12.36 57.56
N PHE R 187 -20.69 12.33 58.84
CA PHE R 187 -21.93 11.71 59.28
C PHE R 187 -23.12 12.67 59.30
N GLY R 188 -22.89 13.97 59.18
CA GLY R 188 -24.00 14.90 59.13
C GLY R 188 -24.70 15.16 60.46
N TYR R 189 -24.08 14.79 61.57
CA TYR R 189 -24.70 14.99 62.89
C TYR R 189 -24.65 16.46 63.29
N LYS R 190 -25.63 16.86 64.12
CA LYS R 190 -25.65 18.19 64.74
C LYS R 190 -25.97 18.17 66.23
N ASP R 191 -26.71 17.17 66.69
CA ASP R 191 -27.24 17.13 68.06
C ASP R 191 -26.32 16.33 68.96
N PHE R 192 -25.14 16.90 69.24
CA PHE R 192 -24.15 16.26 70.10
C PHE R 192 -23.49 17.28 71.00
N ILE R 193 -22.92 16.79 72.11
CA ILE R 193 -22.29 17.64 73.12
C ILE R 193 -21.17 16.85 73.79
N TRP R 194 -20.10 17.57 74.16
CA TRP R 194 -18.95 16.98 74.87
C TRP R 194 -19.07 17.22 76.37
N VAL R 195 -18.60 16.24 77.16
CA VAL R 195 -18.71 16.28 78.62
C VAL R 195 -17.39 15.85 79.24
N PHE R 196 -16.91 16.64 80.20
CA PHE R 196 -15.69 16.33 80.95
C PHE R 196 -15.93 15.14 81.88
N SER R 197 -15.00 14.18 81.87
CA SER R 197 -15.14 12.98 82.69
C SER R 197 -14.89 13.24 84.17
N GLY R 198 -14.40 14.42 84.54
CA GLY R 198 -14.15 14.79 85.91
C GLY R 198 -12.71 14.71 86.34
N ARG R 199 -11.89 13.86 85.70
CA ARG R 199 -10.46 13.82 86.01
C ARG R 199 -9.53 13.81 84.81
N ARG R 200 -9.81 12.97 83.78
CA ARG R 200 -8.79 12.65 82.79
C ARG R 200 -9.29 12.45 81.37
N GLY R 201 -10.55 12.76 81.06
CA GLY R 201 -11.05 12.47 79.73
C GLY R 201 -12.27 13.30 79.36
N ALA R 202 -12.76 13.07 78.15
CA ALA R 202 -13.90 13.78 77.59
C ALA R 202 -14.83 12.79 76.89
N HIS R 203 -16.14 12.98 77.09
CA HIS R 203 -17.17 12.13 76.54
C HIS R 203 -18.05 12.94 75.59
N CYS R 204 -18.23 12.45 74.36
CA CYS R 204 -19.12 13.05 73.37
C CYS R 204 -20.39 12.24 73.30
N TRP R 205 -21.53 12.88 73.58
CA TRP R 205 -22.85 12.24 73.56
C TRP R 205 -23.59 12.70 72.32
N VAL R 206 -23.69 11.84 71.31
CA VAL R 206 -24.41 12.15 70.07
C VAL R 206 -25.85 11.68 70.22
N SER R 207 -26.80 12.60 70.04
CA SER R 207 -28.21 12.37 70.28
C SER R 207 -29.09 12.57 69.06
N ASP R 208 -28.51 12.63 67.86
CA ASP R 208 -29.31 12.68 66.64
C ASP R 208 -30.11 11.39 66.50
N LYS R 209 -31.32 11.51 65.94
CA LYS R 209 -32.23 10.36 65.87
C LYS R 209 -31.63 9.21 65.08
N ARG R 210 -30.98 9.51 63.95
CA ARG R 210 -30.32 8.45 63.19
C ARG R 210 -29.14 7.88 63.95
N ALA R 211 -28.47 8.70 64.77
CA ALA R 211 -27.36 8.21 65.58
C ALA R 211 -27.86 7.37 66.75
N ARG R 212 -28.97 7.78 67.38
CA ARG R 212 -29.52 7.01 68.48
C ARG R 212 -29.98 5.62 68.04
N ALA R 213 -30.38 5.47 66.78
CA ALA R 213 -30.97 4.25 66.27
C ALA R 213 -29.94 3.23 65.75
N LEU R 214 -28.65 3.53 65.83
CA LEU R 214 -27.64 2.62 65.30
C LEU R 214 -27.62 1.31 66.09
N THR R 215 -27.51 0.20 65.36
CA THR R 215 -27.36 -1.12 65.96
C THR R 215 -25.93 -1.31 66.46
N ASP R 216 -25.70 -2.42 67.17
CA ASP R 216 -24.36 -2.71 67.68
C ASP R 216 -23.36 -2.90 66.54
N VAL R 217 -23.76 -3.60 65.49
CA VAL R 217 -22.90 -3.78 64.32
C VAL R 217 -22.59 -2.42 63.70
N GLN R 218 -23.62 -1.58 63.55
CA GLN R 218 -23.42 -0.26 62.98
C GLN R 218 -22.54 0.61 63.86
N ARG R 219 -22.72 0.52 65.18
CA ARG R 219 -21.86 1.27 66.10
C ARG R 219 -20.41 0.83 65.98
N ARG R 220 -20.18 -0.48 65.90
CA ARG R 220 -18.82 -0.97 65.78
C ARG R 220 -18.17 -0.49 64.48
N ASN R 221 -18.94 -0.46 63.39
CA ASN R 221 -18.37 0.01 62.13
C ASN R 221 -18.15 1.52 62.10
N VAL R 222 -19.04 2.29 62.74
CA VAL R 222 -18.81 3.74 62.88
C VAL R 222 -17.54 3.99 63.68
N LEU R 223 -17.38 3.25 64.78
CA LEU R 223 -16.18 3.33 65.60
C LEU R 223 -14.94 2.99 64.80
N ASP R 224 -15.02 1.94 63.97
CA ASP R 224 -13.89 1.58 63.11
C ASP R 224 -13.58 2.69 62.12
N TYR R 225 -14.63 3.35 61.59
CA TYR R 225 -14.40 4.44 60.66
C TYR R 225 -13.62 5.58 61.30
N VAL R 226 -13.96 5.93 62.56
CA VAL R 226 -13.24 7.02 63.22
C VAL R 226 -11.99 6.56 63.98
N ASN R 227 -11.81 5.25 64.17
CA ASN R 227 -10.60 4.73 64.83
C ASN R 227 -9.52 4.52 63.79
N VAL R 228 -8.52 5.41 63.78
CA VAL R 228 -7.42 5.37 62.82
C VAL R 228 -6.20 4.68 63.42
N ILE R 229 -5.80 5.08 64.62
CA ILE R 229 -4.63 4.47 65.29
C ILE R 229 -5.18 3.25 66.03
N ARG R 230 -5.35 2.16 65.29
CA ARG R 230 -5.98 0.97 65.83
C ARG R 230 -5.04 0.12 66.68
N ASP R 231 -3.73 0.36 66.61
CA ASP R 231 -2.73 -0.26 67.47
C ASP R 231 -1.96 0.85 68.18
N ARG R 232 -1.93 0.78 69.52
CA ARG R 232 -1.26 1.79 70.33
C ARG R 232 0.24 1.54 70.47
N ASN R 233 0.75 0.38 70.11
CA ASN R 233 2.16 0.07 70.30
C ASN R 233 3.03 0.89 69.36
N THR R 234 4.20 1.28 69.84
CA THR R 234 5.05 2.27 69.17
C THR R 234 6.12 1.67 68.25
N ASP R 235 6.26 0.34 68.21
CA ASP R 235 7.37 -0.29 67.50
C ASP R 235 7.06 -0.62 66.04
N LYS R 236 6.12 0.11 65.42
CA LYS R 236 5.83 -0.09 64.00
C LYS R 236 5.32 1.21 63.38
N ARG R 237 5.47 1.31 62.07
CA ARG R 237 4.77 2.32 61.29
C ARG R 237 3.30 1.94 61.16
N LEU R 238 2.45 2.93 60.96
CA LEU R 238 1.01 2.70 60.90
C LEU R 238 0.64 1.82 59.70
N ALA R 239 -0.48 1.12 59.84
CA ALA R 239 -0.98 0.18 58.84
C ALA R 239 -1.77 0.86 57.72
N LEU R 240 -1.87 2.18 57.72
CA LEU R 240 -2.78 2.88 56.81
C LEU R 240 -2.34 2.71 55.35
N LYS R 241 -3.31 2.47 54.48
CA LYS R 241 -3.07 2.36 53.05
C LYS R 241 -2.83 3.74 52.44
N ARG R 242 -2.18 3.75 51.27
CA ARG R 242 -1.92 4.95 50.49
C ARG R 242 -2.44 4.79 49.07
N PRO R 243 -3.01 5.84 48.44
CA PRO R 243 -3.25 7.22 48.90
C PRO R 243 -4.32 7.32 49.99
N TYR R 244 -4.25 8.38 50.81
CA TYR R 244 -5.12 8.51 51.96
C TYR R 244 -6.59 8.59 51.57
N HIS R 245 -7.44 7.97 52.38
CA HIS R 245 -8.86 8.24 52.33
C HIS R 245 -9.09 9.70 52.73
N PRO R 246 -10.14 10.38 52.21
CA PRO R 246 -10.30 11.83 52.49
C PRO R 246 -10.40 12.19 53.97
N HIS R 247 -11.00 11.33 54.79
CA HIS R 247 -11.02 11.51 56.24
C HIS R 247 -9.60 11.67 56.79
N LEU R 248 -8.71 10.75 56.40
CA LEU R 248 -7.32 10.80 56.87
C LEU R 248 -6.61 12.06 56.38
N ALA R 249 -6.80 12.41 55.10
CA ALA R 249 -6.12 13.57 54.54
C ALA R 249 -6.55 14.85 55.23
N ARG R 250 -7.87 15.02 55.44
CA ARG R 250 -8.36 16.21 56.12
C ARG R 250 -7.88 16.25 57.58
N SER R 251 -7.89 15.10 58.26
CA SER R 251 -7.42 15.07 59.64
C SER R 251 -5.95 15.46 59.73
N LEU R 252 -5.13 14.96 58.79
CA LEU R 252 -3.72 15.31 58.76
C LEU R 252 -3.54 16.81 58.53
N GLU R 253 -4.27 17.38 57.57
CA GLU R 253 -4.13 18.80 57.32
C GLU R 253 -4.62 19.65 58.49
N GLN R 254 -5.59 19.14 59.26
CA GLN R 254 -6.02 19.86 60.45
C GLN R 254 -5.00 19.75 61.59
N LEU R 255 -4.25 18.65 61.65
CA LEU R 255 -3.30 18.42 62.73
C LEU R 255 -1.88 18.94 62.43
N LYS R 256 -1.54 19.14 61.16
CA LYS R 256 -0.21 19.61 60.80
C LYS R 256 0.21 20.92 61.47
N PRO R 257 -0.61 21.97 61.53
CA PRO R 257 -0.14 23.22 62.16
C PRO R 257 0.20 23.10 63.63
N PHE R 258 -0.28 22.06 64.33
CA PHE R 258 -0.08 21.89 65.75
C PHE R 258 1.01 20.87 66.10
N PHE R 259 1.58 20.18 65.12
CA PHE R 259 2.57 19.15 65.42
C PHE R 259 3.83 19.75 66.00
N VAL R 260 4.34 20.84 65.40
CA VAL R 260 5.58 21.43 65.90
C VAL R 260 5.38 21.92 67.33
N SER R 261 4.38 22.79 67.53
CA SER R 261 4.18 23.45 68.81
C SER R 261 3.87 22.46 69.93
N ILE R 262 2.99 21.49 69.68
CA ILE R 262 2.66 20.52 70.72
C ILE R 262 3.80 19.51 70.85
N MET R 263 4.01 18.69 69.81
CA MET R 263 4.89 17.53 69.97
C MET R 263 6.36 17.93 70.08
N LEU R 264 6.87 18.72 69.12
CA LEU R 264 8.32 18.92 69.08
C LEU R 264 8.80 19.91 70.12
N GLU R 265 7.96 20.86 70.53
CA GLU R 265 8.34 21.93 71.45
C GLU R 265 7.68 21.80 72.83
N GLU R 266 6.36 21.66 72.91
CA GLU R 266 5.72 21.67 74.23
C GLU R 266 6.02 20.37 74.97
N GLN R 267 5.60 19.23 74.42
CA GLN R 267 5.83 17.96 75.07
C GLN R 267 7.29 17.53 74.95
N ASN R 268 7.84 17.59 73.73
CA ASN R 268 9.23 17.25 73.46
C ASN R 268 9.62 15.86 73.97
N PRO R 269 8.87 14.81 73.60
CA PRO R 269 9.15 13.48 74.20
C PRO R 269 10.39 12.82 73.64
N TRP R 270 10.87 13.21 72.46
CA TRP R 270 11.98 12.55 71.80
C TRP R 270 13.33 13.16 72.15
N GLU R 271 13.39 14.10 73.09
CA GLU R 271 14.68 14.58 73.56
C GLU R 271 15.48 13.46 74.21
N ASP R 272 14.80 12.58 74.95
CA ASP R 272 15.39 11.32 75.37
C ASP R 272 15.70 10.47 74.14
N ASP R 273 16.98 10.11 73.99
CA ASP R 273 17.40 9.35 72.81
C ASP R 273 16.78 7.97 72.78
N GLN R 274 16.70 7.30 73.93
CA GLN R 274 16.12 5.96 73.97
C GLN R 274 14.65 6.00 73.62
N HIS R 275 13.93 7.01 74.10
CA HIS R 275 12.51 7.13 73.73
C HIS R 275 12.37 7.40 72.24
N ALA R 276 13.25 8.21 71.65
CA ALA R 276 13.23 8.43 70.21
C ALA R 276 13.50 7.13 69.46
N ILE R 277 14.47 6.35 69.92
CA ILE R 277 14.81 5.08 69.28
C ILE R 277 13.66 4.09 69.41
N GLN R 278 12.86 4.20 70.48
CA GLN R 278 11.77 3.27 70.75
C GLN R 278 10.43 3.69 70.15
N THR R 279 10.24 4.98 69.81
CA THR R 279 8.95 5.49 69.35
C THR R 279 9.02 6.23 68.02
N LEU R 280 10.09 6.98 67.76
CA LEU R 280 10.20 7.79 66.56
C LEU R 280 10.80 7.01 65.39
N LEU R 281 11.91 6.30 65.62
CA LEU R 281 12.59 5.53 64.58
C LEU R 281 11.78 4.35 64.03
N PRO R 282 11.05 3.56 64.83
CA PRO R 282 10.30 2.44 64.23
C PRO R 282 9.21 2.87 63.25
N ALA R 283 8.80 4.14 63.27
CA ALA R 283 7.83 4.65 62.30
C ALA R 283 8.44 4.94 60.93
N LEU R 284 9.76 4.90 60.80
CA LEU R 284 10.43 5.20 59.54
C LEU R 284 10.54 3.95 58.67
N TYR R 285 10.71 4.16 57.36
CA TYR R 285 10.55 3.09 56.38
C TYR R 285 11.81 2.29 56.10
N ASP R 286 13.01 2.77 56.48
CA ASP R 286 14.27 2.22 56.02
C ASP R 286 15.19 1.87 57.17
N LYS R 287 15.87 0.72 57.05
CA LYS R 287 16.74 0.23 58.11
C LYS R 287 18.05 1.01 58.17
N GLN R 288 18.63 1.35 57.02
CA GLN R 288 19.88 2.11 57.03
C GLN R 288 19.67 3.49 57.64
N LEU R 289 18.55 4.13 57.32
CA LEU R 289 18.22 5.42 57.92
C LEU R 289 18.09 5.29 59.43
N ILE R 290 17.40 4.24 59.89
CA ILE R 290 17.20 4.04 61.33
C ILE R 290 18.53 3.82 62.03
N ASP R 291 19.39 2.98 61.44
CA ASP R 291 20.70 2.72 62.03
C ASP R 291 21.55 3.97 62.06
N SER R 292 21.53 4.76 60.98
CA SER R 292 22.31 5.98 60.94
C SER R 292 21.85 6.98 62.00
N LEU R 293 20.53 7.15 62.13
CA LEU R 293 20.00 8.05 63.15
C LEU R 293 20.33 7.57 64.55
N LYS R 294 20.21 6.26 64.80
CA LYS R 294 20.52 5.69 66.11
C LYS R 294 21.99 5.92 66.46
N LYS R 295 22.89 5.64 65.52
CA LYS R 295 24.32 5.83 65.76
C LYS R 295 24.65 7.31 65.97
N TYR R 296 24.06 8.19 65.16
CA TYR R 296 24.33 9.62 65.27
C TYR R 296 23.85 10.17 66.60
N TRP R 297 22.67 9.74 67.06
CA TRP R 297 22.15 10.23 68.32
C TRP R 297 22.85 9.61 69.53
N LEU R 298 23.34 8.37 69.41
CA LEU R 298 24.13 7.81 70.50
C LEU R 298 25.49 8.49 70.58
N ASP R 299 26.04 8.95 69.46
CA ASP R 299 27.24 9.77 69.49
C ASP R 299 26.96 11.22 69.90
N ASN R 300 25.75 11.70 69.66
CA ASN R 300 25.35 13.09 69.92
C ASN R 300 24.06 13.10 70.74
N PRO R 301 24.12 12.78 72.03
CA PRO R 301 22.89 12.53 72.79
C PRO R 301 22.15 13.80 73.21
N ARG R 302 20.92 13.57 73.67
CA ARG R 302 20.03 14.58 74.26
C ARG R 302 19.69 15.71 73.29
N ARG R 303 19.67 15.43 71.99
CA ARG R 303 19.14 16.38 71.03
C ARG R 303 17.61 16.40 71.09
N SER R 304 17.04 17.61 71.10
CA SER R 304 15.61 17.77 71.31
C SER R 304 14.79 17.12 70.19
N SER R 305 13.48 17.06 70.39
CA SER R 305 12.58 16.47 69.40
C SER R 305 12.62 17.24 68.09
N LYS R 306 12.68 18.58 68.17
CA LYS R 306 12.80 19.38 66.96
C LYS R 306 14.11 19.10 66.24
N GLU R 307 15.22 19.01 66.99
CA GLU R 307 16.51 18.72 66.40
C GLU R 307 16.53 17.33 65.76
N LYS R 308 15.96 16.33 66.44
CA LYS R 308 15.88 14.99 65.88
C LYS R 308 15.00 14.96 64.63
N TRP R 309 13.89 15.70 64.66
CA TRP R 309 12.99 15.80 63.52
C TRP R 309 13.71 16.38 62.31
N ASN R 310 14.62 17.33 62.53
CA ASN R 310 15.43 17.85 61.44
C ASN R 310 16.54 16.89 61.04
N ASP R 311 17.10 16.16 62.00
CA ASP R 311 18.15 15.18 61.71
C ASP R 311 17.65 14.11 60.77
N ILE R 312 16.38 13.73 60.91
CA ILE R 312 15.80 12.72 60.00
C ILE R 312 15.92 13.18 58.56
N ASP R 313 15.48 14.42 58.28
CA ASP R 313 15.57 14.94 56.92
C ASP R 313 17.01 15.06 56.45
N GLN R 314 17.89 15.58 57.30
CA GLN R 314 19.27 15.81 56.88
C GLN R 314 19.99 14.50 56.57
N ILE R 315 19.85 13.50 57.44
CA ILE R 315 20.51 12.23 57.23
C ILE R 315 19.90 11.49 56.04
N ALA R 316 18.57 11.58 55.86
CA ALA R 316 17.95 10.97 54.69
C ALA R 316 18.45 11.61 53.40
N THR R 317 18.59 12.94 53.39
CA THR R 317 19.13 13.63 52.22
C THR R 317 20.56 13.19 51.95
N SER R 318 21.35 12.98 53.01
CA SER R 318 22.72 12.53 52.83
C SER R 318 22.79 11.10 52.32
N LEU R 319 21.83 10.24 52.70
CA LEU R 319 21.92 8.82 52.37
C LEU R 319 21.38 8.51 50.97
N PHE R 320 20.27 9.12 50.57
CA PHE R 320 19.45 8.65 49.46
C PHE R 320 19.67 9.44 48.18
N LYS R 321 20.91 9.79 47.89
CA LYS R 321 21.23 10.49 46.64
C LYS R 321 21.06 9.55 45.45
N GLY R 322 20.91 10.16 44.26
CA GLY R 322 20.79 9.43 43.02
C GLY R 322 19.39 9.43 42.45
N PRO R 323 19.15 8.62 41.40
CA PRO R 323 17.83 8.64 40.73
C PRO R 323 16.65 8.30 41.62
N LYS R 324 16.84 7.49 42.66
CA LYS R 324 15.75 7.11 43.56
C LYS R 324 15.48 8.15 44.65
N GLN R 325 16.09 9.33 44.56
CA GLN R 325 15.99 10.31 45.65
C GLN R 325 14.56 10.82 45.83
N ASP R 326 13.83 11.04 44.74
CA ASP R 326 12.45 11.50 44.85
C ASP R 326 11.57 10.48 45.56
N SER R 327 11.71 9.20 45.21
CA SER R 327 10.93 8.16 45.86
C SER R 327 11.25 8.06 47.34
N HIS R 328 12.53 8.17 47.70
CA HIS R 328 12.91 8.11 49.11
C HIS R 328 12.38 9.33 49.87
N ILE R 329 12.40 10.51 49.24
CA ILE R 329 11.84 11.70 49.89
C ILE R 329 10.34 11.52 50.10
N ILE R 330 9.65 10.95 49.12
CA ILE R 330 8.21 10.72 49.27
C ILE R 330 7.94 9.75 50.41
N LYS R 331 8.72 8.67 50.49
CA LYS R 331 8.53 7.69 51.56
C LYS R 331 8.80 8.30 52.93
N LEU R 332 9.86 9.11 53.03
CA LEU R 332 10.16 9.81 54.28
C LEU R 332 9.03 10.74 54.68
N ARG R 333 8.48 11.47 53.71
CA ARG R 333 7.35 12.35 53.98
C ARG R 333 6.14 11.55 54.44
N GLU R 334 5.90 10.38 53.84
CA GLU R 334 4.81 9.53 54.28
C GLU R 334 4.99 9.12 55.74
N CYS R 335 6.22 8.75 56.11
CA CYS R 335 6.49 8.37 57.50
C CYS R 335 6.21 9.52 58.45
N LYS R 336 6.61 10.74 58.07
CA LYS R 336 6.36 11.88 58.95
C LYS R 336 4.87 12.20 59.06
N GLU R 337 4.12 12.09 57.95
CA GLU R 337 2.68 12.29 58.00
C GLU R 337 2.01 11.25 58.92
N ASP R 338 2.41 9.99 58.76
CA ASP R 338 1.90 8.94 59.63
C ASP R 338 2.28 9.18 61.08
N LEU R 339 3.44 9.80 61.32
CA LEU R 339 3.83 10.15 62.69
C LEU R 339 2.93 11.23 63.27
N VAL R 340 2.55 12.23 62.46
CA VAL R 340 1.61 13.25 62.93
C VAL R 340 0.30 12.60 63.34
N LEU R 341 -0.22 11.69 62.52
CA LEU R 341 -1.45 10.99 62.88
C LEU R 341 -1.25 10.12 64.12
N MET R 342 -0.12 9.42 64.19
CA MET R 342 0.17 8.53 65.31
C MET R 342 0.24 9.29 66.63
N THR R 343 0.70 10.54 66.60
CA THR R 343 0.92 11.30 67.82
C THR R 343 -0.30 12.14 68.24
N LEU R 344 -1.04 12.71 67.28
CA LEU R 344 -2.09 13.69 67.60
C LEU R 344 -3.51 13.25 67.26
N TYR R 345 -3.71 12.16 66.51
CA TYR R 345 -5.07 11.80 66.14
C TYR R 345 -5.86 11.36 67.38
N PRO R 346 -7.19 11.52 67.40
CA PRO R 346 -7.99 11.03 68.53
C PRO R 346 -7.76 9.56 68.90
N LYS R 347 -7.62 9.32 70.20
CA LYS R 347 -7.54 7.99 70.78
C LYS R 347 -8.81 7.73 71.58
N LEU R 348 -9.40 6.55 71.41
CA LEU R 348 -10.76 6.25 71.89
C LEU R 348 -10.80 4.95 72.67
N ASP R 349 -11.68 4.93 73.68
CA ASP R 349 -12.01 3.70 74.40
C ASP R 349 -13.14 3.01 73.64
N VAL R 350 -12.83 1.83 73.07
CA VAL R 350 -13.80 1.11 72.26
C VAL R 350 -14.94 0.53 73.08
N GLU R 351 -14.73 0.30 74.39
CA GLU R 351 -15.75 -0.35 75.20
C GLU R 351 -16.99 0.54 75.41
N VAL R 352 -16.83 1.86 75.32
CA VAL R 352 -17.97 2.75 75.51
C VAL R 352 -18.86 2.79 74.28
N THR R 353 -18.27 2.65 73.08
CA THR R 353 -19.00 2.83 71.82
C THR R 353 -19.53 1.52 71.23
N LYS R 354 -18.89 0.39 71.51
CA LYS R 354 -19.14 -0.82 70.73
C LYS R 354 -20.42 -1.55 71.11
N GLN R 355 -21.18 -1.09 72.11
CA GLN R 355 -22.44 -1.71 72.49
C GLN R 355 -23.48 -0.65 72.83
N THR R 356 -24.73 -0.91 72.41
CA THR R 356 -25.82 0.00 72.71
C THR R 356 -26.18 -0.02 74.19
N ILE R 357 -26.07 -1.20 74.83
CA ILE R 357 -26.55 -1.37 76.21
C ILE R 357 -25.56 -0.87 77.26
N HIS R 358 -24.44 -0.28 76.86
CA HIS R 358 -23.39 0.08 77.82
C HIS R 358 -23.83 1.27 78.69
N LEU R 359 -23.30 1.30 79.92
CA LEU R 359 -23.62 2.31 80.92
C LEU R 359 -22.41 3.20 81.17
N LEU R 360 -22.63 4.52 81.17
CA LEU R 360 -21.57 5.50 81.35
C LEU R 360 -22.03 6.61 82.29
N LYS R 361 -21.08 7.12 83.08
CA LYS R 361 -21.29 8.18 84.05
C LYS R 361 -21.98 9.39 83.44
N ALA R 362 -23.09 9.81 84.07
CA ALA R 362 -23.97 10.80 83.48
C ALA R 362 -23.34 12.20 83.55
N PRO R 363 -23.79 13.14 82.71
CA PRO R 363 -23.29 14.52 82.83
C PRO R 363 -23.71 15.14 84.16
N PHE R 364 -22.89 16.09 84.62
CA PHE R 364 -23.05 16.81 85.89
C PHE R 364 -22.93 15.89 87.11
N CYS R 365 -22.37 14.70 86.97
CA CYS R 365 -22.01 13.89 88.12
C CYS R 365 -20.80 14.49 88.83
N ILE R 366 -20.51 13.97 90.02
CA ILE R 366 -19.35 14.35 90.82
C ILE R 366 -18.32 13.24 90.71
N HIS R 367 -17.07 13.61 90.43
CA HIS R 367 -16.00 12.63 90.40
C HIS R 367 -15.61 12.28 91.84
N PRO R 368 -15.55 10.99 92.21
CA PRO R 368 -15.37 10.66 93.64
C PRO R 368 -14.01 11.04 94.21
N ALA R 369 -12.95 11.05 93.41
CA ALA R 369 -11.61 11.35 93.89
C ALA R 369 -11.28 12.84 93.82
N THR R 370 -11.53 13.48 92.67
CA THR R 370 -11.15 14.88 92.48
C THR R 370 -12.19 15.84 93.05
N GLY R 371 -13.45 15.43 93.13
CA GLY R 371 -14.52 16.33 93.50
C GLY R 371 -15.03 17.22 92.38
N ASN R 372 -14.48 17.10 91.18
CA ASN R 372 -14.92 17.92 90.06
C ASN R 372 -16.31 17.50 89.60
N VAL R 373 -17.04 18.48 89.05
CA VAL R 373 -18.29 18.19 88.34
C VAL R 373 -17.97 17.72 86.94
N CYS R 374 -18.72 16.73 86.46
CA CYS R 374 -18.60 16.23 85.09
C CYS R 374 -19.41 17.11 84.15
N VAL R 375 -18.91 18.34 83.96
CA VAL R 375 -19.63 19.38 83.22
C VAL R 375 -19.60 19.17 81.71
N PRO R 376 -20.54 19.76 80.95
CA PRO R 376 -20.34 19.88 79.51
C PRO R 376 -19.18 20.82 79.19
N ILE R 377 -18.56 20.62 78.02
CA ILE R 377 -17.35 21.34 77.63
C ILE R 377 -17.39 21.61 76.13
N ASP R 378 -16.38 22.37 75.67
CA ASP R 378 -16.10 22.54 74.24
C ASP R 378 -14.59 22.49 74.07
N GLU R 379 -14.14 22.68 72.82
CA GLU R 379 -12.73 22.49 72.47
C GLU R 379 -11.78 23.43 73.21
N SER R 380 -12.27 24.58 73.69
CA SER R 380 -11.43 25.53 74.43
C SER R 380 -11.29 25.18 75.91
N PHE R 381 -11.85 24.07 76.37
CA PHE R 381 -11.84 23.68 77.77
C PHE R 381 -10.45 23.23 78.23
N ALA R 382 -10.19 23.38 79.52
CA ALA R 382 -9.12 22.68 80.22
C ALA R 382 -9.63 22.20 81.57
N PRO R 383 -9.06 21.14 82.14
CA PRO R 383 -9.60 20.62 83.42
C PRO R 383 -9.53 21.60 84.58
N GLU R 384 -8.62 22.57 84.54
CA GLU R 384 -8.54 23.56 85.62
C GLU R 384 -9.77 24.46 85.67
N LYS R 385 -10.59 24.49 84.62
CA LYS R 385 -11.79 25.31 84.56
C LYS R 385 -13.03 24.62 85.14
N ALA R 386 -12.92 23.34 85.57
CA ALA R 386 -14.10 22.61 86.02
C ALA R 386 -14.50 23.06 87.43
N PRO R 387 -15.81 23.16 87.73
CA PRO R 387 -16.20 23.39 89.13
C PRO R 387 -16.01 22.16 90.00
N LYS R 388 -16.03 22.39 91.32
CA LYS R 388 -15.91 21.35 92.32
C LYS R 388 -17.10 21.41 93.29
N LEU R 389 -17.42 20.26 93.87
CA LEU R 389 -18.59 20.17 94.75
C LEU R 389 -18.45 21.06 95.98
N ILE R 390 -17.27 21.06 96.60
CA ILE R 390 -17.07 21.87 97.81
C ILE R 390 -17.17 23.35 97.47
N ASP R 391 -16.58 23.76 96.36
CA ASP R 391 -16.65 25.17 95.93
C ASP R 391 -18.09 25.57 95.62
N LEU R 392 -18.86 24.69 94.97
CA LEU R 392 -20.24 25.02 94.66
C LEU R 392 -21.09 25.08 95.93
N GLN R 393 -20.82 24.21 96.91
CA GLN R 393 -21.49 24.31 98.19
C GLN R 393 -21.20 25.64 98.87
N THR R 394 -19.93 26.07 98.82
CA THR R 394 -19.56 27.36 99.40
C THR R 394 -20.28 28.51 98.71
N GLU R 395 -20.31 28.47 97.37
CA GLU R 395 -20.96 29.53 96.61
C GLU R 395 -22.46 29.56 96.87
N MET R 396 -23.09 28.39 97.02
CA MET R 396 -24.52 28.34 97.32
C MET R 396 -24.80 28.83 98.73
N GLU R 397 -23.91 28.51 99.69
CA GLU R 397 -24.06 29.05 101.04
C GLU R 397 -23.96 30.57 101.04
N LYS R 398 -23.16 31.13 100.13
CA LYS R 398 -23.01 32.59 100.09
C LYS R 398 -24.16 33.27 99.35
N ASN R 399 -24.68 32.66 98.28
CA ASN R 399 -25.67 33.30 97.40
C ASN R 399 -27.05 32.67 97.45
N ASN R 400 -27.14 31.36 97.72
CA ASN R 400 -28.42 30.63 97.73
C ASN R 400 -29.13 30.74 96.38
N ASP R 401 -28.35 30.65 95.30
CA ASP R 401 -28.91 30.71 93.95
C ASP R 401 -27.92 30.04 93.00
N VAL R 402 -28.36 29.02 92.27
CA VAL R 402 -27.49 28.28 91.36
C VAL R 402 -27.00 29.19 90.25
N SER R 403 -27.84 30.13 89.79
CA SER R 403 -27.48 30.99 88.66
C SER R 403 -26.30 31.90 88.97
N LEU R 404 -25.95 32.09 90.25
CA LEU R 404 -24.80 32.88 90.66
C LEU R 404 -23.59 32.04 91.03
N THR R 405 -23.62 30.73 90.77
CA THR R 405 -22.48 29.84 90.97
C THR R 405 -21.67 29.71 89.69
N ALA R 406 -20.49 29.09 89.82
CA ALA R 406 -19.65 28.78 88.67
C ALA R 406 -20.22 27.69 87.79
N LEU R 407 -21.27 26.98 88.23
CA LEU R 407 -21.86 25.91 87.42
C LEU R 407 -22.82 26.42 86.36
N GLN R 408 -23.28 27.68 86.46
CA GLN R 408 -24.32 28.17 85.56
C GLN R 408 -23.90 28.32 84.10
N PRO R 409 -22.67 28.72 83.76
CA PRO R 409 -22.30 28.73 82.33
C PRO R 409 -22.41 27.36 81.67
N PHE R 410 -22.06 26.31 82.40
CA PHE R 410 -22.18 24.96 81.86
C PHE R 410 -23.64 24.56 81.73
N ILE R 411 -24.48 24.97 82.69
CA ILE R 411 -25.92 24.73 82.59
C ILE R 411 -26.49 25.49 81.40
N ASN R 412 -25.96 26.70 81.13
CA ASN R 412 -26.41 27.46 79.97
C ASN R 412 -26.06 26.73 78.67
N GLN R 413 -24.84 26.19 78.59
CA GLN R 413 -24.45 25.41 77.42
C GLN R 413 -25.39 24.22 77.24
N PHE R 414 -25.68 23.51 78.32
CA PHE R 414 -26.54 22.33 78.21
C PHE R 414 -27.98 22.73 77.85
N GLN R 415 -28.47 23.85 78.40
CA GLN R 415 -29.82 24.30 78.07
C GLN R 415 -29.92 24.70 76.59
N ALA R 416 -28.91 25.40 76.08
CA ALA R 416 -28.90 25.74 74.66
C ALA R 416 -28.88 24.48 73.80
N TYR R 417 -28.06 23.50 74.20
CA TYR R 417 -28.00 22.24 73.47
C TYR R 417 -29.34 21.51 73.49
N VAL R 418 -30.01 21.50 74.65
CA VAL R 418 -31.31 20.83 74.75
C VAL R 418 -32.35 21.56 73.91
N SER R 419 -32.32 22.89 73.90
CA SER R 419 -33.27 23.64 73.08
C SER R 419 -33.08 23.33 71.61
N SER R 420 -31.83 23.31 71.15
CA SER R 420 -31.55 22.97 69.76
C SER R 420 -31.98 21.53 69.44
N LEU R 421 -31.70 20.60 70.36
CA LEU R 421 -32.07 19.20 70.16
C LEU R 421 -33.58 19.05 70.06
N LEU R 422 -34.33 19.70 70.94
CA LEU R 422 -35.78 19.59 70.90
C LEU R 422 -36.36 20.21 69.64
N LYS R 423 -35.80 21.35 69.20
CA LYS R 423 -36.25 21.96 67.97
C LYS R 423 -36.00 21.05 66.77
N ASN R 424 -34.82 20.42 66.72
CA ASN R 424 -34.51 19.52 65.62
C ASN R 424 -35.37 18.26 65.67
N GLU R 425 -35.68 17.76 66.88
CA GLU R 425 -36.57 16.61 67.02
C GLU R 425 -37.96 16.93 66.47
N LEU R 426 -38.50 18.10 66.85
CA LEU R 426 -39.83 18.49 66.37
C LEU R 426 -39.83 18.69 64.86
N GLY R 427 -38.77 19.30 64.32
CA GLY R 427 -38.66 19.44 62.88
C GLY R 427 -38.60 18.10 62.17
N SER R 428 -37.88 17.15 62.74
CA SER R 428 -37.82 15.81 62.16
C SER R 428 -39.18 15.14 62.16
N VAL R 429 -39.94 15.32 63.24
CA VAL R 429 -41.29 14.74 63.29
C VAL R 429 -42.18 15.39 62.23
N LYS R 430 -42.07 16.71 62.05
CA LYS R 430 -42.86 17.37 61.01
C LYS R 430 -42.48 16.88 59.62
N ARG R 431 -41.19 16.71 59.36
CA ARG R 431 -40.77 16.21 58.05
C ARG R 431 -41.23 14.79 57.82
N GLU R 432 -41.18 13.94 58.87
CA GLU R 432 -41.67 12.57 58.74
C GLU R 432 -43.17 12.55 58.48
N ARG R 433 -43.93 13.42 59.14
CA ARG R 433 -45.37 13.45 58.92
C ARG R 433 -45.70 13.95 57.52
N GLU R 434 -44.95 14.94 57.02
CA GLU R 434 -45.18 15.42 55.67
C GLU R 434 -44.80 14.36 54.63
N ASP R 435 -43.71 13.61 54.87
CA ASP R 435 -43.35 12.53 53.97
C ASP R 435 -44.38 11.41 53.99
N ASP R 436 -44.92 11.09 55.17
CA ASP R 436 -45.98 10.08 55.26
C ASP R 436 -47.25 10.56 54.58
N ASP R 437 -47.54 11.86 54.68
CA ASP R 437 -48.65 12.45 53.93
C ASP R 437 -48.24 12.69 52.48
N ALA S 13 33.82 49.90 5.72
CA ALA S 13 33.24 48.65 5.20
C ALA S 13 34.23 47.93 4.28
N ASP S 14 33.88 46.70 3.89
CA ASP S 14 34.72 45.97 2.94
C ASP S 14 34.80 46.70 1.61
N PHE S 15 33.69 47.33 1.19
CA PHE S 15 33.69 48.06 -0.08
C PHE S 15 34.52 49.34 0.01
N SER S 16 34.49 50.04 1.14
CA SER S 16 35.37 51.19 1.30
C SER S 16 36.84 50.76 1.28
N LEU S 17 37.14 49.66 1.96
CA LEU S 17 38.47 49.07 1.95
C LEU S 17 38.93 48.77 0.52
N THR S 18 38.10 48.07 -0.26
CA THR S 18 38.51 47.74 -1.61
C THR S 18 38.52 48.97 -2.51
N VAL S 19 37.73 50.00 -2.19
CA VAL S 19 37.81 51.25 -2.94
C VAL S 19 39.18 51.89 -2.75
N LEU S 20 39.68 51.92 -1.51
CA LEU S 20 41.02 52.44 -1.30
C LEU S 20 42.06 51.56 -1.98
N ARG S 21 41.91 50.24 -1.89
CA ARG S 21 42.82 49.34 -2.59
C ARG S 21 42.82 49.60 -4.09
N ALA S 22 41.65 49.83 -4.67
CA ALA S 22 41.54 50.14 -6.10
C ALA S 22 42.15 51.50 -6.42
N ARG S 23 41.96 52.48 -5.54
CA ARG S 23 42.57 53.80 -5.70
C ARG S 23 44.08 53.66 -5.76
N ILE S 24 44.63 52.86 -4.85
CA ILE S 24 46.04 52.56 -4.82
C ILE S 24 46.48 51.85 -6.10
N ALA S 25 45.69 50.88 -6.56
CA ALA S 25 46.03 50.14 -7.78
C ALA S 25 46.10 51.07 -9.00
N LEU S 26 45.13 51.98 -9.10
CA LEU S 26 45.18 52.95 -10.18
C LEU S 26 46.39 53.85 -10.06
N LEU S 27 46.73 54.22 -8.84
CA LEU S 27 47.96 54.98 -8.62
C LEU S 27 49.18 54.13 -8.98
N ALA S 28 49.08 52.82 -8.82
CA ALA S 28 50.11 51.86 -9.20
C ALA S 28 50.22 51.68 -10.71
N THR S 29 49.38 52.36 -11.49
CA THR S 29 49.58 52.39 -12.95
C THR S 29 49.74 53.81 -13.51
N ALA S 30 49.15 54.82 -12.87
CA ALA S 30 49.34 56.22 -13.31
C ALA S 30 50.81 56.64 -13.30
N ILE S 31 51.57 56.02 -12.40
CA ILE S 31 53.02 56.07 -12.26
C ILE S 31 53.82 55.98 -13.56
N GLY S 32 53.37 55.19 -14.58
CA GLY S 32 54.14 55.03 -15.81
C GLY S 32 54.13 53.58 -16.30
N GLY S 33 55.11 53.25 -17.16
CA GLY S 33 55.26 51.91 -17.71
C GLY S 33 56.30 51.79 -18.84
N PRO S 34 56.82 50.58 -19.11
CA PRO S 34 57.79 50.41 -20.22
C PRO S 34 57.15 50.63 -21.58
N ASP S 35 58.01 50.63 -22.62
CA ASP S 35 57.65 51.10 -23.95
C ASP S 35 57.50 49.93 -24.94
N TYR S 36 56.30 49.80 -25.54
CA TYR S 36 56.03 48.74 -26.51
C TYR S 36 56.30 49.16 -27.96
N THR S 37 56.84 50.37 -28.21
CA THR S 37 57.49 50.57 -29.51
C THR S 37 58.84 49.89 -29.53
N SER S 38 59.43 49.67 -28.36
CA SER S 38 60.87 49.59 -28.21
C SER S 38 61.53 48.53 -29.07
N GLN S 39 60.88 47.38 -29.33
CA GLN S 39 61.50 46.24 -30.04
C GLN S 39 62.75 45.69 -29.31
N ILE S 40 62.95 46.13 -28.06
CA ILE S 40 64.05 45.77 -27.19
C ILE S 40 63.33 44.93 -26.16
N ASP S 41 63.67 43.65 -26.08
CA ASP S 41 62.74 42.64 -25.61
C ASP S 41 63.22 42.03 -24.29
N PRO S 42 62.97 42.69 -23.13
CA PRO S 42 62.26 43.96 -22.88
C PRO S 42 63.15 45.20 -22.76
N PRO S 43 62.58 46.40 -22.83
CA PRO S 43 63.31 47.59 -22.44
C PRO S 43 63.22 47.78 -20.94
N PRO S 44 63.82 48.83 -20.40
CA PRO S 44 63.41 49.32 -19.08
C PRO S 44 62.03 49.96 -19.13
N TYR S 45 61.56 50.33 -17.94
CA TYR S 45 60.33 51.07 -17.71
C TYR S 45 60.40 52.46 -18.36
N LYS S 46 59.27 53.17 -18.37
CA LYS S 46 59.18 54.53 -18.90
C LYS S 46 58.16 55.31 -18.06
N LEU S 47 58.32 56.64 -18.03
CA LEU S 47 57.83 57.47 -16.94
C LEU S 47 56.46 58.10 -17.21
N GLY S 48 55.61 58.13 -16.18
CA GLY S 48 54.30 58.76 -16.24
C GLY S 48 54.33 60.25 -15.93
N ASP S 49 53.14 60.80 -15.67
CA ASP S 49 52.95 62.18 -15.24
C ASP S 49 51.79 62.25 -14.25
N ASP S 50 51.70 63.39 -13.54
CA ASP S 50 51.15 63.53 -12.19
C ASP S 50 51.96 62.78 -11.14
N CYS S 51 53.07 62.12 -11.53
CA CYS S 51 53.73 61.14 -10.68
C CYS S 51 54.24 61.73 -9.39
N LEU S 52 54.60 63.02 -9.40
CA LEU S 52 54.87 63.71 -8.14
C LEU S 52 53.67 63.60 -7.21
N ALA S 53 52.48 63.95 -7.72
CA ALA S 53 51.26 63.84 -6.95
C ALA S 53 50.99 62.40 -6.53
N CYS S 54 51.33 61.45 -7.41
CA CYS S 54 51.12 60.03 -7.08
C CYS S 54 51.95 59.63 -5.87
N LEU S 55 53.25 59.94 -5.90
CA LEU S 55 54.12 59.60 -4.78
C LEU S 55 53.67 60.33 -3.52
N LYS S 56 53.36 61.62 -3.65
CA LYS S 56 52.99 62.41 -2.49
C LYS S 56 51.72 61.87 -1.84
N ASP S 57 50.72 61.51 -2.66
CA ASP S 57 49.50 60.98 -2.08
C ASP S 57 49.73 59.63 -1.43
N LEU S 58 50.60 58.80 -1.99
CA LEU S 58 50.94 57.55 -1.31
C LEU S 58 51.58 57.82 0.06
N LYS S 59 52.48 58.81 0.10
CA LYS S 59 53.07 59.24 1.36
C LYS S 59 51.98 59.69 2.35
N ARG S 60 50.99 60.42 1.83
CA ARG S 60 49.87 60.83 2.67
C ARG S 60 49.04 59.63 3.14
N TRP S 61 48.92 58.60 2.31
CA TRP S 61 48.14 57.44 2.73
C TRP S 61 48.80 56.75 3.89
N PHE S 62 50.12 56.69 3.88
CA PHE S 62 50.79 56.21 5.09
C PHE S 62 50.59 57.17 6.27
N LYS S 63 51.04 58.41 6.13
CA LYS S 63 51.18 59.28 7.31
C LYS S 63 49.84 59.83 7.78
N LEU S 64 49.05 60.39 6.87
CA LEU S 64 47.83 61.09 7.25
C LEU S 64 46.66 60.15 7.58
N VAL S 65 46.73 58.87 7.19
CA VAL S 65 45.61 57.94 7.37
C VAL S 65 46.02 56.73 8.20
N ASP S 66 46.98 55.94 7.71
CA ASP S 66 47.27 54.66 8.38
C ASP S 66 47.87 54.90 9.77
N ASP S 67 48.80 55.84 9.88
CA ASP S 67 49.35 56.19 11.18
C ASP S 67 48.27 56.76 12.10
N GLN S 68 47.42 57.64 11.57
CA GLN S 68 46.40 58.28 12.40
C GLN S 68 45.33 57.29 12.85
N GLN S 69 45.11 56.22 12.08
CA GLN S 69 44.18 55.16 12.42
C GLN S 69 44.87 53.90 12.94
N LYS S 70 46.21 53.82 12.86
CA LYS S 70 47.00 52.73 13.45
C LYS S 70 46.56 51.37 12.89
N ARG S 71 46.76 51.19 11.57
CA ARG S 71 46.14 50.09 10.83
C ARG S 71 47.14 49.06 10.30
N TRP S 72 48.10 49.48 9.48
CA TRP S 72 48.89 48.67 8.55
C TRP S 72 48.07 48.14 7.36
N ASP S 73 46.82 48.57 7.18
CA ASP S 73 46.03 48.19 6.01
C ASP S 73 46.64 48.76 4.73
N VAL S 74 47.11 50.00 4.79
CA VAL S 74 47.67 50.66 3.61
C VAL S 74 48.89 49.88 3.10
N ALA S 75 49.74 49.44 4.03
CA ALA S 75 50.87 48.59 3.67
C ALA S 75 50.40 47.29 3.03
N MET S 76 49.30 46.72 3.51
CA MET S 76 48.77 45.51 2.90
C MET S 76 48.34 45.78 1.46
N ALA S 77 47.74 46.94 1.21
CA ALA S 77 47.35 47.29 -0.16
C ALA S 77 48.58 47.41 -1.07
N VAL S 78 49.61 48.13 -0.62
CA VAL S 78 50.77 48.30 -1.50
C VAL S 78 51.48 46.96 -1.70
N ALA S 79 51.42 46.07 -0.72
CA ALA S 79 51.97 44.74 -0.90
C ALA S 79 51.15 43.92 -1.90
N GLU S 80 49.82 44.08 -1.86
CA GLU S 80 48.96 43.42 -2.84
C GLU S 80 49.36 43.82 -4.25
N TYR S 81 49.58 45.12 -4.47
CA TYR S 81 49.92 45.62 -5.80
C TYR S 81 51.43 45.73 -6.04
N ARG S 82 52.26 45.15 -5.14
CA ARG S 82 53.69 44.87 -5.39
C ARG S 82 54.46 46.11 -5.84
N ILE S 83 54.16 47.24 -5.20
CA ILE S 83 54.66 48.54 -5.68
C ILE S 83 56.18 48.61 -5.60
N LEU S 84 56.75 48.24 -4.44
CA LEU S 84 58.19 48.26 -4.21
C LEU S 84 58.92 47.52 -5.32
N THR S 85 58.62 46.23 -5.46
CA THR S 85 59.34 45.38 -6.39
C THR S 85 59.16 45.85 -7.83
N ASP S 86 57.98 46.37 -8.15
CA ASP S 86 57.63 46.63 -9.55
C ASP S 86 58.01 47.99 -10.07
N ASP S 87 57.96 49.06 -9.26
CA ASP S 87 58.19 50.41 -9.79
C ASP S 87 59.34 51.11 -9.11
N LEU S 88 59.36 51.08 -7.79
CA LEU S 88 60.32 51.88 -7.04
C LEU S 88 61.75 51.48 -7.35
N LEU S 89 62.02 50.17 -7.39
CA LEU S 89 63.38 49.74 -7.70
C LEU S 89 63.78 50.11 -9.13
N PRO S 90 62.99 49.84 -10.18
CA PRO S 90 63.47 50.27 -11.51
C PRO S 90 63.50 51.78 -11.71
N ILE S 91 62.62 52.55 -11.06
CA ILE S 91 62.72 54.01 -11.14
C ILE S 91 64.07 54.46 -10.61
N LEU S 92 64.43 53.95 -9.42
CA LEU S 92 65.70 54.33 -8.81
C LEU S 92 66.89 53.83 -9.60
N ILE S 93 66.84 52.57 -10.04
CA ILE S 93 68.00 51.99 -10.68
C ILE S 93 68.23 52.66 -12.03
N ASP S 94 67.15 53.03 -12.72
CA ASP S 94 67.32 53.77 -13.98
C ASP S 94 67.94 55.13 -13.73
N TRP S 95 67.46 55.87 -12.72
CA TRP S 95 68.08 57.14 -12.34
C TRP S 95 69.57 56.97 -12.09
N GLU S 96 69.91 55.98 -11.27
CA GLU S 96 71.31 55.71 -10.92
C GLU S 96 72.13 55.39 -12.17
N ASN S 97 71.63 54.48 -13.01
CA ASN S 97 72.45 54.03 -14.14
C ASN S 97 72.62 55.13 -15.18
N LYS S 98 71.56 55.92 -15.39
CA LYS S 98 71.67 57.09 -16.26
C LYS S 98 72.75 58.03 -15.77
N CYS S 99 72.66 58.42 -14.49
CA CYS S 99 73.64 59.36 -13.94
C CYS S 99 75.03 58.73 -13.89
N SER S 100 75.11 57.41 -13.73
CA SER S 100 76.41 56.75 -13.76
C SER S 100 77.06 56.91 -15.11
N LEU S 101 76.33 56.61 -16.20
CA LEU S 101 76.90 56.75 -17.54
C LEU S 101 77.32 58.20 -17.79
N ALA S 102 76.47 59.16 -17.39
CA ALA S 102 76.82 60.57 -17.53
C ALA S 102 78.12 60.89 -16.78
N ALA S 103 78.30 60.30 -15.59
CA ALA S 103 79.53 60.50 -14.84
C ALA S 103 80.72 59.80 -15.51
N LYS S 104 80.47 58.67 -16.18
CA LYS S 104 81.55 58.01 -16.94
C LYS S 104 82.09 58.97 -17.99
N LEU S 105 81.18 59.68 -18.67
CA LEU S 105 81.63 60.60 -19.72
C LEU S 105 82.47 61.74 -19.14
N ALA S 106 82.02 62.33 -18.04
CA ALA S 106 82.76 63.38 -17.31
C ALA S 106 83.24 64.52 -18.18
N ASN S 117 65.09 70.74 -15.68
CA ASN S 117 64.32 69.50 -15.66
C ASN S 117 65.10 68.32 -15.08
N LYS S 118 66.42 68.33 -15.24
CA LYS S 118 67.25 67.26 -14.67
C LYS S 118 67.05 67.18 -13.15
N ALA S 119 66.86 68.36 -12.54
CA ALA S 119 66.48 68.42 -11.13
C ALA S 119 65.20 67.63 -10.85
N TYR S 120 64.23 67.67 -11.77
CA TYR S 120 62.99 66.91 -11.57
C TYR S 120 63.28 65.41 -11.45
N TYR S 121 64.15 64.88 -12.33
CA TYR S 121 64.56 63.49 -12.21
C TYR S 121 65.11 63.23 -10.82
N ASP S 122 65.99 64.12 -10.36
CA ASP S 122 66.56 63.95 -9.02
C ASP S 122 65.48 63.99 -7.94
N LYS S 123 64.45 64.83 -8.11
CA LYS S 123 63.34 64.86 -7.15
C LYS S 123 62.68 63.50 -7.05
N ILE S 124 62.45 62.87 -8.20
CA ILE S 124 61.85 61.54 -8.18
C ILE S 124 62.76 60.55 -7.45
N ALA S 125 64.08 60.70 -7.62
CA ALA S 125 64.98 59.75 -6.94
C ALA S 125 64.83 59.83 -5.41
N LEU S 126 64.82 61.07 -4.88
CA LEU S 126 64.62 61.26 -3.43
C LEU S 126 63.32 60.61 -2.97
N ASN S 127 62.22 60.94 -3.65
CA ASN S 127 60.95 60.51 -3.09
C ASN S 127 60.71 59.03 -3.23
N CYS S 128 61.37 58.35 -4.17
CA CYS S 128 61.21 56.90 -4.20
C CYS S 128 61.91 56.25 -3.02
N LEU S 129 63.10 56.76 -2.71
CA LEU S 129 63.83 56.19 -1.58
C LEU S 129 63.05 56.32 -0.28
N GLN S 130 62.42 57.48 -0.06
CA GLN S 130 61.77 57.66 1.24
C GLN S 130 60.65 56.63 1.46
N LEU S 131 60.00 56.17 0.38
CA LEU S 131 59.03 55.10 0.53
C LEU S 131 59.71 53.77 0.84
N LEU S 132 60.90 53.54 0.26
CA LEU S 132 61.59 52.28 0.58
C LEU S 132 61.91 52.19 2.06
N VAL S 133 62.27 53.31 2.67
CA VAL S 133 62.52 53.30 4.10
C VAL S 133 61.23 52.99 4.84
N LEU S 134 60.13 53.56 4.37
CA LEU S 134 58.87 53.44 5.10
C LEU S 134 58.33 52.01 5.08
N MET S 135 58.34 51.35 3.92
CA MET S 135 57.73 50.02 3.83
C MET S 135 58.57 48.97 4.57
N THR S 136 59.90 49.07 4.51
CA THR S 136 60.78 48.11 5.18
C THR S 136 61.08 48.49 6.64
N TRP S 137 60.40 49.48 7.21
CA TRP S 137 60.67 49.87 8.58
C TRP S 137 60.31 48.70 9.52
N PRO S 138 61.08 48.45 10.59
CA PRO S 138 60.83 47.24 11.38
C PRO S 138 59.62 47.38 12.30
N LEU S 139 59.14 46.23 12.76
CA LEU S 139 57.79 46.09 13.31
C LEU S 139 57.80 45.89 14.81
N ILE S 140 56.90 46.59 15.50
CA ILE S 140 56.77 46.55 16.96
C ILE S 140 55.31 46.27 17.31
N VAL S 141 55.10 45.43 18.33
CA VAL S 141 53.76 45.05 18.79
C VAL S 141 53.72 45.16 20.31
N THR S 142 52.65 45.79 20.82
CA THR S 142 52.46 46.01 22.25
C THR S 142 50.99 45.80 22.58
N GLU S 143 50.66 45.94 23.87
CA GLU S 143 49.28 45.95 24.35
C GLU S 143 48.55 47.26 24.06
N GLN S 144 49.20 48.22 23.37
CA GLN S 144 48.61 49.48 22.95
C GLN S 144 48.49 49.58 21.44
N SER S 145 49.13 48.69 20.69
CA SER S 145 48.89 48.56 19.27
C SER S 145 47.42 48.22 19.03
N SER S 146 46.91 48.65 17.88
CA SER S 146 45.52 48.39 17.56
C SER S 146 45.30 46.91 17.27
N SER S 147 44.04 46.48 17.42
CA SER S 147 43.67 45.13 17.03
C SER S 147 43.92 44.89 15.54
N ASN S 148 43.82 45.95 14.73
CA ASN S 148 44.13 45.84 13.31
C ASN S 148 45.58 45.46 13.09
N GLN S 149 46.49 46.17 13.75
CA GLN S 149 47.92 45.88 13.63
C GLN S 149 48.25 44.49 14.16
N ILE S 150 47.64 44.13 15.30
CA ILE S 150 47.83 42.81 15.89
C ILE S 150 47.35 41.72 14.92
N THR S 151 46.26 41.99 14.20
CA THR S 151 45.77 41.06 13.20
C THR S 151 46.77 40.92 12.05
N LEU S 152 47.34 42.03 11.59
CA LEU S 152 48.16 42.04 10.38
C LEU S 152 49.63 41.74 10.62
N TYR S 153 50.08 41.58 11.87
CA TYR S 153 51.51 41.43 12.15
C TYR S 153 52.14 40.25 11.41
N GLY S 154 51.53 39.07 11.51
CA GLY S 154 52.15 37.87 10.96
C GLY S 154 52.31 37.87 9.45
N GLU S 155 51.42 38.57 8.74
CA GLU S 155 51.41 38.55 7.27
C GLU S 155 52.39 39.57 6.70
N LEU S 156 52.41 40.77 7.28
CA LEU S 156 53.33 41.79 6.81
C LEU S 156 54.79 41.38 7.06
N LYS S 157 55.02 40.52 8.05
CA LYS S 157 56.34 39.92 8.24
C LYS S 157 56.78 39.15 6.98
N LYS S 158 55.88 38.33 6.44
CA LYS S 158 56.17 37.59 5.21
C LYS S 158 56.55 38.56 4.08
N HIS S 159 55.75 39.62 3.94
CA HIS S 159 55.99 40.52 2.81
C HIS S 159 57.31 41.29 2.97
N GLN S 160 57.68 41.66 4.20
CA GLN S 160 58.97 42.33 4.40
C GLN S 160 60.15 41.38 4.14
N LEU S 161 59.97 40.08 4.43
CA LEU S 161 61.01 39.12 4.04
C LEU S 161 61.21 39.12 2.52
N VAL S 162 60.10 39.15 1.77
CA VAL S 162 60.20 39.25 0.31
C VAL S 162 60.98 40.50 -0.08
N TYR S 163 60.71 41.62 0.61
CA TYR S 163 61.41 42.87 0.31
C TYR S 163 62.92 42.74 0.46
N LYS S 164 63.37 42.13 1.57
CA LYS S 164 64.80 41.99 1.80
C LYS S 164 65.46 41.20 0.68
N LYS S 165 64.87 40.04 0.33
CA LYS S 165 65.41 39.22 -0.76
C LYS S 165 65.51 40.02 -2.06
N THR S 166 64.42 40.71 -2.42
CA THR S 166 64.39 41.43 -3.68
C THR S 166 65.45 42.51 -3.74
N ILE S 167 65.52 43.34 -2.70
CA ILE S 167 66.43 44.50 -2.73
C ILE S 167 67.86 44.02 -2.87
N LEU S 168 68.21 42.92 -2.17
CA LEU S 168 69.57 42.43 -2.32
C LEU S 168 69.81 41.80 -3.69
N SER S 169 68.75 41.40 -4.42
CA SER S 169 68.95 40.61 -5.63
C SER S 169 69.15 41.44 -6.91
N MET S 170 68.43 42.56 -7.08
CA MET S 170 68.32 43.23 -8.38
C MET S 170 69.67 43.71 -8.90
N GLU S 171 70.04 43.24 -10.11
CA GLU S 171 71.35 43.49 -10.73
C GLU S 171 72.50 43.19 -9.77
N SER S 172 72.34 42.17 -8.94
CA SER S 172 73.25 41.91 -7.82
C SER S 172 73.29 43.10 -6.86
N GLY S 173 72.12 43.66 -6.56
CA GLY S 173 71.98 44.62 -5.48
C GLY S 173 72.19 46.08 -5.82
N LYS S 174 72.09 46.46 -7.09
CA LYS S 174 72.58 47.78 -7.52
C LYS S 174 71.75 48.95 -6.99
N VAL S 175 70.56 48.73 -6.43
CA VAL S 175 69.85 49.88 -5.86
C VAL S 175 70.65 50.48 -4.72
N LEU S 176 71.44 49.67 -4.00
CA LEU S 176 72.22 50.20 -2.90
C LEU S 176 73.26 51.22 -3.33
N ARG S 177 73.66 51.23 -4.61
CA ARG S 177 74.53 52.31 -5.08
C ARG S 177 73.76 53.62 -5.23
N ALA S 178 72.46 53.56 -5.54
CA ALA S 178 71.66 54.78 -5.64
C ALA S 178 71.57 55.49 -4.30
N ALA S 179 71.30 54.72 -3.24
CA ALA S 179 71.15 55.30 -1.90
C ALA S 179 72.42 56.00 -1.43
N ILE S 180 73.61 55.48 -1.77
CA ILE S 180 74.83 56.14 -1.30
C ILE S 180 75.18 57.32 -2.21
N ARG S 181 74.80 57.27 -3.50
CA ARG S 181 75.04 58.43 -4.35
C ARG S 181 74.24 59.63 -3.84
N LEU S 182 73.03 59.36 -3.38
CA LEU S 182 72.27 60.42 -2.71
C LEU S 182 73.04 61.00 -1.54
N ALA S 183 73.69 60.15 -0.75
CA ALA S 183 74.49 60.68 0.36
C ALA S 183 75.64 61.51 -0.18
N LEU S 184 76.27 61.05 -1.27
CA LEU S 184 77.43 61.73 -1.80
C LEU S 184 77.12 63.14 -2.24
N ASP S 185 75.88 63.41 -2.64
CA ASP S 185 75.56 64.80 -2.94
C ASP S 185 75.70 65.69 -1.72
N VAL S 186 75.38 65.18 -0.52
CA VAL S 186 75.39 65.99 0.70
C VAL S 186 76.70 65.88 1.47
N ILE S 187 77.51 64.86 1.21
CA ILE S 187 78.92 64.92 1.63
C ILE S 187 79.59 66.13 0.99
N LYS S 188 79.13 66.52 -0.20
CA LYS S 188 79.92 67.24 -1.19
C LYS S 188 80.50 68.55 -0.67
N ILE S 189 79.64 69.42 -0.13
CA ILE S 189 79.99 70.81 0.13
C ILE S 189 79.92 71.09 1.63
N ASP S 190 80.61 72.16 2.03
CA ASP S 190 81.10 72.31 3.40
C ASP S 190 79.98 72.28 4.43
N ARG S 191 80.28 71.69 5.60
CA ARG S 191 79.31 71.60 6.71
C ARG S 191 78.74 72.96 7.04
N LEU S 192 79.59 73.98 6.97
CA LEU S 192 79.20 75.36 7.24
C LEU S 192 78.01 75.80 6.39
N SER S 193 77.82 75.18 5.21
CA SER S 193 76.68 75.46 4.35
C SER S 193 75.43 74.65 4.66
N ARG S 194 75.53 73.56 5.42
CA ARG S 194 74.53 72.47 5.33
C ARG S 194 73.32 72.70 6.23
N THR S 195 72.25 73.21 5.60
CA THR S 195 70.87 73.42 6.02
C THR S 195 70.26 72.21 6.75
N PRO S 196 69.27 72.40 7.66
CA PRO S 196 68.64 71.23 8.31
C PRO S 196 68.01 70.23 7.36
N ARG S 197 67.26 70.71 6.36
CA ARG S 197 66.72 69.81 5.34
C ARG S 197 67.84 69.00 4.70
N ASP S 198 68.97 69.66 4.47
CA ASP S 198 70.11 68.97 3.88
C ASP S 198 70.61 67.85 4.79
N ASN S 199 70.71 68.10 6.09
CA ASN S 199 71.23 67.06 6.98
C ASN S 199 70.30 65.85 7.07
N MET S 200 69.01 66.04 6.79
CA MET S 200 68.14 64.87 6.85
C MET S 200 68.49 63.81 5.82
N VAL S 201 69.04 64.18 4.67
CA VAL S 201 69.45 63.14 3.72
C VAL S 201 70.51 62.25 4.33
N LEU S 202 71.49 62.85 5.02
CA LEU S 202 72.55 62.04 5.58
C LEU S 202 72.05 61.19 6.73
N LYS S 203 70.96 61.61 7.42
CA LYS S 203 70.38 60.66 8.37
C LYS S 203 69.61 59.56 7.65
N LEU S 204 68.89 59.94 6.60
CA LEU S 204 67.99 59.03 5.92
C LEU S 204 68.73 57.86 5.30
N VAL S 205 69.84 58.13 4.63
CA VAL S 205 70.56 57.05 3.96
C VAL S 205 70.97 55.97 4.96
N LEU S 206 71.58 56.36 6.07
CA LEU S 206 71.99 55.34 7.04
C LEU S 206 70.79 54.65 7.67
N ASN S 207 69.69 55.40 7.84
CA ASN S 207 68.48 54.80 8.36
C ASN S 207 67.98 53.67 7.46
N PHE S 208 68.28 53.74 6.17
CA PHE S 208 67.89 52.67 5.26
C PHE S 208 68.64 51.36 5.58
N PHE S 209 69.99 51.40 5.60
CA PHE S 209 70.75 50.16 5.78
C PHE S 209 70.43 49.47 7.09
N ARG S 210 70.07 50.25 8.13
CA ARG S 210 69.66 49.59 9.36
C ARG S 210 68.51 48.61 9.13
N ASN S 211 67.51 49.02 8.34
CA ASN S 211 66.36 48.15 8.13
C ASN S 211 66.75 46.93 7.34
N VAL S 212 67.52 47.14 6.26
CA VAL S 212 67.87 46.01 5.41
C VAL S 212 68.62 44.95 6.19
N ILE S 213 69.42 45.34 7.18
CA ILE S 213 70.06 44.30 7.99
C ILE S 213 69.09 43.70 9.00
N ALA S 214 68.16 44.50 9.51
CA ALA S 214 67.32 44.10 10.65
C ALA S 214 66.18 43.14 10.30
N ILE S 215 65.75 43.09 9.03
CA ILE S 215 64.67 42.20 8.64
C ILE S 215 65.20 40.77 8.55
N GLU S 216 64.52 39.84 9.23
CA GLU S 216 64.99 38.48 9.40
C GLU S 216 63.78 37.60 9.63
N PRO S 217 63.96 36.26 9.66
CA PRO S 217 62.80 35.35 9.73
C PRO S 217 61.90 35.58 10.95
N GLY S 218 60.62 35.28 10.77
CA GLY S 218 59.61 35.68 11.72
C GLY S 218 59.71 34.96 13.04
N GLU S 219 58.99 35.51 14.02
CA GLU S 219 58.75 34.90 15.33
C GLU S 219 57.28 34.56 15.45
N PHE S 220 56.98 33.29 15.75
CA PHE S 220 55.60 32.84 15.81
C PHE S 220 54.93 33.35 17.10
N THR S 221 53.69 33.81 16.96
CA THR S 221 52.93 34.41 18.05
C THR S 221 51.46 34.01 17.92
N ILE S 222 50.82 33.68 19.04
CA ILE S 222 49.42 33.27 19.06
C ILE S 222 48.74 33.79 20.32
N ASN S 223 47.41 33.81 20.29
CA ASN S 223 46.60 34.16 21.44
C ASN S 223 46.49 32.96 22.37
N THR S 224 46.71 33.19 23.67
CA THR S 224 46.75 32.11 24.66
C THR S 224 45.34 31.77 25.13
N LYS S 225 44.49 31.36 24.18
CA LYS S 225 43.12 30.96 24.46
C LYS S 225 43.04 29.49 24.84
N LYS S 226 43.86 28.65 24.20
CA LYS S 226 43.81 27.21 24.37
C LYS S 226 45.22 26.64 24.15
N SER S 227 45.51 25.52 24.82
CA SER S 227 46.85 24.97 24.91
C SER S 227 47.20 23.99 23.79
N MET S 228 46.44 23.95 22.69
CA MET S 228 46.59 22.97 21.61
C MET S 228 46.66 21.53 22.14
N ASP S 237 56.80 27.38 10.80
CA ASP S 237 57.56 28.17 9.83
C ASP S 237 56.67 29.27 9.26
N THR S 238 57.29 30.38 8.83
CA THR S 238 56.55 31.49 8.21
C THR S 238 57.29 32.10 7.02
N LEU S 239 58.28 31.41 6.45
CA LEU S 239 58.88 31.88 5.20
C LEU S 239 57.91 31.58 4.05
N PRO S 240 57.54 32.55 3.20
CA PRO S 240 56.58 32.24 2.13
C PRO S 240 57.20 31.34 1.07
N PRO S 241 56.41 30.81 0.14
CA PRO S 241 56.96 29.85 -0.86
C PRO S 241 58.10 30.39 -1.71
N ASN S 242 58.18 31.72 -1.90
CA ASN S 242 59.20 32.33 -2.75
C ASN S 242 60.50 32.68 -2.00
N VAL S 243 60.65 32.33 -0.71
CA VAL S 243 61.79 32.75 0.11
C VAL S 243 62.48 31.52 0.72
N SER S 244 63.81 31.61 0.86
CA SER S 244 64.64 30.56 1.46
C SER S 244 65.73 31.17 2.35
N MET S 245 66.39 30.33 3.13
CA MET S 245 67.36 30.81 4.13
C MET S 245 68.56 31.49 3.48
N ASP S 246 69.10 30.89 2.41
CA ASP S 246 70.28 31.49 1.77
C ASP S 246 69.97 32.84 1.13
N ASP S 247 68.70 33.10 0.81
CA ASP S 247 68.32 34.46 0.40
C ASP S 247 68.50 35.43 1.56
N ILE S 248 68.18 34.98 2.78
CA ILE S 248 67.97 35.85 3.93
C ILE S 248 69.15 35.87 4.92
N SER S 249 70.12 34.98 4.76
CA SER S 249 71.19 34.85 5.74
C SER S 249 72.11 36.07 5.79
N LEU S 250 72.69 36.34 6.97
CA LEU S 250 73.66 37.42 7.11
C LEU S 250 74.84 37.25 6.15
N ASN S 251 75.19 36.00 5.81
CA ASN S 251 76.26 35.72 4.85
C ASN S 251 76.00 36.45 3.52
N THR S 252 74.74 36.36 3.06
CA THR S 252 74.35 36.98 1.80
C THR S 252 74.57 38.48 1.85
N VAL S 253 74.15 39.09 2.97
CA VAL S 253 74.18 40.53 3.11
C VAL S 253 75.61 41.02 3.02
N ILE S 254 76.57 40.25 3.56
CA ILE S 254 77.97 40.66 3.42
C ILE S 254 78.36 40.75 1.96
N SER S 255 78.08 39.67 1.21
CA SER S 255 78.51 39.66 -0.18
C SER S 255 77.89 40.84 -0.94
N SER S 256 76.59 41.05 -0.69
CA SER S 256 75.85 42.10 -1.38
C SER S 256 76.42 43.48 -1.09
N PHE S 257 76.69 43.80 0.18
CA PHE S 257 77.23 45.13 0.46
C PHE S 257 78.61 45.29 -0.15
N HIS S 258 79.44 44.24 -0.11
CA HIS S 258 80.82 44.42 -0.57
C HIS S 258 80.85 44.78 -2.05
N LYS S 259 80.11 44.03 -2.88
CA LYS S 259 80.16 44.32 -4.31
C LYS S 259 79.62 45.70 -4.63
N ASN S 260 78.55 46.11 -3.94
CA ASN S 260 77.89 47.39 -4.18
C ASN S 260 78.52 48.55 -3.39
N LYS S 261 79.71 48.37 -2.80
CA LYS S 261 80.56 49.47 -2.33
C LYS S 261 80.03 50.17 -1.07
N VAL S 262 79.46 49.42 -0.12
CA VAL S 262 78.93 50.05 1.09
C VAL S 262 80.02 50.21 2.14
N PHE S 263 80.84 49.17 2.37
CA PHE S 263 81.74 49.16 3.52
C PHE S 263 82.72 50.33 3.50
N GLY S 264 83.14 50.75 2.31
CA GLY S 264 83.94 51.96 2.20
C GLY S 264 83.21 53.18 2.73
N PHE S 265 81.90 53.27 2.48
CA PHE S 265 81.11 54.41 2.91
C PHE S 265 80.98 54.45 4.43
N LEU S 266 80.58 53.33 5.05
CA LEU S 266 80.48 53.30 6.51
C LEU S 266 81.84 53.56 7.15
N LEU S 267 82.93 53.06 6.56
CA LEU S 267 84.25 53.29 7.14
C LEU S 267 84.69 54.75 7.02
N THR S 268 84.56 55.36 5.83
CA THR S 268 85.02 56.72 5.69
C THR S 268 84.18 57.65 6.53
N LEU S 269 82.89 57.38 6.57
CA LEU S 269 81.99 58.25 7.27
C LEU S 269 82.19 58.18 8.77
N THR S 270 82.41 56.98 9.32
CA THR S 270 82.63 56.93 10.76
C THR S 270 83.98 57.52 11.13
N SER S 271 85.02 57.30 10.32
CA SER S 271 86.35 57.67 10.81
C SER S 271 86.62 59.17 10.80
N SER S 272 86.17 59.90 9.80
CA SER S 272 86.34 61.36 9.84
C SER S 272 85.21 62.05 10.63
N LEU S 273 84.40 61.27 11.37
CA LEU S 273 83.26 61.82 12.12
C LEU S 273 83.65 62.95 13.05
N SER S 274 84.83 62.92 13.67
CA SER S 274 85.16 63.96 14.64
C SER S 274 85.22 65.34 13.97
N LYS S 275 85.57 65.40 12.68
CA LYS S 275 85.77 66.68 12.00
C LYS S 275 84.48 67.21 11.37
N GLU S 276 83.63 67.67 12.27
CA GLU S 276 82.63 68.73 12.02
C GLU S 276 81.43 68.36 11.17
N PHE S 277 81.34 67.12 10.67
CA PHE S 277 80.03 66.56 10.38
C PHE S 277 79.26 66.73 11.68
N ASP S 278 78.03 67.26 11.65
CA ASP S 278 77.37 67.48 12.94
C ASP S 278 77.07 66.12 13.55
N GLN S 279 77.84 65.78 14.57
CA GLN S 279 77.80 64.47 15.24
C GLN S 279 76.38 64.06 15.62
N ASP S 280 75.54 65.04 15.95
CA ASP S 280 74.21 64.78 16.50
C ASP S 280 73.32 63.99 15.55
N PHE S 281 73.43 64.20 14.23
CA PHE S 281 72.49 63.58 13.30
C PHE S 281 72.85 62.16 12.89
N ILE S 282 74.10 61.75 13.06
CA ILE S 282 74.62 60.52 12.47
C ILE S 282 74.83 59.43 13.51
N ASN S 283 75.36 59.80 14.67
CA ASN S 283 76.07 58.82 15.48
C ASN S 283 75.19 57.87 16.30
N ILE S 284 73.87 58.03 16.39
CA ILE S 284 73.04 56.93 16.93
C ILE S 284 72.66 55.94 15.82
N PRO S 285 72.18 56.39 14.64
CA PRO S 285 71.93 55.43 13.54
C PRO S 285 73.14 54.57 13.24
N LEU S 286 74.29 55.22 13.32
CA LEU S 286 75.56 54.57 13.11
C LEU S 286 76.00 53.70 14.28
N LEU S 287 75.33 53.78 15.43
CA LEU S 287 75.53 52.78 16.46
C LEU S 287 74.71 51.54 16.13
N GLU S 288 73.47 51.79 15.69
CA GLU S 288 72.56 50.68 15.45
C GLU S 288 73.04 49.75 14.35
N ILE S 289 73.71 50.28 13.33
CA ILE S 289 74.24 49.37 12.32
C ILE S 289 75.21 48.38 12.96
N MET S 290 76.17 48.90 13.74
CA MET S 290 77.21 48.06 14.30
C MET S 290 76.64 47.04 15.25
N PHE S 291 75.62 47.41 16.01
CA PHE S 291 74.91 46.38 16.76
C PHE S 291 74.30 45.37 15.78
N TYR S 292 73.58 45.86 14.78
CA TYR S 292 72.70 44.96 14.04
C TYR S 292 73.43 43.96 13.16
N PHE S 293 74.74 44.10 12.90
CA PHE S 293 75.45 42.92 12.38
C PHE S 293 76.77 42.61 13.09
N THR S 294 76.83 42.86 14.39
CA THR S 294 77.71 42.08 15.27
C THR S 294 76.92 40.96 15.89
N LYS S 295 75.70 41.32 16.33
CA LYS S 295 74.68 40.39 16.73
C LYS S 295 74.78 39.20 15.82
N ASP S 296 74.81 38.01 16.39
CA ASP S 296 74.93 36.65 15.89
C ASP S 296 76.28 36.32 15.26
N VAL S 297 77.37 36.65 15.96
CA VAL S 297 78.70 36.14 15.64
C VAL S 297 79.38 35.83 16.96
N ASN S 298 80.04 34.67 17.03
CA ASN S 298 80.98 34.39 18.11
C ASN S 298 82.36 34.68 17.56
N GLN S 299 83.18 35.35 18.36
CA GLN S 299 84.44 35.87 17.82
C GLN S 299 85.37 34.75 17.43
N GLU S 300 85.30 33.61 18.14
CA GLU S 300 86.17 32.48 17.84
C GLU S 300 85.97 31.97 16.42
N LEU S 301 84.77 32.15 15.86
CA LEU S 301 84.50 31.72 14.48
C LEU S 301 85.29 32.52 13.46
N LEU S 302 85.83 33.68 13.83
CA LEU S 302 86.62 34.49 12.91
C LEU S 302 88.11 34.19 12.99
N PHE S 303 88.52 33.34 13.94
CA PHE S 303 89.90 32.93 14.12
C PHE S 303 90.01 31.42 14.05
N PRO S 304 90.87 30.83 13.19
CA PRO S 304 90.89 29.35 13.09
C PRO S 304 91.22 28.62 14.38
N ARG S 305 91.96 29.25 15.29
CA ARG S 305 92.53 28.59 16.46
C ARG S 305 93.37 27.38 15.98
N THR S 329 90.86 20.52 3.50
CA THR S 329 90.77 19.20 4.14
C THR S 329 90.39 19.29 5.63
N SER S 330 90.53 20.48 6.23
CA SER S 330 90.27 20.65 7.65
C SER S 330 88.82 20.30 8.00
N ALA S 331 87.88 20.73 7.15
CA ALA S 331 86.47 20.40 7.37
C ALA S 331 86.25 18.89 7.38
N GLY S 332 86.85 18.18 6.42
CA GLY S 332 86.72 16.73 6.38
C GLY S 332 87.34 16.05 7.59
N PHE S 333 88.51 16.54 8.02
CA PHE S 333 89.18 16.00 9.19
C PHE S 333 88.30 16.12 10.44
N GLU S 334 87.76 17.32 10.69
CA GLU S 334 86.92 17.48 11.87
C GLU S 334 85.61 16.72 11.74
N LEU S 335 85.09 16.57 10.52
CA LEU S 335 83.90 15.74 10.32
C LEU S 335 84.17 14.29 10.70
N SER S 336 85.32 13.75 10.30
CA SER S 336 85.69 12.38 10.66
C SER S 336 85.79 12.23 12.18
N LYS S 337 86.43 13.20 12.84
CA LYS S 337 86.51 13.18 14.30
C LYS S 337 85.12 13.20 14.95
N LEU S 338 84.22 14.00 14.39
CA LEU S 338 82.85 14.05 14.91
C LEU S 338 82.14 12.71 14.73
N LEU S 339 82.42 12.02 13.62
CA LEU S 339 81.84 10.69 13.45
C LEU S 339 82.35 9.73 14.51
N GLN S 340 83.60 9.90 14.95
CA GLN S 340 84.06 9.11 16.11
C GLN S 340 83.20 9.39 17.34
N LYS S 341 82.88 10.66 17.59
CA LYS S 341 82.00 10.97 18.72
C LYS S 341 80.62 10.31 18.57
N GLU S 342 80.08 10.35 17.35
CA GLU S 342 78.81 9.67 17.07
C GLU S 342 78.89 8.18 17.39
N HIS S 343 80.01 7.55 17.03
CA HIS S 343 80.20 6.14 17.33
C HIS S 343 80.21 5.89 18.83
N GLN S 344 80.79 6.80 19.60
CA GLN S 344 80.76 6.64 21.06
C GLN S 344 79.34 6.68 21.59
N MET S 345 78.52 7.61 21.08
CA MET S 345 77.12 7.64 21.53
C MET S 345 76.39 6.35 21.15
N ARG S 346 76.64 5.87 19.93
CA ARG S 346 76.08 4.58 19.50
C ARG S 346 76.49 3.45 20.42
N LYS S 347 77.76 3.45 20.83
CA LYS S 347 78.26 2.47 21.78
C LYS S 347 77.52 2.56 23.11
N ASN S 348 77.25 3.79 23.56
CA ASN S 348 76.50 3.97 24.81
C ASN S 348 75.11 3.35 24.72
N VAL S 349 74.42 3.53 23.58
CA VAL S 349 73.11 2.91 23.42
C VAL S 349 73.25 1.39 23.38
N ILE S 350 74.28 0.88 22.70
CA ILE S 350 74.47 -0.57 22.57
C ILE S 350 74.68 -1.21 23.93
N LYS S 351 75.40 -0.53 24.82
CA LYS S 351 75.68 -1.08 26.15
C LYS S 351 74.42 -1.24 27.01
N HIS S 352 73.31 -0.63 26.61
CA HIS S 352 72.01 -0.78 27.28
C HIS S 352 71.01 -1.60 26.46
N THR S 353 71.47 -2.29 25.41
CA THR S 353 70.62 -3.03 24.47
C THR S 353 70.77 -4.54 24.68
N SER S 354 69.63 -5.24 24.77
CA SER S 354 69.64 -6.69 24.97
C SER S 354 70.03 -7.46 23.70
N ALA S 355 70.63 -8.64 23.88
CA ALA S 355 71.03 -9.48 22.75
C ALA S 355 69.83 -10.14 22.09
N ARG S 356 68.99 -10.82 22.89
CA ARG S 356 67.80 -11.51 22.38
C ARG S 356 66.59 -10.58 22.36
N HIS S 357 65.56 -10.97 21.59
CA HIS S 357 64.49 -10.07 21.16
C HIS S 357 63.55 -9.65 22.32
N SER S 358 62.62 -8.75 22.00
CA SER S 358 61.78 -8.01 22.96
C SER S 358 60.66 -8.85 23.59
N ARG S 359 60.36 -10.05 23.08
CA ARG S 359 59.35 -10.93 23.66
C ARG S 359 59.93 -12.19 24.29
N PHE S 360 61.24 -12.42 24.17
CA PHE S 360 61.93 -13.49 24.89
C PHE S 360 61.89 -13.27 26.40
N GLY S 361 61.84 -12.01 26.84
CA GLY S 361 62.10 -11.61 28.22
C GLY S 361 61.37 -12.34 29.34
N GLY S 362 62.14 -12.72 30.37
CA GLY S 362 61.61 -13.30 31.58
C GLY S 362 61.11 -12.25 32.55
N LEU S 363 61.07 -12.63 33.83
CA LEU S 363 60.63 -11.75 34.91
C LEU S 363 61.59 -11.85 36.09
N LEU S 364 61.75 -10.72 36.80
CA LEU S 364 62.64 -10.59 37.93
C LEU S 364 61.89 -10.12 39.16
N SER S 365 62.28 -10.68 40.31
CA SER S 365 61.82 -10.24 41.62
C SER S 365 63.02 -9.85 42.48
N ILE S 366 62.90 -8.75 43.21
CA ILE S 366 63.95 -8.23 44.07
C ILE S 366 63.37 -8.10 45.47
N GLN S 367 64.08 -8.66 46.47
CA GLN S 367 63.62 -8.67 47.86
C GLN S 367 64.45 -7.69 48.69
N THR S 368 63.77 -6.84 49.43
CA THR S 368 64.39 -5.83 50.29
C THR S 368 64.77 -6.43 51.63
N PRO S 369 65.42 -5.65 52.49
CA PRO S 369 65.35 -5.94 53.93
C PRO S 369 63.90 -5.87 54.40
N ASP S 370 63.59 -6.60 55.47
CA ASP S 370 62.22 -6.83 55.93
C ASP S 370 61.40 -7.65 54.90
N LYS S 371 62.09 -8.43 54.06
CA LYS S 371 61.53 -9.54 53.29
C LYS S 371 60.42 -9.14 52.32
N THR S 372 60.26 -7.85 52.02
CA THR S 372 59.27 -7.39 51.04
C THR S 372 59.86 -7.44 49.64
N ARG S 373 59.01 -7.73 48.65
CA ARG S 373 59.46 -7.99 47.27
C ARG S 373 58.83 -7.05 46.24
N LEU S 374 59.62 -6.77 45.21
CA LEU S 374 59.29 -5.93 44.06
C LEU S 374 59.40 -6.77 42.79
N THR S 375 58.82 -6.27 41.68
CA THR S 375 58.85 -6.97 40.39
C THR S 375 59.25 -6.02 39.27
N VAL S 376 60.20 -6.45 38.43
CA VAL S 376 60.63 -5.69 37.25
C VAL S 376 60.82 -6.68 36.10
N SER S 377 60.64 -6.19 34.86
CA SER S 377 60.72 -7.00 33.65
C SER S 377 61.96 -6.63 32.82
N GLY S 378 62.24 -7.45 31.81
CA GLY S 378 63.39 -7.25 30.91
C GLY S 378 64.60 -8.05 31.32
N SER S 379 65.44 -8.37 30.32
CA SER S 379 66.55 -9.31 30.49
C SER S 379 67.80 -8.66 31.10
N GLN S 380 68.02 -7.35 30.88
CA GLN S 380 69.18 -6.71 31.49
C GLN S 380 68.99 -6.49 32.98
N ALA S 381 67.74 -6.36 33.44
CA ALA S 381 67.50 -6.20 34.88
C ALA S 381 67.97 -7.41 35.67
N LEU S 382 68.00 -8.60 35.04
CA LEU S 382 68.46 -9.81 35.70
C LEU S 382 69.88 -9.68 36.23
N VAL S 383 70.72 -8.90 35.57
CA VAL S 383 72.15 -8.87 35.82
C VAL S 383 72.61 -7.53 36.41
N ASP S 384 71.98 -6.41 36.03
CA ASP S 384 72.41 -5.07 36.42
C ASP S 384 71.41 -4.47 37.42
N GLU S 385 71.83 -4.45 38.69
CA GLU S 385 71.02 -3.87 39.78
C GLU S 385 70.90 -2.37 39.67
N LYS S 386 71.97 -1.69 39.21
CA LYS S 386 71.91 -0.24 39.02
C LYS S 386 70.79 0.11 38.04
N ILE S 387 70.73 -0.63 36.92
CA ILE S 387 69.68 -0.44 35.93
C ILE S 387 68.32 -0.80 36.52
N ALA S 388 68.24 -1.90 37.30
CA ALA S 388 66.96 -2.29 37.88
C ALA S 388 66.42 -1.22 38.84
N LEU S 389 67.30 -0.69 39.69
CA LEU S 389 66.92 0.38 40.62
C LEU S 389 66.45 1.62 39.87
N GLN S 390 67.18 2.01 38.82
CA GLN S 390 66.78 3.18 38.04
C GLN S 390 65.47 2.92 37.30
N LYS S 391 65.32 1.74 36.67
CA LYS S 391 64.12 1.38 35.92
C LYS S 391 62.90 1.30 36.83
N LEU S 392 63.10 0.88 38.08
CA LEU S 392 62.01 0.78 39.05
C LEU S 392 61.37 2.13 39.30
N ASP S 393 62.19 3.15 39.56
CA ASP S 393 61.65 4.48 39.85
C ASP S 393 61.10 5.16 38.60
N ASP S 394 61.66 4.84 37.43
CA ASP S 394 61.27 5.48 36.17
C ASP S 394 59.81 5.23 35.78
N SER S 395 59.21 4.14 36.26
CA SER S 395 57.81 3.85 35.91
C SER S 395 56.84 4.87 36.50
N LYS S 396 57.20 5.50 37.62
CA LYS S 396 56.25 6.26 38.43
C LYS S 396 55.85 7.55 37.73
N LYS S 397 54.55 7.86 37.80
CA LYS S 397 53.93 8.81 36.86
C LYS S 397 54.33 10.28 37.14
N TRP S 398 54.04 10.79 38.35
CA TRP S 398 54.13 12.23 38.64
C TRP S 398 55.51 12.84 38.36
N ASN S 399 55.46 14.13 38.00
CA ASN S 399 56.56 15.07 38.18
C ASN S 399 55.95 16.32 38.80
N LYS S 400 56.68 16.99 39.68
CA LYS S 400 56.20 18.28 40.17
C LYS S 400 56.24 19.33 39.07
N ARG S 401 55.16 20.10 38.96
CA ARG S 401 55.09 21.13 37.93
C ARG S 401 55.90 22.36 38.38
N ILE S 402 56.26 23.20 37.40
CA ILE S 402 57.48 23.99 37.46
C ILE S 402 57.24 25.48 37.10
N ILE S 403 58.18 26.33 37.52
CA ILE S 403 58.13 27.79 37.47
C ILE S 403 59.09 28.31 36.37
N LYS S 404 58.90 29.57 35.96
CA LYS S 404 59.74 30.23 34.92
C LYS S 404 60.23 31.62 35.33
N ALA S 410 61.69 35.54 31.36
CA ALA S 410 62.06 36.74 32.12
C ALA S 410 62.24 37.99 31.25
N ALA S 411 62.22 37.82 29.92
CA ALA S 411 62.61 38.88 28.97
C ALA S 411 61.65 38.93 27.80
N GLU S 412 61.29 40.14 27.36
CA GLU S 412 60.47 40.31 26.16
C GLU S 412 60.64 41.73 25.62
N GLY S 413 60.28 41.88 24.34
CA GLY S 413 60.08 43.17 23.71
C GLY S 413 61.13 43.60 22.73
N LEU S 414 62.00 42.70 22.25
CA LEU S 414 63.20 43.15 21.58
C LEU S 414 63.78 42.02 20.70
N PRO S 415 64.64 42.32 19.68
CA PRO S 415 64.98 41.28 18.72
C PRO S 415 66.06 40.34 19.23
N ASN S 416 66.03 39.13 18.67
CA ASN S 416 66.91 38.04 19.09
C ASN S 416 68.38 38.44 19.11
N SER S 417 69.09 37.96 20.12
CA SER S 417 70.40 38.45 20.51
C SER S 417 71.02 37.46 21.48
N LEU S 418 72.15 37.84 22.09
CA LEU S 418 72.78 36.99 23.11
C LEU S 418 71.94 36.90 24.37
N LEU S 419 71.10 37.90 24.66
CA LEU S 419 70.38 37.95 25.94
C LEU S 419 69.35 36.84 26.12
N ASN S 420 68.76 36.30 25.04
CA ASN S 420 67.69 35.30 25.18
C ASN S 420 67.81 34.20 24.14
N SER S 421 69.02 33.78 23.80
CA SER S 421 69.22 32.63 22.93
C SER S 421 70.52 31.95 23.32
N GLN S 422 70.59 30.64 23.07
CA GLN S 422 71.82 29.90 23.34
C GLN S 422 72.81 30.18 22.21
N THR S 423 73.94 30.81 22.54
CA THR S 423 74.89 31.29 21.51
C THR S 423 75.96 30.26 21.13
N GLY S 424 75.82 29.00 21.53
CA GLY S 424 76.71 27.92 21.10
C GLY S 424 76.37 27.39 19.72
N LYS S 425 76.09 28.30 18.79
CA LYS S 425 75.52 27.99 17.48
C LYS S 425 75.93 29.15 16.58
N ALA S 426 76.85 28.89 15.67
CA ALA S 426 77.46 29.94 14.86
C ALA S 426 76.51 30.37 13.73
N ILE S 427 77.03 31.22 12.84
CA ILE S 427 76.49 31.47 11.51
C ILE S 427 77.69 31.41 10.58
N PHE S 428 77.44 31.17 9.29
CA PHE S 428 78.41 30.46 8.45
C PHE S 428 78.78 31.23 7.20
N PHE S 429 80.08 31.24 6.92
CA PHE S 429 80.71 32.25 6.08
C PHE S 429 81.39 31.61 4.88
N THR S 430 81.24 32.25 3.72
CA THR S 430 82.19 31.94 2.66
C THR S 430 83.55 32.49 3.07
N GLU S 431 84.55 32.01 2.36
CA GLU S 431 85.94 32.38 2.65
C GLU S 431 86.14 33.84 2.30
N SER S 432 85.67 34.22 1.11
CA SER S 432 85.68 35.62 0.72
C SER S 432 84.90 36.47 1.70
N ASN S 433 83.73 35.97 2.14
CA ASN S 433 82.97 36.69 3.14
C ASN S 433 83.69 36.76 4.47
N GLY S 434 84.30 35.65 4.90
CA GLY S 434 85.03 35.67 6.16
C GLY S 434 86.13 36.71 6.15
N LYS S 435 86.93 36.72 5.09
CA LYS S 435 88.01 37.69 5.03
C LYS S 435 87.50 39.12 4.83
N HIS S 436 86.43 39.31 4.06
CA HIS S 436 85.90 40.67 3.92
C HIS S 436 85.31 41.18 5.22
N PHE S 437 84.61 40.33 5.97
CA PHE S 437 84.05 40.80 7.23
C PHE S 437 85.15 41.09 8.23
N LYS S 438 86.16 40.22 8.29
CA LYS S 438 87.29 40.48 9.17
C LYS S 438 87.95 41.80 8.82
N GLU S 439 88.10 42.08 7.53
CA GLU S 439 88.72 43.34 7.12
C GLU S 439 87.87 44.53 7.55
N PHE S 440 86.54 44.44 7.37
CA PHE S 440 85.68 45.58 7.71
C PHE S 440 85.79 45.91 9.19
N ILE S 441 85.57 44.93 10.07
CA ILE S 441 85.57 45.30 11.49
C ILE S 441 86.98 45.57 11.99
N ASN S 442 88.02 44.95 11.42
CA ASN S 442 89.38 45.28 11.84
C ASN S 442 89.71 46.73 11.51
N ASN S 443 89.37 47.19 10.30
CA ASN S 443 89.60 48.59 9.98
C ASN S 443 88.72 49.51 10.80
N PHE S 444 87.49 49.07 11.12
CA PHE S 444 86.63 49.84 12.01
C PHE S 444 87.29 50.05 13.36
N ILE S 445 87.80 48.98 13.95
CA ILE S 445 88.42 49.08 15.26
C ILE S 445 89.67 49.95 15.20
N ASP S 446 90.55 49.69 14.24
CA ASP S 446 91.78 50.47 14.18
C ASP S 446 91.50 51.94 13.86
N SER S 447 90.37 52.24 13.22
CA SER S 447 90.03 53.59 12.75
C SER S 447 89.00 54.32 13.59
N GLY S 448 87.87 53.69 13.90
CA GLY S 448 86.67 54.39 14.33
C GLY S 448 86.26 54.29 15.78
N PHE S 449 86.61 53.20 16.45
CA PHE S 449 85.97 52.82 17.70
C PHE S 449 86.05 53.89 18.79
N ASN S 450 87.25 54.38 19.11
CA ASN S 450 87.37 55.39 20.17
C ASN S 450 86.59 56.65 19.83
N ILE S 451 86.71 57.12 18.60
CA ILE S 451 86.02 58.35 18.27
C ILE S 451 84.50 58.13 18.32
N LEU S 452 84.03 56.92 18.02
CA LEU S 452 82.60 56.72 18.09
C LEU S 452 82.13 56.64 19.53
N LEU S 453 82.85 55.88 20.36
CA LEU S 453 82.41 55.70 21.73
C LEU S 453 82.48 56.99 22.52
N HIS S 454 83.51 57.80 22.27
CA HIS S 454 83.63 59.04 23.02
C HIS S 454 82.42 59.95 22.76
N SER S 455 81.99 60.04 21.49
CA SER S 455 80.84 60.88 21.20
C SER S 455 79.56 60.29 21.80
N VAL S 456 79.29 59.00 21.53
CA VAL S 456 78.01 58.45 21.95
C VAL S 456 77.90 58.40 23.45
N THR S 457 79.02 58.25 24.17
CA THR S 457 78.92 58.24 25.62
C THR S 457 78.69 59.64 26.16
N ASN S 458 79.45 60.64 25.68
CA ASN S 458 79.23 61.97 26.25
C ASN S 458 77.92 62.58 25.77
N TYR S 459 77.25 61.96 24.81
CA TYR S 459 75.84 62.22 24.64
C TYR S 459 75.07 61.71 25.85
N PHE S 460 75.12 60.40 26.08
CA PHE S 460 74.14 59.73 26.93
C PHE S 460 74.22 60.17 28.39
N THR S 461 75.38 60.65 28.84
CA THR S 461 75.44 61.19 30.20
C THR S 461 74.50 62.38 30.37
N THR S 462 74.33 63.17 29.31
CA THR S 462 73.45 64.33 29.32
C THR S 462 71.99 63.97 29.05
N GLU S 463 71.68 62.69 28.79
CA GLU S 463 70.37 62.29 28.30
C GLU S 463 69.89 60.97 28.93
N GLN S 464 70.50 60.53 30.02
CA GLN S 464 70.22 59.21 30.59
C GLN S 464 68.76 59.08 31.02
N ASP S 465 68.22 60.13 31.63
CA ASP S 465 66.85 60.11 32.14
C ASP S 465 65.83 59.80 31.05
N ARG S 466 66.09 60.21 29.82
CA ARG S 466 65.14 60.10 28.72
C ARG S 466 65.20 58.78 27.97
N MET S 467 66.06 57.85 28.38
CA MET S 467 66.35 56.67 27.59
C MET S 467 65.15 55.75 27.47
N VAL S 468 65.27 54.81 26.53
CA VAL S 468 64.31 53.77 26.23
C VAL S 468 65.10 52.46 26.27
N THR S 469 64.40 51.35 26.52
CA THR S 469 65.06 50.07 26.82
C THR S 469 66.01 49.65 25.71
N LEU S 470 65.66 49.93 24.45
CA LEU S 470 66.48 49.43 23.35
C LEU S 470 67.82 50.14 23.30
N GLU S 471 67.83 51.45 23.47
CA GLU S 471 69.09 52.17 23.36
C GLU S 471 70.05 51.72 24.46
N GLN S 472 69.52 51.43 25.64
CA GLN S 472 70.33 50.86 26.72
C GLN S 472 70.93 49.52 26.29
N VAL S 473 70.10 48.62 25.73
CA VAL S 473 70.60 47.29 25.37
C VAL S 473 71.49 47.31 24.13
N GLU S 474 71.38 48.33 23.29
CA GLU S 474 72.32 48.50 22.18
C GLU S 474 73.70 48.89 22.67
N TYR S 475 73.74 49.94 23.49
CA TYR S 475 75.00 50.49 23.97
C TYR S 475 75.81 49.42 24.71
N LEU S 476 75.11 48.65 25.57
CA LEU S 476 75.80 47.68 26.39
C LEU S 476 76.31 46.47 25.59
N LEU S 477 75.71 46.17 24.42
CA LEU S 477 76.15 45.06 23.56
C LEU S 477 76.92 45.49 22.33
N PHE S 478 77.27 46.76 22.22
CA PHE S 478 78.29 47.23 21.29
C PHE S 478 79.65 47.33 21.98
N PHE S 479 79.63 47.95 23.18
CA PHE S 479 80.78 47.95 24.10
C PHE S 479 81.37 46.54 24.24
N ALA S 480 80.54 45.58 24.63
CA ALA S 480 80.99 44.25 25.01
C ALA S 480 81.70 43.56 23.86
N TRP S 481 81.05 43.57 22.68
CA TRP S 481 81.56 42.87 21.51
C TRP S 481 82.94 43.38 21.15
N PHE S 482 83.07 44.69 20.96
CA PHE S 482 84.34 45.19 20.43
C PHE S 482 85.48 45.04 21.43
N VAL S 483 85.20 45.26 22.73
CA VAL S 483 86.29 45.08 23.70
C VAL S 483 86.77 43.64 23.71
N LYS S 484 85.84 42.68 23.72
CA LYS S 484 86.26 41.28 23.78
C LYS S 484 87.04 40.87 22.55
N TYR S 485 86.55 41.27 21.37
CA TYR S 485 87.20 40.87 20.13
C TYR S 485 88.62 41.40 20.07
N GLN S 486 88.83 42.65 20.50
CA GLN S 486 90.21 43.15 20.49
C GLN S 486 91.08 42.37 21.46
N LEU S 487 90.57 42.08 22.68
CA LEU S 487 91.41 41.31 23.61
C LEU S 487 91.81 40.00 22.99
N LEU S 488 90.87 39.35 22.33
CA LEU S 488 91.20 38.08 21.71
C LEU S 488 92.22 38.26 20.59
N ARG S 489 92.07 39.32 19.80
CA ARG S 489 92.97 39.49 18.67
C ARG S 489 94.41 39.74 19.12
N SER S 490 94.60 40.53 20.18
CA SER S 490 95.97 40.75 20.64
C SER S 490 96.49 39.60 21.49
N LYS S 491 95.60 38.81 22.11
CA LYS S 491 96.04 37.55 22.69
C LYS S 491 96.70 36.70 21.63
N ILE S 492 96.12 36.71 20.42
CA ILE S 492 96.64 35.88 19.35
C ILE S 492 97.97 36.41 18.82
N ASP S 493 98.06 37.72 18.56
CA ASP S 493 99.19 38.25 17.78
C ASP S 493 99.63 39.63 18.25
N ASN S 494 100.92 39.88 18.01
CA ASN S 494 101.64 41.09 18.40
C ASN S 494 101.39 42.27 17.47
N SER S 495 100.91 42.05 16.24
CA SER S 495 100.62 43.17 15.35
C SER S 495 99.49 44.02 15.90
N ALA S 496 98.49 43.37 16.47
CA ALA S 496 97.40 44.02 17.17
C ALA S 496 97.90 44.60 18.49
N ASP S 497 97.19 45.60 19.02
CA ASP S 497 97.52 46.19 20.32
C ASP S 497 96.25 46.57 21.07
N ILE S 498 96.36 46.71 22.39
CA ILE S 498 95.18 47.07 23.18
C ILE S 498 94.86 48.56 23.15
N LYS S 499 95.80 49.42 22.74
CA LYS S 499 95.52 50.86 22.76
C LYS S 499 94.32 51.24 21.90
N GLN S 500 94.02 50.42 20.88
CA GLN S 500 92.93 50.74 19.96
C GLN S 500 91.57 50.84 20.64
N VAL S 501 91.31 50.05 21.69
CA VAL S 501 90.01 50.08 22.37
C VAL S 501 90.08 50.89 23.66
N SER S 502 91.14 51.63 23.89
CA SER S 502 91.38 52.22 25.20
C SER S 502 90.42 53.35 25.56
N GLU S 503 89.48 53.79 24.71
CA GLU S 503 88.54 54.80 25.19
C GLU S 503 87.56 54.24 26.23
N ALA S 504 87.37 52.92 26.28
CA ALA S 504 86.36 52.37 27.19
C ALA S 504 86.67 52.71 28.64
N LEU S 505 87.95 52.74 29.02
CA LEU S 505 88.32 52.88 30.43
C LEU S 505 88.13 54.27 31.02
N LYS S 506 88.14 55.35 30.24
CA LYS S 506 88.21 56.66 30.88
C LYS S 506 86.92 56.90 31.67
N GLU S 507 87.02 57.82 32.64
CA GLU S 507 86.15 57.77 33.81
C GLU S 507 84.67 57.91 33.46
N VAL S 508 84.34 58.70 32.45
CA VAL S 508 82.93 59.02 32.17
C VAL S 508 82.19 57.75 31.76
N THR S 509 82.80 56.95 30.88
CA THR S 509 82.12 55.74 30.41
C THR S 509 81.95 54.73 31.56
N PHE S 510 82.97 54.59 32.40
CA PHE S 510 82.88 53.71 33.56
C PHE S 510 81.69 54.11 34.43
N ILE S 511 81.53 55.42 34.69
CA ILE S 511 80.36 55.88 35.45
C ILE S 511 79.09 55.48 34.73
N LEU S 512 79.06 55.62 33.40
CA LEU S 512 77.80 55.41 32.71
C LEU S 512 77.37 53.93 32.73
N VAL S 513 78.31 53.01 32.50
CA VAL S 513 77.96 51.59 32.56
C VAL S 513 77.50 51.24 33.97
N SER S 514 78.20 51.79 34.98
CA SER S 514 77.78 51.59 36.37
C SER S 514 76.35 52.08 36.59
N SER S 515 76.05 53.29 36.13
CA SER S 515 74.75 53.91 36.38
C SER S 515 73.64 53.11 35.71
N LEU S 516 73.87 52.65 34.48
CA LEU S 516 72.89 51.80 33.82
C LEU S 516 72.61 50.55 34.63
N LEU S 517 73.66 49.86 35.09
CA LEU S 517 73.46 48.64 35.86
C LEU S 517 72.71 48.93 37.16
N ARG S 518 73.10 50.00 37.86
CA ARG S 518 72.44 50.43 39.08
C ARG S 518 70.94 50.64 38.88
N SER S 519 70.59 51.55 37.97
CA SER S 519 69.19 51.92 37.77
C SER S 519 68.37 50.73 37.29
N ALA S 520 68.95 49.90 36.42
CA ALA S 520 68.25 48.72 35.95
C ALA S 520 67.96 47.75 37.09
N TYR S 521 68.93 47.56 37.98
CA TYR S 521 68.71 46.62 39.08
C TYR S 521 67.62 47.11 40.03
N ASP S 522 67.62 48.41 40.35
CA ASP S 522 66.66 48.91 41.33
C ASP S 522 65.22 48.76 40.86
N LEU S 523 64.94 49.12 39.61
CA LEU S 523 63.59 49.02 39.08
C LEU S 523 63.20 47.59 38.67
N LYS S 524 64.06 46.60 38.89
CA LYS S 524 63.77 45.20 38.63
C LYS S 524 63.53 44.92 37.14
N ASN S 525 64.06 45.77 36.27
CA ASN S 525 64.12 45.52 34.83
C ASN S 525 65.23 44.51 34.57
N TRP S 526 64.85 43.26 34.30
CA TRP S 526 65.85 42.19 34.28
C TRP S 526 66.59 42.07 32.95
N THR S 527 66.03 42.57 31.84
CA THR S 527 66.79 42.49 30.59
C THR S 527 67.93 43.50 30.54
N VAL S 528 67.67 44.76 30.88
CA VAL S 528 68.79 45.69 30.94
C VAL S 528 69.78 45.25 31.99
N THR S 529 69.31 44.70 33.10
CA THR S 529 70.23 44.21 34.12
C THR S 529 71.11 43.12 33.54
N HIS S 530 70.53 42.25 32.71
CA HIS S 530 71.33 41.21 32.08
C HIS S 530 72.39 41.81 31.15
N ALA S 531 71.99 42.74 30.27
CA ALA S 531 73.01 43.30 29.37
C ALA S 531 74.09 44.04 30.15
N GLY S 532 73.68 44.84 31.14
CA GLY S 532 74.64 45.59 31.94
C GLY S 532 75.62 44.68 32.65
N MET S 533 75.15 43.52 33.09
CA MET S 533 76.04 42.50 33.63
C MET S 533 77.10 42.11 32.61
N ILE S 534 76.69 41.94 31.33
CA ILE S 534 77.67 41.55 30.31
C ILE S 534 78.70 42.65 30.05
N ALA S 535 78.25 43.91 30.04
CA ALA S 535 79.19 45.00 29.78
C ALA S 535 80.18 45.16 30.94
N PHE S 536 79.65 45.12 32.16
CA PHE S 536 80.48 45.29 33.34
C PHE S 536 81.46 44.14 33.51
N ASN S 537 81.12 42.98 32.99
CA ASN S 537 82.10 41.90 32.97
C ASN S 537 83.33 42.30 32.17
N GLU S 538 83.12 42.83 30.96
CA GLU S 538 84.25 43.07 30.08
C GLU S 538 85.14 44.17 30.58
N LEU S 539 84.55 45.21 31.15
CA LEU S 539 85.40 46.27 31.69
C LEU S 539 86.40 45.69 32.69
N LEU S 540 85.94 44.84 33.60
CA LEU S 540 86.83 44.22 34.58
C LEU S 540 87.89 43.35 33.89
N ASN S 541 87.48 42.64 32.85
CA ASN S 541 88.43 41.78 32.13
C ASN S 541 89.55 42.63 31.52
N LEU S 542 89.15 43.74 30.90
CA LEU S 542 90.10 44.67 30.31
C LEU S 542 91.03 45.25 31.38
N VAL S 543 90.50 45.52 32.58
CA VAL S 543 91.37 46.08 33.62
C VAL S 543 92.45 45.09 34.00
N SER S 544 92.09 43.82 34.17
CA SER S 544 93.13 42.88 34.56
C SER S 544 94.19 42.78 33.47
N ARG S 545 93.78 42.91 32.20
CA ARG S 545 94.78 42.96 31.13
C ARG S 545 95.76 44.12 31.33
N THR S 546 95.24 45.31 31.56
CA THR S 546 96.11 46.48 31.61
C THR S 546 96.97 46.48 32.86
N LYS S 547 96.48 45.90 33.97
CA LYS S 547 97.32 45.81 35.16
C LYS S 547 98.48 44.84 34.98
N ALA S 548 98.35 43.88 34.06
CA ALA S 548 99.40 42.92 33.74
C ALA S 548 100.48 43.51 32.82
N ALA S 549 100.45 44.81 32.55
CA ALA S 549 101.48 45.50 31.77
C ALA S 549 102.74 45.71 32.60
N THR S 555 98.86 53.13 36.81
CA THR S 555 98.77 54.54 37.20
C THR S 555 97.31 54.91 37.51
N ASP S 556 96.58 55.46 36.52
CA ASP S 556 95.19 55.85 36.74
C ASP S 556 94.29 54.63 36.92
N ILE S 557 94.74 53.47 36.46
CA ILE S 557 93.88 52.29 36.41
C ILE S 557 93.59 51.81 37.82
N GLU S 558 94.58 51.93 38.73
CA GLU S 558 94.35 51.59 40.13
C GLU S 558 93.35 52.53 40.79
N PHE S 559 93.41 53.84 40.46
CA PHE S 559 92.42 54.80 40.92
C PHE S 559 91.03 54.36 40.47
N ILE S 560 90.93 53.92 39.22
CA ILE S 560 89.66 53.47 38.67
C ILE S 560 89.18 52.21 39.40
N VAL S 561 90.11 51.30 39.74
CA VAL S 561 89.74 50.10 40.51
C VAL S 561 89.18 50.50 41.86
N SER S 562 89.90 51.37 42.57
CA SER S 562 89.51 51.76 43.93
C SER S 562 88.12 52.38 43.92
N ARG S 563 87.80 53.11 42.85
CA ARG S 563 86.46 53.68 42.73
C ARG S 563 85.44 52.62 42.30
N LEU S 564 85.86 51.65 41.49
CA LEU S 564 85.01 50.53 41.09
C LEU S 564 84.65 49.62 42.26
N PHE S 565 85.45 49.62 43.32
CA PHE S 565 85.30 48.68 44.43
C PHE S 565 85.16 49.42 45.76
N SER S 566 84.53 50.59 45.71
CA SER S 566 83.85 51.16 46.87
C SER S 566 82.84 50.16 47.42
N ASP S 567 82.53 50.31 48.71
CA ASP S 567 81.73 49.32 49.44
C ASP S 567 80.33 49.14 48.85
N GLU S 568 79.75 50.24 48.35
CA GLU S 568 78.41 50.21 47.76
C GLU S 568 78.34 49.20 46.62
N ARG S 569 79.33 49.26 45.74
CA ARG S 569 79.34 48.34 44.60
C ARG S 569 79.57 46.91 45.05
N ILE S 570 80.37 46.69 46.10
CA ILE S 570 80.56 45.32 46.55
C ILE S 570 79.24 44.76 47.06
N GLN S 571 78.44 45.60 47.71
CA GLN S 571 77.10 45.15 48.11
C GLN S 571 76.30 44.72 46.89
N LEU S 572 76.33 45.52 45.81
CA LEU S 572 75.58 45.12 44.61
C LEU S 572 76.15 43.84 44.00
N LEU S 573 77.46 43.81 43.71
CA LEU S 573 78.05 42.69 43.00
C LEU S 573 78.05 41.40 43.83
N SER S 574 77.98 41.52 45.16
CA SER S 574 77.75 40.35 46.00
C SER S 574 76.31 39.89 45.91
N ASN S 575 75.38 40.85 45.83
CA ASN S 575 73.97 40.52 45.81
C ASN S 575 73.57 39.70 44.59
N LEU S 576 74.29 39.86 43.48
CA LEU S 576 73.74 39.47 42.19
C LEU S 576 73.56 37.98 41.93
N PRO S 577 74.44 37.06 42.38
CA PRO S 577 74.16 35.64 42.11
C PRO S 577 72.97 35.09 42.87
N LYS S 578 72.61 35.71 43.99
CA LYS S 578 71.58 35.15 44.87
C LYS S 578 70.23 35.07 44.17
N ILE S 579 69.85 36.13 43.45
CA ILE S 579 68.58 36.15 42.73
C ILE S 579 68.61 35.33 41.44
N GLY S 580 69.79 34.94 40.95
CA GLY S 580 69.87 34.23 39.68
C GLY S 580 69.18 32.87 39.67
N SER S 581 68.92 32.29 40.84
CA SER S 581 68.39 30.93 40.94
C SER S 581 67.09 30.72 40.18
N LYS S 582 66.26 31.76 40.06
CA LYS S 582 64.94 31.59 39.48
C LYS S 582 64.95 31.61 37.95
N TYR S 583 65.92 32.30 37.36
CA TYR S 583 65.81 32.81 36.00
C TYR S 583 66.40 31.84 34.99
N SER S 584 66.52 32.29 33.74
CA SER S 584 66.89 31.45 32.63
C SER S 584 68.35 31.05 32.72
N LEU S 585 68.70 30.03 31.95
CA LEU S 585 70.04 29.48 32.01
C LEU S 585 71.12 30.49 31.62
N GLN S 586 70.85 31.48 30.76
CA GLN S 586 71.93 32.44 30.46
C GLN S 586 72.23 33.34 31.66
N PHE S 587 71.18 33.80 32.35
CA PHE S 587 71.34 34.74 33.45
C PHE S 587 72.32 34.20 34.49
N MET S 588 72.10 32.94 34.90
CA MET S 588 72.98 32.31 35.86
C MET S 588 74.41 32.21 35.32
N LYS S 589 74.55 31.98 34.02
CA LYS S 589 75.89 31.87 33.44
C LYS S 589 76.62 33.20 33.46
N SER S 590 75.89 34.29 33.21
CA SER S 590 76.47 35.63 33.33
C SER S 590 76.94 35.88 34.75
N CYS S 591 76.11 35.51 35.73
CA CYS S 591 76.46 35.69 37.13
C CYS S 591 77.76 34.96 37.47
N ILE S 592 77.90 33.71 37.00
CA ILE S 592 79.10 32.93 37.31
C ILE S 592 80.34 33.59 36.74
N GLU S 593 80.31 33.93 35.45
CA GLU S 593 81.53 34.45 34.83
C GLU S 593 81.94 35.79 35.45
N LEU S 594 80.94 36.65 35.72
CA LEU S 594 81.24 37.91 36.41
C LEU S 594 81.85 37.64 37.79
N THR S 595 81.33 36.67 38.53
CA THR S 595 81.86 36.39 39.87
C THR S 595 83.31 35.94 39.80
N HIS S 596 83.62 35.05 38.86
CA HIS S 596 85.00 34.57 38.69
C HIS S 596 85.95 35.74 38.47
N SER S 597 85.59 36.63 37.54
CA SER S 597 86.44 37.81 37.30
C SER S 597 86.54 38.71 38.53
N VAL S 598 85.40 38.94 39.20
CA VAL S 598 85.35 39.91 40.29
C VAL S 598 86.25 39.48 41.43
N LEU S 599 86.21 38.20 41.80
CA LEU S 599 87.10 37.73 42.84
C LEU S 599 88.55 37.70 42.38
N LYS S 600 88.81 37.36 41.11
CA LYS S 600 90.21 37.21 40.70
C LYS S 600 90.95 38.55 40.70
N VAL S 601 90.25 39.64 40.34
CA VAL S 601 90.91 40.94 40.42
C VAL S 601 91.31 41.23 41.86
N LEU S 602 90.37 41.08 42.79
CA LEU S 602 90.66 41.40 44.18
C LEU S 602 91.68 40.43 44.79
N GLU S 603 91.84 39.24 44.24
CA GLU S 603 92.96 38.41 44.66
C GLU S 603 94.27 39.10 44.30
N GLN S 604 94.37 39.64 43.08
CA GLN S 604 95.63 40.29 42.71
C GLN S 604 95.69 41.75 43.15
N TYR S 605 94.69 42.26 43.88
CA TYR S 605 94.89 43.54 44.59
C TYR S 605 96.02 43.41 45.60
N SER S 606 96.18 42.21 46.15
CA SER S 606 97.24 41.88 47.09
C SER S 606 97.89 40.59 46.61
N ASN S 658 91.33 43.71 53.25
CA ASN S 658 90.00 43.82 52.65
C ASN S 658 89.45 42.47 52.22
N PHE S 659 90.35 41.60 51.73
CA PHE S 659 89.94 40.41 50.98
C PHE S 659 89.09 39.46 51.82
N GLN S 660 89.42 39.29 53.10
CA GLN S 660 88.67 38.34 53.93
C GLN S 660 87.26 38.82 54.21
N LYS S 661 87.07 40.14 54.38
CA LYS S 661 85.72 40.69 54.48
C LYS S 661 84.91 40.36 53.23
N VAL S 662 85.53 40.54 52.06
CA VAL S 662 84.79 40.41 50.80
C VAL S 662 84.43 38.96 50.53
N GLN S 663 85.37 38.03 50.76
CA GLN S 663 85.06 36.63 50.42
C GLN S 663 84.00 36.05 51.34
N ALA S 664 84.06 36.36 52.64
CA ALA S 664 83.00 35.92 53.55
C ALA S 664 81.65 36.48 53.15
N ASN S 665 81.64 37.66 52.51
CA ASN S 665 80.40 38.23 51.99
C ASN S 665 79.74 37.33 50.96
N TYR S 666 80.52 36.54 50.22
CA TYR S 666 79.97 35.74 49.12
C TYR S 666 79.42 34.39 49.57
N MET S 667 79.92 33.83 50.67
CA MET S 667 79.70 32.43 51.00
C MET S 667 78.47 32.29 51.88
N THR S 668 77.41 31.71 51.31
CA THR S 668 76.19 31.44 52.07
C THR S 668 75.31 30.54 51.20
N GLU S 669 74.25 30.03 51.81
CA GLU S 669 73.35 29.07 51.17
C GLU S 669 72.79 29.52 49.82
N PRO S 670 72.24 30.74 49.66
CA PRO S 670 71.53 31.04 48.40
C PRO S 670 72.45 31.18 47.19
N VAL S 671 73.75 31.42 47.37
CA VAL S 671 74.70 31.39 46.24
C VAL S 671 74.97 29.94 45.82
N ILE S 672 75.21 29.08 46.80
CA ILE S 672 75.48 27.66 46.54
C ILE S 672 74.30 27.03 45.81
N GLU S 673 73.08 27.41 46.22
CA GLU S 673 71.88 26.91 45.55
C GLU S 673 71.93 27.20 44.05
N THR S 674 72.31 28.44 43.70
CA THR S 674 72.38 28.82 42.29
C THR S 674 73.43 27.98 41.56
N TYR S 675 74.58 27.78 42.21
CA TYR S 675 75.68 27.05 41.55
C TYR S 675 75.26 25.63 41.21
N ILE S 676 74.62 24.94 42.16
CA ILE S 676 74.19 23.58 41.84
C ILE S 676 73.09 23.59 40.80
N ASN S 677 72.09 24.49 40.95
CA ASN S 677 70.97 24.53 40.01
C ASN S 677 71.45 24.74 38.58
N PHE S 678 72.53 25.49 38.42
CA PHE S 678 73.14 25.68 37.10
C PHE S 678 73.93 24.46 36.68
N LEU S 679 74.68 23.87 37.62
CA LEU S 679 75.61 22.80 37.27
C LEU S 679 74.90 21.54 36.80
N GLU S 680 73.66 21.29 37.24
CA GLU S 680 73.05 20.02 36.89
C GLU S 680 72.58 19.97 35.44
N ARG S 681 72.55 21.09 34.71
CA ARG S 681 72.22 21.08 33.29
C ARG S 681 73.46 20.94 32.42
N PHE S 682 74.47 20.23 32.92
CA PHE S 682 75.78 20.17 32.26
C PHE S 682 75.75 19.56 30.87
N ARG S 683 74.70 18.82 30.50
CA ARG S 683 74.70 18.24 29.15
C ARG S 683 74.70 19.34 28.10
N GLU S 684 74.18 20.51 28.44
CA GLU S 684 74.07 21.63 27.51
C GLU S 684 75.26 22.59 27.53
N LEU S 685 76.13 22.54 28.53
CA LEU S 685 77.10 23.58 28.76
C LEU S 685 78.45 23.25 28.15
N GLU S 686 79.34 24.23 28.19
CA GLU S 686 80.67 24.12 27.62
C GLU S 686 81.61 23.34 28.53
N ASP S 687 82.75 22.96 27.97
CA ASP S 687 83.85 22.44 28.77
C ASP S 687 84.37 23.49 29.75
N ASP S 688 84.33 24.77 29.36
CA ASP S 688 85.01 25.81 30.14
C ASP S 688 84.21 26.21 31.39
N SER S 689 82.88 26.28 31.27
CA SER S 689 82.08 26.75 32.40
C SER S 689 82.19 25.82 33.61
N ILE S 690 82.27 24.51 33.38
CA ILE S 690 82.41 23.58 34.50
C ILE S 690 83.75 23.77 35.20
N LYS S 691 84.81 24.15 34.44
CA LYS S 691 86.07 24.52 35.08
C LYS S 691 85.84 25.67 36.04
N LYS S 692 84.98 26.62 35.64
CA LYS S 692 84.73 27.76 36.54
C LYS S 692 83.99 27.35 37.81
N VAL S 693 82.98 26.48 37.69
CA VAL S 693 82.20 26.08 38.87
C VAL S 693 83.09 25.34 39.87
N PHE S 694 83.89 24.38 39.39
CA PHE S 694 84.72 23.65 40.34
C PHE S 694 85.83 24.51 40.91
N SER S 695 86.27 25.54 40.18
CA SER S 695 87.17 26.50 40.81
C SER S 695 86.53 27.09 42.06
N PHE S 696 85.25 27.47 41.93
CA PHE S 696 84.56 28.05 43.08
C PHE S 696 84.40 27.05 44.21
N PHE S 697 84.04 25.80 43.90
CA PHE S 697 83.92 24.82 44.98
C PHE S 697 85.25 24.56 45.63
N HIS S 698 86.36 24.58 44.88
CA HIS S 698 87.66 24.47 45.52
C HIS S 698 87.85 25.62 46.49
N ARG S 699 87.39 26.82 46.12
CA ARG S 699 87.52 27.98 46.99
C ARG S 699 86.67 27.83 48.26
N VAL S 700 85.43 27.38 48.12
CA VAL S 700 84.55 27.22 49.29
C VAL S 700 85.08 26.11 50.20
N PHE S 701 85.45 24.98 49.61
CA PHE S 701 85.64 23.76 50.39
C PHE S 701 87.04 23.69 51.00
N VAL S 702 88.09 23.93 50.20
CA VAL S 702 89.46 23.74 50.68
C VAL S 702 89.98 25.00 51.33
N GLN S 703 90.01 26.12 50.60
CA GLN S 703 90.62 27.33 51.13
C GLN S 703 89.86 27.91 52.31
N ALA S 704 88.61 28.33 52.07
CA ALA S 704 87.84 28.99 53.12
C ALA S 704 87.49 28.04 54.26
N LYS S 705 87.51 26.73 54.02
CA LYS S 705 87.21 25.72 55.04
C LYS S 705 85.81 25.90 55.63
N GLU S 706 84.86 26.25 54.77
CA GLU S 706 83.44 26.28 55.10
C GLU S 706 82.76 25.01 54.58
N GLN S 707 83.20 23.86 55.11
CA GLN S 707 82.80 22.57 54.54
C GLN S 707 81.30 22.33 54.65
N ALA S 708 80.65 22.89 55.68
CA ALA S 708 79.27 22.53 56.00
C ALA S 708 78.27 22.90 54.91
N LEU S 709 78.61 23.80 53.99
CA LEU S 709 77.65 24.21 52.98
C LEU S 709 77.29 23.07 52.03
N LEU S 710 78.29 22.28 51.62
CA LEU S 710 78.11 21.32 50.53
C LEU S 710 77.59 19.96 50.97
N PHE S 711 77.51 19.68 52.28
CA PHE S 711 76.89 18.45 52.76
C PHE S 711 75.38 18.63 52.62
N ARG S 712 74.90 18.37 51.41
CA ARG S 712 73.49 18.48 51.09
C ARG S 712 73.24 17.53 49.94
N PHE S 713 72.11 16.84 50.00
CA PHE S 713 71.97 15.62 49.24
C PHE S 713 71.93 15.84 47.74
N ASP S 714 71.27 16.90 47.25
CA ASP S 714 71.21 16.97 45.78
C ASP S 714 72.56 17.26 45.14
N LEU S 715 73.58 17.65 45.93
CA LEU S 715 74.92 17.61 45.36
C LEU S 715 75.39 16.17 45.20
N ILE S 716 75.14 15.30 46.21
CA ILE S 716 75.66 13.92 46.11
C ILE S 716 75.03 13.17 44.96
N ILE S 717 73.76 13.43 44.62
CA ILE S 717 73.19 12.79 43.43
C ILE S 717 73.99 13.21 42.21
N LEU S 718 74.24 14.52 42.13
CA LEU S 718 74.80 15.09 40.92
C LEU S 718 76.13 14.47 40.57
N LEU S 719 77.00 14.33 41.57
CA LEU S 719 78.31 13.79 41.29
C LEU S 719 78.21 12.37 40.76
N ARG S 720 77.17 11.60 41.11
CA ARG S 720 77.06 10.26 40.52
C ARG S 720 76.69 10.37 39.05
N GLU S 721 75.74 11.24 38.72
CA GLU S 721 75.26 11.26 37.34
C GLU S 721 76.40 11.64 36.44
N MET S 722 76.95 12.79 36.74
CA MET S 722 78.01 13.38 35.94
C MET S 722 79.25 12.52 35.90
N LEU S 723 79.56 11.82 36.99
CA LEU S 723 80.78 11.03 37.01
C LEU S 723 80.60 9.62 36.45
N SER S 724 79.38 9.15 36.33
CA SER S 724 79.08 7.81 35.86
C SER S 724 79.60 7.59 34.44
N PRO S 725 79.63 6.32 33.95
CA PRO S 725 79.74 6.10 32.49
C PRO S 725 78.63 6.75 31.66
N ASP S 726 77.57 7.24 32.31
CA ASP S 726 76.54 8.03 31.61
C ASP S 726 77.10 9.28 30.96
N GLY S 727 77.67 10.17 31.77
CA GLY S 727 77.71 11.60 31.42
C GLY S 727 79.01 12.09 30.86
N LEU S 728 79.84 12.71 31.70
CA LEU S 728 81.06 13.31 31.20
C LEU S 728 81.98 12.25 30.63
N ASP S 729 82.51 12.55 29.45
CA ASP S 729 83.31 11.62 28.67
C ASP S 729 84.49 11.09 29.47
N ARG S 730 84.89 9.85 29.17
CA ARG S 730 85.97 9.20 29.90
C ARG S 730 87.31 9.93 29.78
N MET S 731 87.46 10.81 28.77
CA MET S 731 88.74 11.45 28.47
C MET S 731 88.68 12.97 28.36
N SER S 732 87.51 13.60 28.46
CA SER S 732 87.45 15.04 28.59
C SER S 732 88.24 15.49 29.81
N ARG S 733 88.77 16.73 29.74
CA ARG S 733 89.51 17.28 30.87
C ARG S 733 88.64 17.44 32.12
N SER S 734 87.31 17.44 31.98
CA SER S 734 86.42 17.61 33.11
C SER S 734 86.60 16.50 34.16
N ARG S 735 86.78 15.26 33.71
CA ARG S 735 86.87 14.15 34.67
C ARG S 735 88.08 14.24 35.58
N LYS S 736 89.17 14.86 35.11
CA LYS S 736 90.31 15.10 35.99
C LYS S 736 89.86 15.90 37.21
N TYR S 737 89.25 17.06 36.97
CA TYR S 737 88.79 17.93 38.05
C TYR S 737 87.72 17.24 38.91
N VAL S 738 86.72 16.62 38.29
CA VAL S 738 85.60 16.08 39.07
C VAL S 738 86.06 14.96 39.99
N SER S 739 86.80 13.98 39.45
CA SER S 739 87.17 12.87 40.34
C SER S 739 88.15 13.34 41.40
N GLN S 740 89.04 14.29 41.06
CA GLN S 740 89.93 14.81 42.09
C GLN S 740 89.16 15.57 43.18
N PHE S 741 88.00 16.15 42.84
CA PHE S 741 87.17 16.80 43.86
C PHE S 741 86.46 15.78 44.72
N SER S 742 85.76 14.84 44.09
CA SER S 742 84.92 13.91 44.85
C SER S 742 85.72 13.08 45.83
N ASP S 743 86.94 12.65 45.45
CA ASP S 743 87.78 11.89 46.39
C ASP S 743 87.93 12.62 47.72
N TYR S 744 88.33 13.90 47.63
CA TYR S 744 88.52 14.70 48.82
C TYR S 744 87.20 14.93 49.56
N PHE S 745 86.12 15.11 48.80
CA PHE S 745 84.80 15.32 49.39
C PHE S 745 84.46 14.18 50.32
N LEU S 746 84.53 12.96 49.79
CA LEU S 746 84.08 11.82 50.55
C LEU S 746 85.01 11.50 51.71
N ALA S 747 86.31 11.81 51.58
CA ALA S 747 87.20 11.63 52.74
C ALA S 747 86.75 12.51 53.91
N ARG S 748 86.55 13.81 53.65
CA ARG S 748 86.13 14.68 54.74
C ARG S 748 84.74 14.30 55.26
N LEU S 749 83.86 13.84 54.37
CA LEU S 749 82.52 13.43 54.81
C LEU S 749 82.59 12.23 55.75
N LYS S 750 83.43 11.25 55.42
CA LYS S 750 83.64 10.08 56.27
C LYS S 750 84.04 10.51 57.68
N LYS S 751 85.04 11.39 57.75
CA LYS S 751 85.52 11.86 59.05
C LYS S 751 84.39 12.50 59.85
N ARG S 752 83.62 13.39 59.20
CA ARG S 752 82.54 14.07 59.91
C ARG S 752 81.50 13.10 60.43
N LEU S 753 81.08 12.15 59.58
CA LEU S 753 79.97 11.29 59.98
C LEU S 753 80.36 10.38 61.13
N LYS S 754 81.59 9.84 61.13
CA LYS S 754 81.92 9.00 62.29
C LYS S 754 82.11 9.83 63.55
N LYS S 755 82.56 11.09 63.46
CA LYS S 755 82.73 11.84 64.70
C LYS S 755 81.40 12.21 65.35
N SER S 756 80.32 12.42 64.57
CA SER S 756 79.03 12.85 65.10
C SER S 756 77.90 12.24 64.26
N PRO S 757 77.34 11.09 64.67
CA PRO S 757 76.34 10.41 63.82
C PRO S 757 75.05 11.18 63.50
N ALA S 758 74.79 12.35 64.09
CA ALA S 758 73.55 13.07 63.78
C ALA S 758 73.48 13.55 62.34
N TRP S 759 74.61 13.61 61.64
CA TRP S 759 74.61 14.16 60.29
C TRP S 759 73.91 13.27 59.26
N PHE S 760 73.62 12.00 59.59
CA PHE S 760 72.84 11.16 58.67
C PHE S 760 71.47 11.79 58.40
N VAL S 761 70.82 12.28 59.46
CA VAL S 761 69.57 13.02 59.29
C VAL S 761 69.84 14.46 58.89
N GLY S 762 71.06 14.97 59.14
CA GLY S 762 71.42 16.29 58.63
C GLY S 762 71.41 16.37 57.12
N LEU S 763 71.89 15.32 56.44
CA LEU S 763 72.20 15.40 55.01
C LEU S 763 71.00 15.68 54.12
N LEU S 764 69.77 15.49 54.61
CA LEU S 764 68.60 15.73 53.78
C LEU S 764 68.22 17.20 53.72
N PHE S 765 68.45 17.95 54.79
CA PHE S 765 67.78 19.22 55.05
C PHE S 765 68.75 20.40 54.98
N PRO S 766 68.25 21.63 54.89
CA PRO S 766 69.12 22.78 55.04
C PRO S 766 69.74 22.82 56.43
N PRO S 767 70.85 23.54 56.62
CA PRO S 767 71.39 23.67 57.97
C PRO S 767 70.47 24.51 58.84
N LEU S 768 70.70 24.40 60.14
CA LEU S 768 69.74 24.84 61.16
C LEU S 768 70.29 26.08 61.85
N HIS S 769 69.50 27.15 61.86
CA HIS S 769 69.99 28.49 62.18
C HIS S 769 69.81 28.88 63.65
N ASN S 770 69.60 27.92 64.54
CA ASN S 770 69.48 28.23 65.96
C ASN S 770 70.85 28.60 66.55
N SER S 771 70.82 29.54 67.51
CA SER S 771 72.05 30.06 68.10
C SER S 771 72.81 28.99 68.89
N GLU S 772 72.12 28.26 69.79
CA GLU S 772 72.84 27.48 70.78
C GLU S 772 73.42 26.18 70.20
N VAL S 773 72.68 25.51 69.32
CA VAL S 773 73.16 24.27 68.68
C VAL S 773 73.85 24.53 67.34
N GLY S 774 73.47 25.62 66.66
CA GLY S 774 73.91 25.81 65.29
C GLY S 774 75.40 26.01 65.13
N PHE S 775 76.05 26.66 66.10
CA PHE S 775 77.49 26.87 65.98
C PHE S 775 78.23 25.56 65.97
N TYR S 776 77.91 24.66 66.90
CA TYR S 776 78.55 23.35 66.86
C TYR S 776 78.14 22.58 65.62
N GLN S 777 76.91 22.77 65.14
CA GLN S 777 76.47 22.07 63.92
C GLN S 777 77.39 22.40 62.74
N ARG S 778 77.61 23.69 62.49
CA ARG S 778 78.36 24.08 61.29
C ARG S 778 79.80 23.60 61.33
N TYR S 779 80.39 23.48 62.52
CA TYR S 779 81.77 23.03 62.68
C TYR S 779 81.81 21.77 63.52
N LYS T 49 31.98 15.22 47.67
CA LYS T 49 33.35 15.65 47.27
C LYS T 49 34.15 14.53 46.60
N ARG T 50 35.16 14.93 45.83
CA ARG T 50 36.16 13.98 45.34
C ARG T 50 37.09 13.58 46.48
N ARG T 51 37.79 12.47 46.29
CA ARG T 51 38.66 11.96 47.34
C ARG T 51 39.84 12.93 47.55
N PRO T 52 40.16 13.32 48.80
CA PRO T 52 41.28 14.26 49.01
C PRO T 52 42.63 13.63 48.68
N GLN T 53 43.58 14.46 48.27
CA GLN T 53 44.88 13.98 47.83
C GLN T 53 45.74 13.52 49.02
N VAL T 54 46.66 12.58 48.75
CA VAL T 54 47.58 12.02 49.75
C VAL T 54 48.97 12.61 49.51
N LYS T 55 49.64 13.00 50.60
CA LYS T 55 50.88 13.77 50.52
C LYS T 55 51.89 13.29 51.55
N LEU T 56 53.15 13.63 51.31
CA LEU T 56 54.18 13.56 52.34
C LEU T 56 53.92 14.64 53.39
N THR T 57 54.14 14.29 54.65
CA THR T 57 53.93 15.24 55.74
C THR T 57 54.87 14.89 56.89
N ALA T 58 55.08 15.88 57.77
CA ALA T 58 56.02 15.72 58.87
C ALA T 58 55.61 14.61 59.83
N GLU T 59 54.31 14.29 59.89
CA GLU T 59 53.85 13.21 60.76
C GLU T 59 54.44 11.88 60.33
N LYS T 60 54.54 11.64 59.02
CA LYS T 60 55.18 10.43 58.52
C LYS T 60 56.65 10.39 58.89
N LEU T 61 57.34 11.53 58.77
CA LEU T 61 58.77 11.58 59.09
C LEU T 61 59.00 11.30 60.57
N LEU T 62 58.17 11.91 61.44
CA LEU T 62 58.32 11.73 62.88
C LEU T 62 57.73 10.42 63.38
N SER T 63 57.02 9.67 62.54
CA SER T 63 56.56 8.35 62.95
C SER T 63 57.74 7.42 63.20
N ASP T 64 57.48 6.33 63.91
CA ASP T 64 58.53 5.35 64.20
C ASP T 64 59.03 4.70 62.92
N LYS T 65 58.14 4.51 61.95
CA LYS T 65 58.51 4.07 60.61
C LYS T 65 59.47 5.05 59.92
N GLY T 66 59.46 6.32 60.34
CA GLY T 66 60.16 7.38 59.61
C GLY T 66 61.63 7.55 59.93
N LEU T 67 62.04 8.81 60.14
CA LEU T 67 63.43 9.21 60.34
C LEU T 67 64.18 8.48 61.46
N PRO T 68 63.56 8.08 62.59
CA PRO T 68 64.34 7.34 63.60
C PRO T 68 64.97 6.07 63.08
N TYR T 69 64.34 5.42 62.10
CA TYR T 69 64.92 4.23 61.48
C TYR T 69 66.30 4.53 60.89
N VAL T 70 66.45 5.70 60.25
CA VAL T 70 67.73 5.99 59.60
C VAL T 70 68.82 6.16 60.66
N LEU T 71 68.50 6.90 61.73
CA LEU T 71 69.48 7.10 62.79
C LEU T 71 69.74 5.81 63.57
N LYS T 72 68.78 4.89 63.58
CA LYS T 72 68.96 3.60 64.26
C LYS T 72 69.83 2.62 63.47
N ASN T 73 70.05 2.86 62.17
CA ASN T 73 70.62 1.86 61.27
C ASN T 73 71.74 2.38 60.38
N ALA T 74 71.86 3.69 60.18
CA ALA T 74 72.76 4.23 59.16
C ALA T 74 74.22 3.90 59.46
N HIS T 75 74.62 3.95 60.73
CA HIS T 75 75.97 3.57 61.13
C HIS T 75 76.33 2.16 60.69
N LYS T 76 75.34 1.26 60.65
CA LYS T 76 75.54 -0.12 60.24
C LYS T 76 75.36 -0.32 58.75
N ARG T 77 74.57 0.54 58.09
CA ARG T 77 74.24 0.34 56.68
C ARG T 77 75.40 0.69 55.75
N ILE T 78 75.84 1.94 55.78
CA ILE T 78 76.79 2.44 54.78
C ILE T 78 78.21 2.09 55.22
N ARG T 79 79.08 1.86 54.23
CA ARG T 79 80.50 1.61 54.52
C ARG T 79 81.33 2.07 53.33
N ILE T 80 82.20 3.05 53.56
CA ILE T 80 83.13 3.54 52.55
C ILE T 80 84.38 2.68 52.59
N SER T 81 85.10 2.64 51.47
CA SER T 81 86.46 2.09 51.45
C SER T 81 87.33 2.90 50.52
N SER T 82 88.55 3.21 50.98
CA SER T 82 89.61 3.66 50.08
C SER T 82 89.93 2.62 49.02
N LYS T 83 89.66 1.34 49.31
CA LYS T 83 89.90 0.22 48.42
C LYS T 83 88.96 0.17 47.21
N LYS T 84 88.04 1.12 47.08
CA LYS T 84 87.15 1.21 45.93
C LYS T 84 87.07 2.66 45.48
N ASN T 85 86.64 2.86 44.24
CA ASN T 85 86.76 4.16 43.58
C ASN T 85 85.84 5.18 44.22
N SER T 86 86.02 6.44 43.84
CA SER T 86 85.08 7.48 44.27
C SER T 86 83.70 7.16 43.77
N TYR T 87 83.58 6.90 42.48
CA TYR T 87 82.31 6.52 41.87
C TYR T 87 81.68 5.30 42.55
N ASP T 88 82.51 4.33 42.94
CA ASP T 88 82.01 3.16 43.66
C ASP T 88 81.37 3.57 44.99
N ASN T 89 82.16 4.22 45.84
CA ASN T 89 81.70 4.58 47.18
C ASN T 89 80.56 5.59 47.12
N LEU T 90 80.64 6.53 46.18
CA LEU T 90 79.58 7.51 45.98
C LEU T 90 78.29 6.83 45.63
N SER T 91 78.35 5.83 44.74
CA SER T 91 77.13 5.12 44.40
C SER T 91 76.56 4.43 45.62
N ASN T 92 77.44 3.90 46.45
CA ASN T 92 77.00 3.09 47.58
C ASN T 92 76.14 3.90 48.55
N ILE T 93 76.50 5.15 48.82
CA ILE T 93 75.80 5.97 49.81
C ILE T 93 74.32 6.12 49.45
N ILE T 94 74.01 6.17 48.14
CA ILE T 94 72.64 6.54 47.77
C ILE T 94 71.70 5.34 47.90
N GLN T 95 72.23 4.11 47.90
CA GLN T 95 71.39 2.90 47.94
C GLN T 95 70.40 2.95 49.08
N PHE T 96 70.93 3.04 50.30
CA PHE T 96 70.11 2.99 51.50
C PHE T 96 69.08 4.11 51.50
N TYR T 97 69.50 5.32 51.14
CA TYR T 97 68.56 6.43 51.15
C TYR T 97 67.45 6.22 50.12
N GLN T 98 67.77 5.60 48.99
CA GLN T 98 66.73 5.33 48.00
C GLN T 98 65.72 4.30 48.49
N LEU T 99 66.21 3.17 49.00
CA LEU T 99 65.28 2.14 49.46
C LEU T 99 64.42 2.65 50.62
N TRP T 100 65.03 3.42 51.53
CA TRP T 100 64.29 4.01 52.62
C TRP T 100 63.22 4.98 52.11
N ALA T 101 63.57 5.81 51.12
CA ALA T 101 62.59 6.75 50.57
C ALA T 101 61.43 6.01 49.93
N HIS T 102 61.70 4.90 49.24
CA HIS T 102 60.60 4.14 48.68
C HIS T 102 59.71 3.59 49.77
N GLU T 103 60.32 2.93 50.78
CA GLU T 103 59.55 2.34 51.87
C GLU T 103 58.71 3.38 52.59
N LEU T 104 59.21 4.61 52.68
CA LEU T 104 58.48 5.64 53.42
C LEU T 104 57.23 6.11 52.65
N PHE T 105 57.36 6.38 51.34
CA PHE T 105 56.34 7.16 50.65
C PHE T 105 56.38 6.97 49.12
N PRO T 106 55.98 5.79 48.59
CA PRO T 106 56.23 5.48 47.16
C PRO T 106 55.64 6.35 46.06
N LYS T 107 54.98 7.49 46.34
CA LYS T 107 54.41 8.33 45.28
C LYS T 107 55.36 8.56 44.11
N ALA T 108 56.53 9.11 44.40
CA ALA T 108 57.21 9.96 43.43
C ALA T 108 58.68 9.61 43.26
N LYS T 109 59.20 10.17 42.18
CA LYS T 109 60.60 10.06 41.80
C LYS T 109 61.51 10.53 42.93
N PHE T 110 62.69 9.91 43.03
CA PHE T 110 63.60 10.12 44.17
C PHE T 110 63.96 11.59 44.36
N LYS T 111 64.34 12.26 43.27
CA LYS T 111 64.63 13.69 43.33
C LYS T 111 63.47 14.47 43.92
N ASP T 112 62.26 14.13 43.47
CA ASP T 112 61.09 14.84 43.99
C ASP T 112 60.93 14.59 45.48
N PHE T 113 61.29 13.40 45.96
CA PHE T 113 61.28 13.15 47.40
C PHE T 113 62.20 14.13 48.13
N MET T 114 63.46 14.26 47.67
CA MET T 114 64.37 15.19 48.34
C MET T 114 63.84 16.62 48.30
N LYS T 115 63.43 17.06 47.12
CA LYS T 115 63.06 18.46 46.99
C LYS T 115 61.76 18.75 47.73
N ILE T 116 60.87 17.77 47.83
CA ILE T 116 59.68 17.93 48.65
C ILE T 116 60.09 18.09 50.09
N CYS T 117 61.07 17.29 50.53
CA CYS T 117 61.50 17.33 51.94
C CYS T 117 61.98 18.71 52.34
N GLN T 118 62.57 19.45 51.39
CA GLN T 118 63.14 20.78 51.72
C GLN T 118 62.08 21.72 52.32
N THR T 119 60.89 21.73 51.72
CA THR T 119 59.86 22.70 52.10
C THR T 119 59.41 22.48 53.55
N VAL T 120 58.89 21.28 53.84
CA VAL T 120 58.45 20.95 55.19
C VAL T 120 59.62 21.03 56.17
N GLY T 121 60.82 20.66 55.72
CA GLY T 121 61.98 20.73 56.59
C GLY T 121 62.30 22.14 57.05
N LYS T 122 62.12 23.12 56.15
CA LYS T 122 62.40 24.50 56.53
C LYS T 122 61.24 25.13 57.30
N THR T 123 60.01 24.70 57.06
CA THR T 123 58.85 25.42 57.59
C THR T 123 58.33 24.90 58.92
N ASP T 124 58.11 23.59 59.06
CA ASP T 124 57.39 23.05 60.22
C ASP T 124 58.17 23.29 61.53
N PRO T 125 57.58 23.91 62.57
CA PRO T 125 58.33 24.07 63.83
C PRO T 125 58.54 22.77 64.61
N VAL T 126 57.61 21.83 64.55
CA VAL T 126 57.75 20.60 65.34
C VAL T 126 58.93 19.78 64.83
N LEU T 127 59.07 19.68 63.50
CA LEU T 127 60.22 19.00 62.91
C LEU T 127 61.52 19.67 63.32
N ARG T 128 61.55 21.00 63.32
CA ARG T 128 62.75 21.72 63.74
C ARG T 128 63.06 21.49 65.22
N GLU T 129 62.02 21.37 66.05
CA GLU T 129 62.19 21.04 67.45
C GLU T 129 62.87 19.68 67.60
N TYR T 130 62.42 18.70 66.82
CA TYR T 130 63.05 17.39 66.82
C TYR T 130 64.52 17.46 66.40
N ARG T 131 64.82 18.29 65.41
CA ARG T 131 66.19 18.38 64.90
C ARG T 131 67.14 19.03 65.90
N VAL T 132 66.70 20.16 66.51
CA VAL T 132 67.52 20.75 67.57
C VAL T 132 67.64 19.79 68.75
N SER T 133 66.65 18.93 68.96
CA SER T 133 66.78 17.91 70.01
C SER T 133 67.92 16.95 69.70
N LEU T 134 68.05 16.51 68.44
CA LEU T 134 69.18 15.67 68.05
C LEU T 134 70.51 16.35 68.38
N PHE T 135 70.66 17.59 67.95
CA PHE T 135 71.96 18.22 68.14
C PHE T 135 72.20 18.59 69.60
N ARG T 136 71.14 18.76 70.39
CA ARG T 136 71.33 18.86 71.84
C ARG T 136 71.80 17.53 72.42
N ASP T 137 71.28 16.40 71.91
CA ASP T 137 71.74 15.10 72.40
C ASP T 137 73.24 14.97 72.21
N GLU T 138 73.75 15.46 71.09
CA GLU T 138 75.21 15.50 70.94
C GLU T 138 75.85 16.54 71.84
N MET T 139 75.17 17.67 72.13
CA MET T 139 75.70 18.59 73.12
C MET T 139 75.64 18.02 74.54
N GLY T 140 74.84 16.97 74.77
CA GLY T 140 74.83 16.29 76.05
C GLY T 140 76.11 15.54 76.32
N LYS U 508 -34.33 67.39 -6.92
CA LYS U 508 -35.47 68.16 -7.48
C LYS U 508 -36.03 67.51 -8.76
N PHE U 509 -37.31 67.76 -9.01
CA PHE U 509 -37.98 67.24 -10.20
C PHE U 509 -37.34 67.78 -11.49
N ARG U 510 -37.46 66.99 -12.58
CA ARG U 510 -37.13 67.41 -13.93
C ARG U 510 -37.96 66.58 -14.93
N TYR U 511 -38.32 67.18 -16.07
CA TYR U 511 -39.14 66.49 -17.07
C TYR U 511 -38.30 65.49 -17.88
N MET U 512 -38.96 64.39 -18.28
CA MET U 512 -38.31 63.30 -19.00
C MET U 512 -39.34 62.63 -19.91
N PRO U 513 -38.89 61.88 -20.93
CA PRO U 513 -39.82 61.05 -21.70
C PRO U 513 -40.22 59.79 -20.96
N PHE U 514 -41.30 59.16 -21.45
CA PHE U 514 -41.82 57.92 -20.88
C PHE U 514 -42.44 57.09 -21.99
N SER U 515 -42.47 55.77 -21.83
CA SER U 515 -43.38 54.92 -22.58
C SER U 515 -43.82 53.76 -21.69
N PRO U 516 -45.03 53.14 -21.94
CA PRO U 516 -45.56 52.13 -21.00
C PRO U 516 -44.67 50.91 -20.78
N ALA U 517 -44.15 50.81 -19.56
CA ALA U 517 -43.33 49.68 -19.11
C ALA U 517 -42.14 49.42 -20.04
N GLY U 518 -41.29 50.43 -20.16
CA GLY U 518 -39.96 50.26 -20.73
C GLY U 518 -38.95 49.92 -19.64
N THR U 519 -37.71 49.69 -20.07
CA THR U 519 -36.58 49.49 -19.17
C THR U 519 -35.43 50.41 -19.55
N PRO U 520 -34.55 50.77 -18.60
CA PRO U 520 -33.32 51.46 -18.98
C PRO U 520 -32.37 50.51 -19.70
N PHE U 521 -31.31 51.08 -20.26
CA PHE U 521 -30.23 50.26 -20.81
C PHE U 521 -29.49 49.52 -19.71
N GLY U 522 -29.35 50.12 -18.54
CA GLY U 522 -28.46 49.60 -17.53
C GLY U 522 -27.04 49.55 -18.03
N PHE U 523 -26.34 48.47 -17.69
CA PHE U 523 -24.97 48.28 -18.15
C PHE U 523 -24.88 47.87 -19.62
N THR U 524 -26.00 47.59 -20.29
CA THR U 524 -26.02 46.89 -21.57
C THR U 524 -26.20 47.84 -22.74
N ASP U 525 -26.22 47.25 -23.94
CA ASP U 525 -26.48 47.94 -25.19
C ASP U 525 -27.88 47.65 -25.74
N ARG U 526 -28.81 47.20 -24.90
CA ARG U 526 -30.17 46.89 -25.33
C ARG U 526 -31.15 47.16 -24.20
N ARG U 527 -32.43 47.24 -24.55
CA ARG U 527 -33.49 47.54 -23.58
C ARG U 527 -34.85 47.25 -24.20
N TYR U 528 -35.86 47.19 -23.33
CA TYR U 528 -37.27 47.15 -23.73
C TYR U 528 -37.78 48.58 -23.84
N LEU U 529 -38.48 48.89 -24.92
CA LEU U 529 -39.11 50.21 -25.06
C LEU U 529 -40.49 50.25 -24.42
N THR U 530 -41.30 49.21 -24.58
CA THR U 530 -42.64 49.23 -24.00
C THR U 530 -43.24 47.83 -24.03
N MET U 531 -44.29 47.64 -23.23
CA MET U 531 -45.00 46.37 -23.12
C MET U 531 -46.49 46.63 -22.97
N ASN U 532 -47.30 45.68 -23.47
CA ASN U 532 -48.74 45.67 -23.21
C ASN U 532 -49.24 44.23 -23.40
N GLU U 533 -50.57 44.04 -23.33
CA GLU U 533 -51.14 42.70 -23.49
C GLU U 533 -50.87 42.12 -24.87
N VAL U 534 -50.80 42.97 -25.90
CA VAL U 534 -50.61 42.50 -27.27
C VAL U 534 -49.18 42.05 -27.50
N GLY U 535 -48.20 42.78 -26.96
CA GLY U 535 -46.82 42.46 -27.24
C GLY U 535 -45.86 43.42 -26.58
N TYR U 536 -44.65 43.49 -27.15
CA TYR U 536 -43.58 44.30 -26.59
C TYR U 536 -42.59 44.64 -27.69
N VAL U 537 -41.77 45.66 -27.43
CA VAL U 537 -40.79 46.18 -28.37
C VAL U 537 -39.45 46.29 -27.67
N SER U 538 -38.38 45.90 -28.37
CA SER U 538 -37.03 45.95 -27.86
C SER U 538 -36.11 46.53 -28.92
N THR U 539 -34.95 47.03 -28.48
CA THR U 539 -33.96 47.57 -29.42
C THR U 539 -32.55 47.35 -28.89
N VAL U 540 -31.59 47.35 -29.82
CA VAL U 540 -30.18 47.12 -29.55
C VAL U 540 -29.36 48.18 -30.27
N LYS U 541 -28.27 48.62 -29.66
CA LYS U 541 -27.40 49.65 -30.22
C LYS U 541 -26.21 48.99 -30.92
N ASN U 542 -25.93 49.44 -32.14
CA ASN U 542 -24.85 48.91 -32.99
C ASN U 542 -23.97 50.07 -33.42
N SER U 543 -22.93 50.34 -32.63
CA SER U 543 -22.08 51.53 -32.79
C SER U 543 -22.98 52.76 -32.87
N GLU U 544 -23.10 53.38 -34.05
CA GLU U 544 -23.84 54.64 -34.22
C GLU U 544 -25.25 54.43 -34.77
N GLN U 545 -25.78 53.20 -34.74
CA GLN U 545 -27.10 52.89 -35.28
C GLN U 545 -27.82 51.98 -34.29
N TYR U 546 -29.13 51.84 -34.50
CA TYR U 546 -29.98 51.02 -33.64
C TYR U 546 -30.79 50.04 -34.48
N SER U 547 -31.08 48.89 -33.87
CA SER U 547 -31.91 47.84 -34.46
C SER U 547 -33.11 47.63 -33.54
N ILE U 548 -34.30 47.55 -34.12
CA ILE U 548 -35.56 47.48 -33.37
C ILE U 548 -36.27 46.18 -33.75
N THR U 549 -36.89 45.54 -32.75
CA THR U 549 -37.65 44.31 -32.93
C THR U 549 -38.99 44.41 -32.24
N VAL U 550 -40.05 43.91 -32.90
CA VAL U 550 -41.43 43.98 -32.43
C VAL U 550 -41.95 42.57 -32.27
N SER U 551 -42.49 42.26 -31.08
CA SER U 551 -42.97 40.93 -30.72
C SER U 551 -44.45 40.97 -30.37
N PHE U 552 -45.14 39.84 -30.59
CA PHE U 552 -46.56 39.68 -30.32
C PHE U 552 -46.79 38.40 -29.53
N PHE U 553 -47.82 38.41 -28.67
CA PHE U 553 -48.23 37.17 -27.99
C PHE U 553 -49.21 36.36 -28.84
N ASP U 554 -50.03 37.02 -29.66
CA ASP U 554 -50.87 36.29 -30.63
C ASP U 554 -50.02 36.05 -31.86
N VAL U 555 -49.28 34.94 -31.84
CA VAL U 555 -48.44 34.57 -32.97
C VAL U 555 -49.24 34.09 -34.17
N GLY U 556 -50.53 33.79 -33.99
CA GLY U 556 -51.38 33.39 -35.10
C GLY U 556 -51.82 34.57 -35.94
N ARG U 557 -52.08 35.70 -35.28
CA ARG U 557 -52.68 36.87 -35.91
C ARG U 557 -51.66 37.82 -36.51
N PHE U 558 -50.40 37.81 -36.05
CA PHE U 558 -49.41 38.80 -36.44
C PHE U 558 -48.06 38.12 -36.68
N ARG U 559 -47.13 38.80 -37.28
CA ARG U 559 -45.77 38.50 -37.55
C ARG U 559 -44.79 39.34 -36.77
N GLU U 560 -43.94 38.73 -35.96
CA GLU U 560 -42.80 39.42 -35.38
C GLU U 560 -41.83 39.83 -36.49
N TYR U 561 -41.24 41.02 -36.35
CA TYR U 561 -40.36 41.56 -37.39
C TYR U 561 -39.42 42.58 -36.77
N HIS U 562 -38.47 43.08 -37.51
CA HIS U 562 -37.40 43.93 -37.14
C HIS U 562 -36.95 44.89 -38.22
N PHE U 563 -36.35 46.02 -37.83
CA PHE U 563 -35.81 46.98 -38.79
C PHE U 563 -34.82 47.91 -38.08
N GLU U 564 -34.07 48.67 -38.88
CA GLU U 564 -32.97 49.51 -38.40
C GLU U 564 -33.38 50.98 -38.30
N ASP U 565 -32.99 51.61 -37.20
CA ASP U 565 -33.21 53.03 -36.94
C ASP U 565 -31.87 53.74 -36.86
N LEU U 566 -31.73 54.80 -37.66
CA LEU U 566 -30.54 55.64 -37.67
C LEU U 566 -30.68 56.87 -36.78
N PHE U 567 -31.87 57.17 -36.29
CA PHE U 567 -32.20 58.44 -35.68
C PHE U 567 -32.28 58.38 -34.16
N GLY U 568 -32.29 57.18 -33.57
CA GLY U 568 -32.24 57.04 -32.14
C GLY U 568 -33.56 57.41 -31.49
N TYR U 569 -34.62 56.73 -31.90
CA TYR U 569 -35.92 56.89 -31.25
C TYR U 569 -35.81 56.57 -29.77
N ASP U 570 -36.57 57.32 -28.96
CA ASP U 570 -36.65 57.12 -27.53
C ASP U 570 -38.08 57.03 -27.02
N LEU U 571 -39.08 57.09 -27.91
CA LEU U 571 -40.50 57.01 -27.57
C LEU U 571 -41.15 55.94 -28.42
N CYS U 572 -42.12 55.22 -27.84
CA CYS U 572 -42.78 54.14 -28.57
C CYS U 572 -44.17 53.87 -27.99
N PHE U 573 -45.12 53.56 -28.87
CA PHE U 573 -46.50 53.28 -28.51
C PHE U 573 -47.04 52.19 -29.43
N LEU U 574 -47.72 51.19 -28.85
CA LEU U 574 -48.20 50.02 -29.57
C LEU U 574 -49.72 49.86 -29.45
N ASN U 575 -50.35 49.45 -30.55
CA ASN U 575 -51.70 48.89 -30.52
C ASN U 575 -51.78 47.78 -31.57
N GLU U 576 -52.93 47.11 -31.65
CA GLU U 576 -53.11 46.02 -32.61
C GLU U 576 -53.34 46.48 -34.06
N LYS U 577 -53.24 47.78 -34.36
CA LYS U 577 -53.25 48.29 -35.73
C LYS U 577 -51.87 48.65 -36.24
N GLY U 578 -51.01 49.17 -35.36
CA GLY U 578 -49.67 49.57 -35.77
C GLY U 578 -48.85 50.00 -34.57
N THR U 579 -47.67 50.53 -34.84
CA THR U 579 -46.78 51.05 -33.81
C THR U 579 -46.31 52.45 -34.20
N LEU U 580 -46.22 53.32 -33.20
CA LEU U 580 -45.83 54.71 -33.34
C LEU U 580 -44.50 54.92 -32.63
N PHE U 581 -43.58 55.66 -33.29
CA PHE U 581 -42.23 55.87 -32.79
C PHE U 581 -41.90 57.37 -32.82
N GLY U 582 -41.07 57.80 -31.87
CA GLY U 582 -40.72 59.21 -31.77
C GLY U 582 -39.33 59.44 -31.21
N GLN U 583 -38.83 60.65 -31.50
CA GLN U 583 -37.55 61.14 -30.99
C GLN U 583 -37.82 62.43 -30.22
N SER U 584 -37.46 62.44 -28.93
CA SER U 584 -37.89 63.51 -28.04
C SER U 584 -37.11 64.80 -28.25
N LYS U 585 -35.86 64.74 -28.70
CA LYS U 585 -35.06 65.94 -28.91
C LYS U 585 -35.22 66.51 -30.32
N THR U 586 -35.13 65.64 -31.33
CA THR U 586 -35.20 66.10 -32.71
C THR U 586 -36.63 66.35 -33.18
N GLY U 587 -37.63 65.86 -32.46
CA GLY U 587 -39.01 66.01 -32.91
C GLY U 587 -39.40 65.10 -34.06
N GLN U 588 -38.54 64.16 -34.44
CA GLN U 588 -38.82 63.26 -35.55
C GLN U 588 -39.72 62.12 -35.09
N ILE U 589 -40.72 61.77 -35.91
CA ILE U 589 -41.69 60.73 -35.59
C ILE U 589 -41.96 59.86 -36.81
N GLN U 590 -42.50 58.67 -36.54
CA GLN U 590 -42.84 57.70 -37.57
C GLN U 590 -43.97 56.82 -37.07
N TYR U 591 -44.93 56.52 -37.96
CA TYR U 591 -46.01 55.57 -37.68
C TYR U 591 -45.96 54.42 -38.66
N ARG U 592 -46.08 53.20 -38.14
CA ARG U 592 -46.01 51.96 -38.92
C ARG U 592 -47.26 51.11 -38.75
N PRO U 593 -48.13 50.97 -39.75
CA PRO U 593 -49.21 49.97 -39.65
C PRO U 593 -48.65 48.56 -39.65
N HIS U 594 -49.43 47.64 -39.06
CA HIS U 594 -49.01 46.24 -39.05
C HIS U 594 -49.20 45.58 -40.40
N ASP U 595 -50.16 46.06 -41.20
CA ASP U 595 -50.26 45.62 -42.59
C ASP U 595 -49.19 46.31 -43.43
N SER U 596 -48.88 45.79 -44.58
CA SER U 596 -48.06 46.30 -45.61
C SER U 596 -48.75 47.27 -46.54
N ILE U 597 -50.07 47.18 -46.62
CA ILE U 597 -50.83 47.86 -47.67
C ILE U 597 -50.73 49.36 -47.50
N HIS U 598 -50.98 49.84 -46.28
CA HIS U 598 -50.82 51.25 -45.95
C HIS U 598 -49.35 51.49 -45.58
N SER U 599 -48.62 52.12 -46.48
CA SER U 599 -47.20 52.34 -46.26
C SER U 599 -46.97 53.32 -45.13
N ASN U 600 -45.83 53.16 -44.45
CA ASN U 600 -45.48 53.97 -43.29
C ASN U 600 -45.28 55.42 -43.71
N TRP U 601 -45.35 56.34 -42.74
CA TRP U 601 -45.08 57.75 -43.02
C TRP U 601 -44.43 58.42 -41.81
N THR U 602 -43.71 59.52 -42.08
CA THR U 602 -42.88 60.20 -41.11
C THR U 602 -43.12 61.71 -41.16
N LYS U 603 -42.73 62.38 -40.07
CA LYS U 603 -42.85 63.83 -39.96
C LYS U 603 -41.93 64.30 -38.83
N ILE U 604 -41.57 65.59 -38.88
CA ILE U 604 -40.79 66.23 -37.82
C ILE U 604 -41.59 67.43 -37.32
N ILE U 605 -41.71 67.54 -36.00
CA ILE U 605 -42.64 68.45 -35.33
C ILE U 605 -41.87 69.65 -34.79
N PRO U 606 -42.37 70.89 -34.89
CA PRO U 606 -41.62 72.02 -34.32
C PRO U 606 -41.51 71.93 -32.80
N LEU U 607 -40.36 72.42 -32.30
CA LEU U 607 -40.08 72.45 -30.87
C LEU U 607 -39.39 73.76 -30.53
N GLN U 608 -39.75 74.34 -29.39
CA GLN U 608 -39.04 75.51 -28.88
C GLN U 608 -37.70 75.09 -28.30
N ALA U 609 -36.86 76.08 -28.00
CA ALA U 609 -35.52 75.82 -27.47
C ALA U 609 -35.62 75.07 -26.14
N GLY U 610 -34.96 73.91 -26.09
CA GLY U 610 -35.00 73.05 -24.92
C GLY U 610 -36.28 72.26 -24.73
N GLU U 611 -37.30 72.48 -25.57
CA GLU U 611 -38.52 71.71 -25.48
C GLU U 611 -38.29 70.29 -25.98
N ARG U 612 -38.99 69.33 -25.37
CA ARG U 612 -38.89 67.92 -25.74
C ARG U 612 -40.23 67.24 -25.63
N ILE U 613 -40.43 66.21 -26.46
CA ILE U 613 -41.65 65.42 -26.43
C ILE U 613 -41.58 64.50 -25.22
N THR U 614 -42.65 64.46 -24.43
CA THR U 614 -42.71 63.62 -23.23
C THR U 614 -43.46 62.31 -23.45
N SER U 615 -44.47 62.29 -24.33
CA SER U 615 -45.25 61.08 -24.55
C SER U 615 -46.02 61.21 -25.86
N VAL U 616 -46.45 60.06 -26.40
CA VAL U 616 -47.24 60.01 -27.63
C VAL U 616 -48.22 58.85 -27.54
N ALA U 617 -49.34 58.95 -28.27
CA ALA U 617 -50.36 57.90 -28.28
C ALA U 617 -51.22 58.05 -29.53
N ALA U 618 -51.97 56.99 -29.85
CA ALA U 618 -52.75 56.92 -31.08
C ALA U 618 -53.97 56.01 -30.94
N THR U 619 -55.10 56.45 -31.52
CA THR U 619 -56.35 55.70 -31.69
C THR U 619 -56.39 55.16 -33.12
N PRO U 620 -57.45 54.47 -33.56
CA PRO U 620 -57.50 54.04 -34.97
C PRO U 620 -57.41 55.17 -35.99
N VAL U 621 -57.76 56.41 -35.63
CA VAL U 621 -57.78 57.51 -36.59
C VAL U 621 -57.12 58.79 -36.08
N ARG U 622 -56.68 58.83 -34.81
CA ARG U 622 -56.11 60.03 -34.20
C ARG U 622 -54.69 59.77 -33.71
N VAL U 623 -53.84 60.80 -33.86
CA VAL U 623 -52.44 60.79 -33.45
C VAL U 623 -52.25 61.96 -32.51
N ILE U 624 -51.55 61.74 -31.38
CA ILE U 624 -51.41 62.74 -30.32
C ILE U 624 -49.95 62.84 -29.88
N VAL U 625 -49.50 64.08 -29.61
CA VAL U 625 -48.13 64.39 -29.17
C VAL U 625 -48.20 65.42 -28.03
N GLY U 626 -47.36 65.22 -27.00
CA GLY U 626 -47.27 66.15 -25.88
C GLY U 626 -45.83 66.49 -25.58
N THR U 627 -45.63 67.66 -24.95
CA THR U 627 -44.30 68.21 -24.71
C THR U 627 -44.12 68.71 -23.28
N SER U 628 -42.84 68.94 -22.93
CA SER U 628 -42.47 69.46 -21.61
C SER U 628 -43.08 70.83 -21.36
N LEU U 629 -43.20 71.68 -22.39
CA LEU U 629 -43.78 73.00 -22.25
C LEU U 629 -45.31 73.00 -22.40
N GLY U 630 -45.96 71.85 -22.21
CA GLY U 630 -47.40 71.80 -22.10
C GLY U 630 -48.16 71.99 -23.40
N TYR U 631 -47.50 71.82 -24.54
CA TYR U 631 -48.18 71.93 -25.83
C TYR U 631 -48.70 70.57 -26.28
N PHE U 632 -49.94 70.58 -26.76
CA PHE U 632 -50.66 69.40 -27.24
C PHE U 632 -50.90 69.60 -28.72
N ARG U 633 -50.54 68.61 -29.54
CA ARG U 633 -50.76 68.64 -30.99
C ARG U 633 -51.38 67.33 -31.45
N SER U 634 -52.26 67.41 -32.45
CA SER U 634 -53.05 66.25 -32.88
C SER U 634 -53.20 66.21 -34.39
N PHE U 635 -53.21 64.99 -34.95
CA PHE U 635 -53.21 64.74 -36.39
C PHE U 635 -54.05 63.50 -36.67
N ASN U 636 -54.53 63.36 -37.92
CA ASN U 636 -55.22 62.14 -38.32
C ASN U 636 -54.19 61.05 -38.64
N GLN U 637 -54.71 59.86 -38.95
CA GLN U 637 -53.89 58.69 -39.32
C GLN U 637 -53.02 58.92 -40.56
N PHE U 638 -53.22 59.99 -41.33
CA PHE U 638 -52.33 60.36 -42.44
C PHE U 638 -51.61 61.68 -42.19
N GLY U 639 -51.46 62.06 -40.93
CA GLY U 639 -50.65 63.22 -40.57
C GLY U 639 -51.26 64.57 -40.85
N VAL U 640 -52.53 64.63 -41.24
CA VAL U 640 -53.20 65.90 -41.47
C VAL U 640 -53.40 66.56 -40.11
N PRO U 641 -52.92 67.78 -39.86
CA PRO U 641 -53.13 68.38 -38.54
C PRO U 641 -54.57 68.78 -38.31
N PHE U 642 -55.03 68.56 -37.08
CA PHE U 642 -56.38 68.91 -36.64
C PHE U 642 -56.41 70.10 -35.69
N ALA U 643 -55.63 70.07 -34.61
CA ALA U 643 -55.73 71.12 -33.60
C ALA U 643 -54.48 71.15 -32.71
N VAL U 644 -54.28 72.31 -32.08
CA VAL U 644 -53.21 72.53 -31.11
C VAL U 644 -53.82 73.18 -29.87
N GLU U 645 -53.35 72.78 -28.69
CA GLU U 645 -53.89 73.26 -27.42
C GLU U 645 -52.77 73.36 -26.39
N LYS U 646 -52.96 74.25 -25.40
CA LYS U 646 -51.96 74.54 -24.37
C LYS U 646 -52.53 74.16 -23.01
N THR U 647 -51.85 73.26 -22.30
CA THR U 647 -52.35 72.64 -21.08
C THR U 647 -51.22 72.60 -20.05
N SER U 648 -51.47 71.88 -18.94
CA SER U 648 -50.39 71.49 -18.06
C SER U 648 -49.44 70.57 -18.81
N PRO U 649 -48.17 70.49 -18.41
CA PRO U 649 -47.29 69.48 -19.00
C PRO U 649 -47.81 68.06 -18.78
N ILE U 650 -47.75 67.27 -19.85
CA ILE U 650 -48.23 65.89 -19.87
C ILE U 650 -47.07 64.97 -19.51
N VAL U 651 -47.37 63.92 -18.73
CA VAL U 651 -46.36 62.95 -18.33
C VAL U 651 -46.71 61.52 -18.77
N ALA U 652 -47.95 61.21 -19.13
CA ALA U 652 -48.30 59.86 -19.55
C ALA U 652 -49.59 59.88 -20.37
N LEU U 653 -49.73 58.89 -21.26
CA LEU U 653 -50.85 58.76 -22.16
C LEU U 653 -51.17 57.29 -22.38
N THR U 654 -52.46 56.97 -22.59
CA THR U 654 -52.85 55.61 -22.96
C THR U 654 -54.21 55.65 -23.62
N ALA U 655 -54.50 54.60 -24.41
CA ALA U 655 -55.73 54.56 -25.20
C ALA U 655 -56.18 53.12 -25.45
N GLN U 656 -57.49 52.97 -25.59
CA GLN U 656 -58.12 51.68 -25.93
C GLN U 656 -59.33 52.00 -26.79
N ASN U 657 -59.26 51.65 -28.07
CA ASN U 657 -60.23 52.08 -29.09
C ASN U 657 -60.38 53.61 -28.99
N TYR U 658 -61.61 54.14 -28.89
CA TYR U 658 -61.83 55.58 -28.88
C TYR U 658 -61.67 56.22 -27.51
N ARG U 659 -61.37 55.46 -26.46
CA ARG U 659 -61.26 56.00 -25.10
C ARG U 659 -59.79 56.25 -24.77
N VAL U 660 -59.51 57.44 -24.22
CA VAL U 660 -58.15 57.94 -24.00
C VAL U 660 -58.05 58.48 -22.57
N PHE U 661 -56.91 58.21 -21.93
CA PHE U 661 -56.67 58.52 -20.53
C PHE U 661 -55.29 59.16 -20.39
N SER U 662 -55.24 60.34 -19.76
CA SER U 662 -54.06 61.20 -19.75
C SER U 662 -53.73 61.64 -18.33
N VAL U 663 -52.44 61.90 -18.09
CA VAL U 663 -51.93 62.36 -16.79
C VAL U 663 -51.04 63.59 -17.02
N HIS U 664 -51.16 64.56 -16.11
CA HIS U 664 -50.54 65.88 -16.24
C HIS U 664 -49.99 66.28 -14.88
N TYR U 665 -48.87 67.01 -14.89
CA TYR U 665 -48.21 67.41 -13.65
C TYR U 665 -47.48 68.74 -13.82
N SER U 666 -47.54 69.57 -12.78
CA SER U 666 -46.83 70.85 -12.74
C SER U 666 -46.47 71.19 -11.30
N GLN U 667 -45.35 71.92 -11.14
CA GLN U 667 -45.00 72.46 -9.82
C GLN U 667 -46.10 73.39 -9.30
N PHE U 668 -46.74 74.13 -10.20
CA PHE U 668 -47.63 75.22 -9.88
C PHE U 668 -49.10 74.85 -9.98
N HIS U 669 -49.43 73.61 -10.34
CA HIS U 669 -50.81 73.14 -10.47
C HIS U 669 -51.04 71.75 -9.90
N GLY U 670 -50.00 71.07 -9.39
CA GLY U 670 -50.16 69.76 -8.79
C GLY U 670 -50.26 68.65 -9.81
N LEU U 671 -50.70 67.48 -9.33
CA LEU U 671 -50.87 66.28 -10.13
C LEU U 671 -52.33 66.16 -10.55
N SER U 672 -52.56 65.76 -11.80
CA SER U 672 -53.92 65.74 -12.33
C SER U 672 -54.02 64.73 -13.48
N TYR U 673 -55.27 64.44 -13.87
CA TYR U 673 -55.59 63.48 -14.90
C TYR U 673 -56.74 63.99 -15.76
N SER U 674 -56.90 63.38 -16.94
CA SER U 674 -58.01 63.66 -17.84
C SER U 674 -58.49 62.36 -18.48
N LEU U 675 -59.78 62.33 -18.81
CA LEU U 675 -60.43 61.21 -19.47
C LEU U 675 -61.30 61.74 -20.59
N SER U 676 -61.19 61.14 -21.77
CA SER U 676 -61.94 61.60 -22.93
C SER U 676 -62.20 60.44 -23.87
N GLU U 677 -63.15 60.66 -24.77
CA GLU U 677 -63.59 59.67 -25.75
C GLU U 677 -63.63 60.36 -27.11
N LEU U 678 -62.76 59.94 -28.03
CA LEU U 678 -62.63 60.57 -29.34
C LEU U 678 -63.58 59.89 -30.33
N GLY U 679 -64.87 60.04 -30.06
CA GLY U 679 -65.88 59.47 -30.93
C GLY U 679 -65.86 60.13 -32.30
N THR U 680 -66.00 59.30 -33.34
CA THR U 680 -66.10 59.82 -34.69
C THR U 680 -67.41 60.58 -34.89
N SER U 681 -68.44 60.22 -34.14
CA SER U 681 -69.66 61.02 -34.08
C SER U 681 -69.36 62.38 -33.43
N SER U 682 -68.77 62.37 -32.24
CA SER U 682 -68.27 63.58 -31.61
C SER U 682 -67.25 63.22 -30.55
N LYS U 683 -66.39 64.19 -30.24
CA LYS U 683 -65.39 64.08 -29.20
C LYS U 683 -65.98 64.59 -27.89
N ARG U 684 -65.79 63.83 -26.81
CA ARG U 684 -66.38 64.15 -25.51
C ARG U 684 -65.37 64.01 -24.40
N TYR U 685 -65.40 64.96 -23.46
CA TYR U 685 -64.56 64.96 -22.27
C TYR U 685 -65.38 64.58 -21.05
N TYR U 686 -64.83 63.69 -20.23
CA TYR U 686 -65.44 63.24 -19.00
C TYR U 686 -64.76 63.86 -17.78
N LYS U 687 -63.45 64.09 -17.86
CA LYS U 687 -62.68 64.79 -16.85
C LYS U 687 -61.55 65.54 -17.56
N ARG U 688 -61.22 66.75 -17.07
CA ARG U 688 -60.16 67.57 -17.65
C ARG U 688 -59.26 68.12 -16.53
N GLU U 689 -58.05 67.56 -16.43
CA GLU U 689 -57.01 67.96 -15.47
C GLU U 689 -57.58 68.13 -14.06
N CYS U 690 -58.26 67.09 -13.57
CA CYS U 690 -58.78 67.04 -12.22
C CYS U 690 -57.77 66.37 -11.28
N PRO U 691 -57.75 66.68 -9.98
CA PRO U 691 -56.64 66.23 -9.12
C PRO U 691 -56.55 64.72 -8.99
N LEU U 692 -55.30 64.21 -8.87
CA LEU U 692 -54.99 62.78 -8.81
C LEU U 692 -54.41 62.40 -7.44
N PRO U 693 -54.92 61.33 -6.74
CA PRO U 693 -54.48 61.05 -5.37
C PRO U 693 -53.27 60.10 -5.23
N MET U 694 -52.48 59.95 -6.29
CA MET U 694 -51.42 58.94 -6.36
C MET U 694 -50.30 59.18 -5.34
N SER U 695 -49.71 58.08 -4.87
CA SER U 695 -48.58 58.09 -3.93
C SER U 695 -47.27 58.43 -4.65
N LEU U 696 -46.58 59.50 -4.17
CA LEU U 696 -45.32 59.92 -4.80
C LEU U 696 -44.11 59.18 -4.23
N PRO U 697 -43.03 59.02 -5.00
CA PRO U 697 -41.80 58.39 -4.49
C PRO U 697 -40.68 59.32 -4.05
N ASN U 698 -40.86 60.65 -4.11
CA ASN U 698 -39.72 61.57 -4.00
C ASN U 698 -39.01 61.48 -2.65
N ILE U 699 -39.77 61.31 -1.55
CA ILE U 699 -39.15 61.28 -0.22
C ILE U 699 -38.15 60.14 -0.13
N ASN U 700 -38.55 58.95 -0.60
CA ASN U 700 -37.65 57.80 -0.57
C ASN U 700 -36.44 58.02 -1.47
N SER U 701 -36.66 58.65 -2.63
CA SER U 701 -35.54 58.92 -3.54
C SER U 701 -34.54 59.90 -2.93
N ASP U 702 -35.04 60.90 -2.19
CA ASP U 702 -34.16 61.90 -1.59
C ASP U 702 -33.42 61.39 -0.37
N MET U 703 -34.03 60.51 0.43
CA MET U 703 -33.46 60.06 1.70
C MET U 703 -32.69 58.74 1.61
N LYS U 704 -33.21 57.76 0.88
CA LYS U 704 -32.74 56.38 1.07
C LYS U 704 -31.37 56.11 0.45
N LYS U 705 -31.09 56.68 -0.73
CA LYS U 705 -29.84 56.45 -1.46
C LYS U 705 -29.59 54.95 -1.68
N ASP U 706 -30.56 54.33 -2.33
CA ASP U 706 -30.68 52.87 -2.44
C ASP U 706 -29.92 52.27 -3.62
N ALA U 707 -29.24 53.08 -4.44
CA ALA U 707 -28.58 52.68 -5.68
C ALA U 707 -29.56 52.20 -6.77
N ASN U 708 -30.88 52.37 -6.56
CA ASN U 708 -31.87 52.27 -7.61
C ASN U 708 -32.14 53.63 -8.26
N LEU U 709 -31.26 54.61 -8.02
CA LEU U 709 -31.44 55.97 -8.53
C LEU U 709 -31.58 56.01 -10.04
N ASP U 710 -30.95 55.06 -10.74
CA ASP U 710 -31.05 55.00 -12.19
C ASP U 710 -32.49 54.82 -12.64
N TYR U 711 -33.27 54.03 -11.89
CA TYR U 711 -34.68 53.87 -12.26
C TYR U 711 -35.45 55.18 -12.10
N TYR U 712 -35.11 55.95 -11.07
CA TYR U 712 -35.80 57.22 -10.85
C TYR U 712 -35.32 58.27 -11.86
N ASN U 713 -34.06 58.20 -12.28
CA ASN U 713 -33.62 59.02 -13.40
C ASN U 713 -34.38 58.65 -14.67
N PHE U 714 -34.55 57.35 -14.89
CA PHE U 714 -35.27 56.84 -16.05
C PHE U 714 -36.76 57.15 -15.97
N ASN U 715 -37.32 57.20 -14.77
CA ASN U 715 -38.74 57.45 -14.54
C ASN U 715 -38.90 58.37 -13.33
N PRO U 716 -38.66 59.67 -13.50
CA PRO U 716 -38.74 60.58 -12.34
C PRO U 716 -40.12 60.72 -11.72
N MET U 717 -41.19 60.42 -12.46
CA MET U 717 -42.51 60.34 -11.86
C MET U 717 -42.69 59.07 -11.04
N GLY U 718 -41.93 58.02 -11.34
CA GLY U 718 -42.10 56.74 -10.68
C GLY U 718 -43.41 56.04 -10.97
N ILE U 719 -44.16 56.51 -11.97
CA ILE U 719 -45.39 55.84 -12.39
C ILE U 719 -44.96 54.57 -13.12
N LYS U 720 -45.17 53.42 -12.49
CA LYS U 720 -44.58 52.19 -13.03
C LYS U 720 -45.27 51.76 -14.31
N SER U 721 -46.61 51.83 -14.36
CA SER U 721 -47.33 51.54 -15.60
C SER U 721 -48.79 51.99 -15.43
N LEU U 722 -49.49 52.05 -16.57
CA LEU U 722 -50.90 52.41 -16.60
C LEU U 722 -51.52 51.80 -17.84
N PHE U 723 -52.78 51.38 -17.74
CA PHE U 723 -53.49 50.82 -18.89
C PHE U 723 -54.97 50.75 -18.59
N PHE U 724 -55.76 50.54 -19.65
CA PHE U 724 -57.18 50.28 -19.51
C PHE U 724 -57.39 48.81 -19.21
N SER U 725 -58.43 48.52 -18.42
CA SER U 725 -58.77 47.14 -18.12
C SER U 725 -59.21 46.41 -19.40
N SER U 726 -59.47 45.11 -19.25
CA SER U 726 -60.10 44.32 -20.31
C SER U 726 -61.54 44.74 -20.60
N TYR U 727 -62.09 45.67 -19.82
CA TYR U 727 -63.39 46.29 -20.07
C TYR U 727 -63.31 47.81 -19.99
N GLY U 728 -62.16 48.39 -20.35
CA GLY U 728 -62.03 49.82 -20.54
C GLY U 728 -62.00 50.67 -19.29
N ASP U 729 -61.85 50.07 -18.11
CA ASP U 729 -61.73 50.88 -16.90
C ASP U 729 -60.34 51.50 -16.85
N PRO U 730 -60.17 52.75 -16.38
CA PRO U 730 -58.80 53.29 -16.25
C PRO U 730 -58.09 52.72 -15.02
N CYS U 731 -56.84 52.28 -15.21
CA CYS U 731 -56.05 51.65 -14.15
C CYS U 731 -54.62 52.16 -14.16
N ILE U 732 -53.98 52.14 -12.99
CA ILE U 732 -52.61 52.61 -12.82
C ILE U 732 -51.97 51.88 -11.65
N PHE U 733 -50.66 51.67 -11.74
CA PHE U 733 -49.87 50.98 -10.71
C PHE U 733 -48.88 51.95 -10.10
N GLY U 734 -48.94 52.13 -8.76
CA GLY U 734 -48.21 53.18 -8.09
C GLY U 734 -46.78 52.81 -7.70
N SER U 735 -46.01 53.85 -7.35
CA SER U 735 -44.64 53.67 -6.87
C SER U 735 -44.59 52.89 -5.55
N ASP U 736 -45.68 52.93 -4.77
CA ASP U 736 -45.85 52.08 -3.59
C ASP U 736 -46.16 50.62 -3.94
N ASN U 737 -46.23 50.29 -5.22
CA ASN U 737 -46.50 48.94 -5.72
C ASN U 737 -47.94 48.51 -5.40
N THR U 738 -48.89 49.43 -5.56
CA THR U 738 -50.31 49.20 -5.35
C THR U 738 -51.06 49.49 -6.66
N LEU U 739 -52.14 48.74 -6.89
CA LEU U 739 -52.96 48.87 -8.07
C LEU U 739 -54.22 49.66 -7.75
N LEU U 740 -54.46 50.74 -8.51
CA LEU U 740 -55.60 51.63 -8.33
C LEU U 740 -56.46 51.64 -9.58
N LEU U 741 -57.78 51.67 -9.38
CA LEU U 741 -58.76 51.68 -10.45
C LEU U 741 -59.79 52.77 -10.20
N LEU U 742 -60.19 53.47 -11.26
CA LEU U 742 -61.19 54.54 -11.16
C LEU U 742 -62.58 53.96 -11.43
N SER U 743 -63.44 54.04 -10.43
CA SER U 743 -64.82 53.55 -10.51
C SER U 743 -65.78 54.72 -10.72
N LYS U 744 -66.97 54.40 -11.24
CA LYS U 744 -68.08 55.35 -11.40
C LYS U 744 -67.68 56.59 -12.23
N TRP U 745 -66.73 56.42 -13.16
CA TRP U 745 -66.28 57.53 -14.00
C TRP U 745 -67.39 58.11 -14.87
N ARG U 746 -68.43 57.34 -15.16
CA ARG U 746 -69.57 57.82 -15.93
C ARG U 746 -70.44 58.83 -15.18
N SER U 747 -70.23 59.00 -13.86
CA SER U 747 -71.09 59.82 -13.01
C SER U 747 -70.21 60.71 -12.13
N PRO U 748 -69.97 61.98 -12.50
CA PRO U 748 -68.96 62.77 -11.76
C PRO U 748 -69.22 62.99 -10.28
N GLU U 749 -70.48 62.98 -9.82
CA GLU U 749 -70.75 63.10 -8.39
C GLU U 749 -70.58 61.77 -7.64
N GLU U 750 -70.27 60.68 -8.35
CA GLU U 750 -70.07 59.36 -7.76
C GLU U 750 -68.74 58.73 -8.12
N SER U 751 -68.02 59.28 -9.11
CA SER U 751 -66.70 58.78 -9.50
C SER U 751 -65.72 58.78 -8.32
N LYS U 752 -64.94 57.70 -8.19
CA LYS U 752 -64.05 57.55 -7.05
C LYS U 752 -62.92 56.57 -7.36
N TRP U 753 -61.78 56.78 -6.68
CA TRP U 753 -60.59 55.95 -6.82
C TRP U 753 -60.61 54.84 -5.77
N LEU U 754 -60.33 53.61 -6.20
CA LEU U 754 -60.40 52.42 -5.35
C LEU U 754 -59.06 51.69 -5.30
N PRO U 755 -58.47 51.41 -4.08
CA PRO U 755 -57.29 50.55 -4.00
C PRO U 755 -57.68 49.08 -3.98
N ILE U 756 -57.31 48.34 -5.04
CA ILE U 756 -57.80 46.97 -5.24
C ILE U 756 -56.73 45.89 -5.03
N LEU U 757 -55.45 46.23 -4.98
CA LEU U 757 -54.44 45.20 -4.72
C LEU U 757 -53.12 45.82 -4.28
N ASP U 758 -52.53 45.25 -3.23
CA ASP U 758 -51.19 45.60 -2.73
C ASP U 758 -50.27 44.41 -2.98
N SER U 759 -49.27 44.61 -3.85
CA SER U 759 -48.34 43.53 -4.17
C SER U 759 -47.47 43.16 -2.98
N ASN U 760 -47.09 44.15 -2.17
CA ASN U 760 -46.17 43.90 -1.05
C ASN U 760 -46.81 42.96 -0.05
N MET U 761 -48.09 43.17 0.25
CA MET U 761 -48.83 42.32 1.16
C MET U 761 -48.89 40.89 0.65
N GLU U 762 -49.02 40.69 -0.67
CA GLU U 762 -49.04 39.35 -1.21
C GLU U 762 -47.70 38.65 -1.03
N ILE U 763 -46.59 39.32 -1.38
CA ILE U 763 -45.28 38.70 -1.23
C ILE U 763 -45.00 38.40 0.24
N TRP U 764 -45.45 39.29 1.14
CA TRP U 764 -45.25 39.07 2.57
C TRP U 764 -45.92 37.77 3.02
N LYS U 765 -47.17 37.56 2.62
CA LYS U 765 -47.85 36.31 2.96
C LYS U 765 -47.19 35.12 2.26
N MET U 766 -46.88 35.27 0.97
CA MET U 766 -46.30 34.18 0.18
C MET U 766 -44.98 33.69 0.78
N SER U 767 -44.19 34.60 1.34
CA SER U 767 -42.90 34.25 1.92
C SER U 767 -43.02 33.68 3.33
N GLY U 768 -44.23 33.48 3.84
CA GLY U 768 -44.40 33.07 5.23
C GLY U 768 -44.28 34.21 6.19
N GLY U 769 -44.66 35.41 5.78
CA GLY U 769 -44.54 36.58 6.61
C GLY U 769 -43.16 37.18 6.67
N LYS U 770 -42.36 37.02 5.62
CA LYS U 770 -40.97 37.43 5.58
C LYS U 770 -40.75 38.54 4.56
N GLU U 771 -39.59 39.20 4.69
CA GLU U 771 -39.26 40.38 3.90
C GLU U 771 -38.28 40.04 2.77
N THR U 772 -38.77 39.27 1.79
CA THR U 772 -37.98 38.92 0.62
C THR U 772 -38.00 40.09 -0.38
N THR U 773 -37.29 41.16 0.00
CA THR U 773 -37.16 42.36 -0.84
C THR U 773 -36.38 42.10 -2.12
N ASP U 774 -35.67 40.97 -2.22
CA ASP U 774 -35.05 40.53 -3.46
C ASP U 774 -36.05 40.23 -4.58
N ILE U 775 -37.35 40.15 -4.28
CA ILE U 775 -38.40 39.84 -5.24
C ILE U 775 -39.14 41.13 -5.58
N HIS U 776 -39.40 41.32 -6.88
CA HIS U 776 -40.12 42.48 -7.39
C HIS U 776 -41.18 42.02 -8.38
N VAL U 777 -42.26 42.80 -8.50
CA VAL U 777 -43.38 42.52 -9.40
C VAL U 777 -43.39 43.57 -10.50
N TRP U 778 -43.45 43.11 -11.74
CA TRP U 778 -43.52 43.97 -12.93
C TRP U 778 -44.87 43.76 -13.61
N PRO U 779 -45.81 44.72 -13.53
CA PRO U 779 -47.14 44.48 -14.12
C PRO U 779 -47.15 44.59 -15.64
N LEU U 780 -48.11 43.89 -16.25
CA LEU U 780 -48.28 43.86 -17.70
C LEU U 780 -49.64 44.35 -18.16
N ALA U 781 -50.72 43.79 -17.63
CA ALA U 781 -52.08 44.11 -18.06
C ALA U 781 -53.04 43.51 -17.03
N LEU U 782 -54.27 44.02 -17.03
CA LEU U 782 -55.33 43.55 -16.14
C LEU U 782 -56.38 42.82 -16.97
N ALA U 783 -56.62 41.55 -16.64
CA ALA U 783 -57.61 40.70 -17.29
C ALA U 783 -58.70 40.40 -16.26
N TYR U 784 -59.83 41.12 -16.37
CA TYR U 784 -60.97 40.97 -15.45
C TYR U 784 -60.44 41.16 -14.02
N ASP U 785 -60.27 40.07 -13.26
CA ASP U 785 -59.97 40.10 -11.85
C ASP U 785 -58.52 39.74 -11.55
N THR U 786 -57.71 39.56 -12.59
CA THR U 786 -56.40 38.92 -12.48
C THR U 786 -55.36 39.79 -13.15
N LEU U 787 -54.23 39.96 -12.46
CA LEU U 787 -53.09 40.72 -12.93
C LEU U 787 -52.16 39.80 -13.71
N ASN U 788 -51.72 40.26 -14.89
CA ASN U 788 -50.65 39.62 -15.63
C ASN U 788 -49.34 40.32 -15.28
N CYS U 789 -48.33 39.56 -14.85
CA CYS U 789 -47.11 40.18 -14.34
C CYS U 789 -45.92 39.25 -14.43
N ILE U 790 -44.73 39.85 -14.37
CA ILE U 790 -43.45 39.15 -14.30
C ILE U 790 -42.94 39.26 -12.87
N LEU U 791 -42.45 38.15 -12.34
CA LEU U 791 -41.81 38.12 -11.03
C LEU U 791 -40.30 38.18 -11.25
N VAL U 792 -39.69 39.31 -10.89
CA VAL U 792 -38.28 39.61 -11.15
C VAL U 792 -37.51 39.44 -9.85
N LYS U 793 -36.34 38.81 -9.94
CA LYS U 793 -35.47 38.56 -8.80
C LYS U 793 -34.08 39.13 -9.05
N GLY U 794 -33.52 39.78 -8.04
CA GLY U 794 -32.15 40.25 -8.04
C GLY U 794 -32.02 41.76 -7.96
N LYS U 795 -30.83 42.23 -8.38
CA LYS U 795 -30.44 43.63 -8.19
C LYS U 795 -31.41 44.60 -8.85
N HIS U 796 -31.79 44.31 -10.10
CA HIS U 796 -32.46 45.27 -10.96
C HIS U 796 -33.93 44.91 -11.03
N ILE U 797 -34.79 45.90 -10.75
CA ILE U 797 -36.19 45.63 -10.42
C ILE U 797 -37.08 45.47 -11.64
N TRP U 798 -36.47 45.23 -12.81
CA TRP U 798 -37.16 45.10 -14.09
C TRP U 798 -36.58 43.93 -14.87
N PRO U 799 -37.35 43.35 -15.80
CA PRO U 799 -36.87 42.13 -16.49
C PRO U 799 -35.83 42.42 -17.57
N GLU U 800 -35.26 41.32 -18.09
CA GLU U 800 -34.25 41.35 -19.14
C GLU U 800 -34.53 40.29 -20.20
N PHE U 801 -33.55 40.07 -21.18
CA PHE U 801 -33.75 39.17 -22.30
C PHE U 801 -33.05 37.83 -22.06
N PRO U 802 -33.54 36.72 -22.65
CA PRO U 802 -34.80 36.56 -23.38
C PRO U 802 -35.95 36.63 -22.38
N LEU U 803 -37.12 37.06 -22.82
CA LEU U 803 -38.22 37.41 -21.94
C LEU U 803 -38.66 36.23 -21.06
N PRO U 804 -38.63 36.34 -19.72
CA PRO U 804 -39.19 35.27 -18.89
C PRO U 804 -40.70 35.17 -19.03
N LEU U 805 -41.23 33.98 -18.68
CA LEU U 805 -42.65 33.73 -18.87
C LEU U 805 -43.49 34.54 -17.86
N PRO U 806 -44.70 34.97 -18.23
CA PRO U 806 -45.54 35.70 -17.27
C PRO U 806 -46.20 34.81 -16.22
N SER U 807 -46.78 35.50 -15.24
CA SER U 807 -47.53 34.92 -14.13
C SER U 807 -48.92 35.56 -14.08
N GLU U 808 -49.81 34.94 -13.29
CA GLU U 808 -51.18 35.40 -13.09
C GLU U 808 -51.46 35.53 -11.60
N MET U 809 -52.17 36.60 -11.21
CA MET U 809 -52.43 36.86 -9.79
C MET U 809 -53.75 37.61 -9.61
N GLU U 810 -54.56 37.16 -8.65
CA GLU U 810 -55.88 37.74 -8.38
C GLU U 810 -55.79 38.96 -7.48
N ILE U 811 -56.76 39.89 -7.63
CA ILE U 811 -56.87 41.05 -6.75
C ILE U 811 -57.57 40.66 -5.45
N ARG U 812 -57.23 41.35 -4.37
CA ARG U 812 -57.91 41.17 -3.08
C ARG U 812 -57.88 42.48 -2.29
N MET U 813 -58.91 42.66 -1.46
CA MET U 813 -59.11 43.95 -0.80
C MET U 813 -58.10 44.11 0.33
N PRO U 814 -57.57 45.33 0.57
CA PRO U 814 -56.66 45.50 1.71
C PRO U 814 -57.40 45.58 3.04
N VAL U 815 -57.37 44.49 3.81
CA VAL U 815 -58.04 44.41 5.11
C VAL U 815 -57.16 43.88 6.22
N PHE U 816 -56.02 43.26 5.94
CA PHE U 816 -55.28 42.46 6.91
C PHE U 816 -54.30 43.33 7.71
N VAL U 817 -53.76 42.73 8.78
CA VAL U 817 -52.72 43.34 9.61
C VAL U 817 -51.65 42.30 9.88
N LYS U 818 -50.37 42.69 9.72
CA LYS U 818 -49.27 41.75 9.88
C LYS U 818 -49.20 41.19 11.30
N SER U 819 -49.20 42.08 12.30
CA SER U 819 -49.02 41.65 13.68
C SER U 819 -50.17 40.75 14.13
N LYS U 820 -51.41 41.13 13.80
CA LYS U 820 -52.56 40.29 14.15
C LYS U 820 -52.47 38.93 13.47
N LEU U 821 -52.09 38.90 12.20
CA LEU U 821 -52.00 37.62 11.51
C LEU U 821 -50.85 36.77 12.03
N LEU U 822 -49.75 37.40 12.44
CA LEU U 822 -48.68 36.65 13.09
C LEU U 822 -49.16 36.04 14.41
N GLU U 823 -49.93 36.81 15.18
CA GLU U 823 -50.48 36.30 16.43
C GLU U 823 -51.46 35.16 16.17
N GLU U 824 -52.31 35.31 15.15
CA GLU U 824 -53.24 34.24 14.78
C GLU U 824 -52.50 33.00 14.32
N ASN U 825 -51.42 33.18 13.55
CA ASN U 825 -50.63 32.06 13.09
C ASN U 825 -49.92 31.37 14.25
N LYS U 826 -49.47 32.14 15.22
CA LYS U 826 -48.74 31.63 16.39
C LYS U 826 -49.62 31.61 17.63
N GLU U 845 -40.99 23.66 6.04
CA GLU U 845 -42.21 24.20 6.65
C GLU U 845 -42.06 25.65 7.11
N GLU U 846 -40.82 26.11 7.29
CA GLU U 846 -40.57 27.39 7.95
C GLU U 846 -41.06 28.58 7.13
N ASP U 847 -41.24 28.43 5.82
CA ASP U 847 -41.73 29.50 4.95
C ASP U 847 -43.23 29.44 4.70
N LYS U 848 -43.97 28.60 5.44
CA LYS U 848 -45.39 28.39 5.16
C LYS U 848 -46.20 29.68 5.26
N GLU U 849 -47.05 29.90 4.26
CA GLU U 849 -47.83 31.13 4.15
C GLU U 849 -48.83 31.22 5.31
N ILE U 850 -48.98 32.44 5.84
CA ILE U 850 -49.64 32.64 7.14
C ILE U 850 -51.14 32.37 7.03
N GLN U 851 -51.67 31.75 8.08
CA GLN U 851 -53.10 31.43 8.18
C GLN U 851 -53.89 32.62 8.69
N ILE U 852 -55.12 32.75 8.21
CA ILE U 852 -55.92 33.97 8.37
C ILE U 852 -57.24 33.64 9.09
N PRO U 853 -57.79 34.52 9.94
CA PRO U 853 -59.13 34.28 10.50
C PRO U 853 -60.20 34.18 9.43
N VAL U 854 -61.16 33.27 9.65
CA VAL U 854 -62.27 33.10 8.72
C VAL U 854 -63.07 34.39 8.60
N SER U 855 -63.13 35.17 9.69
CA SER U 855 -63.83 36.47 9.65
C SER U 855 -63.20 37.40 8.61
N MET U 856 -61.86 37.51 8.61
CA MET U 856 -61.19 38.34 7.62
C MET U 856 -61.45 37.83 6.20
N ALA U 857 -61.37 36.51 6.02
CA ALA U 857 -61.57 35.93 4.69
C ALA U 857 -62.98 36.19 4.17
N ALA U 858 -63.99 35.95 5.01
CA ALA U 858 -65.37 36.20 4.62
C ALA U 858 -65.63 37.68 4.36
N GLU U 859 -65.08 38.54 5.22
CA GLU U 859 -65.24 39.99 5.05
C GLU U 859 -64.62 40.45 3.73
N GLU U 860 -63.39 40.02 3.47
CA GLU U 860 -62.71 40.40 2.24
C GLU U 860 -63.46 39.91 1.01
N GLU U 861 -63.97 38.67 1.08
CA GLU U 861 -64.74 38.14 -0.04
C GLU U 861 -65.99 38.96 -0.29
N TYR U 862 -66.72 39.33 0.77
CA TYR U 862 -67.94 40.10 0.59
C TYR U 862 -67.66 41.46 -0.02
N LEU U 863 -66.59 42.11 0.42
CA LEU U 863 -66.20 43.40 -0.16
C LEU U 863 -65.78 43.23 -1.62
N ARG U 864 -64.95 42.22 -1.89
CA ARG U 864 -64.48 41.96 -3.25
C ARG U 864 -65.64 41.60 -4.18
N SER U 865 -66.55 40.74 -3.71
CA SER U 865 -67.72 40.37 -4.50
C SER U 865 -68.56 41.61 -4.82
N LYS U 866 -68.77 42.46 -3.82
CA LYS U 866 -69.57 43.66 -4.00
C LYS U 866 -68.97 44.58 -5.05
N VAL U 867 -67.66 44.87 -4.93
CA VAL U 867 -67.01 45.78 -5.87
C VAL U 867 -67.01 45.19 -7.28
N LEU U 868 -66.68 43.90 -7.40
CA LEU U 868 -66.66 43.25 -8.71
C LEU U 868 -68.03 43.28 -9.37
N SER U 869 -69.07 42.96 -8.60
CA SER U 869 -70.42 42.94 -9.15
C SER U 869 -70.83 44.32 -9.61
N GLU U 870 -70.49 45.36 -8.84
CA GLU U 870 -70.86 46.72 -9.20
C GLU U 870 -70.18 47.16 -10.50
N LEU U 871 -68.87 46.88 -10.61
CA LEU U 871 -68.14 47.25 -11.82
C LEU U 871 -68.67 46.51 -13.04
N LEU U 872 -68.91 45.20 -12.89
CA LEU U 872 -69.47 44.41 -13.97
C LEU U 872 -70.86 44.90 -14.34
N THR U 873 -71.67 45.26 -13.34
CA THR U 873 -73.00 45.77 -13.58
C THR U 873 -72.96 47.08 -14.37
N ASP U 874 -72.06 47.99 -13.98
CA ASP U 874 -71.92 49.25 -14.71
C ASP U 874 -71.51 49.00 -16.15
N THR U 875 -70.59 48.06 -16.35
CA THR U 875 -70.15 47.70 -17.70
C THR U 875 -71.32 47.20 -18.54
N LEU U 876 -72.09 46.26 -17.99
CA LEU U 876 -73.23 45.71 -18.70
C LEU U 876 -74.31 46.76 -18.94
N GLU U 877 -74.51 47.65 -17.95
CA GLU U 877 -75.54 48.67 -18.06
C GLU U 877 -75.29 49.61 -19.22
N ASN U 878 -74.03 49.91 -19.50
CA ASN U 878 -73.66 50.90 -20.51
C ASN U 878 -73.19 50.28 -21.82
N ASP U 879 -72.38 49.23 -21.76
CA ASP U 879 -71.73 48.65 -22.94
C ASP U 879 -72.20 47.24 -23.27
N GLY U 880 -73.02 46.60 -22.41
CA GLY U 880 -73.57 45.29 -22.71
C GLY U 880 -72.53 44.17 -22.66
N GLU U 881 -72.99 42.98 -23.04
CA GLU U 881 -72.11 41.80 -23.08
C GLU U 881 -71.31 41.77 -24.38
N MET U 882 -70.04 41.38 -24.26
CA MET U 882 -69.20 41.12 -25.42
C MET U 882 -69.40 39.71 -25.95
N TYR U 883 -69.67 38.75 -25.07
CA TYR U 883 -69.55 37.34 -25.36
C TYR U 883 -70.81 36.53 -25.10
N GLY U 884 -71.71 37.00 -24.24
CA GLY U 884 -73.03 36.43 -24.06
C GLY U 884 -73.22 35.61 -22.80
N ASN U 885 -72.29 35.69 -21.84
CA ASN U 885 -72.27 34.84 -20.66
C ASN U 885 -71.88 35.57 -19.39
N GLU U 886 -71.54 36.86 -19.45
CA GLU U 886 -70.99 37.57 -18.31
C GLU U 886 -72.01 37.74 -17.21
N ASN U 887 -73.30 37.74 -17.56
CA ASN U 887 -74.37 37.74 -16.57
C ASN U 887 -74.26 36.54 -15.62
N GLU U 888 -73.77 35.41 -16.12
CA GLU U 888 -73.63 34.22 -15.30
C GLU U 888 -72.56 34.45 -14.24
N VAL U 889 -71.48 35.15 -14.61
CA VAL U 889 -70.45 35.51 -13.64
C VAL U 889 -71.04 36.44 -12.59
N LEU U 890 -71.89 37.37 -13.01
CA LEU U 890 -72.52 38.29 -12.07
C LEU U 890 -73.42 37.53 -11.11
N ALA U 891 -74.15 36.53 -11.60
CA ALA U 891 -74.95 35.67 -10.72
C ALA U 891 -74.07 34.94 -9.72
N ALA U 892 -72.94 34.41 -10.17
CA ALA U 892 -72.01 33.73 -9.28
C ALA U 892 -71.49 34.68 -8.20
N LEU U 893 -71.18 35.93 -8.59
CA LEU U 893 -70.72 36.92 -7.62
C LEU U 893 -71.79 37.21 -6.57
N ASN U 894 -73.05 37.31 -6.99
CA ASN U 894 -74.13 37.53 -6.04
C ASN U 894 -74.27 36.36 -5.07
N GLY U 895 -74.14 35.13 -5.59
CA GLY U 895 -74.16 33.97 -4.71
C GLY U 895 -73.03 33.98 -3.70
N ALA U 896 -71.82 34.29 -4.16
CA ALA U 896 -70.68 34.40 -3.26
C ALA U 896 -70.90 35.49 -2.22
N TYR U 897 -71.51 36.60 -2.62
CA TYR U 897 -71.78 37.72 -1.71
C TYR U 897 -72.68 37.28 -0.56
N ASP U 898 -73.82 36.66 -0.88
CA ASP U 898 -74.72 36.18 0.18
C ASP U 898 -74.06 35.12 1.03
N LYS U 899 -73.28 34.23 0.40
CA LYS U 899 -72.59 33.17 1.13
C LYS U 899 -71.63 33.73 2.16
N ALA U 900 -70.83 34.72 1.76
CA ALA U 900 -69.91 35.38 2.68
C ALA U 900 -70.66 36.06 3.82
N LEU U 901 -71.76 36.75 3.49
CA LEU U 901 -72.55 37.43 4.52
C LEU U 901 -73.16 36.43 5.51
N LEU U 902 -73.56 35.26 5.01
CA LEU U 902 -74.14 34.26 5.91
C LEU U 902 -73.12 33.78 6.94
N ARG U 903 -71.87 33.59 6.53
CA ARG U 903 -70.84 33.21 7.49
C ARG U 903 -70.64 34.30 8.54
N LEU U 904 -70.56 35.56 8.10
CA LEU U 904 -70.40 36.66 9.05
C LEU U 904 -71.62 36.79 9.94
N PHE U 905 -72.81 36.64 9.37
CA PHE U 905 -74.05 36.65 10.15
C PHE U 905 -74.04 35.57 11.21
N ALA U 906 -73.69 34.34 10.83
CA ALA U 906 -73.66 33.22 11.77
C ALA U 906 -72.67 33.48 12.90
N SER U 907 -71.55 34.12 12.60
CA SER U 907 -70.61 34.49 13.65
C SER U 907 -71.24 35.47 14.63
N ALA U 908 -71.95 36.48 14.11
CA ALA U 908 -72.63 37.44 14.99
C ALA U 908 -73.70 36.75 15.83
N CYS U 909 -74.44 35.81 15.23
CA CYS U 909 -75.44 35.06 15.99
C CYS U 909 -74.81 34.20 17.07
N SER U 910 -73.69 33.55 16.75
CA SER U 910 -73.00 32.72 17.73
C SER U 910 -72.50 33.57 18.90
N ASP U 911 -72.07 34.80 18.62
CA ASP U 911 -71.74 35.79 19.63
C ASP U 911 -72.97 36.34 20.36
N GLN U 912 -74.18 35.97 19.94
CA GLN U 912 -75.44 36.45 20.52
C GLN U 912 -75.66 37.95 20.33
N ASN U 913 -74.94 38.59 19.40
CA ASN U 913 -75.14 40.00 19.09
C ASN U 913 -76.29 40.09 18.10
N VAL U 914 -77.51 40.13 18.64
CA VAL U 914 -78.72 40.19 17.82
C VAL U 914 -78.76 41.48 17.02
N GLU U 915 -78.29 42.59 17.59
CA GLU U 915 -78.33 43.88 16.90
C GLU U 915 -77.49 43.83 15.64
N LYS U 916 -76.24 43.37 15.77
CA LYS U 916 -75.34 43.28 14.63
C LYS U 916 -75.81 42.22 13.65
N ALA U 917 -76.29 41.07 14.15
CA ALA U 917 -76.81 40.04 13.28
C ALA U 917 -78.00 40.53 12.47
N LEU U 918 -78.92 41.26 13.11
CA LEU U 918 -80.07 41.82 12.40
C LEU U 918 -79.63 42.83 11.36
N SER U 919 -78.65 43.68 11.70
CA SER U 919 -78.16 44.66 10.73
C SER U 919 -77.54 43.97 9.52
N LEU U 920 -76.83 42.86 9.75
CA LEU U 920 -76.24 42.10 8.65
C LEU U 920 -77.32 41.45 7.79
N ALA U 921 -78.42 41.00 8.42
CA ALA U 921 -79.48 40.31 7.69
C ALA U 921 -80.12 41.19 6.62
N HIS U 922 -80.14 42.51 6.84
CA HIS U 922 -80.70 43.41 5.83
C HIS U 922 -79.96 43.32 4.50
N GLU U 923 -78.67 43.00 4.54
CA GLU U 923 -77.81 43.02 3.35
C GLU U 923 -77.92 41.76 2.50
N LEU U 924 -78.60 40.71 2.97
CA LEU U 924 -78.78 39.49 2.17
C LEU U 924 -79.83 39.70 1.08
N LYS U 925 -79.60 39.06 -0.07
CA LYS U 925 -80.46 39.25 -1.24
C LYS U 925 -81.57 38.19 -1.34
N GLN U 926 -81.21 36.91 -1.50
CA GLN U 926 -82.19 35.89 -1.85
C GLN U 926 -82.89 35.33 -0.60
N ASP U 927 -84.16 34.96 -0.77
CA ASP U 927 -84.90 34.35 0.33
C ASP U 927 -84.36 32.97 0.70
N ARG U 928 -83.66 32.30 -0.21
CA ARG U 928 -82.92 31.10 0.15
C ARG U 928 -81.97 31.40 1.31
N ALA U 929 -81.20 32.47 1.17
CA ALA U 929 -80.26 32.87 2.20
C ALA U 929 -80.98 33.29 3.48
N LEU U 930 -82.10 34.00 3.35
CA LEU U 930 -82.86 34.41 4.53
C LEU U 930 -83.43 33.19 5.25
N THR U 931 -83.86 32.17 4.50
CA THR U 931 -84.31 30.92 5.10
C THR U 931 -83.17 30.24 5.84
N ALA U 932 -81.99 30.22 5.23
CA ALA U 932 -80.81 29.68 5.92
C ALA U 932 -80.51 30.48 7.17
N ALA U 933 -80.67 31.82 7.10
CA ALA U 933 -80.47 32.65 8.27
C ALA U 933 -81.47 32.31 9.38
N VAL U 934 -82.70 31.95 9.02
CA VAL U 934 -83.67 31.50 10.02
C VAL U 934 -83.19 30.22 10.70
N LYS U 935 -82.70 29.26 9.91
CA LYS U 935 -82.17 28.03 10.49
C LYS U 935 -80.98 28.31 11.38
N ILE U 936 -80.10 29.23 10.95
CA ILE U 936 -78.94 29.62 11.75
C ILE U 936 -79.40 30.24 13.06
N SER U 937 -80.44 31.08 13.00
CA SER U 937 -80.97 31.69 14.22
C SER U 937 -81.56 30.64 15.15
N GLU U 938 -82.21 29.62 14.59
CA GLU U 938 -82.74 28.52 15.40
C GLU U 938 -81.60 27.77 16.09
N ARG U 939 -80.51 27.51 15.37
CA ARG U 939 -79.34 26.88 15.99
C ARG U 939 -78.75 27.76 17.08
N ALA U 940 -78.71 29.07 16.83
CA ALA U 940 -78.31 30.03 17.86
C ALA U 940 -79.34 30.18 18.97
N GLU U 941 -80.54 29.61 18.82
CA GLU U 941 -81.61 29.66 19.82
C GLU U 941 -82.02 31.11 20.08
N LEU U 942 -82.18 31.87 19.01
CA LEU U 942 -82.59 33.27 19.02
C LEU U 942 -83.99 33.40 18.41
N PRO U 943 -85.06 33.03 19.14
CA PRO U 943 -86.41 33.18 18.57
C PRO U 943 -86.78 34.62 18.25
N SER U 944 -86.24 35.57 19.01
CA SER U 944 -86.44 36.98 18.69
C SER U 944 -85.89 37.30 17.31
N LEU U 945 -84.71 36.77 16.99
CA LEU U 945 -84.12 37.01 15.68
C LEU U 945 -84.83 36.21 14.59
N VAL U 946 -85.32 35.00 14.91
CA VAL U 946 -86.16 34.26 13.97
C VAL U 946 -87.40 35.07 13.63
N LYS U 947 -88.04 35.62 14.66
CA LYS U 947 -89.21 36.48 14.49
C LYS U 947 -88.89 37.67 13.59
N LYS U 948 -87.82 38.40 13.91
CA LYS U 948 -87.53 39.62 13.18
C LYS U 948 -87.05 39.33 11.77
N ILE U 949 -86.32 38.22 11.56
CA ILE U 949 -85.98 37.82 10.20
C ILE U 949 -87.25 37.50 9.42
N ASN U 950 -88.18 36.76 10.04
CA ASN U 950 -89.41 36.42 9.34
C ASN U 950 -90.25 37.67 9.08
N ASN U 951 -90.21 38.66 9.98
CA ASN U 951 -90.83 39.94 9.68
C ASN U 951 -90.19 40.56 8.44
N ILE U 952 -88.86 40.52 8.36
CA ILE U 952 -88.15 41.04 7.19
C ILE U 952 -88.49 40.23 5.94
N ARG U 953 -88.54 38.90 6.08
CA ARG U 953 -88.87 38.05 4.93
C ARG U 953 -90.28 38.31 4.45
N GLU U 954 -91.21 38.51 5.38
CA GLU U 954 -92.58 38.85 5.01
C GLU U 954 -92.65 40.23 4.36
N ALA U 955 -91.92 41.20 4.92
CA ALA U 955 -91.87 42.54 4.33
C ALA U 955 -91.27 42.50 2.93
N ARG U 956 -90.18 41.74 2.76
CA ARG U 956 -89.54 41.63 1.45
C ARG U 956 -90.38 40.80 0.49
N TYR U 957 -91.12 39.82 1.02
CA TYR U 957 -92.07 39.08 0.18
C TYR U 957 -93.19 39.99 -0.31
N GLU U 958 -93.67 40.89 0.56
CA GLU U 958 -94.65 41.89 0.14
C GLU U 958 -94.06 42.81 -0.92
N GLN U 959 -92.81 43.25 -0.72
CA GLN U 959 -92.14 44.08 -1.70
C GLN U 959 -91.94 43.34 -3.02
N GLN U 960 -91.76 42.01 -2.95
CA GLN U 960 -91.65 41.20 -4.15
C GLN U 960 -93.00 40.99 -4.81
N LEU U 961 -94.07 40.95 -4.03
CA LEU U 961 -95.42 40.83 -4.56
C LEU U 961 -95.89 42.14 -5.19
N LYS U 962 -95.43 43.28 -4.67
CA LYS U 962 -95.78 44.59 -5.20
C LYS U 962 -95.17 44.82 -6.59
N LYS V 508 -37.13 85.81 -1.92
CA LYS V 508 -38.48 85.59 -1.33
C LYS V 508 -39.56 86.31 -2.14
N PHE V 509 -40.67 85.61 -2.39
CA PHE V 509 -41.76 86.15 -3.19
C PHE V 509 -42.52 87.24 -2.42
N ARG V 510 -43.15 88.15 -3.17
CA ARG V 510 -43.87 89.30 -2.61
C ARG V 510 -45.01 89.68 -3.53
N TYR V 511 -46.18 89.98 -2.95
CA TYR V 511 -47.34 90.44 -3.72
C TYR V 511 -47.17 91.92 -4.09
N MET V 512 -47.95 92.35 -5.09
CA MET V 512 -47.84 93.68 -5.69
C MET V 512 -49.21 94.24 -6.05
N PRO V 513 -49.36 95.57 -6.07
CA PRO V 513 -50.45 96.17 -6.85
C PRO V 513 -50.08 96.21 -8.33
N PHE V 514 -51.10 96.21 -9.20
CA PHE V 514 -50.86 96.15 -10.63
C PHE V 514 -52.00 96.82 -11.40
N SER V 515 -51.69 97.32 -12.61
CA SER V 515 -52.69 97.77 -13.59
C SER V 515 -52.23 97.42 -15.00
N PRO V 516 -53.12 96.96 -15.90
CA PRO V 516 -52.66 96.47 -17.21
C PRO V 516 -52.03 97.53 -18.10
N ALA V 517 -51.00 97.11 -18.84
CA ALA V 517 -50.33 97.85 -19.91
C ALA V 517 -49.71 99.18 -19.47
N GLY V 518 -49.62 99.46 -18.16
CA GLY V 518 -48.79 100.55 -17.67
C GLY V 518 -47.34 100.12 -17.64
N THR V 519 -46.47 101.03 -17.19
CA THR V 519 -45.03 100.87 -17.25
C THR V 519 -44.37 101.20 -15.92
N PRO V 520 -43.13 100.73 -15.69
CA PRO V 520 -42.33 101.29 -14.59
C PRO V 520 -41.83 102.69 -14.91
N PHE V 521 -41.15 103.30 -13.95
CA PHE V 521 -40.45 104.55 -14.21
C PHE V 521 -39.13 104.34 -14.94
N GLY V 522 -38.52 103.17 -14.82
CA GLY V 522 -37.09 103.09 -15.01
C GLY V 522 -36.43 103.95 -13.95
N PHE V 523 -35.43 104.73 -14.35
CA PHE V 523 -34.86 105.76 -13.49
C PHE V 523 -35.58 107.10 -13.59
N THR V 524 -36.59 107.23 -14.47
CA THR V 524 -37.14 108.54 -14.81
C THR V 524 -38.16 109.02 -13.77
N ASP V 525 -38.72 110.20 -14.04
CA ASP V 525 -39.74 110.83 -13.20
C ASP V 525 -41.15 110.65 -13.74
N ARG V 526 -41.38 109.70 -14.66
CA ARG V 526 -42.69 109.55 -15.29
C ARG V 526 -42.93 108.10 -15.71
N ARG V 527 -44.22 107.74 -15.81
CA ARG V 527 -44.63 106.39 -16.19
C ARG V 527 -46.08 106.43 -16.69
N TYR V 528 -46.51 105.30 -17.25
CA TYR V 528 -47.89 105.08 -17.67
C TYR V 528 -48.59 104.16 -16.67
N LEU V 529 -49.81 104.52 -16.28
CA LEU V 529 -50.56 103.73 -15.31
C LEU V 529 -51.42 102.64 -15.98
N THR V 530 -52.03 102.93 -17.13
CA THR V 530 -52.72 101.89 -17.89
C THR V 530 -52.97 102.40 -19.31
N MET V 531 -53.08 101.45 -20.25
CA MET V 531 -53.24 101.77 -21.66
C MET V 531 -54.15 100.73 -22.33
N ASN V 532 -54.93 101.19 -23.31
CA ASN V 532 -55.90 100.35 -24.00
C ASN V 532 -56.29 101.02 -25.32
N GLU V 533 -57.19 100.37 -26.08
CA GLU V 533 -57.60 100.89 -27.38
C GLU V 533 -58.36 102.22 -27.26
N VAL V 534 -58.96 102.52 -26.11
CA VAL V 534 -59.68 103.78 -25.94
C VAL V 534 -58.71 104.91 -25.58
N GLY V 535 -57.67 104.61 -24.82
CA GLY V 535 -56.75 105.66 -24.41
C GLY V 535 -55.64 105.15 -23.52
N TYR V 536 -54.96 106.09 -22.87
CA TYR V 536 -53.84 105.77 -21.98
C TYR V 536 -53.77 106.81 -20.87
N VAL V 537 -53.25 106.37 -19.72
CA VAL V 537 -53.09 107.21 -18.54
C VAL V 537 -51.59 107.31 -18.26
N SER V 538 -51.11 108.55 -18.11
CA SER V 538 -49.69 108.83 -17.86
C SER V 538 -49.57 109.73 -16.65
N THR V 539 -48.40 109.70 -16.00
CA THR V 539 -48.16 110.58 -14.86
C THR V 539 -46.70 110.99 -14.76
N VAL V 540 -46.49 112.14 -14.11
CA VAL V 540 -45.18 112.77 -13.95
C VAL V 540 -45.02 113.16 -12.49
N LYS V 541 -43.81 113.00 -11.95
CA LYS V 541 -43.52 113.31 -10.55
C LYS V 541 -43.12 114.78 -10.40
N ASN V 542 -43.78 115.45 -9.46
CA ASN V 542 -43.56 116.87 -9.14
C ASN V 542 -43.24 116.96 -7.65
N SER V 543 -41.97 116.78 -7.30
CA SER V 543 -41.48 116.65 -5.90
C SER V 543 -42.31 115.55 -5.25
N GLU V 544 -42.92 115.78 -4.07
CA GLU V 544 -43.76 114.79 -3.39
C GLU V 544 -45.21 114.79 -3.89
N GLN V 545 -45.46 115.33 -5.09
CA GLN V 545 -46.75 115.36 -5.73
C GLN V 545 -46.60 114.87 -7.16
N TYR V 546 -47.71 114.44 -7.75
CA TYR V 546 -47.73 113.82 -9.08
C TYR V 546 -48.85 114.45 -9.90
N SER V 547 -48.60 114.59 -11.20
CA SER V 547 -49.61 115.04 -12.15
C SER V 547 -50.06 113.84 -12.96
N ILE V 548 -51.36 113.61 -13.02
CA ILE V 548 -51.95 112.51 -13.77
C ILE V 548 -52.63 113.11 -14.99
N THR V 549 -52.47 112.45 -16.15
CA THR V 549 -53.09 112.85 -17.40
C THR V 549 -53.81 111.66 -17.99
N VAL V 550 -55.05 111.88 -18.43
CA VAL V 550 -55.86 110.87 -19.12
C VAL V 550 -55.94 111.28 -20.58
N SER V 551 -55.40 110.44 -21.45
CA SER V 551 -55.32 110.68 -22.88
C SER V 551 -56.12 109.63 -23.63
N PHE V 552 -56.58 110.00 -24.83
CA PHE V 552 -57.48 109.17 -25.61
C PHE V 552 -56.97 109.02 -27.03
N PHE V 553 -57.27 107.86 -27.61
CA PHE V 553 -57.10 107.66 -29.05
C PHE V 553 -58.30 108.16 -29.83
N ASP V 554 -59.32 108.73 -29.14
CA ASP V 554 -60.25 109.69 -29.74
C ASP V 554 -60.39 110.82 -28.72
N VAL V 555 -59.46 111.79 -28.79
CA VAL V 555 -59.60 113.00 -27.99
C VAL V 555 -60.70 113.92 -28.51
N GLY V 556 -61.21 113.67 -29.72
CA GLY V 556 -62.32 114.46 -30.23
C GLY V 556 -63.62 114.15 -29.50
N ARG V 557 -63.91 112.86 -29.28
CA ARG V 557 -65.08 112.49 -28.50
C ARG V 557 -64.86 112.79 -27.01
N PHE V 558 -63.70 112.37 -26.48
CA PHE V 558 -63.42 112.41 -25.05
C PHE V 558 -62.37 113.49 -24.77
N ARG V 559 -62.73 114.47 -23.95
CA ARG V 559 -61.76 115.49 -23.53
C ARG V 559 -60.59 114.83 -22.81
N GLU V 560 -59.37 115.09 -23.28
CA GLU V 560 -58.20 114.79 -22.46
C GLU V 560 -58.17 115.77 -21.29
N TYR V 561 -57.87 115.26 -20.10
CA TYR V 561 -57.83 116.07 -18.89
C TYR V 561 -56.68 115.60 -18.02
N HIS V 562 -56.24 116.50 -17.13
CA HIS V 562 -55.15 116.19 -16.21
C HIS V 562 -55.40 116.88 -14.88
N PHE V 563 -54.82 116.32 -13.82
CA PHE V 563 -55.02 116.81 -12.46
C PHE V 563 -53.84 116.35 -11.62
N GLU V 564 -53.65 117.00 -10.47
CA GLU V 564 -52.55 116.67 -9.57
C GLU V 564 -52.99 115.64 -8.54
N ASP V 565 -52.20 114.58 -8.45
CA ASP V 565 -52.39 113.50 -7.50
C ASP V 565 -51.55 113.83 -6.27
N LEU V 566 -52.23 114.11 -5.16
CA LEU V 566 -51.61 114.43 -3.88
C LEU V 566 -51.66 113.24 -2.93
N PHE V 567 -51.91 112.04 -3.48
CA PHE V 567 -52.28 110.85 -2.73
C PHE V 567 -51.34 109.68 -3.05
N GLY V 568 -50.78 109.67 -4.26
CA GLY V 568 -49.96 108.57 -4.72
C GLY V 568 -50.80 107.43 -5.23
N TYR V 569 -51.74 107.71 -6.13
CA TYR V 569 -52.55 106.65 -6.71
C TYR V 569 -51.66 105.70 -7.50
N ASP V 570 -51.66 104.44 -7.08
CA ASP V 570 -50.81 103.40 -7.63
C ASP V 570 -51.62 102.34 -8.41
N LEU V 571 -52.94 102.47 -8.44
CA LEU V 571 -53.84 101.61 -9.21
C LEU V 571 -54.67 102.47 -10.14
N CYS V 572 -54.97 101.96 -11.34
CA CYS V 572 -55.74 102.74 -12.30
C CYS V 572 -56.47 101.83 -13.28
N PHE V 573 -57.65 102.29 -13.71
CA PHE V 573 -58.50 101.58 -14.67
C PHE V 573 -59.23 102.62 -15.51
N LEU V 574 -59.26 102.41 -16.83
CA LEU V 574 -59.83 103.35 -17.79
C LEU V 574 -60.92 102.68 -18.63
N ASN V 575 -62.05 103.38 -18.82
CA ASN V 575 -63.13 102.91 -19.68
C ASN V 575 -63.71 104.11 -20.45
N GLU V 576 -64.73 103.84 -21.27
CA GLU V 576 -65.31 104.88 -22.13
C GLU V 576 -66.15 105.90 -21.38
N LYS V 577 -66.41 105.71 -20.09
CA LYS V 577 -67.20 106.64 -19.28
C LYS V 577 -66.38 107.44 -18.30
N GLY V 578 -65.30 106.87 -17.78
CA GLY V 578 -64.50 107.55 -16.79
C GLY V 578 -63.22 106.79 -16.52
N THR V 579 -62.46 107.29 -15.54
CA THR V 579 -61.24 106.67 -15.08
C THR V 579 -61.32 106.48 -13.57
N LEU V 580 -60.92 105.29 -13.11
CA LEU V 580 -60.92 104.93 -11.71
C LEU V 580 -59.47 104.89 -11.21
N PHE V 581 -59.23 105.48 -10.05
CA PHE V 581 -57.91 105.56 -9.43
C PHE V 581 -57.98 105.00 -8.02
N GLY V 582 -56.86 104.45 -7.56
CA GLY V 582 -56.80 103.84 -6.24
C GLY V 582 -55.44 103.99 -5.60
N GLN V 583 -55.45 104.06 -4.26
CA GLN V 583 -54.25 104.07 -3.43
C GLN V 583 -54.24 102.78 -2.63
N SER V 584 -53.25 101.93 -2.87
CA SER V 584 -53.30 100.56 -2.34
C SER V 584 -53.04 100.50 -0.84
N LYS V 585 -52.28 101.44 -0.28
CA LYS V 585 -51.96 101.42 1.14
C LYS V 585 -53.04 102.10 1.98
N THR V 586 -53.42 103.32 1.61
CA THR V 586 -54.43 104.06 2.37
C THR V 586 -55.85 103.54 2.12
N GLY V 587 -56.07 102.83 1.01
CA GLY V 587 -57.40 102.42 0.64
C GLY V 587 -58.25 103.49 0.00
N GLN V 588 -57.71 104.67 -0.24
CA GLN V 588 -58.45 105.74 -0.90
C GLN V 588 -58.60 105.42 -2.38
N ILE V 589 -59.79 105.69 -2.92
CA ILE V 589 -60.08 105.52 -4.33
C ILE V 589 -60.81 106.76 -4.84
N GLN V 590 -60.75 106.96 -6.15
CA GLN V 590 -61.38 108.11 -6.79
C GLN V 590 -61.78 107.75 -8.20
N TYR V 591 -63.01 108.09 -8.57
CA TYR V 591 -63.55 107.89 -9.91
C TYR V 591 -63.77 109.24 -10.57
N ARG V 592 -63.32 109.39 -11.81
CA ARG V 592 -63.43 110.63 -12.58
C ARG V 592 -64.13 110.36 -13.91
N PRO V 593 -65.42 110.69 -14.06
CA PRO V 593 -66.04 110.60 -15.39
C PRO V 593 -65.39 111.57 -16.37
N HIS V 594 -65.40 111.19 -17.65
CA HIS V 594 -64.84 112.07 -18.68
C HIS V 594 -65.72 113.29 -18.90
N ASP V 595 -67.03 113.11 -18.80
CA ASP V 595 -67.99 114.20 -18.86
C ASP V 595 -68.05 114.92 -17.51
N SER V 596 -68.92 115.94 -17.43
CA SER V 596 -69.26 116.60 -16.17
C SER V 596 -70.73 116.39 -15.79
N ILE V 597 -71.44 115.49 -16.47
CA ILE V 597 -72.80 115.14 -16.06
C ILE V 597 -72.74 114.33 -14.76
N HIS V 598 -71.84 113.34 -14.72
CA HIS V 598 -71.57 112.55 -13.53
C HIS V 598 -70.42 113.17 -12.76
N SER V 599 -70.51 113.13 -11.44
CA SER V 599 -69.52 113.78 -10.58
C SER V 599 -68.26 112.94 -10.44
N ASN V 600 -67.13 113.63 -10.21
CA ASN V 600 -65.97 112.98 -9.63
C ASN V 600 -66.29 112.68 -8.15
N TRP V 601 -65.95 111.48 -7.68
CA TRP V 601 -66.20 111.11 -6.29
C TRP V 601 -65.08 110.25 -5.74
N THR V 602 -64.94 110.26 -4.41
CA THR V 602 -63.88 109.56 -3.69
C THR V 602 -64.49 108.71 -2.57
N LYS V 603 -63.74 107.69 -2.17
CA LYS V 603 -64.15 106.74 -1.13
C LYS V 603 -62.89 106.09 -0.57
N ILE V 604 -62.98 105.60 0.68
CA ILE V 604 -61.88 104.91 1.36
C ILE V 604 -62.39 103.55 1.81
N ILE V 605 -61.64 102.51 1.48
CA ILE V 605 -62.03 101.10 1.68
C ILE V 605 -61.33 100.56 2.93
N PRO V 606 -61.99 99.76 3.79
CA PRO V 606 -61.28 99.17 4.94
C PRO V 606 -60.18 98.20 4.53
N LEU V 607 -59.08 98.22 5.29
CA LEU V 607 -57.93 97.35 5.06
C LEU V 607 -57.37 96.85 6.40
N GLN V 608 -57.02 95.57 6.45
CA GLN V 608 -56.36 94.99 7.62
C GLN V 608 -54.89 95.37 7.64
N ALA V 609 -54.22 95.09 8.77
CA ALA V 609 -52.80 95.39 8.91
C ALA V 609 -52.00 94.58 7.89
N GLY V 610 -51.21 95.28 7.08
CA GLY V 610 -50.45 94.66 6.01
C GLY V 610 -51.25 94.28 4.78
N GLU V 611 -52.57 94.46 4.79
CA GLU V 611 -53.39 94.23 3.61
C GLU V 611 -53.27 95.41 2.66
N ARG V 612 -53.35 95.13 1.36
CA ARG V 612 -53.27 96.16 0.33
C ARG V 612 -54.22 95.81 -0.82
N ILE V 613 -54.74 96.84 -1.48
CA ILE V 613 -55.53 96.62 -2.68
C ILE V 613 -54.58 96.19 -3.80
N THR V 614 -54.87 95.04 -4.41
CA THR V 614 -54.04 94.52 -5.48
C THR V 614 -54.55 94.90 -6.87
N SER V 615 -55.86 95.07 -7.04
CA SER V 615 -56.42 95.39 -8.36
C SER V 615 -57.82 95.98 -8.21
N VAL V 616 -58.25 96.69 -9.26
CA VAL V 616 -59.58 97.30 -9.30
C VAL V 616 -60.11 97.25 -10.73
N ALA V 617 -61.44 97.29 -10.86
CA ALA V 617 -62.09 97.28 -12.17
C ALA V 617 -63.45 97.94 -12.10
N ALA V 618 -63.91 98.49 -13.23
CA ALA V 618 -65.18 99.20 -13.28
C ALA V 618 -65.79 99.16 -14.68
N THR V 619 -67.10 98.90 -14.76
CA THR V 619 -67.87 98.88 -15.98
C THR V 619 -69.11 99.75 -15.79
N PRO V 620 -69.90 99.97 -16.85
CA PRO V 620 -71.15 100.75 -16.69
C PRO V 620 -72.18 100.10 -15.76
N VAL V 621 -72.00 98.83 -15.37
CA VAL V 621 -72.97 98.12 -14.55
C VAL V 621 -72.38 97.56 -13.26
N ARG V 622 -71.06 97.52 -13.09
CA ARG V 622 -70.44 96.92 -11.90
C ARG V 622 -69.10 97.58 -11.58
N VAL V 623 -68.69 97.50 -10.30
CA VAL V 623 -67.39 97.95 -9.82
C VAL V 623 -66.85 96.88 -8.87
N ILE V 624 -65.54 96.60 -8.95
CA ILE V 624 -64.92 95.52 -8.17
C ILE V 624 -63.57 96.00 -7.61
N VAL V 625 -63.25 95.51 -6.40
CA VAL V 625 -61.98 95.77 -5.70
C VAL V 625 -61.46 94.46 -5.14
N GLY V 626 -60.14 94.25 -5.24
CA GLY V 626 -59.50 93.05 -4.71
C GLY V 626 -58.30 93.40 -3.85
N THR V 627 -57.97 92.50 -2.91
CA THR V 627 -56.91 92.73 -1.93
C THR V 627 -55.95 91.54 -1.84
N SER V 628 -54.80 91.82 -1.22
CA SER V 628 -53.75 90.82 -1.06
C SER V 628 -54.18 89.65 -0.19
N LEU V 629 -55.10 89.88 0.75
CA LEU V 629 -55.63 88.81 1.60
C LEU V 629 -56.82 88.09 0.97
N GLY V 630 -57.02 88.23 -0.35
CA GLY V 630 -57.99 87.44 -1.06
C GLY V 630 -59.43 87.84 -0.84
N TYR V 631 -59.69 89.09 -0.45
CA TYR V 631 -61.06 89.57 -0.27
C TYR V 631 -61.53 90.26 -1.55
N PHE V 632 -62.73 89.89 -1.97
CA PHE V 632 -63.41 90.44 -3.13
C PHE V 632 -64.51 91.36 -2.61
N ARG V 633 -64.56 92.60 -3.11
CA ARG V 633 -65.62 93.54 -2.77
C ARG V 633 -66.18 94.14 -4.05
N SER V 634 -67.52 94.29 -4.10
CA SER V 634 -68.22 94.80 -5.27
C SER V 634 -69.15 95.94 -4.90
N PHE V 635 -69.27 96.90 -5.81
CA PHE V 635 -69.97 98.17 -5.55
C PHE V 635 -70.71 98.61 -6.82
N ASN V 636 -71.64 99.56 -6.65
CA ASN V 636 -72.24 100.24 -7.79
C ASN V 636 -71.36 101.41 -8.23
N GLN V 637 -71.76 102.02 -9.34
CA GLN V 637 -71.08 103.19 -9.92
C GLN V 637 -71.03 104.40 -8.98
N PHE V 638 -71.83 104.44 -7.91
CA PHE V 638 -71.72 105.46 -6.87
C PHE V 638 -70.89 105.01 -5.67
N GLY V 639 -70.30 103.82 -5.71
CA GLY V 639 -69.57 103.28 -4.57
C GLY V 639 -70.42 102.64 -3.49
N VAL V 640 -71.70 102.40 -3.74
CA VAL V 640 -72.54 101.71 -2.75
C VAL V 640 -72.16 100.23 -2.72
N PRO V 641 -71.86 99.62 -1.58
CA PRO V 641 -71.45 98.21 -1.60
C PRO V 641 -72.58 97.25 -1.89
N PHE V 642 -72.23 96.17 -2.59
CA PHE V 642 -73.13 95.06 -2.91
C PHE V 642 -72.80 93.78 -2.14
N ALA V 643 -71.53 93.34 -2.12
CA ALA V 643 -71.19 92.06 -1.49
C ALA V 643 -69.71 92.00 -1.15
N VAL V 644 -69.36 91.01 -0.30
CA VAL V 644 -67.99 90.70 0.09
C VAL V 644 -67.81 89.18 0.06
N GLU V 645 -66.67 88.71 -0.46
CA GLU V 645 -66.38 87.29 -0.62
C GLU V 645 -64.89 87.03 -0.38
N LYS V 646 -64.56 85.79 0.02
CA LYS V 646 -63.20 85.36 0.33
C LYS V 646 -62.74 84.33 -0.70
N THR V 647 -61.55 84.55 -1.28
CA THR V 647 -61.02 83.76 -2.40
C THR V 647 -59.55 83.46 -2.14
N SER V 648 -58.91 82.78 -3.11
CA SER V 648 -57.47 82.78 -3.17
C SER V 648 -57.00 84.20 -3.50
N PRO V 649 -55.75 84.56 -3.16
CA PRO V 649 -55.30 85.95 -3.36
C PRO V 649 -55.42 86.40 -4.81
N ILE V 650 -55.99 87.59 -5.01
CA ILE V 650 -56.33 88.11 -6.34
C ILE V 650 -55.14 88.93 -6.83
N VAL V 651 -54.71 88.67 -8.06
CA VAL V 651 -53.57 89.38 -8.65
C VAL V 651 -53.93 90.17 -9.90
N ALA V 652 -55.07 89.92 -10.55
CA ALA V 652 -55.45 90.69 -11.73
C ALA V 652 -56.96 90.61 -11.94
N LEU V 653 -57.53 91.68 -12.50
CA LEU V 653 -58.97 91.80 -12.76
C LEU V 653 -59.20 92.46 -14.11
N THR V 654 -60.30 92.06 -14.77
CA THR V 654 -60.76 92.71 -16.00
C THR V 654 -62.23 92.41 -16.19
N ALA V 655 -62.94 93.28 -16.92
CA ALA V 655 -64.39 93.16 -17.02
C ALA V 655 -64.93 93.77 -18.31
N GLN V 656 -66.12 93.30 -18.69
CA GLN V 656 -66.86 93.81 -19.86
C GLN V 656 -68.35 93.56 -19.60
N ASN V 657 -69.13 94.63 -19.55
CA ASN V 657 -70.55 94.61 -19.12
C ASN V 657 -70.61 93.91 -17.76
N TYR V 658 -71.43 92.86 -17.58
CA TYR V 658 -71.47 92.09 -16.35
C TYR V 658 -70.41 91.00 -16.27
N ARG V 659 -69.66 90.76 -17.35
CA ARG V 659 -68.72 89.65 -17.41
C ARG V 659 -67.39 90.09 -16.83
N VAL V 660 -66.83 89.29 -15.91
CA VAL V 660 -65.61 89.61 -15.19
C VAL V 660 -64.69 88.40 -15.24
N PHE V 661 -63.39 88.65 -15.43
CA PHE V 661 -62.37 87.62 -15.41
C PHE V 661 -61.32 88.00 -14.38
N SER V 662 -60.92 87.02 -13.56
CA SER V 662 -60.01 87.22 -12.44
C SER V 662 -58.91 86.18 -12.44
N VAL V 663 -57.73 86.55 -11.93
CA VAL V 663 -56.57 85.68 -11.79
C VAL V 663 -56.19 85.62 -10.32
N HIS V 664 -55.82 84.42 -9.86
CA HIS V 664 -55.51 84.18 -8.45
C HIS V 664 -54.23 83.36 -8.35
N TYR V 665 -53.46 83.59 -7.28
CA TYR V 665 -52.21 82.88 -7.08
C TYR V 665 -51.88 82.74 -5.60
N SER V 666 -51.36 81.55 -5.25
CA SER V 666 -50.80 81.25 -3.94
C SER V 666 -49.81 80.11 -4.13
N GLN V 667 -48.72 80.11 -3.34
CA GLN V 667 -47.79 78.98 -3.36
C GLN V 667 -48.46 77.68 -2.87
N PHE V 668 -49.56 77.79 -2.14
CA PHE V 668 -50.25 76.67 -1.52
C PHE V 668 -51.61 76.40 -2.15
N HIS V 669 -51.93 77.09 -3.25
CA HIS V 669 -53.07 76.76 -4.11
C HIS V 669 -52.74 76.84 -5.60
N GLY V 670 -51.52 77.23 -5.99
CA GLY V 670 -51.13 77.29 -7.38
C GLY V 670 -51.59 78.56 -8.08
N LEU V 671 -51.39 78.56 -9.41
CA LEU V 671 -51.81 79.65 -10.29
C LEU V 671 -53.13 79.27 -10.91
N SER V 672 -54.10 80.20 -10.88
CA SER V 672 -55.45 79.85 -11.32
C SER V 672 -56.23 81.11 -11.69
N TYR V 673 -57.40 80.89 -12.31
CA TYR V 673 -58.27 81.96 -12.81
C TYR V 673 -59.72 81.68 -12.42
N SER V 674 -60.55 82.73 -12.55
CA SER V 674 -62.00 82.62 -12.40
C SER V 674 -62.67 83.42 -13.50
N LEU V 675 -63.79 82.88 -13.99
CA LEU V 675 -64.64 83.53 -14.98
C LEU V 675 -66.06 83.55 -14.42
N SER V 676 -66.67 84.73 -14.40
CA SER V 676 -68.00 84.87 -13.83
C SER V 676 -68.72 86.02 -14.50
N GLU V 677 -70.05 86.04 -14.30
CA GLU V 677 -70.92 87.08 -14.82
C GLU V 677 -71.80 87.57 -13.69
N LEU V 678 -71.63 88.85 -13.33
CA LEU V 678 -72.26 89.42 -12.14
C LEU V 678 -73.68 89.90 -12.43
N GLY V 679 -74.52 89.00 -12.96
CA GLY V 679 -75.79 89.39 -13.53
C GLY V 679 -76.80 89.91 -12.50
N THR V 680 -77.85 90.53 -13.05
CA THR V 680 -78.92 91.08 -12.22
C THR V 680 -79.64 89.97 -11.44
N SER V 681 -79.70 88.76 -11.99
CA SER V 681 -80.24 87.64 -11.24
C SER V 681 -79.31 87.25 -10.10
N SER V 682 -78.05 86.92 -10.42
CA SER V 682 -77.05 86.66 -9.40
C SER V 682 -75.67 86.61 -10.06
N LYS V 683 -74.65 86.65 -9.22
CA LYS V 683 -73.29 86.33 -9.65
C LYS V 683 -73.21 84.84 -10.02
N ARG V 684 -72.90 84.56 -11.29
CA ARG V 684 -72.80 83.21 -11.82
C ARG V 684 -71.33 82.92 -12.11
N TYR V 685 -70.83 81.79 -11.61
CA TYR V 685 -69.47 81.33 -11.89
C TYR V 685 -69.49 80.37 -13.08
N TYR V 686 -68.73 80.70 -14.12
CA TYR V 686 -68.48 79.77 -15.21
C TYR V 686 -67.32 78.83 -14.84
N LYS V 687 -66.26 79.42 -14.28
CA LYS V 687 -65.09 78.73 -13.76
C LYS V 687 -64.63 79.52 -12.54
N ARG V 688 -64.18 78.82 -11.50
CA ARG V 688 -63.64 79.49 -10.31
C ARG V 688 -62.34 78.85 -9.89
N GLU V 689 -61.27 79.66 -9.86
CA GLU V 689 -59.93 79.27 -9.41
C GLU V 689 -59.50 77.95 -10.06
N CYS V 690 -59.64 77.91 -11.40
CA CYS V 690 -59.23 76.78 -12.21
C CYS V 690 -57.80 76.97 -12.71
N PRO V 691 -57.00 75.91 -12.86
CA PRO V 691 -55.56 76.09 -13.15
C PRO V 691 -55.29 76.80 -14.47
N LEU V 692 -54.31 77.71 -14.46
CA LEU V 692 -53.99 78.54 -15.62
C LEU V 692 -52.80 77.97 -16.38
N PRO V 693 -52.90 77.68 -17.71
CA PRO V 693 -51.78 77.02 -18.40
C PRO V 693 -50.71 77.96 -18.95
N MET V 694 -50.25 78.94 -18.15
CA MET V 694 -49.36 79.99 -18.62
C MET V 694 -47.99 79.89 -17.96
N SER V 695 -46.94 80.11 -18.77
CA SER V 695 -45.55 80.04 -18.31
C SER V 695 -45.20 81.28 -17.48
N LEU V 696 -44.83 81.06 -16.22
CA LEU V 696 -44.40 82.17 -15.37
C LEU V 696 -43.04 82.71 -15.82
N PRO V 697 -42.80 84.02 -15.68
CA PRO V 697 -41.49 84.56 -16.11
C PRO V 697 -40.32 84.02 -15.31
N ASN V 698 -40.49 83.77 -14.01
CA ASN V 698 -39.43 83.28 -13.15
C ASN V 698 -39.00 81.85 -13.49
N ILE V 699 -39.72 81.15 -14.37
CA ILE V 699 -39.21 79.91 -14.96
C ILE V 699 -37.86 80.18 -15.63
N ASN V 700 -37.74 81.34 -16.27
CA ASN V 700 -36.50 81.81 -16.88
C ASN V 700 -35.65 82.54 -15.84
N SER V 701 -35.29 81.79 -14.78
CA SER V 701 -34.63 82.39 -13.61
C SER V 701 -33.30 83.06 -13.94
N ASP V 702 -32.60 82.56 -14.96
CA ASP V 702 -31.26 83.06 -15.27
C ASP V 702 -31.26 84.35 -16.08
N MET V 703 -32.42 84.88 -16.47
CA MET V 703 -32.50 86.11 -17.27
C MET V 703 -32.60 87.37 -16.42
N LYS V 704 -32.16 87.34 -15.16
CA LYS V 704 -32.34 88.47 -14.26
C LYS V 704 -31.25 89.53 -14.44
N LYS V 705 -31.09 90.02 -15.66
CA LYS V 705 -30.26 91.16 -15.96
C LYS V 705 -30.88 92.43 -15.36
N ASP V 706 -30.05 93.47 -15.21
CA ASP V 706 -30.49 94.70 -14.54
C ASP V 706 -31.72 95.31 -15.20
N ALA V 707 -31.69 95.47 -16.53
CA ALA V 707 -32.83 96.05 -17.24
C ALA V 707 -34.08 95.20 -17.10
N ASN V 708 -33.93 93.87 -17.15
CA ASN V 708 -35.07 92.97 -16.97
C ASN V 708 -35.53 92.95 -15.53
N LEU V 709 -34.59 93.02 -14.59
CA LEU V 709 -34.92 92.90 -13.17
C LEU V 709 -35.82 94.03 -12.70
N ASP V 710 -35.61 95.25 -13.20
CA ASP V 710 -36.49 96.36 -12.87
C ASP V 710 -37.92 96.08 -13.30
N TYR V 711 -38.09 95.57 -14.52
CA TYR V 711 -39.44 95.31 -15.02
C TYR V 711 -40.14 94.23 -14.19
N TYR V 712 -39.44 93.15 -13.86
CA TYR V 712 -40.07 92.07 -13.12
C TYR V 712 -40.23 92.39 -11.64
N ASN V 713 -39.43 93.31 -11.09
CA ASN V 713 -39.75 93.87 -9.78
C ASN V 713 -41.02 94.71 -9.86
N PHE V 714 -41.21 95.41 -10.99
CA PHE V 714 -42.43 96.17 -11.22
C PHE V 714 -43.62 95.25 -11.51
N ASN V 715 -43.38 94.15 -12.22
CA ASN V 715 -44.44 93.22 -12.63
C ASN V 715 -43.91 91.80 -12.47
N PRO V 716 -43.97 91.24 -11.25
CA PRO V 716 -43.52 89.85 -11.06
C PRO V 716 -44.30 88.83 -11.87
N MET V 717 -45.53 89.12 -12.24
CA MET V 717 -46.31 88.21 -13.07
C MET V 717 -45.88 88.22 -14.53
N GLY V 718 -45.23 89.29 -15.00
CA GLY V 718 -44.74 89.36 -16.37
C GLY V 718 -45.76 89.69 -17.43
N ILE V 719 -47.03 89.33 -17.20
CA ILE V 719 -48.12 89.56 -18.15
C ILE V 719 -48.20 91.03 -18.50
N LYS V 720 -48.18 91.33 -19.81
CA LYS V 720 -48.31 92.70 -20.25
C LYS V 720 -49.76 93.18 -20.18
N SER V 721 -50.72 92.31 -20.50
CA SER V 721 -52.12 92.71 -20.44
C SER V 721 -53.02 91.48 -20.47
N LEU V 722 -54.29 91.72 -20.14
CA LEU V 722 -55.36 90.74 -20.14
C LEU V 722 -56.64 91.51 -20.47
N PHE V 723 -57.46 90.95 -21.36
CA PHE V 723 -58.62 91.71 -21.84
C PHE V 723 -59.59 90.77 -22.53
N PHE V 724 -60.77 91.29 -22.83
CA PHE V 724 -61.76 90.60 -23.65
C PHE V 724 -61.57 90.98 -25.12
N SER V 725 -61.84 90.02 -26.00
CA SER V 725 -61.78 90.27 -27.44
C SER V 725 -62.84 91.27 -27.88
N SER V 726 -62.82 91.63 -29.17
CA SER V 726 -63.95 92.34 -29.77
C SER V 726 -65.24 91.54 -29.74
N TYR V 727 -65.15 90.23 -29.53
CA TYR V 727 -66.27 89.31 -29.43
C TYR V 727 -66.50 88.81 -28.00
N GLY V 728 -65.91 89.48 -27.01
CA GLY V 728 -66.18 89.18 -25.61
C GLY V 728 -65.51 87.95 -25.05
N ASP V 729 -64.41 87.48 -25.65
CA ASP V 729 -63.71 86.27 -25.24
C ASP V 729 -62.49 86.62 -24.39
N PRO V 730 -62.17 85.94 -23.27
CA PRO V 730 -60.96 86.31 -22.51
C PRO V 730 -59.66 86.00 -23.26
N CYS V 731 -58.70 86.93 -23.14
CA CYS V 731 -57.39 86.80 -23.78
C CYS V 731 -56.30 87.32 -22.84
N ILE V 732 -55.07 86.84 -23.03
CA ILE V 732 -53.95 87.20 -22.17
C ILE V 732 -52.64 87.01 -22.92
N PHE V 733 -51.63 87.81 -22.54
CA PHE V 733 -50.30 87.80 -23.16
C PHE V 733 -49.24 87.75 -22.06
N GLY V 734 -48.40 86.71 -22.08
CA GLY V 734 -47.46 86.43 -21.00
C GLY V 734 -45.98 86.46 -21.35
N SER V 735 -45.15 85.94 -20.44
CA SER V 735 -43.69 85.91 -20.62
C SER V 735 -43.23 85.03 -21.77
N ASP V 736 -44.12 84.18 -22.29
CA ASP V 736 -43.85 83.42 -23.52
C ASP V 736 -43.92 84.28 -24.78
N ASN V 737 -44.26 85.58 -24.65
CA ASN V 737 -44.39 86.49 -25.77
C ASN V 737 -45.42 85.99 -26.79
N THR V 738 -46.46 85.31 -26.30
CA THR V 738 -47.50 84.68 -27.12
C THR V 738 -48.86 85.12 -26.62
N LEU V 739 -49.77 85.37 -27.56
CA LEU V 739 -51.15 85.74 -27.24
C LEU V 739 -51.98 84.46 -27.09
N LEU V 740 -52.63 84.32 -25.93
CA LEU V 740 -53.49 83.18 -25.64
C LEU V 740 -54.94 83.62 -25.55
N LEU V 741 -55.83 82.81 -26.12
CA LEU V 741 -57.26 83.08 -26.15
C LEU V 741 -58.00 81.87 -25.58
N LEU V 742 -59.02 82.12 -24.77
CA LEU V 742 -59.83 81.06 -24.18
C LEU V 742 -61.00 80.75 -25.10
N SER V 743 -61.00 79.54 -25.64
CA SER V 743 -62.09 79.05 -26.49
C SER V 743 -63.10 78.28 -25.64
N LYS V 744 -64.33 78.19 -26.16
CA LYS V 744 -65.43 77.48 -25.52
C LYS V 744 -65.73 78.01 -24.11
N TRP V 745 -65.42 79.28 -23.82
CA TRP V 745 -65.69 79.83 -22.49
C TRP V 745 -67.18 79.87 -22.20
N ARG V 746 -68.01 80.08 -23.23
CA ARG V 746 -69.46 80.07 -23.06
C ARG V 746 -70.01 78.68 -22.73
N SER V 747 -69.20 77.62 -22.83
CA SER V 747 -69.60 76.24 -22.54
C SER V 747 -68.57 75.64 -21.59
N PRO V 748 -68.70 75.88 -20.27
CA PRO V 748 -67.59 75.55 -19.35
C PRO V 748 -67.16 74.08 -19.30
N GLU V 749 -68.00 73.14 -19.75
CA GLU V 749 -67.54 71.75 -19.87
C GLU V 749 -66.42 71.61 -20.89
N GLU V 750 -66.36 72.52 -21.87
CA GLU V 750 -65.58 72.35 -23.09
C GLU V 750 -64.45 73.38 -23.23
N SER V 751 -64.21 74.20 -22.21
CA SER V 751 -63.28 75.32 -22.30
C SER V 751 -61.84 74.86 -22.56
N LYS V 752 -61.11 75.65 -23.36
CA LYS V 752 -59.73 75.33 -23.70
C LYS V 752 -58.99 76.59 -24.14
N TRP V 753 -57.71 76.69 -23.76
CA TRP V 753 -56.86 77.82 -24.12
C TRP V 753 -56.11 77.54 -25.42
N LEU V 754 -56.08 78.53 -26.31
CA LEU V 754 -55.49 78.41 -27.64
C LEU V 754 -54.32 79.39 -27.80
N PRO V 755 -53.09 78.93 -28.19
CA PRO V 755 -52.05 79.88 -28.58
C PRO V 755 -52.23 80.32 -30.03
N ILE V 756 -52.63 81.59 -30.20
CA ILE V 756 -53.07 82.09 -31.51
C ILE V 756 -52.06 83.00 -32.21
N LEU V 757 -51.01 83.45 -31.51
CA LEU V 757 -50.01 84.31 -32.15
C LEU V 757 -48.77 84.38 -31.28
N ASP V 758 -47.61 84.09 -31.88
CA ASP V 758 -46.31 84.24 -31.24
C ASP V 758 -45.57 85.42 -31.84
N SER V 759 -45.28 86.43 -31.01
CA SER V 759 -44.58 87.61 -31.50
C SER V 759 -43.12 87.33 -31.83
N ASN V 760 -42.48 86.39 -31.12
CA ASN V 760 -41.08 86.06 -31.42
C ASN V 760 -40.96 85.51 -32.83
N MET V 761 -41.84 84.58 -33.19
CA MET V 761 -41.86 84.01 -34.54
C MET V 761 -42.12 85.08 -35.58
N GLU V 762 -43.09 85.97 -35.34
CA GLU V 762 -43.43 86.98 -36.33
C GLU V 762 -42.30 87.97 -36.54
N ILE V 763 -41.71 88.47 -35.45
CA ILE V 763 -40.59 89.41 -35.59
C ILE V 763 -39.41 88.71 -36.23
N TRP V 764 -39.18 87.45 -35.87
CA TRP V 764 -38.10 86.67 -36.49
C TRP V 764 -38.30 86.55 -37.99
N LYS V 765 -39.52 86.21 -38.42
CA LYS V 765 -39.82 86.15 -39.85
C LYS V 765 -39.70 87.53 -40.49
N MET V 766 -40.32 88.54 -39.86
CA MET V 766 -40.32 89.89 -40.41
C MET V 766 -38.91 90.46 -40.60
N SER V 767 -37.97 90.01 -39.77
CA SER V 767 -36.56 90.37 -39.93
C SER V 767 -35.85 89.53 -41.00
N GLY V 768 -36.58 88.74 -41.78
CA GLY V 768 -35.98 87.84 -42.74
C GLY V 768 -35.58 86.51 -42.18
N GLY V 769 -36.13 86.11 -41.05
CA GLY V 769 -35.73 84.91 -40.37
C GLY V 769 -34.47 85.09 -39.55
N LYS V 770 -34.41 86.16 -38.77
CA LYS V 770 -33.20 86.55 -38.05
C LYS V 770 -33.48 86.80 -36.57
N GLU V 771 -32.46 86.54 -35.76
CA GLU V 771 -32.53 86.58 -34.29
C GLU V 771 -32.23 87.96 -33.74
N THR V 772 -32.89 89.01 -34.25
CA THR V 772 -32.59 90.36 -33.80
C THR V 772 -33.16 90.59 -32.40
N THR V 773 -32.35 91.17 -31.51
CA THR V 773 -32.63 91.27 -30.09
C THR V 773 -33.15 92.66 -29.70
N ASP V 774 -33.86 93.33 -30.62
CA ASP V 774 -34.00 94.78 -30.58
C ASP V 774 -35.42 95.32 -30.55
N ILE V 775 -36.44 94.52 -30.92
CA ILE V 775 -37.83 95.00 -31.01
C ILE V 775 -38.73 94.07 -30.20
N HIS V 776 -39.72 94.68 -29.53
CA HIS V 776 -40.68 93.98 -28.69
C HIS V 776 -42.08 94.54 -28.95
N VAL V 777 -43.11 93.76 -28.62
CA VAL V 777 -44.51 94.13 -28.83
C VAL V 777 -45.17 94.38 -27.49
N TRP V 778 -45.93 95.47 -27.40
CA TRP V 778 -46.75 95.81 -26.24
C TRP V 778 -48.22 95.68 -26.62
N PRO V 779 -48.95 94.65 -26.18
CA PRO V 779 -50.33 94.48 -26.63
C PRO V 779 -51.30 95.45 -25.97
N LEU V 780 -52.36 95.79 -26.71
CA LEU V 780 -53.43 96.66 -26.23
C LEU V 780 -54.81 96.00 -26.29
N ALA V 781 -55.19 95.40 -27.42
CA ALA V 781 -56.49 94.76 -27.53
C ALA V 781 -56.51 93.91 -28.80
N LEU V 782 -57.41 92.92 -28.83
CA LEU V 782 -57.62 92.06 -29.98
C LEU V 782 -58.94 92.41 -30.65
N ALA V 783 -58.87 92.76 -31.94
CA ALA V 783 -60.04 93.13 -32.75
C ALA V 783 -60.14 92.18 -33.94
N TYR V 784 -61.11 91.26 -33.90
CA TYR V 784 -61.25 90.17 -34.86
C TYR V 784 -59.88 89.47 -35.00
N ASP V 785 -59.26 89.50 -36.19
CA ASP V 785 -58.07 88.72 -36.50
C ASP V 785 -56.78 89.47 -36.21
N THR V 786 -56.88 90.69 -35.66
CA THR V 786 -55.76 91.62 -35.60
C THR V 786 -55.55 92.10 -34.17
N LEU V 787 -54.31 91.96 -33.70
CA LEU V 787 -53.88 92.53 -32.42
C LEU V 787 -53.54 93.99 -32.62
N ASN V 788 -54.00 94.82 -31.70
CA ASN V 788 -53.63 96.22 -31.63
C ASN V 788 -52.52 96.37 -30.59
N CYS V 789 -51.39 96.96 -30.99
CA CYS V 789 -50.19 96.92 -30.15
C CYS V 789 -49.26 98.07 -30.46
N ILE V 790 -48.31 98.28 -29.55
CA ILE V 790 -47.27 99.31 -29.63
C ILE V 790 -45.92 98.59 -29.72
N LEU V 791 -45.08 99.01 -30.66
CA LEU V 791 -43.78 98.38 -30.86
C LEU V 791 -42.71 99.12 -30.06
N VAL V 792 -42.02 98.37 -29.19
CA VAL V 792 -41.02 98.88 -28.26
C VAL V 792 -39.65 98.43 -28.74
N LYS V 793 -38.63 99.27 -28.54
CA LYS V 793 -37.27 98.97 -29.01
C LYS V 793 -36.22 99.22 -27.93
N GLY V 794 -35.23 98.33 -27.87
CA GLY V 794 -34.08 98.46 -26.98
C GLY V 794 -34.27 97.86 -25.60
N LYS V 795 -33.31 98.18 -24.72
CA LYS V 795 -33.23 97.58 -23.39
C LYS V 795 -34.50 97.79 -22.58
N HIS V 796 -35.12 98.96 -22.71
CA HIS V 796 -36.36 99.25 -22.02
C HIS V 796 -37.46 98.52 -22.77
N ILE V 797 -37.73 97.28 -22.35
CA ILE V 797 -38.75 96.44 -22.98
C ILE V 797 -40.17 96.95 -22.78
N TRP V 798 -40.37 97.99 -21.94
CA TRP V 798 -41.60 98.70 -21.70
C TRP V 798 -41.64 99.98 -22.55
N PRO V 799 -42.80 100.44 -23.03
CA PRO V 799 -42.83 101.66 -23.84
C PRO V 799 -42.49 102.89 -23.02
N GLU V 800 -42.07 103.94 -23.74
CA GLU V 800 -41.50 105.14 -23.12
C GLU V 800 -42.19 106.40 -23.62
N PHE V 801 -41.65 107.57 -23.23
CA PHE V 801 -42.22 108.89 -23.56
C PHE V 801 -41.44 109.55 -24.70
N PRO V 802 -42.10 110.23 -25.66
CA PRO V 802 -43.55 110.34 -25.89
C PRO V 802 -44.09 109.01 -26.39
N LEU V 803 -45.36 108.74 -26.17
CA LEU V 803 -45.92 107.45 -26.57
C LEU V 803 -45.92 107.33 -28.09
N PRO V 804 -45.43 106.23 -28.68
CA PRO V 804 -45.52 106.08 -30.14
C PRO V 804 -46.96 105.93 -30.61
N LEU V 805 -47.14 106.00 -31.95
CA LEU V 805 -48.46 105.79 -32.53
C LEU V 805 -48.78 104.28 -32.56
N PRO V 806 -50.05 103.88 -32.36
CA PRO V 806 -50.36 102.43 -32.34
C PRO V 806 -50.11 101.73 -33.68
N SER V 807 -49.92 100.41 -33.58
CA SER V 807 -49.67 99.51 -34.71
C SER V 807 -50.64 98.34 -34.66
N GLU V 808 -50.64 97.53 -35.73
CA GLU V 808 -51.52 96.37 -35.87
C GLU V 808 -50.76 95.16 -36.38
N MET V 809 -51.20 93.97 -35.95
CA MET V 809 -50.57 92.71 -36.32
C MET V 809 -51.63 91.59 -36.33
N GLU V 810 -51.58 90.75 -37.37
CA GLU V 810 -52.56 89.68 -37.55
C GLU V 810 -52.19 88.43 -36.76
N ILE V 811 -53.21 87.69 -36.30
CA ILE V 811 -52.98 86.42 -35.62
C ILE V 811 -52.68 85.34 -36.65
N ARG V 812 -51.72 84.47 -36.35
CA ARG V 812 -51.27 83.43 -37.27
C ARG V 812 -50.79 82.23 -36.46
N MET V 813 -51.12 81.02 -36.93
CA MET V 813 -51.00 79.85 -36.06
C MET V 813 -49.54 79.39 -35.94
N PRO V 814 -49.14 78.80 -34.78
CA PRO V 814 -47.73 78.35 -34.59
C PRO V 814 -47.44 76.98 -35.19
N VAL V 815 -47.27 76.94 -36.52
CA VAL V 815 -47.23 75.69 -37.28
C VAL V 815 -46.04 75.57 -38.25
N PHE V 816 -44.87 76.13 -37.90
CA PHE V 816 -43.70 76.14 -38.79
C PHE V 816 -42.42 75.77 -38.04
N VAL V 817 -41.41 75.35 -38.82
CA VAL V 817 -40.08 75.00 -38.32
C VAL V 817 -39.08 76.01 -38.88
N LYS V 818 -38.27 76.61 -37.99
CA LYS V 818 -37.32 77.66 -38.39
C LYS V 818 -36.31 77.17 -39.41
N SER V 819 -35.63 76.06 -39.11
CA SER V 819 -34.57 75.57 -40.00
C SER V 819 -35.12 75.22 -41.37
N LYS V 820 -36.26 74.55 -41.41
CA LYS V 820 -36.89 74.23 -42.68
C LYS V 820 -37.31 75.49 -43.44
N LEU V 821 -37.80 76.50 -42.72
CA LEU V 821 -38.17 77.76 -43.37
C LEU V 821 -36.95 78.42 -44.00
N LEU V 822 -35.82 78.43 -43.28
CA LEU V 822 -34.59 79.02 -43.84
C LEU V 822 -34.13 78.25 -45.06
N GLU V 823 -34.19 76.91 -44.99
CA GLU V 823 -33.76 76.09 -46.12
C GLU V 823 -34.67 76.26 -47.32
N GLU V 824 -35.98 76.42 -47.09
CA GLU V 824 -36.91 76.69 -48.18
C GLU V 824 -36.69 78.08 -48.78
N ASN V 825 -36.37 79.06 -47.93
CA ASN V 825 -36.09 80.40 -48.42
C ASN V 825 -34.82 80.41 -49.28
N LYS V 826 -33.83 79.61 -48.91
CA LYS V 826 -32.62 79.43 -49.70
C LYS V 826 -32.91 78.72 -51.01
N GLU V 845 -30.96 91.49 -49.62
CA GLU V 845 -32.37 91.17 -49.56
C GLU V 845 -32.71 90.08 -48.53
N GLU V 846 -31.69 89.55 -47.84
CA GLU V 846 -31.90 88.49 -46.86
C GLU V 846 -32.71 88.95 -45.65
N ASP V 847 -32.90 90.26 -45.45
CA ASP V 847 -33.74 90.77 -44.38
C ASP V 847 -35.23 90.74 -44.73
N LYS V 848 -35.60 90.55 -45.99
CA LYS V 848 -37.00 90.48 -46.38
C LYS V 848 -37.65 89.22 -45.84
N GLU V 849 -38.92 89.32 -45.45
CA GLU V 849 -39.59 88.23 -44.75
C GLU V 849 -39.68 86.97 -45.60
N ILE V 850 -39.58 85.81 -44.94
CA ILE V 850 -39.33 84.54 -45.62
C ILE V 850 -40.45 84.17 -46.57
N GLN V 851 -40.08 83.55 -47.69
CA GLN V 851 -41.01 82.99 -48.66
C GLN V 851 -41.46 81.62 -48.19
N ILE V 852 -42.74 81.49 -47.84
CA ILE V 852 -43.27 80.27 -47.22
C ILE V 852 -43.79 79.33 -48.31
N PRO V 853 -43.54 78.01 -48.23
CA PRO V 853 -44.11 77.09 -49.23
C PRO V 853 -45.63 77.08 -49.26
N VAL V 854 -46.18 76.69 -50.42
CA VAL V 854 -47.63 76.61 -50.61
C VAL V 854 -48.24 75.64 -49.61
N SER V 855 -47.56 74.53 -49.34
CA SER V 855 -48.07 73.54 -48.40
C SER V 855 -48.22 74.13 -47.01
N MET V 856 -47.16 74.78 -46.50
CA MET V 856 -47.22 75.40 -45.19
C MET V 856 -48.24 76.53 -45.16
N ALA V 857 -48.30 77.34 -46.22
CA ALA V 857 -49.24 78.44 -46.29
C ALA V 857 -50.69 77.95 -46.27
N ALA V 858 -50.99 76.95 -47.09
CA ALA V 858 -52.34 76.39 -47.14
C ALA V 858 -52.70 75.72 -45.82
N GLU V 859 -51.73 75.03 -45.21
CA GLU V 859 -51.94 74.40 -43.91
C GLU V 859 -52.36 75.43 -42.86
N GLU V 860 -51.54 76.46 -42.68
CA GLU V 860 -51.83 77.47 -41.67
C GLU V 860 -53.11 78.22 -42.01
N GLU V 861 -53.34 78.47 -43.29
CA GLU V 861 -54.56 79.15 -43.73
C GLU V 861 -55.81 78.36 -43.32
N TYR V 862 -55.81 77.06 -43.60
CA TYR V 862 -57.00 76.25 -43.28
C TYR V 862 -57.21 76.17 -41.77
N LEU V 863 -56.14 76.05 -41.00
CA LEU V 863 -56.27 76.02 -39.54
C LEU V 863 -56.79 77.35 -39.02
N ARG V 864 -56.20 78.46 -39.47
CA ARG V 864 -56.63 79.78 -39.02
C ARG V 864 -58.06 80.07 -39.45
N SER V 865 -58.42 79.70 -40.68
CA SER V 865 -59.79 79.87 -41.15
C SER V 865 -60.76 79.08 -40.28
N LYS V 866 -60.40 77.84 -39.96
CA LYS V 866 -61.25 77.00 -39.14
C LYS V 866 -61.42 77.59 -37.73
N VAL V 867 -60.32 78.01 -37.11
CA VAL V 867 -60.37 78.58 -35.76
C VAL V 867 -61.23 79.84 -35.75
N LEU V 868 -60.99 80.75 -36.69
CA LEU V 868 -61.73 82.00 -36.74
C LEU V 868 -63.21 81.77 -37.00
N SER V 869 -63.54 80.84 -37.91
CA SER V 869 -64.94 80.55 -38.20
C SER V 869 -65.65 80.00 -36.97
N GLU V 870 -64.99 79.11 -36.24
CA GLU V 870 -65.59 78.50 -35.06
C GLU V 870 -65.83 79.54 -33.96
N LEU V 871 -64.82 80.36 -33.67
CA LEU V 871 -64.96 81.38 -32.64
C LEU V 871 -66.04 82.39 -33.02
N LEU V 872 -66.07 82.81 -34.27
CA LEU V 872 -67.09 83.77 -34.69
C LEU V 872 -68.48 83.13 -34.66
N THR V 873 -68.58 81.83 -34.99
CA THR V 873 -69.86 81.13 -34.89
C THR V 873 -70.38 81.15 -33.46
N ASP V 874 -69.49 80.87 -32.49
CA ASP V 874 -69.88 80.91 -31.09
C ASP V 874 -70.34 82.31 -30.69
N THR V 875 -69.62 83.33 -31.15
CA THR V 875 -69.99 84.72 -30.88
C THR V 875 -71.42 85.01 -31.35
N LEU V 876 -71.71 84.68 -32.61
CA LEU V 876 -72.99 85.05 -33.19
C LEU V 876 -74.12 84.17 -32.65
N GLU V 877 -73.84 82.91 -32.32
CA GLU V 877 -74.89 82.04 -31.82
C GLU V 877 -75.33 82.41 -30.41
N ASN V 878 -74.44 83.05 -29.63
CA ASN V 878 -74.76 83.42 -28.25
C ASN V 878 -75.07 84.90 -28.07
N ASP V 879 -74.29 85.79 -28.69
CA ASP V 879 -74.43 87.23 -28.53
C ASP V 879 -74.92 87.94 -29.80
N GLY V 880 -75.12 87.23 -30.90
CA GLY V 880 -75.64 87.83 -32.13
C GLY V 880 -74.60 88.71 -32.81
N GLU V 881 -75.04 89.36 -33.89
CA GLU V 881 -74.16 90.30 -34.59
C GLU V 881 -73.99 91.54 -33.75
N MET V 882 -72.77 91.78 -33.31
CA MET V 882 -72.39 92.93 -32.50
C MET V 882 -72.04 94.14 -33.36
N TYR V 883 -71.69 93.92 -34.62
CA TYR V 883 -71.29 94.97 -35.55
C TYR V 883 -72.15 95.01 -36.80
N GLY V 884 -72.90 93.94 -37.10
CA GLY V 884 -73.91 93.97 -38.14
C GLY V 884 -73.46 93.52 -39.51
N ASN V 885 -72.31 92.87 -39.59
CA ASN V 885 -71.70 92.43 -40.86
C ASN V 885 -71.04 91.07 -40.78
N GLU V 886 -71.03 90.42 -39.61
CA GLU V 886 -70.18 89.26 -39.35
C GLU V 886 -70.53 88.06 -40.24
N ASN V 887 -71.77 87.99 -40.72
CA ASN V 887 -72.16 86.94 -41.67
C ASN V 887 -71.28 86.98 -42.90
N GLU V 888 -70.94 88.18 -43.35
CA GLU V 888 -70.08 88.34 -44.52
C GLU V 888 -68.67 87.85 -44.22
N VAL V 889 -68.18 88.16 -43.02
CA VAL V 889 -66.85 87.71 -42.59
C VAL V 889 -66.82 86.18 -42.56
N LEU V 890 -67.87 85.58 -42.01
CA LEU V 890 -67.92 84.12 -41.91
C LEU V 890 -67.98 83.47 -43.29
N ALA V 891 -68.76 84.05 -44.22
CA ALA V 891 -68.79 83.53 -45.57
C ALA V 891 -67.43 83.62 -46.24
N ALA V 892 -66.72 84.73 -46.05
CA ALA V 892 -65.37 84.88 -46.58
C ALA V 892 -64.43 83.85 -45.99
N LEU V 893 -64.55 83.59 -44.69
CA LEU V 893 -63.72 82.57 -44.05
C LEU V 893 -64.00 81.18 -44.62
N ASN V 894 -65.28 80.88 -44.91
CA ASN V 894 -65.61 79.59 -45.50
C ASN V 894 -64.97 79.43 -46.87
N GLY V 895 -65.00 80.47 -47.69
CA GLY V 895 -64.33 80.41 -48.99
C GLY V 895 -62.84 80.18 -48.87
N ALA V 896 -62.20 80.91 -47.94
CA ALA V 896 -60.77 80.73 -47.70
C ALA V 896 -60.47 79.32 -47.22
N TYR V 897 -61.34 78.78 -46.35
CA TYR V 897 -61.14 77.44 -45.80
C TYR V 897 -61.13 76.37 -46.89
N ASP V 898 -62.16 76.34 -47.74
CA ASP V 898 -62.21 75.32 -48.78
C ASP V 898 -61.09 75.50 -49.79
N LYS V 899 -60.73 76.74 -50.10
CA LYS V 899 -59.65 76.99 -51.03
C LYS V 899 -58.31 76.48 -50.48
N ALA V 900 -58.07 76.71 -49.19
CA ALA V 900 -56.88 76.16 -48.54
C ALA V 900 -56.86 74.64 -48.63
N LEU V 901 -57.99 74.01 -48.36
CA LEU V 901 -58.07 72.55 -48.43
C LEU V 901 -57.84 72.05 -49.84
N LEU V 902 -58.31 72.79 -50.85
CA LEU V 902 -58.10 72.35 -52.23
C LEU V 902 -56.63 72.37 -52.61
N ARG V 903 -55.88 73.36 -52.12
CA ARG V 903 -54.43 73.36 -52.32
C ARG V 903 -53.80 72.12 -51.73
N LEU V 904 -54.17 71.81 -50.49
CA LEU V 904 -53.63 70.63 -49.81
C LEU V 904 -54.09 69.35 -50.50
N PHE V 905 -55.35 69.31 -50.93
CA PHE V 905 -55.86 68.16 -51.65
C PHE V 905 -55.07 67.92 -52.93
N ALA V 906 -54.87 68.98 -53.73
CA ALA V 906 -54.12 68.86 -54.98
C ALA V 906 -52.70 68.36 -54.73
N SER V 907 -52.07 68.83 -53.67
CA SER V 907 -50.75 68.34 -53.30
C SER V 907 -50.79 66.85 -52.97
N ALA V 908 -51.81 66.41 -52.23
CA ALA V 908 -51.96 65.00 -51.92
C ALA V 908 -52.17 64.17 -53.19
N CYS V 909 -52.97 64.68 -54.12
CA CYS V 909 -53.19 63.98 -55.39
C CYS V 909 -51.88 63.86 -56.18
N SER V 910 -51.06 64.90 -56.15
CA SER V 910 -49.76 64.85 -56.80
C SER V 910 -48.90 63.75 -56.18
N ASP V 911 -48.95 63.61 -54.86
CA ASP V 911 -48.29 62.51 -54.16
C ASP V 911 -48.96 61.16 -54.38
N GLN V 912 -50.16 61.14 -54.97
CA GLN V 912 -50.91 59.91 -55.29
C GLN V 912 -51.29 59.12 -54.03
N ASN V 913 -51.36 59.77 -52.87
CA ASN V 913 -51.90 59.13 -51.66
C ASN V 913 -53.42 59.21 -51.77
N VAL V 914 -54.02 58.13 -52.25
CA VAL V 914 -55.48 58.06 -52.42
C VAL V 914 -56.17 58.25 -51.08
N GLU V 915 -55.66 57.62 -50.03
CA GLU V 915 -56.35 57.65 -48.74
C GLU V 915 -56.32 59.04 -48.14
N LYS V 916 -55.16 59.69 -48.16
CA LYS V 916 -55.05 61.06 -47.65
C LYS V 916 -55.87 62.02 -48.49
N ALA V 917 -55.87 61.85 -49.81
CA ALA V 917 -56.68 62.70 -50.68
C ALA V 917 -58.17 62.55 -50.37
N LEU V 918 -58.63 61.30 -50.22
CA LEU V 918 -60.02 61.06 -49.91
C LEU V 918 -60.39 61.62 -48.54
N SER V 919 -59.49 61.49 -47.56
CA SER V 919 -59.75 62.05 -46.23
C SER V 919 -59.91 63.57 -46.30
N LEU V 920 -59.08 64.23 -47.11
CA LEU V 920 -59.21 65.67 -47.28
C LEU V 920 -60.53 66.04 -47.95
N ALA V 921 -61.01 65.19 -48.86
CA ALA V 921 -62.27 65.48 -49.55
C ALA V 921 -63.44 65.57 -48.58
N HIS V 922 -63.43 64.73 -47.53
CA HIS V 922 -64.50 64.76 -46.54
C HIS V 922 -64.56 66.09 -45.79
N GLU V 923 -63.45 66.84 -45.73
CA GLU V 923 -63.39 68.07 -44.96
C GLU V 923 -63.82 69.31 -45.74
N LEU V 924 -64.02 69.20 -47.05
CA LEU V 924 -64.54 70.32 -47.82
C LEU V 924 -66.02 70.53 -47.51
N LYS V 925 -66.50 71.76 -47.76
CA LYS V 925 -67.83 72.20 -47.38
C LYS V 925 -68.74 72.59 -48.54
N GLN V 926 -68.20 72.92 -49.71
CA GLN V 926 -68.97 73.32 -50.87
C GLN V 926 -68.89 72.26 -51.96
N ASP V 927 -70.04 71.93 -52.57
CA ASP V 927 -70.05 70.94 -53.67
C ASP V 927 -69.24 71.43 -54.86
N ARG V 928 -69.14 72.74 -55.00
CA ARG V 928 -68.29 73.29 -56.02
C ARG V 928 -66.84 72.87 -55.81
N ALA V 929 -66.36 72.89 -54.56
CA ALA V 929 -65.01 72.39 -54.26
C ALA V 929 -64.90 70.91 -54.57
N LEU V 930 -65.95 70.14 -54.26
CA LEU V 930 -65.93 68.71 -54.55
C LEU V 930 -65.86 68.48 -56.06
N THR V 931 -66.57 69.29 -56.84
CA THR V 931 -66.48 69.21 -58.29
C THR V 931 -65.08 69.54 -58.78
N ALA V 932 -64.47 70.57 -58.21
CA ALA V 932 -63.08 70.90 -58.52
C ALA V 932 -62.16 69.74 -58.15
N ALA V 933 -62.44 69.06 -57.04
CA ALA V 933 -61.66 67.90 -56.64
C ALA V 933 -61.80 66.77 -57.64
N VAL V 934 -62.98 66.60 -58.24
CA VAL V 934 -63.15 65.60 -59.30
C VAL V 934 -62.24 65.91 -60.47
N LYS V 935 -62.21 67.17 -60.89
CA LYS V 935 -61.34 67.58 -62.00
C LYS V 935 -59.87 67.34 -61.65
N ILE V 936 -59.48 67.66 -60.41
CA ILE V 936 -58.11 67.45 -59.95
C ILE V 936 -57.78 65.96 -59.98
N SER V 937 -58.72 65.15 -59.52
CA SER V 937 -58.52 63.70 -59.50
C SER V 937 -58.35 63.15 -60.92
N GLU V 938 -59.13 63.66 -61.87
CA GLU V 938 -58.98 63.25 -63.26
C GLU V 938 -57.62 63.63 -63.81
N ARG V 939 -57.16 64.85 -63.51
CA ARG V 939 -55.83 65.27 -63.92
C ARG V 939 -54.76 64.42 -63.25
N ALA V 940 -54.99 64.01 -62.01
CA ALA V 940 -54.12 63.10 -61.29
C ALA V 940 -54.28 61.64 -61.74
N GLU V 941 -55.23 61.35 -62.62
CA GLU V 941 -55.44 60.01 -63.18
C GLU V 941 -55.75 58.97 -62.08
N LEU V 942 -56.59 59.36 -61.13
CA LEU V 942 -57.06 58.49 -60.05
C LEU V 942 -58.54 58.18 -60.22
N PRO V 943 -58.92 57.24 -61.10
CA PRO V 943 -60.35 56.96 -61.30
C PRO V 943 -61.06 56.43 -60.06
N SER V 944 -60.35 55.68 -59.21
CA SER V 944 -60.94 55.22 -57.96
C SER V 944 -61.31 56.41 -57.08
N LEU V 945 -60.42 57.40 -57.00
CA LEU V 945 -60.72 58.62 -56.23
C LEU V 945 -61.87 59.40 -56.86
N VAL V 946 -61.92 59.45 -58.20
CA VAL V 946 -63.05 60.11 -58.89
C VAL V 946 -64.37 59.44 -58.50
N LYS V 947 -64.39 58.11 -58.56
CA LYS V 947 -65.58 57.34 -58.20
C LYS V 947 -66.00 57.61 -56.77
N LYS V 948 -65.05 57.53 -55.84
CA LYS V 948 -65.36 57.69 -54.42
C LYS V 948 -65.77 59.12 -54.09
N ILE V 949 -65.15 60.11 -54.73
CA ILE V 949 -65.57 61.50 -54.52
C ILE V 949 -67.00 61.69 -54.99
N ASN V 950 -67.36 61.13 -56.14
CA ASN V 950 -68.72 61.30 -56.61
C ASN V 950 -69.71 60.51 -55.76
N ASN V 951 -69.27 59.40 -55.15
CA ASN V 951 -70.10 58.77 -54.13
C ASN V 951 -70.34 59.71 -52.96
N ILE V 952 -69.29 60.45 -52.56
CA ILE V 952 -69.44 61.43 -51.48
C ILE V 952 -70.38 62.56 -51.92
N ARG V 953 -70.25 63.01 -53.17
CA ARG V 953 -71.13 64.05 -53.68
C ARG V 953 -72.58 63.57 -53.72
N GLU V 954 -72.78 62.30 -54.08
CA GLU V 954 -74.12 61.72 -54.03
C GLU V 954 -74.65 61.69 -52.60
N ALA V 955 -73.80 61.28 -51.65
CA ALA V 955 -74.20 61.24 -50.25
C ALA V 955 -74.56 62.64 -49.75
N ARG V 956 -73.76 63.64 -50.11
CA ARG V 956 -74.05 65.01 -49.72
C ARG V 956 -75.28 65.55 -50.44
N TYR V 957 -75.51 65.12 -51.68
CA TYR V 957 -76.73 65.51 -52.38
C TYR V 957 -77.95 64.92 -51.67
N GLU V 958 -77.84 63.68 -51.19
CA GLU V 958 -78.91 63.10 -50.38
C GLU V 958 -79.11 63.88 -49.09
N GLN V 959 -78.00 64.29 -48.43
CA GLN V 959 -78.10 65.12 -47.24
C GLN V 959 -78.74 66.47 -47.56
N GLN V 960 -78.47 67.00 -48.75
CA GLN V 960 -79.05 68.27 -49.17
C GLN V 960 -80.52 68.12 -49.52
N LEU V 961 -80.92 66.94 -50.02
CA LEU V 961 -82.32 66.67 -50.29
C LEU V 961 -83.13 66.46 -49.02
N LYS V 962 -82.49 65.93 -47.98
CA LYS V 962 -83.16 65.63 -46.72
C LYS V 962 -83.37 66.87 -45.85
N LYS W 508 -38.60 69.36 8.26
CA LYS W 508 -39.59 69.44 7.15
C LYS W 508 -40.98 69.01 7.65
N PHE W 509 -42.01 69.24 6.83
CA PHE W 509 -43.39 69.11 7.29
C PHE W 509 -43.74 67.68 7.70
N ARG W 510 -44.68 67.56 8.66
CA ARG W 510 -45.20 66.29 9.16
C ARG W 510 -46.70 66.41 9.41
N TYR W 511 -47.48 65.43 8.95
CA TYR W 511 -48.92 65.38 9.20
C TYR W 511 -49.21 64.95 10.63
N MET W 512 -50.29 65.48 11.20
CA MET W 512 -50.61 65.33 12.62
C MET W 512 -52.12 65.11 12.85
N PRO W 513 -52.52 64.46 13.96
CA PRO W 513 -53.95 64.24 14.22
C PRO W 513 -54.67 65.48 14.75
N PHE W 514 -56.01 65.45 14.63
CA PHE W 514 -56.87 66.57 15.01
C PHE W 514 -58.19 66.07 15.60
N SER W 515 -58.67 66.78 16.63
CA SER W 515 -60.01 66.61 17.20
C SER W 515 -60.65 67.99 17.39
N PRO W 516 -61.95 68.16 17.11
CA PRO W 516 -62.53 69.52 17.16
C PRO W 516 -62.49 70.17 18.54
N ALA W 517 -61.93 71.37 18.59
CA ALA W 517 -61.91 72.24 19.78
C ALA W 517 -61.25 71.58 21.00
N GLY W 518 -60.36 70.62 20.77
CA GLY W 518 -59.51 70.13 21.85
C GLY W 518 -58.30 71.02 22.05
N THR W 519 -57.76 71.03 23.30
CA THR W 519 -56.63 71.88 23.65
C THR W 519 -55.34 71.08 23.69
N PRO W 520 -54.17 71.74 23.63
CA PRO W 520 -52.92 71.06 24.01
C PRO W 520 -52.84 70.83 25.51
N PHE W 521 -51.76 70.19 25.94
CA PHE W 521 -51.49 70.06 27.38
C PHE W 521 -50.98 71.36 27.98
N GLY W 522 -50.22 72.15 27.22
CA GLY W 522 -49.45 73.21 27.84
C GLY W 522 -48.36 72.60 28.71
N PHE W 523 -47.92 73.37 29.72
CA PHE W 523 -46.96 72.86 30.69
C PHE W 523 -47.65 72.07 31.80
N THR W 524 -48.52 71.10 31.46
CA THR W 524 -49.38 70.44 32.44
C THR W 524 -49.54 68.96 32.09
N ASP W 525 -50.22 68.26 33.00
CA ASP W 525 -50.56 66.85 32.88
C ASP W 525 -52.00 66.61 32.41
N ARG W 526 -52.67 67.62 31.87
CA ARG W 526 -54.09 67.51 31.54
C ARG W 526 -54.43 68.37 30.31
N ARG W 527 -55.52 67.98 29.63
CA ARG W 527 -55.97 68.67 28.42
C ARG W 527 -57.43 68.32 28.14
N TYR W 528 -58.00 69.03 27.17
CA TYR W 528 -59.32 68.73 26.62
C TYR W 528 -59.17 68.06 25.24
N LEU W 529 -59.89 66.96 25.04
CA LEU W 529 -59.80 66.20 23.80
C LEU W 529 -60.73 66.73 22.71
N THR W 530 -61.95 67.12 23.06
CA THR W 530 -62.86 67.74 22.10
C THR W 530 -64.00 68.39 22.87
N MET W 531 -64.57 69.45 22.28
CA MET W 531 -65.65 70.23 22.91
C MET W 531 -66.63 70.70 21.84
N ASN W 532 -67.92 70.71 22.19
CA ASN W 532 -68.98 71.06 21.23
C ASN W 532 -70.26 71.42 21.99
N GLU W 533 -71.37 71.54 21.24
CA GLU W 533 -72.65 71.87 21.83
C GLU W 533 -73.19 70.78 22.76
N VAL W 534 -72.77 69.53 22.57
CA VAL W 534 -73.22 68.45 23.45
C VAL W 534 -72.45 68.48 24.77
N GLY W 535 -71.14 68.66 24.71
CA GLY W 535 -70.35 68.58 25.92
C GLY W 535 -68.88 68.80 25.64
N TYR W 536 -68.05 68.35 26.60
CA TYR W 536 -66.60 68.46 26.50
C TYR W 536 -65.97 67.23 27.14
N VAL W 537 -64.85 66.79 26.56
CA VAL W 537 -64.09 65.65 27.03
C VAL W 537 -62.75 66.16 27.52
N SER W 538 -62.40 65.82 28.77
CA SER W 538 -61.17 66.25 29.41
C SER W 538 -60.44 65.03 29.95
N THR W 539 -59.12 65.14 30.07
CA THR W 539 -58.32 64.03 30.60
C THR W 539 -57.13 64.54 31.41
N VAL W 540 -56.67 63.69 32.33
CA VAL W 540 -55.59 63.98 33.27
C VAL W 540 -54.68 62.76 33.34
N LYS W 541 -53.36 63.00 33.47
CA LYS W 541 -52.41 61.90 33.64
C LYS W 541 -52.43 61.39 35.07
N ASN W 542 -52.45 60.07 35.22
CA ASN W 542 -52.33 59.39 36.51
C ASN W 542 -51.31 58.28 36.37
N SER W 543 -50.06 58.57 36.71
CA SER W 543 -48.90 57.66 36.57
C SER W 543 -48.82 57.26 35.10
N GLU W 544 -48.64 55.98 34.76
CA GLU W 544 -48.56 55.51 33.39
C GLU W 544 -49.92 55.35 32.71
N GLN W 545 -50.97 55.98 33.25
CA GLN W 545 -52.33 55.88 32.75
C GLN W 545 -52.91 57.29 32.67
N TYR W 546 -54.09 57.39 32.04
CA TYR W 546 -54.84 58.64 31.95
C TYR W 546 -56.29 58.37 32.32
N SER W 547 -56.90 59.34 33.01
CA SER W 547 -58.31 59.32 33.34
C SER W 547 -59.04 60.26 32.41
N ILE W 548 -60.10 59.77 31.75
CA ILE W 548 -60.89 60.55 30.80
C ILE W 548 -62.26 60.77 31.43
N THR W 549 -62.75 62.02 31.33
CA THR W 549 -64.06 62.41 31.81
C THR W 549 -64.86 62.99 30.65
N VAL W 550 -66.09 62.54 30.50
CA VAL W 550 -67.03 63.04 29.50
C VAL W 550 -68.05 63.90 30.25
N SER W 551 -68.02 65.19 29.98
CA SER W 551 -68.90 66.17 30.61
C SER W 551 -69.85 66.73 29.56
N PHE W 552 -71.04 67.12 30.00
CA PHE W 552 -72.11 67.56 29.10
C PHE W 552 -72.63 68.92 29.56
N PHE W 553 -72.99 69.74 28.57
CA PHE W 553 -73.71 70.98 28.85
C PHE W 553 -75.19 70.74 29.09
N ASP W 554 -75.68 69.49 28.91
CA ASP W 554 -76.97 69.04 29.40
C ASP W 554 -76.76 67.70 30.11
N VAL W 555 -76.37 67.75 31.39
CA VAL W 555 -76.32 66.55 32.23
C VAL W 555 -77.70 66.28 32.84
N GLY W 556 -78.75 66.96 32.36
CA GLY W 556 -80.11 66.60 32.67
C GLY W 556 -80.60 65.51 31.75
N ARG W 557 -80.36 65.68 30.44
CA ARG W 557 -80.57 64.58 29.50
C ARG W 557 -79.50 63.52 29.68
N PHE W 558 -78.23 63.92 29.61
CA PHE W 558 -77.10 63.02 29.67
C PHE W 558 -76.64 62.82 31.11
N ARG W 559 -75.64 61.95 31.29
CA ARG W 559 -74.96 61.76 32.56
C ARG W 559 -73.46 61.90 32.31
N GLU W 560 -72.79 62.71 33.11
CA GLU W 560 -71.33 62.76 33.06
C GLU W 560 -70.76 61.45 33.59
N TYR W 561 -69.73 60.94 32.91
CA TYR W 561 -69.10 59.69 33.29
C TYR W 561 -67.61 59.78 32.98
N HIS W 562 -66.84 58.85 33.56
CA HIS W 562 -65.39 58.85 33.40
C HIS W 562 -64.86 57.43 33.45
N PHE W 563 -63.66 57.24 32.90
CA PHE W 563 -63.00 55.94 32.81
C PHE W 563 -61.50 56.19 32.69
N GLU W 564 -60.73 55.10 32.78
CA GLU W 564 -59.28 55.14 32.67
C GLU W 564 -58.82 54.63 31.31
N ASP W 565 -57.95 55.41 30.67
CA ASP W 565 -57.41 55.12 29.35
C ASP W 565 -56.02 54.53 29.50
N LEU W 566 -55.86 53.28 29.07
CA LEU W 566 -54.58 52.58 29.02
C LEU W 566 -54.03 52.50 27.61
N PHE W 567 -54.73 53.04 26.62
CA PHE W 567 -54.39 52.95 25.22
C PHE W 567 -53.80 54.24 24.68
N GLY W 568 -54.06 55.37 25.34
CA GLY W 568 -53.61 56.66 24.88
C GLY W 568 -54.41 57.11 23.68
N TYR W 569 -55.74 57.07 23.79
CA TYR W 569 -56.59 57.52 22.70
C TYR W 569 -56.35 59.00 22.48
N ASP W 570 -55.62 59.33 21.42
CA ASP W 570 -55.25 60.70 21.10
C ASP W 570 -56.30 61.41 20.25
N LEU W 571 -57.35 60.72 19.81
CA LEU W 571 -58.44 61.29 19.04
C LEU W 571 -59.77 61.02 19.74
N CYS W 572 -60.71 61.97 19.63
CA CYS W 572 -61.99 61.83 20.28
C CYS W 572 -63.08 62.65 19.57
N PHE W 573 -64.30 62.13 19.60
CA PHE W 573 -65.47 62.74 18.95
C PHE W 573 -66.69 62.44 19.81
N LEU W 574 -67.56 63.45 19.99
CA LEU W 574 -68.73 63.37 20.86
C LEU W 574 -70.00 63.72 20.09
N ASN W 575 -71.06 62.93 20.28
CA ASN W 575 -72.41 63.26 19.79
C ASN W 575 -73.43 62.88 20.85
N GLU W 576 -74.72 63.03 20.52
CA GLU W 576 -75.79 62.77 21.48
C GLU W 576 -76.05 61.29 21.71
N LYS W 577 -75.51 60.40 20.87
CA LYS W 577 -75.67 58.95 21.06
C LYS W 577 -74.54 58.35 21.88
N GLY W 578 -73.33 58.83 21.69
CA GLY W 578 -72.19 58.27 22.40
C GLY W 578 -70.95 59.09 22.17
N THR W 579 -69.81 58.49 22.55
CA THR W 579 -68.49 59.09 22.36
C THR W 579 -67.58 58.09 21.66
N LEU W 580 -66.81 58.59 20.69
CA LEU W 580 -65.89 57.80 19.89
C LEU W 580 -64.46 58.17 20.27
N PHE W 581 -63.60 57.16 20.40
CA PHE W 581 -62.21 57.32 20.81
C PHE W 581 -61.32 56.60 19.81
N GLY W 582 -60.13 57.15 19.59
CA GLY W 582 -59.21 56.59 18.60
C GLY W 582 -57.76 56.82 18.96
N GLN W 583 -56.91 55.96 18.41
CA GLN W 583 -55.46 55.99 18.60
C GLN W 583 -54.79 56.08 17.24
N SER W 584 -54.08 57.18 17.01
CA SER W 584 -53.56 57.46 15.67
C SER W 584 -52.42 56.52 15.28
N LYS W 585 -51.63 56.04 16.24
CA LYS W 585 -50.50 55.18 15.93
C LYS W 585 -50.90 53.71 15.86
N THR W 586 -51.57 53.20 16.90
CA THR W 586 -51.91 51.77 16.95
C THR W 586 -53.11 51.42 16.07
N GLY W 587 -53.91 52.40 15.68
CA GLY W 587 -55.10 52.13 14.90
C GLY W 587 -56.29 51.60 15.69
N GLN W 588 -56.19 51.53 17.02
CA GLN W 588 -57.30 51.05 17.83
C GLN W 588 -58.31 52.16 18.01
N ILE W 589 -59.60 51.79 17.97
CA ILE W 589 -60.71 52.71 18.15
C ILE W 589 -61.71 52.08 19.13
N GLN W 590 -62.56 52.93 19.71
CA GLN W 590 -63.55 52.49 20.66
C GLN W 590 -64.73 53.45 20.66
N TYR W 591 -65.94 52.88 20.67
CA TYR W 591 -67.18 53.65 20.72
C TYR W 591 -67.95 53.30 21.99
N ARG W 592 -68.42 54.32 22.70
CA ARG W 592 -69.20 54.17 23.93
C ARG W 592 -70.56 54.85 23.77
N PRO W 593 -71.68 54.13 23.64
CA PRO W 593 -72.98 54.81 23.73
C PRO W 593 -73.18 55.39 25.12
N HIS W 594 -73.88 56.52 25.19
CA HIS W 594 -74.20 57.09 26.50
C HIS W 594 -75.21 56.22 27.23
N ASP W 595 -76.10 55.57 26.50
CA ASP W 595 -77.12 54.68 27.06
C ASP W 595 -76.52 53.33 27.44
N SER W 596 -77.30 52.57 28.21
CA SER W 596 -77.03 51.16 28.49
C SER W 596 -77.81 50.21 27.59
N ILE W 597 -78.59 50.74 26.65
CA ILE W 597 -79.35 49.86 25.74
C ILE W 597 -78.40 49.10 24.83
N HIS W 598 -77.32 49.77 24.40
CA HIS W 598 -76.35 49.22 23.46
C HIS W 598 -74.95 49.30 24.08
N SER W 599 -74.09 48.35 23.69
CA SER W 599 -72.83 48.11 24.36
C SER W 599 -71.71 49.00 23.81
N ASN W 600 -70.66 49.16 24.63
CA ASN W 600 -69.39 49.70 24.15
C ASN W 600 -68.66 48.63 23.33
N TRP W 601 -67.93 49.06 22.30
CA TRP W 601 -67.18 48.12 21.46
C TRP W 601 -65.91 48.77 20.93
N THR W 602 -64.95 47.93 20.52
CA THR W 602 -63.63 48.35 20.03
C THR W 602 -63.29 47.64 18.73
N LYS W 603 -62.35 48.23 17.99
CA LYS W 603 -61.89 47.70 16.71
C LYS W 603 -60.50 48.29 16.43
N ILE W 604 -59.74 47.60 15.58
CA ILE W 604 -58.41 48.06 15.13
C ILE W 604 -58.43 48.16 13.62
N ILE W 605 -57.99 49.31 13.11
CA ILE W 605 -58.04 49.67 11.70
C ILE W 605 -56.72 49.26 11.05
N PRO W 606 -56.72 48.71 9.79
CA PRO W 606 -55.44 48.22 9.22
C PRO W 606 -54.54 49.30 8.63
N LEU W 607 -53.80 49.98 9.49
CA LEU W 607 -52.88 51.03 9.08
C LEU W 607 -51.61 50.46 8.48
N GLN W 608 -51.09 51.14 7.46
CA GLN W 608 -49.79 50.79 6.87
C GLN W 608 -48.65 51.34 7.74
N ALA W 609 -47.46 50.81 7.49
CA ALA W 609 -46.26 51.38 8.08
C ALA W 609 -46.10 52.83 7.63
N GLY W 610 -45.84 53.72 8.57
CA GLY W 610 -45.78 55.14 8.29
C GLY W 610 -47.12 55.86 8.23
N GLU W 611 -48.24 55.13 8.28
CA GLU W 611 -49.56 55.72 8.27
C GLU W 611 -50.03 56.02 9.70
N ARG W 612 -50.87 57.04 9.83
CA ARG W 612 -51.55 57.34 11.09
C ARG W 612 -52.94 57.87 10.80
N ILE W 613 -53.87 57.65 11.74
CA ILE W 613 -55.22 58.20 11.63
C ILE W 613 -55.15 59.67 12.00
N THR W 614 -55.67 60.53 11.12
CA THR W 614 -55.64 61.97 11.35
C THR W 614 -56.91 62.49 12.04
N SER W 615 -58.08 61.92 11.76
CA SER W 615 -59.31 62.36 12.42
C SER W 615 -60.39 61.31 12.23
N VAL W 616 -61.46 61.43 13.03
CA VAL W 616 -62.59 60.50 13.01
C VAL W 616 -63.89 61.26 13.25
N ALA W 617 -65.01 60.63 12.86
CA ALA W 617 -66.34 61.21 13.04
C ALA W 617 -67.39 60.11 13.14
N ALA W 618 -68.53 60.45 13.76
CA ALA W 618 -69.61 59.49 13.99
C ALA W 618 -70.97 60.20 13.99
N THR W 619 -71.95 59.55 13.35
CA THR W 619 -73.34 59.99 13.30
C THR W 619 -74.21 58.79 13.65
N PRO W 620 -75.51 58.98 13.84
CA PRO W 620 -76.37 57.83 14.20
C PRO W 620 -76.41 56.71 13.16
N VAL W 621 -75.99 56.98 11.92
CA VAL W 621 -75.99 55.99 10.85
C VAL W 621 -74.59 55.53 10.45
N ARG W 622 -73.52 56.25 10.80
CA ARG W 622 -72.19 55.93 10.27
C ARG W 622 -71.06 56.31 11.22
N VAL W 623 -69.94 55.62 11.03
CA VAL W 623 -68.65 55.90 11.68
C VAL W 623 -67.61 55.98 10.57
N ILE W 624 -66.73 57.00 10.63
CA ILE W 624 -65.78 57.31 9.56
C ILE W 624 -64.39 57.50 10.15
N VAL W 625 -63.37 57.05 9.39
CA VAL W 625 -61.96 57.14 9.76
C VAL W 625 -61.16 57.68 8.58
N GLY W 626 -60.23 58.59 8.85
CA GLY W 626 -59.35 59.12 7.82
C GLY W 626 -57.91 59.09 8.28
N THR W 627 -56.98 59.00 7.31
CA THR W 627 -55.56 58.79 7.60
C THR W 627 -54.67 59.79 6.87
N SER W 628 -53.40 59.81 7.33
CA SER W 628 -52.37 60.64 6.72
C SER W 628 -52.13 60.26 5.27
N LEU W 629 -52.18 58.98 4.95
CA LEU W 629 -52.02 58.53 3.57
C LEU W 629 -53.32 58.59 2.76
N GLY W 630 -54.32 59.35 3.23
CA GLY W 630 -55.48 59.66 2.43
C GLY W 630 -56.47 58.55 2.27
N TYR W 631 -56.47 57.56 3.16
CA TYR W 631 -57.41 56.46 3.11
C TYR W 631 -58.65 56.79 3.93
N PHE W 632 -59.81 56.56 3.33
CA PHE W 632 -61.12 56.81 3.93
C PHE W 632 -61.76 55.45 4.16
N ARG W 633 -62.18 55.17 5.39
CA ARG W 633 -62.84 53.92 5.74
C ARG W 633 -64.11 54.20 6.54
N SER W 634 -65.19 53.46 6.23
CA SER W 634 -66.52 53.72 6.78
C SER W 634 -67.15 52.43 7.33
N PHE W 635 -67.91 52.59 8.43
CA PHE W 635 -68.48 51.49 9.20
C PHE W 635 -69.83 51.94 9.74
N ASN W 636 -70.66 50.95 10.15
CA ASN W 636 -71.86 51.30 10.91
C ASN W 636 -71.52 51.43 12.39
N GLN W 637 -72.52 51.89 13.16
CA GLN W 637 -72.42 52.08 14.61
C GLN W 637 -72.10 50.80 15.40
N PHE W 638 -72.13 49.61 14.80
CA PHE W 638 -71.66 48.39 15.42
C PHE W 638 -70.25 47.98 14.95
N GLY W 639 -69.67 48.70 14.00
CA GLY W 639 -68.40 48.33 13.40
C GLY W 639 -68.49 47.50 12.14
N VAL W 640 -69.67 47.31 11.55
CA VAL W 640 -69.80 46.56 10.31
C VAL W 640 -69.17 47.39 9.19
N PRO W 641 -68.17 46.91 8.46
CA PRO W 641 -67.54 47.75 7.42
C PRO W 641 -68.36 47.83 6.15
N PHE W 642 -68.19 48.95 5.44
CA PHE W 642 -68.89 49.22 4.18
C PHE W 642 -67.96 49.46 2.99
N ALA W 643 -66.96 50.33 3.09
CA ALA W 643 -66.14 50.64 1.92
C ALA W 643 -64.80 51.26 2.33
N VAL W 644 -63.90 51.33 1.33
CA VAL W 644 -62.60 51.99 1.44
C VAL W 644 -62.43 52.87 0.20
N GLU W 645 -61.90 54.08 0.39
CA GLU W 645 -61.71 55.04 -0.69
C GLU W 645 -60.42 55.83 -0.46
N LYS W 646 -59.87 56.37 -1.55
CA LYS W 646 -58.58 57.06 -1.54
C LYS W 646 -58.75 58.53 -1.93
N THR W 647 -58.15 59.42 -1.15
CA THR W 647 -58.09 60.86 -1.41
C THR W 647 -56.67 61.37 -1.21
N SER W 648 -56.48 62.69 -1.23
CA SER W 648 -55.30 63.35 -0.67
C SER W 648 -55.22 63.07 0.83
N PRO W 649 -54.10 63.39 1.48
CA PRO W 649 -54.05 63.30 2.94
C PRO W 649 -55.15 64.12 3.61
N ILE W 650 -55.91 63.46 4.49
CA ILE W 650 -57.04 64.06 5.19
C ILE W 650 -56.51 64.69 6.46
N VAL W 651 -56.98 65.90 6.77
CA VAL W 651 -56.54 66.64 7.95
C VAL W 651 -57.67 67.01 8.91
N ALA W 652 -58.94 66.97 8.49
CA ALA W 652 -60.04 67.28 9.41
C ALA W 652 -61.34 66.68 8.89
N LEU W 653 -62.27 66.39 9.83
CA LEU W 653 -63.53 65.74 9.52
C LEU W 653 -64.65 66.29 10.42
N THR W 654 -65.87 66.33 9.87
CA THR W 654 -67.08 66.61 10.64
C THR W 654 -68.27 66.10 9.84
N ALA W 655 -69.40 65.88 10.52
CA ALA W 655 -70.56 65.26 9.88
C ALA W 655 -71.87 65.65 10.57
N GLN W 656 -72.96 65.50 9.82
CA GLN W 656 -74.31 65.78 10.29
C GLN W 656 -75.25 64.81 9.58
N ASN W 657 -75.86 63.89 10.35
CA ASN W 657 -76.72 62.85 9.80
C ASN W 657 -75.96 62.15 8.66
N TYR W 658 -76.34 62.40 7.41
CA TYR W 658 -75.70 61.80 6.24
C TYR W 658 -74.68 62.72 5.57
N ARG W 659 -74.64 64.00 5.95
CA ARG W 659 -73.70 64.95 5.34
C ARG W 659 -72.35 64.86 6.01
N VAL W 660 -71.28 64.86 5.20
CA VAL W 660 -69.90 64.79 5.68
C VAL W 660 -69.09 65.88 4.99
N PHE W 661 -68.27 66.58 5.77
CA PHE W 661 -67.42 67.67 5.29
C PHE W 661 -65.98 67.35 5.69
N SER W 662 -65.09 67.31 4.68
CA SER W 662 -63.71 66.86 4.84
C SER W 662 -62.74 67.89 4.30
N VAL W 663 -61.57 67.97 4.93
CA VAL W 663 -60.49 68.87 4.52
C VAL W 663 -59.24 68.04 4.28
N HIS W 664 -58.47 68.42 3.26
CA HIS W 664 -57.29 67.69 2.82
C HIS W 664 -56.16 68.66 2.53
N TYR W 665 -54.92 68.15 2.58
CA TYR W 665 -53.74 68.96 2.33
C TYR W 665 -52.67 68.12 1.63
N SER W 666 -51.98 68.72 0.67
CA SER W 666 -50.83 68.14 -0.01
C SER W 666 -49.77 69.21 -0.22
N GLN W 667 -48.49 68.80 -0.20
CA GLN W 667 -47.41 69.72 -0.57
C GLN W 667 -47.52 70.18 -2.01
N PHE W 668 -48.20 69.41 -2.87
CA PHE W 668 -48.20 69.57 -4.31
C PHE W 668 -49.56 70.00 -4.85
N HIS W 669 -50.65 69.41 -4.36
CA HIS W 669 -52.00 69.84 -4.73
C HIS W 669 -52.50 71.01 -3.87
N GLY W 670 -51.83 71.34 -2.77
CA GLY W 670 -52.27 72.44 -1.92
C GLY W 670 -53.38 72.02 -0.95
N LEU W 671 -54.19 73.02 -0.56
CA LEU W 671 -55.26 72.83 0.40
C LEU W 671 -56.59 72.70 -0.32
N SER W 672 -57.38 71.71 0.09
CA SER W 672 -58.63 71.39 -0.59
C SER W 672 -59.66 70.87 0.42
N TYR W 673 -60.91 70.81 -0.03
CA TYR W 673 -62.02 70.33 0.78
C TYR W 673 -62.96 69.48 -0.08
N SER W 674 -63.73 68.63 0.58
CA SER W 674 -64.78 67.84 -0.06
C SER W 674 -66.04 67.88 0.78
N LEU W 675 -67.18 67.93 0.10
CA LEU W 675 -68.50 67.92 0.72
C LEU W 675 -69.31 66.83 0.04
N SER W 676 -69.86 65.91 0.83
CA SER W 676 -70.57 64.77 0.28
C SER W 676 -71.64 64.31 1.26
N GLU W 677 -72.57 63.52 0.73
CA GLU W 677 -73.66 62.95 1.51
C GLU W 677 -73.71 61.45 1.25
N LEU W 678 -73.69 60.65 2.31
CA LEU W 678 -73.86 59.20 2.21
C LEU W 678 -75.36 58.89 2.12
N GLY W 679 -75.91 59.22 0.96
CA GLY W 679 -77.33 59.01 0.74
C GLY W 679 -77.69 57.53 0.76
N THR W 680 -78.93 57.25 1.16
CA THR W 680 -79.35 55.86 1.31
C THR W 680 -79.40 55.13 -0.03
N SER W 681 -79.57 55.87 -1.13
CA SER W 681 -79.41 55.30 -2.46
C SER W 681 -77.93 55.15 -2.81
N SER W 682 -77.16 56.23 -2.69
CA SER W 682 -75.74 56.19 -3.03
C SER W 682 -75.04 57.39 -2.40
N LYS W 683 -73.70 57.33 -2.40
CA LYS W 683 -72.87 58.43 -1.93
C LYS W 683 -72.79 59.50 -3.01
N ARG W 684 -73.10 60.75 -2.65
CA ARG W 684 -73.09 61.88 -3.57
C ARG W 684 -72.04 62.88 -3.15
N TYR W 685 -71.20 63.30 -4.09
CA TYR W 685 -70.25 64.39 -3.88
C TYR W 685 -70.85 65.69 -4.40
N TYR W 686 -70.93 66.68 -3.52
CA TYR W 686 -71.35 68.02 -3.87
C TYR W 686 -70.17 68.85 -4.33
N LYS W 687 -69.03 68.68 -3.65
CA LYS W 687 -67.73 69.22 -4.04
C LYS W 687 -66.68 68.19 -3.66
N ARG W 688 -65.70 67.99 -4.53
CA ARG W 688 -64.65 66.99 -4.32
C ARG W 688 -63.29 67.65 -4.51
N GLU W 689 -62.53 67.74 -3.41
CA GLU W 689 -61.20 68.35 -3.33
C GLU W 689 -61.09 69.65 -4.12
N CYS W 690 -62.07 70.52 -3.91
CA CYS W 690 -62.01 71.88 -4.42
C CYS W 690 -61.13 72.73 -3.50
N PRO W 691 -60.45 73.77 -4.00
CA PRO W 691 -59.51 74.49 -3.14
C PRO W 691 -60.19 75.26 -2.01
N LEU W 692 -59.53 75.30 -0.84
CA LEU W 692 -60.08 75.89 0.38
C LEU W 692 -59.37 77.21 0.74
N PRO W 693 -60.10 78.35 0.96
CA PRO W 693 -59.42 79.67 0.99
C PRO W 693 -58.88 80.18 2.34
N MET W 694 -58.62 79.32 3.33
CA MET W 694 -58.21 79.79 4.65
C MET W 694 -56.82 80.45 4.66
N SER W 695 -56.67 81.45 5.52
CA SER W 695 -55.38 82.08 5.81
C SER W 695 -54.46 81.13 6.58
N LEU W 696 -53.13 81.26 6.32
CA LEU W 696 -52.11 80.40 6.95
C LEU W 696 -51.17 81.20 7.86
N PRO W 697 -50.94 80.77 9.15
CA PRO W 697 -50.11 81.58 10.06
C PRO W 697 -48.61 81.40 9.98
N ASN W 698 -48.15 80.17 9.71
CA ASN W 698 -46.82 79.73 10.12
C ASN W 698 -45.67 80.48 9.45
N ILE W 699 -45.89 81.10 8.29
CA ILE W 699 -44.80 81.81 7.61
C ILE W 699 -44.36 83.02 8.41
N ASN W 700 -45.26 83.61 9.21
CA ASN W 700 -44.94 84.79 9.99
C ASN W 700 -44.03 84.44 11.17
N SER W 701 -42.93 85.17 11.32
CA SER W 701 -42.00 84.92 12.43
C SER W 701 -42.63 85.23 13.78
N ASP W 702 -43.68 86.05 13.83
CA ASP W 702 -44.37 86.36 15.08
C ASP W 702 -45.01 85.12 15.72
N MET W 703 -45.24 84.05 14.95
CA MET W 703 -45.84 82.83 15.48
C MET W 703 -44.89 82.05 16.40
N LYS W 704 -43.63 82.48 16.54
CA LYS W 704 -42.67 81.85 17.43
C LYS W 704 -42.78 82.33 18.88
N LYS W 705 -43.80 83.13 19.20
CA LYS W 705 -44.17 83.38 20.59
C LYS W 705 -44.53 82.06 21.26
N ASP W 706 -44.25 81.97 22.56
CA ASP W 706 -44.40 80.71 23.31
C ASP W 706 -45.80 80.12 23.18
N ALA W 707 -46.83 80.91 23.48
CA ALA W 707 -48.20 80.41 23.42
C ALA W 707 -48.60 80.05 21.99
N ASN W 708 -48.15 80.83 21.01
CA ASN W 708 -48.45 80.53 19.62
C ASN W 708 -47.71 79.28 19.15
N LEU W 709 -46.43 79.16 19.52
CA LEU W 709 -45.60 78.05 19.06
C LEU W 709 -46.14 76.71 19.56
N ASP W 710 -46.63 76.68 20.81
CA ASP W 710 -47.21 75.45 21.34
C ASP W 710 -48.42 74.99 20.51
N TYR W 711 -49.29 75.93 20.13
CA TYR W 711 -50.47 75.54 19.36
C TYR W 711 -50.07 74.98 18.00
N TYR W 712 -49.11 75.61 17.32
CA TYR W 712 -48.72 75.13 16.00
C TYR W 712 -47.86 73.87 16.07
N ASN W 713 -47.26 73.57 17.23
CA ASN W 713 -46.71 72.24 17.44
C ASN W 713 -47.83 71.22 17.65
N PHE W 714 -48.86 71.63 18.40
CA PHE W 714 -50.04 70.82 18.66
C PHE W 714 -50.92 70.70 17.42
N ASN W 715 -50.95 71.74 16.60
CA ASN W 715 -51.89 71.85 15.47
C ASN W 715 -51.29 72.82 14.46
N PRO W 716 -50.37 72.34 13.60
CA PRO W 716 -49.74 73.27 12.64
C PRO W 716 -50.70 73.86 11.62
N MET W 717 -51.87 73.26 11.42
CA MET W 717 -52.87 73.83 10.51
C MET W 717 -53.39 75.17 11.03
N GLY W 718 -53.49 75.32 12.35
CA GLY W 718 -54.01 76.54 12.94
C GLY W 718 -55.52 76.62 12.99
N ILE W 719 -56.23 75.62 12.46
CA ILE W 719 -57.69 75.55 12.62
C ILE W 719 -57.99 75.28 14.08
N LYS W 720 -59.10 75.86 14.56
CA LYS W 720 -59.57 75.64 15.93
C LYS W 720 -60.80 74.74 15.99
N SER W 721 -61.78 74.91 15.10
CA SER W 721 -62.89 73.97 15.02
C SER W 721 -63.64 74.16 13.71
N LEU W 722 -64.53 73.21 13.43
CA LEU W 722 -65.36 73.21 12.23
C LEU W 722 -66.63 72.43 12.55
N PHE W 723 -67.77 72.89 12.03
CA PHE W 723 -69.04 72.25 12.34
C PHE W 723 -70.09 72.74 11.34
N PHE W 724 -71.23 72.03 11.33
CA PHE W 724 -72.38 72.43 10.54
C PHE W 724 -73.20 73.45 11.32
N SER W 725 -73.82 74.37 10.59
CA SER W 725 -74.67 75.38 11.18
C SER W 725 -75.88 74.74 11.88
N SER W 726 -76.67 75.57 12.55
CA SER W 726 -77.99 75.17 13.03
C SER W 726 -79.00 74.88 11.90
N TYR W 727 -78.61 75.09 10.64
CA TYR W 727 -79.40 74.75 9.47
C TYR W 727 -78.66 73.79 8.52
N GLY W 728 -77.59 73.14 8.99
CA GLY W 728 -76.91 72.13 8.21
C GLY W 728 -76.00 72.62 7.10
N ASP W 729 -75.31 73.77 7.32
CA ASP W 729 -74.37 74.37 6.36
C ASP W 729 -72.95 74.33 6.92
N PRO W 730 -71.90 74.02 6.13
CA PRO W 730 -70.55 73.95 6.71
C PRO W 730 -70.04 75.29 7.24
N CYS W 731 -69.36 75.23 8.38
CA CYS W 731 -68.75 76.39 9.01
C CYS W 731 -67.37 76.01 9.55
N ILE W 732 -66.48 76.99 9.66
CA ILE W 732 -65.12 76.74 10.14
C ILE W 732 -64.53 78.02 10.72
N PHE W 733 -63.64 77.86 11.71
CA PHE W 733 -62.98 78.96 12.41
C PHE W 733 -61.48 78.72 12.34
N GLY W 734 -60.75 79.62 11.66
CA GLY W 734 -59.38 79.40 11.28
C GLY W 734 -58.36 80.21 12.09
N SER W 735 -57.13 80.21 11.57
CA SER W 735 -55.98 80.78 12.29
C SER W 735 -56.13 82.29 12.53
N ASP W 736 -56.83 83.00 11.65
CA ASP W 736 -57.03 84.44 11.79
C ASP W 736 -58.23 84.81 12.66
N ASN W 737 -58.85 83.83 13.32
CA ASN W 737 -59.98 84.04 14.22
C ASN W 737 -61.19 84.64 13.52
N THR W 738 -61.40 84.29 12.24
CA THR W 738 -62.57 84.67 11.48
C THR W 738 -63.47 83.46 11.30
N LEU W 739 -64.78 83.65 11.46
CA LEU W 739 -65.76 82.59 11.22
C LEU W 739 -66.13 82.61 9.73
N LEU W 740 -65.94 81.48 9.07
CA LEU W 740 -66.21 81.34 7.64
C LEU W 740 -67.33 80.33 7.45
N LEU W 741 -68.29 80.67 6.58
CA LEU W 741 -69.45 79.85 6.28
C LEU W 741 -69.54 79.65 4.78
N LEU W 742 -69.81 78.41 4.37
CA LEU W 742 -70.00 78.11 2.96
C LEU W 742 -71.45 78.44 2.60
N SER W 743 -71.63 79.46 1.78
CA SER W 743 -72.92 79.89 1.30
C SER W 743 -73.22 79.25 -0.05
N LYS W 744 -74.51 79.18 -0.39
CA LYS W 744 -74.98 78.71 -1.70
C LYS W 744 -74.49 77.29 -2.04
N TRP W 745 -74.19 76.47 -1.03
CA TRP W 745 -73.67 75.13 -1.32
C TRP W 745 -74.69 74.25 -2.03
N ARG W 746 -75.98 74.53 -1.88
CA ARG W 746 -77.01 73.85 -2.63
C ARG W 746 -77.10 74.31 -4.09
N SER W 747 -76.38 75.37 -4.48
CA SER W 747 -76.37 75.91 -5.84
C SER W 747 -75.06 75.55 -6.54
N PRO W 748 -75.05 74.85 -7.69
CA PRO W 748 -73.75 74.52 -8.32
C PRO W 748 -72.92 75.72 -8.75
N GLU W 749 -73.51 76.73 -9.39
CA GLU W 749 -72.76 77.85 -9.97
C GLU W 749 -72.64 79.05 -9.03
N GLU W 750 -73.01 78.89 -7.75
CA GLU W 750 -73.08 80.00 -6.81
C GLU W 750 -72.42 79.73 -5.46
N SER W 751 -72.05 78.48 -5.16
CA SER W 751 -71.44 78.12 -3.88
C SER W 751 -70.17 78.95 -3.62
N LYS W 752 -70.12 79.60 -2.46
CA LYS W 752 -69.05 80.54 -2.15
C LYS W 752 -68.84 80.66 -0.64
N TRP W 753 -67.60 80.95 -0.25
CA TRP W 753 -67.23 81.13 1.15
C TRP W 753 -67.40 82.58 1.54
N LEU W 754 -68.08 82.81 2.67
CA LEU W 754 -68.40 84.16 3.15
C LEU W 754 -67.72 84.43 4.49
N PRO W 755 -66.90 85.52 4.64
CA PRO W 755 -66.43 85.89 5.98
C PRO W 755 -67.51 86.63 6.75
N ILE W 756 -68.13 85.96 7.72
CA ILE W 756 -69.33 86.48 8.39
C ILE W 756 -69.07 87.06 9.78
N LEU W 757 -67.87 86.86 10.35
CA LEU W 757 -67.57 87.43 11.66
C LEU W 757 -66.07 87.49 11.87
N ASP W 758 -65.58 88.67 12.20
CA ASP W 758 -64.18 88.90 12.60
C ASP W 758 -64.19 89.12 14.11
N SER W 759 -63.79 88.07 14.86
CA SER W 759 -63.76 88.19 16.32
C SER W 759 -62.72 89.21 16.78
N ASN W 760 -61.66 89.42 16.01
CA ASN W 760 -60.65 90.41 16.39
C ASN W 760 -61.25 91.80 16.36
N MET W 761 -62.05 92.09 15.33
CA MET W 761 -62.73 93.38 15.23
C MET W 761 -63.71 93.55 16.39
N GLU W 762 -64.46 92.51 16.74
CA GLU W 762 -65.41 92.62 17.84
C GLU W 762 -64.69 92.85 19.17
N ILE W 763 -63.58 92.14 19.41
CA ILE W 763 -62.81 92.38 20.63
C ILE W 763 -62.27 93.81 20.63
N TRP W 764 -61.77 94.27 19.48
CA TRP W 764 -61.21 95.62 19.40
C TRP W 764 -62.27 96.67 19.73
N LYS W 765 -63.45 96.57 19.12
CA LYS W 765 -64.52 97.50 19.44
C LYS W 765 -64.98 97.36 20.88
N MET W 766 -65.32 96.13 21.29
CA MET W 766 -65.91 95.89 22.60
C MET W 766 -64.95 96.24 23.73
N SER W 767 -63.64 96.20 23.48
CA SER W 767 -62.65 96.65 24.46
C SER W 767 -62.48 98.16 24.48
N GLY W 768 -63.24 98.90 23.66
CA GLY W 768 -63.14 100.34 23.60
C GLY W 768 -62.26 100.86 22.49
N GLY W 769 -62.13 100.11 21.40
CA GLY W 769 -61.18 100.45 20.37
C GLY W 769 -59.75 100.16 20.75
N LYS W 770 -59.50 99.02 21.40
CA LYS W 770 -58.24 98.75 22.07
C LYS W 770 -57.70 97.38 21.68
N GLU W 771 -56.37 97.27 21.79
CA GLU W 771 -55.61 96.12 21.29
C GLU W 771 -55.42 95.08 22.40
N THR W 772 -56.54 94.58 22.93
CA THR W 772 -56.53 93.62 24.04
C THR W 772 -56.27 92.21 23.50
N THR W 773 -55.01 91.99 23.10
CA THR W 773 -54.56 90.67 22.62
C THR W 773 -54.44 89.63 23.74
N ASP W 774 -54.65 90.03 24.99
CA ASP W 774 -54.80 89.08 26.09
C ASP W 774 -56.13 88.32 26.08
N ILE W 775 -57.00 88.52 25.08
CA ILE W 775 -58.31 87.88 24.99
C ILE W 775 -58.35 87.05 23.71
N HIS W 776 -58.92 85.84 23.81
CA HIS W 776 -59.04 84.89 22.71
C HIS W 776 -60.43 84.25 22.75
N VAL W 777 -60.87 83.71 21.62
CA VAL W 777 -62.19 83.10 21.47
C VAL W 777 -62.02 81.65 21.05
N TRP W 778 -62.72 80.75 21.77
CA TRP W 778 -62.73 79.32 21.47
C TRP W 778 -64.12 78.94 20.93
N PRO W 779 -64.27 78.52 19.67
CA PRO W 779 -65.63 78.29 19.13
C PRO W 779 -66.21 76.94 19.53
N LEU W 780 -67.55 76.93 19.67
CA LEU W 780 -68.31 75.73 20.02
C LEU W 780 -69.36 75.33 18.97
N ALA W 781 -70.26 76.25 18.60
CA ALA W 781 -71.34 75.92 17.66
C ALA W 781 -72.06 77.21 17.26
N LEU W 782 -72.76 77.16 16.12
CA LEU W 782 -73.47 78.30 15.56
C LEU W 782 -74.98 78.07 15.66
N ALA W 783 -75.70 79.05 16.21
CA ALA W 783 -77.15 79.02 16.37
C ALA W 783 -77.75 80.33 15.83
N TYR W 784 -78.46 80.23 14.70
CA TYR W 784 -78.96 81.39 13.95
C TYR W 784 -77.78 82.35 13.71
N ASP W 785 -77.84 83.61 14.17
CA ASP W 785 -76.85 84.63 13.87
C ASP W 785 -75.79 84.73 14.96
N THR W 786 -75.78 83.81 15.92
CA THR W 786 -74.99 83.93 17.14
C THR W 786 -74.14 82.67 17.33
N LEU W 787 -72.86 82.88 17.59
CA LEU W 787 -71.88 81.82 17.78
C LEU W 787 -71.73 81.53 19.27
N ASN W 788 -71.72 80.25 19.64
CA ASN W 788 -71.42 79.81 21.00
C ASN W 788 -69.91 79.63 21.13
N CYS W 789 -69.32 80.20 22.18
CA CYS W 789 -67.87 80.19 22.32
C CYS W 789 -67.45 80.44 23.76
N ILE W 790 -66.16 80.17 24.04
CA ILE W 790 -65.51 80.47 25.31
C ILE W 790 -64.60 81.66 25.07
N LEU W 791 -64.66 82.66 25.97
CA LEU W 791 -63.74 83.79 25.93
C LEU W 791 -62.57 83.50 26.87
N VAL W 792 -61.40 83.27 26.29
CA VAL W 792 -60.19 82.86 27.00
C VAL W 792 -59.34 84.10 27.26
N LYS W 793 -58.77 84.19 28.47
CA LYS W 793 -57.91 85.31 28.84
C LYS W 793 -56.60 84.83 29.45
N GLY W 794 -55.51 85.49 29.07
CA GLY W 794 -54.15 85.18 29.50
C GLY W 794 -53.26 84.84 28.32
N LYS W 795 -52.04 84.39 28.65
CA LYS W 795 -51.07 84.06 27.61
C LYS W 795 -51.50 82.86 26.78
N HIS W 796 -51.89 81.78 27.45
CA HIS W 796 -52.27 80.56 26.76
C HIS W 796 -53.57 80.78 25.99
N ILE W 797 -53.52 80.60 24.66
CA ILE W 797 -54.65 80.96 23.81
C ILE W 797 -55.82 79.98 23.90
N TRP W 798 -55.61 78.78 24.50
CA TRP W 798 -56.61 77.73 24.67
C TRP W 798 -57.26 77.83 26.06
N PRO W 799 -58.51 77.39 26.23
CA PRO W 799 -59.13 77.47 27.57
C PRO W 799 -58.45 76.56 28.58
N GLU W 800 -58.50 76.98 29.84
CA GLU W 800 -57.73 76.39 30.93
C GLU W 800 -58.61 75.50 31.82
N PHE W 801 -58.05 75.04 32.95
CA PHE W 801 -58.72 74.16 33.91
C PHE W 801 -59.06 74.91 35.20
N PRO W 802 -60.28 74.78 35.77
CA PRO W 802 -61.46 74.08 35.25
C PRO W 802 -62.04 74.88 34.10
N LEU W 803 -62.93 74.28 33.30
CA LEU W 803 -63.35 74.90 32.05
C LEU W 803 -64.12 76.19 32.30
N PRO W 804 -63.78 77.32 31.66
CA PRO W 804 -64.58 78.54 31.83
C PRO W 804 -65.98 78.41 31.22
N LEU W 805 -66.82 79.44 31.47
CA LEU W 805 -68.23 79.35 31.16
C LEU W 805 -68.54 79.68 29.69
N PRO W 806 -69.61 79.12 29.11
CA PRO W 806 -70.01 79.49 27.74
C PRO W 806 -70.38 80.96 27.59
N SER W 807 -70.06 81.51 26.42
CA SER W 807 -70.37 82.88 26.01
C SER W 807 -70.98 82.86 24.61
N GLU W 808 -71.46 84.03 24.15
CA GLU W 808 -72.06 84.14 22.82
C GLU W 808 -71.72 85.48 22.15
N MET W 809 -71.61 85.43 20.81
CA MET W 809 -71.27 86.59 19.98
C MET W 809 -72.05 86.54 18.67
N GLU W 810 -72.46 87.71 18.18
CA GLU W 810 -73.24 87.83 16.95
C GLU W 810 -72.33 87.94 15.72
N ILE W 811 -72.81 87.42 14.58
CA ILE W 811 -72.12 87.61 13.30
C ILE W 811 -72.40 89.02 12.79
N ARG W 812 -71.40 89.64 12.16
CA ARG W 812 -71.52 91.02 11.70
C ARG W 812 -70.68 91.23 10.45
N MET W 813 -71.20 92.07 9.52
CA MET W 813 -70.56 92.23 8.22
C MET W 813 -69.36 93.18 8.33
N PRO W 814 -68.29 92.97 7.50
CA PRO W 814 -67.05 93.76 7.68
C PRO W 814 -67.09 95.13 7.02
N VAL W 815 -67.96 96.01 7.52
CA VAL W 815 -68.00 97.40 7.05
C VAL W 815 -66.99 98.30 7.73
N PHE W 816 -66.43 97.89 8.86
CA PHE W 816 -65.88 98.79 9.86
C PHE W 816 -64.48 99.32 9.50
N VAL W 817 -64.26 100.61 9.74
CA VAL W 817 -62.97 101.28 9.62
C VAL W 817 -62.62 101.84 11.00
N LYS W 818 -61.43 101.47 11.52
CA LYS W 818 -61.04 101.89 12.87
C LYS W 818 -60.96 103.42 13.00
N SER W 819 -60.27 104.07 12.05
CA SER W 819 -60.03 105.51 12.17
C SER W 819 -61.35 106.30 12.12
N LYS W 820 -62.24 105.94 11.20
CA LYS W 820 -63.54 106.61 11.13
C LYS W 820 -64.35 106.40 12.39
N LEU W 821 -64.35 105.18 12.92
CA LEU W 821 -65.10 104.90 14.14
C LEU W 821 -64.51 105.65 15.34
N LEU W 822 -63.18 105.73 15.42
CA LEU W 822 -62.55 106.52 16.48
C LEU W 822 -62.94 107.99 16.37
N GLU W 823 -62.88 108.54 15.16
CA GLU W 823 -63.22 109.94 14.95
C GLU W 823 -64.68 110.21 15.27
N GLU W 824 -65.57 109.32 14.82
CA GLU W 824 -67.00 109.47 15.11
C GLU W 824 -67.26 109.35 16.60
N ASN W 825 -66.57 108.43 17.28
CA ASN W 825 -66.71 108.27 18.72
C ASN W 825 -66.16 109.49 19.45
N LYS W 826 -65.08 110.09 18.95
CA LYS W 826 -64.51 111.31 19.50
C LYS W 826 -65.17 112.53 18.89
N GLU W 845 -63.69 106.01 30.82
CA GLU W 845 -64.81 105.18 30.37
C GLU W 845 -64.69 104.76 28.90
N GLU W 846 -63.56 105.09 28.26
CA GLU W 846 -63.39 104.79 26.83
C GLU W 846 -63.28 103.30 26.54
N ASP W 847 -63.17 102.43 27.57
CA ASP W 847 -63.26 100.99 27.36
C ASP W 847 -64.62 100.56 26.80
N LYS W 848 -65.67 101.36 26.97
CA LYS W 848 -66.99 101.03 26.44
C LYS W 848 -66.95 100.97 24.92
N GLU W 849 -67.82 100.13 24.34
CA GLU W 849 -67.72 99.84 22.90
C GLU W 849 -67.95 101.09 22.06
N ILE W 850 -67.12 101.24 21.03
CA ILE W 850 -67.04 102.49 20.27
C ILE W 850 -68.32 102.69 19.45
N GLN W 851 -68.68 103.96 19.28
CA GLN W 851 -69.89 104.35 18.56
C GLN W 851 -69.81 104.01 17.07
N ILE W 852 -70.94 103.62 16.49
CA ILE W 852 -71.07 103.30 15.08
C ILE W 852 -72.04 104.31 14.46
N PRO W 853 -71.70 105.00 13.36
CA PRO W 853 -72.67 105.92 12.74
C PRO W 853 -73.90 105.22 12.18
N VAL W 854 -74.97 106.00 12.01
CA VAL W 854 -76.23 105.49 11.46
C VAL W 854 -76.02 104.95 10.05
N SER W 855 -75.18 105.63 9.25
CA SER W 855 -74.90 105.16 7.90
C SER W 855 -74.24 103.79 7.92
N MET W 856 -73.22 103.61 8.77
CA MET W 856 -72.56 102.31 8.89
C MET W 856 -73.52 101.27 9.46
N ALA W 857 -74.30 101.64 10.47
CA ALA W 857 -75.24 100.72 11.07
C ALA W 857 -76.30 100.26 10.06
N ALA W 858 -76.85 101.21 9.30
CA ALA W 858 -77.85 100.88 8.29
C ALA W 858 -77.26 100.02 7.18
N GLU W 859 -76.06 100.36 6.71
CA GLU W 859 -75.40 99.57 5.68
C GLU W 859 -75.14 98.15 6.16
N GLU W 860 -74.57 98.02 7.36
CA GLU W 860 -74.28 96.71 7.92
C GLU W 860 -75.55 95.91 8.14
N GLU W 861 -76.62 96.57 8.60
CA GLU W 861 -77.88 95.86 8.81
C GLU W 861 -78.48 95.37 7.50
N TYR W 862 -78.47 96.23 6.46
CA TYR W 862 -79.09 95.82 5.20
C TYR W 862 -78.33 94.66 4.57
N LEU W 863 -77.00 94.66 4.68
CA LEU W 863 -76.22 93.52 4.22
C LEU W 863 -76.51 92.28 5.06
N ARG W 864 -76.49 92.42 6.39
CA ARG W 864 -76.71 91.26 7.26
C ARG W 864 -78.13 90.73 7.13
N SER W 865 -79.12 91.61 7.03
CA SER W 865 -80.50 91.19 6.84
C SER W 865 -80.67 90.43 5.53
N LYS W 866 -80.07 90.94 4.45
CA LYS W 866 -80.16 90.29 3.16
C LYS W 866 -79.49 88.91 3.20
N VAL W 867 -78.31 88.83 3.81
CA VAL W 867 -77.59 87.55 3.93
C VAL W 867 -78.40 86.55 4.74
N LEU W 868 -78.88 86.97 5.91
CA LEU W 868 -79.65 86.08 6.78
C LEU W 868 -80.92 85.60 6.10
N SER W 869 -81.62 86.52 5.42
CA SER W 869 -82.86 86.13 4.73
C SER W 869 -82.59 85.12 3.63
N GLU W 870 -81.50 85.31 2.89
CA GLU W 870 -81.20 84.39 1.78
C GLU W 870 -80.79 83.01 2.30
N LEU W 871 -79.95 82.96 3.33
CA LEU W 871 -79.58 81.68 3.93
C LEU W 871 -80.79 80.97 4.50
N LEU W 872 -81.65 81.71 5.21
CA LEU W 872 -82.85 81.11 5.78
C LEU W 872 -83.82 80.67 4.68
N THR W 873 -83.92 81.44 3.59
CA THR W 873 -84.76 81.04 2.46
C THR W 873 -84.31 79.72 1.89
N ASP W 874 -83.00 79.57 1.69
CA ASP W 874 -82.43 78.32 1.20
C ASP W 874 -82.78 77.17 2.14
N THR W 875 -82.70 77.43 3.44
CA THR W 875 -83.05 76.42 4.45
C THR W 875 -84.51 75.98 4.31
N LEU W 876 -85.43 76.93 4.25
CA LEU W 876 -86.84 76.58 4.21
C LEU W 876 -87.22 75.93 2.89
N GLU W 877 -86.55 76.32 1.80
CA GLU W 877 -86.87 75.72 0.51
C GLU W 877 -86.39 74.28 0.40
N ASN W 878 -85.34 73.91 1.13
CA ASN W 878 -84.74 72.57 1.05
C ASN W 878 -84.87 71.77 2.34
N ASP W 879 -84.67 72.40 3.50
CA ASP W 879 -84.76 71.74 4.80
C ASP W 879 -86.08 72.00 5.52
N GLY W 880 -86.87 72.99 5.06
CA GLY W 880 -88.14 73.31 5.70
C GLY W 880 -87.95 74.04 7.02
N GLU W 881 -89.06 74.28 7.72
CA GLU W 881 -88.98 74.84 9.06
C GLU W 881 -88.47 73.77 10.01
N MET W 882 -87.24 73.93 10.46
CA MET W 882 -86.61 73.00 11.39
C MET W 882 -87.02 73.28 12.84
N TYR W 883 -87.45 74.50 13.13
CA TYR W 883 -87.76 74.94 14.48
C TYR W 883 -89.19 75.47 14.64
N GLY W 884 -89.87 75.80 13.55
CA GLY W 884 -91.29 76.15 13.61
C GLY W 884 -91.57 77.62 13.85
N ASN W 885 -90.62 78.49 13.58
CA ASN W 885 -90.79 79.93 13.76
C ASN W 885 -90.11 80.75 12.67
N GLU W 886 -89.53 80.12 11.64
CA GLU W 886 -88.63 80.81 10.72
C GLU W 886 -89.36 81.77 9.78
N ASN W 887 -90.62 81.47 9.44
CA ASN W 887 -91.41 82.43 8.66
C ASN W 887 -91.53 83.77 9.38
N GLU W 888 -91.58 83.73 10.72
CA GLU W 888 -91.68 84.94 11.51
C GLU W 888 -90.37 85.71 11.48
N VAL W 889 -89.25 85.00 11.63
CA VAL W 889 -87.92 85.60 11.52
C VAL W 889 -87.74 86.19 10.13
N LEU W 890 -88.20 85.48 9.11
CA LEU W 890 -88.08 85.95 7.72
C LEU W 890 -88.87 87.24 7.50
N ALA W 891 -90.09 87.31 8.04
CA ALA W 891 -90.89 88.54 7.94
C ALA W 891 -90.19 89.70 8.64
N ALA W 892 -89.64 89.46 9.82
CA ALA W 892 -88.91 90.50 10.55
C ALA W 892 -87.68 90.95 9.76
N LEU W 893 -86.97 90.01 9.14
CA LEU W 893 -85.80 90.35 8.35
C LEU W 893 -86.15 91.24 7.17
N ASN W 894 -87.28 90.96 6.50
CA ASN W 894 -87.69 91.82 5.39
C ASN W 894 -88.01 93.24 5.86
N GLY W 895 -88.67 93.36 7.01
CA GLY W 895 -88.92 94.69 7.58
C GLY W 895 -87.65 95.43 7.90
N ALA W 896 -86.69 94.73 8.54
CA ALA W 896 -85.40 95.33 8.85
C ALA W 896 -84.66 95.75 7.59
N TYR W 897 -84.73 94.92 6.54
CA TYR W 897 -84.07 95.22 5.28
C TYR W 897 -84.59 96.51 4.66
N ASP W 898 -85.91 96.63 4.51
CA ASP W 898 -86.49 97.86 3.95
C ASP W 898 -86.21 99.07 4.83
N LYS W 899 -86.28 98.90 6.15
CA LYS W 899 -86.06 100.03 7.05
C LYS W 899 -84.61 100.52 6.96
N ALA W 900 -83.65 99.60 6.89
CA ALA W 900 -82.25 99.99 6.72
C ALA W 900 -82.05 100.73 5.39
N LEU W 901 -82.66 100.22 4.32
CA LEU W 901 -82.56 100.90 3.03
C LEU W 901 -83.24 102.26 3.05
N LEU W 902 -84.30 102.42 3.84
CA LEU W 902 -84.95 103.72 3.95
C LEU W 902 -84.05 104.73 4.66
N ARG W 903 -83.27 104.28 5.65
CA ARG W 903 -82.29 105.17 6.27
C ARG W 903 -81.26 105.63 5.27
N LEU W 904 -80.72 104.70 4.49
CA LEU W 904 -79.75 105.05 3.46
C LEU W 904 -80.38 105.91 2.37
N PHE W 905 -81.63 105.61 2.03
CA PHE W 905 -82.37 106.43 1.06
C PHE W 905 -82.50 107.87 1.55
N ALA W 906 -82.94 108.04 2.81
CA ALA W 906 -83.10 109.38 3.36
C ALA W 906 -81.78 110.13 3.40
N SER W 907 -80.68 109.42 3.66
CA SER W 907 -79.36 110.03 3.60
C SER W 907 -79.03 110.52 2.20
N ALA W 908 -79.33 109.70 1.18
CA ALA W 908 -79.10 110.11 -0.20
C ALA W 908 -79.97 111.32 -0.56
N CYS W 909 -81.23 111.33 -0.10
CA CYS W 909 -82.10 112.47 -0.35
C CYS W 909 -81.60 113.73 0.36
N SER W 910 -81.08 113.57 1.58
CA SER W 910 -80.51 114.71 2.30
C SER W 910 -79.27 115.25 1.59
N ASP W 911 -78.49 114.36 0.98
CA ASP W 911 -77.40 114.76 0.07
C ASP W 911 -77.92 115.31 -1.26
N GLN W 912 -79.23 115.27 -1.51
CA GLN W 912 -79.88 115.73 -2.73
C GLN W 912 -79.41 114.96 -3.97
N ASN W 913 -78.92 113.73 -3.80
CA ASN W 913 -78.51 112.87 -4.91
C ASN W 913 -79.73 112.09 -5.37
N VAL W 914 -80.40 112.59 -6.41
CA VAL W 914 -81.62 111.97 -6.92
C VAL W 914 -81.33 110.58 -7.49
N GLU W 915 -80.23 110.44 -8.24
CA GLU W 915 -79.93 109.15 -8.86
C GLU W 915 -79.65 108.08 -7.82
N LYS W 916 -78.84 108.42 -6.81
CA LYS W 916 -78.55 107.46 -5.75
C LYS W 916 -79.80 107.12 -4.96
N ALA W 917 -80.65 108.12 -4.66
CA ALA W 917 -81.89 107.87 -3.98
C ALA W 917 -82.82 106.99 -4.82
N LEU W 918 -82.92 107.27 -6.12
CA LEU W 918 -83.77 106.47 -7.00
C LEU W 918 -83.28 105.03 -7.08
N SER W 919 -81.96 104.84 -7.18
CA SER W 919 -81.42 103.48 -7.20
C SER W 919 -81.72 102.75 -5.89
N LEU W 920 -81.62 103.46 -4.76
CA LEU W 920 -81.98 102.86 -3.47
C LEU W 920 -83.47 102.56 -3.39
N ALA W 921 -84.31 103.39 -4.02
CA ALA W 921 -85.74 103.13 -4.01
C ALA W 921 -86.08 101.82 -4.72
N HIS W 922 -85.33 101.49 -5.78
CA HIS W 922 -85.56 100.22 -6.47
C HIS W 922 -85.29 99.02 -5.56
N GLU W 923 -84.42 99.17 -4.55
CA GLU W 923 -84.10 98.06 -3.66
C GLU W 923 -85.20 97.79 -2.63
N LEU W 924 -86.10 98.74 -2.39
CA LEU W 924 -87.16 98.54 -1.41
C LEU W 924 -88.21 97.56 -1.94
N LYS W 925 -88.73 96.72 -1.03
CA LYS W 925 -89.69 95.68 -1.40
C LYS W 925 -91.14 96.17 -1.28
N GLN W 926 -91.54 96.63 -0.10
CA GLN W 926 -92.94 96.97 0.14
C GLN W 926 -93.35 98.23 -0.63
N ASP W 927 -94.59 98.23 -1.14
CA ASP W 927 -95.16 99.48 -1.66
C ASP W 927 -95.34 100.49 -0.55
N ARG W 928 -95.59 100.00 0.67
CA ARG W 928 -95.58 100.83 1.86
C ARG W 928 -94.24 101.53 2.06
N ALA W 929 -93.15 100.84 1.75
CA ALA W 929 -91.82 101.48 1.80
C ALA W 929 -91.70 102.57 0.76
N LEU W 930 -92.23 102.32 -0.45
CA LEU W 930 -92.19 103.36 -1.49
C LEU W 930 -93.07 104.54 -1.12
N THR W 931 -94.17 104.30 -0.41
CA THR W 931 -95.00 105.40 0.08
C THR W 931 -94.20 106.26 1.05
N ALA W 932 -93.46 105.62 1.97
CA ALA W 932 -92.57 106.34 2.86
C ALA W 932 -91.49 107.09 2.08
N ALA W 933 -90.97 106.46 1.03
CA ALA W 933 -89.95 107.09 0.19
C ALA W 933 -90.50 108.32 -0.54
N VAL W 934 -91.76 108.25 -0.98
CA VAL W 934 -92.39 109.41 -1.62
C VAL W 934 -92.44 110.58 -0.64
N LYS W 935 -92.88 110.31 0.59
CA LYS W 935 -92.98 111.37 1.59
C LYS W 935 -91.62 111.93 1.95
N ILE W 936 -90.60 111.06 2.05
CA ILE W 936 -89.22 111.51 2.28
C ILE W 936 -88.77 112.40 1.12
N SER W 937 -89.07 111.99 -0.11
CA SER W 937 -88.67 112.77 -1.28
C SER W 937 -89.33 114.14 -1.29
N GLU W 938 -90.61 114.19 -0.93
CA GLU W 938 -91.31 115.48 -0.85
C GLU W 938 -90.65 116.40 0.16
N ARG W 939 -90.33 115.89 1.36
CA ARG W 939 -89.71 116.72 2.38
C ARG W 939 -88.27 117.06 2.03
N ALA W 940 -87.59 116.20 1.27
CA ALA W 940 -86.30 116.54 0.71
C ALA W 940 -86.39 117.55 -0.45
N GLU W 941 -87.61 117.91 -0.87
CA GLU W 941 -87.83 118.90 -1.94
C GLU W 941 -87.27 118.40 -3.26
N LEU W 942 -87.48 117.10 -3.54
CA LEU W 942 -87.05 116.44 -4.76
C LEU W 942 -88.28 116.01 -5.57
N PRO W 943 -88.98 116.95 -6.21
CA PRO W 943 -90.19 116.56 -6.98
C PRO W 943 -89.92 115.63 -8.13
N SER W 944 -88.74 115.73 -8.76
CA SER W 944 -88.38 114.79 -9.81
C SER W 944 -88.32 113.37 -9.27
N LEU W 945 -87.74 113.20 -8.08
CA LEU W 945 -87.70 111.90 -7.43
C LEU W 945 -89.10 111.43 -7.04
N VAL W 946 -89.96 112.36 -6.60
CA VAL W 946 -91.35 112.00 -6.28
C VAL W 946 -92.04 111.46 -7.52
N LYS W 947 -91.91 112.16 -8.65
CA LYS W 947 -92.52 111.72 -9.90
C LYS W 947 -92.00 110.35 -10.31
N LYS W 948 -90.69 110.15 -10.26
CA LYS W 948 -90.12 108.88 -10.70
C LYS W 948 -90.49 107.74 -9.76
N ILE W 949 -90.54 108.00 -8.45
CA ILE W 949 -90.99 106.96 -7.53
C ILE W 949 -92.46 106.65 -7.76
N ASN W 950 -93.27 107.67 -8.05
CA ASN W 950 -94.68 107.43 -8.35
C ASN W 950 -94.82 106.58 -9.61
N ASN W 951 -93.96 106.82 -10.61
CA ASN W 951 -93.95 105.95 -11.78
C ASN W 951 -93.58 104.52 -11.40
N ILE W 952 -92.61 104.35 -10.48
CA ILE W 952 -92.24 103.01 -10.02
C ILE W 952 -93.41 102.37 -9.27
N ARG W 953 -94.07 103.12 -8.40
CA ARG W 953 -95.21 102.58 -7.66
C ARG W 953 -96.32 102.16 -8.60
N GLU W 954 -96.59 103.00 -9.61
CA GLU W 954 -97.59 102.65 -10.62
C GLU W 954 -97.19 101.41 -11.39
N ALA W 955 -95.91 101.32 -11.79
CA ALA W 955 -95.42 100.15 -12.51
C ALA W 955 -95.51 98.90 -11.66
N ARG W 956 -95.15 98.98 -10.38
CA ARG W 956 -95.24 97.83 -9.50
C ARG W 956 -96.70 97.42 -9.28
N TYR W 957 -97.59 98.40 -9.13
CA TYR W 957 -99.01 98.08 -8.98
C TYR W 957 -99.55 97.43 -10.25
N GLU W 958 -99.12 97.91 -11.42
CA GLU W 958 -99.48 97.26 -12.68
C GLU W 958 -98.94 95.83 -12.73
N GLN W 959 -97.70 95.63 -12.27
CA GLN W 959 -97.12 94.29 -12.21
C GLN W 959 -97.88 93.41 -11.24
N GLN W 960 -98.30 93.98 -10.10
CA GLN W 960 -99.09 93.24 -9.13
C GLN W 960 -100.48 92.87 -9.68
N LEU W 961 -100.99 93.66 -10.62
CA LEU W 961 -102.27 93.38 -11.27
C LEU W 961 -102.18 92.34 -12.39
N LYS W 962 -100.98 91.94 -12.80
CA LYS W 962 -100.83 90.93 -13.86
C LYS W 962 -101.36 89.57 -13.42
PG ANP X . 43.37 -21.01 -45.61
O1G ANP X . 42.23 -20.06 -45.72
O2G ANP X . 43.91 -21.01 -44.12
O3G ANP X . 42.89 -22.47 -46.01
PB ANP X . 45.15 -19.01 -46.17
O1B ANP X . 46.40 -19.17 -45.37
O2B ANP X . 44.07 -18.29 -45.31
N3B ANP X . 44.59 -20.51 -46.66
PA ANP X . 44.24 -17.47 -48.20
O1A ANP X . 42.98 -18.22 -48.06
O2A ANP X . 44.20 -16.02 -47.74
O3A ANP X . 45.44 -18.16 -47.44
O5' ANP X . 44.69 -17.61 -49.70
C5' ANP X . 45.62 -16.69 -50.26
C4' ANP X . 47.03 -17.03 -49.84
O4' ANP X . 47.87 -17.02 -51.00
C3' ANP X . 47.67 -16.01 -48.92
O3' ANP X . 48.80 -16.57 -48.25
C2' ANP X . 48.07 -14.92 -49.90
O2' ANP X . 49.18 -14.15 -49.43
C1' ANP X . 48.44 -15.73 -51.16
N9 ANP X . 47.99 -15.13 -52.41
C8 ANP X . 48.21 -13.83 -52.79
N7 ANP X . 47.71 -13.53 -53.96
C5 ANP X . 47.12 -14.71 -54.39
C6 ANP X . 46.41 -15.05 -55.56
N6 ANP X . 46.18 -14.19 -56.56
N1 ANP X . 45.95 -16.31 -55.68
C2 ANP X . 46.19 -17.17 -54.68
N3 ANP X . 46.84 -16.97 -53.54
C4 ANP X . 47.28 -15.70 -53.44
HNB1 ANP X . 45.28 -21.12 -46.64
H5'1 ANP X . 45.39 -15.79 -49.98
H5'2 ANP X . 45.55 -16.73 -51.25
H4' ANP X . 47.07 -17.92 -49.44
H3' ANP X . 47.01 -15.69 -48.29
HO3' ANP X . 49.51 -16.06 -48.40
H2' ANP X . 47.31 -14.36 -50.10
HO2' ANP X . 49.54 -13.71 -50.12
H1' ANP X . 49.41 -15.81 -51.17
H8 ANP X . 48.68 -13.20 -52.25
HN61 ANP X . 46.45 -13.31 -56.49
HN62 ANP X . 45.76 -14.48 -57.32
H2 ANP X . 45.84 -18.07 -54.82
MG MG Y . 42.33 -18.19 -46.24
PG ANP Z . 6.85 -55.48 -26.31
O1G ANP Z . 7.95 -56.13 -25.53
O2G ANP Z . 6.58 -54.00 -25.84
O3G ANP Z . 7.14 -55.50 -27.85
PB ANP Z . 4.84 -56.46 -24.62
O1B ANP Z . 5.40 -55.40 -23.72
O2B ANP Z . 5.08 -57.89 -24.08
N3B ANP Z . 5.43 -56.31 -26.14
PA ANP Z . 2.53 -55.16 -24.21
O1A ANP Z . 2.49 -55.48 -22.77
O2A ANP Z . 3.13 -53.79 -24.54
O3A ANP Z . 3.35 -56.25 -24.95
O5' ANP Z . 1.13 -55.35 -24.90
C5' ANP Z . 0.97 -55.06 -26.29
C4' ANP Z . -0.51 -54.91 -26.56
O4' ANP Z . -1.20 -56.14 -26.24
C3' ANP Z . -1.19 -53.80 -25.74
O3' ANP Z . -1.76 -52.82 -26.60
C2' ANP Z . -2.25 -54.55 -24.92
O2' ANP Z . -3.43 -53.79 -24.72
C1' ANP Z . -2.49 -55.77 -25.80
N9 ANP Z . -3.18 -56.89 -25.14
C8 ANP Z . -4.38 -56.78 -24.49
N7 ANP Z . -4.84 -57.91 -24.00
C5 ANP Z . -3.86 -58.83 -24.36
C6 ANP Z . -3.75 -60.22 -24.14
N6 ANP Z . -4.68 -60.94 -23.50
N1 ANP Z . -2.67 -60.85 -24.63
C2 ANP Z . -1.75 -60.14 -25.29
N3 ANP Z . -1.75 -58.83 -25.57
C4 ANP Z . -2.85 -58.23 -25.07
HNB1 ANP Z . 4.78 -55.92 -26.65
H5'1 ANP Z . 1.35 -55.77 -26.85
H5'2 ANP Z . 1.41 -54.21 -26.50
H4' ANP Z . -0.67 -54.74 -27.51
H3' ANP Z . -0.54 -53.40 -25.15
HO3' ANP Z . -2.55 -53.08 -26.88
H2' ANP Z . -1.87 -54.85 -24.07
HO2' ANP Z . -3.82 -53.65 -25.50
H1' ANP Z . -3.01 -55.49 -26.57
H8 ANP Z . -4.85 -55.95 -24.39
HN61 ANP Z . -5.50 -60.56 -23.31
HN62 ANP Z . -4.51 -61.82 -23.31
H2 ANP Z . -0.99 -60.65 -25.62
PG ANP AA . 57.04 -57.07 -7.42
O1G ANP AA . 56.67 -55.93 -6.51
O2G ANP AA . 57.37 -56.57 -8.87
O3G ANP AA . 55.87 -58.13 -7.46
PB ANP AA . 59.68 -57.07 -6.36
O1B ANP AA . 59.40 -55.62 -6.15
O2B ANP AA . 60.81 -57.27 -7.39
N3B ANP AA . 58.37 -57.90 -6.89
PA ANP AA . 59.62 -57.18 -3.65
O1A ANP AA . 60.74 -56.36 -3.15
O2A ANP AA . 58.33 -56.38 -3.81
O3A ANP AA . 60.02 -57.79 -5.04
O5' ANP AA . 59.40 -58.46 -2.75
C5' ANP AA . 60.27 -59.60 -2.86
C4' ANP AA . 60.09 -60.48 -1.65
O4' ANP AA . 60.90 -61.66 -1.80
C3' ANP AA . 60.57 -59.85 -0.35
O3' ANP AA . 59.99 -60.44 0.80
C2' ANP AA . 62.07 -60.16 -0.38
O2' ANP AA . 62.59 -60.18 0.95
C1' ANP AA . 62.07 -61.56 -1.00
N9 ANP AA . 63.23 -61.83 -1.84
C8 ANP AA . 63.26 -62.31 -3.11
N7 ANP AA . 64.47 -62.44 -3.62
C5 ANP AA . 65.30 -61.99 -2.59
C6 ANP AA . 66.69 -61.88 -2.48
N6 ANP AA . 67.55 -62.18 -3.45
N1 ANP AA . 67.19 -61.41 -1.31
C2 ANP AA . 66.35 -61.09 -0.33
N3 ANP AA . 65.02 -61.17 -0.32
C4 ANP AA . 64.54 -61.63 -1.48
HNB1 ANP AA . 58.67 -58.38 -7.59
H5'1 ANP AA . 61.19 -59.29 -2.89
H5'2 ANP AA . 60.07 -60.10 -3.68
H4' ANP AA . 59.16 -60.75 -1.55
H3' ANP AA . 60.43 -58.90 -0.37
HO3' ANP AA . 60.63 -60.54 1.42
H2' ANP AA . 62.53 -59.56 -0.97
HO2' ANP AA . 63.44 -59.96 0.94
H1' ANP AA . 62.02 -62.22 -0.28
H8 ANP AA . 62.48 -62.54 -3.61
HN61 ANP AA . 67.22 -62.50 -4.26
HN62 ANP AA . 68.44 -62.03 -3.33
H2 ANP AA . 66.76 -60.76 0.49
MG MG BA . 57.79 -55.16 -5.19
ZN ZN CA . 60.54 19.92 22.15
MG MG DA . 5.05 -53.65 -24.67
ZN ZN EA . 5.60 8.79 26.13
ZN ZN FA . 39.19 29.33 10.46
PG ANP GA . 27.54 -65.18 -5.65
O1G ANP GA . 27.50 -63.85 -4.99
O2G ANP GA . 26.45 -65.26 -6.78
O3G ANP GA . 28.97 -65.54 -6.23
PB ANP GA . 27.67 -66.38 -3.06
O1B ANP GA . 28.09 -65.02 -2.62
O2B ANP GA . 28.83 -67.40 -2.95
N3B ANP GA . 27.16 -66.43 -4.62
PA ANP GA . 25.84 -66.22 -1.06
O1A ANP GA . 26.91 -65.95 -0.07
O2A ANP GA . 25.06 -64.98 -1.48
O3A ANP GA . 26.42 -66.91 -2.33
O5' ANP GA . 24.86 -67.37 -0.55
C5' ANP GA . 23.62 -67.61 -1.23
C4' ANP GA . 22.78 -68.58 -0.42
O4' ANP GA . 23.37 -69.90 -0.42
C3' ANP GA . 22.60 -68.18 1.05
O3' ANP GA . 21.23 -67.98 1.38
C2' ANP GA . 23.15 -69.37 1.84
O2' ANP GA . 22.32 -69.64 2.95
C1' ANP GA . 23.09 -70.51 0.81
N9 ANP GA . 24.08 -71.55 1.07
C8 ANP GA . 25.00 -72.04 0.18
N7 ANP GA . 25.80 -72.96 0.68
C5 ANP GA . 25.37 -73.07 2.00
C6 ANP GA . 25.81 -73.87 3.07
N6 ANP GA . 26.82 -74.73 2.99
N1 ANP GA . 25.17 -73.73 4.25
C2 ANP GA . 24.17 -72.86 4.36
N3 ANP GA . 23.66 -72.07 3.41
C4 ANP GA . 24.32 -72.20 2.25
HNB1 ANP GA . 27.56 -67.17 -4.96
H5'1 ANP GA . 23.77 -67.98 -2.12
H5'2 ANP GA . 23.14 -66.76 -1.31
H4' ANP GA . 21.89 -68.68 -0.83
H3' ANP GA . 23.12 -67.39 1.24
HO3' ANP GA . 21.07 -68.39 2.15
H2' ANP GA . 24.08 -69.23 2.08
HO2' ANP GA . 22.80 -69.90 3.64
H1' ANP GA . 22.20 -70.88 0.81
H8 ANP GA . 25.07 -71.75 -0.73
HN61 ANP GA . 27.23 -74.86 2.18
HN62 ANP GA . 27.13 -75.13 3.75
H2 ANP GA . 23.74 -72.81 5.23
MG MG HA . 28.20 -63.22 -3.31
ZN ZN IA . 49.35 -1.96 42.38
#